data_6J3Y
#
_entry.id   6J3Y
#
_cell.length_a   1
_cell.length_b   1
_cell.length_c   1
_cell.angle_alpha   90
_cell.angle_beta   90
_cell.angle_gamma   90
#
_symmetry.space_group_name_H-M   'P 1'
#
loop_
_entity.id
_entity.type
_entity.pdbx_description
1 polymer 'Photosystem II reaction center protein D1'
2 polymer 'Photosystem II chlorophyll protein CP47'
3 polymer 'Photosystem II chlorophyll protein CP43'
4 polymer 'Photosystem II reaction center protein D2'
5 polymer 'Cytochrome b559 subunit alpha'
6 polymer 'Cytochrome b559 subunit beta'
7 polymer 'Photosystem II reaction center protein H'
8 polymer 'Photosystem II reaction center protein I'
9 polymer 'Photosystem II reaction center protein J'
10 polymer 'Photosystem II reaction center protein K'
11 polymer 'Photosystem II reaction center protein L'
12 polymer 'Photosystem II reaction center protein M'
13 polymer 'Extrinsic protein in photosystem II'
14 polymer 'Photosystem II reaction center protein T'
15 polymer 'Extrinsic protein in photosystem II'
16 polymer 'Cytochrome c-550'
17 polymer 'Photosystem II reaction center protein Ycf12'
18 polymer 'Photosystem II reaction center X protein'
19 polymer 'Photosystem II reaction center protein Z'
20 polymer 'Extrinsic protein in photosystem II'
21 polymer 'Photosystem II reaction center protein W'
22 polymer 'Unknown protein 0'
23 polymer 'Unknown protein 1'
24 polymer 'Unknown protein 2'
25 polymer 'Fucoxanthin chlorophyll a/c-binding protein Lhcf1, FCP1'
26 non-polymer 'FE (II) ION'
27 non-polymer 'CHLOROPHYLL A'
28 non-polymer 'PHEOPHYTIN A'
29 non-polymer BETA-CAROTENE
30 non-polymer 1,2-DI-O-ACYL-3-O-[6-DEOXY-6-SULFO-ALPHA-D-GLUCOPYRANOSYL]-SN-GLYCEROL
31 non-polymer 'BICARBONATE ION'
32 non-polymer 1,2-DIPALMITOYL-PHOSPHATIDYL-GLYCEROLE
33 non-polymer 1,2-DISTEAROYL-MONOGALACTOSYL-DIGLYCERIDE
34 non-polymer 'CA-MN4-O5 CLUSTER'
35 non-polymer 'DIGALACTOSYL DIACYL GLYCEROL (DGDG)'
36 non-polymer 2,3-DIMETHYL-5-(3,7,11,15,19,23,27,31,35-NONAMETHYL-2,6,10,14,18,22,26,30,34-HEXATRIACONTANONAENYL-2,5-CYCLOHEXADIENE-1,4-DIONE-2,3-DIMETHYL-5-SOLANESYL-1,4-BENZOQUINONE
37 non-polymer 'PROTOPORPHYRIN IX CONTAINING FE'
38 non-polymer "(3S,3'S,5R,5'R,6S,6'R,8'R)-3,5'-dihydroxy-8-oxo-6',7'-didehydro-5,5',6,6',7,8-hexahydro-5,6-epoxy-beta,beta-caroten-3'- yl acetate"
39 non-polymer DODECYL-ALPHA-D-MALTOSIDE
#
loop_
_entity_poly.entity_id
_entity_poly.type
_entity_poly.pdbx_seq_one_letter_code
_entity_poly.pdbx_strand_id
1 'polypeptide(L)'
;MTATLERREGVSLWERFCAWITSTENRLYIGWFGCLMFPTLLTATSCFIIAFIAAPPVDIDGIREPVAGSLLYGNNIISG
AVVPSSNAIGMHFYPIWEAASIDEWLYNGGPYQLIVLHFLLGVSAYMGREWELSYRLGMRPWIFVAFSAPVAAASAVFLV
YPIGQGSFSDGMPLGISGTFNFMLVFQAEHNILMHPFHMAGVAGVFGGSLFSAMHGSLVTSSLIRETTENESTNYGYKFG
QEEETYNIVAAHGYFGRLIFQYASFNNSRALHFFLALWPVVGIWITSMGISTMAFNLNGFNFNQSVVDSQGRVINTWADI
LNRANLGIEVMHERNAHNFPLDLA
;
A,a
2 'polypeptide(L)'
;MALPWYRVHTVVLNDPGRLIAVHLMHTALVAGWAGSMALYELAVFDPSDPVLNPMWRQGMFVMPFMTRLGITDSWGGWSI
TGESVSNPGIWSFEGVALSHIILSGMCFLAAIWHWVYWDLELFRDPRTGEPALDLPKIFGIHLFLSGLLCFGFGAFHVTG
LFGPGIWVSDAYGITGKVQPVAPAWGADGFNPFNPGGIAAHHIAAGIFGIFAGIFHLTVRPPQRLYRALRMGNIETVLSS
SISAVFFAAFVTSGTMWYGAAATPIELFGPTRYQWDSGYFQQEIERQVETSVSEGLSESQAWSRIPDKLAFYDYIGNNPA
KGGLFRAGPMNKGDGIAEAWLGHPIFRDKEGRELTVRRMPAFFETFPVILVDKDGIIRADIPFRRAESKYSIEQVGVTVD
FYGGKLNGQTFKDAPTVKKFARKAQLGEVFEFDRTSLESDGVFRSSPRGWYTYGHANFALLFFFGHLWHGGRTIFRDVFT
GIGAEVTEQVEFGAFQKLGDKSTKKQGAV
;
B,b
3 'polypeptide(L)'
;MKTLYSLRRYYHVETPFNSSIAGRDIESTGFAWWSGNARLINVSGKLLGAHVAHAGLMVFWAGAMVLFEVSHFVPEKPTY
EQGFILIQHLATLGYGIGPGGEITSTVPYFAVGVIHLISSAILGFGGIYHSLLGPDTLEESFPFFGYDWRDKNKMTTILG
IHLCLLGLGSFLLVIKAMYLGGVYDTWAPGGGDVRYITTPTLNPIVIFGYVFRSPFGGDGWVVSVNNMEDVIGGHIWVGI
LCITGGIWHIFTKPFAWARRAFVWSGEAYLSYSLAAISLMGFTAALYSWYNNTAYPSELYGPTGPEASQAQAFTFLVRDQ
RLGANVSSAQGPTGLGKYLMRSPSGEIIFGGETMRFWDLRAPWVEPLRGPNGLDINKIKNDIQPWQERRAAEYMTHAPLG
SLNSVGGVATEINSVNYVSPRSWLCCSHFFLAFFFLVGHWWHSGRARAAAAGFEKGINRANEPVLSMRPID
;
C,c
4 'polypeptide(L)'
;MTIAIGQNQERGLFDLVDDWLKKDRFVFVGWSGLLLFPTAYLAAGGWMTGTTFVTSWYTHGLASSYLEGCNFLTAAVSTP
ANSVGHSLLLLWGPEAQGDFTRWCQIGGLWTFVALHGAFGLIGFCLRQFEIARLVGIRPYNAIAFSGPIAVFVSVFLLYP
LGQASWFFAPSFGVAAIFRFLLFLQGFHNWTLNPFHMMGVAGILGGALLCAIHGATVENTLFEDGDAANTFRAFTPTQSE
ETYSMVTANRFWSQIFGVAFSNKRWLHFFMLFVPVTGLWTSSIGIVGLALNLRAYDFVSQELRAAEDPEFETFYTKNHLL
DEGIRAWMAAQDQPHENFVFPEEVLPRGNAL
;
D,d
5 'polypeptide(L)'
;MSGGSTGERPFSDIITSVRYWIIHSITIPSLFVSGWLFISTGLAYDVFGTPRPNEYFTQDRQQVPLVNDRFSAKQELEDL
TKGL
;
E,e
6 'polypeptide(L)' MTNNINQPVAYPIFTFRWLAIHGLAIPTVFFLGGITAMQFIQR F,f
7 'polypeptide(L)' MALRTRLGEILRPLNAEYGKVAPGWGTTPIMGIVMLAFLIFLVIILQIYNSSLIIENVDVDWANGIV H,h
8 'polypeptide(L)' MLTLKILVYTTVIFFVSLFIFGFLSSDPSRNPNRKDLE I,i
9 'polypeptide(L)' MTNTGRIPLWLVGLVGGLAVITMLSLFFYGSYSGLGSSL J,j
10 'polypeptide(L)' MESLLLARLPEAYVVFSPIVDVLPIIPVFFLLLAFVWQAAIGFR K,k
11 'polypeptide(L)' MTGPNPNKQAVELNRTSLYWGLLLIFVLAVLFSSYFFN L,l
12 'polypeptide(L)'
;LHLTVVSEVGKVAVGSIPAAAIASPAFAMDSVVESLPTNMLAGEVQFGAYLAVLLGTFLPALFLVNLFIQTEARKAGKAG
GQDSDLDGYLCIRVWIAIEAGRLSSHLWCPLVLPHFWRNNRTVSHLYGRYQ
;
M,m
13 'polypeptide(L)'
;LTKSQINELSYLQVKGTGLANRCAEVVGEDSIKPKPGAKLVDMCIEPKAWAVEEEVGKAGKTEKKFVNSKVMTRQTYTLD
AIEGPITVDGGKITFNEKEGIDYAATTVQLPGGERVPFLFTVKDLVAKGNGDTFKPGFQMGGDFNTPSYRTGLFLDPKGR
GGTTGYDMAVALPALQLGEEGDAELFGENNKVFDITQGRIEMEVNKVNAEDSEIGGVFVATQLSDTDMGSKTPKKVLTKG
IFYAKVDQ
;
O,o
14 'polypeptide(L)' MEALVYTFLLIGTLMVIFFAVFFRETPRILR T,t
15 'polypeptide(L)'
;VIDYENIGYLGGSSIVDINNANVRAYLKMPGMYPTVAGKIVSHGPYSGVADLYKIPGLSSAEADVIKKYESRLTAKTPSP
DYVIDRINNGLYR
;
U,u
16 'polypeptide(L)'
;IDLDEATRTVVVDNAGNTTVLTPEQVKRGKRLFNATCGACHVGGITKTNPNVGLDPEALSLATPRRDNISALVDYIKNPT
TYDGLESIAEVHPSIKSADIYPRMRSLTDEDLYSIAGHIMLSPKIASEKWGGGKIYY
;
V,v
17 'polypeptide(L)' MINWQVIGQLMSTAVIMLAGPAVIVLLALKKGNL Y,y
18 'polypeptide(L)' MTASLSNFIASLIAGGVVVGVIAIALIVISKSDRILRS X,x
19 'polypeptide(L)' MITLLVALLVLISLGLVVTVPVALATPGEWEIAKGKFNRFFQIWVFLVIVIAAADGISSSI Z,z
20 'polypeptide(L)'
;AVGESPRFSVFGLVGDGTSYSEGAAYGTDQADKLYSPYSVYSPEGEKSLYKPDNAEYLARKKAVLAETKNRLQKIPAYVD
KKEWFNVKDELTRYMYETRGAVRSLSSSVTQKEKAEVFFRALEDTYGAATLKKGDAVKASNDKAIAALDAFTATL
;
Q,q
21 'polypeptide(L)' MAALAGFMPAILSSTAAVATEGTNEWFGVDDLRLLAVLFLGHWAILSLWLGSYGDSNEDEDFFGEIDYSARK W,w
22 'polypeptide(L)'
;(UNK)(UNK)(UNK)(UNK)(UNK)(UNK)(UNK)(UNK)(UNK)(UNK)(UNK)(UNK)(UNK)(UNK)(UNK)(UNK)
(UNK)(UNK)(UNK)(UNK)(UNK)(UNK)(UNK)(UNK)(UNK)(UNK)(UNK)(UNK)(UNK)(UNK)(UNK)
;
0,5
23 'polypeptide(L)'
;(UNK)(UNK)(UNK)(UNK)(UNK)(UNK)(UNK)(UNK)(UNK)(UNK)(UNK)(UNK)(UNK)(UNK)(UNK)(UNK)
(UNK)(UNK)(UNK)(UNK)(UNK)(UNK)(UNK)(UNK)(UNK)(UNK)(UNK)(UNK)(UNK)(UNK)
;
1,6
24 'polypeptide(L)' (UNK)(UNK)(UNK)(UNK)(UNK)(UNK)(UNK)(UNK)(UNK)(UNK) 2,7
25 'polypeptide(L)'
;MKLAVAALLVASAAAFAPAPASKASTSLKVSEIELGVTEPLGVYDPLGWLESEPEAFERRRAVERKHGRVAMAAVVGTIV
HNNHIVFDGYLSPSNNLKFSDIPTGVDGIRAIPTAGLAQILAFFALVELAWMPASKYDGDYGVGYFGTDIKDPEEKARKL
NVELNNGRAAMMGIMGNMVAEVLTGQTMYEQYASGHISPFGDGQGVF
;
11,12,13,14,31,32,33,34
#
# COMPACT_ATOMS: atom_id res chain seq x y z
N VAL A 11 13.78 -9.98 59.86
CA VAL A 11 12.95 -11.06 60.36
C VAL A 11 11.49 -10.68 60.17
N SER A 12 11.18 -9.41 60.46
CA SER A 12 9.82 -8.93 60.37
C SER A 12 9.40 -8.76 58.91
N LEU A 13 8.10 -8.58 58.71
CA LEU A 13 7.57 -8.46 57.36
C LEU A 13 7.93 -7.12 56.76
N TRP A 14 8.02 -6.09 57.59
CA TRP A 14 8.37 -4.77 57.06
C TRP A 14 9.84 -4.69 56.72
N GLU A 15 10.69 -5.32 57.51
CA GLU A 15 12.12 -5.28 57.22
C GLU A 15 12.44 -6.11 55.99
N ARG A 16 11.70 -7.19 55.77
CA ARG A 16 11.88 -7.93 54.53
C ARG A 16 11.24 -7.23 53.34
N PHE A 17 10.43 -6.19 53.57
CA PHE A 17 9.91 -5.41 52.47
C PHE A 17 10.75 -4.18 52.21
N CYS A 18 11.31 -3.57 53.25
CA CYS A 18 12.25 -2.49 53.06
C CYS A 18 13.55 -2.98 52.44
N ALA A 19 13.91 -4.23 52.67
CA ALA A 19 15.13 -4.75 52.08
C ALA A 19 14.97 -4.98 50.58
N TRP A 20 13.74 -5.26 50.15
CA TRP A 20 13.51 -5.47 48.72
C TRP A 20 13.31 -4.18 47.98
N ILE A 21 12.60 -3.23 48.57
CA ILE A 21 12.23 -2.01 47.88
C ILE A 21 13.43 -1.06 47.79
N THR A 22 14.46 -1.26 48.60
CA THR A 22 15.67 -0.46 48.51
C THR A 22 16.83 -1.28 48.01
N SER A 23 16.56 -2.41 47.39
CA SER A 23 17.63 -3.25 46.89
C SER A 23 18.11 -2.72 45.56
N THR A 24 19.41 -2.55 45.43
CA THR A 24 20.02 -2.23 44.15
C THR A 24 20.17 -3.47 43.28
N GLU A 25 19.82 -4.63 43.80
CA GLU A 25 19.95 -5.87 43.05
C GLU A 25 18.71 -6.14 42.20
N ASN A 26 17.72 -5.25 42.26
CA ASN A 26 16.60 -5.33 41.35
C ASN A 26 17.05 -4.95 39.96
N ARG A 27 16.24 -5.28 38.96
CA ARG A 27 16.53 -4.87 37.60
C ARG A 27 16.44 -3.35 37.47
N LEU A 28 15.31 -2.78 37.84
CA LEU A 28 15.17 -1.34 37.97
C LEU A 28 15.03 -1.01 39.43
N TYR A 29 15.81 -0.05 39.91
CA TYR A 29 15.72 0.34 41.31
C TYR A 29 14.39 1.03 41.54
N ILE A 30 13.65 0.56 42.54
CA ILE A 30 12.36 1.11 42.85
C ILE A 30 12.46 2.22 43.86
N GLY A 31 12.95 1.92 45.04
CA GLY A 31 13.22 2.96 46.00
C GLY A 31 11.98 3.46 46.68
N TRP A 32 12.12 4.42 47.57
CA TRP A 32 10.93 4.91 48.24
C TRP A 32 10.25 5.97 47.41
N PHE A 33 10.96 6.62 46.50
CA PHE A 33 10.29 7.52 45.60
C PHE A 33 9.55 6.79 44.50
N GLY A 34 9.97 5.56 44.18
CA GLY A 34 9.23 4.78 43.22
C GLY A 34 7.90 4.30 43.75
N CYS A 35 7.70 4.35 45.06
CA CYS A 35 6.39 4.07 45.63
C CYS A 35 5.37 5.11 45.20
N LEU A 36 5.81 6.32 44.87
CA LEU A 36 4.92 7.27 44.25
C LEU A 36 5.44 7.84 42.95
N MET A 37 6.42 7.17 42.32
CA MET A 37 6.76 7.49 40.94
C MET A 37 5.99 6.60 39.98
N PHE A 38 6.15 5.30 40.15
CA PHE A 38 5.50 4.29 39.32
C PHE A 38 3.98 4.28 39.32
N PRO A 39 3.25 4.47 40.44
CA PRO A 39 1.79 4.56 40.28
C PRO A 39 1.36 5.84 39.64
N THR A 40 2.14 6.91 39.80
CA THR A 40 1.76 8.17 39.18
C THR A 40 2.02 8.16 37.69
N LEU A 41 3.21 7.73 37.27
CA LEU A 41 3.56 7.86 35.86
C LEU A 41 2.89 6.79 35.01
N LEU A 42 2.52 5.67 35.59
CA LEU A 42 1.78 4.68 34.81
C LEU A 42 0.33 5.10 34.62
N THR A 43 -0.19 5.93 35.52
CA THR A 43 -1.55 6.45 35.32
C THR A 43 -1.54 7.67 34.42
N ALA A 44 -0.45 8.42 34.42
CA ALA A 44 -0.33 9.50 33.44
C ALA A 44 -0.10 8.92 32.05
N THR A 45 0.56 7.76 31.97
CA THR A 45 0.80 7.13 30.68
C THR A 45 -0.46 6.49 30.14
N SER A 46 -1.08 5.60 30.92
CA SER A 46 -2.21 4.83 30.46
C SER A 46 -3.43 5.67 30.19
N CYS A 47 -3.51 6.86 30.77
CA CYS A 47 -4.57 7.78 30.38
C CYS A 47 -4.15 8.60 29.17
N PHE A 48 -2.85 8.82 28.96
CA PHE A 48 -2.43 9.61 27.81
C PHE A 48 -2.63 8.86 26.51
N ILE A 49 -2.30 7.57 26.51
CA ILE A 49 -2.43 6.76 25.31
C ILE A 49 -3.89 6.64 24.89
N ILE A 50 -4.78 6.56 25.86
CA ILE A 50 -6.20 6.48 25.53
C ILE A 50 -6.72 7.86 25.11
N ALA A 51 -6.31 8.93 25.79
CA ALA A 51 -6.82 10.24 25.44
C ALA A 51 -6.20 10.78 24.16
N PHE A 52 -5.05 10.26 23.75
CA PHE A 52 -4.48 10.69 22.49
C PHE A 52 -5.09 9.95 21.31
N ILE A 53 -5.46 8.70 21.51
CA ILE A 53 -6.00 7.87 20.45
C ILE A 53 -7.52 8.05 20.33
N ALA A 54 -8.23 7.85 21.43
CA ALA A 54 -9.69 7.83 21.42
C ALA A 54 -10.20 8.77 22.48
N ALA A 55 -10.49 10.02 22.13
CA ALA A 55 -11.07 10.91 23.11
C ALA A 55 -11.93 11.92 22.35
N PRO A 56 -13.14 12.18 22.82
CA PRO A 56 -14.05 13.06 22.09
C PRO A 56 -13.59 14.50 22.17
N PRO A 57 -14.14 15.39 21.33
CA PRO A 57 -13.69 16.79 21.36
C PRO A 57 -14.04 17.51 22.66
N VAL A 58 -13.30 18.57 22.91
CA VAL A 58 -13.23 19.25 24.19
C VAL A 58 -13.52 20.73 24.01
N ASP A 59 -14.46 21.26 24.80
CA ASP A 59 -14.65 22.69 24.88
C ASP A 59 -13.46 23.31 25.61
N ILE A 60 -12.58 23.95 24.87
CA ILE A 60 -11.44 24.59 25.50
C ILE A 60 -11.71 26.06 25.78
N ASP A 61 -12.42 26.73 24.87
CA ASP A 61 -12.61 28.17 25.04
C ASP A 61 -13.79 28.46 25.95
N GLY A 62 -14.49 27.43 26.41
CA GLY A 62 -15.66 27.60 27.23
C GLY A 62 -16.85 28.17 26.50
N ILE A 63 -16.84 28.15 25.17
CA ILE A 63 -17.87 28.79 24.36
C ILE A 63 -18.67 27.72 23.64
N ARG A 64 -18.47 26.47 24.08
CA ARG A 64 -19.18 25.29 23.60
C ARG A 64 -18.89 25.06 22.12
N GLU A 65 -17.62 25.29 21.75
CA GLU A 65 -17.09 24.96 20.43
C GLU A 65 -16.01 23.92 20.63
N PRO A 66 -16.36 22.64 20.50
CA PRO A 66 -15.45 21.58 20.93
C PRO A 66 -14.33 21.35 19.92
N VAL A 67 -13.11 21.33 20.42
CA VAL A 67 -11.90 21.21 19.61
C VAL A 67 -11.46 19.77 19.61
N ALA A 68 -11.42 19.16 18.43
CA ALA A 68 -11.03 17.76 18.32
C ALA A 68 -9.54 17.62 18.56
N GLY A 69 -9.15 16.55 19.22
CA GLY A 69 -7.74 16.40 19.51
C GLY A 69 -7.19 14.99 19.45
N SER A 70 -8.01 14.02 19.12
CA SER A 70 -7.59 12.64 19.16
C SER A 70 -7.56 12.03 17.77
N LEU A 71 -7.00 10.83 17.68
CA LEU A 71 -6.77 10.22 16.37
C LEU A 71 -8.04 9.68 15.74
N LEU A 72 -8.98 9.17 16.53
CA LEU A 72 -10.19 8.62 15.94
C LEU A 72 -11.10 9.68 15.37
N TYR A 73 -10.92 10.94 15.77
CA TYR A 73 -11.74 12.02 15.26
C TYR A 73 -11.02 12.78 14.17
N GLY A 74 -10.26 12.08 13.35
CA GLY A 74 -9.65 12.66 12.18
C GLY A 74 -8.48 13.56 12.47
N ASN A 75 -7.41 12.99 13.01
CA ASN A 75 -6.18 13.73 13.25
C ASN A 75 -5.01 12.87 12.82
N ASN A 76 -3.82 13.34 13.17
CA ASN A 76 -2.60 12.61 12.89
C ASN A 76 -1.70 12.80 14.10
N ILE A 77 -0.42 12.45 13.95
CA ILE A 77 0.53 12.63 15.03
C ILE A 77 0.74 14.11 15.30
N ILE A 78 0.69 14.93 14.26
CA ILE A 78 1.04 16.33 14.41
C ILE A 78 -0.13 17.13 14.97
N SER A 79 -1.31 16.98 14.38
CA SER A 79 -2.44 17.79 14.83
C SER A 79 -3.10 17.23 16.09
N GLY A 80 -3.00 15.93 16.34
CA GLY A 80 -3.66 15.34 17.49
C GLY A 80 -2.98 15.73 18.79
N ALA A 81 -3.78 15.95 19.83
CA ALA A 81 -3.29 16.52 21.08
C ALA A 81 -4.31 16.32 22.17
N VAL A 82 -3.84 16.07 23.39
CA VAL A 82 -4.75 16.12 24.53
C VAL A 82 -5.02 17.57 24.85
N VAL A 83 -6.28 17.98 24.66
CA VAL A 83 -6.69 19.37 24.74
C VAL A 83 -6.71 19.79 26.20
N PRO A 84 -6.30 21.00 26.55
CA PRO A 84 -6.44 21.48 27.92
C PRO A 84 -7.90 21.62 28.33
N SER A 85 -8.10 21.84 29.63
CA SER A 85 -9.46 21.87 30.15
C SER A 85 -10.14 23.18 29.78
N SER A 86 -11.39 23.30 30.20
CA SER A 86 -12.23 24.36 29.70
C SER A 86 -11.85 25.70 30.33
N ASN A 87 -12.29 26.77 29.67
CA ASN A 87 -12.28 28.08 30.28
C ASN A 87 -13.39 28.19 31.33
N ALA A 88 -14.43 27.37 31.20
CA ALA A 88 -15.53 27.38 32.16
C ALA A 88 -15.07 26.86 33.50
N ILE A 89 -14.28 25.78 33.50
CA ILE A 89 -13.67 25.31 34.73
C ILE A 89 -12.64 26.31 35.21
N GLY A 90 -11.64 26.57 34.39
CA GLY A 90 -10.58 27.44 34.82
C GLY A 90 -9.70 26.71 35.81
N MET A 91 -9.47 27.32 36.95
CA MET A 91 -8.48 26.82 37.87
C MET A 91 -9.04 25.76 38.83
N HIS A 92 -10.34 25.49 38.77
CA HIS A 92 -10.97 24.57 39.69
C HIS A 92 -10.49 23.14 39.49
N PHE A 93 -10.36 22.43 40.59
CA PHE A 93 -10.00 21.02 40.55
C PHE A 93 -11.18 20.20 40.06
N TYR A 94 -10.97 19.42 39.01
CA TYR A 94 -12.05 18.73 38.32
C TYR A 94 -11.69 17.27 38.16
N PRO A 95 -11.91 16.46 39.19
CA PRO A 95 -11.63 15.03 39.08
C PRO A 95 -12.79 14.28 38.47
N ILE A 96 -12.72 12.95 38.41
CA ILE A 96 -13.80 12.21 37.76
C ILE A 96 -15.03 12.19 38.66
N TRP A 97 -14.83 12.06 39.97
CA TRP A 97 -15.96 11.93 40.87
C TRP A 97 -16.70 13.24 41.09
N GLU A 98 -16.11 14.36 40.72
CA GLU A 98 -16.80 15.65 40.76
C GLU A 98 -17.26 16.05 39.38
N ALA A 99 -17.76 15.11 38.59
CA ALA A 99 -18.16 15.39 37.23
C ALA A 99 -19.50 14.80 36.82
N ALA A 100 -20.14 13.98 37.66
CA ALA A 100 -21.52 13.48 37.53
C ALA A 100 -21.76 12.53 36.36
N SER A 101 -20.78 12.34 35.48
CA SER A 101 -20.68 11.32 34.45
C SER A 101 -19.32 11.45 33.81
N ILE A 102 -18.89 10.41 33.10
CA ILE A 102 -17.63 10.52 32.39
C ILE A 102 -17.82 11.32 31.11
N ASP A 103 -19.02 11.30 30.55
CA ASP A 103 -19.32 12.10 29.36
C ASP A 103 -19.25 13.58 29.66
N GLU A 104 -19.68 14.00 30.84
CA GLU A 104 -19.51 15.37 31.28
C GLU A 104 -18.06 15.67 31.62
N TRP A 105 -17.31 14.63 31.99
CA TRP A 105 -15.89 14.82 32.30
C TRP A 105 -15.09 15.01 31.03
N LEU A 106 -15.31 14.16 30.03
CA LEU A 106 -14.55 14.25 28.79
C LEU A 106 -14.92 15.46 27.95
N TYR A 107 -16.11 16.02 28.14
CA TYR A 107 -16.50 17.20 27.38
C TYR A 107 -15.74 18.42 27.85
N ASN A 108 -15.60 18.59 29.15
CA ASN A 108 -15.09 19.81 29.73
C ASN A 108 -13.59 19.78 29.92
N GLY A 109 -12.88 18.92 29.22
CA GLY A 109 -11.44 18.87 29.40
C GLY A 109 -11.06 18.10 30.63
N GLY A 110 -11.61 16.92 30.80
CA GLY A 110 -11.26 16.05 31.89
C GLY A 110 -9.82 15.61 31.94
N PRO A 111 -9.36 14.82 30.97
CA PRO A 111 -8.08 14.11 31.14
C PRO A 111 -6.87 15.00 31.08
N TYR A 112 -7.00 16.29 30.80
CA TYR A 112 -5.83 17.14 30.89
C TYR A 112 -5.39 17.31 32.33
N GLN A 113 -6.33 17.39 33.27
CA GLN A 113 -5.92 17.52 34.65
C GLN A 113 -5.47 16.20 35.25
N LEU A 114 -5.99 15.08 34.76
CA LEU A 114 -5.59 13.80 35.31
C LEU A 114 -4.19 13.45 34.86
N ILE A 115 -3.83 13.80 33.64
CA ILE A 115 -2.51 13.49 33.12
C ILE A 115 -1.47 14.39 33.74
N VAL A 116 -1.74 15.71 33.77
CA VAL A 116 -0.75 16.69 34.21
C VAL A 116 -0.44 16.54 35.69
N LEU A 117 -1.46 16.35 36.52
CA LEU A 117 -1.21 16.27 37.95
C LEU A 117 -0.56 14.95 38.33
N HIS A 118 -0.84 13.87 37.62
CA HIS A 118 -0.07 12.66 37.85
C HIS A 118 1.27 12.69 37.14
N PHE A 119 1.49 13.64 36.25
CA PHE A 119 2.80 13.79 35.62
C PHE A 119 3.76 14.52 36.52
N LEU A 120 3.33 15.66 37.06
CA LEU A 120 4.21 16.49 37.87
C LEU A 120 4.54 15.84 39.20
N LEU A 121 3.68 14.97 39.69
CA LEU A 121 4.05 14.17 40.86
C LEU A 121 5.02 13.08 40.49
N GLY A 122 4.88 12.49 39.30
CA GLY A 122 5.76 11.41 38.94
C GLY A 122 7.12 11.86 38.47
N VAL A 123 7.21 13.08 37.97
CA VAL A 123 8.50 13.61 37.52
C VAL A 123 9.28 14.17 38.70
N SER A 124 8.58 14.80 39.65
CA SER A 124 9.20 15.19 40.90
C SER A 124 9.52 14.01 41.79
N ALA A 125 9.00 12.81 41.50
CA ALA A 125 9.42 11.60 42.17
C ALA A 125 10.46 10.85 41.38
N TYR A 126 10.47 11.00 40.05
CA TYR A 126 11.58 10.47 39.28
C TYR A 126 12.86 11.22 39.59
N MET A 127 12.74 12.49 39.95
CA MET A 127 13.90 13.28 40.30
C MET A 127 14.46 12.86 41.65
N GLY A 128 13.60 12.62 42.63
CA GLY A 128 14.08 12.16 43.92
C GLY A 128 14.59 10.74 43.89
N ARG A 129 14.12 9.96 42.93
CA ARG A 129 14.61 8.60 42.75
C ARG A 129 16.03 8.58 42.21
N GLU A 130 16.40 9.58 41.41
CA GLU A 130 17.78 9.71 40.97
C GLU A 130 18.70 10.09 42.11
N TRP A 131 18.16 10.74 43.14
CA TRP A 131 18.96 10.98 44.31
C TRP A 131 19.21 9.69 45.07
N GLU A 132 18.14 8.91 45.25
CA GLU A 132 18.14 7.80 46.20
C GLU A 132 19.13 6.74 45.81
N LEU A 133 19.14 6.37 44.53
CA LEU A 133 20.08 5.37 44.05
C LEU A 133 21.52 5.87 44.10
N SER A 134 21.72 7.18 43.97
CA SER A 134 23.05 7.71 44.16
C SER A 134 23.49 7.60 45.61
N TYR A 135 22.55 7.58 46.54
CA TYR A 135 22.93 7.36 47.93
C TYR A 135 23.29 5.91 48.18
N ARG A 136 22.51 4.98 47.63
CA ARG A 136 22.76 3.57 47.89
C ARG A 136 23.90 3.00 47.06
N LEU A 137 24.42 3.72 46.08
CA LEU A 137 25.54 3.24 45.28
C LEU A 137 26.87 3.86 45.67
N GLY A 138 26.89 4.78 46.61
CA GLY A 138 28.13 5.45 46.96
C GLY A 138 28.47 6.63 46.09
N MET A 139 27.56 7.08 45.24
CA MET A 139 27.84 8.19 44.37
C MET A 139 27.66 9.51 45.10
N ARG A 140 28.40 10.49 44.69
CA ARG A 140 28.10 11.87 45.02
C ARG A 140 26.77 12.24 44.38
N PRO A 141 25.96 13.06 45.02
CA PRO A 141 24.52 12.89 44.87
C PRO A 141 23.82 13.64 43.75
N TRP A 142 24.47 14.56 43.04
CA TRP A 142 23.76 15.68 42.44
C TRP A 142 23.43 15.51 40.97
N ILE A 143 23.14 14.30 40.50
CA ILE A 143 22.55 14.22 39.19
C ILE A 143 21.14 14.78 39.21
N PHE A 144 20.43 14.63 40.32
CA PHE A 144 19.06 15.10 40.41
C PHE A 144 18.95 16.62 40.46
N VAL A 145 20.02 17.33 40.74
CA VAL A 145 20.03 18.78 40.62
C VAL A 145 20.11 19.20 39.16
N ALA A 146 20.78 18.42 38.31
CA ALA A 146 20.79 18.71 36.89
C ALA A 146 19.44 18.40 36.28
N PHE A 147 18.72 17.42 36.82
CA PHE A 147 17.39 17.14 36.31
C PHE A 147 16.36 18.12 36.84
N SER A 148 16.73 19.00 37.76
CA SER A 148 15.80 20.04 38.20
C SER A 148 15.49 21.03 37.09
N ALA A 149 16.36 21.14 36.10
CA ALA A 149 16.16 22.13 35.05
C ALA A 149 15.02 21.78 34.09
N PRO A 150 14.82 20.55 33.62
CA PRO A 150 13.56 20.27 32.92
C PRO A 150 12.35 20.10 33.84
N VAL A 151 12.55 19.81 35.12
CA VAL A 151 11.42 19.79 36.03
C VAL A 151 10.94 21.21 36.30
N ALA A 152 11.86 22.17 36.34
CA ALA A 152 11.47 23.56 36.43
C ALA A 152 10.70 24.01 35.22
N ALA A 153 11.07 23.51 34.04
CA ALA A 153 10.43 23.93 32.82
C ALA A 153 9.13 23.19 32.56
N ALA A 154 9.01 21.96 33.03
CA ALA A 154 7.75 21.26 32.91
C ALA A 154 6.71 21.82 33.85
N SER A 155 7.12 22.18 35.06
CA SER A 155 6.18 22.80 35.98
C SER A 155 5.89 24.24 35.63
N ALA A 156 6.65 24.84 34.72
CA ALA A 156 6.38 26.22 34.35
C ALA A 156 5.24 26.33 33.35
N VAL A 157 5.14 25.40 32.40
CA VAL A 157 4.13 25.52 31.36
C VAL A 157 2.86 24.72 31.66
N PHE A 158 2.92 23.77 32.58
CA PHE A 158 1.76 22.99 32.93
C PHE A 158 1.15 23.41 34.25
N LEU A 159 1.95 23.96 35.17
CA LEU A 159 1.44 24.31 36.49
C LEU A 159 1.47 25.81 36.73
N VAL A 160 2.63 26.45 36.62
CA VAL A 160 2.78 27.83 37.05
C VAL A 160 2.07 28.80 36.11
N TYR A 161 2.19 28.57 34.81
CA TYR A 161 1.48 29.42 33.86
C TYR A 161 -0.04 29.27 33.90
N PRO A 162 -0.63 28.09 34.15
CA PRO A 162 -2.07 28.11 34.42
C PRO A 162 -2.46 28.77 35.73
N ILE A 163 -1.55 28.85 36.71
CA ILE A 163 -1.90 29.48 37.97
C ILE A 163 -1.98 30.99 37.81
N GLY A 164 -0.93 31.60 37.29
CA GLY A 164 -0.89 33.05 37.17
C GLY A 164 -1.86 33.59 36.16
N GLN A 165 -2.21 32.80 35.16
CA GLN A 165 -3.25 33.18 34.23
C GLN A 165 -4.62 32.72 34.66
N GLY A 166 -4.69 31.94 35.73
CA GLY A 166 -5.95 31.65 36.36
C GLY A 166 -6.79 30.57 35.72
N SER A 167 -6.23 29.79 34.80
CA SER A 167 -7.00 28.73 34.16
C SER A 167 -6.06 27.71 33.57
N PHE A 168 -6.46 26.44 33.62
CA PHE A 168 -5.72 25.43 32.89
C PHE A 168 -5.92 25.51 31.39
N SER A 169 -6.88 26.29 30.91
CA SER A 169 -7.10 26.42 29.48
C SER A 169 -5.95 27.16 28.82
N ASP A 170 -5.29 28.05 29.55
CA ASP A 170 -4.06 28.64 29.06
C ASP A 170 -2.86 27.71 29.23
N GLY A 171 -3.04 26.54 29.84
CA GLY A 171 -1.97 25.59 29.92
C GLY A 171 -1.61 24.99 28.59
N MET A 172 -0.47 24.33 28.55
CA MET A 172 0.09 23.84 27.30
C MET A 172 -0.63 22.60 26.81
N PRO A 173 -1.07 22.57 25.56
CA PRO A 173 -1.72 21.36 25.03
C PRO A 173 -0.73 20.24 24.83
N LEU A 174 -1.10 19.05 25.29
CA LEU A 174 -0.24 17.87 25.19
C LEU A 174 -0.24 17.36 23.76
N GLY A 175 0.53 18.03 22.91
CA GLY A 175 0.61 17.59 21.54
C GLY A 175 1.74 18.28 20.83
N ILE A 176 1.74 18.17 19.50
CA ILE A 176 2.77 18.78 18.70
C ILE A 176 2.29 20.08 18.08
N SER A 177 1.14 20.08 17.40
CA SER A 177 0.61 21.35 16.91
C SER A 177 0.07 22.20 18.06
N GLY A 178 -0.34 21.57 19.15
CA GLY A 178 -0.75 22.33 20.31
C GLY A 178 0.39 23.04 20.99
N THR A 179 1.62 22.55 20.81
CA THR A 179 2.77 23.26 21.34
C THR A 179 2.97 24.58 20.60
N PHE A 180 2.81 24.58 19.29
CA PHE A 180 3.02 25.82 18.57
C PHE A 180 1.84 26.75 18.64
N ASN A 181 0.66 26.25 19.01
CA ASN A 181 -0.39 27.16 19.41
C ASN A 181 -0.04 27.81 20.73
N PHE A 182 0.68 27.09 21.59
CA PHE A 182 1.07 27.65 22.87
C PHE A 182 2.18 28.67 22.72
N MET A 183 3.12 28.45 21.81
CA MET A 183 4.28 29.33 21.74
C MET A 183 3.95 30.65 21.08
N LEU A 184 3.06 30.63 20.08
CA LEU A 184 2.74 31.83 19.34
C LEU A 184 1.82 32.74 20.13
N VAL A 185 0.84 32.17 20.81
CA VAL A 185 -0.05 32.95 21.64
C VAL A 185 0.70 33.51 22.84
N PHE A 186 1.70 32.78 23.33
CA PHE A 186 2.56 33.29 24.38
C PHE A 186 3.44 34.43 23.87
N GLN A 187 3.73 34.45 22.58
CA GLN A 187 4.52 35.54 22.04
C GLN A 187 3.74 36.85 21.97
N ALA A 188 2.49 36.78 21.50
CA ALA A 188 1.69 37.99 21.33
C ALA A 188 1.31 38.60 22.66
N GLU A 189 1.10 37.78 23.67
CA GLU A 189 0.58 38.28 24.93
C GLU A 189 1.67 38.61 25.93
N HIS A 190 2.88 38.14 25.72
CA HIS A 190 3.92 38.33 26.72
C HIS A 190 5.26 38.78 26.18
N ASN A 191 5.49 38.69 24.86
CA ASN A 191 6.71 39.10 24.18
C ASN A 191 7.94 38.40 24.78
N ILE A 192 7.98 37.09 24.60
CA ILE A 192 8.99 36.28 25.25
C ILE A 192 10.37 36.48 24.63
N LEU A 193 10.43 36.80 23.34
CA LEU A 193 11.73 36.88 22.67
C LEU A 193 12.54 38.06 23.14
N MET A 194 11.88 39.13 23.54
CA MET A 194 12.58 40.27 24.10
C MET A 194 12.86 40.09 25.58
N HIS A 195 12.28 39.09 26.22
CA HIS A 195 12.52 38.87 27.62
C HIS A 195 13.89 38.24 27.81
N PRO A 196 14.71 38.75 28.74
CA PRO A 196 16.10 38.31 28.84
C PRO A 196 16.28 36.94 29.44
N PHE A 197 15.22 36.23 29.78
CA PHE A 197 15.39 34.90 30.29
C PHE A 197 15.19 33.85 29.22
N HIS A 198 14.41 34.14 28.19
CA HIS A 198 14.49 33.31 27.00
C HIS A 198 15.80 33.55 26.27
N MET A 199 16.35 34.77 26.39
CA MET A 199 17.66 35.06 25.85
C MET A 199 18.76 34.32 26.59
N ALA A 200 18.57 34.06 27.87
CA ALA A 200 19.60 33.40 28.63
C ALA A 200 19.50 31.89 28.56
N GLY A 201 18.56 31.35 27.80
CA GLY A 201 18.47 29.92 27.65
C GLY A 201 18.57 29.47 26.22
N VAL A 202 18.33 30.40 25.29
CA VAL A 202 18.81 30.19 23.93
C VAL A 202 20.32 30.13 23.94
N ALA A 203 20.95 31.00 24.73
CA ALA A 203 22.37 30.87 25.00
C ALA A 203 22.69 29.62 25.79
N GLY A 204 21.72 29.05 26.51
CA GLY A 204 21.94 27.81 27.21
C GLY A 204 21.93 26.57 26.35
N VAL A 205 21.11 26.53 25.30
CA VAL A 205 21.06 25.35 24.45
C VAL A 205 21.86 25.52 23.16
N PHE A 206 22.04 26.73 22.66
CA PHE A 206 23.05 26.91 21.62
C PHE A 206 24.43 26.70 22.20
N GLY A 207 24.68 27.24 23.38
CA GLY A 207 25.92 26.93 24.07
C GLY A 207 25.99 25.49 24.48
N GLY A 208 24.87 24.90 24.90
CA GLY A 208 24.87 23.51 25.30
C GLY A 208 25.16 22.57 24.16
N SER A 209 24.57 22.83 22.99
CA SER A 209 24.88 21.98 21.85
C SER A 209 26.24 22.29 21.27
N LEU A 210 26.79 23.47 21.55
CA LEU A 210 28.16 23.75 21.14
C LEU A 210 29.12 22.89 21.93
N PHE A 211 29.13 23.06 23.26
CA PHE A 211 30.08 22.39 24.12
C PHE A 211 29.85 20.89 24.18
N SER A 212 28.68 20.41 23.79
CA SER A 212 28.48 18.98 23.56
C SER A 212 29.29 18.50 22.37
N ALA A 213 29.08 19.11 21.21
CA ALA A 213 29.78 18.69 20.01
C ALA A 213 31.22 19.17 19.98
N MET A 214 31.60 20.07 20.89
CA MET A 214 32.99 20.48 20.97
C MET A 214 33.77 19.56 21.89
N HIS A 215 33.13 19.05 22.93
CA HIS A 215 33.79 18.09 23.80
C HIS A 215 33.78 16.71 23.18
N GLY A 216 32.69 16.34 22.53
CA GLY A 216 32.60 15.05 21.90
C GLY A 216 33.48 14.89 20.69
N SER A 217 33.95 15.99 20.11
CA SER A 217 34.86 15.88 18.99
C SER A 217 36.29 15.77 19.46
N LEU A 218 36.65 16.44 20.54
CA LEU A 218 38.03 16.41 20.98
C LEU A 218 38.40 15.14 21.71
N VAL A 219 37.42 14.39 22.19
CA VAL A 219 37.72 13.06 22.68
C VAL A 219 37.88 12.09 21.52
N THR A 220 36.95 12.13 20.58
CA THR A 220 36.99 11.27 19.41
C THR A 220 38.16 11.60 18.48
N SER A 221 38.65 12.84 18.49
CA SER A 221 39.86 13.14 17.76
C SER A 221 41.08 12.47 18.33
N SER A 222 41.22 12.45 19.66
CA SER A 222 42.46 12.03 20.27
C SER A 222 42.41 10.60 20.81
N LEU A 223 41.67 9.72 20.15
CA LEU A 223 41.62 8.32 20.57
C LEU A 223 42.94 7.63 20.30
N ILE A 224 43.27 6.66 21.13
CA ILE A 224 44.51 5.90 21.00
C ILE A 224 44.27 4.70 20.12
N ARG A 225 45.27 4.34 19.29
CA ARG A 225 45.25 3.12 18.48
C ARG A 225 45.08 1.88 19.33
N GLU A 226 43.91 1.24 19.24
CA GLU A 226 43.72 -0.06 19.84
C GLU A 226 43.04 -1.05 18.90
N THR A 227 42.61 -0.61 17.73
CA THR A 227 41.92 -1.45 16.76
C THR A 227 42.70 -1.48 15.45
N THR A 228 42.19 -2.28 14.52
CA THR A 228 42.66 -2.28 13.15
C THR A 228 41.71 -1.44 12.30
N GLU A 229 42.09 -1.23 11.04
CA GLU A 229 41.26 -0.43 10.17
C GLU A 229 40.04 -1.19 9.66
N ASN A 230 39.99 -2.51 9.85
CA ASN A 230 38.83 -3.27 9.43
C ASN A 230 37.72 -3.21 10.46
N GLU A 231 38.03 -3.37 11.75
CA GLU A 231 36.98 -3.38 12.75
C GLU A 231 36.60 -1.94 13.13
N SER A 232 35.66 -1.84 14.06
CA SER A 232 35.10 -0.56 14.44
C SER A 232 36.07 0.20 15.34
N THR A 233 35.93 1.52 15.33
CA THR A 233 36.68 2.37 16.23
C THR A 233 36.32 2.13 17.68
N ASN A 234 35.07 1.79 17.94
CA ASN A 234 34.58 1.71 19.31
C ASN A 234 35.08 0.48 20.05
N TYR A 235 35.62 -0.51 19.35
CA TYR A 235 36.01 -1.72 20.04
C TYR A 235 37.39 -1.63 20.68
N GLY A 236 38.01 -0.47 20.67
CA GLY A 236 39.23 -0.29 21.41
C GLY A 236 39.03 0.07 22.85
N TYR A 237 37.78 0.13 23.29
CA TYR A 237 37.42 0.34 24.68
C TYR A 237 36.85 -0.96 25.19
N LYS A 238 37.57 -1.63 26.08
CA LYS A 238 36.98 -2.72 26.82
C LYS A 238 36.32 -2.16 28.06
N PHE A 239 35.16 -2.71 28.39
CA PHE A 239 34.35 -2.16 29.47
C PHE A 239 35.00 -2.43 30.81
N GLY A 240 35.02 -1.40 31.65
CA GLY A 240 35.60 -1.54 32.97
C GLY A 240 37.11 -1.51 33.00
N GLN A 241 37.76 -1.09 31.92
CA GLN A 241 39.20 -1.02 31.95
C GLN A 241 39.64 0.17 32.77
N GLU A 242 40.90 0.16 33.18
CA GLU A 242 41.45 1.21 34.02
C GLU A 242 42.41 2.12 33.26
N GLU A 243 42.76 1.80 32.02
CA GLU A 243 43.59 2.67 31.21
C GLU A 243 42.75 3.77 30.59
N GLU A 244 43.34 4.93 30.43
CA GLU A 244 42.65 6.06 29.83
C GLU A 244 42.58 5.87 28.32
N THR A 245 41.41 6.09 27.74
CA THR A 245 41.19 5.73 26.35
C THR A 245 41.49 6.85 25.36
N TYR A 246 41.96 8.01 25.81
CA TYR A 246 42.35 9.04 24.86
C TYR A 246 43.44 9.92 25.46
N ASN A 247 44.31 10.39 24.59
CA ASN A 247 45.40 11.29 24.99
C ASN A 247 44.80 12.65 25.26
N ILE A 248 44.59 12.97 26.53
CA ILE A 248 44.01 14.26 26.91
C ILE A 248 45.00 15.40 26.74
N VAL A 249 46.30 15.11 26.76
CA VAL A 249 47.29 16.14 26.49
C VAL A 249 47.23 16.55 25.02
N ALA A 250 46.87 15.61 24.15
CA ALA A 250 46.77 15.90 22.72
C ALA A 250 45.62 16.85 22.43
N ALA A 251 44.44 16.58 22.98
CA ALA A 251 43.29 17.44 22.75
C ALA A 251 43.43 18.78 23.48
N HIS A 252 44.27 18.85 24.50
CA HIS A 252 44.53 20.14 25.13
C HIS A 252 45.46 20.99 24.29
N GLY A 253 46.46 20.38 23.64
CA GLY A 253 47.33 21.13 22.77
C GLY A 253 46.69 21.56 21.47
N TYR A 254 45.62 20.87 21.08
CA TYR A 254 44.90 21.26 19.86
C TYR A 254 44.06 22.50 20.12
N PHE A 255 43.17 22.43 21.10
CA PHE A 255 42.36 23.58 21.46
C PHE A 255 43.18 24.70 22.06
N GLY A 256 44.34 24.39 22.63
CA GLY A 256 45.27 25.42 23.05
C GLY A 256 45.93 26.16 21.90
N ARG A 257 45.82 25.67 20.68
CA ARG A 257 46.25 26.39 19.51
C ARG A 257 45.10 26.86 18.64
N LEU A 258 43.92 26.26 18.80
CA LEU A 258 42.80 26.62 17.95
C LEU A 258 42.24 27.98 18.31
N ILE A 259 42.26 28.35 19.59
CA ILE A 259 41.83 29.68 19.97
C ILE A 259 43.02 30.47 20.52
N PHE A 260 43.49 30.06 21.70
CA PHE A 260 44.79 30.44 22.27
C PHE A 260 45.01 29.53 23.46
N GLN A 261 46.11 29.75 24.16
CA GLN A 261 46.57 28.76 25.13
C GLN A 261 45.76 28.80 26.41
N TYR A 262 45.44 29.99 26.91
CA TYR A 262 44.88 30.14 28.24
C TYR A 262 43.39 29.91 28.30
N ALA A 263 42.73 29.67 27.17
CA ALA A 263 41.30 29.42 27.14
C ALA A 263 40.96 27.94 27.22
N SER A 264 41.93 27.08 27.51
CA SER A 264 41.73 25.64 27.46
C SER A 264 41.78 25.06 28.87
N PHE A 265 40.80 24.21 29.19
CA PHE A 265 40.77 23.49 30.45
C PHE A 265 41.73 22.31 30.37
N ASN A 266 42.84 22.36 31.09
CA ASN A 266 43.64 21.14 31.21
C ASN A 266 43.01 20.17 32.20
N ASN A 267 42.25 20.68 33.15
CA ASN A 267 41.58 19.88 34.16
C ASN A 267 40.34 19.24 33.53
N SER A 268 40.27 17.91 33.53
CA SER A 268 39.10 17.26 32.96
C SER A 268 37.92 17.27 33.89
N ARG A 269 38.15 17.50 35.18
CA ARG A 269 37.04 17.58 36.10
C ARG A 269 36.34 18.92 35.99
N ALA A 270 37.12 20.00 35.92
CA ALA A 270 36.54 21.32 35.70
C ALA A 270 35.97 21.44 34.30
N LEU A 271 36.49 20.68 33.35
CA LEU A 271 35.89 20.63 32.02
C LEU A 271 34.53 19.95 32.06
N HIS A 272 34.47 18.76 32.64
CA HIS A 272 33.19 18.06 32.77
C HIS A 272 32.26 18.69 33.78
N PHE A 273 32.66 19.73 34.50
CA PHE A 273 31.69 20.47 35.28
C PHE A 273 31.05 21.58 34.49
N PHE A 274 31.82 22.23 33.63
CA PHE A 274 31.30 23.31 32.80
C PHE A 274 30.28 22.81 31.79
N LEU A 275 30.33 21.54 31.43
CA LEU A 275 29.29 20.98 30.59
C LEU A 275 27.98 20.83 31.33
N ALA A 276 28.04 20.68 32.65
CA ALA A 276 26.83 20.58 33.43
C ALA A 276 26.34 21.92 33.93
N LEU A 277 27.22 22.91 34.04
CA LEU A 277 26.82 24.23 34.50
C LEU A 277 25.98 24.94 33.46
N TRP A 278 26.55 25.17 32.28
CA TRP A 278 26.02 26.05 31.25
C TRP A 278 24.59 25.74 30.79
N PRO A 279 24.17 24.49 30.50
CA PRO A 279 22.77 24.31 30.10
C PRO A 279 21.82 24.44 31.26
N VAL A 280 22.19 23.84 32.38
CA VAL A 280 21.30 23.73 33.54
C VAL A 280 21.03 25.10 34.12
N VAL A 281 22.05 25.94 34.21
CA VAL A 281 21.82 27.32 34.63
C VAL A 281 21.02 28.06 33.57
N GLY A 282 21.19 27.70 32.30
CA GLY A 282 20.42 28.35 31.25
C GLY A 282 18.96 27.97 31.23
N ILE A 283 18.61 26.79 31.76
CA ILE A 283 17.21 26.37 31.78
C ILE A 283 16.54 26.66 33.13
N TRP A 284 17.30 26.78 34.21
CA TRP A 284 16.76 27.36 35.44
C TRP A 284 16.30 28.78 35.19
N ILE A 285 17.13 29.58 34.52
CA ILE A 285 16.81 30.97 34.28
C ILE A 285 15.65 31.11 33.30
N THR A 286 15.58 30.21 32.33
CA THR A 286 14.52 30.29 31.32
C THR A 286 13.17 29.92 31.90
N SER A 287 13.14 28.86 32.71
CA SER A 287 11.91 28.42 33.34
C SER A 287 11.40 29.39 34.38
N MET A 288 12.25 30.27 34.88
CA MET A 288 11.80 31.42 35.62
C MET A 288 11.63 32.63 34.72
N GLY A 289 11.48 32.42 33.43
CA GLY A 289 11.05 33.47 32.55
C GLY A 289 9.58 33.25 32.29
N ILE A 290 9.19 32.00 32.07
CA ILE A 290 7.78 31.64 31.93
C ILE A 290 7.05 31.90 33.24
N SER A 291 7.73 31.71 34.36
CA SER A 291 7.12 31.91 35.65
C SER A 291 6.86 33.38 35.93
N THR A 292 7.83 34.24 35.65
CA THR A 292 7.60 35.66 35.84
C THR A 292 6.73 36.25 34.74
N MET A 293 6.62 35.59 33.61
CA MET A 293 5.64 36.01 32.63
C MET A 293 4.32 35.30 32.79
N ALA A 294 4.19 34.39 33.75
CA ALA A 294 2.88 33.88 34.08
C ALA A 294 2.08 34.91 34.83
N PHE A 295 2.75 35.80 35.56
CA PHE A 295 2.10 36.86 36.31
C PHE A 295 2.19 38.19 35.60
N ASN A 296 2.24 38.15 34.28
CA ASN A 296 2.12 39.32 33.40
C ASN A 296 3.18 40.36 33.67
N LEU A 297 4.39 39.92 33.96
CA LEU A 297 5.56 40.77 33.95
C LEU A 297 6.29 40.43 32.66
N ASN A 298 5.90 41.10 31.58
CA ASN A 298 6.28 40.71 30.24
C ASN A 298 7.72 41.11 29.94
N GLY A 299 8.17 40.79 28.73
CA GLY A 299 9.50 41.17 28.28
C GLY A 299 9.55 42.63 27.93
N PHE A 300 10.64 43.03 27.29
CA PHE A 300 10.83 44.43 26.96
C PHE A 300 9.84 44.90 25.92
N ASN A 301 9.63 46.21 25.90
CA ASN A 301 8.66 46.81 24.98
C ASN A 301 9.28 48.12 24.50
N PHE A 302 9.91 48.08 23.33
CA PHE A 302 10.53 49.26 22.75
C PHE A 302 9.71 49.82 21.60
N ASN A 303 8.41 49.69 21.66
CA ASN A 303 7.55 50.21 20.60
C ASN A 303 7.40 51.71 20.75
N GLN A 304 7.57 52.42 19.63
CA GLN A 304 7.57 53.88 19.54
C GLN A 304 8.60 54.51 20.47
N SER A 305 9.81 53.95 20.44
CA SER A 305 10.88 54.43 21.29
C SER A 305 11.80 55.43 20.62
N VAL A 306 11.91 55.39 19.30
CA VAL A 306 12.79 56.29 18.56
C VAL A 306 11.94 57.32 17.86
N VAL A 307 12.16 58.59 18.19
CA VAL A 307 11.42 59.69 17.61
C VAL A 307 12.39 60.71 17.06
N ASP A 308 11.93 61.47 16.07
CA ASP A 308 12.72 62.57 15.54
C ASP A 308 12.48 63.80 16.40
N SER A 309 13.07 64.93 16.01
CA SER A 309 12.89 66.16 16.77
C SER A 309 11.49 66.73 16.59
N GLN A 310 10.86 66.47 15.46
CA GLN A 310 9.46 66.82 15.26
C GLN A 310 8.55 66.02 16.17
N GLY A 311 8.93 64.80 16.52
CA GLY A 311 8.13 63.94 17.37
C GLY A 311 7.46 62.79 16.66
N ARG A 312 7.66 62.67 15.35
CA ARG A 312 7.09 61.54 14.62
C ARG A 312 7.81 60.25 15.01
N VAL A 313 7.07 59.17 15.08
CA VAL A 313 7.63 57.89 15.46
C VAL A 313 8.46 57.35 14.30
N ILE A 314 9.72 57.07 14.56
CA ILE A 314 10.59 56.37 13.62
C ILE A 314 10.57 54.90 13.98
N ASN A 315 10.30 54.06 12.99
CA ASN A 315 10.19 52.64 13.25
C ASN A 315 11.54 52.03 13.55
N THR A 316 11.53 50.94 14.31
CA THR A 316 12.70 50.13 14.57
C THR A 316 12.39 48.69 14.22
N TRP A 317 13.29 47.78 14.55
CA TRP A 317 12.96 46.38 14.38
C TRP A 317 11.95 45.89 15.39
N ALA A 318 11.84 46.56 16.54
CA ALA A 318 10.84 46.18 17.51
C ALA A 318 9.44 46.57 17.05
N ASP A 319 9.33 47.61 16.24
CA ASP A 319 8.03 47.97 15.68
C ASP A 319 7.58 46.99 14.62
N ILE A 320 8.52 46.41 13.86
CA ILE A 320 8.16 45.36 12.93
C ILE A 320 7.81 44.09 13.70
N LEU A 321 8.52 43.83 14.80
CA LEU A 321 8.19 42.70 15.66
C LEU A 321 6.85 42.91 16.35
N ASN A 322 6.48 44.16 16.61
CA ASN A 322 5.20 44.46 17.24
C ASN A 322 4.04 44.13 16.30
N ARG A 323 4.21 44.40 15.00
CA ARG A 323 3.14 44.16 14.05
C ARG A 323 2.95 42.67 13.80
N ALA A 324 3.97 41.86 14.09
CA ALA A 324 3.77 40.43 14.13
C ALA A 324 3.06 40.00 15.39
N ASN A 325 3.30 40.69 16.51
CA ASN A 325 2.58 40.37 17.73
C ASN A 325 1.14 40.82 17.66
N LEU A 326 0.86 41.95 17.00
CA LEU A 326 -0.51 42.41 16.84
C LEU A 326 -1.32 41.50 15.96
N GLY A 327 -0.68 40.75 15.06
CA GLY A 327 -1.43 39.84 14.23
C GLY A 327 -1.88 38.61 14.97
N ILE A 328 -1.05 38.12 15.89
CA ILE A 328 -1.43 36.96 16.67
C ILE A 328 -2.39 37.37 17.79
N GLU A 329 -2.23 38.58 18.34
CA GLU A 329 -3.08 39.02 19.44
C GLU A 329 -4.53 39.19 19.00
N VAL A 330 -4.75 39.76 17.81
CA VAL A 330 -6.11 39.98 17.35
C VAL A 330 -6.76 38.73 16.78
N MET A 331 -6.04 37.61 16.74
CA MET A 331 -6.56 36.40 16.14
C MET A 331 -6.61 35.20 17.07
N HIS A 332 -5.97 35.26 18.23
CA HIS A 332 -6.00 34.11 19.11
C HIS A 332 -7.31 34.12 19.85
N GLU A 333 -7.97 32.96 19.92
CA GLU A 333 -9.27 32.77 20.54
C GLU A 333 -10.28 33.76 19.99
N ARG A 334 -10.55 33.62 18.69
CA ARG A 334 -11.19 34.66 17.91
C ARG A 334 -12.66 34.86 18.27
N ASN A 335 -13.21 33.94 19.06
CA ASN A 335 -14.57 34.05 19.54
C ASN A 335 -14.67 34.25 21.04
N ALA A 336 -13.63 33.93 21.80
CA ALA A 336 -13.71 33.94 23.25
C ALA A 336 -13.75 35.32 23.85
N HIS A 337 -13.35 36.35 23.11
CA HIS A 337 -13.25 37.69 23.66
C HIS A 337 -14.53 38.45 23.41
N ASN A 338 -14.87 39.33 24.35
CA ASN A 338 -15.99 40.25 24.19
C ASN A 338 -15.62 41.68 24.50
N PHE A 339 -14.45 41.92 25.07
CA PHE A 339 -14.11 43.23 25.61
C PHE A 339 -12.72 43.59 25.11
N PRO A 340 -12.38 44.89 24.97
CA PRO A 340 -11.24 45.28 24.11
C PRO A 340 -9.86 44.84 24.55
N LEU A 341 -9.66 44.34 25.76
CA LEU A 341 -8.33 44.03 26.28
C LEU A 341 -8.28 42.58 26.74
N ASP A 342 -7.30 41.83 26.23
CA ASP A 342 -7.12 40.45 26.70
C ASP A 342 -6.48 40.50 28.07
N LEU A 343 -7.30 40.63 29.11
CA LEU A 343 -6.82 40.51 30.48
C LEU A 343 -6.40 39.09 30.83
N ALA A 344 -6.89 38.10 30.10
CA ALA A 344 -6.50 36.71 30.30
C ALA A 344 -5.92 36.15 29.01
N ALA B 2 34.46 -7.98 10.16
CA ALA B 2 34.43 -7.12 11.32
C ALA B 2 34.10 -5.70 10.92
N LEU B 3 33.76 -5.51 9.66
CA LEU B 3 33.40 -4.19 9.18
C LEU B 3 32.06 -3.77 9.78
N PRO B 4 31.91 -2.50 10.14
CA PRO B 4 30.59 -1.99 10.48
C PRO B 4 29.75 -1.86 9.22
N TRP B 5 28.46 -1.61 9.41
CA TRP B 5 27.57 -1.49 8.25
C TRP B 5 27.87 -0.27 7.40
N TYR B 6 28.53 0.74 7.94
CA TYR B 6 28.88 1.92 7.17
C TYR B 6 30.29 1.83 6.59
N ARG B 7 30.91 0.66 6.62
CA ARG B 7 32.19 0.47 5.95
C ARG B 7 32.18 -0.77 5.09
N VAL B 8 31.00 -1.26 4.71
CA VAL B 8 30.93 -2.52 4.00
C VAL B 8 31.44 -2.39 2.58
N HIS B 9 31.36 -1.22 1.99
CA HIS B 9 31.76 -1.04 0.61
C HIS B 9 33.20 -0.57 0.50
N THR B 10 33.99 -0.68 1.56
CA THR B 10 35.41 -0.38 1.47
C THR B 10 36.27 -1.61 1.24
N VAL B 11 35.68 -2.73 0.83
CA VAL B 11 36.50 -3.87 0.44
C VAL B 11 37.01 -3.67 -0.98
N VAL B 12 36.51 -2.64 -1.65
CA VAL B 12 36.82 -2.34 -3.04
C VAL B 12 37.96 -1.33 -3.14
N LEU B 13 38.54 -0.94 -2.00
CA LEU B 13 39.65 0.03 -2.00
C LEU B 13 40.89 -0.54 -2.67
N ASN B 14 41.28 -1.75 -2.29
CA ASN B 14 42.48 -2.37 -2.83
C ASN B 14 42.17 -3.39 -3.89
N ASP B 15 41.12 -3.16 -4.69
CA ASP B 15 40.70 -4.10 -5.71
C ASP B 15 40.21 -3.30 -6.90
N PRO B 16 41.06 -3.05 -7.90
CA PRO B 16 40.61 -2.28 -9.06
C PRO B 16 39.70 -3.07 -9.95
N GLY B 17 39.81 -4.39 -9.93
CA GLY B 17 39.01 -5.19 -10.83
C GLY B 17 37.56 -5.20 -10.44
N ARG B 18 37.28 -5.18 -9.14
CA ARG B 18 35.92 -5.06 -8.66
C ARG B 18 35.52 -3.64 -8.40
N LEU B 19 36.42 -2.67 -8.60
CA LEU B 19 36.03 -1.27 -8.56
C LEU B 19 35.22 -0.90 -9.78
N ILE B 20 35.44 -1.61 -10.87
CA ILE B 20 34.74 -1.38 -12.10
C ILE B 20 33.38 -2.05 -12.10
N ALA B 21 33.33 -3.26 -11.57
CA ALA B 21 32.09 -4.02 -11.54
C ALA B 21 31.06 -3.37 -10.65
N VAL B 22 31.53 -2.66 -9.64
CA VAL B 22 30.64 -1.89 -8.82
C VAL B 22 30.20 -0.64 -9.54
N HIS B 23 31.15 0.11 -10.11
CA HIS B 23 30.83 1.30 -10.86
C HIS B 23 30.03 1.01 -12.12
N LEU B 24 30.06 -0.23 -12.63
CA LEU B 24 29.12 -0.60 -13.68
C LEU B 24 27.75 -0.90 -13.14
N MET B 25 27.64 -1.32 -11.89
CA MET B 25 26.33 -1.62 -11.34
C MET B 25 25.58 -0.37 -10.94
N HIS B 26 26.27 0.67 -10.49
CA HIS B 26 25.60 1.96 -10.31
C HIS B 26 25.13 2.49 -11.65
N THR B 27 25.89 2.25 -12.70
CA THR B 27 25.52 2.69 -14.03
C THR B 27 24.32 1.90 -14.57
N ALA B 28 24.24 0.61 -14.27
CA ALA B 28 23.10 -0.17 -14.72
C ALA B 28 21.83 0.16 -13.97
N LEU B 29 21.93 0.79 -12.81
CA LEU B 29 20.75 1.24 -12.09
C LEU B 29 20.34 2.65 -12.47
N VAL B 30 21.31 3.50 -12.78
CA VAL B 30 20.99 4.83 -13.26
C VAL B 30 20.34 4.76 -14.64
N ALA B 31 20.91 3.97 -15.53
CA ALA B 31 20.37 3.85 -16.89
C ALA B 31 19.05 3.12 -16.88
N GLY B 32 18.88 2.13 -16.01
CA GLY B 32 17.61 1.46 -15.90
C GLY B 32 16.54 2.32 -15.28
N TRP B 33 16.93 3.30 -14.47
CA TRP B 33 15.96 4.26 -13.98
C TRP B 33 15.44 5.12 -15.10
N ALA B 34 16.34 5.71 -15.89
CA ALA B 34 15.95 6.68 -16.90
C ALA B 34 15.15 6.04 -18.02
N GLY B 35 15.36 4.74 -18.26
CA GLY B 35 14.49 4.04 -19.18
C GLY B 35 13.12 3.77 -18.59
N SER B 36 13.09 3.28 -17.36
CA SER B 36 11.81 2.94 -16.77
C SER B 36 11.08 4.15 -16.21
N MET B 37 11.76 5.27 -16.01
CA MET B 37 11.02 6.47 -15.70
C MET B 37 10.33 7.02 -16.95
N ALA B 38 11.01 6.96 -18.08
CA ALA B 38 10.45 7.52 -19.31
C ALA B 38 9.38 6.62 -19.89
N LEU B 39 9.42 5.31 -19.60
CA LEU B 39 8.30 4.47 -19.96
C LEU B 39 7.09 4.77 -19.09
N TYR B 40 7.33 5.16 -17.84
CA TYR B 40 6.23 5.50 -16.96
C TYR B 40 5.58 6.80 -17.36
N GLU B 41 6.36 7.71 -17.91
CA GLU B 41 5.84 9.02 -18.28
C GLU B 41 5.04 8.98 -19.57
N LEU B 42 5.30 8.01 -20.44
CA LEU B 42 4.53 7.92 -21.67
C LEU B 42 3.18 7.28 -21.45
N ALA B 43 3.03 6.51 -20.38
CA ALA B 43 1.71 6.00 -20.02
C ALA B 43 0.86 7.06 -19.37
N VAL B 44 1.48 8.13 -18.87
CA VAL B 44 0.78 9.18 -18.16
C VAL B 44 0.56 10.41 -19.05
N PHE B 45 1.42 10.65 -20.02
CA PHE B 45 1.33 11.83 -20.86
C PHE B 45 0.10 11.79 -21.75
N ASP B 46 -0.48 12.96 -22.01
CA ASP B 46 -1.66 13.08 -22.85
C ASP B 46 -1.43 14.23 -23.82
N PRO B 47 -1.18 13.94 -25.09
CA PRO B 47 -0.93 15.00 -26.06
C PRO B 47 -2.21 15.52 -26.70
N SER B 48 -3.22 15.82 -25.89
CA SER B 48 -4.47 16.31 -26.44
C SER B 48 -4.38 17.78 -26.80
N ASP B 49 -3.79 18.57 -25.91
CA ASP B 49 -3.70 20.02 -26.10
C ASP B 49 -2.35 20.45 -25.57
N PRO B 50 -1.35 20.60 -26.43
CA PRO B 50 -0.05 21.10 -25.96
C PRO B 50 0.00 22.59 -25.72
N VAL B 51 -1.13 23.29 -25.83
CA VAL B 51 -1.17 24.71 -25.55
C VAL B 51 -1.61 24.98 -24.12
N LEU B 52 -2.72 24.39 -23.70
CA LEU B 52 -3.19 24.56 -22.34
C LEU B 52 -2.94 23.34 -21.47
N ASN B 53 -2.33 22.30 -22.01
CA ASN B 53 -1.84 21.23 -21.15
C ASN B 53 -0.47 20.79 -21.63
N PRO B 54 0.59 21.56 -21.39
CA PRO B 54 1.92 21.14 -21.85
C PRO B 54 2.48 20.01 -20.99
N MET B 55 3.73 19.67 -21.26
CA MET B 55 4.34 18.56 -20.52
C MET B 55 4.72 18.98 -19.12
N TRP B 56 4.86 20.27 -18.88
CA TRP B 56 5.27 20.69 -17.54
C TRP B 56 4.08 20.86 -16.61
N ARG B 57 2.86 20.79 -17.14
CA ARG B 57 1.69 20.71 -16.26
C ARG B 57 1.45 19.29 -15.83
N GLN B 58 1.83 18.32 -16.66
CA GLN B 58 1.56 16.94 -16.36
C GLN B 58 2.66 16.31 -15.53
N GLY B 59 3.51 17.11 -14.90
CA GLY B 59 4.52 16.60 -14.02
C GLY B 59 5.63 15.83 -14.70
N MET B 60 5.83 16.02 -15.99
CA MET B 60 6.86 15.27 -16.69
C MET B 60 8.23 15.78 -16.28
N PHE B 61 9.05 14.88 -15.75
CA PHE B 61 10.32 15.34 -15.22
C PHE B 61 11.44 15.11 -16.21
N VAL B 62 11.65 13.87 -16.64
CA VAL B 62 12.77 13.61 -17.52
C VAL B 62 12.40 13.90 -18.97
N MET B 63 11.11 14.01 -19.26
CA MET B 63 10.66 14.31 -20.61
C MET B 63 11.05 15.68 -21.14
N PRO B 64 11.14 16.76 -20.34
CA PRO B 64 11.76 17.98 -20.90
C PRO B 64 13.26 17.88 -21.11
N PHE B 65 13.91 16.78 -20.72
CA PHE B 65 15.33 16.64 -21.00
C PHE B 65 15.56 15.89 -22.29
N MET B 66 14.56 15.13 -22.73
CA MET B 66 14.64 14.52 -24.06
C MET B 66 14.30 15.55 -25.13
N THR B 67 13.32 16.40 -24.86
CA THR B 67 12.91 17.35 -25.87
C THR B 67 13.83 18.55 -25.92
N ARG B 68 14.69 18.70 -24.93
CA ARG B 68 15.63 19.81 -24.94
C ARG B 68 16.70 19.60 -25.99
N LEU B 69 17.18 18.38 -26.11
CA LEU B 69 18.23 18.05 -27.05
C LEU B 69 17.73 17.49 -28.36
N GLY B 70 16.44 17.57 -28.64
CA GLY B 70 16.03 17.33 -30.01
C GLY B 70 15.13 16.15 -30.28
N ILE B 71 14.25 15.82 -29.35
CA ILE B 71 13.32 14.72 -29.54
C ILE B 71 11.91 15.27 -29.43
N THR B 72 11.19 15.28 -30.53
CA THR B 72 9.83 15.78 -30.49
C THR B 72 8.78 14.76 -30.85
N ASP B 73 9.12 13.70 -31.55
CA ASP B 73 8.12 12.78 -32.05
C ASP B 73 8.05 11.54 -31.18
N SER B 74 6.95 10.81 -31.34
CA SER B 74 6.74 9.56 -30.65
C SER B 74 6.16 8.54 -31.62
N TRP B 75 6.21 7.27 -31.20
CA TRP B 75 5.72 6.20 -32.03
C TRP B 75 4.21 6.18 -32.14
N GLY B 76 3.51 6.85 -31.23
CA GLY B 76 2.08 7.00 -31.39
C GLY B 76 1.69 7.90 -32.54
N GLY B 77 2.60 8.78 -32.96
CA GLY B 77 2.35 9.69 -34.04
C GLY B 77 2.18 11.12 -33.59
N TRP B 78 2.01 11.36 -32.31
CA TRP B 78 1.90 12.71 -31.82
C TRP B 78 3.28 13.35 -31.73
N SER B 79 3.28 14.67 -31.51
CA SER B 79 4.51 15.41 -31.36
C SER B 79 4.26 16.53 -30.37
N ILE B 80 5.34 17.02 -29.75
CA ILE B 80 5.18 18.13 -28.83
C ILE B 80 5.04 19.45 -29.58
N THR B 81 5.47 19.47 -30.84
CA THR B 81 5.32 20.68 -31.64
C THR B 81 3.96 20.71 -32.32
N GLY B 82 3.23 19.60 -32.25
CA GLY B 82 1.90 19.52 -32.79
C GLY B 82 1.81 19.10 -34.24
N GLU B 83 2.90 19.17 -34.99
CA GLU B 83 2.91 18.74 -36.37
C GLU B 83 2.92 17.21 -36.39
N SER B 84 2.11 16.64 -37.27
CA SER B 84 2.02 15.19 -37.33
C SER B 84 3.25 14.62 -38.02
N VAL B 85 3.54 13.36 -37.74
CA VAL B 85 4.69 12.68 -38.32
C VAL B 85 4.26 11.30 -38.77
N SER B 86 4.81 10.83 -39.89
CA SER B 86 4.50 9.49 -40.35
C SER B 86 5.40 8.46 -39.69
N ASN B 87 6.67 8.80 -39.50
CA ASN B 87 7.61 7.86 -38.91
C ASN B 87 8.69 8.64 -38.19
N PRO B 88 8.83 8.47 -36.87
CA PRO B 88 9.97 9.05 -36.16
C PRO B 88 11.23 8.22 -36.20
N GLY B 89 11.17 7.02 -36.72
CA GLY B 89 12.34 6.18 -36.80
C GLY B 89 12.63 5.50 -35.48
N ILE B 90 13.92 5.47 -35.13
CA ILE B 90 14.33 4.83 -33.89
C ILE B 90 14.23 5.81 -32.73
N TRP B 91 14.80 7.00 -32.88
CA TRP B 91 14.94 7.88 -31.73
C TRP B 91 13.69 8.73 -31.61
N SER B 92 12.70 8.17 -30.92
CA SER B 92 11.53 8.81 -30.44
C SER B 92 11.58 8.75 -28.91
N PHE B 93 10.47 9.09 -28.26
CA PHE B 93 10.42 8.95 -26.81
C PHE B 93 10.46 7.49 -26.41
N GLU B 94 9.79 6.62 -27.15
CA GLU B 94 9.81 5.20 -26.81
C GLU B 94 11.16 4.58 -27.18
N GLY B 95 11.83 5.11 -28.19
CA GLY B 95 13.09 4.54 -28.60
C GLY B 95 14.21 4.85 -27.64
N VAL B 96 14.16 6.04 -27.04
CA VAL B 96 15.17 6.42 -26.05
C VAL B 96 14.95 5.66 -24.74
N ALA B 97 13.69 5.58 -24.31
CA ALA B 97 13.34 4.87 -23.09
C ALA B 97 13.68 3.39 -23.18
N LEU B 98 13.44 2.79 -24.32
CA LEU B 98 13.77 1.38 -24.49
C LEU B 98 15.26 1.15 -24.68
N SER B 99 16.00 2.16 -25.13
CA SER B 99 17.43 1.98 -25.31
C SER B 99 18.22 2.24 -24.05
N HIS B 100 17.73 3.09 -23.14
CA HIS B 100 18.37 3.17 -21.83
C HIS B 100 18.11 1.93 -20.99
N ILE B 101 17.10 1.14 -21.32
CA ILE B 101 16.88 -0.15 -20.64
C ILE B 101 17.85 -1.20 -21.15
N ILE B 102 17.99 -1.30 -22.48
CA ILE B 102 18.89 -2.27 -23.08
C ILE B 102 20.33 -1.99 -22.70
N LEU B 103 20.69 -0.72 -22.56
CA LEU B 103 21.99 -0.34 -22.04
C LEU B 103 22.14 -0.75 -20.57
N SER B 104 21.05 -0.72 -19.82
CA SER B 104 21.11 -1.15 -18.43
C SER B 104 21.32 -2.64 -18.32
N GLY B 105 20.68 -3.43 -19.17
CA GLY B 105 20.85 -4.86 -19.12
C GLY B 105 22.22 -5.32 -19.54
N MET B 106 22.93 -4.53 -20.33
CA MET B 106 24.27 -4.91 -20.76
C MET B 106 25.34 -4.42 -19.81
N CYS B 107 25.13 -3.29 -19.15
CA CYS B 107 26.02 -2.92 -18.06
C CYS B 107 25.81 -3.79 -16.84
N PHE B 108 24.66 -4.45 -16.75
CA PHE B 108 24.44 -5.43 -15.69
C PHE B 108 25.26 -6.69 -15.94
N LEU B 109 25.23 -7.19 -17.17
CA LEU B 109 25.94 -8.43 -17.50
C LEU B 109 27.44 -8.22 -17.53
N ALA B 110 27.88 -7.01 -17.87
CA ALA B 110 29.31 -6.74 -17.86
C ALA B 110 29.84 -6.62 -16.45
N ALA B 111 28.99 -6.19 -15.50
CA ALA B 111 29.40 -6.12 -14.12
C ALA B 111 29.41 -7.48 -13.46
N ILE B 112 28.68 -8.45 -13.99
CA ILE B 112 28.84 -9.81 -13.50
C ILE B 112 30.17 -10.37 -13.95
N TRP B 113 30.58 -10.07 -15.19
CA TRP B 113 31.90 -10.49 -15.66
C TRP B 113 33.00 -9.84 -14.85
N HIS B 114 32.97 -8.51 -14.76
CA HIS B 114 34.04 -7.78 -14.12
C HIS B 114 34.10 -7.98 -12.62
N TRP B 115 33.10 -8.62 -12.01
CA TRP B 115 33.15 -9.00 -10.62
C TRP B 115 33.76 -10.38 -10.44
N VAL B 116 33.38 -11.31 -11.30
CA VAL B 116 33.88 -12.67 -11.20
C VAL B 116 35.35 -12.73 -11.59
N TYR B 117 35.68 -12.22 -12.78
CA TYR B 117 37.05 -12.16 -13.22
C TYR B 117 37.70 -10.88 -12.71
N TRP B 118 37.91 -10.85 -11.40
CA TRP B 118 38.51 -9.69 -10.76
C TRP B 118 40.01 -9.66 -10.91
N ASP B 119 40.64 -10.80 -11.15
CA ASP B 119 42.09 -10.91 -11.10
C ASP B 119 42.59 -10.83 -12.53
N LEU B 120 42.84 -9.62 -13.00
CA LEU B 120 43.42 -9.41 -14.32
C LEU B 120 44.81 -8.83 -14.15
N GLU B 121 45.68 -9.17 -15.10
CA GLU B 121 47.07 -8.73 -15.04
C GLU B 121 47.19 -7.24 -15.30
N LEU B 122 46.17 -6.65 -15.93
CA LEU B 122 46.14 -5.22 -16.23
C LEU B 122 46.21 -4.36 -14.97
N PHE B 123 45.65 -4.86 -13.87
CA PHE B 123 45.58 -4.02 -12.69
C PHE B 123 46.74 -4.27 -11.73
N ARG B 124 47.60 -5.22 -12.05
CA ARG B 124 48.75 -5.44 -11.19
C ARG B 124 49.85 -4.44 -11.49
N ASP B 125 50.64 -4.18 -10.50
CA ASP B 125 51.86 -3.42 -10.67
C ASP B 125 52.92 -4.34 -11.28
N PRO B 126 53.55 -3.96 -12.39
CA PRO B 126 54.66 -4.77 -12.91
C PRO B 126 55.96 -4.61 -12.14
N ARG B 127 56.01 -3.74 -11.12
CA ARG B 127 57.21 -3.57 -10.34
C ARG B 127 57.11 -4.12 -8.92
N THR B 128 55.91 -4.19 -8.36
CA THR B 128 55.72 -4.77 -7.04
C THR B 128 54.77 -5.95 -7.00
N GLY B 129 53.79 -6.00 -7.90
CA GLY B 129 52.81 -7.07 -7.92
C GLY B 129 51.52 -6.74 -7.21
N GLU B 130 51.48 -5.66 -6.44
CA GLU B 130 50.30 -5.28 -5.69
C GLU B 130 49.37 -4.47 -6.57
N PRO B 131 48.04 -4.61 -6.41
CA PRO B 131 47.09 -3.97 -7.34
C PRO B 131 47.08 -2.46 -7.24
N ALA B 132 47.44 -1.81 -8.34
CA ALA B 132 47.64 -0.38 -8.35
C ALA B 132 46.95 0.23 -9.56
N LEU B 133 46.57 1.49 -9.44
CA LEU B 133 45.99 2.25 -10.54
C LEU B 133 46.80 3.52 -10.73
N ASP B 134 47.31 3.72 -11.94
CA ASP B 134 48.12 4.90 -12.22
C ASP B 134 47.22 6.11 -12.39
N LEU B 135 46.75 6.66 -11.30
CA LEU B 135 45.80 7.76 -11.27
C LEU B 135 46.17 9.04 -12.03
N PRO B 136 47.44 9.41 -12.21
CA PRO B 136 47.70 10.54 -13.14
C PRO B 136 47.42 10.22 -14.60
N LYS B 137 47.73 9.02 -15.07
CA LYS B 137 47.51 8.74 -16.49
C LYS B 137 46.08 8.28 -16.75
N ILE B 138 45.43 7.69 -15.75
CA ILE B 138 43.99 7.41 -15.87
C ILE B 138 43.22 8.70 -16.01
N PHE B 139 43.69 9.74 -15.33
CA PHE B 139 43.07 11.04 -15.50
C PHE B 139 43.36 11.63 -16.87
N GLY B 140 44.52 11.33 -17.45
CA GLY B 140 44.81 11.84 -18.77
C GLY B 140 43.95 11.20 -19.84
N ILE B 141 43.69 9.90 -19.70
CA ILE B 141 42.85 9.20 -20.67
C ILE B 141 41.40 9.66 -20.55
N HIS B 142 40.88 9.65 -19.34
CA HIS B 142 39.47 9.94 -19.11
C HIS B 142 39.16 11.42 -19.26
N LEU B 143 40.15 12.31 -19.22
CA LEU B 143 39.90 13.71 -19.55
C LEU B 143 40.00 13.94 -21.05
N PHE B 144 40.85 13.19 -21.74
CA PHE B 144 40.92 13.31 -23.19
C PHE B 144 39.66 12.78 -23.85
N LEU B 145 39.03 11.77 -23.26
CA LEU B 145 37.77 11.28 -23.80
C LEU B 145 36.66 12.30 -23.62
N SER B 146 36.66 12.97 -22.47
CA SER B 146 35.60 13.94 -22.21
C SER B 146 35.86 15.23 -22.96
N GLY B 147 37.06 15.43 -23.46
CA GLY B 147 37.27 16.50 -24.41
C GLY B 147 36.63 16.20 -25.75
N LEU B 148 36.66 14.93 -26.16
CA LEU B 148 36.08 14.55 -27.43
C LEU B 148 34.56 14.57 -27.37
N LEU B 149 33.99 14.12 -26.25
CA LEU B 149 32.54 14.09 -26.15
C LEU B 149 31.98 15.47 -25.87
N CYS B 150 32.80 16.40 -25.38
CA CYS B 150 32.36 17.77 -25.26
C CYS B 150 32.43 18.48 -26.61
N PHE B 151 33.58 18.37 -27.27
CA PHE B 151 33.75 19.00 -28.57
C PHE B 151 32.87 18.34 -29.60
N GLY B 152 32.69 17.03 -29.51
CA GLY B 152 31.81 16.36 -30.44
C GLY B 152 30.37 16.76 -30.26
N PHE B 153 29.97 17.04 -29.03
CA PHE B 153 28.59 17.43 -28.78
C PHE B 153 28.30 18.81 -29.30
N GLY B 154 29.17 19.77 -28.99
CA GLY B 154 28.91 21.14 -29.36
C GLY B 154 29.07 21.38 -30.84
N ALA B 155 29.94 20.62 -31.50
CA ALA B 155 30.19 20.87 -32.91
C ALA B 155 29.21 20.12 -33.79
N PHE B 156 28.72 18.99 -33.34
CA PHE B 156 27.90 18.15 -34.19
C PHE B 156 26.46 18.04 -33.75
N HIS B 157 26.22 17.78 -32.47
CA HIS B 157 24.84 17.66 -32.06
C HIS B 157 24.18 19.02 -32.01
N VAL B 158 24.89 20.01 -31.49
CA VAL B 158 24.27 21.29 -31.23
C VAL B 158 24.19 22.14 -32.49
N THR B 159 25.32 22.34 -33.17
CA THR B 159 25.33 23.23 -34.33
C THR B 159 24.63 22.66 -35.54
N GLY B 160 24.16 21.42 -35.47
CA GLY B 160 23.38 20.88 -36.55
C GLY B 160 24.19 20.47 -37.74
N LEU B 161 25.51 20.44 -37.60
CA LEU B 161 26.35 19.81 -38.59
C LEU B 161 25.95 18.35 -38.77
N PHE B 162 26.01 17.59 -37.69
CA PHE B 162 25.58 16.20 -37.65
C PHE B 162 24.61 15.98 -36.50
N GLY B 163 23.59 16.80 -36.37
CA GLY B 163 22.69 16.65 -35.26
C GLY B 163 21.46 17.51 -35.36
N PRO B 164 20.51 17.28 -34.50
CA PRO B 164 19.28 18.07 -34.55
C PRO B 164 19.41 19.47 -34.00
N GLY B 165 20.08 19.65 -32.89
CA GLY B 165 20.25 20.95 -32.27
C GLY B 165 19.49 21.06 -30.97
N ILE B 166 19.47 22.27 -30.44
CA ILE B 166 18.87 22.57 -29.15
C ILE B 166 17.46 23.07 -29.40
N TRP B 167 16.53 22.69 -28.52
CA TRP B 167 15.26 23.41 -28.42
C TRP B 167 15.50 24.87 -28.10
N VAL B 168 15.13 25.74 -29.03
CA VAL B 168 15.15 27.17 -28.80
C VAL B 168 13.72 27.67 -28.76
N SER B 169 13.57 28.95 -28.41
CA SER B 169 12.25 29.55 -28.30
C SER B 169 12.38 31.05 -28.48
N ASP B 170 11.24 31.72 -28.51
CA ASP B 170 11.23 33.18 -28.51
C ASP B 170 11.35 33.70 -27.09
N ALA B 171 11.14 35.00 -26.93
CA ALA B 171 11.33 35.61 -25.62
C ALA B 171 10.15 35.36 -24.71
N TYR B 172 9.01 35.00 -25.27
CA TYR B 172 7.77 34.93 -24.50
C TYR B 172 7.09 33.59 -24.59
N GLY B 173 7.82 32.55 -24.98
CA GLY B 173 7.33 31.19 -24.83
C GLY B 173 6.14 30.85 -25.70
N ILE B 174 6.06 31.44 -26.88
CA ILE B 174 4.96 31.13 -27.78
C ILE B 174 5.44 30.12 -28.81
N THR B 175 6.45 30.50 -29.57
CA THR B 175 7.01 29.64 -30.60
C THR B 175 8.28 28.99 -30.09
N GLY B 176 8.47 27.74 -30.45
CA GLY B 176 9.67 27.04 -30.07
C GLY B 176 9.85 25.81 -30.91
N LYS B 177 11.08 25.54 -31.34
CA LYS B 177 11.34 24.36 -32.15
C LYS B 177 12.78 23.96 -31.99
N VAL B 178 13.03 22.69 -32.25
CA VAL B 178 14.39 22.16 -32.29
C VAL B 178 15.04 22.64 -33.57
N GLN B 179 16.15 23.36 -33.44
CA GLN B 179 16.84 23.78 -34.64
C GLN B 179 18.33 23.85 -34.35
N PRO B 180 19.18 23.75 -35.37
CA PRO B 180 20.60 24.00 -35.17
C PRO B 180 20.87 25.43 -34.74
N VAL B 181 21.89 25.58 -33.90
CA VAL B 181 22.23 26.85 -33.29
C VAL B 181 23.67 27.18 -33.63
N ALA B 182 23.87 28.25 -34.35
CA ALA B 182 25.24 28.62 -34.67
C ALA B 182 25.89 29.31 -33.47
N PRO B 183 27.16 29.05 -33.19
CA PRO B 183 27.77 29.58 -31.97
C PRO B 183 28.05 31.07 -32.06
N ALA B 184 27.94 31.72 -30.90
CA ALA B 184 28.25 33.13 -30.75
C ALA B 184 29.52 33.25 -29.94
N TRP B 185 30.58 33.73 -30.57
CA TRP B 185 31.91 33.67 -29.99
C TRP B 185 32.28 34.89 -29.18
N GLY B 186 31.56 35.99 -29.32
CA GLY B 186 31.93 37.23 -28.68
C GLY B 186 31.65 37.25 -27.19
N ALA B 187 31.43 38.45 -26.66
CA ALA B 187 31.02 38.55 -25.27
C ALA B 187 29.54 38.21 -25.13
N ASP B 188 28.83 38.15 -26.25
CA ASP B 188 27.43 37.78 -26.23
C ASP B 188 27.25 36.28 -25.95
N GLY B 189 28.32 35.50 -26.05
CA GLY B 189 28.22 34.10 -25.71
C GLY B 189 28.00 33.86 -24.23
N PHE B 190 28.39 34.82 -23.40
CA PHE B 190 28.24 34.64 -21.97
C PHE B 190 26.92 35.18 -21.47
N ASN B 191 26.11 35.73 -22.35
CA ASN B 191 24.70 35.90 -22.07
C ASN B 191 24.09 34.52 -21.99
N PRO B 192 23.61 34.08 -20.84
CA PRO B 192 23.15 32.70 -20.71
C PRO B 192 21.82 32.44 -21.34
N PHE B 193 21.11 33.48 -21.74
CA PHE B 193 19.87 33.28 -22.47
C PHE B 193 20.11 33.23 -23.96
N ASN B 194 21.35 33.41 -24.39
CA ASN B 194 21.74 33.21 -25.78
C ASN B 194 22.01 31.73 -25.97
N PRO B 195 21.29 31.04 -26.85
CA PRO B 195 21.60 29.62 -27.07
C PRO B 195 22.88 29.41 -27.87
N GLY B 196 23.38 30.47 -28.49
CA GLY B 196 24.65 30.37 -29.19
C GLY B 196 25.82 30.25 -28.26
N GLY B 197 25.67 30.69 -27.01
CA GLY B 197 26.75 30.55 -26.07
C GLY B 197 26.94 29.13 -25.61
N ILE B 198 25.89 28.32 -25.67
CA ILE B 198 25.98 26.92 -25.32
C ILE B 198 26.77 26.16 -26.38
N ALA B 199 26.51 26.48 -27.65
CA ALA B 199 27.28 25.90 -28.75
C ALA B 199 28.72 26.38 -28.73
N ALA B 200 28.94 27.64 -28.40
CA ALA B 200 30.30 28.15 -28.34
C ALA B 200 31.04 27.60 -27.14
N HIS B 201 30.33 27.23 -26.08
CA HIS B 201 31.01 26.71 -24.91
C HIS B 201 31.56 25.32 -25.17
N HIS B 202 30.70 24.38 -25.54
CA HIS B 202 31.11 23.00 -25.69
C HIS B 202 32.06 22.78 -26.86
N ILE B 203 32.13 23.72 -27.80
CA ILE B 203 33.16 23.67 -28.83
C ILE B 203 34.49 24.18 -28.28
N ALA B 204 34.47 25.34 -27.61
CA ALA B 204 35.70 25.90 -27.07
C ALA B 204 36.26 25.04 -25.95
N ALA B 205 35.46 24.82 -24.91
CA ALA B 205 35.92 24.05 -23.75
C ALA B 205 36.13 22.58 -24.02
N GLY B 206 35.70 22.08 -25.17
CA GLY B 206 36.04 20.72 -25.56
C GLY B 206 37.47 20.65 -26.03
N ILE B 207 37.92 21.69 -26.73
CA ILE B 207 39.30 21.76 -27.20
C ILE B 207 40.26 21.87 -26.03
N PHE B 208 39.90 22.69 -25.04
CA PHE B 208 40.70 22.79 -23.82
C PHE B 208 40.73 21.47 -23.06
N GLY B 209 39.68 20.66 -23.21
CA GLY B 209 39.68 19.36 -22.57
C GLY B 209 40.36 18.29 -23.40
N ILE B 210 40.45 18.50 -24.71
CA ILE B 210 41.25 17.61 -25.53
C ILE B 210 42.73 17.81 -25.22
N PHE B 211 43.19 19.06 -25.25
CA PHE B 211 44.61 19.33 -25.10
C PHE B 211 45.06 19.45 -23.67
N ALA B 212 44.15 19.27 -22.70
CA ALA B 212 44.58 19.04 -21.32
C ALA B 212 44.83 17.56 -21.08
N GLY B 213 44.09 16.70 -21.77
CA GLY B 213 44.39 15.29 -21.73
C GLY B 213 45.66 14.96 -22.46
N ILE B 214 46.01 15.76 -23.47
CA ILE B 214 47.31 15.60 -24.11
C ILE B 214 48.41 16.03 -23.15
N PHE B 215 48.13 17.03 -22.32
CA PHE B 215 49.10 17.36 -21.29
C PHE B 215 49.13 16.30 -20.21
N HIS B 216 47.97 15.94 -19.66
CA HIS B 216 47.96 15.10 -18.47
C HIS B 216 48.22 13.63 -18.79
N LEU B 217 48.42 13.28 -20.06
CA LEU B 217 48.97 11.97 -20.39
C LEU B 217 50.48 11.97 -20.28
N THR B 218 51.13 12.97 -20.89
CA THR B 218 52.57 12.89 -21.06
C THR B 218 53.31 13.31 -19.80
N VAL B 219 53.00 14.47 -19.26
CA VAL B 219 53.77 15.06 -18.17
C VAL B 219 53.34 14.41 -16.87
N ARG B 220 54.31 13.87 -16.14
CA ARG B 220 54.11 13.26 -14.84
C ARG B 220 54.00 14.33 -13.76
N PRO B 221 53.37 14.02 -12.63
CA PRO B 221 53.23 15.01 -11.56
C PRO B 221 54.56 15.34 -10.92
N PRO B 222 54.67 16.50 -10.27
CA PRO B 222 55.88 16.82 -9.53
C PRO B 222 56.01 15.95 -8.31
N GLN B 223 57.19 15.95 -7.72
CA GLN B 223 57.40 15.20 -6.49
C GLN B 223 56.64 15.83 -5.34
N ARG B 224 56.52 17.16 -5.35
CA ARG B 224 55.80 17.84 -4.29
C ARG B 224 54.31 17.59 -4.37
N LEU B 225 53.72 17.79 -5.55
CA LEU B 225 52.28 17.60 -5.70
C LEU B 225 51.86 16.14 -5.62
N TYR B 226 52.76 15.20 -5.90
CA TYR B 226 52.39 13.81 -5.72
C TYR B 226 52.30 13.45 -4.25
N ARG B 227 53.06 14.12 -3.40
CA ARG B 227 52.99 13.88 -1.98
C ARG B 227 51.96 14.76 -1.29
N ALA B 228 51.83 16.01 -1.73
CA ALA B 228 50.94 16.94 -1.04
C ALA B 228 49.48 16.59 -1.27
N LEU B 229 49.12 16.21 -2.49
CA LEU B 229 47.75 15.84 -2.79
C LEU B 229 47.52 14.34 -2.69
N ARG B 230 48.52 13.57 -2.27
CA ARG B 230 48.41 12.15 -1.94
C ARG B 230 47.95 11.33 -3.13
N MET B 231 48.59 11.53 -4.28
CA MET B 231 48.07 10.97 -5.53
C MET B 231 48.28 9.47 -5.64
N GLY B 232 48.96 8.84 -4.68
CA GLY B 232 48.99 7.40 -4.63
C GLY B 232 47.71 6.81 -4.09
N ASN B 233 47.06 7.54 -3.20
CA ASN B 233 45.79 7.12 -2.62
C ASN B 233 44.68 7.32 -3.66
N ILE B 234 43.66 6.46 -3.61
CA ILE B 234 42.56 6.61 -4.56
C ILE B 234 41.49 7.53 -3.97
N GLU B 235 41.53 7.79 -2.67
CA GLU B 235 40.46 8.60 -2.10
C GLU B 235 40.64 10.08 -2.41
N THR B 236 41.86 10.51 -2.76
CA THR B 236 42.03 11.88 -3.22
C THR B 236 41.39 12.11 -4.57
N VAL B 237 41.10 11.04 -5.31
CA VAL B 237 40.26 11.20 -6.48
C VAL B 237 38.83 11.44 -6.05
N LEU B 238 38.35 10.67 -5.06
CA LEU B 238 36.96 10.78 -4.61
C LEU B 238 36.71 12.04 -3.82
N SER B 239 37.72 12.50 -3.09
CA SER B 239 37.57 13.72 -2.29
C SER B 239 37.35 14.92 -3.16
N SER B 240 38.01 14.93 -4.31
CA SER B 240 37.99 16.06 -5.21
C SER B 240 37.03 15.87 -6.36
N SER B 241 36.60 14.64 -6.63
CA SER B 241 35.52 14.46 -7.59
C SER B 241 34.22 14.95 -7.05
N ILE B 242 33.97 14.73 -5.75
CA ILE B 242 32.76 15.23 -5.11
C ILE B 242 32.72 16.75 -5.11
N SER B 243 33.87 17.40 -4.92
CA SER B 243 33.95 18.84 -5.02
C SER B 243 33.62 19.35 -6.41
N ALA B 244 33.90 18.56 -7.44
CA ALA B 244 33.56 18.93 -8.79
C ALA B 244 32.15 18.52 -9.16
N VAL B 245 31.37 18.00 -8.22
CA VAL B 245 30.04 17.48 -8.50
C VAL B 245 28.96 18.29 -7.79
N PHE B 246 29.19 18.70 -6.53
CA PHE B 246 28.22 19.63 -5.96
C PHE B 246 28.41 21.02 -6.55
N PHE B 247 29.63 21.36 -6.94
CA PHE B 247 29.84 22.63 -7.63
C PHE B 247 29.07 22.68 -8.93
N ALA B 248 28.98 21.55 -9.61
CA ALA B 248 28.15 21.48 -10.80
C ALA B 248 26.68 21.47 -10.45
N ALA B 249 26.33 21.08 -9.23
CA ALA B 249 24.93 20.94 -8.90
C ALA B 249 24.34 22.23 -8.37
N PHE B 250 25.17 23.13 -7.86
CA PHE B 250 24.65 24.47 -7.56
C PHE B 250 24.41 25.24 -8.83
N VAL B 251 25.20 24.99 -9.87
CA VAL B 251 25.06 25.72 -11.12
C VAL B 251 23.78 25.32 -11.83
N THR B 252 23.53 24.01 -11.95
CA THR B 252 22.36 23.56 -12.67
C THR B 252 21.09 23.86 -11.89
N SER B 253 21.15 23.80 -10.57
CA SER B 253 20.00 24.23 -9.79
C SER B 253 19.87 25.74 -9.80
N GLY B 254 20.97 26.45 -10.04
CA GLY B 254 20.87 27.88 -10.17
C GLY B 254 20.24 28.28 -11.49
N THR B 255 20.75 27.75 -12.59
CA THR B 255 20.25 28.16 -13.89
C THR B 255 18.92 27.51 -14.23
N MET B 256 18.48 26.52 -13.46
CA MET B 256 17.10 26.08 -13.60
C MET B 256 16.16 27.06 -12.91
N TRP B 257 16.60 27.62 -11.80
CA TRP B 257 15.71 28.43 -10.98
C TRP B 257 15.64 29.86 -11.50
N TYR B 258 16.75 30.40 -11.99
CA TYR B 258 16.71 31.74 -12.52
C TYR B 258 16.38 31.78 -14.00
N GLY B 259 16.44 30.65 -14.67
CA GLY B 259 16.20 30.61 -16.09
C GLY B 259 17.47 30.78 -16.90
N ALA B 260 17.56 30.02 -17.97
CA ALA B 260 18.64 30.15 -18.93
C ALA B 260 18.12 29.66 -20.26
N ALA B 261 18.97 29.77 -21.29
CA ALA B 261 18.59 29.24 -22.60
C ALA B 261 18.57 27.73 -22.59
N ALA B 262 19.32 27.12 -21.69
CA ALA B 262 19.29 25.68 -21.49
C ALA B 262 18.08 25.22 -20.70
N THR B 263 17.24 26.13 -20.22
CA THR B 263 16.00 25.78 -19.51
C THR B 263 14.88 26.60 -20.12
N PRO B 264 14.29 26.13 -21.21
CA PRO B 264 13.25 26.92 -21.86
C PRO B 264 11.96 26.84 -21.08
N ILE B 265 11.20 27.94 -21.08
CA ILE B 265 9.99 28.02 -20.28
C ILE B 265 8.84 27.35 -21.01
N GLU B 266 9.10 26.84 -22.20
CA GLU B 266 8.12 26.00 -22.86
C GLU B 266 8.26 24.55 -22.48
N LEU B 267 9.32 24.18 -21.80
CA LEU B 267 9.53 22.80 -21.38
C LEU B 267 9.46 22.61 -19.89
N PHE B 268 10.06 23.51 -19.12
CA PHE B 268 10.06 23.38 -17.68
C PHE B 268 9.03 24.26 -17.01
N GLY B 269 8.46 25.22 -17.72
CA GLY B 269 7.51 26.12 -17.13
C GLY B 269 8.18 27.43 -16.80
N PRO B 270 7.40 28.43 -16.45
CA PRO B 270 7.97 29.76 -16.19
C PRO B 270 8.68 29.81 -14.86
N THR B 271 9.61 30.75 -14.74
CA THR B 271 10.26 30.96 -13.46
C THR B 271 9.39 31.83 -12.58
N ARG B 272 9.84 32.04 -11.33
CA ARG B 272 9.07 32.89 -10.44
C ARG B 272 9.37 34.35 -10.68
N TYR B 273 10.46 34.63 -11.39
CA TYR B 273 10.83 36.02 -11.64
C TYR B 273 10.08 36.56 -12.83
N GLN B 274 9.34 35.69 -13.53
CA GLN B 274 8.42 36.12 -14.55
C GLN B 274 7.05 36.42 -13.98
N TRP B 275 6.82 36.11 -12.72
CA TRP B 275 5.62 36.57 -12.03
C TRP B 275 5.89 37.80 -11.19
N ASP B 276 7.08 37.90 -10.61
CA ASP B 276 7.36 38.99 -9.70
C ASP B 276 7.53 40.31 -10.46
N SER B 277 8.15 40.26 -11.63
CA SER B 277 8.36 41.47 -12.41
C SER B 277 7.19 41.79 -13.33
N GLY B 278 6.19 40.92 -13.40
CA GLY B 278 5.11 41.12 -14.35
C GLY B 278 5.58 40.95 -15.78
N TYR B 279 6.37 39.91 -16.04
CA TYR B 279 7.00 39.75 -17.34
C TYR B 279 5.99 39.41 -18.43
N PHE B 280 4.88 38.78 -18.07
CA PHE B 280 3.83 38.50 -19.03
C PHE B 280 2.68 39.47 -18.97
N GLN B 281 2.49 40.15 -17.84
CA GLN B 281 1.46 41.18 -17.78
C GLN B 281 1.82 42.34 -18.68
N GLN B 282 3.09 42.73 -18.67
CA GLN B 282 3.52 43.85 -19.49
C GLN B 282 3.56 43.46 -20.96
N GLU B 283 3.67 42.17 -21.25
CA GLU B 283 3.74 41.74 -22.63
C GLU B 283 2.36 41.59 -23.26
N ILE B 284 1.39 41.12 -22.49
CA ILE B 284 0.02 41.03 -23.01
C ILE B 284 -0.54 42.41 -23.25
N GLU B 285 -0.22 43.36 -22.38
CA GLU B 285 -0.64 44.75 -22.61
C GLU B 285 0.05 45.35 -23.82
N ARG B 286 1.31 44.99 -24.04
CA ARG B 286 2.06 45.55 -25.17
C ARG B 286 1.51 45.08 -26.51
N GLN B 287 0.98 43.86 -26.57
CA GLN B 287 0.33 43.39 -27.79
C GLN B 287 -1.10 43.88 -27.91
N VAL B 288 -1.58 44.67 -26.96
CA VAL B 288 -2.92 45.25 -27.04
C VAL B 288 -2.77 46.74 -27.26
N GLU B 289 -1.70 47.33 -26.69
CA GLU B 289 -1.40 48.74 -26.95
C GLU B 289 -1.05 48.98 -28.42
N THR B 290 -0.48 47.99 -29.08
CA THR B 290 -0.21 48.12 -30.50
C THR B 290 -1.44 47.73 -31.33
N SER B 291 -2.33 46.91 -30.78
CA SER B 291 -3.52 46.52 -31.52
C SER B 291 -4.55 47.64 -31.51
N VAL B 292 -4.76 48.26 -30.34
CA VAL B 292 -5.71 49.36 -30.21
C VAL B 292 -5.23 50.57 -30.99
N SER B 293 -3.92 50.78 -31.06
CA SER B 293 -3.38 51.90 -31.83
C SER B 293 -3.58 51.71 -33.32
N GLU B 294 -3.76 50.47 -33.77
CA GLU B 294 -4.08 50.21 -35.17
C GLU B 294 -5.59 50.11 -35.39
N GLY B 295 -6.34 51.07 -34.85
CA GLY B 295 -7.76 51.21 -35.06
C GLY B 295 -8.64 50.01 -34.80
N LEU B 296 -8.76 49.56 -33.56
CA LEU B 296 -9.59 48.41 -33.24
C LEU B 296 -10.52 48.72 -32.11
N SER B 297 -11.58 47.93 -32.02
CA SER B 297 -12.34 47.85 -30.79
C SER B 297 -11.55 47.07 -29.76
N GLU B 298 -11.98 47.18 -28.50
CA GLU B 298 -11.20 46.62 -27.42
C GLU B 298 -11.30 45.10 -27.40
N SER B 299 -12.50 44.57 -27.63
CA SER B 299 -12.70 43.13 -27.56
C SER B 299 -12.04 42.40 -28.73
N GLN B 300 -11.80 43.12 -29.83
CA GLN B 300 -11.04 42.53 -30.93
C GLN B 300 -9.55 42.59 -30.64
N ALA B 301 -9.12 43.49 -29.78
CA ALA B 301 -7.71 43.56 -29.41
C ALA B 301 -7.34 42.42 -28.48
N TRP B 302 -8.23 42.09 -27.54
CA TRP B 302 -7.91 41.04 -26.58
C TRP B 302 -8.11 39.67 -27.21
N SER B 303 -8.84 39.61 -28.33
CA SER B 303 -9.06 38.32 -28.97
C SER B 303 -7.83 37.88 -29.78
N ARG B 304 -6.91 38.81 -30.06
CA ARG B 304 -5.71 38.43 -30.78
C ARG B 304 -4.71 37.73 -29.87
N ILE B 305 -4.84 37.92 -28.57
CA ILE B 305 -3.91 37.35 -27.59
C ILE B 305 -4.08 35.84 -27.58
N PRO B 306 -3.00 35.07 -27.73
CA PRO B 306 -3.12 33.62 -27.70
C PRO B 306 -3.46 33.13 -26.31
N ASP B 307 -4.05 31.93 -26.27
CA ASP B 307 -4.37 31.33 -24.98
C ASP B 307 -3.12 30.90 -24.24
N LYS B 308 -2.04 30.61 -24.97
CA LYS B 308 -0.80 30.20 -24.33
C LYS B 308 -0.14 31.35 -23.60
N LEU B 309 -0.21 32.56 -24.17
CA LEU B 309 0.46 33.71 -23.58
C LEU B 309 -0.22 34.13 -22.29
N ALA B 310 -1.54 34.03 -22.24
CA ALA B 310 -2.24 34.35 -21.00
C ALA B 310 -2.13 33.21 -20.00
N PHE B 311 -1.72 32.03 -20.45
CA PHE B 311 -1.62 30.90 -19.54
C PHE B 311 -0.37 31.01 -18.70
N TYR B 312 0.64 31.72 -19.17
CA TYR B 312 1.79 31.96 -18.32
C TYR B 312 1.49 33.05 -17.31
N ASP B 313 0.54 33.92 -17.61
CA ASP B 313 0.15 34.97 -16.68
C ASP B 313 -0.89 34.42 -15.72
N TYR B 314 -0.47 33.47 -14.89
CA TYR B 314 -1.38 32.76 -14.00
C TYR B 314 -0.55 32.29 -12.82
N ILE B 315 -1.08 32.49 -11.62
CA ILE B 315 -0.27 32.23 -10.44
C ILE B 315 -0.13 30.73 -10.17
N GLY B 316 -1.01 29.91 -10.74
CA GLY B 316 -0.86 28.50 -10.55
C GLY B 316 0.27 27.88 -11.33
N ASN B 317 0.85 28.61 -12.27
CA ASN B 317 2.02 28.13 -13.01
C ASN B 317 3.32 28.62 -12.42
N ASN B 318 3.25 29.46 -11.41
CA ASN B 318 4.43 29.85 -10.65
C ASN B 318 4.94 28.65 -9.87
N PRO B 319 6.22 28.29 -9.98
CA PRO B 319 6.75 27.20 -9.15
C PRO B 319 6.90 27.55 -7.68
N ALA B 320 6.81 28.83 -7.32
CA ALA B 320 6.89 29.25 -5.94
C ALA B 320 5.54 29.29 -5.25
N LYS B 321 4.58 28.49 -5.71
CA LYS B 321 3.28 28.40 -5.08
C LYS B 321 2.99 27.03 -4.52
N GLY B 322 3.72 26.01 -4.93
CA GLY B 322 3.43 24.66 -4.49
C GLY B 322 3.87 24.41 -3.07
N GLY B 323 3.73 23.16 -2.66
CA GLY B 323 4.16 22.73 -1.35
C GLY B 323 5.05 21.52 -1.49
N LEU B 324 5.60 21.09 -0.36
CA LEU B 324 6.56 20.01 -0.41
C LEU B 324 5.89 18.65 -0.40
N PHE B 325 5.02 18.39 0.57
CA PHE B 325 4.51 17.05 0.77
C PHE B 325 3.20 16.81 0.06
N ARG B 326 2.71 17.78 -0.69
CA ARG B 326 1.69 17.52 -1.68
C ARG B 326 2.38 16.97 -2.92
N ALA B 327 1.71 16.04 -3.60
CA ALA B 327 2.39 15.25 -4.61
C ALA B 327 1.63 15.29 -5.92
N GLY B 328 2.33 14.91 -6.98
CA GLY B 328 1.71 14.74 -8.27
C GLY B 328 1.93 15.91 -9.19
N PRO B 329 1.28 15.90 -10.33
CA PRO B 329 1.44 16.96 -11.31
C PRO B 329 0.73 18.23 -10.88
N MET B 330 0.90 19.28 -11.67
CA MET B 330 0.19 20.51 -11.40
C MET B 330 -1.28 20.41 -11.78
N ASN B 331 -1.64 19.45 -12.63
CA ASN B 331 -3.04 19.26 -12.99
C ASN B 331 -3.83 18.66 -11.84
N LYS B 332 -3.13 18.07 -10.87
CA LYS B 332 -3.77 17.68 -9.63
C LYS B 332 -4.18 18.89 -8.81
N GLY B 333 -3.57 20.04 -9.09
CA GLY B 333 -3.84 21.28 -8.40
C GLY B 333 -5.26 21.80 -8.55
N ASP B 334 -5.68 22.07 -9.77
CA ASP B 334 -7.04 22.54 -10.01
C ASP B 334 -7.69 21.92 -11.22
N GLY B 335 -7.01 21.05 -11.95
CA GLY B 335 -7.61 20.38 -13.10
C GLY B 335 -6.99 20.85 -14.39
N ILE B 336 -7.28 20.09 -15.44
CA ILE B 336 -6.76 20.40 -16.76
C ILE B 336 -7.49 21.62 -17.30
N ALA B 337 -6.73 22.61 -17.76
CA ALA B 337 -7.31 23.83 -18.28
C ALA B 337 -8.05 23.56 -19.58
N GLU B 338 -9.17 24.23 -19.76
CA GLU B 338 -9.99 24.05 -20.94
C GLU B 338 -9.93 25.27 -21.86
N ALA B 339 -10.25 26.44 -21.34
CA ALA B 339 -10.32 27.62 -22.17
C ALA B 339 -9.98 28.84 -21.33
N TRP B 340 -9.79 29.95 -22.01
CA TRP B 340 -9.48 31.21 -21.38
C TRP B 340 -10.78 31.98 -21.23
N LEU B 341 -11.11 32.36 -20.00
CA LEU B 341 -12.40 33.02 -19.77
C LEU B 341 -12.35 34.46 -20.21
N GLY B 342 -11.18 35.04 -20.35
CA GLY B 342 -11.10 36.37 -20.86
C GLY B 342 -10.39 37.28 -19.89
N HIS B 343 -10.34 38.54 -20.24
CA HIS B 343 -9.66 39.54 -19.42
C HIS B 343 -10.68 40.48 -18.81
N PRO B 344 -11.03 40.32 -17.53
CA PRO B 344 -12.01 41.22 -16.93
C PRO B 344 -11.43 42.58 -16.67
N ILE B 345 -12.22 43.60 -16.97
CA ILE B 345 -11.87 44.99 -16.70
C ILE B 345 -12.92 45.57 -15.79
N PHE B 346 -12.49 46.07 -14.63
CA PHE B 346 -13.40 46.53 -13.59
C PHE B 346 -13.54 48.04 -13.68
N ARG B 347 -14.78 48.50 -13.70
CA ARG B 347 -15.11 49.91 -13.75
C ARG B 347 -16.15 50.20 -12.68
N ASP B 348 -16.00 51.33 -12.00
CA ASP B 348 -16.96 51.72 -10.99
C ASP B 348 -18.18 52.42 -11.58
N LYS B 349 -19.00 53.03 -10.74
CA LYS B 349 -20.11 53.82 -11.26
C LYS B 349 -19.63 55.16 -11.81
N GLU B 350 -18.42 55.60 -11.41
CA GLU B 350 -17.85 56.79 -12.00
C GLU B 350 -17.29 56.51 -13.39
N GLY B 351 -16.82 55.29 -13.64
CA GLY B 351 -16.35 54.89 -14.94
C GLY B 351 -14.85 54.71 -15.08
N ARG B 352 -14.08 54.98 -14.03
CA ARG B 352 -12.65 54.83 -14.14
C ARG B 352 -12.25 53.36 -14.06
N GLU B 353 -11.06 53.06 -14.55
CA GLU B 353 -10.59 51.70 -14.64
C GLU B 353 -9.93 51.26 -13.34
N LEU B 354 -10.39 50.15 -12.78
CA LEU B 354 -9.87 49.59 -11.55
C LEU B 354 -9.17 48.28 -11.87
N THR B 355 -7.92 48.17 -11.44
CA THR B 355 -7.16 46.94 -11.59
C THR B 355 -7.12 46.20 -10.26
N VAL B 356 -7.35 44.90 -10.29
CA VAL B 356 -7.25 44.09 -9.08
C VAL B 356 -5.79 43.94 -8.70
N ARG B 357 -5.46 44.29 -7.46
CA ARG B 357 -4.14 44.03 -6.92
C ARG B 357 -3.86 42.53 -6.91
N ARG B 358 -2.70 42.13 -7.44
CA ARG B 358 -2.40 40.72 -7.63
C ARG B 358 -1.70 40.11 -6.42
N MET B 359 -1.92 38.81 -6.24
CA MET B 359 -1.31 38.09 -5.13
C MET B 359 0.19 37.90 -5.39
N PRO B 360 1.05 38.23 -4.44
CA PRO B 360 2.46 37.86 -4.56
C PRO B 360 2.65 36.37 -4.28
N ALA B 361 3.89 35.91 -4.46
CA ALA B 361 4.13 34.47 -4.33
C ALA B 361 4.22 34.04 -2.88
N PHE B 362 4.43 34.98 -1.96
CA PHE B 362 4.51 34.66 -0.54
C PHE B 362 3.15 34.29 0.01
N PHE B 363 2.15 35.09 -0.32
CA PHE B 363 0.86 35.03 0.34
C PHE B 363 0.07 33.83 -0.16
N GLU B 364 -0.31 32.95 0.76
CA GLU B 364 -1.28 31.92 0.45
C GLU B 364 -2.68 32.52 0.38
N THR B 365 -3.01 33.38 1.34
CA THR B 365 -4.24 34.14 1.35
C THR B 365 -3.92 35.60 1.10
N PHE B 366 -4.82 36.27 0.40
CA PHE B 366 -4.59 37.67 0.07
C PHE B 366 -5.93 38.36 -0.08
N PRO B 367 -6.13 39.52 0.55
CA PRO B 367 -7.44 40.18 0.47
C PRO B 367 -7.64 40.83 -0.89
N VAL B 368 -8.86 40.70 -1.43
CA VAL B 368 -9.16 41.22 -2.74
C VAL B 368 -9.26 42.74 -2.66
N ILE B 369 -8.41 43.43 -3.40
CA ILE B 369 -8.30 44.88 -3.36
C ILE B 369 -8.37 45.39 -4.80
N LEU B 370 -9.21 46.38 -5.05
CA LEU B 370 -9.32 46.98 -6.37
C LEU B 370 -8.70 48.38 -6.34
N VAL B 371 -7.70 48.59 -7.18
CA VAL B 371 -6.90 49.80 -7.18
C VAL B 371 -7.02 50.45 -8.55
N ASP B 372 -7.19 51.78 -8.58
CA ASP B 372 -7.17 52.54 -9.82
C ASP B 372 -5.73 52.81 -10.26
N LYS B 373 -5.56 53.76 -11.18
CA LYS B 373 -4.29 53.92 -11.86
C LYS B 373 -3.23 54.59 -10.97
N ASP B 374 -3.65 55.35 -9.95
CA ASP B 374 -2.66 56.10 -9.20
C ASP B 374 -2.34 55.50 -7.83
N GLY B 375 -2.91 54.35 -7.49
CA GLY B 375 -2.58 53.70 -6.24
C GLY B 375 -3.58 53.88 -5.12
N ILE B 376 -4.64 54.65 -5.34
CA ILE B 376 -5.63 54.89 -4.31
C ILE B 376 -6.53 53.66 -4.18
N ILE B 377 -6.78 53.22 -2.96
CA ILE B 377 -7.69 52.10 -2.75
C ILE B 377 -9.11 52.58 -3.02
N ARG B 378 -9.74 52.01 -4.03
CA ARG B 378 -11.08 52.42 -4.42
C ARG B 378 -12.15 51.43 -4.03
N ALA B 379 -11.85 50.15 -4.03
CA ALA B 379 -12.82 49.12 -3.67
C ALA B 379 -12.08 47.90 -3.16
N ASP B 380 -12.79 47.07 -2.42
CA ASP B 380 -12.25 45.81 -1.93
C ASP B 380 -13.41 44.86 -1.60
N ILE B 381 -13.09 43.76 -0.95
CA ILE B 381 -14.09 42.89 -0.35
C ILE B 381 -13.82 42.89 1.15
N PRO B 382 -14.68 43.48 1.97
CA PRO B 382 -14.32 43.72 3.37
C PRO B 382 -14.44 42.45 4.21
N PHE B 383 -13.45 42.26 5.07
CA PHE B 383 -13.55 41.25 6.13
C PHE B 383 -14.66 41.62 7.09
N ARG B 384 -14.56 42.80 7.67
CA ARG B 384 -15.52 43.30 8.66
C ARG B 384 -16.57 44.11 7.93
N ARG B 385 -17.78 43.58 7.86
CA ARG B 385 -18.81 44.18 7.01
C ARG B 385 -19.59 45.28 7.70
N ALA B 386 -19.26 45.62 8.94
CA ALA B 386 -20.08 46.55 9.69
C ALA B 386 -19.82 47.99 9.28
N GLU B 387 -18.59 48.45 9.41
CA GLU B 387 -18.24 49.84 9.19
C GLU B 387 -17.70 50.05 7.78
N SER B 388 -18.27 49.38 6.79
CA SER B 388 -17.65 49.29 5.48
C SER B 388 -17.70 50.59 4.70
N LYS B 389 -16.54 51.04 4.21
CA LYS B 389 -16.44 52.28 3.47
C LYS B 389 -15.97 52.12 2.03
N TYR B 390 -15.55 50.93 1.62
CA TYR B 390 -15.05 50.72 0.27
C TYR B 390 -15.60 49.45 -0.35
N SER B 391 -16.79 49.01 0.06
CA SER B 391 -17.34 47.78 -0.46
C SER B 391 -17.75 47.95 -1.93
N ILE B 392 -17.99 46.82 -2.58
CA ILE B 392 -18.37 46.86 -3.99
C ILE B 392 -19.80 47.35 -4.13
N GLU B 393 -20.63 47.13 -3.10
CA GLU B 393 -22.00 47.62 -3.13
C GLU B 393 -22.05 49.14 -3.11
N GLN B 394 -21.16 49.77 -2.36
CA GLN B 394 -21.12 51.22 -2.33
C GLN B 394 -20.55 51.78 -3.62
N VAL B 395 -19.41 51.26 -4.05
CA VAL B 395 -18.69 51.85 -5.18
C VAL B 395 -19.39 51.50 -6.49
N GLY B 396 -20.05 50.35 -6.54
CA GLY B 396 -20.79 49.98 -7.73
C GLY B 396 -19.89 49.59 -8.87
N VAL B 397 -19.04 48.60 -8.64
CA VAL B 397 -18.06 48.18 -9.63
C VAL B 397 -18.72 47.20 -10.58
N THR B 398 -18.64 47.49 -11.87
CA THR B 398 -19.09 46.58 -12.91
C THR B 398 -17.88 45.96 -13.59
N VAL B 399 -18.07 44.73 -14.07
CA VAL B 399 -17.00 43.97 -14.71
C VAL B 399 -17.31 43.87 -16.20
N ASP B 400 -16.28 44.01 -17.02
CA ASP B 400 -16.39 43.91 -18.47
C ASP B 400 -15.36 42.92 -18.96
N PHE B 401 -15.78 41.89 -19.64
CA PHE B 401 -14.83 40.94 -20.20
C PHE B 401 -14.49 41.33 -21.63
N TYR B 402 -13.32 40.91 -22.07
CA TYR B 402 -12.84 41.20 -23.42
C TYR B 402 -11.99 40.03 -23.88
N GLY B 403 -12.43 39.37 -24.94
CA GLY B 403 -11.75 38.17 -25.39
C GLY B 403 -12.12 36.97 -24.55
N GLY B 404 -11.64 35.83 -24.98
CA GLY B 404 -12.03 34.61 -24.35
C GLY B 404 -13.46 34.26 -24.68
N LYS B 405 -14.01 33.32 -23.90
CA LYS B 405 -15.35 32.83 -24.21
C LYS B 405 -16.41 33.68 -23.54
N LEU B 406 -16.02 34.70 -22.79
CA LEU B 406 -17.00 35.62 -22.22
C LEU B 406 -16.97 36.96 -22.93
N ASN B 407 -16.72 36.94 -24.24
CA ASN B 407 -16.11 38.03 -25.05
C ASN B 407 -16.81 39.37 -24.84
N GLY B 408 -18.08 39.52 -25.22
CA GLY B 408 -18.77 40.72 -24.82
C GLY B 408 -19.84 40.42 -23.79
N GLN B 409 -19.52 40.64 -22.51
CA GLN B 409 -20.47 40.43 -21.43
C GLN B 409 -20.21 41.47 -20.37
N THR B 410 -21.24 41.80 -19.60
CA THR B 410 -21.13 42.79 -18.53
C THR B 410 -22.00 42.32 -17.37
N PHE B 411 -21.39 42.09 -16.23
CA PHE B 411 -22.11 41.76 -15.02
C PHE B 411 -22.04 42.96 -14.08
N LYS B 412 -23.19 43.34 -13.52
CA LYS B 412 -23.27 44.59 -12.78
C LYS B 412 -23.61 44.43 -11.32
N ASP B 413 -24.18 43.31 -10.89
CA ASP B 413 -24.59 43.19 -9.50
C ASP B 413 -23.44 42.72 -8.62
N ALA B 414 -23.52 43.08 -7.35
CA ALA B 414 -22.52 42.66 -6.36
C ALA B 414 -22.33 41.16 -6.16
N PRO B 415 -23.33 40.26 -6.31
CA PRO B 415 -23.00 38.83 -6.20
C PRO B 415 -22.06 38.31 -7.28
N THR B 416 -22.15 38.83 -8.50
CA THR B 416 -21.37 38.24 -9.59
C THR B 416 -20.00 38.92 -9.70
N VAL B 417 -19.94 40.22 -9.40
CA VAL B 417 -18.68 40.96 -9.49
C VAL B 417 -17.71 40.49 -8.42
N LYS B 418 -18.22 40.13 -7.25
CA LYS B 418 -17.35 39.60 -6.19
C LYS B 418 -16.78 38.25 -6.56
N LYS B 419 -17.49 37.46 -7.36
CA LYS B 419 -16.96 36.17 -7.77
C LYS B 419 -15.84 36.33 -8.78
N PHE B 420 -15.90 37.37 -9.61
CA PHE B 420 -14.83 37.55 -10.58
C PHE B 420 -13.71 38.41 -10.04
N ALA B 421 -13.97 39.15 -8.96
CA ALA B 421 -12.89 39.92 -8.35
C ALA B 421 -11.97 39.01 -7.55
N ARG B 422 -12.48 37.89 -7.07
CA ARG B 422 -11.63 36.97 -6.31
C ARG B 422 -10.75 36.15 -7.23
N LYS B 423 -11.27 35.77 -8.38
CA LYS B 423 -10.46 34.98 -9.30
C LYS B 423 -9.61 35.82 -10.22
N ALA B 424 -9.65 37.14 -10.13
CA ALA B 424 -8.82 37.98 -10.97
C ALA B 424 -7.53 38.38 -10.29
N GLN B 425 -7.40 38.14 -8.99
CA GLN B 425 -6.12 38.37 -8.34
C GLN B 425 -5.16 37.21 -8.56
N LEU B 426 -5.64 36.12 -9.14
CA LEU B 426 -4.82 34.97 -9.47
C LEU B 426 -4.31 35.00 -10.89
N GLY B 427 -4.00 36.18 -11.42
CA GLY B 427 -3.49 36.29 -12.76
C GLY B 427 -4.60 36.40 -13.79
N GLU B 428 -4.59 35.55 -14.79
CA GLU B 428 -5.67 35.47 -15.74
C GLU B 428 -6.76 34.57 -15.20
N VAL B 429 -7.82 34.41 -15.98
CA VAL B 429 -9.03 33.72 -15.54
C VAL B 429 -9.28 32.56 -16.49
N PHE B 430 -9.31 31.34 -15.96
CA PHE B 430 -9.44 30.16 -16.79
C PHE B 430 -10.58 29.28 -16.33
N GLU B 431 -11.03 28.44 -17.26
CA GLU B 431 -12.00 27.39 -16.97
C GLU B 431 -11.26 26.06 -16.90
N PHE B 432 -11.36 25.38 -15.77
CA PHE B 432 -10.63 24.14 -15.54
C PHE B 432 -11.57 22.94 -15.52
N ASP B 433 -10.97 21.76 -15.47
CA ASP B 433 -11.69 20.48 -15.48
C ASP B 433 -11.15 19.65 -14.31
N ARG B 434 -11.76 19.81 -13.15
CA ARG B 434 -11.20 19.24 -11.92
C ARG B 434 -11.75 17.87 -11.59
N THR B 435 -12.53 17.26 -12.46
CA THR B 435 -13.14 15.97 -12.18
C THR B 435 -12.41 14.79 -12.81
N SER B 436 -11.46 15.05 -13.69
CA SER B 436 -10.75 13.96 -14.36
C SER B 436 -9.69 13.35 -13.46
N LEU B 437 -8.93 14.17 -12.73
CA LEU B 437 -7.83 13.69 -11.91
C LEU B 437 -8.10 13.81 -10.42
N GLU B 438 -9.35 14.09 -10.03
CA GLU B 438 -9.76 14.36 -8.65
C GLU B 438 -8.94 15.50 -8.04
N SER B 439 -9.00 16.64 -8.72
CA SER B 439 -8.18 17.79 -8.35
C SER B 439 -8.73 18.43 -7.09
N ASP B 440 -7.91 18.46 -6.04
CA ASP B 440 -8.41 18.83 -4.72
C ASP B 440 -8.62 20.34 -4.58
N GLY B 441 -7.67 21.14 -5.03
CA GLY B 441 -7.86 22.58 -4.93
C GLY B 441 -6.73 23.34 -4.26
N VAL B 442 -5.51 22.82 -4.31
CA VAL B 442 -4.34 23.54 -3.85
C VAL B 442 -3.22 23.39 -4.85
N PHE B 443 -2.41 24.43 -5.00
CA PHE B 443 -1.44 24.52 -6.08
C PHE B 443 -0.26 23.59 -5.84
N ARG B 444 0.24 22.97 -6.91
CA ARG B 444 1.47 22.19 -6.87
C ARG B 444 2.61 22.96 -7.54
N SER B 445 3.76 22.30 -7.71
CA SER B 445 4.94 22.92 -8.28
C SER B 445 5.29 22.33 -9.64
N SER B 446 5.99 23.12 -10.43
CA SER B 446 6.44 22.71 -11.75
C SER B 446 7.69 21.85 -11.62
N PRO B 447 8.08 21.14 -12.68
CA PRO B 447 9.38 20.45 -12.66
C PRO B 447 10.58 21.36 -12.55
N ARG B 448 10.42 22.66 -12.82
CA ARG B 448 11.45 23.62 -12.48
C ARG B 448 11.64 23.69 -10.98
N GLY B 449 10.55 23.56 -10.22
CA GLY B 449 10.65 23.67 -8.78
C GLY B 449 11.23 22.42 -8.15
N TRP B 450 10.91 21.26 -8.71
CA TRP B 450 11.37 20.01 -8.10
C TRP B 450 12.83 19.76 -8.39
N TYR B 451 13.27 20.09 -9.61
CA TYR B 451 14.67 19.93 -9.95
C TYR B 451 15.55 20.82 -9.09
N THR B 452 15.07 22.01 -8.78
CA THR B 452 15.84 22.87 -7.92
C THR B 452 15.84 22.36 -6.49
N TYR B 453 14.86 21.55 -6.13
CA TYR B 453 14.79 21.04 -4.77
C TYR B 453 15.82 19.94 -4.54
N GLY B 454 15.78 18.90 -5.36
CA GLY B 454 16.65 17.77 -5.21
C GLY B 454 18.10 18.18 -5.37
N HIS B 455 18.42 18.72 -6.53
CA HIS B 455 19.81 19.00 -6.85
C HIS B 455 20.41 20.17 -6.09
N ALA B 456 19.66 20.87 -5.23
CA ALA B 456 20.27 21.78 -4.27
C ALA B 456 20.27 21.23 -2.85
N ASN B 457 19.39 20.29 -2.52
CA ASN B 457 19.57 19.57 -1.27
C ASN B 457 20.58 18.45 -1.39
N PHE B 458 20.78 17.91 -2.59
CA PHE B 458 21.88 16.98 -2.82
C PHE B 458 23.22 17.67 -2.64
N ALA B 459 23.40 18.81 -3.31
CA ALA B 459 24.69 19.51 -3.34
C ALA B 459 25.11 20.00 -1.97
N LEU B 460 24.14 20.18 -1.07
CA LEU B 460 24.48 20.53 0.30
C LEU B 460 24.95 19.31 1.07
N LEU B 461 24.42 18.12 0.74
CA LEU B 461 24.89 16.90 1.38
C LEU B 461 26.25 16.48 0.86
N PHE B 462 26.50 16.68 -0.43
CA PHE B 462 27.81 16.37 -0.99
C PHE B 462 28.88 17.32 -0.53
N PHE B 463 28.50 18.46 0.04
CA PHE B 463 29.51 19.28 0.67
C PHE B 463 30.05 18.62 1.93
N PHE B 464 29.22 17.84 2.61
CA PHE B 464 29.72 17.10 3.75
C PHE B 464 30.59 15.94 3.32
N GLY B 465 30.29 15.35 2.16
CA GLY B 465 31.14 14.29 1.64
C GLY B 465 32.49 14.79 1.17
N HIS B 466 32.59 16.05 0.78
CA HIS B 466 33.88 16.63 0.47
C HIS B 466 34.74 16.73 1.72
N LEU B 467 34.13 17.06 2.85
CA LEU B 467 34.89 17.20 4.07
C LEU B 467 35.18 15.87 4.72
N TRP B 468 34.28 14.90 4.58
CA TRP B 468 34.57 13.60 5.14
C TRP B 468 35.65 12.89 4.36
N HIS B 469 35.40 12.65 3.06
CA HIS B 469 36.34 11.91 2.24
C HIS B 469 37.62 12.70 2.01
N GLY B 470 37.54 14.03 2.10
CA GLY B 470 38.74 14.84 1.97
C GLY B 470 39.63 14.75 3.18
N GLY B 471 39.05 14.88 4.37
CA GLY B 471 39.83 14.76 5.58
C GLY B 471 40.22 13.32 5.86
N ARG B 472 39.58 12.39 5.19
CA ARG B 472 40.03 11.01 5.32
C ARG B 472 41.25 10.73 4.46
N THR B 473 41.43 11.50 3.39
CA THR B 473 42.60 11.33 2.53
C THR B 473 43.86 11.86 3.18
N ILE B 474 43.79 13.09 3.68
CA ILE B 474 44.97 13.77 4.23
C ILE B 474 45.46 13.06 5.49
N PHE B 475 44.53 12.62 6.32
CA PHE B 475 44.81 12.12 7.65
C PHE B 475 44.91 10.60 7.69
N ARG B 476 45.35 9.95 6.60
CA ARG B 476 45.12 8.51 6.43
C ARG B 476 45.87 7.66 7.46
N ASP B 477 47.00 8.13 7.96
CA ASP B 477 47.78 7.31 8.87
C ASP B 477 47.20 7.24 10.28
N VAL B 478 46.17 8.02 10.61
CA VAL B 478 45.71 8.09 11.98
C VAL B 478 44.23 7.72 12.13
N PHE B 479 43.70 6.84 11.29
CA PHE B 479 42.28 6.54 11.46
C PHE B 479 42.00 5.25 12.21
N THR B 480 43.01 4.51 12.63
CA THR B 480 42.80 3.57 13.72
C THR B 480 42.85 4.29 15.05
N GLY B 481 43.42 5.48 15.06
CA GLY B 481 43.69 6.22 16.27
C GLY B 481 45.05 6.87 16.16
N ILE B 482 45.41 7.58 17.21
CA ILE B 482 46.72 8.23 17.24
C ILE B 482 47.61 7.47 18.21
N GLY B 483 48.91 7.61 18.01
CA GLY B 483 49.85 7.03 18.93
C GLY B 483 50.01 7.90 20.16
N ALA B 484 50.26 7.25 21.29
CA ALA B 484 50.44 7.96 22.55
C ALA B 484 51.87 8.46 22.74
N GLU B 485 52.70 8.38 21.72
CA GLU B 485 54.11 8.73 21.84
C GLU B 485 54.55 9.70 20.75
N ILE C 21 46.08 32.79 59.59
CA ILE C 21 45.82 32.40 58.21
C ILE C 21 45.31 30.97 58.26
N ALA C 22 45.66 30.28 59.33
CA ALA C 22 45.17 28.93 59.58
C ALA C 22 43.66 28.95 59.81
N GLY C 23 42.95 28.17 59.00
CA GLY C 23 41.51 28.24 58.93
C GLY C 23 40.98 29.08 57.80
N ARG C 24 41.86 29.81 57.10
CA ARG C 24 41.47 30.73 56.04
C ARG C 24 42.30 30.48 54.77
N ASP C 25 42.60 29.23 54.48
CA ASP C 25 43.12 28.82 53.18
C ASP C 25 42.71 27.38 52.91
N ILE C 26 42.92 26.94 51.68
CA ILE C 26 42.45 25.63 51.27
C ILE C 26 43.35 24.53 51.84
N GLU C 27 44.57 24.89 52.22
CA GLU C 27 45.50 23.90 52.78
C GLU C 27 45.06 23.46 54.16
N SER C 28 44.42 24.35 54.92
CA SER C 28 43.97 23.99 56.25
C SER C 28 42.58 23.37 56.23
N THR C 29 41.68 23.92 55.43
CA THR C 29 40.29 23.48 55.42
C THR C 29 40.01 22.48 54.30
N GLY C 30 40.23 22.87 53.06
CA GLY C 30 39.88 21.99 51.97
C GLY C 30 38.76 22.57 51.13
N PHE C 31 38.38 23.80 51.44
CA PHE C 31 37.37 24.53 50.70
C PHE C 31 38.02 25.68 49.96
N ALA C 32 37.58 25.90 48.72
CA ALA C 32 38.15 26.96 47.91
C ALA C 32 37.58 28.30 48.35
N TRP C 33 38.07 29.37 47.70
CA TRP C 33 37.64 30.71 48.09
C TRP C 33 36.19 30.95 47.72
N TRP C 34 35.70 30.29 46.68
CA TRP C 34 34.34 30.55 46.24
C TRP C 34 33.33 29.85 47.14
N SER C 35 33.67 28.68 47.67
CA SER C 35 32.87 28.09 48.74
C SER C 35 33.57 28.39 50.06
N GLY C 36 33.64 29.67 50.37
CA GLY C 36 34.50 30.10 51.44
C GLY C 36 33.79 30.22 52.76
N ASN C 37 32.50 30.51 52.74
CA ASN C 37 31.76 30.55 53.99
C ASN C 37 31.35 29.17 54.47
N ALA C 38 31.73 28.11 53.75
CA ALA C 38 31.60 26.76 54.26
C ALA C 38 32.70 26.42 55.25
N ARG C 39 33.69 27.28 55.39
CA ARG C 39 34.69 27.15 56.43
C ARG C 39 34.11 27.49 57.80
N LEU C 40 32.93 28.09 57.85
CA LEU C 40 32.31 28.55 59.06
C LEU C 40 31.39 27.51 59.68
N ILE C 41 31.44 26.26 59.20
CA ILE C 41 30.52 25.27 59.71
C ILE C 41 30.93 24.86 61.12
N ASN C 42 32.21 24.58 61.32
CA ASN C 42 32.67 24.06 62.59
C ASN C 42 33.44 25.08 63.41
N VAL C 43 33.23 26.37 63.15
CA VAL C 43 33.55 27.42 64.10
C VAL C 43 32.23 28.09 64.47
N SER C 44 32.14 28.61 65.68
CA SER C 44 30.83 29.04 66.16
C SER C 44 30.78 30.55 66.36
N GLY C 45 31.90 31.18 66.61
CA GLY C 45 31.87 32.62 66.79
C GLY C 45 31.86 33.32 65.47
N LYS C 46 32.68 32.83 64.54
CA LYS C 46 32.67 33.35 63.18
C LYS C 46 31.32 33.11 62.52
N LEU C 47 30.66 32.00 62.85
CA LEU C 47 29.37 31.71 62.26
C LEU C 47 28.28 32.58 62.86
N LEU C 48 28.38 32.88 64.15
CA LEU C 48 27.41 33.76 64.79
C LEU C 48 27.54 35.17 64.26
N GLY C 49 28.77 35.65 64.11
CA GLY C 49 29.00 36.96 63.54
C GLY C 49 28.56 37.07 62.11
N ALA C 50 28.51 35.97 61.38
CA ALA C 50 28.01 36.00 60.02
C ALA C 50 26.50 36.07 59.97
N HIS C 51 25.80 35.36 60.86
CA HIS C 51 24.34 35.40 60.84
C HIS C 51 23.80 36.72 61.38
N VAL C 52 24.54 37.40 62.24
CA VAL C 52 24.08 38.69 62.75
C VAL C 52 24.50 39.82 61.82
N ALA C 53 25.48 39.60 60.94
CA ALA C 53 25.79 40.60 59.94
C ALA C 53 24.79 40.57 58.80
N HIS C 54 24.41 39.38 58.33
CA HIS C 54 23.38 39.32 57.29
C HIS C 54 22.04 39.76 57.83
N ALA C 55 21.80 39.57 59.12
CA ALA C 55 20.62 40.17 59.72
C ALA C 55 20.76 41.67 59.78
N GLY C 56 21.98 42.18 59.87
CA GLY C 56 22.19 43.61 59.77
C GLY C 56 21.95 44.16 58.39
N LEU C 57 22.02 43.33 57.35
CA LEU C 57 21.73 43.77 56.01
C LEU C 57 20.25 43.72 55.68
N MET C 58 19.54 42.75 56.23
CA MET C 58 18.10 42.68 56.02
C MET C 58 17.40 43.89 56.62
N VAL C 59 17.82 44.29 57.82
CA VAL C 59 17.29 45.49 58.47
C VAL C 59 17.64 46.72 57.66
N PHE C 60 18.93 46.85 57.32
CA PHE C 60 19.46 48.02 56.65
C PHE C 60 18.80 48.31 55.34
N TRP C 61 18.45 47.27 54.58
CA TRP C 61 17.71 47.49 53.35
C TRP C 61 16.35 48.09 53.63
N ALA C 62 15.64 47.54 54.60
CA ALA C 62 14.26 47.95 54.83
C ALA C 62 14.17 49.35 55.40
N GLY C 63 15.17 49.78 56.15
CA GLY C 63 15.20 51.16 56.56
C GLY C 63 15.54 52.08 55.41
N ALA C 64 16.52 51.71 54.62
CA ALA C 64 16.98 52.58 53.55
C ALA C 64 16.05 52.56 52.36
N MET C 65 15.23 51.51 52.22
CA MET C 65 14.30 51.50 51.11
C MET C 65 13.09 52.38 51.41
N VAL C 66 12.62 52.38 52.65
CA VAL C 66 11.44 53.17 53.00
C VAL C 66 11.75 54.66 52.95
N LEU C 67 12.94 55.05 53.39
CA LEU C 67 13.38 56.42 53.20
C LEU C 67 13.47 56.79 51.72
N PHE C 68 13.91 55.86 50.90
CA PHE C 68 13.86 56.03 49.46
C PHE C 68 12.43 56.07 48.95
N GLU C 69 11.51 55.36 49.59
CA GLU C 69 10.12 55.35 49.15
C GLU C 69 9.34 56.54 49.69
N VAL C 70 9.83 57.20 50.71
CA VAL C 70 9.22 58.42 51.23
C VAL C 70 9.64 59.63 50.42
N SER C 71 10.94 59.72 50.10
CA SER C 71 11.46 60.87 49.37
C SER C 71 10.96 60.93 47.94
N HIS C 72 10.39 59.85 47.42
CA HIS C 72 9.81 59.91 46.09
C HIS C 72 8.29 59.85 46.13
N PHE C 73 7.69 60.12 47.29
CA PHE C 73 6.24 60.05 47.39
C PHE C 73 5.61 61.34 46.90
N VAL C 74 4.55 61.19 46.11
CA VAL C 74 3.77 62.32 45.59
C VAL C 74 2.32 62.09 45.96
N PRO C 75 1.62 63.08 46.53
CA PRO C 75 0.23 62.82 46.96
C PRO C 75 -0.76 62.74 45.81
N GLU C 76 -0.36 63.14 44.60
CA GLU C 76 -1.26 63.20 43.46
C GLU C 76 -1.58 61.80 42.96
N LYS C 77 -0.56 61.06 42.58
CA LYS C 77 -0.76 59.71 42.09
C LYS C 77 -1.18 58.79 43.23
N PRO C 78 -1.86 57.69 42.92
CA PRO C 78 -2.18 56.70 43.96
C PRO C 78 -0.94 56.01 44.50
N THR C 79 -1.21 55.13 45.46
CA THR C 79 -0.13 54.51 46.20
C THR C 79 0.53 53.41 45.38
N TYR C 80 -0.21 52.83 44.45
CA TYR C 80 0.32 51.76 43.64
C TYR C 80 0.85 52.21 42.30
N GLU C 81 0.43 53.39 41.83
CA GLU C 81 0.97 53.89 40.57
C GLU C 81 2.41 54.33 40.73
N GLN C 82 2.78 54.75 41.94
CA GLN C 82 4.12 55.26 42.20
C GLN C 82 5.15 54.16 42.39
N GLY C 83 4.75 52.91 42.33
CA GLY C 83 5.68 51.80 42.34
C GLY C 83 6.40 51.56 43.66
N PHE C 84 5.67 51.53 44.76
CA PHE C 84 6.27 51.20 46.04
C PHE C 84 5.79 49.85 46.52
N ILE C 85 6.62 49.20 47.32
CA ILE C 85 6.29 47.89 47.88
C ILE C 85 6.39 47.85 49.39
N LEU C 86 7.13 48.73 50.04
CA LEU C 86 7.27 48.63 51.49
C LEU C 86 6.37 49.56 52.26
N ILE C 87 6.11 50.78 51.78
CA ILE C 87 5.16 51.62 52.50
C ILE C 87 3.72 51.19 52.32
N GLN C 88 3.47 50.13 51.58
CA GLN C 88 2.13 49.59 51.51
C GLN C 88 1.95 48.44 52.50
N HIS C 89 3.03 47.92 53.08
CA HIS C 89 2.85 46.99 54.19
C HIS C 89 2.49 47.73 55.46
N LEU C 90 3.05 48.90 55.67
CA LEU C 90 2.74 49.66 56.87
C LEU C 90 1.36 50.28 56.79
N ALA C 91 0.87 50.53 55.58
CA ALA C 91 -0.49 51.03 55.45
C ALA C 91 -1.52 49.93 55.73
N THR C 92 -1.16 48.67 55.52
CA THR C 92 -2.03 47.61 55.97
C THR C 92 -2.04 47.51 57.49
N LEU C 93 -0.93 47.86 58.13
CA LEU C 93 -0.95 47.99 59.58
C LEU C 93 -1.78 49.18 60.01
N GLY C 94 -1.85 50.21 59.19
CA GLY C 94 -2.73 51.32 59.44
C GLY C 94 -2.06 52.64 59.72
N TYR C 95 -0.75 52.74 59.53
CA TYR C 95 -0.08 53.99 59.79
C TYR C 95 -0.24 54.93 58.60
N GLY C 96 -0.74 56.14 58.86
CA GLY C 96 -0.79 57.15 57.84
C GLY C 96 -1.80 56.93 56.74
N ILE C 97 -2.65 55.93 56.87
CA ILE C 97 -3.65 55.65 55.86
C ILE C 97 -4.95 56.31 56.27
N GLY C 98 -5.70 56.79 55.28
CA GLY C 98 -7.00 57.36 55.52
C GLY C 98 -8.09 56.45 55.00
N PRO C 99 -9.30 56.97 54.90
CA PRO C 99 -10.39 56.13 54.38
C PRO C 99 -10.29 55.97 52.88
N GLY C 100 -10.56 54.76 52.41
CA GLY C 100 -10.52 54.48 50.99
C GLY C 100 -9.14 54.32 50.41
N GLY C 101 -8.14 54.05 51.24
CA GLY C 101 -6.80 53.83 50.73
C GLY C 101 -6.03 55.09 50.40
N GLU C 102 -6.41 56.21 50.98
CA GLU C 102 -5.74 57.48 50.73
C GLU C 102 -4.69 57.70 51.80
N ILE C 103 -3.42 57.62 51.43
CA ILE C 103 -2.35 57.88 52.37
C ILE C 103 -2.30 59.37 52.68
N THR C 104 -2.34 59.70 53.97
CA THR C 104 -2.45 61.10 54.37
C THR C 104 -1.11 61.68 54.78
N SER C 105 -0.41 61.03 55.72
CA SER C 105 0.56 61.75 56.53
C SER C 105 1.98 61.63 55.97
N THR C 106 2.51 60.41 55.92
CA THR C 106 3.90 60.07 55.54
C THR C 106 4.98 60.67 56.44
N VAL C 107 4.58 61.24 57.57
CA VAL C 107 5.53 61.34 58.68
C VAL C 107 5.69 60.04 59.47
N PRO C 108 4.69 59.14 59.67
CA PRO C 108 5.04 57.90 60.39
C PRO C 108 5.84 56.91 59.57
N TYR C 109 5.79 57.00 58.25
CA TYR C 109 6.62 56.12 57.43
C TYR C 109 8.08 56.52 57.52
N PHE C 110 8.34 57.81 57.73
CA PHE C 110 9.70 58.26 57.96
C PHE C 110 10.22 57.70 59.26
N ALA C 111 9.35 57.57 60.26
CA ALA C 111 9.80 57.14 61.57
C ALA C 111 10.17 55.67 61.57
N VAL C 112 9.45 54.85 60.81
CA VAL C 112 9.74 53.42 60.79
C VAL C 112 11.03 53.13 60.04
N GLY C 113 11.27 53.84 58.93
CA GLY C 113 12.49 53.64 58.18
C GLY C 113 13.74 54.12 58.86
N VAL C 114 13.61 54.92 59.92
CA VAL C 114 14.81 55.27 60.65
C VAL C 114 15.13 54.24 61.73
N ILE C 115 14.11 53.63 62.35
CA ILE C 115 14.38 52.65 63.39
C ILE C 115 14.98 51.39 62.79
N HIS C 116 14.49 50.97 61.62
CA HIS C 116 15.11 49.91 60.84
C HIS C 116 16.35 50.37 60.09
N LEU C 117 16.93 51.51 60.40
CA LEU C 117 18.19 51.92 59.82
C LEU C 117 19.26 52.16 60.85
N ILE C 118 18.89 52.80 61.96
CA ILE C 118 19.78 52.97 63.08
C ILE C 118 20.12 51.62 63.69
N SER C 119 19.13 50.72 63.77
CA SER C 119 19.33 49.44 64.43
C SER C 119 20.26 48.53 63.64
N SER C 120 20.33 48.73 62.33
CA SER C 120 21.26 47.94 61.55
C SER C 120 22.71 48.38 61.78
N ALA C 121 22.93 49.56 62.31
CA ALA C 121 24.28 49.93 62.68
C ALA C 121 24.72 49.27 63.97
N ILE C 122 23.77 48.82 64.78
CA ILE C 122 24.08 48.03 65.97
C ILE C 122 24.26 46.56 65.61
N LEU C 123 23.32 46.02 64.84
CA LEU C 123 23.47 44.67 64.29
C LEU C 123 24.64 44.59 63.33
N GLY C 124 24.99 45.70 62.69
CA GLY C 124 26.24 45.74 61.95
C GLY C 124 27.44 45.60 62.85
N PHE C 125 27.42 46.24 64.02
CA PHE C 125 28.59 46.15 64.89
C PHE C 125 28.72 44.78 65.53
N GLY C 126 27.61 44.08 65.72
CA GLY C 126 27.72 42.70 66.19
C GLY C 126 28.31 41.77 65.14
N GLY C 127 28.02 42.04 63.87
CA GLY C 127 28.59 41.24 62.81
C GLY C 127 30.06 41.50 62.61
N ILE C 128 30.51 42.71 62.89
CA ILE C 128 31.92 42.99 62.75
C ILE C 128 32.65 42.69 64.05
N TYR C 129 31.96 42.64 65.19
CA TYR C 129 32.65 42.24 66.39
C TYR C 129 32.77 40.73 66.49
N HIS C 130 31.64 40.03 66.43
CA HIS C 130 31.63 38.59 66.71
C HIS C 130 32.37 37.79 65.66
N SER C 131 32.59 38.36 64.48
CA SER C 131 33.24 37.60 63.43
C SER C 131 34.68 38.05 63.20
N LEU C 132 35.13 39.10 63.89
CA LEU C 132 36.52 39.50 63.71
C LEU C 132 37.29 39.56 65.02
N LEU C 133 36.60 39.69 66.15
CA LEU C 133 37.28 39.61 67.44
C LEU C 133 36.75 38.54 68.35
N GLY C 134 35.55 38.04 68.11
CA GLY C 134 34.97 37.02 68.94
C GLY C 134 35.77 35.74 68.86
N PRO C 135 35.65 34.90 69.88
CA PRO C 135 36.33 33.61 69.86
C PRO C 135 35.77 32.75 68.75
N ASP C 136 36.61 31.87 68.20
CA ASP C 136 36.19 31.06 67.06
C ASP C 136 35.09 30.08 67.45
N THR C 137 35.19 29.50 68.63
CA THR C 137 34.19 28.58 69.14
C THR C 137 33.66 29.13 70.45
N LEU C 138 32.34 29.14 70.59
CA LEU C 138 31.77 29.59 71.86
C LEU C 138 31.77 28.51 72.92
N GLU C 139 32.02 27.26 72.55
CA GLU C 139 31.85 26.15 73.48
C GLU C 139 32.92 26.16 74.57
N GLU C 140 34.04 26.81 74.30
CA GLU C 140 35.11 26.88 75.30
C GLU C 140 34.75 27.83 76.42
N SER C 141 34.43 29.07 76.09
CA SER C 141 34.27 30.09 77.12
C SER C 141 32.83 30.24 77.58
N PHE C 142 31.88 30.11 76.66
CA PHE C 142 30.49 30.45 76.95
C PHE C 142 29.63 29.21 76.84
N PRO C 143 29.44 28.47 77.92
CA PRO C 143 28.80 27.15 77.79
C PRO C 143 27.32 27.23 77.55
N PHE C 144 26.70 28.40 77.77
CA PHE C 144 25.29 28.51 77.41
C PHE C 144 25.12 28.65 75.92
N PHE C 145 25.91 29.52 75.29
CA PHE C 145 25.78 29.79 73.87
C PHE C 145 26.53 28.79 73.00
N GLY C 146 27.55 28.14 73.54
CA GLY C 146 28.30 27.19 72.76
C GLY C 146 27.47 25.95 72.47
N TYR C 147 27.77 25.30 71.36
CA TYR C 147 26.96 24.19 70.92
C TYR C 147 27.80 23.24 70.08
N ASP C 148 27.14 22.19 69.63
CA ASP C 148 27.66 21.28 68.63
C ASP C 148 26.50 20.92 67.74
N TRP C 149 26.78 20.64 66.47
CA TRP C 149 25.70 20.34 65.57
C TRP C 149 25.18 18.93 65.81
N ARG C 150 26.04 18.04 66.31
CA ARG C 150 25.64 16.66 66.50
C ARG C 150 24.82 16.49 67.78
N ASP C 151 24.88 17.48 68.66
CA ASP C 151 24.07 17.47 69.87
C ASP C 151 22.61 17.65 69.51
N LYS C 152 21.74 16.93 70.21
CA LYS C 152 20.32 16.99 69.92
C LYS C 152 19.51 17.59 71.04
N ASN C 153 20.08 17.72 72.23
CA ASN C 153 19.38 18.44 73.29
C ASN C 153 19.55 19.94 73.13
N LYS C 154 20.73 20.37 72.69
CA LYS C 154 20.96 21.80 72.55
C LYS C 154 20.22 22.35 71.34
N MET C 155 20.19 21.59 70.25
CA MET C 155 19.59 22.10 69.02
C MET C 155 18.09 22.26 69.13
N THR C 156 17.42 21.42 69.90
CA THR C 156 16.01 21.67 70.14
C THR C 156 15.78 22.81 71.10
N THR C 157 16.77 23.15 71.93
CA THR C 157 16.67 24.33 72.77
C THR C 157 16.84 25.60 71.95
N ILE C 158 17.78 25.60 71.00
CA ILE C 158 17.95 26.74 70.10
C ILE C 158 16.71 26.91 69.24
N LEU C 159 16.13 25.80 68.80
CA LEU C 159 14.85 25.84 68.12
C LEU C 159 13.75 26.31 69.05
N GLY C 160 13.84 25.98 70.34
CA GLY C 160 12.77 26.32 71.25
C GLY C 160 12.77 27.79 71.65
N ILE C 161 13.96 28.35 71.87
CA ILE C 161 14.08 29.76 72.21
C ILE C 161 13.61 30.63 71.05
N HIS C 162 14.02 30.27 69.85
CA HIS C 162 13.67 31.01 68.66
C HIS C 162 12.30 30.64 68.10
N LEU C 163 11.55 29.75 68.76
CA LEU C 163 10.13 29.59 68.47
C LEU C 163 9.22 30.38 69.38
N CYS C 164 9.63 30.63 70.62
CA CYS C 164 8.81 31.46 71.49
C CYS C 164 8.85 32.91 71.06
N LEU C 165 9.90 33.32 70.36
CA LEU C 165 9.93 34.66 69.79
C LEU C 165 8.97 34.77 68.62
N LEU C 166 8.84 33.72 67.83
CA LEU C 166 7.88 33.76 66.74
C LEU C 166 6.46 33.62 67.24
N GLY C 167 6.27 33.16 68.47
CA GLY C 167 4.97 33.21 69.09
C GLY C 167 4.66 34.62 69.53
N LEU C 168 5.63 35.27 70.19
CA LEU C 168 5.43 36.63 70.66
C LEU C 168 5.31 37.62 69.51
N GLY C 169 6.02 37.39 68.41
CA GLY C 169 5.90 38.27 67.27
C GLY C 169 4.57 38.15 66.58
N SER C 170 3.89 37.02 66.72
CA SER C 170 2.56 36.90 66.17
C SER C 170 1.52 37.59 67.03
N PHE C 171 1.78 37.73 68.32
CA PHE C 171 0.81 38.45 69.14
C PHE C 171 0.93 39.95 69.01
N LEU C 172 2.08 40.45 68.54
CA LEU C 172 2.20 41.88 68.27
C LEU C 172 1.27 42.31 67.15
N LEU C 173 0.99 41.44 66.19
CA LEU C 173 -0.04 41.77 65.23
C LEU C 173 -1.41 41.80 65.91
N VAL C 174 -1.63 40.88 66.85
CA VAL C 174 -2.92 40.76 67.49
C VAL C 174 -3.14 41.88 68.50
N ILE C 175 -2.09 42.25 69.24
CA ILE C 175 -2.16 43.39 70.14
C ILE C 175 -2.40 44.68 69.36
N LYS C 176 -1.77 44.81 68.20
CA LYS C 176 -1.91 46.03 67.45
C LYS C 176 -3.27 46.11 66.76
N ALA C 177 -3.85 44.99 66.40
CA ALA C 177 -5.13 45.01 65.71
C ALA C 177 -6.31 45.03 66.65
N MET C 178 -6.10 44.85 67.94
CA MET C 178 -7.19 44.87 68.90
C MET C 178 -7.06 46.04 69.87
N TYR C 179 -5.84 46.49 70.15
CA TYR C 179 -5.63 47.52 71.15
C TYR C 179 -4.91 48.74 70.61
N LEU C 180 -3.80 48.56 69.91
CA LEU C 180 -2.94 49.70 69.54
C LEU C 180 -3.29 50.16 68.13
N GLY C 181 -4.34 50.96 68.04
CA GLY C 181 -4.66 51.64 66.81
C GLY C 181 -5.57 50.91 65.86
N GLY C 182 -5.36 49.61 65.66
CA GLY C 182 -6.14 48.85 64.71
C GLY C 182 -5.42 48.69 63.39
N VAL C 183 -6.03 47.90 62.52
CA VAL C 183 -5.47 47.61 61.21
C VAL C 183 -6.45 48.04 60.13
N TYR C 184 -5.98 48.04 58.90
CA TYR C 184 -6.75 48.50 57.78
C TYR C 184 -7.59 47.35 57.24
N ASP C 185 -8.89 47.41 57.44
CA ASP C 185 -9.82 46.45 56.86
C ASP C 185 -10.38 47.07 55.60
N THR C 186 -10.20 46.39 54.46
CA THR C 186 -10.80 46.86 53.23
C THR C 186 -12.25 46.44 53.13
N TRP C 187 -12.68 45.54 54.00
CA TRP C 187 -14.08 45.11 53.99
C TRP C 187 -14.90 45.85 55.01
N ALA C 188 -14.31 46.84 55.68
CA ALA C 188 -14.91 47.60 56.76
C ALA C 188 -16.18 48.29 56.27
N PRO C 189 -17.27 48.19 57.00
CA PRO C 189 -18.56 48.70 56.52
C PRO C 189 -18.56 50.23 56.49
N GLY C 190 -18.94 50.78 55.36
CA GLY C 190 -18.82 52.19 55.16
C GLY C 190 -17.61 52.62 54.37
N GLY C 191 -16.74 51.69 54.02
CA GLY C 191 -15.51 52.01 53.33
C GLY C 191 -14.31 51.45 54.07
N GLY C 192 -13.21 51.32 53.33
CA GLY C 192 -12.00 50.80 53.93
C GLY C 192 -11.36 51.81 54.87
N ASP C 193 -11.17 51.41 56.12
CA ASP C 193 -10.64 52.33 57.11
C ASP C 193 -9.97 51.51 58.19
N VAL C 194 -9.16 52.19 59.01
CA VAL C 194 -8.54 51.56 60.16
C VAL C 194 -9.60 51.14 61.16
N ARG C 195 -9.70 49.84 61.39
CA ARG C 195 -10.77 49.26 62.19
C ARG C 195 -10.16 48.42 63.29
N TYR C 196 -10.58 48.64 64.52
CA TYR C 196 -10.21 47.73 65.59
C TYR C 196 -10.88 46.38 65.37
N ILE C 197 -10.09 45.32 65.47
CA ILE C 197 -10.64 43.97 65.44
C ILE C 197 -11.20 43.72 66.83
N THR C 198 -12.51 43.83 66.96
CA THR C 198 -13.15 43.63 68.24
C THR C 198 -13.23 42.15 68.59
N THR C 199 -13.88 41.38 67.72
CA THR C 199 -14.20 39.98 67.99
C THR C 199 -13.53 39.11 66.93
N PRO C 200 -12.29 38.68 67.16
CA PRO C 200 -11.64 37.79 66.20
C PRO C 200 -12.22 36.39 66.27
N THR C 201 -12.00 35.64 65.20
CA THR C 201 -12.54 34.30 65.07
C THR C 201 -11.59 33.32 65.73
N LEU C 202 -12.08 32.56 66.70
CA LEU C 202 -11.26 31.61 67.43
C LEU C 202 -11.75 30.18 67.25
N ASN C 203 -12.40 29.89 66.13
CA ASN C 203 -12.96 28.58 65.93
C ASN C 203 -11.93 27.73 65.20
N PRO C 204 -11.45 26.63 65.79
CA PRO C 204 -10.48 25.80 65.08
C PRO C 204 -11.06 25.05 63.90
N ILE C 205 -12.38 24.91 63.80
CA ILE C 205 -12.98 24.34 62.60
C ILE C 205 -12.91 25.36 61.47
N VAL C 206 -12.88 26.64 61.81
CA VAL C 206 -12.78 27.69 60.80
C VAL C 206 -11.32 28.05 60.53
N ILE C 207 -10.52 28.21 61.59
CA ILE C 207 -9.14 28.66 61.42
C ILE C 207 -8.29 27.58 60.79
N PHE C 208 -8.32 26.37 61.34
CA PHE C 208 -7.72 25.24 60.65
C PHE C 208 -8.60 24.73 59.52
N GLY C 209 -9.76 25.35 59.30
CA GLY C 209 -10.49 25.12 58.08
C GLY C 209 -9.69 25.51 56.85
N TYR C 210 -8.96 26.62 56.92
CA TYR C 210 -8.18 27.07 55.78
C TYR C 210 -7.03 26.13 55.49
N VAL C 211 -6.35 25.66 56.53
CA VAL C 211 -5.07 24.96 56.37
C VAL C 211 -5.28 23.60 55.72
N PHE C 212 -6.49 23.06 55.80
CA PHE C 212 -6.80 21.79 55.17
C PHE C 212 -7.79 21.92 54.02
N ARG C 213 -7.74 23.02 53.28
CA ARG C 213 -8.51 23.12 52.06
C ARG C 213 -7.70 22.62 50.88
N SER C 214 -8.38 22.49 49.75
CA SER C 214 -7.68 22.24 48.51
C SER C 214 -6.89 23.48 48.11
N PRO C 215 -5.73 23.31 47.49
CA PRO C 215 -5.00 24.48 46.97
C PRO C 215 -5.46 24.94 45.61
N PHE C 216 -6.44 24.28 45.01
CA PHE C 216 -6.82 24.57 43.65
C PHE C 216 -7.80 25.72 43.60
N GLY C 217 -8.42 25.91 42.45
CA GLY C 217 -9.33 27.02 42.27
C GLY C 217 -10.59 26.85 43.09
N GLY C 218 -11.15 27.97 43.54
CA GLY C 218 -12.31 27.97 44.39
C GLY C 218 -12.04 27.78 45.85
N ASP C 219 -11.14 26.87 46.21
CA ASP C 219 -10.78 26.71 47.60
C ASP C 219 -9.59 27.60 47.90
N GLY C 220 -8.46 27.37 47.26
CA GLY C 220 -7.38 28.33 47.38
C GLY C 220 -6.72 28.35 48.74
N TRP C 221 -5.86 27.36 49.01
CA TRP C 221 -5.54 26.77 50.31
C TRP C 221 -5.48 27.73 51.50
N VAL C 222 -4.51 28.63 51.53
CA VAL C 222 -4.40 29.55 52.64
C VAL C 222 -4.44 30.99 52.14
N VAL C 223 -4.49 31.18 50.82
CA VAL C 223 -4.61 32.51 50.22
C VAL C 223 -5.99 33.09 50.43
N SER C 224 -6.99 32.23 50.56
CA SER C 224 -8.38 32.65 50.44
C SER C 224 -8.98 33.13 51.75
N VAL C 225 -8.17 33.57 52.70
CA VAL C 225 -8.75 34.19 53.88
C VAL C 225 -9.31 35.55 53.50
N ASN C 226 -10.60 35.75 53.78
CA ASN C 226 -11.35 36.83 53.14
C ASN C 226 -11.91 37.86 54.11
N ASN C 227 -11.50 37.87 55.37
CA ASN C 227 -11.80 38.97 56.25
C ASN C 227 -10.71 39.10 57.28
N MET C 228 -10.65 40.26 57.92
CA MET C 228 -9.59 40.48 58.90
C MET C 228 -9.87 39.79 60.22
N GLU C 229 -11.08 39.28 60.43
CA GLU C 229 -11.33 38.53 61.65
C GLU C 229 -10.67 37.16 61.60
N ASP C 230 -10.56 36.58 60.41
CA ASP C 230 -9.86 35.32 60.30
C ASP C 230 -8.35 35.53 60.25
N VAL C 231 -7.89 36.67 59.76
CA VAL C 231 -6.46 36.98 59.78
C VAL C 231 -5.98 37.17 61.21
N ILE C 232 -6.63 38.08 61.94
CA ILE C 232 -6.19 38.39 63.29
C ILE C 232 -6.57 37.29 64.24
N GLY C 233 -7.68 36.62 63.99
CA GLY C 233 -8.01 35.43 64.76
C GLY C 233 -7.09 34.27 64.43
N GLY C 234 -6.52 34.27 63.24
CA GLY C 234 -5.62 33.21 62.88
C GLY C 234 -4.23 33.39 63.46
N HIS C 235 -3.76 34.63 63.55
CA HIS C 235 -2.44 34.88 64.13
C HIS C 235 -2.44 34.71 65.64
N ILE C 236 -3.62 34.53 66.25
CA ILE C 236 -3.69 34.11 67.63
C ILE C 236 -3.27 32.65 67.76
N TRP C 237 -3.83 31.79 66.92
CA TRP C 237 -3.53 30.35 66.98
C TRP C 237 -2.09 30.07 66.62
N VAL C 238 -1.49 30.92 65.80
CA VAL C 238 -0.08 30.79 65.50
C VAL C 238 0.75 31.09 66.74
N GLY C 239 0.35 32.11 67.49
CA GLY C 239 1.04 32.42 68.72
C GLY C 239 0.81 31.40 69.81
N ILE C 240 -0.32 30.71 69.77
CA ILE C 240 -0.56 29.62 70.71
C ILE C 240 0.33 28.43 70.40
N LEU C 241 0.40 28.06 69.11
CA LEU C 241 1.20 26.90 68.71
C LEU C 241 2.68 27.16 68.88
N CYS C 242 3.16 28.32 68.44
CA CYS C 242 4.60 28.58 68.48
C CYS C 242 5.13 28.78 69.88
N ILE C 243 4.27 29.03 70.86
CA ILE C 243 4.72 29.11 72.23
C ILE C 243 4.67 27.75 72.90
N THR C 244 3.57 27.00 72.72
CA THR C 244 3.52 25.66 73.27
C THR C 244 4.53 24.74 72.59
N GLY C 245 4.68 24.85 71.28
CA GLY C 245 5.74 24.11 70.62
C GLY C 245 7.12 24.66 70.85
N GLY C 246 7.21 25.93 71.26
CA GLY C 246 8.49 26.44 71.70
C GLY C 246 8.88 25.85 73.03
N ILE C 247 7.92 25.74 73.96
CA ILE C 247 8.19 25.14 75.25
C ILE C 247 8.34 23.63 75.12
N TRP C 248 7.65 23.03 74.15
CA TRP C 248 7.77 21.59 73.91
C TRP C 248 9.18 21.21 73.51
N HIS C 249 9.79 21.99 72.62
CA HIS C 249 11.11 21.63 72.18
C HIS C 249 12.21 22.12 73.11
N ILE C 250 11.90 22.99 74.07
CA ILE C 250 12.91 23.30 75.09
C ILE C 250 13.02 22.14 76.07
N PHE C 251 11.88 21.67 76.59
CA PHE C 251 11.89 20.64 77.61
C PHE C 251 12.31 19.30 77.04
N THR C 252 11.66 18.88 75.97
CA THR C 252 11.86 17.53 75.48
C THR C 252 13.11 17.44 74.62
N LYS C 253 13.28 16.30 74.08
CA LYS C 253 14.31 15.63 73.34
C LYS C 253 13.66 14.86 72.21
N PRO C 254 14.28 14.77 71.02
CA PRO C 254 13.64 14.08 69.90
C PRO C 254 13.41 12.60 70.17
N PHE C 255 12.25 12.12 69.72
CA PHE C 255 11.79 10.78 70.01
C PHE C 255 12.61 9.74 69.25
N ALA C 256 12.19 8.47 69.40
CA ALA C 256 12.89 7.38 68.77
C ALA C 256 12.74 7.44 67.25
N TRP C 257 11.56 7.79 66.77
CA TRP C 257 11.35 7.82 65.33
C TRP C 257 11.98 9.06 64.72
N ALA C 258 12.14 10.13 65.51
CA ALA C 258 12.70 11.35 64.95
C ALA C 258 14.21 11.29 64.91
N ARG C 259 14.81 10.43 65.74
CA ARG C 259 16.26 10.29 65.71
C ARG C 259 16.69 9.36 64.58
N ARG C 260 15.77 8.57 64.06
CA ARG C 260 16.13 7.62 63.01
C ARG C 260 15.94 8.21 61.62
N ALA C 261 15.16 9.29 61.52
CA ALA C 261 14.78 9.78 60.21
C ALA C 261 15.66 10.92 59.74
N PHE C 262 16.32 11.59 60.65
CA PHE C 262 17.03 12.80 60.28
C PHE C 262 18.52 12.58 60.22
N VAL C 263 19.22 13.59 59.72
CA VAL C 263 20.66 13.66 59.79
C VAL C 263 21.00 14.80 60.71
N TRP C 264 21.73 14.53 61.76
CA TRP C 264 22.02 15.50 62.79
C TRP C 264 23.41 16.04 62.50
N SER C 265 23.47 16.99 61.58
CA SER C 265 24.73 17.62 61.23
C SER C 265 24.47 19.09 60.95
N GLY C 266 25.53 19.80 60.58
CA GLY C 266 25.41 21.23 60.41
C GLY C 266 24.67 21.63 59.15
N GLU C 267 25.05 21.02 58.03
CA GLU C 267 24.43 21.40 56.76
C GLU C 267 23.04 20.82 56.62
N ALA C 268 22.73 19.74 57.34
CA ALA C 268 21.42 19.15 57.22
C ALA C 268 20.35 20.04 57.79
N TYR C 269 20.68 20.85 58.78
CA TYR C 269 19.65 21.72 59.34
C TYR C 269 19.41 22.87 58.41
N LEU C 270 20.44 23.25 57.66
CA LEU C 270 20.31 24.30 56.66
C LEU C 270 19.46 23.85 55.50
N SER C 271 19.49 22.58 55.15
CA SER C 271 18.65 22.14 54.05
C SER C 271 17.27 21.77 54.50
N TYR C 272 17.01 21.78 55.79
CA TYR C 272 15.66 21.67 56.30
C TYR C 272 14.97 23.01 56.21
N SER C 273 15.69 24.08 56.51
CA SER C 273 15.12 25.41 56.44
C SER C 273 14.81 25.79 55.02
N LEU C 274 15.76 25.52 54.11
CA LEU C 274 15.62 25.90 52.70
C LEU C 274 14.46 25.21 52.01
N ALA C 275 14.02 24.08 52.52
CA ALA C 275 12.80 23.50 52.01
C ALA C 275 11.58 24.24 52.53
N ALA C 276 11.60 24.61 53.81
CA ALA C 276 10.44 25.27 54.39
C ALA C 276 10.36 26.73 54.00
N ILE C 277 11.50 27.40 53.80
CA ILE C 277 11.46 28.80 53.41
C ILE C 277 11.00 28.92 51.97
N SER C 278 11.21 27.89 51.17
CA SER C 278 10.64 27.88 49.84
C SER C 278 9.13 27.68 49.88
N LEU C 279 8.61 26.95 50.87
CA LEU C 279 7.15 26.87 51.03
C LEU C 279 6.56 28.23 51.34
N MET C 280 7.23 28.99 52.19
CA MET C 280 6.77 30.33 52.51
C MET C 280 7.03 31.28 51.37
N GLY C 281 8.04 30.97 50.55
CA GLY C 281 8.34 31.81 49.41
C GLY C 281 7.29 31.75 48.33
N PHE C 282 6.78 30.55 48.02
CA PHE C 282 5.74 30.47 47.01
C PHE C 282 4.44 31.07 47.53
N THR C 283 4.18 30.91 48.82
CA THR C 283 2.87 31.24 49.36
C THR C 283 2.70 32.75 49.49
N ALA C 284 3.76 33.45 49.88
CA ALA C 284 3.71 34.90 49.86
C ALA C 284 3.67 35.45 48.44
N ALA C 285 4.18 34.68 47.49
CA ALA C 285 4.09 35.08 46.09
C ALA C 285 2.73 34.74 45.50
N LEU C 286 1.92 33.95 46.20
CA LEU C 286 0.58 33.69 45.72
C LEU C 286 -0.46 34.44 46.52
N TYR C 287 -0.09 34.94 47.70
CA TYR C 287 -0.92 35.92 48.38
C TYR C 287 -1.03 37.19 47.56
N SER C 288 0.08 37.60 46.97
CA SER C 288 0.14 38.91 46.36
C SER C 288 -0.58 38.92 45.02
N TRP C 289 -0.88 37.74 44.48
CA TRP C 289 -1.58 37.70 43.20
C TRP C 289 -3.08 37.60 43.38
N TYR C 290 -3.54 36.87 44.40
CA TYR C 290 -4.97 36.62 44.52
C TYR C 290 -5.64 37.37 45.66
N ASN C 291 -4.96 37.50 46.80
CA ASN C 291 -5.62 37.97 48.00
C ASN C 291 -5.79 39.48 47.95
N ASN C 292 -7.00 39.95 48.22
CA ASN C 292 -7.28 41.38 48.25
C ASN C 292 -7.75 41.81 49.62
N THR C 293 -7.40 41.04 50.64
CA THR C 293 -7.79 41.32 52.01
C THR C 293 -6.59 41.68 52.86
N ALA C 294 -5.57 40.82 52.85
CA ALA C 294 -4.31 41.19 53.47
C ALA C 294 -3.56 42.18 52.61
N TYR C 295 -3.87 42.21 51.32
CA TYR C 295 -3.26 43.12 50.37
C TYR C 295 -4.36 43.91 49.72
N PRO C 296 -4.76 45.05 50.27
CA PRO C 296 -5.94 45.75 49.75
C PRO C 296 -5.70 46.32 48.38
N SER C 297 -6.72 46.25 47.53
CA SER C 297 -6.60 46.74 46.17
C SER C 297 -6.47 48.25 46.12
N GLU C 298 -6.87 48.92 47.19
CA GLU C 298 -6.64 50.35 47.33
C GLU C 298 -5.16 50.68 47.47
N LEU C 299 -4.35 49.73 47.91
CA LEU C 299 -2.94 49.96 48.15
C LEU C 299 -2.03 49.29 47.14
N TYR C 300 -2.25 48.01 46.87
CA TYR C 300 -1.39 47.25 45.99
C TYR C 300 -1.87 47.26 44.55
N GLY C 301 -2.98 47.92 44.25
CA GLY C 301 -3.54 47.85 42.94
C GLY C 301 -4.44 46.65 42.82
N PRO C 302 -5.21 46.56 41.73
CA PRO C 302 -6.15 45.46 41.57
C PRO C 302 -5.41 44.18 41.28
N THR C 303 -6.04 43.07 41.64
CA THR C 303 -5.39 41.79 41.44
C THR C 303 -5.52 41.39 39.97
N GLY C 304 -4.88 40.29 39.63
CA GLY C 304 -5.11 39.63 38.37
C GLY C 304 -6.58 39.31 38.09
N PRO C 305 -7.24 38.59 39.00
CA PRO C 305 -8.69 38.37 38.85
C PRO C 305 -9.53 39.61 38.93
N GLU C 306 -9.11 40.65 39.65
CA GLU C 306 -10.01 41.77 39.89
C GLU C 306 -10.08 42.68 38.67
N ALA C 307 -8.96 42.86 37.97
CA ALA C 307 -8.96 43.70 36.79
C ALA C 307 -9.61 43.03 35.59
N SER C 308 -9.84 41.72 35.65
CA SER C 308 -10.59 41.05 34.59
C SER C 308 -12.08 41.24 34.76
N GLN C 309 -12.56 41.36 35.99
CA GLN C 309 -13.96 41.60 36.29
C GLN C 309 -14.33 43.05 36.18
N ALA C 310 -13.39 43.95 36.44
CA ALA C 310 -13.66 45.37 36.36
C ALA C 310 -13.86 45.83 34.93
N GLN C 311 -13.27 45.13 33.97
CA GLN C 311 -13.51 45.45 32.57
C GLN C 311 -14.93 45.08 32.16
N ALA C 312 -15.37 43.88 32.52
CA ALA C 312 -16.71 43.43 32.14
C ALA C 312 -17.79 44.21 32.86
N PHE C 313 -17.46 44.76 34.02
CA PHE C 313 -18.44 45.56 34.74
C PHE C 313 -18.54 46.96 34.15
N THR C 314 -17.44 47.45 33.59
CA THR C 314 -17.44 48.81 33.04
C THR C 314 -18.27 48.88 31.78
N PHE C 315 -18.12 47.90 30.90
CA PHE C 315 -18.92 47.89 29.68
C PHE C 315 -20.34 47.42 29.96
N LEU C 316 -20.56 46.80 31.12
CA LEU C 316 -21.91 46.56 31.58
C LEU C 316 -22.62 47.87 31.89
N VAL C 317 -21.93 48.78 32.58
CA VAL C 317 -22.50 50.09 32.86
C VAL C 317 -22.65 50.89 31.57
N ARG C 318 -21.70 50.74 30.64
CA ARG C 318 -21.67 51.55 29.44
C ARG C 318 -22.87 51.26 28.54
N ASP C 319 -23.19 49.99 28.34
CA ASP C 319 -24.26 49.64 27.42
C ASP C 319 -25.60 49.56 28.12
N GLN C 320 -25.63 49.64 29.45
CA GLN C 320 -26.90 49.77 30.14
C GLN C 320 -27.47 51.17 29.98
N ARG C 321 -26.59 52.15 29.74
CA ARG C 321 -27.06 53.51 29.53
C ARG C 321 -27.63 53.69 28.13
N LEU C 322 -27.40 52.72 27.25
CA LEU C 322 -27.95 52.78 25.91
C LEU C 322 -29.29 52.06 25.84
N GLY C 323 -29.88 51.81 27.01
CA GLY C 323 -31.21 51.21 27.03
C GLY C 323 -31.22 49.73 26.66
N ALA C 324 -30.09 49.06 26.79
CA ALA C 324 -29.97 47.67 26.41
C ALA C 324 -30.26 46.79 27.60
N ASN C 325 -31.14 45.82 27.41
CA ASN C 325 -31.31 44.77 28.40
C ASN C 325 -30.06 43.90 28.42
N VAL C 326 -29.30 43.99 29.51
CA VAL C 326 -28.03 43.30 29.56
C VAL C 326 -28.18 41.83 29.96
N SER C 327 -29.29 41.46 30.58
CA SER C 327 -29.47 40.06 30.95
C SER C 327 -29.77 39.20 29.73
N SER C 328 -30.68 39.68 28.88
CA SER C 328 -31.08 38.96 27.69
C SER C 328 -30.21 39.27 26.49
N ALA C 329 -29.13 40.03 26.67
CA ALA C 329 -28.23 40.38 25.58
C ALA C 329 -27.45 39.14 25.19
N GLN C 330 -27.84 38.55 24.06
CA GLN C 330 -27.22 37.31 23.62
C GLN C 330 -25.83 37.58 23.07
N GLY C 331 -24.85 36.86 23.60
CA GLY C 331 -23.48 37.02 23.21
C GLY C 331 -23.21 36.46 21.84
N PRO C 332 -22.03 36.74 21.31
CA PRO C 332 -21.71 36.28 19.94
C PRO C 332 -21.49 34.79 19.84
N THR C 333 -21.07 34.15 20.91
CA THR C 333 -20.90 32.71 20.94
C THR C 333 -22.19 31.97 21.28
N GLY C 334 -23.24 32.69 21.66
CA GLY C 334 -24.45 32.08 22.19
C GLY C 334 -24.55 32.12 23.69
N LEU C 335 -23.48 32.48 24.38
CA LEU C 335 -23.50 32.61 25.82
C LEU C 335 -23.96 34.02 26.19
N GLY C 336 -23.79 34.39 27.46
CA GLY C 336 -24.11 35.72 27.89
C GLY C 336 -23.02 36.67 27.49
N LYS C 337 -23.39 37.79 26.86
CA LYS C 337 -22.39 38.81 26.57
C LYS C 337 -21.95 39.50 27.84
N TYR C 338 -22.89 39.70 28.77
CA TYR C 338 -22.61 40.38 30.03
C TYR C 338 -22.80 39.49 31.23
N LEU C 339 -23.98 38.90 31.37
CA LEU C 339 -24.28 38.03 32.50
C LEU C 339 -24.51 36.64 31.96
N MET C 340 -23.78 35.68 32.51
CA MET C 340 -23.98 34.28 32.20
C MET C 340 -24.01 33.52 33.50
N ARG C 341 -23.96 32.21 33.41
CA ARG C 341 -24.12 31.36 34.59
C ARG C 341 -22.92 30.44 34.72
N SER C 342 -22.34 30.43 35.92
CA SER C 342 -21.14 29.68 36.26
C SER C 342 -21.42 28.18 36.23
N PRO C 343 -20.41 27.31 36.20
CA PRO C 343 -20.71 25.86 36.23
C PRO C 343 -21.20 25.33 37.57
N SER C 344 -21.33 26.18 38.58
CA SER C 344 -22.01 25.81 39.80
C SER C 344 -23.38 26.46 39.90
N GLY C 345 -23.71 27.36 38.99
CA GLY C 345 -25.05 27.90 38.90
C GLY C 345 -25.18 29.39 39.18
N GLU C 346 -24.09 30.07 39.45
CA GLU C 346 -24.19 31.45 39.91
C GLU C 346 -24.14 32.42 38.75
N ILE C 347 -24.79 33.58 38.92
CA ILE C 347 -24.78 34.59 37.89
C ILE C 347 -23.47 35.35 37.95
N ILE C 348 -22.71 35.30 36.85
CA ILE C 348 -21.36 35.84 36.82
C ILE C 348 -21.21 36.77 35.62
N PHE C 349 -20.01 37.31 35.42
CA PHE C 349 -19.72 38.10 34.24
C PHE C 349 -19.21 37.17 33.14
N GLY C 350 -19.44 37.54 31.88
CA GLY C 350 -19.13 36.68 30.74
C GLY C 350 -17.99 37.20 29.89
N GLY C 351 -17.34 36.29 29.18
CA GLY C 351 -16.19 36.62 28.34
C GLY C 351 -15.03 35.67 28.60
N GLU C 352 -13.78 36.11 28.46
CA GLU C 352 -12.71 35.37 29.14
C GLU C 352 -12.71 35.60 30.64
N THR C 353 -13.54 36.51 31.14
CA THR C 353 -13.62 36.71 32.58
C THR C 353 -14.47 35.66 33.29
N MET C 354 -14.97 34.66 32.58
CA MET C 354 -15.75 33.61 33.24
C MET C 354 -14.86 32.67 34.05
N ARG C 355 -13.55 32.73 33.85
CA ARG C 355 -12.67 31.89 34.64
C ARG C 355 -12.50 32.44 36.04
N PHE C 356 -12.58 33.77 36.19
CA PHE C 356 -12.40 34.41 37.48
C PHE C 356 -13.76 34.73 38.09
N TRP C 357 -14.57 33.71 38.25
CA TRP C 357 -15.89 33.94 38.81
C TRP C 357 -15.92 33.86 40.32
N ASP C 358 -14.78 33.55 40.94
CA ASP C 358 -14.64 33.56 42.39
C ASP C 358 -14.18 34.90 42.92
N LEU C 359 -14.19 35.93 42.08
CA LEU C 359 -13.63 37.21 42.48
C LEU C 359 -14.55 37.88 43.48
N ARG C 360 -14.08 37.95 44.71
CA ARG C 360 -14.79 38.56 45.81
C ARG C 360 -14.05 39.85 46.17
N ALA C 361 -14.64 40.98 45.82
CA ALA C 361 -13.98 42.27 45.95
C ALA C 361 -14.94 43.25 46.61
N PRO C 362 -14.42 44.21 47.39
CA PRO C 362 -15.32 45.10 48.14
C PRO C 362 -16.15 46.04 47.30
N TRP C 363 -15.89 46.14 46.00
CA TRP C 363 -16.72 47.00 45.17
C TRP C 363 -17.71 46.19 44.34
N VAL C 364 -17.58 44.86 44.34
CA VAL C 364 -18.58 44.04 43.64
C VAL C 364 -19.49 43.30 44.61
N GLU C 365 -19.01 43.04 45.83
CA GLU C 365 -19.85 42.41 46.84
C GLU C 365 -21.08 43.20 47.29
N PRO C 366 -21.17 44.53 47.14
CA PRO C 366 -22.49 45.16 47.22
C PRO C 366 -23.53 44.68 46.22
N LEU C 367 -23.13 44.03 45.13
CA LEU C 367 -24.09 43.59 44.14
C LEU C 367 -24.35 42.10 44.17
N ARG C 368 -23.97 41.42 45.25
CA ARG C 368 -24.17 39.99 45.33
C ARG C 368 -25.54 39.66 45.90
N GLY C 369 -25.88 38.39 45.85
CA GLY C 369 -27.04 37.86 46.53
C GLY C 369 -26.72 36.47 47.00
N PRO C 370 -27.71 35.64 47.18
CA PRO C 370 -27.44 34.21 47.35
C PRO C 370 -27.05 33.60 46.03
N ASN C 371 -27.76 34.01 44.98
CA ASN C 371 -27.57 33.40 43.66
C ASN C 371 -26.31 33.94 42.99
N GLY C 372 -25.95 35.17 43.25
CA GLY C 372 -24.82 35.77 42.57
C GLY C 372 -25.10 37.24 42.35
N LEU C 373 -24.73 37.71 41.16
CA LEU C 373 -25.02 39.09 40.80
C LEU C 373 -26.51 39.28 40.65
N ASP C 374 -27.10 40.03 41.56
CA ASP C 374 -28.55 40.24 41.53
C ASP C 374 -28.91 41.17 40.39
N ILE C 375 -29.73 40.67 39.48
CA ILE C 375 -30.10 41.38 38.26
C ILE C 375 -30.94 42.61 38.59
N ASN C 376 -31.79 42.51 39.62
CA ASN C 376 -32.55 43.66 40.08
C ASN C 376 -31.63 44.74 40.64
N LYS C 377 -30.55 44.34 41.29
CA LYS C 377 -29.65 45.33 41.85
C LYS C 377 -28.71 45.91 40.80
N ILE C 378 -28.52 45.20 39.69
CA ILE C 378 -27.72 45.75 38.59
C ILE C 378 -28.56 46.75 37.79
N LYS C 379 -29.84 46.45 37.58
CA LYS C 379 -30.71 47.34 36.84
C LYS C 379 -30.98 48.64 37.59
N ASN C 380 -30.87 48.65 38.90
CA ASN C 380 -31.29 49.81 39.67
C ASN C 380 -30.20 50.43 40.51
N ASP C 381 -29.42 49.64 41.25
CA ASP C 381 -28.48 50.17 42.21
C ASP C 381 -27.05 49.92 41.73
N ILE C 382 -26.53 50.80 40.91
CA ILE C 382 -25.11 50.86 40.63
C ILE C 382 -24.63 52.22 41.12
N GLN C 383 -23.71 52.22 42.03
CA GLN C 383 -23.32 53.50 42.59
C GLN C 383 -22.10 54.04 41.85
N PRO C 384 -22.02 55.37 41.68
CA PRO C 384 -20.93 55.95 40.89
C PRO C 384 -19.56 55.79 41.48
N TRP C 385 -19.42 55.42 42.75
CA TRP C 385 -18.08 55.07 43.23
C TRP C 385 -17.64 53.73 42.70
N GLN C 386 -18.57 52.85 42.35
CA GLN C 386 -18.21 51.59 41.72
C GLN C 386 -17.79 51.80 40.28
N GLU C 387 -18.37 52.82 39.64
CA GLU C 387 -17.96 53.13 38.27
C GLU C 387 -16.60 53.79 38.27
N ARG C 388 -16.32 54.63 39.28
CA ARG C 388 -15.00 55.22 39.42
C ARG C 388 -13.97 54.19 39.85
N ARG C 389 -14.39 53.06 40.41
CA ARG C 389 -13.46 52.03 40.83
C ARG C 389 -13.17 51.04 39.73
N ALA C 390 -14.20 50.63 38.99
CA ALA C 390 -13.98 49.67 37.91
C ALA C 390 -13.28 50.30 36.72
N ALA C 391 -13.42 51.60 36.53
CA ALA C 391 -12.65 52.27 35.49
C ALA C 391 -11.23 52.52 35.93
N GLU C 392 -10.99 52.65 37.23
CA GLU C 392 -9.64 52.80 37.72
C GLU C 392 -8.90 51.47 37.67
N TYR C 393 -9.59 50.37 37.96
CA TYR C 393 -8.97 49.07 37.97
C TYR C 393 -8.91 48.41 36.60
N MET C 394 -9.55 49.00 35.60
CA MET C 394 -9.35 48.52 34.24
C MET C 394 -8.06 49.08 33.65
N THR C 395 -7.82 50.36 33.84
CA THR C 395 -6.66 51.01 33.28
C THR C 395 -5.38 50.74 34.05
N HIS C 396 -5.48 50.20 35.25
CA HIS C 396 -4.29 49.89 36.02
C HIS C 396 -4.24 48.41 36.32
N ALA C 397 -4.54 47.61 35.32
CA ALA C 397 -4.46 46.17 35.41
C ALA C 397 -3.03 45.73 35.63
N PRO C 398 -2.81 44.64 36.34
CA PRO C 398 -1.43 44.16 36.53
C PRO C 398 -0.87 43.47 35.30
N LEU C 399 -0.58 44.25 34.27
CA LEU C 399 0.06 43.77 33.04
C LEU C 399 1.15 44.76 32.69
N GLY C 400 2.40 44.31 32.70
CA GLY C 400 3.47 45.27 32.53
C GLY C 400 4.57 44.82 31.61
N SER C 401 5.78 45.29 31.89
CA SER C 401 6.96 44.94 31.12
C SER C 401 8.16 45.24 32.00
N LEU C 402 9.34 44.82 31.56
CA LEU C 402 10.51 45.00 32.41
C LEU C 402 11.06 46.40 32.33
N ASN C 403 10.83 47.10 31.23
CA ASN C 403 11.18 48.51 31.13
C ASN C 403 10.09 49.42 31.68
N SER C 404 9.10 48.85 32.36
CA SER C 404 8.06 49.54 33.11
C SER C 404 7.20 50.41 32.21
N VAL C 405 6.64 49.78 31.18
CA VAL C 405 5.55 50.36 30.42
C VAL C 405 4.36 49.41 30.55
N GLY C 406 3.20 49.96 30.78
CA GLY C 406 2.04 49.18 31.15
C GLY C 406 1.30 48.64 29.95
N GLY C 407 0.05 48.27 30.20
CA GLY C 407 -0.79 47.73 29.16
C GLY C 407 -0.37 46.32 28.78
N VAL C 408 -0.87 45.91 27.62
CA VAL C 408 -0.58 44.59 27.05
C VAL C 408 0.84 44.58 26.50
N ALA C 409 1.29 43.40 26.05
CA ALA C 409 2.65 43.28 25.53
C ALA C 409 2.85 44.08 24.24
N THR C 410 1.75 44.42 23.56
CA THR C 410 1.84 45.24 22.36
C THR C 410 1.39 46.67 22.59
N GLU C 411 1.50 47.18 23.81
CA GLU C 411 1.14 48.56 24.08
C GLU C 411 2.31 49.48 23.72
N ILE C 412 1.98 50.67 23.23
CA ILE C 412 2.99 51.66 22.89
C ILE C 412 3.58 52.27 24.16
N ASN C 413 4.72 52.94 24.00
CA ASN C 413 5.44 53.47 25.16
C ASN C 413 4.95 54.85 25.56
N SER C 414 3.89 54.90 26.38
CA SER C 414 3.49 56.17 26.92
C SER C 414 3.26 56.14 28.43
N VAL C 415 2.72 55.05 28.94
CA VAL C 415 2.45 54.94 30.36
C VAL C 415 3.66 54.35 31.06
N ASN C 416 3.76 54.59 32.36
CA ASN C 416 4.86 54.08 33.16
C ASN C 416 4.21 53.41 34.37
N TYR C 417 3.88 52.13 34.25
CA TYR C 417 3.21 51.43 35.34
C TYR C 417 3.44 49.94 35.23
N VAL C 418 3.98 49.33 36.27
CA VAL C 418 3.88 47.89 36.49
C VAL C 418 3.38 47.72 37.91
N SER C 419 2.39 46.84 38.09
CA SER C 419 1.73 46.70 39.37
C SER C 419 2.67 46.14 40.42
N PRO C 420 2.57 46.58 41.67
CA PRO C 420 3.43 46.03 42.73
C PRO C 420 3.09 44.61 43.08
N ARG C 421 1.94 44.11 42.66
CA ARG C 421 1.68 42.69 42.74
C ARG C 421 2.58 41.91 41.79
N SER C 422 2.73 42.38 40.55
CA SER C 422 3.58 41.70 39.60
C SER C 422 5.06 41.81 39.93
N TRP C 423 5.46 42.72 40.79
CA TRP C 423 6.83 42.66 41.24
C TRP C 423 7.02 41.68 42.38
N LEU C 424 6.01 41.50 43.22
CA LEU C 424 6.17 40.57 44.33
C LEU C 424 5.91 39.14 43.90
N CYS C 425 4.99 38.90 42.99
CA CYS C 425 4.69 37.56 42.52
C CYS C 425 5.70 37.04 41.51
N CYS C 426 6.67 37.84 41.13
CA CYS C 426 7.65 37.43 40.15
C CYS C 426 9.05 37.50 40.71
N SER C 427 9.20 37.93 41.93
CA SER C 427 10.50 37.98 42.54
C SER C 427 10.60 37.07 43.74
N HIS C 428 9.60 37.07 44.60
CA HIS C 428 9.59 36.06 45.66
C HIS C 428 9.25 34.70 45.11
N PHE C 429 8.50 34.65 44.02
CA PHE C 429 8.34 33.38 43.31
C PHE C 429 9.64 32.98 42.64
N PHE C 430 10.40 33.97 42.15
CA PHE C 430 11.68 33.70 41.50
C PHE C 430 12.66 33.09 42.48
N LEU C 431 12.73 33.64 43.68
CA LEU C 431 13.64 33.13 44.69
C LEU C 431 13.19 31.79 45.22
N ALA C 432 11.87 31.61 45.40
CA ALA C 432 11.33 30.40 45.99
C ALA C 432 11.55 29.15 45.16
N PHE C 433 11.92 29.29 43.89
CA PHE C 433 12.41 28.10 43.23
C PHE C 433 13.87 27.85 43.53
N PHE C 434 14.70 28.89 43.60
CA PHE C 434 16.11 28.66 43.84
C PHE C 434 16.39 28.19 45.25
N PHE C 435 15.52 28.52 46.19
CA PHE C 435 15.68 27.97 47.52
C PHE C 435 15.16 26.55 47.61
N LEU C 436 14.31 26.14 46.67
CA LEU C 436 14.02 24.72 46.54
C LEU C 436 15.21 23.99 45.96
N VAL C 437 16.00 24.66 45.13
CA VAL C 437 17.26 24.09 44.66
C VAL C 437 18.27 24.06 45.79
N GLY C 438 18.18 25.00 46.73
CA GLY C 438 19.04 24.96 47.89
C GLY C 438 18.72 23.81 48.81
N HIS C 439 17.46 23.37 48.83
CA HIS C 439 17.12 22.15 49.55
C HIS C 439 17.70 20.93 48.87
N TRP C 440 17.92 21.00 47.56
CA TRP C 440 18.42 19.85 46.85
C TRP C 440 19.92 19.76 46.92
N TRP C 441 20.61 20.89 46.83
CA TRP C 441 22.06 20.86 46.94
C TRP C 441 22.47 20.53 48.35
N HIS C 442 22.03 21.33 49.31
CA HIS C 442 22.57 21.26 50.66
C HIS C 442 22.12 20.02 51.40
N SER C 443 21.07 19.33 50.95
CA SER C 443 20.71 18.06 51.57
C SER C 443 21.32 16.87 50.86
N GLY C 444 21.64 17.00 49.58
CA GLY C 444 22.42 15.96 48.94
C GLY C 444 23.81 15.88 49.53
N ARG C 445 24.40 17.03 49.85
CA ARG C 445 25.73 17.01 50.41
C ARG C 445 25.69 16.57 51.86
N ALA C 446 24.69 17.01 52.62
CA ALA C 446 24.68 16.73 54.05
C ALA C 446 24.34 15.28 54.35
N ARG C 447 23.49 14.67 53.52
CA ARG C 447 23.22 13.26 53.69
C ARG C 447 24.44 12.42 53.27
N ALA C 448 25.22 12.92 52.30
CA ALA C 448 26.40 12.18 51.88
C ALA C 448 27.62 12.53 52.70
N ALA C 449 27.63 13.71 53.33
CA ALA C 449 28.73 13.98 54.27
C ALA C 449 28.57 13.18 55.54
N ALA C 450 27.34 12.84 55.90
CA ALA C 450 27.13 11.97 57.04
C ALA C 450 27.56 10.55 56.76
N ALA C 451 27.52 10.13 55.50
CA ALA C 451 27.82 8.77 55.13
C ALA C 451 29.26 8.57 54.69
N GLY C 452 29.95 9.63 54.31
CA GLY C 452 31.38 9.56 54.07
C GLY C 452 31.81 9.67 52.63
N PHE C 453 30.90 9.55 51.66
CA PHE C 453 31.30 9.55 50.27
C PHE C 453 31.03 10.85 49.54
N GLU C 454 31.15 12.00 50.20
CA GLU C 454 30.94 13.26 49.50
C GLU C 454 32.18 13.68 48.74
N LYS C 455 33.32 13.05 49.04
CA LYS C 455 34.55 13.40 48.35
C LYS C 455 34.78 12.54 47.13
N GLY C 456 34.05 11.45 47.00
CA GLY C 456 34.15 10.61 45.82
C GLY C 456 34.22 9.16 46.20
N ILE C 457 34.33 8.34 45.19
CA ILE C 457 34.37 6.90 45.36
C ILE C 457 35.78 6.49 45.72
N ASN C 458 35.91 5.55 46.64
CA ASN C 458 37.20 5.00 47.01
C ASN C 458 37.69 4.08 45.88
N ARG C 459 38.96 4.23 45.51
CA ARG C 459 39.51 3.35 44.47
C ARG C 459 39.74 1.95 45.01
N ALA C 460 40.11 1.82 46.28
CA ALA C 460 40.39 0.51 46.84
C ALA C 460 39.11 -0.28 47.03
N ASN C 461 38.05 0.39 47.46
CA ASN C 461 36.77 -0.26 47.78
C ASN C 461 35.69 0.42 46.95
N GLU C 462 35.38 -0.14 45.81
CA GLU C 462 34.24 0.39 45.08
C GLU C 462 33.00 -0.42 45.41
N PRO C 463 31.89 0.23 45.77
CA PRO C 463 30.70 -0.52 46.19
C PRO C 463 30.00 -1.26 45.08
N VAL C 464 30.18 -0.85 43.82
CA VAL C 464 29.47 -1.51 42.73
C VAL C 464 30.10 -2.86 42.42
N LEU C 465 31.40 -2.99 42.61
CA LEU C 465 32.10 -4.23 42.30
C LEU C 465 31.73 -5.35 43.26
N SER C 466 31.35 -5.00 44.49
CA SER C 466 30.86 -5.98 45.44
C SER C 466 29.34 -6.00 45.44
N MET C 467 28.78 -6.25 44.27
CA MET C 467 27.34 -6.43 44.11
C MET C 467 27.11 -7.66 43.25
N ARG C 468 25.86 -7.84 42.85
CA ARG C 468 25.49 -8.95 41.98
C ARG C 468 25.96 -8.67 40.57
N PRO C 469 25.94 -9.69 39.70
CA PRO C 469 25.98 -9.42 38.26
C PRO C 469 24.87 -8.47 37.82
N ILE C 470 25.16 -7.73 36.75
CA ILE C 470 24.46 -6.48 36.47
C ILE C 470 23.02 -6.73 36.02
N ASP C 471 22.84 -7.71 35.13
CA ASP C 471 21.63 -7.92 34.31
C ASP C 471 21.31 -6.63 33.57
N ARG D 11 65.10 25.44 3.08
CA ARG D 11 65.96 25.43 1.90
C ARG D 11 65.46 26.42 0.86
N GLY D 12 64.36 26.07 0.20
CA GLY D 12 63.78 26.91 -0.82
C GLY D 12 63.01 28.09 -0.24
N LEU D 13 62.33 28.80 -1.13
CA LEU D 13 61.53 29.94 -0.68
C LEU D 13 60.21 29.47 -0.10
N PHE D 14 59.68 28.35 -0.59
CA PHE D 14 58.44 27.83 -0.06
C PHE D 14 58.64 27.25 1.33
N ASP D 15 59.83 26.74 1.61
CA ASP D 15 60.08 26.09 2.89
C ASP D 15 60.24 27.13 4.00
N LEU D 16 60.81 28.30 3.68
CA LEU D 16 60.98 29.34 4.68
C LEU D 16 59.64 29.94 5.07
N VAL D 17 58.74 30.11 4.10
CA VAL D 17 57.40 30.59 4.38
C VAL D 17 56.58 29.54 5.11
N ASP D 18 56.71 28.28 4.74
CA ASP D 18 56.04 27.19 5.45
C ASP D 18 56.53 27.06 6.88
N ASP D 19 57.82 27.31 7.13
CA ASP D 19 58.31 27.19 8.50
C ASP D 19 57.96 28.41 9.32
N TRP D 20 57.74 29.56 8.68
CA TRP D 20 57.46 30.76 9.45
C TRP D 20 56.03 30.78 9.94
N LEU D 21 55.09 30.39 9.09
CA LEU D 21 53.68 30.41 9.46
C LEU D 21 53.37 29.39 10.53
N LYS D 22 54.03 28.24 10.50
CA LYS D 22 53.72 27.17 11.45
C LYS D 22 54.54 27.29 12.72
N LYS D 23 55.21 28.41 12.95
CA LYS D 23 56.04 28.58 14.13
C LYS D 23 55.15 28.69 15.35
N ASP D 24 55.59 28.13 16.48
CA ASP D 24 54.87 28.33 17.73
C ASP D 24 54.96 29.79 18.15
N ARG D 25 53.80 30.42 18.29
CA ARG D 25 53.74 31.82 18.65
C ARG D 25 52.45 32.00 19.46
N PHE D 26 52.01 33.24 19.62
CA PHE D 26 50.85 33.50 20.47
C PHE D 26 49.57 32.98 19.82
N VAL D 27 49.24 33.48 18.65
CA VAL D 27 48.12 32.97 17.87
C VAL D 27 48.70 32.21 16.68
N PHE D 28 48.26 30.97 16.51
CA PHE D 28 48.75 30.16 15.41
C PHE D 28 48.19 30.70 14.09
N VAL D 29 49.08 31.02 13.17
CA VAL D 29 48.63 31.66 11.93
C VAL D 29 48.41 30.59 10.88
N GLY D 30 49.46 29.88 10.51
CA GLY D 30 49.36 28.83 9.52
C GLY D 30 49.11 29.38 8.13
N TRP D 31 48.86 28.46 7.20
CA TRP D 31 48.47 28.89 5.87
C TRP D 31 47.05 29.44 5.87
N SER D 32 46.18 28.83 6.67
CA SER D 32 44.78 29.21 6.70
C SER D 32 44.52 30.55 7.37
N GLY D 33 45.50 31.10 8.07
CA GLY D 33 45.30 32.40 8.70
C GLY D 33 45.29 33.54 7.71
N LEU D 34 45.80 33.29 6.50
CA LEU D 34 45.76 34.31 5.47
C LEU D 34 44.36 34.45 4.90
N LEU D 35 43.52 33.43 5.08
CA LEU D 35 42.13 33.53 4.65
C LEU D 35 41.22 33.88 5.81
N LEU D 36 41.56 33.43 7.01
CA LEU D 36 40.71 33.70 8.17
C LEU D 36 40.88 35.13 8.67
N PHE D 37 42.09 35.48 9.07
CA PHE D 37 42.36 36.74 9.77
C PHE D 37 42.06 38.00 8.97
N PRO D 38 42.23 38.07 7.64
CA PRO D 38 41.66 39.23 6.95
C PRO D 38 40.16 39.19 6.83
N THR D 39 39.55 38.04 6.58
CA THR D 39 38.13 38.05 6.31
C THR D 39 37.28 38.05 7.58
N ALA D 40 37.76 37.45 8.66
CA ALA D 40 36.99 37.46 9.89
C ALA D 40 37.06 38.81 10.58
N TYR D 41 38.18 39.51 10.44
CA TYR D 41 38.33 40.83 11.03
C TYR D 41 37.41 41.84 10.38
N LEU D 42 37.06 41.64 9.11
CA LEU D 42 36.22 42.60 8.42
C LEU D 42 34.76 42.24 8.48
N ALA D 43 34.43 40.97 8.71
CA ALA D 43 33.04 40.64 9.00
C ALA D 43 32.64 41.13 10.36
N ALA D 44 33.52 40.96 11.35
CA ALA D 44 33.22 41.43 12.70
C ALA D 44 33.22 42.95 12.77
N GLY D 45 34.22 43.59 12.19
CA GLY D 45 34.26 45.03 12.20
C GLY D 45 33.22 45.66 11.30
N GLY D 46 32.80 44.97 10.26
CA GLY D 46 31.71 45.46 9.46
C GLY D 46 30.38 45.40 10.18
N TRP D 47 30.25 44.48 11.13
CA TRP D 47 29.04 44.40 11.92
C TRP D 47 29.02 45.45 13.03
N MET D 48 30.16 45.69 13.66
CA MET D 48 30.21 46.69 14.73
C MET D 48 30.05 48.10 14.19
N THR D 49 30.49 48.33 12.97
CA THR D 49 30.30 49.63 12.35
C THR D 49 28.88 49.78 11.86
N GLY D 50 28.33 48.73 11.26
CA GLY D 50 27.01 48.84 10.66
C GLY D 50 25.90 48.94 11.69
N THR D 51 26.11 48.35 12.86
CA THR D 51 25.11 48.51 13.92
C THR D 51 25.30 49.78 14.71
N THR D 52 26.46 50.41 14.62
CA THR D 52 26.66 51.67 15.32
C THR D 52 26.27 52.87 14.48
N PHE D 53 26.75 52.95 13.24
CA PHE D 53 26.65 54.17 12.45
C PHE D 53 25.63 54.07 11.33
N VAL D 54 25.60 52.97 10.59
CA VAL D 54 24.83 52.94 9.35
C VAL D 54 23.37 52.64 9.63
N THR D 55 22.50 53.44 9.02
CA THR D 55 21.07 53.36 9.23
C THR D 55 20.42 52.36 8.28
N SER D 56 19.13 52.16 8.48
CA SER D 56 18.28 51.42 7.57
C SER D 56 17.14 52.29 7.06
N TRP D 57 17.37 53.59 6.98
CA TRP D 57 16.28 54.51 6.74
C TRP D 57 15.84 54.48 5.28
N TYR D 58 16.74 54.10 4.39
CA TYR D 58 16.42 54.12 2.97
C TYR D 58 16.09 52.76 2.42
N THR D 59 16.62 51.71 3.02
CA THR D 59 16.35 50.35 2.55
C THR D 59 15.02 49.84 3.08
N HIS D 60 14.93 49.70 4.40
CA HIS D 60 13.73 49.22 5.06
C HIS D 60 12.81 50.32 5.52
N GLY D 61 13.35 51.49 5.82
CA GLY D 61 12.55 52.54 6.42
C GLY D 61 12.45 52.34 7.91
N LEU D 62 13.57 52.02 8.54
CA LEU D 62 13.61 51.76 9.96
C LEU D 62 14.69 52.63 10.57
N ALA D 63 15.02 52.33 11.81
CA ALA D 63 16.22 52.82 12.45
C ALA D 63 16.94 51.61 13.03
N SER D 64 18.19 51.42 12.66
CA SER D 64 18.94 50.26 13.10
C SER D 64 20.38 50.64 13.44
N SER D 65 20.57 51.72 14.16
CA SER D 65 21.92 52.13 14.51
C SER D 65 21.91 52.66 15.93
N TYR D 66 23.10 52.87 16.48
CA TYR D 66 23.18 53.48 17.79
C TYR D 66 23.07 54.99 17.69
N LEU D 67 23.36 55.56 16.51
CA LEU D 67 23.10 56.98 16.31
C LEU D 67 21.62 57.29 16.34
N GLU D 68 20.80 56.30 16.03
CA GLU D 68 19.37 56.49 15.97
C GLU D 68 18.65 55.91 17.18
N GLY D 69 19.28 55.91 18.34
CA GLY D 69 18.62 55.59 19.58
C GLY D 69 18.38 54.13 19.84
N CYS D 70 18.73 53.25 18.93
CA CYS D 70 18.51 51.83 19.17
C CYS D 70 19.56 51.31 20.14
N ASN D 71 19.13 50.43 21.04
CA ASN D 71 20.04 49.76 21.95
C ASN D 71 20.68 48.57 21.27
N PHE D 72 21.28 47.70 22.09
CA PHE D 72 21.87 46.47 21.60
C PHE D 72 20.83 45.56 20.95
N LEU D 73 19.61 45.60 21.44
CA LEU D 73 18.63 44.67 20.92
C LEU D 73 18.06 45.10 19.58
N THR D 74 17.69 46.36 19.43
CA THR D 74 17.01 46.81 18.23
C THR D 74 17.95 47.40 17.18
N ALA D 75 19.25 47.07 17.24
CA ALA D 75 20.19 47.49 16.22
C ALA D 75 20.53 46.33 15.32
N ALA D 76 20.87 46.65 14.07
CA ALA D 76 21.13 45.61 13.07
C ALA D 76 21.90 46.18 11.91
N VAL D 77 22.59 45.28 11.20
CA VAL D 77 23.10 45.55 9.87
C VAL D 77 22.06 45.00 8.90
N SER D 78 21.40 45.86 8.15
CA SER D 78 20.19 45.42 7.47
C SER D 78 20.44 45.08 6.01
N THR D 79 19.61 44.17 5.52
CA THR D 79 19.56 43.74 4.14
C THR D 79 19.20 44.89 3.20
N PRO D 80 19.65 44.84 1.96
CA PRO D 80 19.42 45.96 1.03
C PRO D 80 18.00 45.93 0.47
N ALA D 81 17.75 46.87 -0.42
CA ALA D 81 16.41 47.06 -0.96
C ALA D 81 16.04 45.93 -1.90
N ASN D 82 14.74 45.84 -2.23
CA ASN D 82 14.30 44.83 -3.17
C ASN D 82 14.63 45.25 -4.60
N SER D 83 14.84 46.54 -4.81
CA SER D 83 15.19 47.03 -6.14
C SER D 83 16.61 46.66 -6.52
N VAL D 84 17.46 46.42 -5.53
CA VAL D 84 18.81 45.97 -5.79
C VAL D 84 18.79 44.54 -6.32
N GLY D 85 17.79 43.76 -5.95
CA GLY D 85 17.70 42.40 -6.41
C GLY D 85 18.75 41.56 -5.71
N HIS D 86 19.42 40.67 -6.44
CA HIS D 86 20.52 39.92 -5.87
C HIS D 86 21.87 40.46 -6.30
N SER D 87 22.02 41.76 -6.42
CA SER D 87 23.32 42.31 -6.74
C SER D 87 24.30 42.05 -5.60
N LEU D 88 25.57 41.87 -5.95
CA LEU D 88 26.57 41.69 -4.92
C LEU D 88 26.91 42.98 -4.22
N LEU D 89 26.54 44.13 -4.81
CA LEU D 89 26.76 45.48 -4.25
C LEU D 89 28.21 45.73 -3.91
N LEU D 90 29.06 45.53 -4.91
CA LEU D 90 30.48 45.80 -4.75
C LEU D 90 30.68 47.31 -4.58
N LEU D 91 31.75 47.67 -3.86
CA LEU D 91 32.00 49.08 -3.59
C LEU D 91 32.30 49.85 -4.87
N TRP D 92 32.93 49.21 -5.82
CA TRP D 92 33.20 49.78 -7.14
C TRP D 92 32.10 49.51 -8.14
N GLY D 93 30.99 48.90 -7.72
CA GLY D 93 30.03 48.32 -8.64
C GLY D 93 29.19 49.32 -9.38
N PRO D 94 28.19 48.84 -10.13
CA PRO D 94 27.30 49.77 -10.84
C PRO D 94 26.31 50.48 -9.94
N GLU D 95 26.05 49.95 -8.74
CA GLU D 95 25.13 50.60 -7.81
C GLU D 95 25.82 51.66 -6.98
N ALA D 96 26.95 51.32 -6.37
CA ALA D 96 27.62 52.23 -5.45
C ALA D 96 28.56 53.19 -6.18
N GLN D 97 29.26 52.68 -7.19
CA GLN D 97 30.13 53.45 -8.09
C GLN D 97 31.26 54.15 -7.34
N GLY D 98 31.86 53.46 -6.39
CA GLY D 98 33.01 53.97 -5.70
C GLY D 98 32.72 54.81 -4.48
N ASP D 99 31.52 55.35 -4.36
CA ASP D 99 31.19 56.19 -3.22
C ASP D 99 30.98 55.31 -2.00
N PHE D 100 31.61 55.67 -0.88
CA PHE D 100 31.42 54.89 0.33
C PHE D 100 30.08 55.20 0.97
N THR D 101 29.66 56.46 0.94
CA THR D 101 28.47 56.89 1.67
C THR D 101 27.20 56.35 1.04
N ARG D 102 27.13 56.38 -0.29
CA ARG D 102 25.97 55.81 -0.96
C ARG D 102 26.00 54.29 -0.93
N TRP D 103 27.17 53.69 -0.70
CA TRP D 103 27.23 52.25 -0.57
C TRP D 103 26.61 51.80 0.74
N CYS D 104 26.82 52.57 1.81
CA CYS D 104 26.26 52.21 3.10
C CYS D 104 24.75 52.41 3.14
N GLN D 105 24.25 53.42 2.43
CA GLN D 105 22.82 53.70 2.46
C GLN D 105 22.01 52.70 1.65
N ILE D 106 22.59 52.14 0.58
CA ILE D 106 21.92 51.08 -0.16
C ILE D 106 21.89 49.79 0.64
N GLY D 107 22.83 49.59 1.55
CA GLY D 107 22.87 48.38 2.32
C GLY D 107 24.03 47.53 1.86
N GLY D 108 25.12 48.20 1.54
CA GLY D 108 26.27 47.49 1.03
C GLY D 108 27.07 46.80 2.10
N LEU D 109 26.97 47.26 3.34
CA LEU D 109 27.70 46.62 4.43
C LEU D 109 27.16 45.23 4.73
N TRP D 110 25.89 44.99 4.42
CA TRP D 110 25.31 43.70 4.75
C TRP D 110 25.91 42.60 3.89
N THR D 111 26.07 42.85 2.60
CA THR D 111 26.76 41.88 1.76
C THR D 111 28.24 41.86 2.07
N PHE D 112 28.79 42.98 2.54
CA PHE D 112 30.18 42.99 2.97
C PHE D 112 30.38 42.10 4.18
N VAL D 113 29.42 42.09 5.10
CA VAL D 113 29.52 41.23 6.27
C VAL D 113 29.29 39.78 5.87
N ALA D 114 28.28 39.54 5.04
CA ALA D 114 27.92 38.17 4.71
C ALA D 114 28.94 37.50 3.81
N LEU D 115 29.54 38.25 2.88
CA LEU D 115 30.51 37.62 1.99
C LEU D 115 31.85 37.41 2.68
N HIS D 116 32.39 38.44 3.34
CA HIS D 116 33.63 38.24 4.09
C HIS D 116 33.42 37.35 5.31
N GLY D 117 32.17 37.19 5.73
CA GLY D 117 31.89 36.23 6.79
C GLY D 117 31.85 34.81 6.27
N ALA D 118 31.37 34.62 5.04
CA ALA D 118 31.33 33.29 4.46
C ALA D 118 32.73 32.78 4.13
N PHE D 119 33.65 33.69 3.82
CA PHE D 119 35.03 33.32 3.67
C PHE D 119 35.80 33.33 4.99
N GLY D 120 35.13 33.62 6.09
CA GLY D 120 35.74 33.43 7.38
C GLY D 120 35.45 32.02 7.85
N LEU D 121 34.25 31.54 7.57
CA LEU D 121 33.89 30.18 7.96
C LEU D 121 34.55 29.14 7.07
N ILE D 122 34.85 29.49 5.83
CA ILE D 122 35.75 28.67 5.03
C ILE D 122 37.13 28.68 5.66
N GLY D 123 37.65 29.85 5.99
CA GLY D 123 38.99 29.96 6.52
C GLY D 123 39.13 29.45 7.93
N PHE D 124 38.03 29.36 8.67
CA PHE D 124 38.13 28.79 10.01
C PHE D 124 38.04 27.29 10.00
N CYS D 125 37.32 26.72 9.04
CA CYS D 125 37.25 25.27 8.94
C CYS D 125 38.53 24.70 8.36
N LEU D 126 39.19 25.43 7.47
CA LEU D 126 40.53 25.08 7.03
C LEU D 126 41.55 25.20 8.13
N ARG D 127 41.31 26.08 9.10
CA ARG D 127 42.18 26.18 10.25
C ARG D 127 42.13 24.90 11.08
N GLN D 128 40.97 24.27 11.15
CA GLN D 128 40.83 23.06 11.95
C GLN D 128 41.38 21.83 11.24
N PHE D 129 41.54 21.85 9.92
CA PHE D 129 42.28 20.78 9.26
C PHE D 129 43.77 20.97 9.39
N GLU D 130 44.24 22.21 9.52
CA GLU D 130 45.66 22.44 9.50
C GLU D 130 46.27 22.16 10.86
N ILE D 131 45.57 22.53 11.93
CA ILE D 131 46.10 22.32 13.26
C ILE D 131 46.04 20.85 13.63
N ALA D 132 45.04 20.14 13.12
CA ALA D 132 44.93 18.71 13.42
C ALA D 132 46.03 17.92 12.72
N ARG D 133 46.54 18.42 11.61
CA ARG D 133 47.59 17.70 10.92
C ARG D 133 48.94 17.96 11.58
N LEU D 134 49.10 19.11 12.21
CA LEU D 134 50.37 19.40 12.87
C LEU D 134 50.43 18.74 14.24
N VAL D 135 49.32 18.75 14.98
CA VAL D 135 49.26 18.06 16.25
C VAL D 135 49.20 16.55 16.02
N GLY D 136 48.51 16.12 14.98
CA GLY D 136 48.51 14.72 14.63
C GLY D 136 47.35 13.97 15.20
N ILE D 137 46.14 14.49 15.01
CA ILE D 137 44.93 13.89 15.54
C ILE D 137 43.93 13.72 14.39
N ARG D 138 42.86 13.05 14.68
CA ARG D 138 41.80 12.83 13.71
C ARG D 138 41.01 14.12 13.54
N PRO D 139 40.48 14.40 12.35
CA PRO D 139 39.90 15.72 12.10
C PRO D 139 38.41 15.82 12.37
N TYR D 140 37.92 15.47 13.54
CA TYR D 140 36.49 15.52 13.77
C TYR D 140 35.99 16.87 14.22
N ASN D 141 36.88 17.77 14.62
CA ASN D 141 36.44 19.11 14.93
C ASN D 141 36.07 19.85 13.66
N ALA D 142 36.83 19.61 12.59
CA ALA D 142 36.56 20.25 11.31
C ALA D 142 35.33 19.69 10.64
N ILE D 143 34.89 18.51 11.04
CA ILE D 143 33.71 17.90 10.47
C ILE D 143 32.48 18.22 11.30
N ALA D 144 32.64 18.40 12.61
CA ALA D 144 31.55 18.90 13.43
C ALA D 144 31.32 20.39 13.21
N PHE D 145 32.35 21.15 12.85
CA PHE D 145 32.13 22.55 12.53
C PHE D 145 31.46 22.73 11.18
N SER D 146 31.38 21.68 10.36
CA SER D 146 30.64 21.77 9.10
C SER D 146 29.15 21.90 9.35
N GLY D 147 28.67 21.52 10.53
CA GLY D 147 27.32 21.78 10.96
C GLY D 147 26.95 23.25 10.91
N PRO D 148 27.65 24.10 11.68
CA PRO D 148 27.39 25.55 11.61
C PRO D 148 27.68 26.20 10.26
N ILE D 149 28.50 25.59 9.41
CA ILE D 149 28.65 26.10 8.07
C ILE D 149 27.37 25.89 7.28
N ALA D 150 26.72 24.75 7.49
CA ALA D 150 25.49 24.46 6.77
C ALA D 150 24.30 25.27 7.24
N VAL D 151 24.41 25.97 8.36
CA VAL D 151 23.33 26.86 8.79
C VAL D 151 23.58 28.28 8.32
N PHE D 152 24.85 28.71 8.27
CA PHE D 152 25.13 30.03 7.73
C PHE D 152 24.83 30.08 6.24
N VAL D 153 25.28 29.08 5.50
CA VAL D 153 25.15 29.08 4.05
C VAL D 153 23.68 28.95 3.66
N SER D 154 22.97 28.05 4.29
CA SER D 154 21.61 27.79 3.83
C SER D 154 20.59 28.77 4.38
N VAL D 155 21.00 29.76 5.15
CA VAL D 155 20.09 30.79 5.66
C VAL D 155 20.52 32.18 5.20
N PHE D 156 21.76 32.54 5.46
CA PHE D 156 22.23 33.86 5.08
C PHE D 156 22.60 33.94 3.62
N LEU D 157 22.84 32.82 2.95
CA LEU D 157 23.15 32.84 1.54
C LEU D 157 22.09 32.13 0.70
N LEU D 158 21.82 30.85 0.92
CA LEU D 158 20.92 30.13 0.02
C LEU D 158 19.46 30.46 0.22
N TYR D 159 19.09 31.11 1.28
CA TYR D 159 17.68 31.45 1.42
C TYR D 159 17.28 32.72 0.65
N PRO D 160 18.03 33.84 0.68
CA PRO D 160 17.63 34.96 -0.18
C PRO D 160 17.89 34.72 -1.65
N LEU D 161 18.72 33.74 -2.03
CA LEU D 161 18.94 33.49 -3.44
C LEU D 161 17.71 32.87 -4.08
N GLY D 162 17.04 31.96 -3.37
CA GLY D 162 15.81 31.42 -3.88
C GLY D 162 14.65 32.38 -3.82
N GLN D 163 14.72 33.39 -2.96
CA GLN D 163 13.66 34.36 -2.82
C GLN D 163 13.87 35.51 -3.82
N ALA D 164 13.16 36.61 -3.59
CA ALA D 164 13.11 37.67 -4.58
C ALA D 164 14.40 38.48 -4.62
N SER D 165 15.07 38.65 -3.47
CA SER D 165 16.29 39.46 -3.41
C SER D 165 17.02 39.16 -2.10
N TRP D 166 18.04 39.95 -1.79
CA TRP D 166 18.70 39.85 -0.50
C TRP D 166 17.86 40.41 0.63
N PHE D 167 16.76 41.09 0.30
CA PHE D 167 15.91 41.75 1.29
C PHE D 167 15.27 40.73 2.23
N PHE D 168 15.02 39.52 1.74
CA PHE D 168 14.35 38.54 2.57
C PHE D 168 15.33 37.68 3.35
N ALA D 169 16.51 38.20 3.67
CA ALA D 169 17.51 37.47 4.42
C ALA D 169 17.51 37.97 5.85
N PRO D 170 18.11 37.22 6.79
CA PRO D 170 18.21 37.73 8.17
C PRO D 170 19.21 38.87 8.24
N SER D 171 18.77 39.99 8.80
CA SER D 171 19.71 41.08 9.06
C SER D 171 20.55 40.72 10.27
N PHE D 172 21.77 41.22 10.32
CA PHE D 172 22.70 40.84 11.38
C PHE D 172 22.47 41.70 12.62
N GLY D 173 21.37 41.46 13.28
CA GLY D 173 21.07 42.15 14.53
C GLY D 173 20.12 41.33 15.34
N VAL D 174 20.06 41.63 16.64
CA VAL D 174 19.43 40.72 17.59
C VAL D 174 17.93 40.66 17.38
N ALA D 175 17.26 41.81 17.32
CA ALA D 175 15.84 41.79 17.04
C ALA D 175 15.54 41.57 15.57
N ALA D 176 16.53 41.75 14.70
CA ALA D 176 16.30 41.52 13.29
C ALA D 176 16.31 40.04 12.96
N ILE D 177 16.98 39.23 13.78
CA ILE D 177 16.77 37.80 13.70
C ILE D 177 15.37 37.46 14.21
N PHE D 178 14.88 38.22 15.19
CA PHE D 178 13.63 37.86 15.87
C PHE D 178 12.43 38.04 14.95
N ARG D 179 12.46 39.03 14.06
CA ARG D 179 11.40 39.16 13.09
C ARG D 179 11.52 38.09 12.01
N PHE D 180 12.74 37.67 11.70
CA PHE D 180 12.94 36.59 10.76
C PHE D 180 12.38 35.28 11.30
N LEU D 181 12.37 35.13 12.62
CA LEU D 181 11.67 33.99 13.21
C LEU D 181 10.17 34.13 13.03
N LEU D 182 9.66 35.36 13.11
CA LEU D 182 8.20 35.55 13.00
C LEU D 182 7.77 35.63 11.55
N PHE D 183 8.62 36.16 10.68
CA PHE D 183 8.33 36.17 9.26
C PHE D 183 8.27 34.76 8.69
N LEU D 184 8.99 33.81 9.27
CA LEU D 184 9.03 32.46 8.75
C LEU D 184 7.91 31.58 9.25
N GLN D 185 7.14 32.02 10.24
CA GLN D 185 6.00 31.24 10.65
C GLN D 185 4.75 31.62 9.88
N GLY D 186 4.50 32.92 9.72
CA GLY D 186 3.29 33.33 9.06
C GLY D 186 3.30 33.06 7.58
N PHE D 187 4.46 33.21 6.97
CA PHE D 187 4.54 33.12 5.51
C PHE D 187 4.92 31.73 5.05
N HIS D 188 5.60 30.97 5.89
CA HIS D 188 6.12 29.69 5.46
C HIS D 188 5.63 28.50 6.27
N ASN D 189 5.08 28.73 7.47
CA ASN D 189 4.75 27.69 8.44
C ASN D 189 5.96 26.81 8.73
N TRP D 190 6.99 27.43 9.30
CA TRP D 190 8.28 26.76 9.42
C TRP D 190 8.28 25.71 10.51
N THR D 191 7.47 25.88 11.55
CA THR D 191 7.48 24.92 12.65
C THR D 191 6.86 23.60 12.25
N LEU D 192 6.03 23.60 11.21
CA LEU D 192 5.38 22.37 10.81
C LEU D 192 6.34 21.49 10.01
N ASN D 193 7.40 22.06 9.45
CA ASN D 193 8.37 21.41 8.59
C ASN D 193 9.11 20.33 9.36
N PRO D 194 9.15 19.06 8.89
CA PRO D 194 9.85 18.03 9.67
C PRO D 194 11.34 18.19 9.76
N PHE D 195 11.89 19.16 9.05
CA PHE D 195 13.32 19.36 9.11
C PHE D 195 13.68 20.26 10.27
N HIS D 196 12.78 21.17 10.65
CA HIS D 196 12.97 21.87 11.92
C HIS D 196 12.74 20.91 13.07
N MET D 197 11.77 20.02 12.93
CA MET D 197 11.45 19.08 14.01
C MET D 197 12.58 18.11 14.27
N MET D 198 13.35 17.76 13.24
CA MET D 198 14.56 17.00 13.47
C MET D 198 15.72 17.88 13.90
N GLY D 199 15.56 19.19 13.86
CA GLY D 199 16.62 20.07 14.27
C GLY D 199 16.47 20.46 15.72
N VAL D 200 15.22 20.60 16.16
CA VAL D 200 14.95 20.87 17.57
C VAL D 200 15.33 19.66 18.40
N ALA D 201 15.18 18.47 17.83
CA ALA D 201 15.55 17.23 18.51
C ALA D 201 17.05 17.12 18.66
N GLY D 202 17.81 17.82 17.83
CA GLY D 202 19.26 17.76 17.95
C GLY D 202 19.81 18.83 18.86
N ILE D 203 19.17 20.00 18.86
CA ILE D 203 19.61 21.09 19.71
C ILE D 203 19.21 20.84 21.15
N LEU D 204 17.94 20.51 21.39
CA LEU D 204 17.54 20.14 22.75
C LEU D 204 18.07 18.78 23.12
N GLY D 205 18.39 17.95 22.13
CA GLY D 205 19.06 16.69 22.42
C GLY D 205 20.54 16.85 22.68
N GLY D 206 21.16 17.84 22.05
CA GLY D 206 22.57 18.07 22.29
C GLY D 206 22.82 18.75 23.63
N ALA D 207 21.92 19.65 24.02
CA ALA D 207 22.01 20.27 25.33
C ALA D 207 21.72 19.27 26.43
N LEU D 208 20.94 18.25 26.12
CA LEU D 208 20.64 17.19 27.09
C LEU D 208 21.88 16.37 27.38
N LEU D 209 22.65 16.03 26.35
CA LEU D 209 23.77 15.11 26.51
C LEU D 209 24.92 15.73 27.27
N CYS D 210 25.13 17.03 27.12
CA CYS D 210 26.23 17.63 27.88
C CYS D 210 25.82 17.93 29.30
N ALA D 211 24.52 18.05 29.56
CA ALA D 211 24.08 18.22 30.94
C ALA D 211 24.10 16.90 31.68
N ILE D 212 23.95 15.78 30.98
CA ILE D 212 24.05 14.49 31.66
C ILE D 212 25.49 14.08 31.82
N HIS D 213 26.27 14.15 30.73
CA HIS D 213 27.66 13.75 30.79
C HIS D 213 28.46 14.71 31.65
N GLY D 214 28.00 15.94 31.78
CA GLY D 214 28.59 16.82 32.76
C GLY D 214 28.30 16.38 34.18
N ALA D 215 27.07 15.97 34.44
CA ALA D 215 26.64 15.67 35.79
C ALA D 215 26.87 14.23 36.19
N THR D 216 27.28 13.36 35.29
CA THR D 216 27.57 11.99 35.66
C THR D 216 29.06 11.77 35.88
N VAL D 217 29.91 12.43 35.11
CA VAL D 217 31.34 12.39 35.35
C VAL D 217 31.64 13.06 36.68
N GLU D 218 30.97 14.18 36.95
CA GLU D 218 31.29 14.94 38.14
C GLU D 218 30.71 14.27 39.40
N ASN D 219 29.86 13.27 39.22
CA ASN D 219 29.27 12.59 40.36
C ASN D 219 29.70 11.14 40.49
N THR D 220 30.65 10.66 39.71
CA THR D 220 31.27 9.37 39.94
C THR D 220 32.77 9.49 40.06
N LEU D 221 33.27 10.61 40.57
CA LEU D 221 34.69 10.87 40.64
C LEU D 221 35.34 9.97 41.67
N PHE D 222 36.63 9.73 41.52
CA PHE D 222 37.33 8.99 42.54
C PHE D 222 37.90 9.93 43.59
N GLU D 223 38.17 9.39 44.76
CA GLU D 223 38.91 10.11 45.79
C GLU D 223 40.37 10.10 45.39
N ASP D 224 40.88 11.26 44.98
CA ASP D 224 42.30 11.38 44.72
C ASP D 224 42.96 12.40 45.64
N GLY D 225 42.26 12.83 46.68
CA GLY D 225 42.79 13.80 47.61
C GLY D 225 41.96 13.86 48.86
N ASP D 226 42.52 14.52 49.87
CA ASP D 226 41.82 14.62 51.15
C ASP D 226 40.97 15.89 51.22
N ALA D 227 41.16 16.80 50.27
CA ALA D 227 40.41 18.05 50.29
C ALA D 227 38.97 17.82 49.86
N ALA D 228 38.09 18.73 50.27
CA ALA D 228 36.69 18.63 49.87
C ALA D 228 36.50 19.10 48.44
N ASN D 229 37.39 19.98 47.96
CA ASN D 229 37.35 20.38 46.57
C ASN D 229 37.90 19.27 45.68
N THR D 230 37.07 18.81 44.75
CA THR D 230 37.50 17.75 43.85
C THR D 230 38.16 18.27 42.58
N PHE D 231 38.15 19.58 42.35
CA PHE D 231 38.78 20.11 41.15
C PHE D 231 40.30 20.08 41.27
N ARG D 232 40.80 20.06 42.51
CA ARG D 232 42.24 20.13 42.72
C ARG D 232 42.91 18.81 42.41
N ALA D 233 42.16 17.71 42.46
CA ALA D 233 42.75 16.37 42.45
C ALA D 233 42.78 15.78 41.05
N PHE D 234 43.43 16.51 40.13
CA PHE D 234 43.57 16.01 38.76
C PHE D 234 44.84 16.61 38.15
N THR D 235 45.85 15.81 38.00
CA THR D 235 46.95 16.23 37.17
C THR D 235 46.70 15.78 35.73
N PRO D 236 46.98 16.62 34.74
CA PRO D 236 46.51 16.34 33.38
C PRO D 236 47.18 15.17 32.70
N THR D 237 48.42 14.84 33.08
CA THR D 237 49.17 13.80 32.40
C THR D 237 49.06 12.45 33.09
N GLN D 238 47.99 12.19 33.80
CA GLN D 238 47.86 10.92 34.49
C GLN D 238 47.10 9.92 33.63
N SER D 239 47.45 8.65 33.79
CA SER D 239 46.87 7.59 32.96
C SER D 239 45.68 6.91 33.59
N GLU D 240 45.46 7.10 34.89
CA GLU D 240 44.30 6.54 35.55
C GLU D 240 43.08 7.38 35.20
N GLU D 241 41.98 6.70 34.89
CA GLU D 241 40.75 7.41 34.60
C GLU D 241 40.22 8.06 35.88
N THR D 242 39.53 9.18 35.71
CA THR D 242 39.15 10.01 36.84
C THR D 242 37.74 9.78 37.31
N TYR D 243 36.98 8.88 36.67
CA TYR D 243 35.64 8.60 37.14
C TYR D 243 35.28 7.16 36.84
N SER D 244 34.46 6.58 37.71
CA SER D 244 34.12 5.17 37.61
C SER D 244 33.08 4.94 36.54
N MET D 245 33.49 4.41 35.40
CA MET D 245 32.57 4.10 34.32
C MET D 245 31.63 2.96 34.69
N VAL D 246 32.12 2.01 35.49
CA VAL D 246 31.30 0.87 35.89
C VAL D 246 30.17 1.33 36.80
N THR D 247 30.45 2.29 37.67
CA THR D 247 29.44 2.83 38.57
C THR D 247 28.40 3.61 37.79
N ALA D 248 28.84 4.44 36.86
CA ALA D 248 27.93 5.31 36.10
C ALA D 248 27.05 4.49 35.17
N ASN D 249 27.57 3.37 34.68
CA ASN D 249 26.73 2.45 33.94
C ASN D 249 25.71 1.80 34.84
N ARG D 250 26.12 1.41 36.04
CA ARG D 250 25.23 0.74 36.98
C ARG D 250 24.17 1.69 37.48
N PHE D 251 24.49 2.98 37.54
CA PHE D 251 23.49 3.97 37.92
C PHE D 251 22.40 4.09 36.87
N TRP D 252 22.77 4.43 35.64
CA TRP D 252 21.75 4.71 34.63
C TRP D 252 21.07 3.46 34.13
N SER D 253 21.66 2.27 34.31
CA SER D 253 20.98 1.06 33.91
C SER D 253 19.79 0.75 34.78
N GLN D 254 19.75 1.31 35.99
CA GLN D 254 18.64 1.12 36.90
C GLN D 254 17.73 2.32 36.99
N ILE D 255 18.23 3.53 36.75
CA ILE D 255 17.36 4.69 36.69
C ILE D 255 16.61 4.73 35.38
N PHE D 256 17.34 4.80 34.27
CA PHE D 256 16.74 5.02 32.98
C PHE D 256 16.47 3.73 32.23
N GLY D 257 17.20 2.66 32.54
CA GLY D 257 16.97 1.36 31.97
C GLY D 257 18.03 0.94 30.99
N VAL D 258 18.64 1.89 30.29
CA VAL D 258 19.68 1.58 29.31
C VAL D 258 20.73 2.68 29.39
N ALA D 259 21.98 2.30 29.13
CA ALA D 259 23.08 3.20 29.44
C ALA D 259 24.29 2.87 28.59
N PHE D 260 25.15 3.86 28.42
CA PHE D 260 26.40 3.67 27.68
C PHE D 260 27.36 2.78 28.46
N SER D 261 27.96 1.85 27.76
CA SER D 261 29.05 1.05 28.30
C SER D 261 30.31 1.23 27.47
N ASN D 262 30.50 2.41 26.90
CA ASN D 262 31.57 2.63 25.94
C ASN D 262 31.86 4.12 25.87
N LYS D 263 33.04 4.51 26.35
CA LYS D 263 33.41 5.94 26.33
C LYS D 263 33.71 6.41 24.92
N ARG D 264 34.15 5.52 24.05
CA ARG D 264 34.39 5.90 22.67
C ARG D 264 33.08 6.10 21.93
N TRP D 265 32.08 5.29 22.25
CA TRP D 265 30.78 5.46 21.63
C TRP D 265 30.01 6.62 22.23
N LEU D 266 30.28 6.92 23.50
CA LEU D 266 29.58 8.01 24.17
C LEU D 266 29.96 9.35 23.59
N HIS D 267 31.26 9.62 23.54
CA HIS D 267 31.72 10.89 23.05
C HIS D 267 31.54 11.05 21.56
N PHE D 268 31.46 9.95 20.82
CA PHE D 268 31.04 10.12 19.44
C PHE D 268 29.57 10.48 19.35
N PHE D 269 28.77 9.96 20.27
CA PHE D 269 27.33 10.23 20.22
C PHE D 269 27.04 11.65 20.63
N MET D 270 27.93 12.28 21.39
CA MET D 270 27.83 13.70 21.69
C MET D 270 28.24 14.58 20.53
N LEU D 271 28.82 14.01 19.48
CA LEU D 271 29.12 14.72 18.25
C LEU D 271 27.99 14.58 17.25
N PHE D 272 27.43 13.39 17.16
CA PHE D 272 26.45 13.09 16.13
C PHE D 272 25.16 13.84 16.37
N VAL D 273 24.71 13.89 17.63
CA VAL D 273 23.40 14.44 17.93
C VAL D 273 23.30 15.96 17.72
N PRO D 274 24.27 16.79 18.15
CA PRO D 274 24.10 18.22 17.85
C PRO D 274 24.30 18.55 16.39
N VAL D 275 25.20 17.85 15.70
CA VAL D 275 25.57 18.22 14.34
C VAL D 275 24.47 17.83 13.36
N THR D 276 23.87 16.65 13.55
CA THR D 276 22.81 16.19 12.66
C THR D 276 21.59 17.08 12.72
N GLY D 277 21.32 17.67 13.89
CA GLY D 277 20.22 18.63 13.98
C GLY D 277 20.49 19.91 13.23
N LEU D 278 21.75 20.20 12.93
CA LEU D 278 22.05 21.34 12.08
C LEU D 278 22.07 20.96 10.62
N TRP D 279 22.28 19.69 10.30
CA TRP D 279 22.23 19.30 8.90
C TRP D 279 20.79 19.03 8.45
N THR D 280 19.99 18.39 9.28
CA THR D 280 18.61 18.13 8.89
C THR D 280 17.80 19.41 8.85
N SER D 281 18.08 20.36 9.73
CA SER D 281 17.36 21.63 9.67
C SER D 281 17.87 22.51 8.53
N SER D 282 19.06 22.20 8.02
CA SER D 282 19.59 22.98 6.91
C SER D 282 19.01 22.52 5.58
N ILE D 283 18.53 21.28 5.53
CA ILE D 283 17.91 20.78 4.32
C ILE D 283 16.56 21.41 4.10
N GLY D 284 15.83 21.70 5.18
CA GLY D 284 14.49 22.24 5.04
C GLY D 284 14.48 23.70 4.63
N ILE D 285 15.47 24.45 5.10
CA ILE D 285 15.51 25.88 4.80
C ILE D 285 15.97 26.12 3.36
N VAL D 286 16.64 25.14 2.75
CA VAL D 286 16.84 25.17 1.31
C VAL D 286 15.54 24.90 0.59
N GLY D 287 14.67 24.08 1.17
CA GLY D 287 13.36 23.90 0.58
C GLY D 287 12.40 25.03 0.81
N LEU D 288 12.77 26.04 1.58
CA LEU D 288 11.94 27.23 1.69
C LEU D 288 12.46 28.38 0.87
N ALA D 289 13.66 28.27 0.33
CA ALA D 289 14.06 29.21 -0.70
C ALA D 289 13.20 29.04 -1.95
N LEU D 290 12.69 27.84 -2.18
CA LEU D 290 11.90 27.54 -3.35
C LEU D 290 10.42 27.61 -3.07
N ASN D 291 10.05 28.04 -1.87
CA ASN D 291 8.69 28.04 -1.36
C ASN D 291 8.04 26.66 -1.42
N LEU D 292 8.83 25.60 -1.25
CA LEU D 292 8.28 24.26 -1.06
C LEU D 292 8.10 24.01 0.44
N ARG D 293 7.06 24.64 0.97
CA ARG D 293 6.77 24.59 2.40
C ARG D 293 5.77 23.49 2.71
N ALA D 294 5.85 22.98 3.93
CA ALA D 294 4.80 22.11 4.46
C ALA D 294 3.73 22.99 5.09
N TYR D 295 2.85 23.50 4.25
CA TYR D 295 1.91 24.49 4.72
C TYR D 295 0.65 23.85 5.29
N ASP D 296 0.05 22.92 4.54
CA ASP D 296 -1.25 22.41 4.97
C ASP D 296 -1.31 20.89 4.85
N PHE D 297 -2.11 20.29 5.72
CA PHE D 297 -2.62 18.94 5.52
C PHE D 297 -3.95 19.07 4.81
N VAL D 298 -3.99 18.62 3.55
CA VAL D 298 -5.15 18.88 2.72
C VAL D 298 -6.35 18.08 3.20
N SER D 299 -6.12 16.92 3.82
CA SER D 299 -7.22 16.17 4.41
C SER D 299 -7.81 16.90 5.61
N GLN D 300 -7.00 17.70 6.30
CA GLN D 300 -7.54 18.57 7.34
C GLN D 300 -8.22 19.79 6.72
N GLU D 301 -7.76 20.23 5.56
CA GLU D 301 -8.30 21.46 4.99
C GLU D 301 -9.58 21.20 4.20
N LEU D 302 -9.65 20.06 3.51
CA LEU D 302 -10.86 19.74 2.78
C LEU D 302 -12.00 19.42 3.74
N ARG D 303 -11.67 18.88 4.91
CA ARG D 303 -12.70 18.54 5.87
C ARG D 303 -13.22 19.78 6.60
N ALA D 304 -12.32 20.71 6.93
CA ALA D 304 -12.75 21.91 7.64
C ALA D 304 -13.51 22.85 6.73
N ALA D 305 -13.37 22.70 5.42
CA ALA D 305 -14.16 23.49 4.50
C ALA D 305 -15.57 22.94 4.38
N GLU D 306 -15.71 21.62 4.36
CA GLU D 306 -17.02 21.01 4.17
C GLU D 306 -17.79 20.92 5.48
N ASP D 307 -17.08 20.78 6.59
CA ASP D 307 -17.71 20.68 7.90
C ASP D 307 -17.35 21.91 8.70
N PRO D 308 -18.25 22.89 8.82
CA PRO D 308 -17.91 24.10 9.59
C PRO D 308 -18.15 23.94 11.08
N GLU D 309 -17.76 22.79 11.62
CA GLU D 309 -17.70 22.54 13.05
C GLU D 309 -16.43 21.85 13.45
N PHE D 310 -15.67 21.30 12.51
CA PHE D 310 -14.49 20.51 12.81
C PHE D 310 -13.31 21.43 13.04
N GLU D 311 -12.81 21.45 14.26
CA GLU D 311 -11.70 22.30 14.64
C GLU D 311 -10.65 21.47 15.33
N THR D 312 -9.40 21.65 14.93
CA THR D 312 -8.27 21.06 15.61
C THR D 312 -7.40 22.19 16.13
N PHE D 313 -6.27 21.84 16.76
CA PHE D 313 -5.27 22.84 17.05
C PHE D 313 -4.57 23.28 15.78
N TYR D 314 -4.58 22.42 14.77
CA TYR D 314 -3.85 22.69 13.55
C TYR D 314 -4.52 23.79 12.73
N THR D 315 -5.84 23.79 12.68
CA THR D 315 -6.54 24.85 11.97
C THR D 315 -6.53 26.14 12.79
N LYS D 316 -6.24 26.04 14.08
CA LYS D 316 -6.10 27.24 14.90
C LYS D 316 -4.80 27.95 14.58
N ASN D 317 -3.81 27.24 14.06
CA ASN D 317 -2.55 27.87 13.75
C ASN D 317 -2.59 28.60 12.42
N HIS D 318 -3.54 28.24 11.54
CA HIS D 318 -3.65 28.95 10.28
C HIS D 318 -4.25 30.33 10.49
N LEU D 319 -5.21 30.44 11.41
CA LEU D 319 -5.77 31.75 11.69
C LEU D 319 -4.78 32.63 12.42
N LEU D 320 -3.83 32.03 13.15
CA LEU D 320 -2.75 32.83 13.70
C LEU D 320 -1.80 33.27 12.61
N ASP D 321 -1.73 32.53 11.51
CA ASP D 321 -0.84 32.92 10.42
C ASP D 321 -1.47 33.92 9.47
N GLU D 322 -2.80 33.99 9.41
CA GLU D 322 -3.42 35.09 8.67
C GLU D 322 -3.16 36.42 9.35
N GLY D 323 -3.06 36.41 10.68
CA GLY D 323 -2.70 37.62 11.38
C GLY D 323 -1.25 38.01 11.13
N ILE D 324 -0.38 37.03 10.97
CA ILE D 324 0.99 37.40 10.65
C ILE D 324 1.09 37.83 9.20
N ARG D 325 0.38 37.17 8.27
CA ARG D 325 0.49 37.55 6.87
C ARG D 325 -0.16 38.88 6.54
N ALA D 326 -1.12 39.36 7.33
CA ALA D 326 -1.81 40.58 6.97
C ALA D 326 -1.30 41.79 7.74
N TRP D 327 -1.01 41.62 9.02
CA TRP D 327 -0.77 42.79 9.86
C TRP D 327 0.65 43.30 9.71
N MET D 328 1.63 42.41 9.62
CA MET D 328 2.98 42.91 9.52
C MET D 328 3.39 43.23 8.10
N ALA D 329 2.73 42.62 7.09
CA ALA D 329 3.16 42.77 5.70
C ALA D 329 2.97 44.17 5.15
N ALA D 330 2.16 45.00 5.79
CA ALA D 330 2.09 46.40 5.39
C ALA D 330 3.38 47.13 5.71
N GLN D 331 3.92 46.93 6.91
CA GLN D 331 5.14 47.60 7.33
C GLN D 331 6.38 46.79 7.04
N ASP D 332 6.22 45.49 6.78
CA ASP D 332 7.33 44.61 6.42
C ASP D 332 7.95 45.01 5.10
N GLN D 333 7.12 45.24 4.10
CA GLN D 333 7.54 45.39 2.71
C GLN D 333 7.07 46.75 2.24
N PRO D 334 7.83 47.81 2.54
CA PRO D 334 7.42 49.14 2.07
C PRO D 334 7.67 49.34 0.59
N HIS D 335 8.47 48.49 -0.03
CA HIS D 335 8.72 48.61 -1.46
C HIS D 335 7.50 48.22 -2.27
N GLU D 336 6.68 47.32 -1.74
CA GLU D 336 5.58 46.80 -2.53
C GLU D 336 4.35 47.71 -2.41
N ASN D 337 4.36 48.60 -1.42
CA ASN D 337 3.30 49.56 -1.12
C ASN D 337 1.96 48.86 -0.92
N PHE D 338 1.89 48.02 0.11
CA PHE D 338 0.61 47.47 0.53
C PHE D 338 -0.14 48.55 1.28
N VAL D 339 -1.22 49.03 0.68
CA VAL D 339 -2.10 49.92 1.43
C VAL D 339 -3.35 49.12 1.76
N PHE D 340 -3.37 48.53 2.93
CA PHE D 340 -4.56 47.80 3.32
C PHE D 340 -5.59 48.76 3.90
N PRO D 341 -6.86 48.60 3.56
CA PRO D 341 -7.92 49.23 4.34
C PRO D 341 -8.00 48.60 5.73
N GLU D 342 -8.72 49.30 6.61
CA GLU D 342 -8.97 48.76 7.94
C GLU D 342 -9.92 47.58 7.88
N GLU D 343 -10.74 47.51 6.84
CA GLU D 343 -11.81 46.54 6.76
C GLU D 343 -11.42 45.24 6.08
N VAL D 344 -10.19 45.10 5.62
CA VAL D 344 -9.74 43.81 5.12
C VAL D 344 -8.87 43.07 6.12
N LEU D 345 -8.33 43.76 7.11
CA LEU D 345 -7.44 43.14 8.06
C LEU D 345 -8.24 42.22 8.96
N PRO D 346 -7.91 40.93 9.03
CA PRO D 346 -8.68 39.99 9.85
C PRO D 346 -8.47 40.28 11.33
N ARG D 347 -9.53 40.78 11.96
CA ARG D 347 -9.59 40.92 13.40
C ARG D 347 -10.47 39.81 13.94
N GLY D 348 -10.29 39.50 15.21
CA GLY D 348 -11.21 38.66 15.93
C GLY D 348 -12.37 39.47 16.47
N ASN D 349 -13.17 38.81 17.30
CA ASN D 349 -14.27 39.48 17.97
C ASN D 349 -13.69 40.37 19.07
N ALA D 350 -13.95 41.67 18.97
CA ALA D 350 -13.72 42.64 20.04
C ALA D 350 -12.25 42.76 20.43
N LEU D 351 -11.37 42.51 19.47
CA LEU D 351 -9.95 42.75 19.68
C LEU D 351 -9.43 43.67 18.59
N ARG E 9 56.88 37.18 26.84
CA ARG E 9 56.59 37.82 28.12
C ARG E 9 55.18 37.46 28.56
N PRO E 10 55.00 37.14 29.85
CA PRO E 10 53.66 36.82 30.34
C PRO E 10 52.78 38.06 30.36
N PHE E 11 51.48 37.86 30.18
CA PHE E 11 50.56 38.96 30.01
C PHE E 11 50.31 39.71 31.31
N SER E 12 50.27 38.99 32.42
CA SER E 12 49.99 39.63 33.70
C SER E 12 51.20 40.38 34.21
N ASP E 13 52.38 40.07 33.69
CA ASP E 13 53.57 40.84 34.08
C ASP E 13 53.63 42.16 33.34
N ILE E 14 52.87 42.28 32.25
CA ILE E 14 52.89 43.52 31.48
C ILE E 14 52.05 44.58 32.16
N ILE E 15 50.80 44.26 32.49
CA ILE E 15 49.85 45.28 32.90
C ILE E 15 50.10 45.72 34.34
N THR E 16 50.87 44.94 35.10
CA THR E 16 51.22 45.35 36.45
C THR E 16 52.47 46.22 36.45
N SER E 17 53.17 46.28 35.33
CA SER E 17 54.38 47.10 35.25
C SER E 17 54.00 48.57 35.11
N VAL E 18 54.88 49.43 35.60
CA VAL E 18 54.60 50.87 35.58
C VAL E 18 54.78 51.42 34.18
N ARG E 19 55.83 50.95 33.47
CA ARG E 19 56.16 51.44 32.12
C ARG E 19 55.02 51.21 31.14
N TYR E 20 54.24 50.16 31.37
CA TYR E 20 53.00 49.98 30.63
C TYR E 20 52.04 51.13 30.86
N TRP E 21 51.78 51.47 32.12
CA TRP E 21 50.83 52.53 32.41
C TRP E 21 51.40 53.91 32.18
N ILE E 22 52.70 54.05 31.93
CA ILE E 22 53.22 55.33 31.49
C ILE E 22 52.78 55.62 30.08
N ILE E 23 52.88 54.63 29.19
CA ILE E 23 52.53 54.83 27.79
C ILE E 23 51.03 54.96 27.64
N HIS E 24 50.29 54.03 28.20
CA HIS E 24 48.85 53.98 27.97
C HIS E 24 48.06 54.92 28.86
N SER E 25 48.70 55.81 29.60
CA SER E 25 47.95 56.87 30.27
C SER E 25 47.79 58.07 29.37
N ILE E 26 48.55 58.12 28.28
CA ILE E 26 48.39 59.19 27.31
C ILE E 26 47.54 58.70 26.14
N THR E 27 47.77 57.47 25.70
CA THR E 27 47.16 56.99 24.47
C THR E 27 45.68 56.73 24.62
N ILE E 28 45.25 56.21 25.79
CA ILE E 28 43.83 55.94 26.00
C ILE E 28 42.97 57.21 26.05
N PRO E 29 43.33 58.27 26.81
CA PRO E 29 42.49 59.48 26.71
C PRO E 29 42.64 60.21 25.40
N SER E 30 43.78 60.08 24.72
CA SER E 30 43.90 60.74 23.43
C SER E 30 43.13 60.02 22.34
N LEU E 31 42.70 58.79 22.59
CA LEU E 31 41.94 58.00 21.63
C LEU E 31 40.48 57.90 21.99
N PHE E 32 40.15 58.02 23.27
CA PHE E 32 38.75 58.04 23.69
C PHE E 32 38.11 59.39 23.39
N VAL E 33 38.85 60.47 23.57
CA VAL E 33 38.34 61.80 23.23
C VAL E 33 38.23 61.96 21.73
N SER E 34 39.11 61.33 20.97
CA SER E 34 38.98 61.37 19.51
C SER E 34 37.75 60.59 19.05
N GLY E 35 37.31 59.59 19.83
CA GLY E 35 36.03 58.97 19.55
C GLY E 35 34.86 59.80 20.00
N TRP E 36 35.06 60.68 20.98
CA TRP E 36 34.05 61.65 21.36
C TRP E 36 33.90 62.71 20.30
N LEU E 37 35.02 63.28 19.86
CA LEU E 37 35.01 64.37 18.88
C LEU E 37 34.57 63.90 17.51
N PHE E 38 34.67 62.60 17.25
CA PHE E 38 34.16 62.04 16.01
C PHE E 38 32.64 62.12 15.93
N ILE E 39 31.96 62.25 17.06
CA ILE E 39 30.52 62.32 17.10
C ILE E 39 30.04 63.74 17.33
N SER E 40 30.63 64.43 18.31
CA SER E 40 30.13 65.74 18.72
C SER E 40 30.39 66.81 17.68
N THR E 41 31.37 66.64 16.81
CA THR E 41 31.60 67.55 15.72
C THR E 41 30.77 67.22 14.50
N GLY E 42 29.84 66.29 14.61
CA GLY E 42 28.92 66.00 13.53
C GLY E 42 29.56 65.33 12.34
N LEU E 43 30.67 64.65 12.55
CA LEU E 43 31.42 64.08 11.44
C LEU E 43 30.86 62.72 11.03
N ALA E 44 30.32 61.97 11.99
CA ALA E 44 29.83 60.62 11.72
C ALA E 44 28.55 60.61 10.91
N TYR E 45 27.81 61.70 10.89
CA TYR E 45 26.61 61.76 10.08
C TYR E 45 26.92 61.93 8.60
N ASP E 46 28.13 62.39 8.28
CA ASP E 46 28.47 62.69 6.90
C ASP E 46 29.29 61.59 6.25
N VAL E 47 30.09 60.86 7.02
CA VAL E 47 30.82 59.72 6.46
C VAL E 47 29.86 58.61 6.10
N PHE E 48 28.99 58.25 7.04
CA PHE E 48 28.12 57.10 6.86
C PHE E 48 26.74 57.48 6.34
N GLY E 49 26.44 58.77 6.22
CA GLY E 49 25.17 59.18 5.66
C GLY E 49 23.97 58.93 6.55
N THR E 50 24.19 58.79 7.84
CA THR E 50 23.11 58.54 8.78
C THR E 50 22.34 59.84 9.00
N PRO E 51 21.00 59.81 9.00
CA PRO E 51 20.25 61.04 9.23
C PRO E 51 20.37 61.53 10.65
N ARG E 52 20.56 62.83 10.78
CA ARG E 52 20.41 63.54 12.04
C ARG E 52 18.96 63.50 12.49
N PRO E 53 18.66 63.79 13.76
CA PRO E 53 17.26 63.89 14.18
C PRO E 53 16.48 65.00 13.50
N ASN E 54 17.14 65.99 12.93
CA ASN E 54 16.43 67.04 12.20
C ASN E 54 15.90 66.53 10.86
N GLU E 55 16.57 65.55 10.27
CA GLU E 55 16.45 65.28 8.84
C GLU E 55 16.01 63.86 8.52
N TYR E 56 15.14 63.26 9.34
CA TYR E 56 14.47 62.06 8.89
C TYR E 56 13.45 62.41 7.83
N PHE E 57 12.58 63.35 8.14
CA PHE E 57 11.65 63.90 7.18
C PHE E 57 12.10 65.31 6.81
N THR E 58 11.63 65.76 5.65
CA THR E 58 11.89 67.11 5.20
C THR E 58 10.56 67.85 5.08
N GLN E 59 10.64 69.09 4.61
CA GLN E 59 9.42 69.87 4.37
C GLN E 59 8.67 69.32 3.16
N ASP E 60 9.39 68.98 2.10
CA ASP E 60 8.75 68.43 0.91
C ASP E 60 8.42 66.95 1.12
N ARG E 61 9.44 66.14 1.34
CA ARG E 61 9.27 64.69 1.43
C ARG E 61 8.78 64.36 2.83
N GLN E 62 7.53 63.93 2.92
CA GLN E 62 6.89 63.58 4.18
C GLN E 62 6.66 62.09 4.32
N GLN E 63 7.08 61.29 3.36
CA GLN E 63 6.91 59.86 3.42
C GLN E 63 8.23 59.21 3.78
N VAL E 64 8.26 57.88 3.73
CA VAL E 64 9.47 57.12 4.01
C VAL E 64 10.26 56.98 2.73
N PRO E 65 11.52 57.39 2.69
CA PRO E 65 12.27 57.33 1.43
C PRO E 65 12.70 55.92 1.12
N LEU E 66 12.49 55.49 -0.11
CA LEU E 66 12.99 54.20 -0.54
C LEU E 66 13.68 54.30 -1.88
N VAL E 67 14.62 53.39 -2.08
CA VAL E 67 15.30 53.23 -3.35
C VAL E 67 14.45 52.33 -4.22
N ASN E 68 14.22 52.75 -5.46
CA ASN E 68 13.31 52.02 -6.34
C ASN E 68 13.94 51.76 -7.70
N ASP E 69 15.26 51.67 -7.78
CA ASP E 69 15.91 51.39 -9.05
C ASP E 69 17.18 50.59 -8.80
N ARG E 70 17.48 49.68 -9.73
CA ARG E 70 18.69 48.88 -9.63
C ARG E 70 19.94 49.71 -9.87
N PHE E 71 20.01 50.42 -11.00
CA PHE E 71 21.26 51.01 -11.43
C PHE E 71 21.40 52.50 -11.18
N SER E 72 20.30 53.25 -11.15
CA SER E 72 20.37 54.66 -10.81
C SER E 72 20.10 54.89 -9.33
N ALA E 73 20.45 53.90 -8.50
CA ALA E 73 20.21 53.99 -7.07
C ALA E 73 21.12 55.03 -6.42
N LYS E 74 22.29 55.25 -7.00
CA LYS E 74 23.14 56.34 -6.52
C LYS E 74 22.53 57.69 -6.85
N GLN E 75 21.92 57.81 -8.02
CA GLN E 75 21.32 59.08 -8.42
C GLN E 75 20.04 59.35 -7.64
N GLU E 76 19.30 58.30 -7.29
CA GLU E 76 18.08 58.49 -6.51
C GLU E 76 18.38 58.88 -5.07
N LEU E 77 19.50 58.41 -4.53
CA LEU E 77 19.87 58.83 -3.19
C LEU E 77 20.52 60.21 -3.20
N GLU E 78 20.95 60.67 -4.37
CA GLU E 78 21.32 62.08 -4.49
C GLU E 78 20.09 62.96 -4.46
N ASP E 79 18.94 62.42 -4.85
CA ASP E 79 17.69 63.17 -4.80
C ASP E 79 17.19 63.26 -3.36
N LEU E 80 17.11 62.13 -2.67
CA LEU E 80 16.45 62.05 -1.38
C LEU E 80 17.29 62.60 -0.22
N THR E 81 18.51 63.03 -0.47
CA THR E 81 19.35 63.56 0.61
C THR E 81 19.74 65.01 0.43
N LYS E 82 19.22 65.70 -0.59
CA LYS E 82 19.53 67.12 -0.71
C LYS E 82 18.61 67.96 0.17
N GLY E 83 17.30 67.77 0.06
CA GLY E 83 16.33 68.61 0.76
C GLY E 83 16.34 68.47 2.27
N PHE F 16 55.91 40.51 16.02
CA PHE F 16 55.59 40.98 17.36
C PHE F 16 54.08 41.19 17.51
N ARG F 17 53.59 40.88 18.71
CA ARG F 17 52.16 40.77 19.03
C ARG F 17 51.50 42.12 19.32
N TRP F 18 52.23 43.22 19.17
CA TRP F 18 51.64 44.55 19.30
C TRP F 18 50.73 44.86 18.13
N LEU F 19 50.88 44.13 17.02
CA LEU F 19 49.97 44.30 15.90
C LEU F 19 48.75 43.40 16.03
N ALA F 20 48.79 42.45 16.97
CA ALA F 20 47.72 41.48 17.06
C ALA F 20 46.62 41.97 17.99
N ILE F 21 46.99 42.62 19.08
CA ILE F 21 46.02 43.08 20.08
C ILE F 21 45.45 44.41 19.64
N HIS F 22 46.34 45.31 19.24
CA HIS F 22 45.99 46.70 18.95
C HIS F 22 45.28 46.86 17.63
N GLY F 23 45.15 45.79 16.85
CA GLY F 23 44.18 45.80 15.77
C GLY F 23 42.77 45.58 16.25
N LEU F 24 42.62 45.10 17.48
CA LEU F 24 41.32 44.86 18.08
C LEU F 24 40.99 45.84 19.19
N ALA F 25 41.99 46.41 19.87
CA ALA F 25 41.77 47.28 21.01
C ALA F 25 41.74 48.75 20.65
N ILE F 26 42.57 49.20 19.72
CA ILE F 26 42.55 50.58 19.25
C ILE F 26 41.21 50.91 18.58
N PRO F 27 40.58 50.05 17.76
CA PRO F 27 39.19 50.33 17.39
C PRO F 27 38.21 50.35 18.55
N THR F 28 38.33 49.42 19.50
CA THR F 28 37.30 49.23 20.53
C THR F 28 37.17 50.44 21.44
N VAL F 29 38.30 51.06 21.80
CA VAL F 29 38.24 52.28 22.60
C VAL F 29 37.74 53.44 21.76
N PHE F 30 37.97 53.41 20.45
CA PHE F 30 37.50 54.50 19.60
C PHE F 30 36.00 54.46 19.44
N PHE F 31 35.41 53.26 19.33
CA PHE F 31 33.96 53.19 19.21
C PHE F 31 33.29 53.49 20.55
N LEU F 32 33.90 53.08 21.67
CA LEU F 32 33.33 53.42 22.97
C LEU F 32 33.43 54.90 23.27
N GLY F 33 34.36 55.60 22.63
CA GLY F 33 34.33 57.05 22.68
C GLY F 33 33.13 57.62 21.95
N GLY F 34 32.58 56.87 21.01
CA GLY F 34 31.39 57.33 20.32
C GLY F 34 30.11 56.88 20.96
N ILE F 35 30.13 55.73 21.64
CA ILE F 35 28.90 55.24 22.26
C ILE F 35 28.60 56.01 23.55
N THR F 36 29.62 56.49 24.25
CA THR F 36 29.35 57.42 25.35
C THR F 36 28.90 58.80 24.88
N ALA F 37 29.27 59.20 23.67
CA ALA F 37 28.80 60.49 23.19
C ALA F 37 27.37 60.45 22.72
N MET F 38 26.89 59.27 22.32
CA MET F 38 25.53 59.15 21.83
C MET F 38 24.52 59.05 22.95
N GLN F 39 24.96 58.89 24.19
CA GLN F 39 24.02 58.90 25.30
C GLN F 39 23.55 60.32 25.58
N PHE F 40 24.37 61.29 25.22
CA PHE F 40 24.08 62.67 25.58
C PHE F 40 23.52 63.45 24.40
N ILE F 41 23.38 62.78 23.26
CA ILE F 41 22.72 63.40 22.12
C ILE F 41 21.22 63.21 22.27
N GLN F 42 20.48 64.31 22.16
CA GLN F 42 19.02 64.25 22.11
C GLN F 42 18.58 65.02 20.89
N ARG F 43 17.29 64.84 20.54
CA ARG F 43 16.59 65.37 19.36
C ARG F 43 17.07 66.65 18.67
N ALA G 2 46.25 -11.69 -12.23
CA ALA G 2 47.24 -12.37 -13.04
C ALA G 2 46.58 -13.32 -14.03
N LEU G 3 45.79 -12.75 -14.93
CA LEU G 3 45.16 -13.48 -16.03
C LEU G 3 45.30 -12.64 -17.29
N ARG G 4 46.16 -13.09 -18.21
CA ARG G 4 46.38 -12.34 -19.43
C ARG G 4 45.18 -12.48 -20.35
N THR G 5 44.58 -11.35 -20.71
CA THR G 5 43.54 -11.32 -21.72
C THR G 5 44.03 -10.48 -22.89
N ARG G 6 43.35 -10.63 -24.02
CA ARG G 6 43.80 -9.95 -25.23
C ARG G 6 43.54 -8.45 -25.14
N LEU G 7 42.46 -8.05 -24.47
CA LEU G 7 42.26 -6.63 -24.24
C LEU G 7 43.18 -6.14 -23.12
N GLY G 8 43.59 -7.04 -22.23
CA GLY G 8 44.51 -6.64 -21.18
C GLY G 8 45.91 -6.38 -21.71
N GLU G 9 46.28 -7.02 -22.82
CA GLU G 9 47.61 -6.83 -23.38
C GLU G 9 47.74 -5.49 -24.06
N ILE G 10 46.64 -4.95 -24.59
CA ILE G 10 46.70 -3.68 -25.29
C ILE G 10 46.86 -2.54 -24.30
N LEU G 11 46.04 -2.54 -23.24
CA LEU G 11 46.01 -1.45 -22.29
C LEU G 11 47.12 -1.51 -21.27
N ARG G 12 47.91 -2.57 -21.27
CA ARG G 12 48.96 -2.79 -20.28
C ARG G 12 50.03 -1.68 -20.21
N PRO G 13 50.51 -1.06 -21.31
CA PRO G 13 51.45 0.04 -21.12
C PRO G 13 50.85 1.30 -20.53
N LEU G 14 49.53 1.40 -20.48
CA LEU G 14 48.91 2.57 -19.85
C LEU G 14 48.94 2.45 -18.34
N ASN G 15 48.96 1.24 -17.82
CA ASN G 15 49.01 1.02 -16.39
C ASN G 15 50.39 0.61 -15.92
N ALA G 16 51.35 0.41 -16.84
CA ALA G 16 52.64 -0.15 -16.48
C ALA G 16 53.46 0.83 -15.66
N GLU G 17 53.25 2.11 -15.88
CA GLU G 17 53.84 3.14 -15.04
C GLU G 17 52.98 3.28 -13.80
N TYR G 18 53.61 3.42 -12.64
CA TYR G 18 52.87 3.69 -11.40
C TYR G 18 53.81 4.40 -10.42
N GLY G 19 53.55 5.67 -10.19
CA GLY G 19 54.29 6.39 -9.18
C GLY G 19 55.58 7.03 -9.64
N LYS G 20 55.85 7.06 -10.94
CA LYS G 20 56.94 7.89 -11.42
C LYS G 20 56.54 9.36 -11.30
N VAL G 21 57.44 10.17 -10.77
CA VAL G 21 57.17 11.58 -10.57
C VAL G 21 58.22 12.39 -11.29
N ALA G 22 57.88 13.64 -11.58
CA ALA G 22 58.85 14.60 -12.07
C ALA G 22 59.58 15.16 -10.86
N PRO G 23 60.90 15.08 -10.79
CA PRO G 23 61.59 15.49 -9.56
C PRO G 23 61.62 17.00 -9.41
N GLY G 24 61.27 17.47 -8.22
CA GLY G 24 61.29 18.89 -7.94
C GLY G 24 59.91 19.50 -7.90
N TRP G 25 59.88 20.80 -8.20
CA TRP G 25 58.61 21.51 -8.21
C TRP G 25 57.88 21.31 -9.53
N GLY G 26 58.63 21.11 -10.61
CA GLY G 26 58.03 20.69 -11.87
C GLY G 26 57.21 21.79 -12.51
N THR G 27 56.04 21.40 -13.02
CA THR G 27 55.12 22.32 -13.68
C THR G 27 54.08 22.87 -12.73
N THR G 28 54.44 23.03 -11.46
CA THR G 28 53.50 23.64 -10.51
C THR G 28 53.31 25.14 -10.73
N PRO G 29 54.34 25.97 -11.00
CA PRO G 29 54.03 27.37 -11.30
C PRO G 29 53.29 27.59 -12.61
N ILE G 30 53.32 26.64 -13.53
CA ILE G 30 52.51 26.77 -14.73
C ILE G 30 51.05 26.53 -14.38
N MET G 31 50.78 25.63 -13.43
CA MET G 31 49.42 25.32 -13.04
C MET G 31 48.75 26.48 -12.32
N GLY G 32 49.48 27.15 -11.43
CA GLY G 32 48.89 28.23 -10.66
C GLY G 32 48.50 29.43 -11.51
N ILE G 33 49.25 29.66 -12.58
CA ILE G 33 48.88 30.74 -13.49
C ILE G 33 47.59 30.37 -14.23
N VAL G 34 47.36 29.08 -14.45
CA VAL G 34 46.08 28.65 -15.01
C VAL G 34 44.98 28.76 -13.97
N MET G 35 45.29 28.46 -12.70
CA MET G 35 44.27 28.51 -11.65
C MET G 35 43.93 29.93 -11.27
N LEU G 36 44.93 30.82 -11.27
CA LEU G 36 44.64 32.25 -11.12
C LEU G 36 43.80 32.75 -12.28
N ALA G 37 44.01 32.21 -13.48
CA ALA G 37 43.23 32.66 -14.63
C ALA G 37 41.81 32.14 -14.55
N PHE G 38 41.64 30.90 -14.10
CA PHE G 38 40.30 30.32 -14.05
C PHE G 38 39.51 30.89 -12.89
N LEU G 39 40.19 31.45 -11.90
CA LEU G 39 39.49 32.16 -10.84
C LEU G 39 38.92 33.47 -11.36
N ILE G 40 39.68 34.16 -12.22
CA ILE G 40 39.20 35.42 -12.78
C ILE G 40 38.07 35.16 -13.76
N PHE G 41 38.11 34.02 -14.45
CA PHE G 41 37.06 33.69 -15.40
C PHE G 41 35.72 33.46 -14.73
N LEU G 42 35.73 32.83 -13.55
CA LEU G 42 34.48 32.54 -12.87
C LEU G 42 33.90 33.80 -12.23
N VAL G 43 34.76 34.72 -11.83
CA VAL G 43 34.30 35.99 -11.28
C VAL G 43 33.60 36.82 -12.36
N ILE G 44 34.13 36.78 -13.58
CA ILE G 44 33.61 37.61 -14.65
C ILE G 44 32.25 37.11 -15.13
N ILE G 45 32.09 35.80 -15.33
CA ILE G 45 30.84 35.31 -15.89
C ILE G 45 29.75 35.28 -14.83
N LEU G 46 30.11 35.34 -13.56
CA LEU G 46 29.10 35.51 -12.53
C LEU G 46 28.60 36.95 -12.50
N GLN G 47 29.49 37.91 -12.72
CA GLN G 47 29.09 39.30 -12.62
C GLN G 47 28.38 39.76 -13.87
N ILE G 48 28.61 39.09 -15.00
CA ILE G 48 27.77 39.31 -16.18
C ILE G 48 26.35 38.86 -15.89
N TYR G 49 26.22 37.70 -15.27
CA TYR G 49 24.92 37.10 -14.98
C TYR G 49 24.17 37.86 -13.92
N ASN G 50 24.89 38.46 -12.99
CA ASN G 50 24.32 39.18 -11.86
C ASN G 50 23.92 40.60 -12.23
N SER G 51 24.19 41.02 -13.46
CA SER G 51 24.11 42.39 -13.93
C SER G 51 24.93 43.34 -13.05
N SER G 52 26.04 42.87 -12.51
CA SER G 52 26.97 43.74 -11.81
C SER G 52 28.22 43.99 -12.63
N LEU G 53 28.22 43.58 -13.88
CA LEU G 53 29.28 43.90 -14.83
C LEU G 53 28.61 44.05 -16.18
N ILE G 54 28.42 45.28 -16.63
CA ILE G 54 27.64 45.56 -17.82
C ILE G 54 28.57 45.63 -19.02
N ILE G 55 28.31 44.79 -20.01
CA ILE G 55 29.04 44.79 -21.26
C ILE G 55 28.12 45.35 -22.33
N GLU G 56 28.65 46.21 -23.18
CA GLU G 56 27.85 46.81 -24.24
C GLU G 56 27.41 45.75 -25.24
N ASN G 57 26.12 45.82 -25.60
CA ASN G 57 25.43 44.88 -26.49
C ASN G 57 25.44 43.45 -25.92
N VAL G 58 25.41 43.35 -24.60
CA VAL G 58 25.14 42.10 -23.90
C VAL G 58 24.08 42.39 -22.85
N ASP G 59 22.86 41.89 -23.07
CA ASP G 59 21.75 42.12 -22.15
C ASP G 59 21.29 40.77 -21.61
N VAL G 60 21.30 40.63 -20.29
CA VAL G 60 20.88 39.40 -19.65
C VAL G 60 19.37 39.47 -19.50
N ASP G 61 18.66 38.93 -20.49
CA ASP G 61 17.22 38.87 -20.49
C ASP G 61 16.84 37.78 -21.47
N TRP G 62 15.60 37.33 -21.39
CA TRP G 62 15.10 36.33 -22.33
C TRP G 62 15.08 36.90 -23.74
N ALA G 63 15.94 36.37 -24.59
CA ALA G 63 16.14 36.90 -25.93
C ALA G 63 15.42 36.04 -26.95
N ASN G 64 15.10 36.65 -28.09
CA ASN G 64 14.43 35.98 -29.18
C ASN G 64 15.40 35.03 -29.87
N GLY G 65 15.44 33.78 -29.42
CA GLY G 65 16.05 32.75 -30.21
C GLY G 65 15.27 32.52 -31.48
N ILE G 66 15.98 32.16 -32.54
CA ILE G 66 15.39 32.13 -33.88
C ILE G 66 14.37 31.00 -33.96
N VAL G 67 13.17 31.31 -34.41
CA VAL G 67 12.19 30.27 -34.64
C VAL G 67 11.82 30.24 -36.12
N MET H 1 -17.40 8.82 40.94
CA MET H 1 -18.72 9.23 41.37
C MET H 1 -19.08 8.54 42.67
N LEU H 2 -18.27 8.83 43.70
CA LEU H 2 -18.43 8.46 45.11
C LEU H 2 -18.26 6.97 45.40
N THR H 3 -18.15 6.14 44.39
CA THR H 3 -17.62 4.79 44.54
C THR H 3 -16.21 4.71 44.01
N LEU H 4 -15.93 5.39 42.89
CA LEU H 4 -14.57 5.61 42.42
C LEU H 4 -13.77 6.43 43.40
N LYS H 5 -14.41 7.40 44.07
CA LYS H 5 -13.69 8.31 44.95
C LYS H 5 -13.11 7.58 46.14
N ILE H 6 -13.87 6.63 46.70
CA ILE H 6 -13.39 5.78 47.78
C ILE H 6 -12.17 4.99 47.34
N LEU H 7 -12.16 4.57 46.07
CA LEU H 7 -11.07 3.72 45.58
C LEU H 7 -9.78 4.50 45.43
N VAL H 8 -9.88 5.81 45.24
CA VAL H 8 -8.67 6.60 45.01
C VAL H 8 -7.97 6.90 46.32
N TYR H 9 -8.73 7.27 47.35
CA TYR H 9 -8.13 7.59 48.65
C TYR H 9 -7.53 6.36 49.31
N THR H 10 -8.01 5.15 48.97
CA THR H 10 -7.29 3.95 49.34
C THR H 10 -5.93 3.92 48.68
N THR H 11 -5.91 4.10 47.36
CA THR H 11 -4.68 3.92 46.60
C THR H 11 -3.68 5.03 46.86
N VAL H 12 -4.14 6.25 47.12
CA VAL H 12 -3.22 7.34 47.41
C VAL H 12 -2.53 7.12 48.74
N ILE H 13 -3.29 7.00 49.83
CA ILE H 13 -2.69 6.87 51.15
C ILE H 13 -2.22 5.44 51.42
N PHE H 14 -2.38 4.52 50.48
CA PHE H 14 -1.54 3.34 50.55
C PHE H 14 -0.11 3.70 50.19
N PHE H 15 0.10 4.31 49.02
CA PHE H 15 1.47 4.56 48.59
C PHE H 15 2.10 5.74 49.29
N VAL H 16 1.30 6.71 49.73
CA VAL H 16 1.85 7.81 50.50
C VAL H 16 2.34 7.31 51.85
N SER H 17 1.64 6.36 52.44
CA SER H 17 2.09 5.80 53.70
C SER H 17 3.30 4.92 53.53
N LEU H 18 3.48 4.28 52.38
CA LEU H 18 4.72 3.58 52.11
C LEU H 18 5.88 4.55 51.94
N PHE H 19 5.58 5.74 51.47
CA PHE H 19 6.60 6.76 51.33
C PHE H 19 6.98 7.35 52.68
N ILE H 20 5.97 7.66 53.49
CA ILE H 20 6.19 8.28 54.79
C ILE H 20 6.89 7.32 55.73
N PHE H 21 6.41 6.10 55.82
CA PHE H 21 7.06 5.11 56.66
C PHE H 21 8.21 4.41 55.96
N GLY H 22 8.60 4.87 54.78
CA GLY H 22 9.81 4.34 54.21
C GLY H 22 11.02 5.06 54.74
N PHE H 23 10.94 6.38 54.80
CA PHE H 23 12.07 7.16 55.29
C PHE H 23 12.13 7.21 56.80
N LEU H 24 11.06 6.85 57.49
CA LEU H 24 11.16 6.65 58.92
C LEU H 24 11.79 5.31 59.26
N SER H 25 11.99 4.44 58.28
CA SER H 25 12.57 3.13 58.50
C SER H 25 14.08 3.13 58.51
N SER H 26 14.68 4.03 59.30
CA SER H 26 16.14 4.16 59.47
C SER H 26 16.84 4.31 58.14
N ASP H 27 16.28 5.15 57.30
CA ASP H 27 16.72 5.28 55.91
C ASP H 27 18.10 5.90 55.71
N PRO H 28 18.62 6.83 56.53
CA PRO H 28 20.02 7.20 56.36
C PRO H 28 21.01 6.07 56.56
N SER H 29 20.67 5.05 57.34
CA SER H 29 21.64 3.99 57.59
C SER H 29 21.76 3.00 56.44
N ARG H 30 20.98 3.16 55.38
CA ARG H 30 21.00 2.22 54.26
C ARG H 30 21.92 2.74 53.16
N ASN H 31 23.21 2.64 53.41
CA ASN H 31 24.22 3.15 52.50
C ASN H 31 25.25 2.05 52.27
N PRO H 32 26.10 2.13 51.25
CA PRO H 32 27.15 1.12 51.10
C PRO H 32 28.37 1.32 51.98
N ASN H 33 28.34 2.31 52.88
CA ASN H 33 29.48 2.52 53.76
C ASN H 33 29.52 1.46 54.85
N ARG H 34 28.47 1.42 55.67
CA ARG H 34 28.38 0.47 56.77
C ARG H 34 26.90 0.20 57.00
N LYS H 35 26.56 -1.09 57.11
CA LYS H 35 25.19 -1.57 57.37
C LYS H 35 24.18 -1.08 56.33
N ARG I 6 56.03 48.24 39.93
CA ARG I 6 55.15 47.13 40.29
C ARG I 6 53.86 47.62 40.91
N ILE I 7 52.74 47.15 40.37
CA ILE I 7 51.41 47.48 40.90
C ILE I 7 50.73 46.17 41.27
N PRO I 8 50.07 46.08 42.44
CA PRO I 8 49.28 44.89 42.75
C PRO I 8 48.15 44.70 41.76
N LEU I 9 47.96 43.44 41.37
CA LEU I 9 47.03 43.12 40.28
C LEU I 9 45.58 43.39 40.66
N TRP I 10 45.26 43.26 41.95
CA TRP I 10 43.88 43.47 42.38
C TRP I 10 43.52 44.95 42.36
N LEU I 11 44.51 45.83 42.46
CA LEU I 11 44.24 47.26 42.26
C LEU I 11 43.91 47.54 40.81
N VAL I 12 44.51 46.78 39.88
CA VAL I 12 44.26 46.99 38.46
C VAL I 12 42.86 46.52 38.10
N GLY I 13 42.45 45.38 38.64
CA GLY I 13 41.11 44.89 38.37
C GLY I 13 40.04 45.68 39.09
N LEU I 14 40.42 46.38 40.15
CA LEU I 14 39.47 47.24 40.86
C LEU I 14 39.18 48.49 40.06
N VAL I 15 40.22 49.17 39.58
CA VAL I 15 40.04 50.45 38.91
C VAL I 15 39.41 50.24 37.54
N GLY I 16 39.85 49.21 36.82
CA GLY I 16 39.21 48.89 35.56
C GLY I 16 37.83 48.30 35.74
N GLY I 17 37.59 47.63 36.87
CA GLY I 17 36.29 47.01 37.10
C GLY I 17 35.22 48.03 37.42
N LEU I 18 35.56 49.08 38.17
CA LEU I 18 34.60 50.15 38.40
C LEU I 18 34.54 51.08 37.20
N ALA I 19 35.56 51.07 36.34
CA ALA I 19 35.48 51.82 35.10
C ALA I 19 34.44 51.24 34.16
N VAL I 20 34.28 49.91 34.15
CA VAL I 20 33.24 49.28 33.34
C VAL I 20 31.86 49.62 33.87
N ILE I 21 31.72 49.71 35.19
CA ILE I 21 30.43 50.07 35.79
C ILE I 21 30.06 51.50 35.44
N THR I 22 31.06 52.39 35.37
CA THR I 22 30.80 53.73 34.86
C THR I 22 30.50 53.73 33.38
N MET I 23 30.88 52.69 32.64
CA MET I 23 30.51 52.60 31.23
C MET I 23 29.15 51.96 31.05
N LEU I 24 28.86 50.89 31.81
CA LEU I 24 27.60 50.18 31.64
C LEU I 24 26.43 51.01 32.14
N SER I 25 26.53 51.54 33.37
CA SER I 25 25.47 52.36 33.91
C SER I 25 25.30 53.66 33.16
N LEU I 26 26.30 54.09 32.42
CA LEU I 26 26.12 55.19 31.51
C LEU I 26 25.24 54.79 30.33
N PHE I 27 25.31 53.53 29.91
CA PHE I 27 24.48 53.08 28.79
C PHE I 27 23.04 52.86 29.21
N PHE I 28 22.83 52.43 30.46
CA PHE I 28 21.47 52.29 30.97
C PHE I 28 20.90 53.65 31.35
N TYR I 29 21.75 54.65 31.49
CA TYR I 29 21.27 56.01 31.67
C TYR I 29 20.60 56.50 30.41
N GLY I 30 21.26 56.35 29.27
CA GLY I 30 20.74 56.91 28.04
C GLY I 30 19.64 56.10 27.41
N SER I 31 19.20 55.04 28.09
CA SER I 31 17.96 54.40 27.71
C SER I 31 16.78 55.21 28.20
N TYR I 32 16.98 56.04 29.21
CA TYR I 32 15.93 56.87 29.78
C TYR I 32 16.11 58.34 29.48
N SER I 33 17.04 58.70 28.61
CA SER I 33 17.26 60.08 28.26
C SER I 33 17.91 60.14 26.90
N GLY I 34 17.72 61.26 26.22
CA GLY I 34 18.36 61.43 24.93
C GLY I 34 17.60 60.68 23.85
N LEU I 35 18.34 60.13 22.90
CA LEU I 35 17.71 59.42 21.80
C LEU I 35 17.30 58.03 22.22
N GLY I 36 16.22 57.53 21.62
CA GLY I 36 15.74 56.20 21.93
C GLY I 36 15.11 56.07 23.29
N SER I 37 14.65 57.17 23.86
CA SER I 37 14.07 57.18 25.20
C SER I 37 12.56 57.34 25.20
N SER I 38 11.97 57.63 24.03
CA SER I 38 10.53 57.86 23.85
C SER I 38 10.00 58.97 24.75
N LEU I 39 10.80 60.01 24.95
CA LEU I 39 10.36 61.13 25.74
C LEU I 39 9.63 62.16 24.89
N ARG J 8 7.72 64.16 49.76
CA ARG J 8 9.08 63.74 49.99
C ARG J 8 9.33 63.66 51.49
N LEU J 9 10.60 63.60 51.91
CA LEU J 9 11.04 63.60 53.31
C LEU J 9 10.52 64.82 54.07
N PRO J 10 10.46 64.78 55.40
CA PRO J 10 10.08 65.97 56.17
C PRO J 10 11.06 67.12 55.95
N GLU J 11 10.60 68.32 56.32
CA GLU J 11 11.27 69.55 55.91
C GLU J 11 12.63 69.70 56.56
N ALA J 12 12.83 69.06 57.71
CA ALA J 12 14.16 69.06 58.32
C ALA J 12 15.09 68.07 57.65
N TYR J 13 14.60 67.33 56.66
CA TYR J 13 15.38 66.28 56.03
C TYR J 13 15.36 66.34 54.53
N VAL J 14 14.95 67.46 53.94
CA VAL J 14 14.87 67.53 52.48
C VAL J 14 16.25 67.77 51.91
N VAL J 15 17.21 68.14 52.76
CA VAL J 15 18.58 68.45 52.38
C VAL J 15 19.28 67.18 51.92
N PHE J 16 19.02 66.08 52.62
CA PHE J 16 19.71 64.82 52.40
C PHE J 16 19.03 63.94 51.36
N SER J 17 18.16 64.51 50.55
CA SER J 17 17.50 63.73 49.50
C SER J 17 18.43 63.13 48.43
N PRO J 18 19.61 63.69 48.10
CA PRO J 18 20.51 62.91 47.24
C PRO J 18 21.14 61.71 47.92
N ILE J 19 21.49 61.81 49.19
CA ILE J 19 22.23 60.75 49.87
C ILE J 19 21.34 59.53 50.08
N VAL J 20 20.07 59.76 50.37
CA VAL J 20 19.10 58.68 50.60
C VAL J 20 18.86 57.88 49.32
N ASP J 21 18.96 58.52 48.16
CA ASP J 21 18.73 57.82 46.89
C ASP J 21 19.80 56.76 46.62
N VAL J 22 21.00 56.96 47.15
CA VAL J 22 22.07 55.99 46.97
C VAL J 22 21.92 54.81 47.91
N LEU J 23 21.22 54.99 49.03
CA LEU J 23 21.26 54.03 50.12
C LEU J 23 20.75 52.62 49.83
N PRO J 24 19.68 52.37 49.06
CA PRO J 24 19.33 50.95 48.81
C PRO J 24 20.33 50.22 47.95
N ILE J 25 21.16 50.93 47.18
CA ILE J 25 22.15 50.27 46.34
C ILE J 25 23.24 49.63 47.17
N ILE J 26 23.52 50.19 48.35
CA ILE J 26 24.64 49.83 49.22
C ILE J 26 24.67 48.34 49.64
N PRO J 27 23.56 47.64 49.87
CA PRO J 27 23.67 46.17 50.03
C PRO J 27 24.22 45.41 48.83
N VAL J 28 24.08 45.90 47.59
CA VAL J 28 24.77 45.25 46.48
C VAL J 28 26.27 45.42 46.63
N PHE J 29 26.71 46.56 47.17
CA PHE J 29 28.12 46.85 47.31
C PHE J 29 28.80 45.97 48.35
N PHE J 30 28.05 45.31 49.23
CA PHE J 30 28.66 44.34 50.12
C PHE J 30 28.92 43.02 49.43
N LEU J 31 28.14 42.69 48.41
CA LEU J 31 28.43 41.48 47.64
C LEU J 31 29.70 41.64 46.85
N LEU J 32 29.90 42.81 46.27
CA LEU J 32 31.12 43.10 45.54
C LEU J 32 32.29 43.34 46.48
N LEU J 33 32.04 43.69 47.73
CA LEU J 33 33.12 43.88 48.69
C LEU J 33 33.78 42.56 49.07
N ALA J 34 33.04 41.46 48.96
CA ALA J 34 33.63 40.16 49.25
C ALA J 34 34.65 39.78 48.20
N PHE J 35 34.32 39.99 46.93
CA PHE J 35 35.23 39.62 45.84
C PHE J 35 36.45 40.52 45.80
N VAL J 36 36.27 41.81 46.08
CA VAL J 36 37.40 42.73 46.19
C VAL J 36 38.30 42.31 47.34
N TRP J 37 37.70 41.85 48.43
CA TRP J 37 38.51 41.35 49.53
C TRP J 37 39.17 40.02 49.17
N GLN J 38 38.52 39.19 48.38
CA GLN J 38 39.20 37.98 47.94
C GLN J 38 40.29 38.25 46.92
N ALA J 39 40.17 39.33 46.16
CA ALA J 39 41.25 39.65 45.23
C ALA J 39 42.46 40.17 45.98
N ALA J 40 42.25 41.01 46.98
CA ALA J 40 43.37 41.61 47.71
C ALA J 40 44.05 40.62 48.62
N ILE J 41 43.38 39.53 48.99
CA ILE J 41 43.99 38.52 49.83
C ILE J 41 44.70 37.55 48.90
N GLY J 42 44.46 37.68 47.60
CA GLY J 42 45.12 36.80 46.65
C GLY J 42 44.40 35.50 46.45
N PHE J 43 43.10 35.48 46.73
CA PHE J 43 42.23 34.30 46.62
C PHE J 43 42.75 33.12 47.43
N ARG J 44 43.35 33.41 48.58
CA ARG J 44 43.87 32.35 49.40
C ARG J 44 43.28 32.41 50.81
N MET K 1 36.05 -18.12 -13.72
CA MET K 1 36.41 -17.41 -12.51
C MET K 1 37.90 -17.16 -12.41
N THR K 2 38.28 -16.44 -11.37
CA THR K 2 39.67 -16.36 -10.94
C THR K 2 39.68 -16.76 -9.47
N GLY K 3 40.80 -16.50 -8.80
CA GLY K 3 41.01 -16.93 -7.43
C GLY K 3 40.10 -16.26 -6.42
N PRO K 4 40.18 -16.69 -5.16
CA PRO K 4 39.39 -16.06 -4.11
C PRO K 4 39.96 -14.70 -3.73
N ASN K 5 39.07 -13.76 -3.48
CA ASN K 5 39.49 -12.40 -3.19
C ASN K 5 40.05 -12.34 -1.77
N PRO K 6 41.27 -11.82 -1.58
CA PRO K 6 41.77 -11.59 -0.22
C PRO K 6 41.15 -10.39 0.49
N ASN K 7 40.26 -9.67 -0.17
CA ASN K 7 39.55 -8.56 0.45
C ASN K 7 38.18 -8.96 0.98
N LYS K 8 37.95 -10.24 1.22
CA LYS K 8 36.73 -10.64 1.90
C LYS K 8 36.80 -10.24 3.36
N GLN K 9 35.79 -9.54 3.83
CA GLN K 9 35.66 -9.22 5.23
C GLN K 9 34.32 -9.70 5.73
N ALA K 10 34.04 -9.42 6.99
CA ALA K 10 32.78 -9.78 7.61
C ALA K 10 32.08 -8.54 8.11
N VAL K 11 30.76 -8.59 8.12
CA VAL K 11 29.94 -7.48 8.54
C VAL K 11 29.42 -7.79 9.94
N GLU K 12 29.43 -6.79 10.81
CA GLU K 12 28.96 -6.96 12.16
C GLU K 12 27.89 -5.94 12.49
N LEU K 13 26.99 -6.32 13.38
CA LEU K 13 25.99 -5.43 13.95
C LEU K 13 25.60 -6.03 15.29
N ASN K 14 26.04 -5.42 16.39
CA ASN K 14 25.71 -5.95 17.71
C ASN K 14 24.25 -5.66 18.06
N ARG K 15 23.82 -6.18 19.21
CA ARG K 15 22.43 -6.03 19.63
C ARG K 15 22.11 -4.58 20.00
N THR K 16 23.11 -3.84 20.47
CA THR K 16 22.94 -2.42 20.74
C THR K 16 22.56 -1.66 19.48
N SER K 17 23.31 -1.86 18.40
CA SER K 17 23.10 -1.03 17.21
C SER K 17 21.89 -1.47 16.43
N LEU K 18 21.33 -2.62 16.76
CA LEU K 18 20.04 -3.01 16.20
C LEU K 18 18.93 -2.10 16.71
N TYR K 19 18.92 -1.82 18.01
CA TYR K 19 17.80 -1.08 18.57
C TYR K 19 17.87 0.39 18.21
N TRP K 20 19.08 0.91 17.98
CA TRP K 20 19.21 2.25 17.43
C TRP K 20 18.60 2.33 16.06
N GLY K 21 18.95 1.38 15.20
CA GLY K 21 18.50 1.46 13.83
C GLY K 21 17.05 1.12 13.65
N LEU K 22 16.49 0.30 14.54
CA LEU K 22 15.05 0.08 14.51
C LEU K 22 14.31 1.33 14.94
N LEU K 23 14.70 1.90 16.07
CA LEU K 23 14.04 3.10 16.59
C LEU K 23 14.24 4.29 15.67
N LEU K 24 15.37 4.32 14.95
CA LEU K 24 15.58 5.38 13.96
C LEU K 24 14.56 5.30 12.85
N ILE K 25 14.21 4.11 12.42
CA ILE K 25 13.28 3.97 11.30
C ILE K 25 11.85 4.22 11.75
N PHE K 26 11.46 3.73 12.93
CA PHE K 26 10.09 3.93 13.37
C PHE K 26 9.80 5.37 13.73
N VAL K 27 10.77 6.08 14.30
CA VAL K 27 10.53 7.48 14.65
C VAL K 27 10.51 8.36 13.40
N LEU K 28 11.35 8.05 12.41
CA LEU K 28 11.19 8.68 11.10
C LEU K 28 9.91 8.25 10.41
N ALA K 29 9.39 7.07 10.72
CA ALA K 29 8.11 6.69 10.15
C ALA K 29 6.97 7.39 10.84
N VAL K 30 7.09 7.63 12.15
CA VAL K 30 6.07 8.39 12.86
C VAL K 30 6.07 9.84 12.38
N LEU K 31 7.26 10.41 12.20
CA LEU K 31 7.38 11.82 11.88
C LEU K 31 6.89 12.12 10.47
N PHE K 32 7.35 11.35 9.50
CA PHE K 32 7.07 11.67 8.12
C PHE K 32 5.79 11.06 7.58
N SER K 33 5.05 10.30 8.38
CA SER K 33 3.83 9.69 7.85
C SER K 33 2.75 10.72 7.65
N SER K 34 2.60 11.63 8.61
CA SER K 34 1.52 12.61 8.60
C SER K 34 1.60 13.53 7.40
N TYR K 35 2.81 13.78 6.92
CA TYR K 35 3.01 14.62 5.76
C TYR K 35 2.77 13.86 4.47
N PHE K 36 3.13 12.59 4.43
CA PHE K 36 2.94 11.78 3.24
C PHE K 36 1.47 11.47 3.00
N PHE K 37 0.72 11.14 4.06
CA PHE K 37 -0.71 11.00 3.92
C PHE K 37 -1.40 12.30 3.60
N ASN K 38 -0.77 13.43 3.96
CA ASN K 38 -1.22 14.79 3.67
C ASN K 38 -2.60 15.04 4.24
N GLU L 44 -9.72 13.15 2.20
CA GLU L 44 -9.07 12.40 1.13
C GLU L 44 -7.57 12.39 1.30
N VAL L 45 -7.00 11.19 1.43
CA VAL L 45 -5.56 11.03 1.61
C VAL L 45 -4.99 10.41 0.36
N GLN L 46 -3.67 10.51 0.22
CA GLN L 46 -2.99 9.94 -0.93
C GLN L 46 -2.74 8.46 -0.71
N PHE L 47 -3.21 7.64 -1.64
CA PHE L 47 -3.14 6.20 -1.48
C PHE L 47 -1.78 5.63 -1.79
N GLY L 48 -0.84 6.45 -2.25
CA GLY L 48 0.53 6.03 -2.36
C GLY L 48 1.33 6.27 -1.11
N ALA L 49 0.69 6.79 -0.07
CA ALA L 49 1.39 7.04 1.18
C ALA L 49 1.42 5.81 2.06
N TYR L 50 0.44 4.92 1.90
CA TYR L 50 0.49 3.63 2.58
C TYR L 50 1.67 2.82 2.11
N LEU L 51 1.94 2.85 0.81
CA LEU L 51 3.13 2.20 0.29
C LEU L 51 4.41 2.92 0.67
N ALA L 52 4.34 4.22 0.93
CA ALA L 52 5.53 4.93 1.36
C ALA L 52 5.89 4.58 2.79
N VAL L 53 4.89 4.59 3.66
CA VAL L 53 5.15 4.39 5.09
C VAL L 53 5.43 2.93 5.38
N LEU L 54 4.56 2.03 4.94
CA LEU L 54 4.70 0.62 5.31
C LEU L 54 5.85 -0.08 4.61
N LEU L 55 6.36 0.46 3.52
CA LEU L 55 7.65 0.01 3.02
C LEU L 55 8.79 0.82 3.57
N GLY L 56 8.53 2.07 3.97
CA GLY L 56 9.54 2.83 4.68
C GLY L 56 9.79 2.30 6.08
N THR L 57 8.79 1.67 6.68
CA THR L 57 9.07 0.91 7.89
C THR L 57 9.79 -0.38 7.57
N PHE L 58 9.11 -1.27 6.84
CA PHE L 58 9.45 -2.70 6.86
C PHE L 58 10.73 -3.00 6.12
N LEU L 59 10.90 -2.46 4.91
CA LEU L 59 12.09 -2.74 4.11
C LEU L 59 13.40 -2.31 4.77
N PRO L 60 13.52 -1.11 5.37
CA PRO L 60 14.79 -0.84 6.06
C PRO L 60 14.90 -1.50 7.41
N ALA L 61 13.78 -1.77 8.07
CA ALA L 61 13.85 -2.39 9.39
C ALA L 61 14.12 -3.87 9.27
N LEU L 62 13.60 -4.51 8.23
CA LEU L 62 13.97 -5.90 7.99
C LEU L 62 15.40 -6.01 7.51
N PHE L 63 15.95 -4.95 6.95
CA PHE L 63 17.37 -4.96 6.61
C PHE L 63 18.24 -5.02 7.85
N LEU L 64 17.92 -4.22 8.86
CA LEU L 64 18.77 -4.13 10.05
C LEU L 64 18.67 -5.37 10.90
N VAL L 65 17.58 -6.13 10.75
CA VAL L 65 17.48 -7.41 11.44
C VAL L 65 18.46 -8.41 10.85
N ASN L 66 18.69 -8.33 9.54
CA ASN L 66 19.52 -9.32 8.85
C ASN L 66 20.97 -9.17 9.23
N LEU L 67 21.42 -7.94 9.40
CA LEU L 67 22.78 -7.71 9.82
C LEU L 67 23.01 -8.16 11.26
N PHE L 68 21.94 -8.28 12.04
CA PHE L 68 22.12 -8.79 13.40
C PHE L 68 22.10 -10.30 13.44
N ILE L 69 21.28 -10.93 12.60
CA ILE L 69 21.17 -12.38 12.62
C ILE L 69 22.45 -13.02 12.08
N GLN L 70 23.03 -12.45 11.03
CA GLN L 70 24.29 -12.99 10.55
C GLN L 70 25.45 -12.61 11.46
N THR L 71 25.30 -11.59 12.29
CA THR L 71 26.33 -11.30 13.29
C THR L 71 26.35 -12.38 14.35
N GLU L 72 25.17 -12.80 14.81
CA GLU L 72 25.09 -13.82 15.84
C GLU L 72 25.39 -15.20 15.27
N ALA L 73 25.21 -15.37 13.98
CA ALA L 73 25.55 -16.64 13.36
C ALA L 73 27.05 -16.81 13.21
N ARG L 74 27.78 -15.73 12.93
CA ARG L 74 29.23 -15.82 12.88
C ARG L 74 29.81 -16.05 14.26
N LYS L 75 29.20 -15.48 15.28
CA LYS L 75 29.67 -15.72 16.63
C LYS L 75 29.35 -17.14 17.07
N ALA L 76 28.21 -17.66 16.63
CA ALA L 76 27.90 -19.06 16.90
C ALA L 76 28.62 -19.98 15.93
N GLY L 77 29.11 -19.42 14.82
CA GLY L 77 29.85 -20.23 13.88
C GLY L 77 31.25 -20.54 14.37
N LYS L 78 31.93 -19.55 14.92
CA LYS L 78 33.29 -19.76 15.39
C LYS L 78 33.32 -20.58 16.66
N ALA L 79 32.32 -20.40 17.53
CA ALA L 79 32.28 -20.96 18.88
C ALA L 79 32.33 -22.49 18.92
N GLY L 80 31.87 -23.15 17.87
CA GLY L 80 32.14 -24.56 17.71
C GLY L 80 31.32 -25.50 18.57
N GLY L 81 30.31 -25.00 19.27
CA GLY L 81 29.54 -25.87 20.12
C GLY L 81 28.05 -25.85 19.87
N GLN L 82 27.50 -26.97 19.38
CA GLN L 82 26.09 -27.33 19.34
C GLN L 82 25.28 -26.53 18.31
N ASP L 83 25.87 -25.46 17.77
CA ASP L 83 25.16 -24.56 16.89
C ASP L 83 25.93 -24.21 15.63
N SER L 84 27.17 -24.66 15.49
CA SER L 84 27.97 -24.21 14.36
C SER L 84 27.58 -24.92 13.08
N ASP L 85 27.73 -26.24 13.06
CA ASP L 85 27.29 -27.13 11.98
C ASP L 85 27.85 -26.80 10.59
N LYS M 3 -36.70 30.60 47.56
CA LYS M 3 -37.63 30.75 48.67
C LYS M 3 -37.23 31.95 49.48
N SER M 4 -37.78 32.04 50.69
CA SER M 4 -37.17 32.87 51.70
C SER M 4 -36.11 32.12 52.48
N GLN M 5 -36.14 30.78 52.39
CA GLN M 5 -35.11 29.97 53.02
C GLN M 5 -33.78 30.10 52.29
N ILE M 6 -33.83 30.26 50.96
CA ILE M 6 -32.62 30.52 50.19
C ILE M 6 -32.09 31.91 50.51
N ASN M 7 -32.98 32.88 50.71
CA ASN M 7 -32.58 34.24 51.03
C ASN M 7 -31.98 34.38 52.42
N GLU M 8 -32.17 33.37 53.28
CA GLU M 8 -31.55 33.39 54.59
C GLU M 8 -30.03 33.27 54.48
N LEU M 9 -29.56 32.49 53.51
CA LEU M 9 -28.14 32.18 53.37
C LEU M 9 -27.36 33.39 52.88
N SER M 10 -26.06 33.36 53.13
CA SER M 10 -25.15 34.35 52.58
C SER M 10 -24.60 33.83 51.25
N TYR M 11 -23.69 34.60 50.65
CA TYR M 11 -23.17 34.21 49.35
C TYR M 11 -22.15 33.09 49.47
N LEU M 12 -21.34 33.12 50.54
CA LEU M 12 -20.25 32.14 50.67
C LEU M 12 -20.79 30.77 51.02
N GLN M 13 -22.03 30.68 51.49
CA GLN M 13 -22.60 29.40 51.84
C GLN M 13 -23.28 28.76 50.64
N VAL M 14 -23.62 29.56 49.63
CA VAL M 14 -24.32 29.02 48.48
C VAL M 14 -23.31 28.56 47.43
N LYS M 15 -22.19 29.28 47.29
CA LYS M 15 -21.30 29.06 46.15
C LYS M 15 -20.57 27.74 46.25
N GLY M 16 -20.40 27.10 45.10
CA GLY M 16 -19.82 25.78 45.04
C GLY M 16 -20.72 24.65 45.47
N THR M 17 -21.96 24.93 45.88
CA THR M 17 -22.85 23.89 46.34
C THR M 17 -23.92 23.51 45.33
N GLY M 18 -24.02 24.21 44.21
CA GLY M 18 -25.02 23.87 43.23
C GLY M 18 -26.43 24.22 43.64
N LEU M 19 -26.59 25.22 44.51
CA LEU M 19 -27.92 25.59 44.96
C LEU M 19 -28.52 26.69 44.10
N ALA M 20 -27.69 27.61 43.60
CA ALA M 20 -28.19 28.74 42.81
C ALA M 20 -28.75 28.30 41.47
N ASN M 21 -28.42 27.10 41.03
CA ASN M 21 -29.00 26.51 39.84
C ASN M 21 -30.45 26.10 40.03
N ARG M 22 -30.89 25.85 41.25
CA ARG M 22 -32.16 25.17 41.49
C ARG M 22 -33.25 26.18 41.83
N CYS M 23 -34.39 26.03 41.16
CA CYS M 23 -35.54 26.85 41.47
C CYS M 23 -36.12 26.50 42.83
N ALA M 24 -36.87 27.44 43.37
CA ALA M 24 -37.44 27.33 44.69
C ALA M 24 -38.60 26.35 44.71
N GLU M 25 -38.98 25.96 45.91
CA GLU M 25 -40.11 25.09 46.16
C GLU M 25 -41.19 25.89 46.86
N VAL M 26 -42.30 26.11 46.18
CA VAL M 26 -43.43 26.83 46.76
C VAL M 26 -44.24 25.87 47.62
N VAL M 27 -44.84 26.37 48.70
CA VAL M 27 -45.46 25.55 49.74
C VAL M 27 -46.96 25.85 49.79
N GLY M 28 -47.77 24.81 49.67
CA GLY M 28 -49.20 25.01 49.86
C GLY M 28 -49.92 25.39 48.59
N GLU M 29 -51.25 25.34 48.64
CA GLU M 29 -52.09 25.67 47.50
C GLU M 29 -53.29 26.51 47.91
N ASP M 30 -53.52 27.58 47.15
CA ASP M 30 -54.68 28.45 47.30
C ASP M 30 -54.84 29.21 45.98
N SER M 31 -55.60 30.30 46.00
CA SER M 31 -55.80 31.11 44.81
C SER M 31 -55.18 32.49 45.00
N ILE M 32 -54.75 33.10 43.90
CA ILE M 32 -54.28 34.47 43.90
C ILE M 32 -54.81 35.15 42.64
N LYS M 33 -55.20 36.41 42.79
CA LYS M 33 -55.79 37.16 41.69
C LYS M 33 -54.79 38.16 41.14
N PRO M 34 -54.56 38.17 39.83
CA PRO M 34 -53.69 39.20 39.25
C PRO M 34 -54.39 40.55 39.22
N LYS M 35 -53.70 41.55 39.74
CA LYS M 35 -54.17 42.93 39.79
C LYS M 35 -54.21 43.53 38.39
N PRO M 36 -54.80 44.72 38.21
CA PRO M 36 -54.68 45.40 36.91
C PRO M 36 -53.26 45.71 36.47
N GLY M 37 -52.46 46.34 37.33
CA GLY M 37 -51.06 46.55 37.04
C GLY M 37 -50.13 45.44 37.48
N ALA M 38 -50.61 44.20 37.52
CA ALA M 38 -49.82 43.09 38.04
C ALA M 38 -48.68 42.75 37.11
N LYS M 39 -47.50 42.58 37.68
CA LYS M 39 -46.28 42.37 36.92
C LYS M 39 -45.50 41.24 37.55
N LEU M 40 -45.21 40.22 36.75
CA LEU M 40 -44.52 39.04 37.25
C LEU M 40 -43.05 39.33 37.48
N VAL M 41 -42.51 38.84 38.59
CA VAL M 41 -41.23 39.31 39.09
C VAL M 41 -40.11 38.30 38.94
N ASP M 42 -40.20 37.12 39.54
CA ASP M 42 -39.00 36.29 39.65
C ASP M 42 -39.24 34.92 39.04
N MET M 43 -39.78 34.88 37.83
CA MET M 43 -40.01 33.59 37.21
C MET M 43 -38.70 32.95 36.80
N CYS M 44 -38.40 31.82 37.44
CA CYS M 44 -37.27 30.97 37.05
C CYS M 44 -37.82 29.67 36.50
N ILE M 45 -37.13 29.13 35.50
CA ILE M 45 -37.51 27.89 34.85
C ILE M 45 -36.31 26.96 34.88
N GLU M 46 -36.49 25.77 35.45
CA GLU M 46 -35.36 24.86 35.32
C GLU M 46 -35.82 23.49 34.86
N PRO M 47 -35.28 23.00 33.77
CA PRO M 47 -35.68 21.68 33.30
C PRO M 47 -34.95 20.57 34.00
N LYS M 48 -35.64 19.48 34.29
CA LYS M 48 -34.98 18.37 34.97
C LYS M 48 -34.73 17.18 34.07
N ALA M 49 -35.26 17.17 32.86
CA ALA M 49 -35.03 16.04 31.96
C ALA M 49 -35.08 16.54 30.53
N TRP M 50 -34.31 15.90 29.67
CA TRP M 50 -34.20 16.27 28.27
C TRP M 50 -34.42 15.05 27.40
N ALA M 51 -34.92 15.28 26.20
CA ALA M 51 -35.21 14.21 25.27
C ALA M 51 -35.14 14.73 23.85
N VAL M 52 -34.47 13.99 22.98
CA VAL M 52 -34.26 14.37 21.58
C VAL M 52 -34.95 13.36 20.70
N GLU M 53 -35.73 13.85 19.73
CA GLU M 53 -36.47 12.95 18.85
C GLU M 53 -35.53 12.27 17.86
N GLU M 54 -35.52 10.94 17.87
CA GLU M 54 -34.62 10.17 17.04
C GLU M 54 -35.36 9.01 16.39
N GLU M 55 -34.62 8.23 15.61
CA GLU M 55 -35.10 6.99 15.01
C GLU M 55 -34.72 5.86 15.95
N VAL M 56 -35.69 5.30 16.64
CA VAL M 56 -35.40 4.36 17.72
C VAL M 56 -35.44 2.93 17.19
N GLY M 57 -34.58 2.09 17.73
CA GLY M 57 -34.49 0.69 17.37
C GLY M 57 -35.42 -0.24 18.13
N LYS M 58 -36.70 -0.29 17.76
CA LYS M 58 -37.64 -1.19 18.43
C LYS M 58 -37.44 -2.63 17.93
N ALA M 59 -38.43 -3.48 18.19
CA ALA M 59 -38.31 -4.91 17.86
C ALA M 59 -38.22 -5.12 16.35
N GLY M 60 -39.08 -4.46 15.59
CA GLY M 60 -39.00 -4.55 14.14
C GLY M 60 -39.26 -3.25 13.42
N LYS M 61 -39.61 -2.20 14.17
CA LYS M 61 -40.11 -0.97 13.58
C LYS M 61 -39.22 0.21 13.96
N THR M 62 -39.28 1.26 13.15
CA THR M 62 -38.44 2.44 13.33
C THR M 62 -39.26 3.73 13.39
N GLU M 63 -40.31 3.76 14.19
CA GLU M 63 -41.05 4.99 14.38
C GLU M 63 -40.24 5.96 15.23
N LYS M 64 -40.53 7.25 15.06
CA LYS M 64 -39.78 8.28 15.77
C LYS M 64 -40.22 8.36 17.22
N LYS M 65 -39.26 8.22 18.12
CA LYS M 65 -39.54 8.33 19.55
C LYS M 65 -38.46 9.20 20.19
N PHE M 66 -38.74 9.61 21.42
CA PHE M 66 -37.79 10.41 22.17
C PHE M 66 -36.90 9.49 23.00
N VAL M 67 -35.62 9.57 22.76
CA VAL M 67 -34.63 9.02 23.68
C VAL M 67 -34.18 10.15 24.58
N ASN M 68 -33.87 9.84 25.82
CA ASN M 68 -33.37 10.88 26.70
C ASN M 68 -31.87 11.08 26.46
N SER M 69 -31.28 11.98 27.24
CA SER M 69 -29.91 12.39 27.01
C SER M 69 -29.36 12.95 28.30
N LYS M 70 -28.04 12.94 28.40
CA LYS M 70 -27.35 13.47 29.57
C LYS M 70 -26.77 14.83 29.24
N VAL M 71 -27.05 15.81 30.09
CA VAL M 71 -26.52 17.15 29.87
C VAL M 71 -25.03 17.15 30.20
N MET M 72 -24.26 17.91 29.43
CA MET M 72 -22.81 17.92 29.58
C MET M 72 -22.24 19.27 29.98
N THR M 73 -22.83 20.36 29.54
CA THR M 73 -22.61 21.62 30.24
C THR M 73 -23.20 21.48 31.63
N ARG M 74 -22.48 21.96 32.63
CA ARG M 74 -22.56 21.35 33.96
C ARG M 74 -23.82 21.76 34.70
N GLN M 75 -23.92 23.04 35.08
CA GLN M 75 -25.05 23.49 35.90
C GLN M 75 -25.56 24.81 35.37
N THR M 76 -25.45 25.03 34.07
CA THR M 76 -25.73 26.32 33.49
C THR M 76 -27.04 26.35 32.72
N TYR M 77 -28.06 25.61 33.15
CA TYR M 77 -29.23 25.46 32.30
C TYR M 77 -30.44 26.28 32.76
N THR M 78 -30.41 26.82 33.98
CA THR M 78 -31.60 27.42 34.55
C THR M 78 -31.76 28.87 34.09
N LEU M 79 -32.99 29.25 33.77
CA LEU M 79 -33.34 30.63 33.50
C LEU M 79 -33.69 31.34 34.79
N ASP M 80 -33.60 32.67 34.79
CA ASP M 80 -33.77 33.39 36.04
C ASP M 80 -34.20 34.82 35.75
N ALA M 81 -34.83 35.43 36.75
CA ALA M 81 -35.09 36.88 36.82
C ALA M 81 -36.00 37.37 35.71
N ILE M 82 -36.85 36.49 35.21
CA ILE M 82 -37.67 36.83 34.05
C ILE M 82 -38.84 37.69 34.47
N GLU M 83 -38.90 38.89 33.93
CA GLU M 83 -39.91 39.87 34.29
C GLU M 83 -41.02 39.83 33.24
N GLY M 84 -42.04 40.65 33.46
CA GLY M 84 -43.10 40.79 32.50
C GLY M 84 -44.41 41.16 33.15
N PRO M 85 -45.22 41.94 32.43
CA PRO M 85 -46.54 42.29 32.96
C PRO M 85 -47.57 41.22 32.64
N ILE M 86 -48.52 41.05 33.56
CA ILE M 86 -49.59 40.09 33.40
C ILE M 86 -50.83 40.89 32.99
N THR M 87 -51.14 40.86 31.69
CA THR M 87 -52.30 41.56 31.18
C THR M 87 -53.54 40.69 31.32
N VAL M 88 -54.67 41.33 31.60
CA VAL M 88 -55.92 40.64 31.87
C VAL M 88 -56.79 40.81 30.64
N ASP M 89 -56.83 39.78 29.79
CA ASP M 89 -57.92 39.70 28.83
C ASP M 89 -59.14 39.15 29.55
N GLY M 90 -60.31 39.36 28.95
CA GLY M 90 -61.56 39.04 29.64
C GLY M 90 -61.77 37.54 29.80
N GLY M 91 -61.51 36.77 28.75
CA GLY M 91 -61.74 35.35 28.83
C GLY M 91 -60.64 34.62 29.56
N LYS M 92 -59.39 34.96 29.25
CA LYS M 92 -58.24 34.21 29.72
C LYS M 92 -57.15 35.18 30.16
N ILE M 93 -56.54 34.88 31.30
CA ILE M 93 -55.40 35.66 31.76
C ILE M 93 -54.19 35.35 30.88
N THR M 94 -53.43 36.39 30.55
CA THR M 94 -52.30 36.27 29.64
C THR M 94 -51.03 36.78 30.30
N PHE M 95 -49.89 36.34 29.76
CA PHE M 95 -48.60 36.82 30.21
C PHE M 95 -47.70 37.05 29.00
N ASN M 96 -46.97 38.16 29.03
CA ASN M 96 -45.97 38.47 28.02
C ASN M 96 -44.70 38.89 28.73
N GLU M 97 -43.63 38.15 28.51
CA GLU M 97 -42.38 38.39 29.24
C GLU M 97 -41.67 39.56 28.58
N LYS M 98 -40.89 40.30 29.37
CA LYS M 98 -40.21 41.46 28.81
C LYS M 98 -38.69 41.31 28.91
N GLU M 99 -38.16 41.08 30.10
CA GLU M 99 -36.72 41.09 30.28
C GLU M 99 -36.32 39.91 31.18
N GLY M 100 -35.08 39.90 31.63
CA GLY M 100 -34.55 38.79 32.40
C GLY M 100 -33.68 37.88 31.55
N ILE M 101 -32.93 37.01 32.23
CA ILE M 101 -32.10 36.02 31.53
C ILE M 101 -33.04 34.97 30.97
N ASP M 102 -33.29 35.04 29.66
CA ASP M 102 -34.27 34.20 29.01
C ASP M 102 -33.65 33.30 27.94
N TYR M 103 -32.38 32.97 28.09
CA TYR M 103 -31.73 31.98 27.25
C TYR M 103 -30.64 31.34 28.08
N ALA M 104 -30.42 30.05 27.86
CA ALA M 104 -29.36 29.33 28.56
C ALA M 104 -28.88 28.23 27.63
N ALA M 105 -27.72 28.45 27.01
CA ALA M 105 -27.21 27.52 26.02
C ALA M 105 -26.69 26.26 26.70
N THR M 106 -27.02 25.11 26.13
CA THR M 106 -26.64 23.85 26.74
C THR M 106 -26.50 22.79 25.67
N THR M 107 -25.90 21.66 26.05
CA THR M 107 -25.52 20.62 25.13
C THR M 107 -25.75 19.27 25.77
N VAL M 108 -26.48 18.39 25.08
CA VAL M 108 -26.80 17.08 25.60
C VAL M 108 -26.19 16.03 24.68
N GLN M 109 -25.94 14.83 25.20
CA GLN M 109 -25.32 13.79 24.43
C GLN M 109 -26.25 12.59 24.30
N LEU M 110 -26.37 12.07 23.09
CA LEU M 110 -27.24 10.98 22.71
C LEU M 110 -26.53 9.65 22.87
N PRO M 111 -27.24 8.52 22.77
CA PRO M 111 -26.55 7.26 22.47
C PRO M 111 -25.91 7.30 21.10
N GLY M 112 -24.68 6.81 21.04
CA GLY M 112 -23.87 6.88 19.85
C GLY M 112 -22.74 7.87 19.93
N GLY M 113 -22.79 8.80 20.87
CA GLY M 113 -21.78 9.80 21.00
C GLY M 113 -22.06 11.12 20.31
N GLU M 114 -23.26 11.30 19.76
CA GLU M 114 -23.56 12.55 19.09
C GLU M 114 -23.87 13.64 20.11
N ARG M 115 -23.25 14.79 19.92
CA ARG M 115 -23.44 15.94 20.80
C ARG M 115 -24.39 16.92 20.13
N VAL M 116 -25.53 17.15 20.75
CA VAL M 116 -26.52 18.07 20.21
C VAL M 116 -26.61 19.28 21.11
N PRO M 117 -26.06 20.42 20.72
CA PRO M 117 -26.30 21.64 21.47
C PRO M 117 -27.66 22.20 21.11
N PHE M 118 -28.21 22.97 22.05
CA PHE M 118 -29.44 23.70 21.76
C PHE M 118 -29.55 24.88 22.70
N LEU M 119 -30.02 25.99 22.16
CA LEU M 119 -30.34 27.14 23.00
C LEU M 119 -31.69 26.92 23.65
N PHE M 120 -31.72 26.90 24.96
CA PHE M 120 -32.96 26.77 25.70
C PHE M 120 -33.41 28.17 26.11
N THR M 121 -34.58 28.58 25.63
CA THR M 121 -34.95 29.97 25.71
C THR M 121 -36.46 30.12 25.86
N VAL M 122 -36.87 31.28 26.35
CA VAL M 122 -38.29 31.68 26.41
C VAL M 122 -38.49 33.09 25.87
N LYS M 123 -37.68 33.49 24.89
CA LYS M 123 -37.78 34.85 24.36
C LYS M 123 -39.09 35.06 23.61
N ASP M 124 -39.71 36.22 23.88
CA ASP M 124 -40.97 36.66 23.27
C ASP M 124 -42.10 35.66 23.50
N LEU M 125 -42.35 35.38 24.77
CA LEU M 125 -43.31 34.36 25.17
C LEU M 125 -44.68 34.99 25.35
N VAL M 126 -45.69 34.37 24.77
CA VAL M 126 -47.07 34.83 24.90
C VAL M 126 -47.84 33.69 25.56
N ALA M 127 -47.97 33.76 26.88
CA ALA M 127 -48.68 32.75 27.62
C ALA M 127 -50.16 33.10 27.69
N LYS M 128 -50.99 32.05 27.66
CA LYS M 128 -52.44 32.20 27.76
C LYS M 128 -52.97 31.05 28.59
N GLY M 129 -53.73 31.36 29.63
CA GLY M 129 -54.26 30.30 30.46
C GLY M 129 -55.70 30.51 30.85
N ASN M 130 -56.39 29.40 31.13
CA ASN M 130 -57.82 29.42 31.40
C ASN M 130 -58.17 30.17 32.68
N GLY M 131 -59.22 30.96 32.61
CA GLY M 131 -59.69 31.71 33.76
C GLY M 131 -58.88 32.95 34.02
N ASP M 132 -59.07 33.50 35.21
CA ASP M 132 -58.41 34.74 35.56
C ASP M 132 -57.40 34.55 36.67
N THR M 133 -57.83 33.95 37.78
CA THR M 133 -56.98 33.82 38.94
C THR M 133 -56.11 32.57 38.83
N PHE M 134 -54.92 32.65 39.42
CA PHE M 134 -54.04 31.49 39.44
C PHE M 134 -54.54 30.47 40.45
N LYS M 135 -54.65 29.23 40.00
CA LYS M 135 -55.25 28.15 40.76
C LYS M 135 -54.33 26.95 40.67
N PRO M 136 -54.52 25.95 41.52
CA PRO M 136 -53.78 24.70 41.34
C PRO M 136 -54.19 23.90 40.11
N GLY M 137 -55.32 24.23 39.50
CA GLY M 137 -55.69 23.66 38.22
C GLY M 137 -55.36 24.53 37.03
N PHE M 138 -54.64 25.62 37.24
CA PHE M 138 -54.35 26.56 36.17
C PHE M 138 -53.27 26.01 35.25
N GLN M 139 -53.35 26.39 33.97
CA GLN M 139 -52.48 25.80 32.96
C GLN M 139 -52.37 26.77 31.79
N MET M 140 -51.22 27.44 31.68
CA MET M 140 -50.98 28.40 30.61
C MET M 140 -49.82 27.92 29.75
N GLY M 141 -49.75 28.44 28.52
CA GLY M 141 -48.66 28.14 27.62
C GLY M 141 -48.70 29.03 26.40
N GLY M 142 -47.71 28.86 25.54
CA GLY M 142 -47.69 29.61 24.30
C GLY M 142 -46.36 29.53 23.60
N ASP M 143 -46.27 30.24 22.49
CA ASP M 143 -45.13 30.20 21.60
C ASP M 143 -44.01 31.13 22.08
N PHE M 144 -42.78 30.71 21.82
CA PHE M 144 -41.63 31.58 22.01
C PHE M 144 -40.74 31.49 20.79
N ASN M 145 -39.97 32.54 20.53
CA ASN M 145 -39.09 32.57 19.38
C ASN M 145 -37.66 32.19 19.77
N THR M 146 -37.16 31.14 19.19
CA THR M 146 -35.78 30.78 19.40
C THR M 146 -34.89 31.57 18.45
N PRO M 147 -33.94 32.34 18.94
CA PRO M 147 -32.92 32.90 18.06
C PRO M 147 -31.92 31.82 17.68
N SER M 148 -30.99 32.19 16.80
CA SER M 148 -29.97 31.24 16.41
C SER M 148 -28.98 31.04 17.54
N TYR M 149 -28.31 29.88 17.51
CA TYR M 149 -27.41 29.53 18.59
C TYR M 149 -26.16 30.38 18.57
N ARG M 150 -25.79 30.87 17.40
CA ARG M 150 -24.62 31.71 17.24
C ARG M 150 -25.07 33.03 16.64
N THR M 151 -24.62 34.14 17.23
CA THR M 151 -24.84 35.43 16.60
C THR M 151 -23.94 35.52 15.37
N GLY M 152 -24.44 36.18 14.32
CA GLY M 152 -23.83 36.19 13.00
C GLY M 152 -22.36 36.56 12.84
N LEU M 153 -21.74 37.13 13.88
CA LEU M 153 -20.32 37.41 13.83
C LEU M 153 -19.48 36.30 14.46
N PHE M 154 -20.06 35.12 14.62
CA PHE M 154 -19.30 33.94 15.02
C PHE M 154 -18.43 33.48 13.86
N LEU M 155 -17.17 33.16 14.14
CA LEU M 155 -16.23 32.70 13.13
C LEU M 155 -16.06 31.19 13.25
N ASP M 156 -16.32 30.47 12.17
CA ASP M 156 -16.13 29.03 12.12
C ASP M 156 -14.62 28.76 12.02
N PRO M 157 -14.15 27.47 12.12
CA PRO M 157 -12.71 27.19 12.00
C PRO M 157 -11.97 27.72 10.78
N LYS M 158 -12.65 27.95 9.66
CA LYS M 158 -11.97 28.53 8.52
C LYS M 158 -11.92 30.05 8.61
N GLY M 159 -12.83 30.63 9.39
CA GLY M 159 -12.84 32.07 9.55
C GLY M 159 -13.95 32.73 8.75
N ARG M 160 -15.13 32.13 8.75
CA ARG M 160 -16.26 32.59 7.97
C ARG M 160 -17.46 32.80 8.88
N GLY M 161 -18.06 33.98 8.82
CA GLY M 161 -19.25 34.27 9.59
C GLY M 161 -20.31 34.93 8.72
N GLY M 162 -21.46 35.18 9.35
CA GLY M 162 -22.57 35.79 8.66
C GLY M 162 -22.39 37.27 8.46
N THR M 163 -21.85 37.96 9.47
CA THR M 163 -21.66 39.39 9.41
C THR M 163 -20.19 39.79 9.43
N THR M 164 -19.28 38.82 9.46
CA THR M 164 -17.85 39.10 9.38
C THR M 164 -17.17 37.89 8.75
N GLY M 165 -15.86 37.95 8.68
CA GLY M 165 -15.09 36.84 8.19
C GLY M 165 -15.00 36.81 6.69
N TYR M 166 -14.38 35.74 6.19
CA TYR M 166 -14.29 35.51 4.76
C TYR M 166 -15.60 34.94 4.25
N ASP M 167 -15.63 34.57 2.97
CA ASP M 167 -16.77 33.86 2.42
C ASP M 167 -16.35 32.75 1.46
N MET M 168 -15.09 32.35 1.47
CA MET M 168 -14.63 31.27 0.64
C MET M 168 -13.64 30.43 1.44
N ALA M 169 -13.38 29.23 0.96
CA ALA M 169 -12.44 28.32 1.60
C ALA M 169 -11.06 28.94 1.50
N VAL M 170 -10.58 29.46 2.62
CA VAL M 170 -9.50 30.43 2.60
C VAL M 170 -8.15 29.75 2.33
N ALA M 171 -8.02 28.46 2.66
CA ALA M 171 -6.81 27.70 2.36
C ALA M 171 -7.02 26.75 1.20
N LEU M 172 -8.03 26.99 0.37
CA LEU M 172 -8.26 26.24 -0.86
C LEU M 172 -8.43 27.23 -1.99
N PRO M 173 -7.32 27.84 -2.45
CA PRO M 173 -7.47 28.97 -3.36
C PRO M 173 -7.75 28.56 -4.78
N ALA M 174 -7.70 27.27 -5.10
CA ALA M 174 -7.97 26.86 -6.47
C ALA M 174 -9.42 26.44 -6.66
N LEU M 175 -10.27 26.66 -5.65
CA LEU M 175 -11.67 26.31 -5.81
C LEU M 175 -12.42 27.35 -6.62
N GLN M 176 -11.98 28.61 -6.57
CA GLN M 176 -12.73 29.68 -7.25
C GLN M 176 -12.17 29.89 -8.66
N LEU M 177 -12.00 28.78 -9.36
CA LEU M 177 -11.47 28.85 -10.72
C LEU M 177 -12.48 28.27 -11.69
N GLY M 178 -12.83 29.05 -12.70
CA GLY M 178 -13.84 28.65 -13.65
C GLY M 178 -15.06 29.51 -13.55
N GLU M 179 -16.03 29.21 -14.42
CA GLU M 179 -17.29 29.93 -14.37
C GLU M 179 -18.12 29.51 -13.16
N GLU M 180 -17.96 28.26 -12.72
CA GLU M 180 -18.79 27.76 -11.63
C GLU M 180 -18.31 28.29 -10.27
N GLY M 181 -17.02 28.62 -10.17
CA GLY M 181 -16.46 29.07 -8.90
C GLY M 181 -16.45 27.94 -7.88
N ASP M 182 -16.75 28.30 -6.64
CA ASP M 182 -16.87 27.37 -5.53
C ASP M 182 -18.32 27.10 -5.17
N ALA M 183 -19.21 27.03 -6.16
CA ALA M 183 -20.64 26.92 -5.88
C ALA M 183 -21.02 25.50 -5.48
N GLU M 184 -20.09 24.55 -5.58
CA GLU M 184 -20.35 23.20 -5.09
C GLU M 184 -20.42 23.16 -3.58
N LEU M 185 -19.58 23.94 -2.90
CA LEU M 185 -19.62 24.09 -1.45
C LEU M 185 -20.28 25.38 -1.00
N PHE M 186 -21.31 25.84 -1.72
CA PHE M 186 -21.99 27.10 -1.47
C PHE M 186 -22.66 27.15 -0.10
N GLY M 187 -23.20 26.01 0.34
CA GLY M 187 -23.98 26.01 1.56
C GLY M 187 -23.15 26.26 2.80
N GLU M 188 -21.88 25.88 2.77
CA GLU M 188 -20.97 26.07 3.88
C GLU M 188 -20.27 27.42 3.85
N ASN M 189 -20.54 28.23 2.83
CA ASN M 189 -20.06 29.60 2.83
C ASN M 189 -21.11 30.59 3.27
N ASN M 190 -22.35 30.39 2.87
CA ASN M 190 -23.45 31.29 3.21
C ASN M 190 -23.90 30.94 4.62
N LYS M 191 -23.75 31.88 5.54
CA LYS M 191 -24.13 31.69 6.94
C LYS M 191 -25.46 32.42 7.16
N VAL M 192 -26.50 31.66 7.42
CA VAL M 192 -27.84 32.22 7.54
C VAL M 192 -28.31 32.18 8.99
N PHE M 193 -28.62 33.34 9.54
CA PHE M 193 -29.22 33.48 10.86
C PHE M 193 -30.62 32.90 10.81
N ASP M 194 -30.94 32.01 11.73
CA ASP M 194 -32.19 31.27 11.70
C ASP M 194 -33.00 31.51 12.95
N ILE M 195 -34.29 31.76 12.77
CA ILE M 195 -35.24 31.89 13.87
C ILE M 195 -36.30 30.80 13.71
N THR M 196 -36.48 30.00 14.76
CA THR M 196 -37.52 28.99 14.74
C THR M 196 -38.53 29.24 15.85
N GLN M 197 -39.49 28.34 16.01
CA GLN M 197 -40.54 28.48 17.00
C GLN M 197 -40.41 27.40 18.05
N GLY M 198 -40.96 27.67 19.22
CA GLY M 198 -41.02 26.68 20.28
C GLY M 198 -42.30 26.84 21.06
N ARG M 199 -42.79 25.76 21.65
CA ARG M 199 -44.09 25.77 22.33
C ARG M 199 -43.90 25.22 23.74
N ILE M 200 -44.06 26.09 24.74
CA ILE M 200 -43.94 25.71 26.14
C ILE M 200 -45.35 25.60 26.71
N GLU M 201 -45.54 24.68 27.65
CA GLU M 201 -46.83 24.47 28.32
C GLU M 201 -46.61 24.35 29.81
N MET M 202 -46.94 25.40 30.55
CA MET M 202 -46.75 25.46 31.98
C MET M 202 -48.03 25.05 32.70
N GLU M 203 -47.90 24.76 33.99
CA GLU M 203 -49.05 24.28 34.75
C GLU M 203 -48.81 24.59 36.23
N VAL M 204 -49.54 25.59 36.74
CA VAL M 204 -49.44 25.96 38.14
C VAL M 204 -50.16 24.91 38.98
N ASN M 205 -49.52 24.46 40.06
CA ASN M 205 -50.24 23.55 40.93
C ASN M 205 -50.12 23.87 42.42
N LYS M 206 -49.20 24.75 42.81
CA LYS M 206 -49.03 25.11 44.22
C LYS M 206 -48.83 26.61 44.31
N VAL M 207 -49.68 27.29 45.08
CA VAL M 207 -49.71 28.74 45.18
C VAL M 207 -49.60 29.12 46.64
N ASN M 208 -48.88 30.20 46.94
CA ASN M 208 -49.08 30.97 48.16
C ASN M 208 -49.77 32.27 47.79
N ALA M 209 -50.78 32.65 48.55
CA ALA M 209 -51.39 33.97 48.39
C ALA M 209 -50.92 34.92 49.46
N GLU M 210 -50.55 34.41 50.64
CA GLU M 210 -49.96 35.23 51.69
C GLU M 210 -48.54 35.64 51.33
N ASP M 211 -47.94 34.98 50.36
CA ASP M 211 -46.59 35.26 49.93
C ASP M 211 -46.52 35.63 48.46
N SER M 212 -47.62 35.42 47.72
CA SER M 212 -47.82 35.83 46.33
C SER M 212 -46.77 35.22 45.41
N GLU M 213 -46.52 33.93 45.58
CA GLU M 213 -45.55 33.20 44.77
C GLU M 213 -46.14 31.87 44.35
N ILE M 214 -46.05 31.57 43.07
CA ILE M 214 -46.64 30.35 42.50
C ILE M 214 -45.52 29.46 42.00
N GLY M 215 -45.88 28.25 41.60
CA GLY M 215 -44.90 27.34 41.05
C GLY M 215 -45.47 26.00 40.69
N GLY M 216 -45.04 25.45 39.57
CA GLY M 216 -45.54 24.18 39.12
C GLY M 216 -44.67 23.54 38.07
N VAL M 217 -45.25 22.59 37.34
CA VAL M 217 -44.51 21.78 36.39
C VAL M 217 -44.80 22.29 34.98
N PHE M 218 -43.78 22.36 34.13
CA PHE M 218 -43.97 22.75 32.76
C PHE M 218 -43.58 21.59 31.86
N VAL M 219 -43.74 21.81 30.56
CA VAL M 219 -43.16 20.97 29.52
C VAL M 219 -42.92 21.84 28.28
N ALA M 220 -41.72 21.78 27.74
CA ALA M 220 -41.32 22.66 26.66
C ALA M 220 -40.76 21.84 25.52
N THR M 221 -41.16 22.17 24.30
CA THR M 221 -40.57 21.58 23.11
C THR M 221 -40.06 22.70 22.22
N GLN M 222 -38.93 22.45 21.58
CA GLN M 222 -38.36 23.40 20.65
C GLN M 222 -37.49 22.64 19.67
N LEU M 223 -36.72 23.38 18.88
CA LEU M 223 -35.89 22.81 17.85
C LEU M 223 -34.44 23.13 18.18
N SER M 224 -33.55 22.16 17.99
CA SER M 224 -32.15 22.38 18.29
C SER M 224 -31.51 23.26 17.23
N ASP M 225 -30.21 23.47 17.34
CA ASP M 225 -29.56 24.38 16.42
C ASP M 225 -29.10 23.66 15.16
N THR M 226 -28.64 24.43 14.19
CA THR M 226 -28.25 23.92 12.89
C THR M 226 -26.88 24.42 12.44
N ASP M 227 -26.25 25.30 13.23
CA ASP M 227 -25.04 26.05 12.85
C ASP M 227 -25.23 26.75 11.51
N MET M 228 -26.29 27.58 11.45
CA MET M 228 -26.55 28.51 10.36
C MET M 228 -26.76 27.78 9.02
N GLY M 229 -27.43 26.64 9.10
CA GLY M 229 -27.68 25.83 7.92
C GLY M 229 -26.66 24.77 7.65
N SER M 230 -25.90 24.35 8.66
CA SER M 230 -24.89 23.32 8.43
C SER M 230 -25.50 21.93 8.43
N LYS M 231 -26.58 21.74 9.19
CA LYS M 231 -27.19 20.43 9.28
C LYS M 231 -28.69 20.60 9.49
N THR M 232 -29.39 19.48 9.53
CA THR M 232 -30.80 19.48 9.84
C THR M 232 -30.99 19.53 11.35
N PRO M 233 -31.71 20.51 11.89
CA PRO M 233 -31.92 20.57 13.33
C PRO M 233 -32.92 19.52 13.77
N LYS M 234 -32.85 19.18 15.05
CA LYS M 234 -33.65 18.09 15.59
C LYS M 234 -34.54 18.57 16.72
N LYS M 235 -35.72 17.98 16.81
CA LYS M 235 -36.72 18.41 17.76
C LYS M 235 -36.33 17.98 19.17
N VAL M 236 -36.32 18.92 20.11
CA VAL M 236 -35.87 18.68 21.47
C VAL M 236 -37.03 18.93 22.42
N LEU M 237 -37.39 17.92 23.19
CA LEU M 237 -38.39 18.02 24.24
C LEU M 237 -37.69 18.07 25.59
N THR M 238 -38.26 18.85 26.51
CA THR M 238 -37.73 18.89 27.85
C THR M 238 -38.86 19.09 28.85
N LYS M 239 -38.58 18.77 30.11
CA LYS M 239 -39.55 18.84 31.20
C LYS M 239 -38.83 19.30 32.45
N GLY M 240 -39.57 19.92 33.36
CA GLY M 240 -38.96 20.35 34.60
C GLY M 240 -39.97 20.98 35.52
N ILE M 241 -39.50 21.94 36.31
CA ILE M 241 -40.32 22.66 37.27
C ILE M 241 -39.99 24.13 37.13
N PHE M 242 -40.96 24.98 37.41
CA PHE M 242 -40.72 26.41 37.44
C PHE M 242 -41.21 26.97 38.76
N TYR M 243 -41.19 28.29 38.85
CA TYR M 243 -41.42 29.02 40.08
C TYR M 243 -41.56 30.48 39.69
N ALA M 244 -42.52 31.19 40.29
CA ALA M 244 -42.71 32.57 39.91
C ALA M 244 -43.26 33.36 41.09
N LYS M 245 -42.94 34.65 41.10
CA LYS M 245 -43.45 35.58 42.09
C LYS M 245 -44.46 36.52 41.44
N VAL M 246 -45.73 36.38 41.79
CA VAL M 246 -46.80 37.02 41.05
C VAL M 246 -46.95 38.50 41.38
N ASP M 247 -46.39 38.94 42.51
CA ASP M 247 -46.51 40.32 43.04
C ASP M 247 -47.96 40.79 43.18
N MET N 1 -9.54 4.24 8.84
CA MET N 1 -8.62 3.52 7.97
C MET N 1 -7.26 4.20 7.99
N GLU N 2 -7.27 5.53 8.08
CA GLU N 2 -6.03 6.29 8.08
C GLU N 2 -5.36 6.27 9.44
N ALA N 3 -6.14 6.36 10.51
CA ALA N 3 -5.61 6.40 11.86
C ALA N 3 -5.11 5.04 12.33
N LEU N 4 -5.44 3.97 11.61
CA LEU N 4 -4.96 2.65 11.96
C LEU N 4 -3.46 2.54 11.75
N VAL N 5 -2.93 3.28 10.77
CA VAL N 5 -1.49 3.28 10.52
C VAL N 5 -0.77 4.04 11.61
N TYR N 6 -1.35 5.15 12.08
CA TYR N 6 -0.70 5.96 13.10
C TYR N 6 -0.61 5.21 14.42
N THR N 7 -1.64 4.44 14.76
CA THR N 7 -1.63 3.66 16.00
C THR N 7 -0.60 2.55 15.93
N PHE N 8 -0.48 1.90 14.77
CA PHE N 8 0.50 0.83 14.60
C PHE N 8 1.92 1.35 14.67
N LEU N 9 2.16 2.59 14.23
CA LEU N 9 3.48 3.15 14.36
C LEU N 9 3.80 3.49 15.80
N LEU N 10 2.80 3.89 16.57
CA LEU N 10 3.06 4.31 17.95
C LEU N 10 3.30 3.10 18.85
N ILE N 11 2.41 2.10 18.80
CA ILE N 11 2.64 0.94 19.66
C ILE N 11 3.77 0.09 19.14
N GLY N 12 4.07 0.16 17.84
CA GLY N 12 5.26 -0.50 17.34
C GLY N 12 6.54 0.16 17.79
N THR N 13 6.50 1.46 18.03
CA THR N 13 7.67 2.14 18.59
C THR N 13 7.85 1.78 20.05
N LEU N 14 6.74 1.56 20.78
CA LEU N 14 6.84 1.21 22.18
C LEU N 14 7.24 -0.25 22.37
N MET N 15 7.17 -1.06 21.33
CA MET N 15 7.67 -2.42 21.45
C MET N 15 9.19 -2.43 21.52
N VAL N 16 9.84 -1.70 20.60
CA VAL N 16 11.29 -1.76 20.53
C VAL N 16 11.93 -1.00 21.70
N ILE N 17 11.15 -0.14 22.36
CA ILE N 17 11.59 0.44 23.63
C ILE N 17 11.55 -0.61 24.72
N PHE N 18 10.54 -1.49 24.69
CA PHE N 18 10.45 -2.55 25.69
C PHE N 18 11.57 -3.55 25.55
N PHE N 19 11.90 -3.92 24.31
CA PHE N 19 12.94 -4.93 24.12
C PHE N 19 14.32 -4.36 24.38
N ALA N 20 14.48 -3.04 24.28
CA ALA N 20 15.79 -2.45 24.45
C ALA N 20 16.13 -2.32 25.93
N VAL N 21 15.11 -2.25 26.77
CA VAL N 21 15.34 -2.07 28.19
C VAL N 21 15.57 -3.43 28.85
N PHE N 22 14.78 -4.41 28.48
CA PHE N 22 14.80 -5.66 29.24
C PHE N 22 15.65 -6.71 28.57
N PHE N 23 15.70 -6.74 27.25
CA PHE N 23 16.56 -7.66 26.54
C PHE N 23 17.84 -7.01 26.08
N ARG N 24 18.39 -6.10 26.87
CA ARG N 24 19.59 -5.41 26.44
C ARG N 24 20.79 -6.34 26.55
N GLU N 25 21.78 -6.10 25.70
CA GLU N 25 23.03 -6.84 25.77
C GLU N 25 23.75 -6.38 27.03
N THR N 26 23.77 -7.23 28.05
CA THR N 26 24.28 -6.80 29.34
C THR N 26 25.79 -6.72 29.30
N PRO N 27 26.38 -5.56 29.59
CA PRO N 27 27.84 -5.44 29.49
C PRO N 27 28.52 -6.08 30.68
N ARG N 28 29.65 -6.72 30.42
CA ARG N 28 30.34 -7.50 31.41
C ARG N 28 31.81 -7.13 31.43
N ILE N 29 32.37 -7.05 32.63
CA ILE N 29 33.80 -6.88 32.78
C ILE N 29 34.47 -8.24 32.62
N LEU N 30 35.62 -8.27 31.94
CA LEU N 30 36.35 -9.49 31.54
C LEU N 30 35.48 -10.46 30.76
N VAL O 1 -23.90 36.22 5.41
CA VAL O 1 -24.39 36.16 4.05
C VAL O 1 -23.26 36.58 3.13
N ILE O 2 -23.06 35.84 2.03
CA ILE O 2 -22.05 36.20 1.05
C ILE O 2 -22.40 37.53 0.39
N ASP O 3 -23.57 37.60 -0.22
CA ASP O 3 -23.99 38.73 -1.02
C ASP O 3 -25.16 39.42 -0.33
N TYR O 4 -24.83 40.34 0.59
CA TYR O 4 -25.83 41.07 1.34
C TYR O 4 -25.94 42.47 0.78
N GLU O 5 -27.12 42.81 0.27
CA GLU O 5 -27.35 44.17 -0.14
C GLU O 5 -27.61 45.02 1.10
N ASN O 6 -27.34 46.34 0.97
CA ASN O 6 -27.41 47.38 1.98
C ASN O 6 -26.26 47.24 2.97
N ILE O 7 -25.08 46.88 2.49
CA ILE O 7 -23.88 47.02 3.31
C ILE O 7 -23.56 48.48 3.54
N GLY O 8 -23.83 49.31 2.54
CA GLY O 8 -23.46 50.72 2.62
C GLY O 8 -24.26 51.49 3.66
N TYR O 9 -25.53 51.13 3.83
CA TYR O 9 -26.39 51.87 4.73
C TYR O 9 -26.07 51.60 6.20
N LEU O 10 -25.23 50.61 6.49
CA LEU O 10 -24.86 50.32 7.87
C LEU O 10 -24.05 51.46 8.49
N GLY O 11 -22.82 51.66 8.04
CA GLY O 11 -21.96 52.59 8.74
C GLY O 11 -21.31 53.69 7.93
N GLY O 12 -21.13 53.48 6.63
CA GLY O 12 -20.18 54.28 5.89
C GLY O 12 -20.67 55.09 4.72
N SER O 13 -21.93 54.95 4.31
CA SER O 13 -22.40 55.67 3.15
C SER O 13 -22.84 57.09 3.46
N SER O 14 -22.83 57.48 4.74
CA SER O 14 -23.40 58.74 5.25
C SER O 14 -24.87 58.90 4.89
N ILE O 15 -25.56 57.77 4.79
CA ILE O 15 -27.02 57.71 4.88
C ILE O 15 -27.35 56.42 5.62
N VAL O 16 -27.73 56.56 6.90
CA VAL O 16 -27.62 55.41 7.79
C VAL O 16 -28.92 54.61 7.73
N ASP O 17 -28.82 53.34 8.08
CA ASP O 17 -30.00 52.50 8.26
C ASP O 17 -30.49 52.67 9.68
N ILE O 18 -31.76 52.37 9.93
CA ILE O 18 -32.27 52.46 11.29
C ILE O 18 -32.19 51.11 11.98
N ASN O 19 -32.82 50.10 11.41
CA ASN O 19 -32.97 48.83 12.08
C ASN O 19 -31.81 47.88 11.85
N ASN O 20 -30.69 48.35 11.30
CA ASN O 20 -29.52 47.51 11.12
C ASN O 20 -28.21 48.16 11.50
N ALA O 21 -28.19 49.47 11.73
CA ALA O 21 -26.92 50.13 12.00
C ALA O 21 -26.48 49.92 13.45
N ASN O 22 -25.17 49.97 13.65
CA ASN O 22 -24.60 49.95 14.98
C ASN O 22 -24.83 51.31 15.62
N VAL O 23 -24.74 51.36 16.95
CA VAL O 23 -24.83 52.63 17.64
C VAL O 23 -23.62 53.51 17.36
N ARG O 24 -22.51 52.92 16.90
CA ARG O 24 -21.37 53.68 16.43
C ARG O 24 -21.66 54.44 15.15
N ALA O 25 -22.67 54.03 14.38
CA ALA O 25 -22.97 54.71 13.14
C ALA O 25 -23.64 56.06 13.39
N TYR O 26 -24.35 56.18 14.50
CA TYR O 26 -24.96 57.44 14.88
C TYR O 26 -23.99 58.36 15.59
N LEU O 27 -22.73 57.98 15.71
CA LEU O 27 -21.75 58.86 16.32
C LEU O 27 -21.35 59.95 15.36
N LYS O 28 -21.49 59.72 14.05
CA LYS O 28 -21.11 60.71 13.05
C LYS O 28 -22.12 61.85 12.96
N MET O 29 -23.24 61.74 13.65
CA MET O 29 -24.23 62.79 13.67
C MET O 29 -24.11 63.54 14.98
N PRO O 30 -23.70 64.81 14.98
CA PRO O 30 -23.60 65.56 16.23
C PRO O 30 -24.93 65.78 16.90
N GLY O 31 -25.02 65.36 18.16
CA GLY O 31 -26.20 65.56 18.95
C GLY O 31 -26.93 64.29 19.34
N MET O 32 -26.70 63.19 18.66
CA MET O 32 -27.55 62.01 18.87
C MET O 32 -26.90 60.99 19.78
N TYR O 33 -25.60 60.82 19.70
CA TYR O 33 -24.93 59.97 20.67
C TYR O 33 -24.74 60.74 21.97
N PRO O 34 -25.04 60.12 23.12
CA PRO O 34 -25.54 58.75 23.31
C PRO O 34 -27.03 58.63 23.59
N THR O 35 -27.67 59.75 23.92
CA THR O 35 -29.03 59.71 24.47
C THR O 35 -30.05 59.40 23.41
N VAL O 36 -30.08 60.21 22.34
CA VAL O 36 -31.08 60.04 21.30
C VAL O 36 -30.78 58.80 20.49
N ALA O 37 -29.50 58.52 20.25
CA ALA O 37 -29.11 57.29 19.57
C ALA O 37 -29.36 56.07 20.43
N GLY O 38 -29.38 56.24 21.75
CA GLY O 38 -29.60 55.10 22.63
C GLY O 38 -31.02 54.59 22.59
N LYS O 39 -31.98 55.46 22.28
CA LYS O 39 -33.37 55.03 22.25
C LYS O 39 -33.73 54.39 20.93
N ILE O 40 -33.10 54.85 19.85
CA ILE O 40 -33.38 54.34 18.51
C ILE O 40 -32.91 52.91 18.39
N VAL O 41 -31.71 52.65 18.87
CA VAL O 41 -31.10 51.33 18.78
C VAL O 41 -31.81 50.34 19.69
N SER O 42 -32.37 50.83 20.80
CA SER O 42 -32.90 49.94 21.82
C SER O 42 -34.24 49.33 21.41
N HIS O 43 -35.08 50.08 20.71
CA HIS O 43 -36.41 49.57 20.43
C HIS O 43 -36.44 48.78 19.12
N GLY O 44 -37.63 48.25 18.82
CA GLY O 44 -37.77 47.24 17.82
C GLY O 44 -37.79 47.79 16.40
N PRO O 45 -38.35 47.00 15.47
CA PRO O 45 -38.27 47.35 14.04
C PRO O 45 -39.08 48.57 13.68
N TYR O 46 -38.49 49.43 12.87
CA TYR O 46 -39.12 50.63 12.36
C TYR O 46 -39.37 50.48 10.87
N SER O 47 -40.43 51.13 10.39
CA SER O 47 -40.73 51.08 8.97
C SER O 47 -40.42 52.38 8.24
N GLY O 48 -40.25 53.48 8.95
CA GLY O 48 -39.90 54.73 8.30
C GLY O 48 -39.31 55.71 9.28
N VAL O 49 -38.98 56.89 8.77
CA VAL O 49 -38.46 57.96 9.61
C VAL O 49 -39.59 58.56 10.44
N ALA O 50 -40.84 58.38 9.98
CA ALA O 50 -41.99 58.82 10.76
C ALA O 50 -42.19 57.96 12.00
N ASP O 51 -41.67 56.73 11.97
CA ASP O 51 -41.79 55.87 13.14
C ASP O 51 -40.76 56.21 14.20
N LEU O 52 -39.81 57.09 13.87
CA LEU O 52 -38.85 57.54 14.88
C LEU O 52 -39.53 58.44 15.90
N TYR O 53 -40.64 59.06 15.53
CA TYR O 53 -41.36 59.93 16.45
C TYR O 53 -42.32 59.12 17.32
N LYS O 54 -42.45 57.83 17.04
CA LYS O 54 -43.31 56.98 17.84
C LYS O 54 -42.59 56.36 19.03
N ILE O 55 -41.34 56.73 19.28
CA ILE O 55 -40.55 56.13 20.35
C ILE O 55 -41.12 56.56 21.69
N PRO O 56 -41.43 55.62 22.59
CA PRO O 56 -41.86 55.99 23.94
C PRO O 56 -40.74 56.68 24.72
N GLY O 57 -41.00 57.89 25.17
CA GLY O 57 -40.01 58.64 25.91
C GLY O 57 -39.18 59.54 25.03
N LEU O 58 -39.82 60.40 24.26
CA LEU O 58 -39.14 61.41 23.44
C LEU O 58 -39.45 62.78 23.98
N SER O 59 -38.45 63.65 23.97
CA SER O 59 -38.64 65.06 24.25
C SER O 59 -38.80 65.85 22.95
N SER O 60 -38.90 67.16 23.09
CA SER O 60 -38.85 68.02 21.91
C SER O 60 -37.41 68.22 21.46
N ALA O 61 -36.46 68.10 22.39
CA ALA O 61 -35.06 68.18 22.02
C ALA O 61 -34.58 66.87 21.41
N GLU O 62 -35.17 65.74 21.83
CA GLU O 62 -34.80 64.47 21.22
C GLU O 62 -35.39 64.34 19.83
N ALA O 63 -36.57 64.91 19.61
CA ALA O 63 -37.12 64.98 18.26
C ALA O 63 -36.43 66.04 17.41
N ASP O 64 -35.65 66.94 18.03
CA ASP O 64 -35.02 68.02 17.28
C ASP O 64 -33.85 67.50 16.46
N VAL O 65 -32.97 66.71 17.07
CA VAL O 65 -31.79 66.22 16.36
C VAL O 65 -32.18 65.12 15.36
N ILE O 66 -33.34 64.50 15.56
CA ILE O 66 -33.87 63.60 14.55
C ILE O 66 -34.41 64.41 13.38
N LYS O 67 -34.98 65.58 13.67
CA LYS O 67 -35.53 66.44 12.61
C LYS O 67 -34.42 67.02 11.75
N LYS O 68 -33.24 67.24 12.32
CA LYS O 68 -32.11 67.71 11.54
C LYS O 68 -31.67 66.67 10.51
N TYR O 69 -31.49 65.44 10.95
CA TYR O 69 -30.86 64.41 10.14
C TYR O 69 -31.85 63.44 9.53
N GLU O 70 -33.12 63.84 9.43
CA GLU O 70 -34.14 62.92 8.93
C GLU O 70 -33.97 62.64 7.45
N SER O 71 -33.24 63.50 6.74
CA SER O 71 -32.85 63.17 5.38
C SER O 71 -31.78 62.10 5.35
N ARG O 72 -30.93 62.06 6.39
CA ARG O 72 -29.82 61.11 6.40
C ARG O 72 -30.25 59.79 7.01
N LEU O 73 -31.19 59.82 7.94
CA LEU O 73 -31.81 58.61 8.44
C LEU O 73 -32.72 57.99 7.38
N THR O 74 -32.63 56.67 7.24
CA THR O 74 -33.58 55.94 6.41
C THR O 74 -33.68 54.53 6.96
N ALA O 75 -34.78 53.86 6.68
CA ALA O 75 -35.08 52.55 7.23
C ALA O 75 -35.14 51.50 6.14
N LYS O 76 -34.58 50.32 6.43
CA LYS O 76 -34.50 49.25 5.45
C LYS O 76 -35.09 47.96 6.01
N THR O 77 -34.87 46.88 5.28
CA THR O 77 -35.35 45.57 5.71
C THR O 77 -34.51 45.05 6.87
N PRO O 78 -35.11 44.66 7.99
CA PRO O 78 -34.32 44.14 9.12
C PRO O 78 -33.85 42.72 8.88
N SER O 79 -32.57 42.57 8.57
CA SER O 79 -32.03 41.22 8.51
C SER O 79 -31.55 40.82 9.89
N PRO O 80 -32.07 39.72 10.46
CA PRO O 80 -32.04 39.55 11.92
C PRO O 80 -30.68 39.29 12.55
N ASP O 81 -29.62 39.16 11.77
CA ASP O 81 -28.29 38.97 12.36
C ASP O 81 -27.63 40.31 12.64
N TYR O 82 -27.98 41.35 11.89
CA TYR O 82 -27.49 42.67 12.18
C TYR O 82 -28.30 43.33 13.29
N VAL O 83 -29.51 42.85 13.55
CA VAL O 83 -30.37 43.55 14.49
C VAL O 83 -29.99 43.19 15.92
N ILE O 84 -29.20 42.13 16.09
CA ILE O 84 -28.82 41.69 17.44
C ILE O 84 -27.66 42.53 17.95
N ASP O 85 -26.64 42.69 17.12
CA ASP O 85 -25.43 43.41 17.50
C ASP O 85 -25.52 44.89 17.13
N ARG O 86 -26.60 45.52 17.59
CA ARG O 86 -26.81 46.94 17.36
C ARG O 86 -26.25 47.81 18.48
N ILE O 87 -26.24 47.33 19.71
CA ILE O 87 -25.55 48.00 20.81
C ILE O 87 -24.05 47.76 20.73
N ASN O 88 -23.66 46.51 20.53
CA ASN O 88 -22.25 46.14 20.54
C ASN O 88 -22.06 45.04 19.52
N ASN O 89 -21.24 45.28 18.51
CA ASN O 89 -20.91 44.27 17.53
C ASN O 89 -19.45 43.84 17.64
N GLY O 90 -18.79 44.25 18.72
CA GLY O 90 -17.40 43.86 18.90
C GLY O 90 -16.44 44.68 18.06
N LEU O 91 -16.72 45.96 17.88
CA LEU O 91 -15.84 46.85 17.15
C LEU O 91 -15.42 47.94 18.11
N TYR O 92 -14.13 48.09 18.30
CA TYR O 92 -13.61 49.09 19.21
C TYR O 92 -12.37 49.74 18.60
N ARG O 93 -12.30 51.06 18.76
CA ARG O 93 -11.22 51.84 18.17
C ARG O 93 -9.91 51.63 18.89
N ASP P 2 13.14 70.45 14.40
CA ASP P 2 12.23 70.51 13.27
C ASP P 2 10.82 70.71 13.83
N LEU P 3 10.74 71.16 15.08
CA LEU P 3 9.48 71.69 15.62
C LEU P 3 9.37 73.14 15.20
N ASP P 4 8.91 73.33 13.96
CA ASP P 4 8.74 74.67 13.43
C ASP P 4 7.57 75.34 14.10
N GLU P 5 7.60 76.68 14.13
CA GLU P 5 6.55 77.41 14.82
C GLU P 5 5.25 77.39 14.03
N ALA P 6 5.30 77.05 12.74
CA ALA P 6 4.07 76.82 12.00
C ALA P 6 3.43 75.50 12.41
N THR P 7 4.23 74.53 12.82
CA THR P 7 3.69 73.26 13.28
C THR P 7 3.22 73.35 14.73
N ARG P 8 3.86 74.19 15.54
CA ARG P 8 3.43 74.41 16.91
C ARG P 8 2.22 75.33 16.99
N THR P 9 1.81 75.94 15.89
CA THR P 9 0.70 76.87 15.92
C THR P 9 -0.64 76.13 15.90
N VAL P 10 -1.40 76.25 17.00
CA VAL P 10 -2.64 75.50 17.17
C VAL P 10 -3.80 76.45 17.37
N VAL P 11 -5.02 75.93 17.12
CA VAL P 11 -6.22 76.74 17.16
C VAL P 11 -6.64 76.94 18.61
N VAL P 12 -7.02 78.17 18.97
CA VAL P 12 -7.15 78.54 20.37
C VAL P 12 -8.58 78.89 20.81
N ASP P 13 -9.45 79.36 19.91
CA ASP P 13 -10.80 79.72 20.37
C ASP P 13 -11.84 79.17 19.41
N ASN P 14 -13.11 79.31 19.80
CA ASN P 14 -14.22 78.77 19.02
C ASN P 14 -14.36 79.49 17.68
N ALA P 15 -13.92 80.75 17.61
CA ALA P 15 -13.96 81.49 16.36
C ALA P 15 -12.96 80.92 15.36
N GLY P 16 -11.75 80.62 15.80
CA GLY P 16 -10.74 80.06 14.93
C GLY P 16 -9.40 80.76 14.93
N ASN P 17 -9.07 81.50 15.98
CA ASN P 17 -7.75 82.11 16.07
C ASN P 17 -6.70 81.05 16.38
N THR P 18 -5.49 81.27 15.91
CA THR P 18 -4.40 80.32 16.06
C THR P 18 -3.24 81.01 16.77
N THR P 19 -2.79 80.41 17.87
CA THR P 19 -1.59 80.86 18.58
C THR P 19 -0.59 79.73 18.63
N VAL P 20 0.64 80.07 19.01
CA VAL P 20 1.74 79.13 18.97
C VAL P 20 2.03 78.68 20.40
N LEU P 21 2.59 77.48 20.54
CA LEU P 21 2.97 76.92 21.83
C LEU P 21 4.48 77.02 22.00
N THR P 22 4.89 77.64 23.10
CA THR P 22 6.31 77.75 23.43
C THR P 22 6.87 76.37 23.75
N PRO P 23 8.18 76.16 23.55
CA PRO P 23 8.70 74.77 23.68
C PRO P 23 8.66 74.16 25.07
N GLU P 24 8.40 74.93 26.12
CA GLU P 24 8.15 74.29 27.40
C GLU P 24 6.71 73.82 27.52
N GLN P 25 5.81 74.35 26.69
CA GLN P 25 4.42 73.90 26.73
C GLN P 25 4.28 72.52 26.12
N VAL P 26 5.07 72.23 25.09
CA VAL P 26 4.95 70.93 24.42
C VAL P 26 5.69 69.86 25.22
N LYS P 27 6.56 70.26 26.14
CA LYS P 27 7.34 69.30 26.89
C LYS P 27 6.65 68.93 28.19
N ARG P 28 6.17 69.95 28.92
CA ARG P 28 5.32 69.71 30.07
C ARG P 28 3.97 69.15 29.65
N GLY P 29 3.56 69.45 28.42
CA GLY P 29 2.31 68.94 27.93
C GLY P 29 2.35 67.44 27.73
N LYS P 30 3.53 66.89 27.47
CA LYS P 30 3.61 65.44 27.32
C LYS P 30 3.76 64.76 28.67
N ARG P 31 4.56 65.33 29.58
CA ARG P 31 4.78 64.71 30.88
C ARG P 31 3.51 64.72 31.71
N LEU P 32 2.74 65.80 31.66
CA LEU P 32 1.51 65.85 32.42
C LEU P 32 0.43 64.98 31.82
N PHE P 33 0.40 64.83 30.49
CA PHE P 33 -0.64 64.05 29.86
C PHE P 33 -0.47 62.57 30.15
N ASN P 34 0.76 62.08 30.10
CA ASN P 34 1.00 60.67 30.39
C ASN P 34 0.81 60.37 31.87
N ALA P 35 1.13 61.33 32.74
CA ALA P 35 0.99 61.11 34.16
C ALA P 35 -0.47 61.21 34.60
N THR P 36 -1.21 62.16 34.06
CA THR P 36 -2.59 62.35 34.48
C THR P 36 -3.59 61.63 33.59
N CYS P 37 -3.61 61.98 32.31
CA CYS P 37 -4.68 61.56 31.42
C CYS P 37 -4.37 60.25 30.72
N GLY P 38 -3.09 59.91 30.62
CA GLY P 38 -2.67 58.86 29.72
C GLY P 38 -2.94 57.46 30.22
N ALA P 39 -3.48 57.31 31.42
CA ALA P 39 -3.83 55.98 31.89
C ALA P 39 -4.96 55.40 31.07
N CYS P 40 -5.89 56.22 30.62
CA CYS P 40 -6.97 55.77 29.77
C CYS P 40 -6.94 56.37 28.39
N HIS P 41 -6.51 57.63 28.26
CA HIS P 41 -6.44 58.25 26.95
C HIS P 41 -5.05 58.11 26.33
N VAL P 42 -4.51 56.91 26.27
CA VAL P 42 -3.17 56.74 25.72
C VAL P 42 -3.24 56.68 24.19
N GLY P 43 -2.52 57.58 23.55
CA GLY P 43 -2.51 57.63 22.10
C GLY P 43 -3.79 58.09 21.45
N GLY P 44 -4.71 58.67 22.20
CA GLY P 44 -5.93 59.22 21.63
C GLY P 44 -7.15 58.35 21.74
N ILE P 45 -7.00 57.08 21.96
CA ILE P 45 -8.15 56.21 22.16
C ILE P 45 -8.55 56.29 23.62
N THR P 46 -9.80 55.94 23.90
CA THR P 46 -10.29 55.86 25.27
C THR P 46 -10.52 54.40 25.61
N LYS P 47 -9.89 53.95 26.70
CA LYS P 47 -9.98 52.53 27.06
C LYS P 47 -11.35 52.18 27.59
N THR P 48 -11.93 53.01 28.45
CA THR P 48 -13.17 52.67 29.13
C THR P 48 -14.41 53.02 28.34
N ASN P 49 -14.28 53.72 27.22
CA ASN P 49 -15.40 54.04 26.35
C ASN P 49 -14.86 54.33 24.96
N PRO P 50 -14.64 53.31 24.13
CA PRO P 50 -13.87 53.51 22.88
C PRO P 50 -14.61 54.29 21.81
N ASN P 51 -15.89 54.58 22.01
CA ASN P 51 -16.62 55.38 21.05
C ASN P 51 -16.17 56.83 21.09
N VAL P 52 -15.87 57.34 22.28
CA VAL P 52 -15.59 58.75 22.47
C VAL P 52 -14.07 58.88 22.63
N GLY P 53 -13.38 59.19 21.53
CA GLY P 53 -11.94 59.25 21.52
C GLY P 53 -11.41 60.68 21.57
N LEU P 54 -10.11 60.79 21.39
CA LEU P 54 -9.46 62.09 21.26
C LEU P 54 -9.07 62.39 19.82
N ASP P 55 -9.78 61.85 18.88
CA ASP P 55 -9.56 62.15 17.48
C ASP P 55 -9.93 63.59 17.19
N PRO P 56 -9.25 64.25 16.25
CA PRO P 56 -9.72 65.57 15.81
C PRO P 56 -11.03 65.51 15.06
N GLU P 57 -11.36 64.36 14.47
CA GLU P 57 -12.71 64.14 13.98
C GLU P 57 -13.68 64.01 15.14
N ALA P 58 -13.31 63.25 16.18
CA ALA P 58 -14.23 62.96 17.26
C ALA P 58 -14.41 64.15 18.19
N LEU P 59 -13.37 64.98 18.35
CA LEU P 59 -13.54 66.20 19.14
C LEU P 59 -14.41 67.22 18.43
N SER P 60 -14.41 67.20 17.11
CA SER P 60 -15.19 68.18 16.36
C SER P 60 -16.67 67.83 16.35
N LEU P 61 -17.00 66.55 16.42
CA LEU P 61 -18.41 66.15 16.31
C LEU P 61 -19.15 66.24 17.63
N ALA P 62 -18.49 66.60 18.72
CA ALA P 62 -19.18 66.78 19.97
C ALA P 62 -20.06 68.03 19.91
N THR P 63 -21.14 68.02 20.68
CA THR P 63 -22.22 69.00 20.51
C THR P 63 -21.78 70.41 20.93
N PRO P 64 -20.95 70.58 21.96
CA PRO P 64 -20.03 71.71 21.89
C PRO P 64 -18.78 71.26 21.16
N ARG P 65 -18.30 72.08 20.23
CA ARG P 65 -17.09 71.72 19.51
C ARG P 65 -15.90 71.79 20.45
N ARG P 66 -15.10 70.72 20.45
CA ARG P 66 -14.07 70.54 21.46
C ARG P 66 -12.65 70.64 20.91
N ASP P 67 -12.47 71.10 19.68
CA ASP P 67 -11.14 71.07 19.07
C ASP P 67 -10.24 72.16 19.63
N ASN P 68 -10.82 73.21 20.20
CA ASN P 68 -10.01 74.35 20.58
C ASN P 68 -9.29 74.10 21.89
N ILE P 69 -8.24 74.88 22.13
CA ILE P 69 -7.60 74.86 23.44
C ILE P 69 -8.55 75.40 24.49
N SER P 70 -9.30 76.46 24.16
CA SER P 70 -10.26 77.03 25.10
C SER P 70 -11.45 76.11 25.29
N ALA P 71 -11.70 75.22 24.34
CA ALA P 71 -12.81 74.29 24.49
C ALA P 71 -12.39 73.06 25.28
N LEU P 72 -11.12 72.68 25.19
CA LEU P 72 -10.66 71.51 25.94
C LEU P 72 -10.49 71.83 27.41
N VAL P 73 -9.95 72.99 27.74
CA VAL P 73 -9.81 73.37 29.14
C VAL P 73 -11.18 73.67 29.73
N ASP P 74 -12.15 74.03 28.88
CA ASP P 74 -13.54 74.09 29.29
C ASP P 74 -14.05 72.71 29.71
N TYR P 75 -13.68 71.68 28.96
CA TYR P 75 -14.13 70.33 29.26
C TYR P 75 -13.51 69.82 30.55
N ILE P 76 -12.29 70.23 30.84
CA ILE P 76 -11.61 69.72 32.02
C ILE P 76 -12.24 70.28 33.28
N LYS P 77 -12.64 71.55 33.25
CA LYS P 77 -13.26 72.12 34.43
C LYS P 77 -14.74 71.78 34.51
N ASN P 78 -15.35 71.38 33.38
CA ASN P 78 -16.76 71.02 33.38
C ASN P 78 -17.04 70.00 32.30
N PRO P 79 -16.85 68.72 32.58
CA PRO P 79 -17.09 67.71 31.54
C PRO P 79 -18.55 67.34 31.38
N THR P 80 -19.14 67.77 30.29
CA THR P 80 -20.44 67.26 29.93
C THR P 80 -20.25 65.98 29.11
N THR P 81 -21.37 65.44 28.65
CA THR P 81 -21.29 64.25 27.82
C THR P 81 -20.93 64.61 26.39
N TYR P 82 -21.09 63.63 25.51
CA TYR P 82 -20.79 63.84 24.10
C TYR P 82 -21.85 64.71 23.44
N ASP P 83 -23.11 64.56 23.86
CA ASP P 83 -24.15 65.44 23.35
C ASP P 83 -24.30 66.67 24.23
N GLY P 84 -23.51 66.77 25.29
CA GLY P 84 -23.45 67.96 26.11
C GLY P 84 -24.71 68.28 26.90
N LEU P 85 -25.60 67.30 27.10
CA LEU P 85 -26.82 67.61 27.81
C LEU P 85 -26.63 67.55 29.32
N GLU P 86 -25.94 66.53 29.81
CA GLU P 86 -25.74 66.37 31.24
C GLU P 86 -24.27 66.24 31.57
N SER P 87 -23.94 66.43 32.84
CA SER P 87 -22.57 66.41 33.30
C SER P 87 -22.17 65.01 33.77
N ILE P 88 -20.93 64.65 33.47
CA ILE P 88 -20.34 63.40 33.94
C ILE P 88 -19.09 63.72 34.73
N ALA P 89 -19.11 64.86 35.42
CA ALA P 89 -18.00 65.22 36.29
C ALA P 89 -17.83 64.25 37.43
N GLU P 90 -18.90 63.57 37.83
CA GLU P 90 -18.83 62.62 38.92
C GLU P 90 -18.01 61.39 38.55
N VAL P 91 -17.89 61.08 37.25
CA VAL P 91 -17.14 59.91 36.82
C VAL P 91 -15.92 60.27 35.97
N HIS P 92 -15.93 61.41 35.28
CA HIS P 92 -14.69 61.76 34.63
C HIS P 92 -13.87 62.66 35.56
N PRO P 93 -12.55 62.53 35.57
CA PRO P 93 -11.73 63.43 36.39
C PRO P 93 -11.81 64.85 35.89
N SER P 94 -11.97 65.78 36.82
CA SER P 94 -12.25 67.15 36.46
C SER P 94 -11.65 68.07 37.52
N ILE P 95 -11.97 69.36 37.41
CA ILE P 95 -11.63 70.33 38.44
C ILE P 95 -12.82 70.56 39.36
N LYS P 96 -14.02 70.53 38.80
CA LYS P 96 -15.23 70.68 39.60
C LYS P 96 -15.40 69.52 40.58
N SER P 97 -15.27 68.29 40.09
CA SER P 97 -15.27 67.12 40.94
C SER P 97 -13.84 66.65 41.15
N ALA P 98 -13.06 67.42 41.89
CA ALA P 98 -11.67 67.09 42.15
C ALA P 98 -11.40 66.74 43.60
N ASP P 99 -12.45 66.60 44.41
CA ASP P 99 -12.28 66.03 45.73
C ASP P 99 -12.17 64.53 45.70
N ILE P 100 -12.85 63.87 44.77
CA ILE P 100 -12.72 62.44 44.68
C ILE P 100 -11.41 62.06 44.00
N TYR P 101 -11.07 62.72 42.91
CA TYR P 101 -9.86 62.40 42.19
C TYR P 101 -8.70 63.14 42.83
N PRO P 102 -7.75 62.44 43.45
CA PRO P 102 -6.62 63.13 44.09
C PRO P 102 -5.59 63.60 43.09
N ARG P 103 -5.77 63.25 41.83
CA ARG P 103 -4.75 63.50 40.83
C ARG P 103 -4.85 64.92 40.30
N MET P 104 -6.00 65.56 40.49
CA MET P 104 -6.21 66.88 39.93
C MET P 104 -6.41 67.95 40.99
N ARG P 105 -5.89 67.75 42.19
CA ARG P 105 -6.01 68.78 43.20
C ARG P 105 -4.93 69.85 43.05
N SER P 106 -3.88 69.55 42.29
CA SER P 106 -2.80 70.52 42.08
C SER P 106 -2.57 70.71 40.60
N LEU P 107 -3.38 71.57 39.99
CA LEU P 107 -3.24 71.91 38.58
C LEU P 107 -3.56 73.38 38.41
N THR P 108 -2.67 74.09 37.73
CA THR P 108 -2.84 75.52 37.51
C THR P 108 -3.50 75.74 36.16
N ASP P 109 -3.61 77.00 35.75
CA ASP P 109 -4.21 77.30 34.47
C ASP P 109 -3.26 76.98 33.32
N GLU P 110 -1.96 77.24 33.51
CA GLU P 110 -1.00 76.93 32.47
C GLU P 110 -0.74 75.44 32.34
N ASP P 111 -1.05 74.67 33.39
CA ASP P 111 -0.86 73.23 33.30
C ASP P 111 -1.95 72.58 32.46
N LEU P 112 -3.18 73.04 32.61
CA LEU P 112 -4.22 72.56 31.70
C LEU P 112 -4.06 73.16 30.31
N TYR P 113 -3.41 74.32 30.20
CA TYR P 113 -3.16 74.90 28.90
C TYR P 113 -2.13 74.08 28.12
N SER P 114 -1.24 73.39 28.82
CA SER P 114 -0.26 72.58 28.11
C SER P 114 -0.76 71.16 27.87
N ILE P 115 -1.60 70.63 28.76
CA ILE P 115 -2.21 69.31 28.52
C ILE P 115 -3.13 69.38 27.32
N ALA P 116 -3.97 70.41 27.26
CA ALA P 116 -4.81 70.60 26.09
C ALA P 116 -3.98 70.98 24.87
N GLY P 117 -2.82 71.57 25.07
CA GLY P 117 -1.90 71.76 23.97
C GLY P 117 -1.39 70.45 23.40
N HIS P 118 -1.16 69.47 24.27
CA HIS P 118 -0.68 68.18 23.80
C HIS P 118 -1.75 67.40 23.05
N ILE P 119 -3.00 67.50 23.49
CA ILE P 119 -4.10 66.83 22.81
C ILE P 119 -4.36 67.40 21.44
N MET P 120 -4.11 68.69 21.25
CA MET P 120 -4.32 69.35 19.98
C MET P 120 -3.14 69.27 19.02
N LEU P 121 -1.92 69.33 19.53
CA LEU P 121 -0.73 69.31 18.70
C LEU P 121 -0.28 67.91 18.30
N SER P 122 -0.76 66.88 18.98
CA SER P 122 -0.40 65.52 18.60
C SER P 122 -1.01 64.98 17.30
N PRO P 123 -2.25 65.33 16.89
CA PRO P 123 -2.66 64.93 15.54
C PRO P 123 -1.90 65.64 14.43
N LYS P 124 -1.28 66.78 14.72
CA LYS P 124 -0.50 67.46 13.71
C LYS P 124 0.87 66.81 13.55
N ILE P 125 1.42 66.25 14.63
CA ILE P 125 2.66 65.49 14.49
C ILE P 125 2.39 64.13 13.84
N ALA P 126 1.61 63.28 14.51
CA ALA P 126 1.28 61.96 14.00
C ALA P 126 -0.15 62.04 13.50
N SER P 127 -0.32 61.91 12.18
CA SER P 127 -1.62 62.22 11.57
C SER P 127 -2.63 61.11 11.82
N GLU P 128 -2.18 59.87 11.75
CA GLU P 128 -3.09 58.73 11.81
C GLU P 128 -2.87 57.87 13.04
N LYS P 129 -1.76 58.05 13.76
CA LYS P 129 -1.51 57.24 14.93
C LYS P 129 -2.33 57.70 16.12
N TRP P 130 -2.70 58.98 16.15
CA TRP P 130 -3.41 59.52 17.29
C TRP P 130 -4.86 59.09 17.28
N GLY P 131 -5.21 58.16 18.18
CA GLY P 131 -6.57 57.70 18.27
C GLY P 131 -6.98 56.80 17.12
N GLY P 132 -6.03 56.13 16.49
CA GLY P 132 -6.32 55.26 15.39
C GLY P 132 -6.40 53.82 15.82
N GLY P 133 -6.19 53.59 17.11
CA GLY P 133 -6.27 52.24 17.60
C GLY P 133 -4.98 51.47 17.36
N LYS P 134 -5.10 50.15 17.44
CA LYS P 134 -3.93 49.31 17.32
C LYS P 134 -3.58 49.04 15.86
N ILE P 135 -4.47 49.42 14.94
CA ILE P 135 -4.16 49.25 13.52
C ILE P 135 -3.00 50.17 13.14
N TYR P 136 -2.96 51.35 13.72
CA TYR P 136 -1.94 52.31 13.37
C TYR P 136 -0.85 52.45 14.42
N TYR P 137 -0.56 51.40 15.18
CA TYR P 137 0.56 51.45 16.10
C TYR P 137 1.86 51.50 15.34
N MET Q 1 20.00 77.33 38.71
CA MET Q 1 19.55 76.28 37.80
C MET Q 1 20.72 75.46 37.30
N ILE Q 2 21.45 74.83 38.23
CA ILE Q 2 22.64 74.06 37.84
C ILE Q 2 22.51 72.59 38.20
N ASN Q 3 21.28 72.10 38.40
CA ASN Q 3 20.94 70.69 38.58
C ASN Q 3 21.64 70.09 39.80
N TRP Q 4 21.23 70.60 40.96
CA TRP Q 4 21.88 70.24 42.22
C TRP Q 4 21.64 68.78 42.60
N GLN Q 5 20.58 68.17 42.06
CA GLN Q 5 20.25 66.80 42.44
C GLN Q 5 21.25 65.82 41.87
N VAL Q 6 21.54 65.94 40.58
CA VAL Q 6 22.47 65.03 39.91
C VAL Q 6 23.88 65.23 40.44
N ILE Q 7 24.25 66.48 40.72
CA ILE Q 7 25.53 66.77 41.35
C ILE Q 7 25.60 66.14 42.73
N GLY Q 8 24.46 66.12 43.44
CA GLY Q 8 24.44 65.50 44.75
C GLY Q 8 24.52 63.99 44.68
N GLN Q 9 23.85 63.39 43.69
CA GLN Q 9 23.81 61.93 43.60
C GLN Q 9 25.13 61.36 43.13
N LEU Q 10 25.77 62.01 42.15
CA LEU Q 10 26.99 61.46 41.58
C LEU Q 10 28.16 61.59 42.54
N MET Q 11 28.14 62.61 43.40
CA MET Q 11 29.17 62.70 44.42
C MET Q 11 28.92 61.69 45.52
N SER Q 12 27.66 61.50 45.90
CA SER Q 12 27.35 60.62 47.01
C SER Q 12 27.47 59.16 46.67
N THR Q 13 27.36 58.76 45.39
CA THR Q 13 27.78 57.41 45.04
C THR Q 13 29.29 57.29 45.08
N ALA Q 14 30.00 58.27 44.53
CA ALA Q 14 31.46 58.23 44.48
C ALA Q 14 32.09 58.36 45.85
N VAL Q 15 31.39 58.93 46.83
CA VAL Q 15 31.88 58.86 48.20
C VAL Q 15 31.75 57.44 48.74
N ILE Q 16 30.59 56.83 48.50
CA ILE Q 16 30.29 55.52 49.05
C ILE Q 16 30.99 54.40 48.28
N MET Q 17 31.05 54.49 46.95
CA MET Q 17 31.76 53.49 46.17
C MET Q 17 33.26 53.54 46.37
N LEU Q 18 33.80 54.64 46.88
CA LEU Q 18 35.20 54.71 47.24
C LEU Q 18 35.43 54.54 48.73
N ALA Q 19 34.38 54.45 49.53
CA ALA Q 19 34.54 54.16 50.94
C ALA Q 19 34.57 52.68 51.24
N GLY Q 20 34.33 51.84 50.26
CA GLY Q 20 34.35 50.41 50.43
C GLY Q 20 35.72 49.79 50.22
N PRO Q 21 36.31 49.99 49.04
CA PRO Q 21 37.71 49.57 48.86
C PRO Q 21 38.71 50.33 49.73
N ALA Q 22 38.36 51.50 50.26
CA ALA Q 22 39.28 52.20 51.16
C ALA Q 22 39.39 51.48 52.50
N VAL Q 23 38.39 50.67 52.84
CA VAL Q 23 38.50 49.82 54.02
C VAL Q 23 39.52 48.71 53.78
N ILE Q 24 39.59 48.21 52.55
CA ILE Q 24 40.53 47.15 52.24
C ILE Q 24 41.92 47.71 51.96
N VAL Q 25 41.99 48.85 51.25
CA VAL Q 25 43.27 49.46 50.89
C VAL Q 25 44.00 49.92 52.15
N LEU Q 26 43.29 50.49 53.11
CA LEU Q 26 43.91 50.84 54.37
C LEU Q 26 44.34 49.62 55.17
N LEU Q 27 43.76 48.46 54.92
CA LEU Q 27 44.25 47.26 55.57
C LEU Q 27 45.44 46.64 54.85
N ALA Q 28 45.51 46.78 53.53
CA ALA Q 28 46.64 46.20 52.81
C ALA Q 28 47.91 46.97 53.08
N LEU Q 29 47.80 48.28 53.30
CA LEU Q 29 48.97 49.08 53.65
C LEU Q 29 49.41 48.78 55.08
N LYS Q 30 48.45 48.44 55.93
CA LYS Q 30 48.71 48.19 57.33
C LYS Q 30 49.16 46.75 57.57
N LYS Q 31 49.02 45.88 56.56
CA LYS Q 31 49.36 44.45 56.62
C LYS Q 31 48.61 43.75 57.74
N GLY Q 32 47.37 44.15 57.97
CA GLY Q 32 46.55 43.52 58.99
C GLY Q 32 45.98 42.21 58.53
N ASN Q 33 45.15 41.62 59.39
CA ASN Q 33 44.57 40.32 59.10
C ASN Q 33 43.46 40.42 58.07
N LEU Q 34 43.83 40.44 56.80
CA LEU Q 34 42.85 40.29 55.74
C LEU Q 34 42.41 38.83 55.61
N MET R 1 35.73 49.06 -20.82
CA MET R 1 35.49 50.24 -21.63
C MET R 1 34.24 50.98 -21.20
N THR R 2 33.30 50.28 -20.58
CA THR R 2 32.15 50.93 -19.95
C THR R 2 32.55 51.53 -18.61
N ALA R 3 31.56 52.04 -17.88
CA ALA R 3 31.82 52.42 -16.50
C ALA R 3 32.01 51.18 -15.64
N SER R 4 31.20 50.15 -15.88
CA SER R 4 31.26 48.96 -15.05
C SER R 4 32.47 48.10 -15.37
N LEU R 5 32.89 48.06 -16.63
CA LEU R 5 34.03 47.22 -16.98
C LEU R 5 35.34 47.87 -16.59
N SER R 6 35.44 49.20 -16.69
CA SER R 6 36.67 49.86 -16.30
C SER R 6 36.87 49.80 -14.80
N ASN R 7 35.78 49.92 -14.04
CA ASN R 7 35.89 49.87 -12.58
C ASN R 7 36.22 48.47 -12.09
N PHE R 8 35.87 47.45 -12.86
CA PHE R 8 36.12 46.09 -12.40
C PHE R 8 37.58 45.71 -12.54
N ILE R 9 38.22 46.11 -13.64
CA ILE R 9 39.63 45.81 -13.84
C ILE R 9 40.47 46.59 -12.84
N ALA R 10 40.01 47.79 -12.47
CA ALA R 10 40.69 48.55 -11.43
C ALA R 10 40.58 47.85 -10.09
N SER R 11 39.46 47.17 -9.84
CA SER R 11 39.33 46.38 -8.62
C SER R 11 40.16 45.12 -8.70
N LEU R 12 40.39 44.63 -9.91
CA LEU R 12 41.23 43.46 -10.11
C LEU R 12 42.69 43.80 -9.88
N ILE R 13 43.09 45.01 -10.26
CA ILE R 13 44.41 45.52 -9.91
C ILE R 13 44.48 45.77 -8.41
N ALA R 14 43.41 46.33 -7.84
CA ALA R 14 43.36 46.56 -6.40
C ALA R 14 43.29 45.25 -5.64
N GLY R 15 42.71 44.22 -6.24
CA GLY R 15 42.76 42.91 -5.64
C GLY R 15 44.12 42.26 -5.76
N GLY R 16 44.96 42.78 -6.66
CA GLY R 16 46.31 42.25 -6.78
C GLY R 16 47.26 42.85 -5.76
N VAL R 17 47.06 44.12 -5.42
CA VAL R 17 47.99 44.77 -4.49
C VAL R 17 47.65 44.40 -3.06
N VAL R 18 46.40 44.05 -2.79
CA VAL R 18 46.02 43.58 -1.45
C VAL R 18 46.66 42.22 -1.18
N VAL R 19 46.62 41.33 -2.17
CA VAL R 19 47.40 40.10 -2.09
C VAL R 19 48.89 40.42 -2.15
N GLY R 20 49.25 41.48 -2.87
CA GLY R 20 50.65 41.80 -3.07
C GLY R 20 51.34 42.30 -1.81
N VAL R 21 50.77 43.31 -1.15
CA VAL R 21 51.45 43.91 -0.01
C VAL R 21 51.42 42.98 1.19
N ILE R 22 50.49 42.03 1.21
CA ILE R 22 50.56 40.97 2.20
C ILE R 22 51.68 40.00 1.85
N ALA R 23 51.83 39.67 0.56
CA ALA R 23 52.82 38.69 0.16
C ALA R 23 54.24 39.25 0.23
N ILE R 24 54.43 40.51 -0.19
CA ILE R 24 55.76 41.11 -0.18
C ILE R 24 56.26 41.28 1.25
N ALA R 25 55.37 41.67 2.15
CA ALA R 25 55.73 41.78 3.55
C ALA R 25 55.98 40.41 4.18
N LEU R 26 55.38 39.36 3.63
CA LEU R 26 55.51 38.04 4.23
C LEU R 26 56.81 37.37 3.81
N ILE R 27 57.31 37.67 2.61
CA ILE R 27 58.57 37.07 2.17
C ILE R 27 59.73 37.68 2.93
N VAL R 28 59.70 39.00 3.15
CA VAL R 28 60.82 39.70 3.78
C VAL R 28 60.97 39.29 5.24
N ILE R 29 59.85 39.20 5.96
CA ILE R 29 59.89 38.81 7.36
C ILE R 29 60.19 37.32 7.50
N SER R 30 59.91 36.51 6.49
CA SER R 30 60.25 35.09 6.57
C SER R 30 61.74 34.86 6.39
N LYS R 31 62.46 35.85 5.87
CA LYS R 31 63.92 35.75 5.81
C LYS R 31 64.53 35.98 7.18
N SER R 32 64.04 36.97 7.91
CA SER R 32 64.65 37.36 9.17
C SER R 32 64.33 36.37 10.28
N ASP R 33 63.13 35.78 10.24
CA ASP R 33 62.68 34.92 11.32
C ASP R 33 62.86 33.44 11.00
N ARG R 34 63.92 33.08 10.29
CA ARG R 34 64.18 31.68 9.98
C ARG R 34 64.62 30.94 11.23
N ILE R 35 64.43 29.64 11.25
CA ILE R 35 64.71 28.83 12.43
C ILE R 35 66.13 28.27 12.28
N LEU R 36 66.87 28.33 13.39
CA LEU R 36 68.15 27.65 13.50
C LEU R 36 67.99 26.16 13.27
N ARG R 37 68.97 25.56 12.59
CA ARG R 37 68.95 24.15 12.23
C ARG R 37 68.98 23.22 13.44
N MET S 1 17.75 73.38 63.65
CA MET S 1 18.92 72.74 64.25
C MET S 1 19.00 71.27 63.92
N ILE S 2 17.90 70.72 63.39
CA ILE S 2 17.88 69.31 63.02
C ILE S 2 18.75 69.08 61.79
N THR S 3 18.72 70.02 60.85
CA THR S 3 19.54 69.89 59.64
C THR S 3 21.03 70.05 59.94
N LEU S 4 21.36 70.65 61.08
CA LEU S 4 22.77 70.77 61.43
C LEU S 4 23.25 69.55 62.17
N LEU S 5 22.39 68.90 62.96
CA LEU S 5 22.83 67.79 63.77
C LEU S 5 22.86 66.49 62.98
N VAL S 6 21.92 66.33 62.04
CA VAL S 6 21.94 65.15 61.18
C VAL S 6 23.14 65.20 60.24
N ALA S 7 23.50 66.40 59.80
CA ALA S 7 24.72 66.57 59.01
C ALA S 7 25.96 66.30 59.85
N LEU S 8 25.86 66.49 61.16
CA LEU S 8 26.97 66.10 62.02
C LEU S 8 26.88 64.62 62.35
N LEU S 9 25.70 64.03 62.15
CA LEU S 9 25.53 62.60 62.43
C LEU S 9 26.04 61.75 61.28
N VAL S 10 25.94 62.26 60.05
CA VAL S 10 26.43 61.54 58.89
C VAL S 10 27.94 61.59 58.82
N LEU S 11 28.55 62.74 59.18
CA LEU S 11 29.99 62.89 59.06
C LEU S 11 30.73 62.04 60.08
N ILE S 12 30.08 61.71 61.19
CA ILE S 12 30.71 60.80 62.16
C ILE S 12 30.65 59.37 61.66
N SER S 13 29.52 58.99 61.04
CA SER S 13 29.40 57.65 60.50
C SER S 13 30.26 57.46 59.25
N LEU S 14 30.66 58.55 58.59
CA LEU S 14 31.74 58.45 57.63
C LEU S 14 33.06 58.17 58.35
N GLY S 15 33.28 58.81 59.49
CA GLY S 15 34.56 58.67 60.17
C GLY S 15 34.72 57.33 60.86
N LEU S 16 33.60 56.68 61.19
CA LEU S 16 33.69 55.41 61.88
C LEU S 16 33.99 54.27 60.92
N VAL S 17 33.25 54.21 59.81
CA VAL S 17 33.32 53.06 58.91
C VAL S 17 34.68 52.98 58.21
N VAL S 18 35.31 54.12 57.99
CA VAL S 18 36.67 54.11 57.47
C VAL S 18 37.64 53.59 58.53
N THR S 19 37.34 53.80 59.81
CA THR S 19 38.32 53.53 60.85
C THR S 19 38.02 52.32 61.73
N VAL S 20 36.75 51.96 61.92
CA VAL S 20 36.42 50.89 62.88
C VAL S 20 36.79 49.49 62.35
N PRO S 21 36.49 49.08 61.11
CA PRO S 21 37.02 47.78 60.67
C PRO S 21 38.53 47.76 60.48
N VAL S 22 39.14 48.93 60.23
CA VAL S 22 40.58 49.02 60.33
C VAL S 22 41.05 48.83 61.76
N ALA S 23 40.25 49.28 62.72
CA ALA S 23 40.61 49.08 64.12
C ALA S 23 40.39 47.63 64.57
N LEU S 24 39.58 46.86 63.85
CA LEU S 24 39.31 45.50 64.29
C LEU S 24 40.16 44.48 63.56
N ALA S 25 40.44 44.70 62.27
CA ALA S 25 41.16 43.69 61.50
C ALA S 25 42.65 43.75 61.81
N THR S 26 43.11 44.84 62.39
CA THR S 26 44.48 44.91 62.86
C THR S 26 44.62 44.02 64.09
N PRO S 27 45.73 43.26 64.22
CA PRO S 27 45.88 42.32 65.35
C PRO S 27 45.84 42.91 66.76
N GLY S 28 46.01 44.21 66.92
CA GLY S 28 45.97 44.74 68.26
C GLY S 28 45.35 46.11 68.46
N GLU S 29 44.87 46.73 67.37
CA GLU S 29 44.51 48.15 67.42
C GLU S 29 43.26 48.38 68.27
N TRP S 30 42.37 47.39 68.33
CA TRP S 30 41.17 47.57 69.13
C TRP S 30 41.46 47.44 70.61
N GLU S 31 42.34 46.52 70.98
CA GLU S 31 42.66 46.34 72.39
C GLU S 31 43.52 47.50 72.90
N ILE S 32 44.44 47.97 72.07
CA ILE S 32 45.32 49.07 72.46
C ILE S 32 44.53 50.37 72.58
N ALA S 33 43.64 50.62 71.62
CA ALA S 33 42.78 51.80 71.66
C ALA S 33 41.34 51.35 71.37
N LYS S 34 40.54 51.28 72.43
CA LYS S 34 39.09 51.28 72.29
C LYS S 34 38.41 52.34 73.15
N GLY S 35 39.05 52.75 74.24
CA GLY S 35 38.50 53.84 75.04
C GLY S 35 38.52 55.16 74.30
N LYS S 36 39.42 55.30 73.33
CA LYS S 36 39.29 56.37 72.36
C LYS S 36 38.04 56.18 71.52
N PHE S 37 37.85 54.97 70.99
CA PHE S 37 36.71 54.71 70.10
C PHE S 37 35.40 54.63 70.85
N ASN S 38 35.41 54.19 72.12
CA ASN S 38 34.16 54.04 72.87
C ASN S 38 33.52 55.38 73.16
N ARG S 39 34.31 56.46 73.18
CA ARG S 39 33.73 57.79 73.22
C ARG S 39 32.93 58.07 71.97
N PHE S 40 33.45 57.68 70.80
CA PHE S 40 32.80 57.99 69.55
C PHE S 40 31.53 57.19 69.35
N PHE S 41 31.42 56.03 70.00
CA PHE S 41 30.14 55.33 70.01
C PHE S 41 29.16 56.05 70.92
N GLN S 42 29.62 56.49 72.09
CA GLN S 42 28.74 57.16 73.04
C GLN S 42 28.35 58.55 72.54
N ILE S 43 29.21 59.19 71.76
CA ILE S 43 28.82 60.44 71.12
C ILE S 43 27.79 60.16 70.03
N TRP S 44 27.98 59.08 69.28
CA TRP S 44 27.11 58.77 68.15
C TRP S 44 25.71 58.37 68.62
N VAL S 45 25.63 57.60 69.70
CA VAL S 45 24.34 57.22 70.26
C VAL S 45 23.65 58.43 70.87
N PHE S 46 24.42 59.33 71.47
CA PHE S 46 23.86 60.53 72.07
C PHE S 46 23.25 61.46 71.04
N LEU S 47 23.80 61.47 69.83
CA LEU S 47 23.25 62.33 68.79
C LEU S 47 21.89 61.84 68.31
N VAL S 48 21.68 60.53 68.33
CA VAL S 48 20.42 59.97 67.84
C VAL S 48 19.28 60.36 68.77
N ILE S 49 19.57 60.45 70.07
CA ILE S 49 18.55 60.84 71.03
C ILE S 49 18.30 62.34 70.96
N VAL S 50 19.35 63.12 70.71
CA VAL S 50 19.19 64.57 70.56
C VAL S 50 18.36 64.90 69.33
N ILE S 51 18.58 64.16 68.24
CA ILE S 51 17.78 64.36 67.03
C ILE S 51 16.35 63.86 67.24
N ALA S 52 16.18 62.77 67.98
CA ALA S 52 14.84 62.29 68.28
C ALA S 52 14.12 63.23 69.24
N ALA S 53 14.87 63.92 70.08
CA ALA S 53 14.28 64.94 70.94
C ALA S 53 13.86 66.16 70.13
N ALA S 54 14.77 66.66 69.28
CA ALA S 54 14.50 67.85 68.49
C ALA S 54 13.43 67.61 67.44
N ASP S 55 13.19 66.36 67.05
CA ASP S 55 12.12 66.10 66.11
C ASP S 55 10.76 66.12 66.77
N GLY S 56 10.66 65.61 67.99
CA GLY S 56 9.39 65.60 68.70
C GLY S 56 8.98 66.97 69.20
N ILE S 57 9.96 67.79 69.59
CA ILE S 57 9.68 69.17 69.96
C ILE S 57 9.16 69.94 68.77
N SER S 58 9.81 69.77 67.62
CA SER S 58 9.43 70.52 66.43
C SER S 58 8.15 70.02 65.76
N SER S 59 7.55 68.95 66.26
CA SER S 59 6.30 68.46 65.69
C SER S 59 5.21 68.34 66.75
N SER T 19 15.85 71.13 27.23
CA SER T 19 15.99 70.40 25.98
C SER T 19 14.95 69.26 25.93
N TYR T 20 14.58 68.82 24.73
CA TYR T 20 13.30 68.14 24.55
C TYR T 20 13.31 66.70 25.08
N SER T 21 14.44 66.01 24.96
CA SER T 21 14.52 64.61 25.36
C SER T 21 15.46 64.41 26.55
N GLU T 22 15.60 65.41 27.41
CA GLU T 22 16.44 65.31 28.59
C GLU T 22 15.64 64.65 29.71
N GLY T 23 16.13 63.51 30.18
CA GLY T 23 15.34 62.72 31.11
C GLY T 23 15.51 63.13 32.56
N ALA T 24 16.75 63.38 32.98
CA ALA T 24 17.01 63.73 34.36
C ALA T 24 17.12 65.23 34.60
N ALA T 25 16.40 66.05 33.83
CA ALA T 25 16.30 67.47 34.13
C ALA T 25 15.26 67.61 35.23
N TYR T 26 15.72 67.61 36.48
CA TYR T 26 14.78 67.62 37.60
C TYR T 26 14.15 68.99 37.79
N GLY T 27 14.96 70.05 37.71
CA GLY T 27 14.45 71.38 38.03
C GLY T 27 14.79 72.47 37.04
N THR T 28 15.76 72.20 36.15
CA THR T 28 16.20 73.24 35.21
C THR T 28 15.22 73.36 34.04
N ASP T 29 14.45 72.31 33.80
CA ASP T 29 13.48 72.29 32.70
C ASP T 29 12.39 73.32 32.90
N GLN T 30 11.57 73.12 33.91
CA GLN T 30 10.32 73.85 34.11
C GLN T 30 10.61 75.15 34.84
N ALA T 31 9.67 76.10 34.75
CA ALA T 31 9.87 77.39 35.40
C ALA T 31 9.21 77.40 36.78
N ASP T 32 8.10 76.70 36.93
CA ASP T 32 7.41 76.67 38.21
C ASP T 32 8.10 75.67 39.14
N LYS T 33 8.09 75.97 40.43
CA LYS T 33 8.69 75.08 41.41
C LYS T 33 7.82 73.85 41.59
N LEU T 34 8.44 72.68 41.63
CA LEU T 34 7.71 71.44 41.81
C LEU T 34 7.61 71.05 43.26
N TYR T 35 6.78 70.04 43.52
CA TYR T 35 6.64 69.50 44.86
C TYR T 35 7.92 68.80 45.30
N SER T 36 8.56 68.12 44.37
CA SER T 36 9.80 67.40 44.62
C SER T 36 10.47 67.18 43.28
N PRO T 37 11.79 66.96 43.26
CA PRO T 37 12.45 66.67 41.98
C PRO T 37 11.96 65.40 41.33
N TYR T 38 11.44 64.48 42.11
CA TYR T 38 10.92 63.22 41.63
C TYR T 38 9.45 63.28 41.27
N SER T 39 8.94 64.44 40.88
CA SER T 39 7.56 64.61 40.53
C SER T 39 7.42 65.38 39.23
N VAL T 40 6.17 65.46 38.76
CA VAL T 40 5.81 66.30 37.63
C VAL T 40 4.92 67.45 38.09
N TYR T 41 4.18 67.26 39.16
CA TYR T 41 3.17 68.20 39.61
C TYR T 41 3.78 69.32 40.44
N SER T 42 3.10 70.45 40.43
CA SER T 42 3.45 71.59 41.27
C SER T 42 2.76 71.40 42.62
N PRO T 43 3.19 72.07 43.70
CA PRO T 43 2.55 71.85 45.00
C PRO T 43 1.13 72.41 45.09
N GLU T 44 0.59 72.33 46.30
CA GLU T 44 -0.78 72.70 46.63
C GLU T 44 -0.89 74.20 47.00
N GLY T 45 0.07 75.01 46.56
CA GLY T 45 0.10 76.41 46.95
C GLY T 45 -0.89 77.29 46.22
N GLU T 46 -0.44 78.48 45.83
CA GLU T 46 -1.32 79.38 45.11
C GLU T 46 -1.47 78.97 43.66
N LYS T 47 -2.22 79.80 42.91
CA LYS T 47 -2.52 79.70 41.48
C LYS T 47 -3.09 78.35 41.05
N SER T 48 -3.55 77.52 41.98
CA SER T 48 -4.16 76.25 41.66
C SER T 48 -5.62 76.46 41.33
N LEU T 49 -6.19 75.53 40.59
CA LEU T 49 -7.60 75.60 40.27
C LEU T 49 -8.48 74.89 41.27
N TYR T 50 -7.91 74.00 42.08
CA TYR T 50 -8.65 73.32 43.12
C TYR T 50 -8.54 74.12 44.41
N LYS T 51 -9.65 74.71 44.82
CA LYS T 51 -9.70 75.42 46.09
C LYS T 51 -10.61 74.66 47.04
N PRO T 52 -10.09 74.11 48.13
CA PRO T 52 -10.89 73.21 48.95
C PRO T 52 -11.89 73.91 49.83
N ASP T 53 -11.87 75.25 49.89
CA ASP T 53 -12.83 75.98 50.69
C ASP T 53 -14.17 76.17 50.00
N ASN T 54 -14.37 75.58 48.83
CA ASN T 54 -15.56 75.86 48.03
C ASN T 54 -16.78 75.16 48.60
N ALA T 55 -17.95 75.76 48.36
CA ALA T 55 -19.17 75.29 49.01
C ALA T 55 -19.70 74.03 48.35
N GLU T 56 -19.41 73.83 47.06
CA GLU T 56 -19.95 72.67 46.37
C GLU T 56 -19.22 71.39 46.78
N TYR T 57 -18.02 71.52 47.34
CA TYR T 57 -17.38 70.37 47.95
C TYR T 57 -17.98 70.10 49.31
N LEU T 58 -18.35 71.15 50.03
CA LEU T 58 -19.02 70.98 51.32
C LEU T 58 -20.45 70.47 51.13
N ALA T 59 -21.10 70.90 50.05
CA ALA T 59 -22.48 70.48 49.81
C ALA T 59 -22.54 69.05 49.29
N ARG T 60 -21.47 68.59 48.65
CA ARG T 60 -21.40 67.20 48.24
C ARG T 60 -21.22 66.28 49.44
N LYS T 61 -20.36 66.67 50.38
CA LYS T 61 -20.12 65.86 51.57
C LYS T 61 -21.31 65.90 52.51
N LYS T 62 -22.07 66.99 52.50
CA LYS T 62 -23.24 67.08 53.35
C LYS T 62 -24.38 66.23 52.81
N ALA T 63 -24.43 66.04 51.50
CA ALA T 63 -25.55 65.34 50.89
C ALA T 63 -25.48 63.83 51.13
N VAL T 64 -24.26 63.30 51.27
CA VAL T 64 -24.14 61.87 51.54
C VAL T 64 -24.45 61.58 53.00
N LEU T 65 -24.25 62.57 53.88
CA LEU T 65 -24.62 62.38 55.28
C LEU T 65 -26.13 62.37 55.46
N ALA T 66 -26.86 63.06 54.59
CA ALA T 66 -28.31 63.06 54.70
C ALA T 66 -28.91 61.76 54.19
N GLU T 67 -28.38 61.25 53.09
CA GLU T 67 -28.91 60.02 52.52
C GLU T 67 -28.48 58.79 53.34
N THR T 68 -27.39 58.93 54.12
CA THR T 68 -26.91 57.82 54.93
C THR T 68 -27.95 57.42 55.98
N LYS T 69 -28.60 58.42 56.58
CA LYS T 69 -29.70 58.13 57.50
C LYS T 69 -30.88 57.53 56.76
N ASN T 70 -31.09 57.91 55.50
CA ASN T 70 -32.20 57.34 54.74
C ASN T 70 -31.89 55.92 54.28
N ARG T 71 -30.63 55.60 54.03
CA ARG T 71 -30.23 54.23 53.73
C ARG T 71 -30.16 53.35 54.97
N LEU T 72 -30.15 53.96 56.15
CA LEU T 72 -29.99 53.22 57.39
C LEU T 72 -31.32 52.89 58.04
N GLN T 73 -32.38 53.60 57.66
CA GLN T 73 -33.71 53.27 58.14
C GLN T 73 -34.33 52.10 57.40
N LYS T 74 -33.75 51.71 56.26
CA LYS T 74 -34.21 50.51 55.55
C LYS T 74 -33.58 49.24 56.09
N ILE T 75 -32.67 49.38 57.06
CA ILE T 75 -32.04 48.21 57.68
C ILE T 75 -33.01 47.29 58.40
N PRO T 76 -33.93 47.76 59.28
CA PRO T 76 -34.79 46.79 59.97
C PRO T 76 -35.82 46.11 59.09
N ALA T 77 -36.08 46.63 57.89
CA ALA T 77 -37.05 45.99 57.00
C ALA T 77 -36.53 44.66 56.49
N TYR T 78 -35.22 44.52 56.35
CA TYR T 78 -34.63 43.24 55.97
C TYR T 78 -34.43 42.31 57.15
N VAL T 79 -34.34 42.86 58.35
CA VAL T 79 -34.18 42.02 59.53
C VAL T 79 -35.54 41.58 60.04
N ASP T 80 -36.58 42.38 59.79
CA ASP T 80 -37.95 41.88 59.95
C ASP T 80 -38.22 40.75 58.97
N LYS T 81 -37.65 40.83 57.77
CA LYS T 81 -37.62 39.70 56.87
C LYS T 81 -36.42 38.82 57.22
N LYS T 82 -36.10 37.86 56.36
CA LYS T 82 -35.06 36.90 56.66
C LYS T 82 -33.80 37.15 55.86
N GLU T 83 -33.74 38.26 55.12
CA GLU T 83 -32.69 38.50 54.14
C GLU T 83 -31.49 39.13 54.82
N TRP T 84 -30.49 38.31 55.11
CA TRP T 84 -29.26 38.81 55.69
C TRP T 84 -28.25 39.26 54.66
N PHE T 85 -28.38 38.83 53.41
CA PHE T 85 -27.47 39.29 52.39
C PHE T 85 -27.71 40.74 52.01
N ASN T 86 -28.94 41.23 52.20
CA ASN T 86 -29.27 42.60 51.88
C ASN T 86 -28.87 43.58 52.96
N VAL T 87 -28.70 43.12 54.20
CA VAL T 87 -28.27 44.04 55.25
C VAL T 87 -26.76 44.13 55.31
N LYS T 88 -26.03 43.11 54.84
CA LYS T 88 -24.57 43.18 54.85
C LYS T 88 -24.04 44.15 53.82
N ASP T 89 -24.79 44.40 52.76
CA ASP T 89 -24.26 45.22 51.69
C ASP T 89 -24.96 46.57 51.53
N GLU T 90 -26.14 46.75 52.14
CA GLU T 90 -26.80 48.06 52.15
C GLU T 90 -25.92 49.11 52.82
N LEU T 91 -25.17 48.71 53.84
CA LEU T 91 -24.22 49.60 54.48
C LEU T 91 -22.85 49.56 53.83
N THR T 92 -22.71 48.99 52.64
CA THR T 92 -21.50 49.15 51.85
C THR T 92 -21.80 49.56 50.42
N ARG T 93 -23.05 49.40 49.97
CA ARG T 93 -23.35 49.74 48.57
C ARG T 93 -23.38 51.25 48.39
N TYR T 94 -24.29 51.94 49.05
CA TYR T 94 -24.25 53.38 49.04
C TYR T 94 -23.31 53.96 50.07
N MET T 95 -23.25 53.37 51.27
CA MET T 95 -22.57 53.98 52.40
C MET T 95 -21.05 53.91 52.32
N TYR T 96 -20.48 53.47 51.20
CA TYR T 96 -19.04 53.49 51.01
C TYR T 96 -18.49 54.90 51.06
N GLU T 97 -19.27 55.87 50.60
CA GLU T 97 -18.78 57.23 50.55
C GLU T 97 -18.96 57.98 51.86
N THR T 98 -19.41 57.30 52.91
CA THR T 98 -19.63 57.99 54.18
C THR T 98 -18.33 58.35 54.87
N ARG T 99 -17.46 57.34 55.08
CA ARG T 99 -16.21 57.52 55.83
C ARG T 99 -15.30 58.55 55.19
N GLY T 100 -15.37 58.71 53.87
CA GLY T 100 -14.61 59.77 53.24
C GLY T 100 -15.12 61.15 53.60
N ALA T 101 -16.42 61.25 53.89
CA ALA T 101 -17.02 62.55 54.16
C ALA T 101 -17.00 62.89 55.65
N VAL T 102 -17.42 61.94 56.50
CA VAL T 102 -17.52 62.20 57.93
C VAL T 102 -16.16 62.40 58.57
N ARG T 103 -15.10 61.78 58.05
CA ARG T 103 -13.76 62.16 58.46
C ARG T 103 -13.38 63.54 57.96
N SER T 104 -13.88 63.95 56.80
CA SER T 104 -13.53 65.24 56.24
C SER T 104 -14.31 66.38 56.88
N LEU T 105 -15.55 66.12 57.28
CA LEU T 105 -16.35 67.13 57.97
C LEU T 105 -15.92 67.31 59.41
N SER T 106 -15.28 66.30 59.99
CA SER T 106 -14.80 66.38 61.36
C SER T 106 -13.59 67.32 61.42
N SER T 107 -13.82 68.54 61.88
CA SER T 107 -12.79 69.57 61.91
C SER T 107 -12.32 69.82 63.34
N SER T 108 -13.23 70.16 64.25
CA SER T 108 -12.82 70.51 65.60
C SER T 108 -12.49 69.26 66.42
N VAL T 109 -12.15 69.49 67.69
CA VAL T 109 -11.60 68.42 68.54
C VAL T 109 -12.69 67.42 68.88
N THR T 110 -13.71 67.85 69.62
CA THR T 110 -14.78 66.97 70.07
C THR T 110 -15.66 66.49 68.94
N GLN T 111 -15.62 67.15 67.79
CA GLN T 111 -16.29 66.65 66.61
C GLN T 111 -15.64 65.37 66.09
N LYS T 112 -14.32 65.26 66.24
CA LYS T 112 -13.58 64.09 65.74
C LYS T 112 -13.89 62.84 66.56
N GLU T 113 -13.79 62.92 67.88
CA GLU T 113 -14.08 61.75 68.73
C GLU T 113 -15.57 61.49 68.90
N LYS T 114 -16.42 62.21 68.20
CA LYS T 114 -17.82 61.85 68.07
C LYS T 114 -18.04 60.86 66.92
N ALA T 115 -17.15 60.86 65.94
CA ALA T 115 -17.33 60.04 64.75
C ALA T 115 -17.04 58.56 65.02
N GLU T 116 -16.06 58.26 65.87
CA GLU T 116 -15.76 56.86 66.17
C GLU T 116 -16.83 56.22 67.03
N VAL T 117 -17.65 57.03 67.70
CA VAL T 117 -18.86 56.49 68.31
C VAL T 117 -19.80 55.98 67.23
N PHE T 118 -19.88 56.69 66.11
CA PHE T 118 -20.76 56.28 65.02
C PHE T 118 -20.22 55.06 64.30
N PHE T 119 -18.90 54.96 64.14
CA PHE T 119 -18.30 53.85 63.40
C PHE T 119 -18.40 52.55 64.18
N ARG T 120 -18.00 52.57 65.46
CA ARG T 120 -18.04 51.37 66.28
C ARG T 120 -19.46 50.89 66.50
N ALA T 121 -20.43 51.81 66.48
CA ALA T 121 -21.82 51.39 66.44
C ALA T 121 -22.19 50.85 65.06
N LEU T 122 -21.53 51.31 64.01
CA LEU T 122 -21.86 50.83 62.67
C LEU T 122 -21.14 49.53 62.36
N GLU T 123 -19.94 49.32 62.89
CA GLU T 123 -19.22 48.09 62.62
C GLU T 123 -19.82 46.90 63.35
N ASP T 124 -20.62 47.15 64.39
CA ASP T 124 -21.32 46.07 65.05
C ASP T 124 -22.59 45.68 64.34
N THR T 125 -23.13 46.55 63.49
CA THR T 125 -24.24 46.15 62.63
C THR T 125 -23.78 45.16 61.59
N TYR T 126 -22.59 45.39 61.02
CA TYR T 126 -22.05 44.46 60.05
C TYR T 126 -21.51 43.20 60.71
N GLY T 127 -20.95 43.34 61.92
CA GLY T 127 -20.46 42.19 62.65
C GLY T 127 -21.57 41.30 63.17
N ALA T 128 -22.78 41.80 63.29
CA ALA T 128 -23.92 40.99 63.67
C ALA T 128 -24.68 40.45 62.48
N ALA T 129 -24.57 41.08 61.32
CA ALA T 129 -25.23 40.59 60.13
C ALA T 129 -24.54 39.36 59.57
N THR T 130 -23.22 39.29 59.70
CA THR T 130 -22.50 38.08 59.27
C THR T 130 -22.75 36.93 60.22
N LEU T 131 -22.94 37.22 61.50
CA LEU T 131 -23.24 36.19 62.48
C LEU T 131 -24.73 35.93 62.60
N LYS T 132 -25.56 36.67 61.86
CA LYS T 132 -27.01 36.47 61.75
C LYS T 132 -27.70 36.57 63.11
N LYS T 133 -27.51 37.70 63.78
CA LYS T 133 -28.18 37.97 65.05
C LYS T 133 -29.19 39.08 64.84
N GLY T 134 -30.47 38.77 65.06
CA GLY T 134 -31.52 39.69 64.68
C GLY T 134 -31.63 40.89 65.59
N ASP T 135 -31.54 40.67 66.90
CA ASP T 135 -31.65 41.80 67.82
C ASP T 135 -30.40 42.66 67.82
N ALA T 136 -29.23 42.04 67.61
CA ALA T 136 -27.98 42.80 67.65
C ALA T 136 -27.83 43.72 66.45
N VAL T 137 -28.53 43.45 65.36
CA VAL T 137 -28.63 44.43 64.29
C VAL T 137 -29.58 45.55 64.69
N LYS T 138 -30.76 45.20 65.19
CA LYS T 138 -31.77 46.19 65.53
C LYS T 138 -31.37 47.02 66.74
N ALA T 139 -30.56 46.47 67.64
CA ALA T 139 -30.05 47.29 68.74
C ALA T 139 -28.99 48.26 68.24
N SER T 140 -28.03 47.78 67.47
CA SER T 140 -26.92 48.60 67.02
C SER T 140 -27.30 49.52 65.87
N ASN T 141 -28.44 49.28 65.22
CA ASN T 141 -28.95 50.25 64.26
C ASN T 141 -29.39 51.52 64.98
N ASP T 142 -30.07 51.38 66.11
CA ASP T 142 -30.51 52.52 66.88
C ASP T 142 -29.34 53.25 67.54
N LYS T 143 -28.22 52.57 67.77
CA LYS T 143 -27.02 53.24 68.20
C LYS T 143 -26.33 54.00 67.09
N ALA T 144 -26.75 53.81 65.84
CA ALA T 144 -26.17 54.50 64.69
C ALA T 144 -26.97 55.70 64.26
N ILE T 145 -28.30 55.60 64.25
CA ILE T 145 -29.15 56.74 63.92
C ILE T 145 -29.00 57.81 65.00
N ALA T 146 -28.88 57.38 66.25
CA ALA T 146 -28.64 58.32 67.34
C ALA T 146 -27.25 58.93 67.29
N ALA T 147 -26.29 58.25 66.67
CA ALA T 147 -24.91 58.74 66.61
C ALA T 147 -24.69 59.69 65.44
N LEU T 148 -25.34 59.44 64.32
CA LEU T 148 -25.32 60.42 63.22
C LEU T 148 -26.15 61.64 63.57
N ASP T 149 -27.15 61.46 64.44
CA ASP T 149 -27.87 62.59 65.02
C ASP T 149 -26.93 63.49 65.81
N ALA T 150 -25.97 62.90 66.52
CA ALA T 150 -24.99 63.70 67.24
C ALA T 150 -24.03 64.39 66.29
N PHE T 151 -23.71 63.76 65.17
CA PHE T 151 -22.74 64.34 64.24
C PHE T 151 -23.33 65.53 63.49
N THR T 152 -24.50 65.34 62.88
CA THR T 152 -25.06 66.35 61.98
C THR T 152 -25.51 67.59 62.75
N ALA T 153 -26.03 67.40 63.97
CA ALA T 153 -26.59 68.51 64.72
C ALA T 153 -25.52 69.46 65.23
N THR T 154 -24.30 68.96 65.48
CA THR T 154 -23.23 69.86 65.91
C THR T 154 -22.68 70.65 64.73
N LEU T 155 -22.06 69.96 63.77
CA LEU T 155 -21.48 70.61 62.61
C LEU T 155 -21.94 69.93 61.32
N THR U 20 -20.50 19.16 44.03
CA THR U 20 -20.02 20.19 44.94
C THR U 20 -18.51 20.19 44.99
N GLU U 21 -17.89 21.09 44.22
CA GLU U 21 -16.43 21.13 44.14
C GLU U 21 -15.83 22.14 45.11
N GLY U 22 -16.23 23.40 45.00
CA GLY U 22 -15.65 24.46 45.80
C GLY U 22 -16.20 24.56 47.21
N THR U 23 -16.39 23.42 47.86
CA THR U 23 -16.68 23.40 49.28
C THR U 23 -15.37 23.33 50.06
N ASN U 24 -15.39 23.93 51.25
CA ASN U 24 -14.19 24.15 52.03
C ASN U 24 -14.11 23.04 53.06
N GLU U 25 -13.94 21.80 52.60
CA GLU U 25 -14.04 20.63 53.45
C GLU U 25 -12.67 19.97 53.55
N TRP U 26 -12.38 19.39 54.73
CA TRP U 26 -11.03 18.97 55.06
C TRP U 26 -10.61 17.77 54.23
N PHE U 27 -9.48 17.91 53.52
CA PHE U 27 -8.90 16.89 52.65
C PHE U 27 -9.85 16.42 51.56
N GLY U 28 -10.84 17.22 51.20
CA GLY U 28 -11.87 16.78 50.29
C GLY U 28 -12.77 15.69 50.84
N VAL U 29 -12.82 15.51 52.15
CA VAL U 29 -13.68 14.50 52.73
C VAL U 29 -15.11 15.02 52.66
N ASP U 30 -15.84 14.58 51.66
CA ASP U 30 -17.23 14.99 51.50
C ASP U 30 -18.15 14.15 52.37
N ASP U 31 -18.05 12.83 52.25
CA ASP U 31 -18.86 11.90 53.01
C ASP U 31 -18.09 11.35 54.18
N LEU U 32 -18.83 10.78 55.13
CA LEU U 32 -18.24 10.20 56.33
C LEU U 32 -17.48 8.92 56.03
N ARG U 33 -17.80 8.27 54.92
CA ARG U 33 -17.20 6.99 54.58
C ARG U 33 -15.75 7.14 54.16
N LEU U 34 -15.34 8.32 53.70
CA LEU U 34 -13.98 8.50 53.20
C LEU U 34 -12.96 8.59 54.33
N LEU U 35 -13.41 8.92 55.55
CA LEU U 35 -12.52 8.95 56.70
C LEU U 35 -11.98 7.57 57.01
N ALA U 36 -12.86 6.58 57.09
CA ALA U 36 -12.50 5.20 57.39
C ALA U 36 -11.55 4.61 56.34
N VAL U 37 -11.53 5.20 55.17
CA VAL U 37 -10.50 4.90 54.17
C VAL U 37 -9.16 5.49 54.56
N LEU U 38 -9.14 6.72 55.07
CA LEU U 38 -7.88 7.38 55.39
C LEU U 38 -7.25 6.76 56.62
N PHE U 39 -8.06 6.52 57.66
CA PHE U 39 -7.54 5.96 58.90
C PHE U 39 -7.04 4.55 58.71
N LEU U 40 -7.73 3.78 57.91
CA LEU U 40 -7.21 2.44 57.67
C LEU U 40 -6.14 2.40 56.67
N GLY U 41 -5.68 3.50 56.08
CA GLY U 41 -4.56 3.42 55.18
C GLY U 41 -3.27 3.73 55.90
N HIS U 42 -3.26 4.80 56.69
CA HIS U 42 -2.09 5.17 57.45
C HIS U 42 -1.81 4.13 58.52
N TRP U 43 -2.85 3.59 59.15
CA TRP U 43 -2.66 2.64 60.25
C TRP U 43 -2.28 1.25 59.76
N ALA U 44 -2.68 0.87 58.56
CA ALA U 44 -2.38 -0.48 58.08
C ALA U 44 -0.91 -0.63 57.74
N ILE U 45 -0.25 0.47 57.42
CA ILE U 45 1.18 0.49 57.17
C ILE U 45 1.94 0.88 58.44
N LEU U 46 1.35 1.72 59.29
CA LEU U 46 1.89 2.01 60.61
C LEU U 46 2.09 0.76 61.44
N SER U 47 1.10 -0.14 61.39
CA SER U 47 1.20 -1.39 62.14
C SER U 47 2.26 -2.30 61.55
N LEU U 48 2.48 -2.24 60.25
CA LEU U 48 3.62 -2.92 59.65
C LEU U 48 4.93 -2.32 60.13
N TRP U 49 4.96 -0.99 60.22
CA TRP U 49 6.18 -0.29 60.60
C TRP U 49 6.53 -0.55 62.06
N LEU U 50 5.51 -0.66 62.91
CA LEU U 50 5.74 -0.93 64.32
C LEU U 50 6.15 -2.36 64.57
N GLY U 51 6.00 -3.23 63.58
CA GLY U 51 6.44 -4.60 63.74
C GLY U 51 7.94 -4.75 63.77
N SER U 52 8.67 -3.75 63.28
CA SER U 52 10.12 -3.73 63.37
C SER U 52 10.66 -2.54 64.13
N TYR U 53 10.28 -1.32 63.76
CA TYR U 53 10.83 -0.14 64.39
C TYR U 53 10.07 0.27 65.64
N GLY U 54 8.86 -0.23 65.82
CA GLY U 54 8.18 -0.08 67.08
C GLY U 54 8.69 -1.08 68.08
N ASP U 55 8.31 -0.86 69.35
CA ASP U 55 8.70 -1.68 70.50
C ASP U 55 10.22 -1.77 70.64
N SER U 56 10.89 -0.67 70.33
CA SER U 56 12.33 -0.53 70.52
C SER U 56 12.58 0.42 71.68
N ASN U 57 13.84 0.49 72.10
CA ASN U 57 14.21 1.33 73.23
C ASN U 57 14.17 2.79 72.81
N GLU U 58 13.31 3.56 73.45
CA GLU U 58 13.16 4.98 73.17
C GLU U 58 14.11 5.83 74.00
N ASP U 59 15.17 5.24 74.57
CA ASP U 59 16.06 5.92 75.49
C ASP U 59 17.53 5.65 75.16
N GLU U 60 17.84 5.30 73.92
CA GLU U 60 19.20 4.94 73.53
C GLU U 60 19.71 5.94 72.49
N ASP U 61 20.78 6.66 72.84
CA ASP U 61 21.22 7.82 72.09
C ASP U 61 22.46 7.49 71.28
N PHE U 62 23.06 8.52 70.67
CA PHE U 62 24.29 8.44 69.90
C PHE U 62 24.83 9.85 69.74
N PHE U 63 26.14 9.95 69.59
CA PHE U 63 26.79 11.23 69.34
C PHE U 63 27.33 11.25 67.91
N GLY U 64 26.63 10.56 67.01
CA GLY U 64 26.93 10.60 65.61
C GLY U 64 26.13 11.66 64.89
N GLU U 65 26.21 11.62 63.56
CA GLU U 65 25.31 12.39 62.71
C GLU U 65 24.21 11.51 62.17
N ILE U 66 24.34 10.22 62.42
CA ILE U 66 23.58 9.18 61.76
C ILE U 66 23.71 7.92 62.59
N ASP U 67 22.62 7.20 62.78
CA ASP U 67 22.63 6.07 63.68
C ASP U 67 22.60 4.76 62.91
N TYR U 68 23.44 3.82 63.33
CA TYR U 68 23.51 2.49 62.74
C TYR U 68 23.13 1.42 63.74
N SER U 69 22.08 1.67 64.52
CA SER U 69 21.75 0.89 65.71
C SER U 69 21.39 -0.56 65.41
N ALA U 70 20.27 -0.78 64.73
CA ALA U 70 19.76 -2.13 64.49
C ALA U 70 18.75 -2.12 63.36
N ARG U 71 18.13 -3.27 63.12
CA ARG U 71 17.15 -3.38 62.05
C ARG U 71 15.77 -2.96 62.52
N UNK V 1 13.75 13.08 -36.94
CA UNK V 1 12.30 13.07 -36.84
C UNK V 1 11.69 12.36 -38.04
N UNK V 2 12.54 11.82 -38.90
CA UNK V 2 12.10 11.00 -40.01
C UNK V 2 12.90 9.71 -39.98
N UNK V 3 12.29 8.61 -40.43
CA UNK V 3 12.96 7.33 -40.38
C UNK V 3 14.12 7.27 -41.37
N UNK V 4 13.99 8.02 -42.47
CA UNK V 4 15.07 8.22 -43.42
C UNK V 4 15.60 9.64 -43.21
N UNK V 5 16.49 9.79 -42.24
CA UNK V 5 17.01 11.10 -41.88
C UNK V 5 18.32 10.96 -41.14
N UNK V 6 19.22 11.91 -41.41
CA UNK V 6 20.50 12.10 -40.70
C UNK V 6 21.34 10.82 -40.68
N UNK V 7 21.65 10.32 -41.88
CA UNK V 7 22.30 9.02 -42.10
C UNK V 7 21.50 7.88 -41.48
N UNK V 8 20.34 7.60 -42.10
CA UNK V 8 19.16 6.96 -41.53
C UNK V 8 19.35 5.76 -40.62
N UNK V 9 19.87 4.65 -41.14
CA UNK V 9 20.06 3.47 -40.33
C UNK V 9 21.43 2.86 -40.51
N UNK V 10 22.24 3.40 -41.41
CA UNK V 10 23.60 2.90 -41.60
C UNK V 10 24.46 3.22 -40.38
N UNK V 11 24.20 4.35 -39.75
CA UNK V 11 25.03 4.74 -38.62
C UNK V 11 24.58 4.05 -37.34
N UNK V 12 23.30 3.72 -37.24
CA UNK V 12 22.79 3.13 -36.00
C UNK V 12 22.95 1.62 -36.00
N UNK V 13 22.68 0.96 -37.13
CA UNK V 13 22.68 -0.49 -37.17
C UNK V 13 24.05 -1.08 -37.46
N UNK V 14 24.81 -0.49 -38.38
CA UNK V 14 26.09 -1.08 -38.76
C UNK V 14 27.16 -0.79 -37.73
N UNK V 15 26.99 0.26 -36.93
CA UNK V 15 27.98 0.55 -35.91
C UNK V 15 27.74 -0.28 -34.65
N UNK V 16 26.49 -0.66 -34.40
CA UNK V 16 26.23 -1.62 -33.33
C UNK V 16 26.70 -3.00 -33.73
N UNK V 17 26.73 -3.30 -35.03
CA UNK V 17 27.37 -4.52 -35.49
C UNK V 17 28.87 -4.39 -35.48
N UNK V 18 29.40 -3.17 -35.68
CA UNK V 18 30.83 -2.98 -35.66
C UNK V 18 31.37 -2.97 -34.24
N UNK V 19 30.59 -2.46 -33.30
CA UNK V 19 31.00 -2.51 -31.90
C UNK V 19 30.91 -3.93 -31.36
N UNK V 20 30.02 -4.73 -31.92
CA UNK V 20 29.96 -6.14 -31.55
C UNK V 20 31.15 -6.89 -32.11
N UNK V 21 31.71 -6.41 -33.22
CA UNK V 21 32.87 -7.07 -33.79
C UNK V 21 34.13 -6.72 -33.02
N UNK V 22 34.21 -5.51 -32.48
CA UNK V 22 35.35 -5.15 -31.66
C UNK V 22 35.30 -5.80 -30.29
N UNK V 23 34.13 -6.29 -29.87
CA UNK V 23 34.00 -7.05 -28.64
C UNK V 23 34.14 -8.55 -28.88
N UNK V 24 33.89 -9.02 -30.10
CA UNK V 24 34.05 -10.44 -30.38
C UNK V 24 35.44 -10.75 -30.89
N UNK V 25 36.17 -9.74 -31.37
CA UNK V 25 37.55 -9.99 -31.79
C UNK V 25 38.49 -9.98 -30.60
N UNK V 26 38.16 -9.22 -29.56
CA UNK V 26 39.06 -9.11 -28.42
C UNK V 26 38.89 -10.29 -27.47
N UNK V 27 37.73 -10.93 -27.50
CA UNK V 27 37.50 -12.21 -26.83
C UNK V 27 36.85 -13.14 -27.85
N UNK V 28 37.68 -13.94 -28.51
CA UNK V 28 37.27 -14.68 -29.70
C UNK V 28 36.23 -15.74 -29.40
N UNK V 29 35.15 -15.74 -30.17
CA UNK V 29 34.10 -16.73 -30.01
C UNK V 29 34.58 -18.11 -30.42
N UNK V 30 35.50 -18.16 -31.38
CA UNK V 30 36.12 -19.40 -31.78
C UNK V 30 37.03 -19.92 -30.67
N UNK V 31 37.14 -21.24 -30.58
CA UNK V 31 38.04 -21.85 -29.60
C UNK V 31 38.82 -22.99 -30.23
N UNK W 1 52.15 12.57 -26.79
CA UNK W 1 50.85 11.95 -26.57
C UNK W 1 50.77 10.63 -27.29
N UNK W 2 50.67 9.55 -26.53
CA UNK W 2 50.70 8.22 -27.09
C UNK W 2 49.74 7.32 -26.34
N UNK W 3 48.88 6.64 -27.09
CA UNK W 3 48.18 5.46 -26.63
C UNK W 3 48.44 4.37 -27.67
N UNK W 4 49.63 3.74 -27.55
CA UNK W 4 50.17 2.76 -28.49
C UNK W 4 50.24 3.28 -29.91
N UNK W 5 50.59 4.55 -30.10
CA UNK W 5 50.68 5.15 -31.42
C UNK W 5 51.63 6.34 -31.36
N UNK W 6 52.15 6.72 -32.52
CA UNK W 6 53.05 7.86 -32.60
C UNK W 6 52.27 9.16 -32.49
N UNK W 7 53.01 10.26 -32.29
CA UNK W 7 52.37 11.56 -32.12
C UNK W 7 51.80 12.08 -33.42
N UNK W 8 52.31 11.57 -34.54
CA UNK W 8 51.75 11.95 -35.84
C UNK W 8 50.56 11.06 -36.20
N UNK W 9 50.56 9.82 -35.72
CA UNK W 9 49.46 8.92 -36.07
C UNK W 9 48.32 9.03 -35.08
N UNK W 10 48.59 9.53 -33.87
CA UNK W 10 47.50 9.77 -32.94
C UNK W 10 46.70 10.98 -33.34
N UNK W 11 47.35 11.98 -33.94
CA UNK W 11 46.64 13.16 -34.39
C UNK W 11 45.79 12.86 -35.61
N UNK W 12 46.11 11.79 -36.33
CA UNK W 12 45.35 11.47 -37.55
C UNK W 12 44.18 10.55 -37.24
N UNK W 13 44.26 9.76 -36.18
CA UNK W 13 43.15 8.87 -35.85
C UNK W 13 41.99 9.66 -35.26
N UNK W 14 42.29 10.67 -34.45
CA UNK W 14 41.23 11.45 -33.84
C UNK W 14 40.64 12.44 -34.84
N UNK W 15 41.43 12.87 -35.82
CA UNK W 15 40.91 13.78 -36.83
C UNK W 15 40.15 13.03 -37.91
N UNK W 16 40.38 11.73 -38.06
CA UNK W 16 39.62 10.95 -39.04
C UNK W 16 38.28 10.54 -38.48
N UNK W 17 38.20 10.34 -37.15
CA UNK W 17 36.93 9.98 -36.54
C UNK W 17 35.98 11.16 -36.54
N UNK W 18 36.50 12.38 -36.38
CA UNK W 18 35.67 13.56 -36.48
C UNK W 18 35.37 13.91 -37.94
N UNK W 19 36.04 13.25 -38.88
CA UNK W 19 35.83 13.58 -40.29
C UNK W 19 34.71 12.72 -40.88
N UNK W 20 34.64 11.44 -40.51
CA UNK W 20 33.53 10.61 -40.94
C UNK W 20 32.23 11.05 -40.30
N UNK W 21 32.32 11.72 -39.16
CA UNK W 21 31.15 12.37 -38.58
C UNK W 21 30.87 13.70 -39.26
N UNK W 22 31.77 14.16 -40.12
CA UNK W 22 31.45 15.34 -40.92
C UNK W 22 31.06 14.95 -42.34
N UNK W 23 31.53 13.81 -42.83
CA UNK W 23 31.18 13.39 -44.18
C UNK W 23 29.74 12.91 -44.25
N UNK W 24 29.33 12.06 -43.30
CA UNK W 24 27.95 11.59 -43.26
C UNK W 24 27.03 12.69 -42.76
N UNK W 25 27.61 13.75 -42.21
CA UNK W 25 26.84 14.90 -41.77
C UNK W 25 26.28 15.67 -42.94
N UNK W 26 27.16 16.20 -43.77
CA UNK W 26 26.74 17.17 -44.75
C UNK W 26 26.17 16.48 -45.98
N UNK W 27 26.45 15.20 -46.13
CA UNK W 27 25.77 14.44 -47.17
C UNK W 27 24.32 14.18 -46.80
N UNK W 28 24.08 13.54 -45.67
CA UNK W 28 22.74 13.19 -45.24
C UNK W 28 22.37 14.01 -44.01
N UNK W 29 21.40 14.91 -44.17
CA UNK W 29 20.99 15.80 -43.09
C UNK W 29 19.47 15.83 -43.00
N UNK W 30 18.98 16.49 -41.95
CA UNK W 30 17.55 16.71 -41.75
C UNK W 30 17.32 17.89 -40.80
N UNK X 1 26.49 69.75 13.77
CA UNK X 1 26.86 69.11 15.02
C UNK X 1 25.62 68.74 15.83
N UNK X 2 25.69 67.60 16.52
CA UNK X 2 24.55 67.15 17.31
C UNK X 2 24.42 67.98 18.58
N UNK X 3 23.20 68.04 19.12
CA UNK X 3 22.91 68.86 20.29
C UNK X 3 23.15 68.03 21.56
N UNK X 4 24.41 68.00 21.97
CA UNK X 4 24.79 67.24 23.16
C UNK X 4 24.34 67.98 24.41
N UNK X 5 24.07 67.22 25.48
CA UNK X 5 23.53 67.78 26.72
C UNK X 5 24.33 67.36 27.93
N UNK X 6 25.65 67.48 27.89
CA UNK X 6 26.46 67.06 29.03
C UNK X 6 26.41 68.09 30.15
N UNK X 7 26.01 69.32 29.84
CA UNK X 7 26.02 70.38 30.85
C UNK X 7 24.85 70.25 31.82
N UNK X 8 23.80 69.55 31.42
CA UNK X 8 22.61 69.38 32.25
C UNK X 8 22.27 67.92 32.52
N UNK X 9 23.17 66.98 32.24
CA UNK X 9 22.93 65.57 32.48
C UNK X 9 24.00 65.00 33.39
N UNK X 10 23.92 63.71 33.66
CA UNK X 10 24.92 63.01 34.44
C UNK X 10 26.08 62.61 33.56
N VAL Y 11 42.94 -25.76 -36.91
CA VAL Y 11 43.83 -24.71 -37.38
C VAL Y 11 43.01 -23.66 -38.11
N SER Y 12 42.07 -24.12 -38.91
CA SER Y 12 41.24 -23.23 -39.70
C SER Y 12 40.23 -22.51 -38.83
N LEU Y 13 39.62 -21.48 -39.40
CA LEU Y 13 38.68 -20.67 -38.64
C LEU Y 13 37.37 -21.42 -38.43
N TRP Y 14 36.99 -22.28 -39.36
CA TRP Y 14 35.76 -23.03 -39.20
C TRP Y 14 35.93 -24.15 -38.19
N GLU Y 15 37.10 -24.78 -38.17
CA GLU Y 15 37.30 -25.86 -37.22
C GLU Y 15 37.43 -25.31 -35.81
N ARG Y 16 37.98 -24.11 -35.66
CA ARG Y 16 37.98 -23.48 -34.34
C ARG Y 16 36.63 -22.93 -33.97
N PHE Y 17 35.69 -22.86 -34.91
CA PHE Y 17 34.32 -22.46 -34.56
C PHE Y 17 33.43 -23.67 -34.32
N CYS Y 18 33.65 -24.75 -35.06
CA CYS Y 18 32.93 -25.98 -34.76
C CYS Y 18 33.38 -26.59 -33.46
N ALA Y 19 34.61 -26.34 -33.04
CA ALA Y 19 35.06 -26.88 -31.77
C ALA Y 19 34.43 -26.15 -30.60
N TRP Y 20 34.08 -24.89 -30.79
CA TRP Y 20 33.45 -24.12 -29.73
C TRP Y 20 31.96 -24.35 -29.65
N ILE Y 21 31.31 -24.43 -30.80
CA ILE Y 21 29.86 -24.52 -30.83
C ILE Y 21 29.39 -25.91 -30.46
N THR Y 22 30.26 -26.92 -30.51
CA THR Y 22 29.91 -28.26 -30.07
C THR Y 22 30.64 -28.63 -28.80
N SER Y 23 31.15 -27.65 -28.08
CA SER Y 23 31.87 -27.94 -26.86
C SER Y 23 30.89 -28.15 -25.74
N THR Y 24 31.05 -29.25 -25.02
CA THR Y 24 30.31 -29.47 -23.79
C THR Y 24 30.89 -28.71 -22.62
N GLU Y 25 32.01 -28.03 -22.82
CA GLU Y 25 32.64 -27.27 -21.76
C GLU Y 25 32.08 -25.87 -21.65
N ASN Y 26 31.11 -25.53 -22.50
CA ASN Y 26 30.40 -24.28 -22.33
C ASN Y 26 29.49 -24.39 -21.12
N ARG Y 27 29.02 -23.23 -20.65
CA ARG Y 27 28.05 -23.23 -19.56
C ARG Y 27 26.74 -23.85 -19.99
N LEU Y 28 26.15 -23.36 -21.06
CA LEU Y 28 25.01 -23.99 -21.70
C LEU Y 28 25.47 -24.52 -23.05
N TYR Y 29 25.16 -25.77 -23.33
CA TYR Y 29 25.54 -26.33 -24.61
C TYR Y 29 24.73 -25.69 -25.71
N ILE Y 30 25.42 -25.18 -26.71
CA ILE Y 30 24.77 -24.50 -27.82
C ILE Y 30 24.42 -25.47 -28.92
N GLY Y 31 25.42 -26.10 -29.51
CA GLY Y 31 25.15 -27.14 -30.47
C GLY Y 31 24.75 -26.60 -31.81
N TRP Y 32 24.48 -27.48 -32.76
CA TRP Y 32 24.10 -26.99 -34.06
C TRP Y 32 22.61 -26.68 -34.11
N PHE Y 33 21.83 -27.28 -33.23
CA PHE Y 33 20.43 -26.88 -33.16
C PHE Y 33 20.26 -25.57 -32.44
N GLY Y 34 21.19 -25.20 -31.57
CA GLY Y 34 21.12 -23.90 -30.92
C GLY Y 34 21.40 -22.76 -31.88
N CYS Y 35 21.98 -23.05 -33.03
CA CYS Y 35 22.14 -22.05 -34.07
C CYS Y 35 20.79 -21.59 -34.60
N LEU Y 36 19.77 -22.44 -34.51
CA LEU Y 36 18.42 -21.98 -34.79
C LEU Y 36 17.43 -22.26 -33.67
N MET Y 37 17.92 -22.51 -32.46
CA MET Y 37 17.04 -22.49 -31.29
C MET Y 37 17.06 -21.13 -30.64
N PHE Y 38 18.24 -20.67 -30.27
CA PHE Y 38 18.45 -19.39 -29.61
C PHE Y 38 18.03 -18.14 -30.39
N PRO Y 39 18.24 -18.01 -31.72
CA PRO Y 39 17.68 -16.83 -32.37
C PRO Y 39 16.19 -16.90 -32.51
N THR Y 40 15.62 -18.11 -32.59
CA THR Y 40 14.18 -18.22 -32.71
C THR Y 40 13.49 -17.94 -31.39
N LEU Y 41 13.96 -18.55 -30.29
CA LEU Y 41 13.22 -18.43 -29.05
C LEU Y 41 13.46 -17.10 -28.37
N LEU Y 42 14.56 -16.42 -28.67
CA LEU Y 42 14.73 -15.09 -28.10
C LEU Y 42 13.89 -14.07 -28.84
N THR Y 43 13.54 -14.34 -30.09
CA THR Y 43 12.64 -13.45 -30.81
C THR Y 43 11.19 -13.75 -30.48
N ALA Y 44 10.88 -15.00 -30.17
CA ALA Y 44 9.56 -15.31 -29.69
C ALA Y 44 9.36 -14.76 -28.28
N THR Y 45 10.43 -14.70 -27.50
CA THR Y 45 10.35 -14.15 -26.15
C THR Y 45 10.23 -12.65 -26.16
N SER Y 46 11.18 -11.98 -26.81
CA SER Y 46 11.24 -10.53 -26.77
C SER Y 46 10.07 -9.87 -27.47
N CYS Y 47 9.40 -10.57 -28.37
CA CYS Y 47 8.15 -10.05 -28.89
C CYS Y 47 6.99 -10.39 -27.99
N PHE Y 48 7.06 -11.48 -27.22
CA PHE Y 48 5.95 -11.84 -26.36
C PHE Y 48 5.83 -10.89 -25.19
N ILE Y 49 6.96 -10.52 -24.59
CA ILE Y 49 6.96 -9.62 -23.44
C ILE Y 49 6.43 -8.25 -23.84
N ILE Y 50 6.74 -7.79 -25.04
CA ILE Y 50 6.22 -6.50 -25.48
C ILE Y 50 4.75 -6.63 -25.87
N ALA Y 51 4.36 -7.71 -26.54
CA ALA Y 51 2.97 -7.83 -26.95
C ALA Y 51 2.05 -8.16 -25.80
N PHE Y 52 2.58 -8.71 -24.71
CA PHE Y 52 1.74 -8.98 -23.56
C PHE Y 52 1.56 -7.73 -22.71
N ILE Y 53 2.56 -6.88 -22.65
CA ILE Y 53 2.54 -5.69 -21.81
C ILE Y 53 1.90 -4.52 -22.57
N ALA Y 54 2.43 -4.21 -23.74
CA ALA Y 54 2.03 -3.01 -24.47
C ALA Y 54 1.68 -3.41 -25.90
N ALA Y 55 0.41 -3.67 -26.17
CA ALA Y 55 0.02 -3.96 -27.54
C ALA Y 55 -1.41 -3.52 -27.71
N PRO Y 56 -1.73 -2.81 -28.79
CA PRO Y 56 -3.07 -2.28 -28.98
C PRO Y 56 -4.07 -3.38 -29.27
N PRO Y 57 -5.38 -3.10 -29.18
CA PRO Y 57 -6.38 -4.15 -29.43
C PRO Y 57 -6.38 -4.66 -30.87
N VAL Y 58 -6.90 -5.86 -31.03
CA VAL Y 58 -6.75 -6.67 -32.24
C VAL Y 58 -8.12 -7.10 -32.72
N ASP Y 59 -8.40 -6.86 -34.00
CA ASP Y 59 -9.58 -7.44 -34.64
C ASP Y 59 -9.36 -8.93 -34.80
N ILE Y 60 -10.02 -9.72 -33.96
CA ILE Y 60 -9.88 -11.16 -34.09
C ILE Y 60 -11.01 -11.75 -34.93
N ASP Y 61 -12.22 -11.22 -34.81
CA ASP Y 61 -13.35 -11.82 -35.49
C ASP Y 61 -13.45 -11.32 -36.93
N GLY Y 62 -12.57 -10.40 -37.31
CA GLY Y 62 -12.62 -9.79 -38.62
C GLY Y 62 -13.79 -8.87 -38.84
N ILE Y 63 -14.46 -8.44 -37.78
CA ILE Y 63 -15.68 -7.66 -37.88
C ILE Y 63 -15.41 -6.26 -37.39
N ARG Y 64 -14.13 -5.95 -37.22
CA ARG Y 64 -13.62 -4.63 -36.82
C ARG Y 64 -14.12 -4.27 -35.42
N GLU Y 65 -14.13 -5.28 -34.55
CA GLU Y 65 -14.41 -5.12 -33.13
C GLU Y 65 -13.15 -5.55 -32.39
N PRO Y 66 -12.28 -4.60 -32.04
CA PRO Y 66 -10.95 -4.96 -31.56
C PRO Y 66 -10.98 -5.41 -30.11
N VAL Y 67 -10.35 -6.57 -29.87
CA VAL Y 67 -10.34 -7.22 -28.56
C VAL Y 67 -9.05 -6.85 -27.87
N ALA Y 68 -9.16 -6.20 -26.72
CA ALA Y 68 -7.97 -5.80 -25.97
C ALA Y 68 -7.32 -7.01 -25.34
N GLY Y 69 -6.00 -7.02 -25.31
CA GLY Y 69 -5.33 -8.18 -24.75
C GLY Y 69 -4.07 -7.91 -23.96
N SER Y 70 -3.69 -6.66 -23.81
CA SER Y 70 -2.43 -6.33 -23.18
C SER Y 70 -2.66 -5.61 -21.86
N LEU Y 71 -1.57 -5.44 -21.11
CA LEU Y 71 -1.70 -4.90 -19.75
C LEU Y 71 -1.96 -3.40 -19.74
N LEU Y 72 -1.39 -2.66 -20.69
CA LEU Y 72 -1.59 -1.21 -20.65
C LEU Y 72 -2.99 -0.81 -21.04
N TYR Y 73 -3.76 -1.70 -21.66
CA TYR Y 73 -5.14 -1.40 -22.04
C TYR Y 73 -6.11 -2.00 -21.06
N GLY Y 74 -5.74 -2.01 -19.78
CA GLY Y 74 -6.65 -2.41 -18.72
C GLY Y 74 -6.89 -3.89 -18.65
N ASN Y 75 -5.85 -4.66 -18.34
CA ASN Y 75 -5.98 -6.08 -18.12
C ASN Y 75 -5.18 -6.47 -16.90
N ASN Y 76 -5.04 -7.77 -16.71
CA ASN Y 76 -4.25 -8.31 -15.63
C ASN Y 76 -3.52 -9.53 -16.18
N ILE Y 77 -2.96 -10.34 -15.28
CA ILE Y 77 -2.28 -11.55 -15.71
C ILE Y 77 -3.27 -12.53 -16.29
N ILE Y 78 -4.49 -12.55 -15.76
CA ILE Y 78 -5.44 -13.57 -16.16
C ILE Y 78 -6.13 -13.19 -17.46
N SER Y 79 -6.64 -11.97 -17.56
CA SER Y 79 -7.37 -11.60 -18.77
C SER Y 79 -6.46 -11.22 -19.92
N GLY Y 80 -5.26 -10.74 -19.65
CA GLY Y 80 -4.38 -10.29 -20.70
C GLY Y 80 -3.83 -11.46 -21.50
N ALA Y 81 -3.69 -11.26 -22.81
CA ALA Y 81 -3.36 -12.35 -23.73
C ALA Y 81 -2.93 -11.78 -25.06
N VAL Y 82 -1.96 -12.43 -25.70
CA VAL Y 82 -1.66 -12.09 -27.08
C VAL Y 82 -2.75 -12.68 -27.96
N VAL Y 83 -3.53 -11.81 -28.59
CA VAL Y 83 -4.73 -12.18 -29.32
C VAL Y 83 -4.31 -12.85 -30.62
N PRO Y 84 -5.01 -13.89 -31.08
CA PRO Y 84 -4.71 -14.46 -32.40
C PRO Y 84 -5.03 -13.49 -33.53
N SER Y 85 -4.58 -13.85 -34.72
CA SER Y 85 -4.72 -12.95 -35.85
C SER Y 85 -6.16 -12.91 -36.33
N SER Y 86 -6.40 -12.09 -37.35
CA SER Y 86 -7.75 -11.78 -37.75
C SER Y 86 -8.40 -12.94 -38.48
N ASN Y 87 -9.73 -12.91 -38.53
CA ASN Y 87 -10.47 -13.75 -39.44
C ASN Y 87 -10.32 -13.25 -40.87
N ALA Y 88 -10.03 -11.96 -41.05
CA ALA Y 88 -9.85 -11.40 -42.38
C ALA Y 88 -8.59 -11.95 -43.03
N ILE Y 89 -7.51 -12.06 -42.27
CA ILE Y 89 -6.31 -12.72 -42.77
C ILE Y 89 -6.58 -14.19 -42.94
N GLY Y 90 -6.93 -14.87 -41.87
CA GLY Y 90 -7.11 -16.30 -41.95
C GLY Y 90 -5.77 -16.96 -42.03
N MET Y 91 -5.61 -17.82 -43.01
CA MET Y 91 -4.44 -18.68 -43.06
C MET Y 91 -3.25 -18.02 -43.76
N HIS Y 92 -3.43 -16.82 -44.30
CA HIS Y 92 -2.38 -16.16 -45.07
C HIS Y 92 -1.21 -15.77 -44.18
N PHE Y 93 -0.02 -15.88 -44.76
CA PHE Y 93 1.20 -15.48 -44.08
C PHE Y 93 1.27 -13.96 -44.03
N TYR Y 94 1.42 -13.41 -42.83
CA TYR Y 94 1.32 -11.97 -42.62
C TYR Y 94 2.51 -11.49 -41.83
N PRO Y 95 3.64 -11.25 -42.49
CA PRO Y 95 4.82 -10.73 -41.80
C PRO Y 95 4.78 -9.23 -41.67
N ILE Y 96 5.84 -8.61 -41.16
CA ILE Y 96 5.79 -7.17 -40.97
C ILE Y 96 5.93 -6.46 -42.30
N TRP Y 97 6.77 -6.98 -43.19
CA TRP Y 97 7.03 -6.30 -44.44
C TRP Y 97 5.88 -6.42 -45.43
N GLU Y 98 4.94 -7.34 -45.19
CA GLU Y 98 3.74 -7.42 -46.01
C GLU Y 98 2.56 -6.79 -45.29
N ALA Y 99 2.78 -5.67 -44.62
CA ALA Y 99 1.73 -5.04 -43.84
C ALA Y 99 1.61 -3.54 -44.02
N ALA Y 100 2.53 -2.89 -44.74
CA ALA Y 100 2.48 -1.49 -45.17
C ALA Y 100 2.57 -0.44 -44.08
N SER Y 101 2.54 -0.85 -42.81
CA SER Y 101 2.86 -0.09 -41.61
C SER Y 101 2.81 -1.05 -40.44
N ILE Y 102 3.40 -0.66 -39.32
CA ILE Y 102 3.29 -1.50 -38.14
C ILE Y 102 1.94 -1.33 -37.49
N ASP Y 103 1.33 -0.15 -37.66
CA ASP Y 103 -0.02 0.08 -37.15
C ASP Y 103 -1.05 -0.80 -37.83
N GLU Y 104 -0.89 -1.04 -39.12
CA GLU Y 104 -1.73 -1.99 -39.82
C GLU Y 104 -1.37 -3.42 -39.43
N TRP Y 105 -0.14 -3.65 -39.00
CA TRP Y 105 0.26 -4.98 -38.58
C TRP Y 105 -0.32 -5.31 -37.22
N LEU Y 106 -0.21 -4.39 -36.26
CA LEU Y 106 -0.71 -4.64 -34.91
C LEU Y 106 -2.22 -4.66 -34.84
N TYR Y 107 -2.92 -4.04 -35.80
CA TYR Y 107 -4.37 -4.06 -35.78
C TYR Y 107 -4.90 -5.43 -36.15
N ASN Y 108 -4.32 -6.04 -37.16
CA ASN Y 108 -4.86 -7.25 -37.75
C ASN Y 108 -4.32 -8.51 -37.13
N GLY Y 109 -3.80 -8.42 -35.91
CA GLY Y 109 -3.25 -9.62 -35.30
C GLY Y 109 -1.88 -9.95 -35.83
N GLY Y 110 -1.00 -8.98 -35.87
CA GLY Y 110 0.37 -9.19 -36.26
C GLY Y 110 1.16 -10.17 -35.41
N PRO Y 111 1.43 -9.82 -34.14
CA PRO Y 111 2.44 -10.57 -33.38
C PRO Y 111 2.05 -11.97 -33.00
N TYR Y 112 0.82 -12.40 -33.27
CA TYR Y 112 0.50 -13.79 -33.02
C TYR Y 112 1.24 -14.69 -33.97
N GLN Y 113 1.39 -14.28 -35.23
CA GLN Y 113 2.12 -15.13 -36.16
C GLN Y 113 3.63 -15.04 -35.97
N LEU Y 114 4.12 -13.90 -35.48
CA LEU Y 114 5.56 -13.79 -35.29
C LEU Y 114 6.01 -14.59 -34.10
N ILE Y 115 5.19 -14.66 -33.06
CA ILE Y 115 5.55 -15.40 -31.87
C ILE Y 115 5.43 -16.90 -32.11
N VAL Y 116 4.31 -17.33 -32.69
CA VAL Y 116 4.02 -18.76 -32.85
C VAL Y 116 4.99 -19.42 -33.83
N LEU Y 117 5.29 -18.76 -34.95
CA LEU Y 117 6.17 -19.39 -35.92
C LEU Y 117 7.61 -19.40 -35.45
N HIS Y 118 8.03 -18.41 -34.69
CA HIS Y 118 9.35 -18.51 -34.06
C HIS Y 118 9.34 -19.38 -32.83
N PHE Y 119 8.17 -19.74 -32.31
CA PHE Y 119 8.10 -20.65 -31.17
C PHE Y 119 8.24 -22.09 -31.64
N LEU Y 120 7.48 -22.48 -32.66
CA LEU Y 120 7.47 -23.86 -33.11
C LEU Y 120 8.78 -24.24 -33.79
N LEU Y 121 9.50 -23.28 -34.35
CA LEU Y 121 10.84 -23.56 -34.81
C LEU Y 121 11.82 -23.69 -33.66
N GLY Y 122 11.63 -22.91 -32.60
CA GLY Y 122 12.57 -22.96 -31.51
C GLY Y 122 12.34 -24.12 -30.58
N VAL Y 123 11.12 -24.65 -30.54
CA VAL Y 123 10.84 -25.79 -29.69
C VAL Y 123 11.21 -27.09 -30.39
N SER Y 124 11.00 -27.14 -31.71
CA SER Y 124 11.51 -28.24 -32.51
C SER Y 124 13.01 -28.21 -32.67
N ALA Y 125 13.67 -27.11 -32.31
CA ALA Y 125 15.11 -27.07 -32.23
C ALA Y 125 15.61 -27.27 -30.82
N TYR Y 126 14.81 -26.93 -29.82
CA TYR Y 126 15.14 -27.32 -28.45
C TYR Y 126 15.05 -28.81 -28.28
N MET Y 127 14.18 -29.45 -29.04
CA MET Y 127 14.06 -30.90 -28.98
C MET Y 127 15.26 -31.58 -29.61
N GLY Y 128 15.71 -31.10 -30.77
CA GLY Y 128 16.89 -31.68 -31.38
C GLY Y 128 18.17 -31.38 -30.64
N ARG Y 129 18.16 -30.30 -29.86
CA ARG Y 129 19.30 -29.97 -29.02
C ARG Y 129 19.44 -30.94 -27.86
N GLU Y 130 18.32 -31.46 -27.35
CA GLU Y 130 18.38 -32.50 -26.34
C GLU Y 130 18.92 -33.80 -26.88
N TRP Y 131 18.78 -34.02 -28.19
CA TRP Y 131 19.42 -35.17 -28.78
C TRP Y 131 20.92 -34.97 -28.83
N GLU Y 132 21.35 -33.79 -29.27
CA GLU Y 132 22.73 -33.56 -29.66
C GLU Y 132 23.67 -33.71 -28.49
N LEU Y 133 23.31 -33.12 -27.35
CA LEU Y 133 24.13 -33.23 -26.16
C LEU Y 133 24.16 -34.64 -25.62
N SER Y 134 23.09 -35.41 -25.84
CA SER Y 134 23.13 -36.81 -25.47
C SER Y 134 24.09 -37.59 -26.35
N TYR Y 135 24.34 -37.12 -27.57
CA TYR Y 135 25.33 -37.77 -28.41
C TYR Y 135 26.74 -37.43 -27.94
N ARG Y 136 26.99 -36.17 -27.60
CA ARG Y 136 28.32 -35.76 -27.22
C ARG Y 136 28.68 -36.14 -25.79
N LEU Y 137 27.73 -36.58 -24.98
CA LEU Y 137 28.04 -36.99 -23.61
C LEU Y 137 28.10 -38.50 -23.43
N GLY Y 138 27.86 -39.28 -24.47
CA GLY Y 138 27.84 -40.71 -24.32
C GLY Y 138 26.53 -41.28 -23.85
N MET Y 139 25.48 -40.49 -23.78
CA MET Y 139 24.21 -40.98 -23.31
C MET Y 139 23.47 -41.73 -24.42
N ARG Y 140 22.67 -42.67 -24.02
CA ARG Y 140 21.65 -43.23 -24.89
C ARG Y 140 20.65 -42.11 -25.20
N PRO Y 141 20.08 -42.07 -26.39
CA PRO Y 141 19.74 -40.77 -26.97
C PRO Y 141 18.35 -40.21 -26.69
N TRP Y 142 17.43 -40.96 -26.09
CA TRP Y 142 16.01 -40.75 -26.35
C TRP Y 142 15.29 -39.92 -25.30
N ILE Y 143 15.94 -38.93 -24.69
CA ILE Y 143 15.17 -37.98 -23.92
C ILE Y 143 14.32 -37.13 -24.85
N PHE Y 144 14.82 -36.85 -26.06
CA PHE Y 144 14.10 -35.99 -26.99
C PHE Y 144 12.87 -36.66 -27.59
N VAL Y 145 12.75 -37.98 -27.48
CA VAL Y 145 11.51 -38.65 -27.85
C VAL Y 145 10.44 -38.45 -26.79
N ALA Y 146 10.82 -38.33 -25.53
CA ALA Y 146 9.86 -38.02 -24.49
C ALA Y 146 9.40 -36.58 -24.60
N PHE Y 147 10.27 -35.69 -25.08
CA PHE Y 147 9.85 -34.31 -25.28
C PHE Y 147 9.04 -34.13 -26.55
N SER Y 148 8.92 -35.17 -27.37
CA SER Y 148 8.05 -35.08 -28.54
C SER Y 148 6.58 -34.95 -28.15
N ALA Y 149 6.23 -35.37 -26.95
CA ALA Y 149 4.83 -35.36 -26.55
C ALA Y 149 4.29 -33.95 -26.27
N PRO Y 150 4.99 -33.03 -25.59
CA PRO Y 150 4.49 -31.65 -25.60
C PRO Y 150 4.76 -30.90 -26.89
N VAL Y 151 5.72 -31.33 -27.71
CA VAL Y 151 5.89 -30.70 -29.02
C VAL Y 151 4.75 -31.10 -29.94
N ALA Y 152 4.25 -32.32 -29.80
CA ALA Y 152 3.06 -32.73 -30.53
C ALA Y 152 1.85 -31.93 -30.12
N ALA Y 153 1.76 -31.60 -28.84
CA ALA Y 153 0.60 -30.88 -28.34
C ALA Y 153 0.70 -29.39 -28.56
N ALA Y 154 1.91 -28.85 -28.60
CA ALA Y 154 2.06 -27.43 -28.92
C ALA Y 154 1.79 -27.19 -30.39
N SER Y 155 2.24 -28.09 -31.25
CA SER Y 155 1.96 -27.93 -32.66
C SER Y 155 0.53 -28.29 -33.01
N ALA Y 156 -0.21 -28.89 -32.09
CA ALA Y 156 -1.59 -29.24 -32.40
C ALA Y 156 -2.52 -28.05 -32.22
N VAL Y 157 -2.29 -27.20 -31.23
CA VAL Y 157 -3.21 -26.10 -30.97
C VAL Y 157 -2.77 -24.80 -31.60
N PHE Y 158 -1.51 -24.67 -31.99
CA PHE Y 158 -1.03 -23.46 -32.62
C PHE Y 158 -0.85 -23.61 -34.11
N LEU Y 159 -0.60 -24.81 -34.59
CA LEU Y 159 -0.33 -25.01 -36.01
C LEU Y 159 -1.41 -25.84 -36.68
N VAL Y 160 -1.67 -27.06 -36.20
CA VAL Y 160 -2.52 -28.01 -36.92
C VAL Y 160 -3.98 -27.60 -36.85
N TYR Y 161 -4.44 -27.16 -35.69
CA TYR Y 161 -5.81 -26.70 -35.59
C TYR Y 161 -6.10 -25.41 -36.35
N PRO Y 162 -5.19 -24.43 -36.47
CA PRO Y 162 -5.46 -23.37 -37.44
C PRO Y 162 -5.43 -23.81 -38.89
N ILE Y 163 -4.73 -24.89 -39.22
CA ILE Y 163 -4.69 -25.34 -40.61
C ILE Y 163 -6.02 -25.95 -41.02
N GLY Y 164 -6.48 -26.95 -40.26
CA GLY Y 164 -7.70 -27.64 -40.63
C GLY Y 164 -8.94 -26.79 -40.49
N GLN Y 165 -8.91 -25.80 -39.62
CA GLN Y 165 -10.00 -24.84 -39.55
C GLN Y 165 -9.78 -23.65 -40.46
N GLY Y 166 -8.62 -23.55 -41.08
CA GLY Y 166 -8.41 -22.59 -42.14
C GLY Y 166 -8.12 -21.18 -41.71
N SER Y 167 -7.79 -20.95 -40.45
CA SER Y 167 -7.50 -19.60 -39.99
C SER Y 167 -6.71 -19.67 -38.70
N PHE Y 168 -5.77 -18.73 -38.53
CA PHE Y 168 -5.12 -18.60 -37.24
C PHE Y 168 -6.02 -17.99 -36.18
N SER Y 169 -7.18 -17.45 -36.57
CA SER Y 169 -8.08 -16.87 -35.59
C SER Y 169 -8.70 -17.94 -34.71
N ASP Y 170 -8.85 -19.16 -35.24
CA ASP Y 170 -9.23 -20.27 -34.40
C ASP Y 170 -8.07 -20.84 -33.62
N GLY Y 171 -6.86 -20.31 -33.81
CA GLY Y 171 -5.73 -20.75 -33.01
C GLY Y 171 -5.84 -20.30 -31.57
N MET Y 172 -5.00 -20.89 -30.74
CA MET Y 172 -5.10 -20.69 -29.30
C MET Y 172 -4.55 -19.34 -28.88
N PRO Y 173 -5.30 -18.56 -28.11
CA PRO Y 173 -4.78 -17.27 -27.64
C PRO Y 173 -3.71 -17.46 -26.60
N LEU Y 174 -2.62 -16.72 -26.75
CA LEU Y 174 -1.47 -16.82 -25.85
C LEU Y 174 -1.80 -16.09 -24.56
N GLY Y 175 -2.55 -16.76 -23.70
CA GLY Y 175 -2.89 -16.16 -22.43
C GLY Y 175 -3.49 -17.18 -21.51
N ILE Y 176 -4.10 -16.70 -20.43
CA ILE Y 176 -4.72 -17.58 -19.46
C ILE Y 176 -6.23 -17.62 -19.63
N SER Y 177 -6.90 -16.47 -19.69
CA SER Y 177 -8.33 -16.49 -20.00
C SER Y 177 -8.56 -16.85 -21.46
N GLY Y 178 -7.60 -16.58 -22.33
CA GLY Y 178 -7.73 -17.00 -23.71
C GLY Y 178 -7.64 -18.49 -23.88
N THR Y 179 -6.99 -19.18 -22.95
CA THR Y 179 -6.97 -20.63 -23.00
C THR Y 179 -8.35 -21.19 -22.75
N PHE Y 180 -9.08 -20.64 -21.80
CA PHE Y 180 -10.39 -21.19 -21.52
C PHE Y 180 -11.44 -20.71 -22.49
N ASN Y 181 -11.18 -19.64 -23.23
CA ASN Y 181 -12.00 -19.36 -24.39
C ASN Y 181 -11.75 -20.40 -25.46
N PHE Y 182 -10.51 -20.90 -25.54
CA PHE Y 182 -10.20 -21.91 -26.52
C PHE Y 182 -10.79 -23.26 -26.17
N MET Y 183 -10.81 -23.62 -24.89
CA MET Y 183 -11.23 -24.96 -24.52
C MET Y 183 -12.74 -25.12 -24.60
N LEU Y 184 -13.48 -24.07 -24.27
CA LEU Y 184 -14.93 -24.17 -24.24
C LEU Y 184 -15.51 -24.13 -25.64
N VAL Y 185 -14.98 -23.26 -26.49
CA VAL Y 185 -15.42 -23.21 -27.88
C VAL Y 185 -15.04 -24.48 -28.61
N PHE Y 186 -13.92 -25.09 -28.25
CA PHE Y 186 -13.55 -26.38 -28.80
C PHE Y 186 -14.48 -27.48 -28.31
N GLN Y 187 -15.09 -27.31 -27.14
CA GLN Y 187 -16.03 -28.31 -26.66
C GLN Y 187 -17.33 -28.28 -27.44
N ALA Y 188 -17.88 -27.10 -27.70
CA ALA Y 188 -19.16 -26.99 -28.36
C ALA Y 188 -19.08 -27.42 -29.81
N GLU Y 189 -17.95 -27.17 -30.46
CA GLU Y 189 -17.84 -27.41 -31.88
C GLU Y 189 -17.29 -28.77 -32.22
N HIS Y 190 -16.68 -29.47 -31.27
CA HIS Y 190 -16.01 -30.72 -31.59
C HIS Y 190 -16.29 -31.83 -30.60
N ASN Y 191 -16.83 -31.55 -29.42
CA ASN Y 191 -17.18 -32.53 -28.38
C ASN Y 191 -15.95 -33.37 -27.99
N ILE Y 192 -14.97 -32.68 -27.40
CA ILE Y 192 -13.69 -33.33 -27.13
C ILE Y 192 -13.79 -34.34 -25.99
N LEU Y 193 -14.70 -34.12 -25.04
CA LEU Y 193 -14.75 -34.98 -23.87
C LEU Y 193 -15.23 -36.38 -24.21
N MET Y 194 -16.07 -36.50 -25.21
CA MET Y 194 -16.50 -37.81 -25.66
C MET Y 194 -15.52 -38.43 -26.63
N HIS Y 195 -14.54 -37.68 -27.11
CA HIS Y 195 -13.56 -38.21 -28.03
C HIS Y 195 -12.58 -39.08 -27.26
N PRO Y 196 -12.27 -40.29 -27.73
CA PRO Y 196 -11.47 -41.23 -26.94
C PRO Y 196 -10.00 -40.90 -26.88
N PHE Y 197 -9.56 -39.80 -27.47
CA PHE Y 197 -8.16 -39.45 -27.35
C PHE Y 197 -7.93 -38.43 -26.27
N HIS Y 198 -8.92 -37.60 -25.95
CA HIS Y 198 -8.85 -36.87 -24.70
C HIS Y 198 -9.04 -37.82 -23.53
N MET Y 199 -9.81 -38.89 -23.73
CA MET Y 199 -9.96 -39.92 -22.71
C MET Y 199 -8.67 -40.69 -22.50
N ALA Y 200 -7.85 -40.82 -23.51
CA ALA Y 200 -6.62 -41.58 -23.37
C ALA Y 200 -5.47 -40.74 -22.87
N GLY Y 201 -5.69 -39.47 -22.58
CA GLY Y 201 -4.64 -38.64 -22.04
C GLY Y 201 -5.00 -38.03 -20.71
N VAL Y 202 -6.30 -37.99 -20.41
CA VAL Y 202 -6.69 -37.83 -19.02
C VAL Y 202 -6.21 -39.02 -18.22
N ALA Y 203 -6.33 -40.22 -18.80
CA ALA Y 203 -5.68 -41.39 -18.24
C ALA Y 203 -4.17 -41.29 -18.29
N GLY Y 204 -3.63 -40.46 -19.17
CA GLY Y 204 -2.19 -40.27 -19.21
C GLY Y 204 -1.63 -39.37 -18.13
N VAL Y 205 -2.37 -38.34 -17.71
CA VAL Y 205 -1.89 -37.45 -16.68
C VAL Y 205 -2.46 -37.75 -15.30
N PHE Y 206 -3.65 -38.33 -15.20
CA PHE Y 206 -4.05 -38.90 -13.92
C PHE Y 206 -3.19 -40.09 -13.58
N GLY Y 207 -2.95 -40.95 -14.57
CA GLY Y 207 -2.00 -42.02 -14.38
C GLY Y 207 -0.59 -41.51 -14.19
N GLY Y 208 -0.22 -40.45 -14.92
CA GLY Y 208 1.12 -39.90 -14.78
C GLY Y 208 1.37 -39.29 -13.42
N SER Y 209 0.40 -38.56 -12.89
CA SER Y 209 0.57 -38.02 -11.55
C SER Y 209 0.39 -39.09 -10.48
N LEU Y 210 -0.25 -40.21 -10.80
CA LEU Y 210 -0.30 -41.32 -9.86
C LEU Y 210 1.07 -41.94 -9.71
N PHE Y 211 1.62 -42.45 -10.82
CA PHE Y 211 2.88 -43.17 -10.78
C PHE Y 211 4.06 -42.27 -10.45
N SER Y 212 3.91 -40.96 -10.60
CA SER Y 212 4.89 -40.02 -10.06
C SER Y 212 4.90 -40.05 -8.53
N ALA Y 213 3.74 -39.80 -7.92
CA ALA Y 213 3.65 -39.77 -6.48
C ALA Y 213 3.65 -41.16 -5.87
N MET Y 214 3.52 -42.20 -6.68
CA MET Y 214 3.61 -43.56 -6.16
C MET Y 214 5.05 -44.03 -6.18
N HIS Y 215 5.82 -43.60 -7.17
CA HIS Y 215 7.23 -43.95 -7.20
C HIS Y 215 8.02 -43.06 -6.26
N GLY Y 216 7.67 -41.78 -6.20
CA GLY Y 216 8.38 -40.87 -5.32
C GLY Y 216 8.11 -41.12 -3.85
N SER Y 217 7.06 -41.84 -3.52
CA SER Y 217 6.82 -42.16 -2.13
C SER Y 217 7.57 -43.41 -1.71
N LEU Y 218 7.68 -44.39 -2.60
CA LEU Y 218 8.32 -45.63 -2.23
C LEU Y 218 9.83 -45.54 -2.20
N VAL Y 219 10.41 -44.54 -2.85
CA VAL Y 219 11.83 -44.28 -2.64
C VAL Y 219 12.04 -43.57 -1.33
N THR Y 220 11.26 -42.53 -1.07
CA THR Y 220 11.37 -41.75 0.15
C THR Y 220 10.95 -42.55 1.38
N SER Y 221 10.09 -43.57 1.21
CA SER Y 221 9.80 -44.46 2.33
C SER Y 221 11.00 -45.30 2.73
N SER Y 222 11.73 -45.83 1.77
CA SER Y 222 12.75 -46.82 2.05
C SER Y 222 14.16 -46.26 2.06
N LEU Y 223 14.32 -45.01 2.50
CA LEU Y 223 15.66 -44.43 2.60
C LEU Y 223 16.45 -45.07 3.72
N ILE Y 224 17.76 -45.13 3.55
CA ILE Y 224 18.65 -45.72 4.54
C ILE Y 224 19.10 -44.63 5.51
N ARG Y 225 19.23 -45.00 6.80
CA ARG Y 225 19.79 -44.12 7.82
C ARG Y 225 21.19 -43.65 7.47
N GLU Y 226 21.34 -42.37 7.15
CA GLU Y 226 22.64 -41.76 7.00
C GLU Y 226 22.75 -40.43 7.70
N THR Y 227 21.68 -39.91 8.27
CA THR Y 227 21.66 -38.63 8.95
C THR Y 227 21.22 -38.81 10.40
N THR Y 228 21.24 -37.72 11.13
CA THR Y 228 20.67 -37.64 12.46
C THR Y 228 19.29 -37.01 12.37
N GLU Y 229 18.57 -37.00 13.49
CA GLU Y 229 17.23 -36.44 13.49
C GLU Y 229 17.23 -34.92 13.51
N ASN Y 230 18.38 -34.29 13.76
CA ASN Y 230 18.47 -32.85 13.74
C ASN Y 230 18.63 -32.31 12.33
N GLU Y 231 19.51 -32.91 11.53
CA GLU Y 231 19.73 -32.37 10.21
C GLU Y 231 18.68 -32.90 9.23
N SER Y 232 18.80 -32.50 7.97
CA SER Y 232 17.81 -32.80 6.97
C SER Y 232 17.94 -34.24 6.51
N THR Y 233 16.83 -34.78 6.02
CA THR Y 233 16.83 -36.10 5.42
C THR Y 233 17.66 -36.15 4.16
N ASN Y 234 17.72 -35.07 3.41
CA ASN Y 234 18.36 -35.09 2.11
C ASN Y 234 19.87 -35.12 2.19
N TYR Y 235 20.47 -34.85 3.33
CA TYR Y 235 21.92 -34.79 3.39
C TYR Y 235 22.56 -36.15 3.57
N GLY Y 236 21.79 -37.23 3.52
CA GLY Y 236 22.38 -38.54 3.50
C GLY Y 236 22.77 -39.03 2.14
N TYR Y 237 22.59 -38.19 1.13
CA TYR Y 237 23.06 -38.46 -0.22
C TYR Y 237 24.20 -37.51 -0.50
N LYS Y 238 25.40 -38.06 -0.62
CA LYS Y 238 26.50 -37.30 -1.14
C LYS Y 238 26.50 -37.44 -2.65
N PHE Y 239 26.79 -36.33 -3.33
CA PHE Y 239 26.68 -36.31 -4.78
C PHE Y 239 27.77 -37.14 -5.42
N GLY Y 240 27.39 -37.93 -6.41
CA GLY Y 240 28.34 -38.76 -7.10
C GLY Y 240 28.77 -39.99 -6.36
N GLN Y 241 28.05 -40.38 -5.31
CA GLN Y 241 28.41 -41.59 -4.60
C GLN Y 241 27.99 -42.81 -5.42
N GLU Y 242 28.59 -43.94 -5.08
CA GLU Y 242 28.32 -45.18 -5.80
C GLU Y 242 27.46 -46.16 -5.01
N GLU Y 243 27.18 -45.87 -3.74
CA GLU Y 243 26.29 -46.71 -2.95
C GLU Y 243 24.84 -46.36 -3.26
N GLU Y 244 23.98 -47.37 -3.21
CA GLU Y 244 22.57 -47.16 -3.45
C GLU Y 244 21.91 -46.52 -2.23
N THR Y 245 21.10 -45.49 -2.45
CA THR Y 245 20.61 -44.69 -1.35
C THR Y 245 19.29 -45.16 -0.78
N TYR Y 246 18.71 -46.25 -1.27
CA TYR Y 246 17.50 -46.76 -0.65
C TYR Y 246 17.42 -48.26 -0.85
N ASN Y 247 16.82 -48.93 0.13
CA ASN Y 247 16.62 -50.37 0.09
C ASN Y 247 15.48 -50.65 -0.88
N ILE Y 248 15.84 -51.05 -2.10
CA ILE Y 248 14.82 -51.34 -3.12
C ILE Y 248 14.10 -52.64 -2.85
N VAL Y 249 14.70 -53.56 -2.09
CA VAL Y 249 14.01 -54.78 -1.70
C VAL Y 249 12.90 -54.44 -0.71
N ALA Y 250 13.11 -53.41 0.11
CA ALA Y 250 12.11 -53.02 1.08
C ALA Y 250 10.86 -52.45 0.41
N ALA Y 251 11.03 -51.54 -0.55
CA ALA Y 251 9.89 -50.97 -1.25
C ALA Y 251 9.23 -51.96 -2.18
N HIS Y 252 9.94 -53.02 -2.58
CA HIS Y 252 9.30 -54.07 -3.37
C HIS Y 252 8.43 -54.97 -2.49
N GLY Y 253 8.87 -55.25 -1.27
CA GLY Y 253 8.06 -56.05 -0.37
C GLY Y 253 6.87 -55.31 0.18
N TYR Y 254 6.91 -53.98 0.17
CA TYR Y 254 5.76 -53.20 0.62
C TYR Y 254 4.66 -53.21 -0.41
N PHE Y 255 4.97 -52.78 -1.63
CA PHE Y 255 4.00 -52.80 -2.71
C PHE Y 255 3.64 -54.22 -3.13
N GLY Y 256 4.52 -55.19 -2.87
CA GLY Y 256 4.16 -56.57 -3.05
C GLY Y 256 3.15 -57.10 -2.06
N ARG Y 257 2.89 -56.37 -0.98
CA ARG Y 257 1.82 -56.69 -0.07
C ARG Y 257 0.67 -55.71 -0.13
N LEU Y 258 0.91 -54.52 -0.67
CA LEU Y 258 -0.14 -53.51 -0.70
C LEU Y 258 -1.21 -53.84 -1.73
N ILE Y 259 -0.84 -54.46 -2.85
CA ILE Y 259 -1.85 -54.89 -3.80
C ILE Y 259 -1.86 -56.42 -3.88
N PHE Y 260 -0.79 -56.98 -4.42
CA PHE Y 260 -0.44 -58.39 -4.33
C PHE Y 260 0.99 -58.51 -4.87
N GLN Y 261 1.48 -59.75 -4.91
CA GLN Y 261 2.91 -59.95 -5.12
C GLN Y 261 3.32 -59.73 -6.57
N TYR Y 262 2.52 -60.22 -7.52
CA TYR Y 262 2.93 -60.28 -8.91
C TYR Y 262 2.72 -58.97 -9.66
N ALA Y 263 2.15 -57.96 -9.02
CA ALA Y 263 1.93 -56.67 -9.65
C ALA Y 263 3.07 -55.69 -9.40
N SER Y 264 4.19 -56.15 -8.85
CA SER Y 264 5.27 -55.27 -8.46
C SER Y 264 6.49 -55.48 -9.35
N PHE Y 265 7.06 -54.38 -9.83
CA PHE Y 265 8.29 -54.41 -10.61
C PHE Y 265 9.47 -54.58 -9.66
N ASN Y 266 10.11 -55.74 -9.68
CA ASN Y 266 11.38 -55.82 -8.96
C ASN Y 266 12.51 -55.15 -9.75
N ASN Y 267 12.37 -55.10 -11.07
CA ASN Y 267 13.36 -54.49 -11.94
C ASN Y 267 13.20 -52.98 -11.87
N SER Y 268 14.25 -52.27 -11.49
CA SER Y 268 14.15 -50.82 -11.42
C SER Y 268 14.29 -50.17 -12.77
N ARG Y 269 14.82 -50.89 -13.76
CA ARG Y 269 14.92 -50.33 -15.08
C ARG Y 269 13.59 -50.39 -15.79
N ALA Y 270 12.91 -51.53 -15.69
CA ALA Y 270 11.56 -51.63 -16.25
C ALA Y 270 10.58 -50.78 -15.48
N LEU Y 271 10.85 -50.51 -14.20
CA LEU Y 271 10.03 -49.57 -13.45
C LEU Y 271 10.22 -48.15 -13.96
N HIS Y 272 11.47 -47.70 -14.06
CA HIS Y 272 11.74 -46.37 -14.60
C HIS Y 272 11.49 -46.27 -16.08
N PHE Y 273 11.13 -47.32 -16.78
CA PHE Y 273 10.66 -47.16 -18.15
C PHE Y 273 9.18 -46.94 -18.22
N PHE Y 274 8.42 -47.59 -17.35
CA PHE Y 274 6.98 -47.44 -17.31
C PHE Y 274 6.57 -46.04 -16.88
N LEU Y 275 7.42 -45.34 -16.16
CA LEU Y 275 7.15 -43.94 -15.84
C LEU Y 275 7.28 -43.06 -17.06
N ALA Y 276 8.11 -43.46 -18.02
CA ALA Y 276 8.25 -42.69 -19.25
C ALA Y 276 7.28 -43.11 -20.32
N LEU Y 277 6.79 -44.35 -20.28
CA LEU Y 277 5.85 -44.82 -21.29
C LEU Y 277 4.50 -44.15 -21.11
N TRP Y 278 3.87 -44.34 -19.97
CA TRP Y 278 2.47 -44.01 -19.72
C TRP Y 278 2.07 -42.56 -19.99
N PRO Y 279 2.83 -41.51 -19.59
CA PRO Y 279 2.36 -40.16 -19.92
C PRO Y 279 2.60 -39.82 -21.37
N VAL Y 280 3.77 -40.20 -21.87
CA VAL Y 280 4.20 -39.80 -23.20
C VAL Y 280 3.33 -40.45 -24.27
N VAL Y 281 2.98 -41.71 -24.09
CA VAL Y 281 2.01 -42.34 -24.97
C VAL Y 281 0.64 -41.71 -24.80
N GLY Y 282 0.32 -41.25 -23.58
CA GLY Y 282 -0.95 -40.61 -23.36
C GLY Y 282 -1.07 -39.24 -23.99
N ILE Y 283 0.04 -38.56 -24.20
CA ILE Y 283 0.01 -37.22 -24.80
C ILE Y 283 0.27 -37.27 -26.31
N TRP Y 284 0.96 -38.29 -26.80
CA TRP Y 284 0.97 -38.53 -28.25
C TRP Y 284 -0.43 -38.79 -28.77
N ILE Y 285 -1.19 -39.62 -28.06
CA ILE Y 285 -2.53 -39.97 -28.49
C ILE Y 285 -3.47 -38.79 -28.36
N THR Y 286 -3.28 -37.98 -27.34
CA THR Y 286 -4.15 -36.83 -27.11
C THR Y 286 -3.93 -35.74 -28.15
N SER Y 287 -2.67 -35.46 -28.46
CA SER Y 287 -2.33 -34.45 -29.45
C SER Y 287 -2.72 -34.86 -30.85
N MET Y 288 -2.93 -36.14 -31.10
CA MET Y 288 -3.61 -36.59 -32.30
C MET Y 288 -5.11 -36.75 -32.07
N GLY Y 289 -5.64 -36.10 -31.05
CA GLY Y 289 -7.07 -35.98 -30.92
C GLY Y 289 -7.43 -34.61 -31.41
N ILE Y 290 -6.65 -33.61 -31.02
CA ILE Y 290 -6.83 -32.25 -31.52
C ILE Y 290 -6.58 -32.21 -33.02
N SER Y 291 -5.64 -33.03 -33.48
CA SER Y 291 -5.30 -33.06 -34.90
C SER Y 291 -6.42 -33.66 -35.73
N THR Y 292 -6.99 -34.77 -35.28
CA THR Y 292 -8.11 -35.35 -36.03
C THR Y 292 -9.39 -34.57 -35.80
N MET Y 293 -9.47 -33.78 -34.74
CA MET Y 293 -10.60 -32.88 -34.61
C MET Y 293 -10.32 -31.52 -35.19
N ALA Y 294 -9.11 -31.29 -35.71
CA ALA Y 294 -8.90 -30.09 -36.49
C ALA Y 294 -9.58 -30.19 -37.84
N PHE Y 295 -9.73 -31.41 -38.36
CA PHE Y 295 -10.37 -31.65 -39.63
C PHE Y 295 -11.79 -32.15 -39.47
N ASN Y 296 -12.44 -31.74 -38.37
CA ASN Y 296 -13.86 -31.91 -38.12
C ASN Y 296 -14.27 -33.38 -38.13
N LEU Y 297 -13.41 -34.23 -37.58
CA LEU Y 297 -13.79 -35.59 -37.24
C LEU Y 297 -13.97 -35.59 -35.74
N ASN Y 298 -15.18 -35.25 -35.31
CA ASN Y 298 -15.45 -34.94 -33.92
C ASN Y 298 -15.51 -36.20 -33.07
N GLY Y 299 -15.76 -36.01 -31.78
CA GLY Y 299 -15.93 -37.12 -30.87
C GLY Y 299 -17.29 -37.77 -31.03
N PHE Y 300 -17.62 -38.64 -30.09
CA PHE Y 300 -18.87 -39.38 -30.18
C PHE Y 300 -20.07 -38.46 -30.03
N ASN Y 301 -21.20 -38.92 -30.56
CA ASN Y 301 -22.44 -38.14 -30.52
C ASN Y 301 -23.56 -39.12 -30.25
N PHE Y 302 -23.97 -39.23 -28.99
CA PHE Y 302 -25.04 -40.13 -28.60
C PHE Y 302 -26.33 -39.37 -28.29
N ASN Y 303 -26.55 -38.27 -28.97
CA ASN Y 303 -27.76 -37.50 -28.75
C ASN Y 303 -28.94 -38.15 -29.44
N GLN Y 304 -30.04 -38.28 -28.69
CA GLN Y 304 -31.27 -38.96 -29.10
C GLN Y 304 -31.01 -40.41 -29.50
N SER Y 305 -30.23 -41.10 -28.67
CA SER Y 305 -29.87 -42.48 -28.95
C SER Y 305 -30.76 -43.49 -28.26
N VAL Y 306 -31.38 -43.12 -27.15
CA VAL Y 306 -32.24 -44.03 -26.40
C VAL Y 306 -33.68 -43.63 -26.63
N VAL Y 307 -34.47 -44.54 -27.18
CA VAL Y 307 -35.87 -44.30 -27.48
C VAL Y 307 -36.70 -45.40 -26.86
N ASP Y 308 -37.96 -45.08 -26.56
CA ASP Y 308 -38.91 -46.08 -26.11
C ASP Y 308 -39.52 -46.78 -27.32
N SER Y 309 -40.47 -47.68 -27.07
CA SER Y 309 -41.12 -48.38 -28.16
C SER Y 309 -42.07 -47.48 -28.93
N GLN Y 310 -42.62 -46.47 -28.27
CA GLN Y 310 -43.40 -45.45 -28.96
C GLN Y 310 -42.54 -44.61 -29.89
N GLY Y 311 -41.27 -44.43 -29.57
CA GLY Y 311 -40.36 -43.65 -30.37
C GLY Y 311 -39.99 -42.31 -29.78
N ARG Y 312 -40.51 -41.97 -28.60
CA ARG Y 312 -40.13 -40.73 -27.96
C ARG Y 312 -38.70 -40.81 -27.47
N VAL Y 313 -38.00 -39.69 -27.56
CA VAL Y 313 -36.60 -39.64 -27.14
C VAL Y 313 -36.53 -39.67 -25.62
N ILE Y 314 -35.81 -40.65 -25.09
CA ILE Y 314 -35.49 -40.70 -23.67
C ILE Y 314 -34.13 -40.06 -23.48
N ASN Y 315 -34.03 -39.12 -22.56
CA ASN Y 315 -32.79 -38.41 -22.37
C ASN Y 315 -31.76 -39.31 -21.70
N THR Y 316 -30.49 -39.00 -21.95
CA THR Y 316 -29.37 -39.65 -21.28
C THR Y 316 -28.48 -38.56 -20.70
N TRP Y 317 -27.31 -38.95 -20.21
CA TRP Y 317 -26.36 -37.95 -19.77
C TRP Y 317 -25.73 -37.22 -20.93
N ALA Y 318 -25.71 -37.83 -22.12
CA ALA Y 318 -25.18 -37.15 -23.28
C ALA Y 318 -26.13 -36.07 -23.76
N ASP Y 319 -27.43 -36.22 -23.53
CA ASP Y 319 -28.36 -35.17 -23.88
C ASP Y 319 -28.25 -33.97 -22.94
N ILE Y 320 -27.92 -34.20 -21.68
CA ILE Y 320 -27.63 -33.10 -20.78
C ILE Y 320 -26.32 -32.44 -21.16
N LEU Y 321 -25.35 -33.25 -21.57
CA LEU Y 321 -24.09 -32.70 -22.06
C LEU Y 321 -24.27 -31.95 -23.36
N ASN Y 322 -25.25 -32.35 -24.17
CA ASN Y 322 -25.52 -31.67 -25.42
C ASN Y 322 -26.08 -30.27 -25.18
N ARG Y 323 -26.90 -30.11 -24.15
CA ARG Y 323 -27.52 -28.82 -23.87
C ARG Y 323 -26.49 -27.85 -23.29
N ALA Y 324 -25.40 -28.38 -22.73
CA ALA Y 324 -24.29 -27.51 -22.39
C ALA Y 324 -23.48 -27.15 -23.63
N ASN Y 325 -23.39 -28.05 -24.60
CA ASN Y 325 -22.70 -27.70 -25.83
C ASN Y 325 -23.51 -26.73 -26.68
N LEU Y 326 -24.84 -26.85 -26.66
CA LEU Y 326 -25.67 -25.92 -27.40
C LEU Y 326 -25.63 -24.52 -26.83
N GLY Y 327 -25.31 -24.39 -25.55
CA GLY Y 327 -25.22 -23.06 -24.97
C GLY Y 327 -23.96 -22.34 -25.39
N ILE Y 328 -22.87 -23.07 -25.52
CA ILE Y 328 -21.63 -22.44 -25.96
C ILE Y 328 -21.65 -22.24 -27.47
N GLU Y 329 -22.30 -23.13 -28.23
CA GLU Y 329 -22.32 -23.02 -29.67
C GLU Y 329 -23.10 -21.80 -30.14
N VAL Y 330 -24.23 -21.51 -29.49
CA VAL Y 330 -25.03 -20.36 -29.91
C VAL Y 330 -24.49 -19.05 -29.39
N MET Y 331 -23.41 -19.06 -28.62
CA MET Y 331 -22.90 -17.84 -28.02
C MET Y 331 -21.46 -17.53 -28.38
N HIS Y 332 -20.72 -18.45 -28.98
CA HIS Y 332 -19.35 -18.14 -29.32
C HIS Y 332 -19.34 -17.34 -30.60
N GLU Y 333 -18.56 -16.26 -30.61
CA GLU Y 333 -18.45 -15.31 -31.71
C GLU Y 333 -19.82 -14.80 -32.12
N ARG Y 334 -20.45 -14.10 -31.19
CA ARG Y 334 -21.88 -13.84 -31.24
C ARG Y 334 -22.27 -12.87 -32.35
N ASN Y 335 -21.28 -12.23 -32.97
CA ASN Y 335 -21.50 -11.34 -34.09
C ASN Y 335 -20.91 -11.84 -35.38
N ALA Y 336 -19.96 -12.77 -35.34
CA ALA Y 336 -19.24 -13.18 -36.54
C ALA Y 336 -20.07 -14.02 -37.48
N HIS Y 337 -21.15 -14.61 -37.02
CA HIS Y 337 -21.93 -15.54 -37.84
C HIS Y 337 -23.04 -14.78 -38.56
N ASN Y 338 -23.35 -15.25 -39.76
CA ASN Y 338 -24.49 -14.75 -40.52
C ASN Y 338 -25.38 -15.86 -41.04
N PHE Y 339 -24.95 -17.10 -40.97
CA PHE Y 339 -25.64 -18.19 -41.64
C PHE Y 339 -25.80 -19.34 -40.64
N PRO Y 340 -26.82 -20.20 -40.78
CA PRO Y 340 -27.25 -21.03 -39.64
C PRO Y 340 -26.29 -22.08 -39.13
N LEU Y 341 -25.20 -22.38 -39.82
CA LEU Y 341 -24.31 -23.46 -39.44
C LEU Y 341 -22.88 -22.95 -39.30
N ASP Y 342 -22.26 -23.21 -38.15
CA ASP Y 342 -20.86 -22.83 -37.97
C ASP Y 342 -20.00 -23.82 -38.75
N LEU Y 343 -19.80 -23.55 -40.04
CA LEU Y 343 -18.87 -24.33 -40.82
C LEU Y 343 -17.42 -24.09 -40.43
N ALA Y 344 -17.13 -22.96 -39.77
CA ALA Y 344 -15.80 -22.68 -39.28
C ALA Y 344 -15.85 -22.44 -37.77
N ALA Z 2 21.45 -27.28 12.38
CA ALA Z 2 21.34 -28.05 11.16
C ALA Z 2 19.90 -28.35 10.84
N LEU Z 3 18.99 -27.76 11.60
CA LEU Z 3 17.57 -27.96 11.36
C LEU Z 3 17.17 -27.28 10.06
N PRO Z 4 16.29 -27.89 9.29
CA PRO Z 4 15.67 -27.19 8.17
C PRO Z 4 14.69 -26.16 8.69
N TRP Z 5 14.21 -25.32 7.79
CA TRP Z 5 13.27 -24.27 8.20
C TRP Z 5 11.92 -24.83 8.64
N TYR Z 6 11.58 -26.05 8.23
CA TYR Z 6 10.33 -26.65 8.64
C TYR Z 6 10.50 -27.56 9.85
N ARG Z 7 11.63 -27.50 10.52
CA ARG Z 7 11.79 -28.22 11.78
C ARG Z 7 12.35 -27.32 12.87
N VAL Z 8 12.23 -26.01 12.71
CA VAL Z 8 12.85 -25.10 13.65
C VAL Z 8 12.16 -25.10 14.99
N HIS Z 9 10.87 -25.43 15.03
CA HIS Z 9 10.15 -25.39 16.27
C HIS Z 9 10.10 -26.75 16.96
N THR Z 10 10.97 -27.68 16.57
CA THR Z 10 11.09 -28.95 17.27
C THR Z 10 12.20 -28.96 18.30
N VAL Z 11 12.73 -27.80 18.68
CA VAL Z 11 13.67 -27.77 19.79
C VAL Z 11 12.92 -27.82 21.10
N VAL Z 12 11.60 -27.71 21.05
CA VAL Z 12 10.72 -27.66 22.20
C VAL Z 12 10.18 -29.04 22.54
N LEU Z 13 10.62 -30.08 21.81
CA LEU Z 13 10.16 -31.43 22.07
C LEU Z 13 10.62 -31.95 23.42
N ASN Z 14 11.90 -31.80 23.72
CA ASN Z 14 12.46 -32.29 24.97
C ASN Z 14 12.65 -31.19 25.99
N ASP Z 15 11.75 -30.20 26.00
CA ASP Z 15 11.88 -29.06 26.90
C ASP Z 15 10.46 -28.67 27.32
N PRO Z 16 9.99 -29.16 28.46
CA PRO Z 16 8.64 -28.80 28.91
C PRO Z 16 8.56 -27.39 29.40
N GLY Z 17 9.67 -26.82 29.86
CA GLY Z 17 9.63 -25.50 30.44
C GLY Z 17 9.42 -24.44 29.38
N ARG Z 18 10.00 -24.65 28.20
CA ARG Z 18 9.77 -23.77 27.07
C ARG Z 18 8.64 -24.23 26.20
N LEU Z 19 8.01 -25.37 26.51
CA LEU Z 19 6.79 -25.75 25.81
C LEU Z 19 5.63 -24.88 26.24
N ILE Z 20 5.71 -24.36 27.45
CA ILE Z 20 4.67 -23.50 28.00
C ILE Z 20 4.84 -22.08 27.49
N ALA Z 21 6.08 -21.61 27.45
CA ALA Z 21 6.35 -20.24 27.04
C ALA Z 21 6.00 -20.02 25.59
N VAL Z 22 6.08 -21.07 24.82
CA VAL Z 22 5.63 -21.00 23.43
C VAL Z 22 4.12 -21.03 23.37
N HIS Z 23 3.50 -21.98 24.07
CA HIS Z 23 2.05 -22.07 24.12
C HIS Z 23 1.41 -20.86 24.80
N LEU Z 24 2.15 -20.12 25.61
CA LEU Z 24 1.65 -18.83 26.08
C LEU Z 24 1.78 -17.74 25.04
N MET Z 25 2.74 -17.86 24.14
CA MET Z 25 2.89 -16.84 23.13
C MET Z 25 1.88 -16.97 22.01
N HIS Z 26 1.46 -18.19 21.67
CA HIS Z 26 0.33 -18.33 20.76
C HIS Z 26 -0.93 -17.79 21.40
N THR Z 27 -1.06 -17.94 22.71
CA THR Z 27 -2.22 -17.42 23.43
C THR Z 27 -2.20 -15.89 23.49
N ALA Z 28 -1.02 -15.29 23.63
CA ALA Z 28 -0.94 -13.84 23.65
C ALA Z 28 -1.19 -13.22 22.30
N LEU Z 29 -1.07 -13.99 21.23
CA LEU Z 29 -1.39 -13.48 19.91
C LEU Z 29 -2.84 -13.72 19.54
N VAL Z 30 -3.42 -14.82 20.00
CA VAL Z 30 -4.84 -15.06 19.78
C VAL Z 30 -5.67 -14.06 20.56
N ALA Z 31 -5.32 -13.84 21.83
CA ALA Z 31 -6.07 -12.90 22.65
C ALA Z 31 -5.86 -11.48 22.20
N GLY Z 32 -4.66 -11.14 21.74
CA GLY Z 32 -4.43 -9.81 21.22
C GLY Z 32 -5.10 -9.57 19.89
N TRP Z 33 -5.36 -10.63 19.14
CA TRP Z 33 -6.16 -10.48 17.93
C TRP Z 33 -7.58 -10.11 18.27
N ALA Z 34 -8.21 -10.88 19.17
CA ALA Z 34 -9.62 -10.72 19.46
C ALA Z 34 -9.91 -9.40 20.14
N GLY Z 35 -8.93 -8.84 20.85
CA GLY Z 35 -9.09 -7.50 21.37
C GLY Z 35 -8.95 -6.45 20.29
N SER Z 36 -7.93 -6.58 19.44
CA SER Z 36 -7.70 -5.58 18.42
C SER Z 36 -8.60 -5.76 17.22
N MET Z 37 -9.21 -6.92 17.05
CA MET Z 37 -10.24 -7.01 16.03
C MET Z 37 -11.51 -6.33 16.48
N ALA Z 38 -11.87 -6.48 17.75
CA ALA Z 38 -13.11 -5.90 18.24
C ALA Z 38 -12.98 -4.40 18.45
N LEU Z 39 -11.77 -3.89 18.66
CA LEU Z 39 -11.59 -2.45 18.64
C LEU Z 39 -11.72 -1.90 17.23
N TYR Z 40 -11.32 -2.69 16.24
CA TYR Z 40 -11.45 -2.26 14.86
C TYR Z 40 -12.90 -2.24 14.43
N GLU Z 41 -13.69 -3.15 14.97
CA GLU Z 41 -15.09 -3.25 14.56
C GLU Z 41 -15.94 -2.15 15.18
N LEU Z 42 -15.55 -1.61 16.32
CA LEU Z 42 -16.33 -0.55 16.92
C LEU Z 42 -16.07 0.79 16.26
N ALA Z 43 -14.94 0.95 15.59
CA ALA Z 43 -14.71 2.14 14.79
C ALA Z 43 -15.48 2.09 13.49
N VAL Z 44 -15.90 0.92 13.07
CA VAL Z 44 -16.59 0.72 11.80
C VAL Z 44 -18.09 0.60 11.99
N PHE Z 45 -18.56 0.10 13.13
CA PHE Z 45 -19.97 -0.14 13.36
C PHE Z 45 -20.75 1.17 13.44
N ASP Z 46 -21.99 1.14 12.96
CA ASP Z 46 -22.86 2.31 12.97
C ASP Z 46 -24.22 1.86 13.50
N PRO Z 47 -24.56 2.24 14.72
CA PRO Z 47 -25.85 1.83 15.28
C PRO Z 47 -26.97 2.81 14.95
N SER Z 48 -27.08 3.21 13.69
CA SER Z 48 -28.12 4.17 13.32
C SER Z 48 -29.46 3.48 13.17
N ASP Z 49 -29.48 2.34 12.52
CA ASP Z 49 -30.72 1.61 12.24
C ASP Z 49 -30.40 0.14 12.37
N PRO Z 50 -30.69 -0.47 13.52
CA PRO Z 50 -30.48 -1.91 13.66
C PRO Z 50 -31.55 -2.77 13.01
N VAL Z 51 -32.49 -2.16 12.29
CA VAL Z 51 -33.51 -2.92 11.58
C VAL Z 51 -33.11 -3.16 10.14
N LEU Z 52 -32.72 -2.11 9.42
CA LEU Z 52 -32.29 -2.25 8.04
C LEU Z 52 -30.78 -2.14 7.89
N ASN Z 53 -30.06 -1.94 8.96
CA ASN Z 53 -28.61 -2.09 8.88
C ASN Z 53 -28.11 -2.84 10.12
N PRO Z 54 -28.31 -4.14 10.22
CA PRO Z 54 -27.83 -4.88 11.41
C PRO Z 54 -26.32 -5.04 11.39
N MET Z 55 -25.82 -5.80 12.37
CA MET Z 55 -24.38 -5.97 12.45
C MET Z 55 -23.89 -6.95 11.41
N TRP Z 56 -24.76 -7.79 10.85
CA TRP Z 56 -24.29 -8.75 9.88
C TRP Z 56 -24.30 -8.18 8.47
N ARG Z 57 -24.84 -6.98 8.28
CA ARG Z 57 -24.66 -6.29 7.01
C ARG Z 57 -23.35 -5.54 7.01
N GLN Z 58 -22.91 -5.09 8.17
CA GLN Z 58 -21.70 -4.30 8.24
C GLN Z 58 -20.45 -5.14 8.36
N GLY Z 59 -20.53 -6.42 8.04
CA GLY Z 59 -19.38 -7.29 8.03
C GLY Z 59 -18.80 -7.58 9.40
N MET Z 60 -19.56 -7.42 10.46
CA MET Z 60 -19.03 -7.66 11.79
C MET Z 60 -18.84 -9.14 12.01
N PHE Z 61 -17.61 -9.53 12.31
CA PHE Z 61 -17.34 -10.96 12.40
C PHE Z 61 -17.35 -11.44 13.83
N VAL Z 62 -16.52 -10.85 14.69
CA VAL Z 62 -16.45 -11.34 16.04
C VAL Z 62 -17.53 -10.72 16.90
N MET Z 63 -18.13 -9.64 16.44
CA MET Z 63 -19.20 -8.98 17.18
C MET Z 63 -20.47 -9.80 17.34
N PRO Z 64 -20.92 -10.65 16.41
CA PRO Z 64 -22.00 -11.58 16.77
C PRO Z 64 -21.61 -12.67 17.75
N PHE Z 65 -20.34 -12.78 18.13
CA PHE Z 65 -19.97 -13.77 19.13
C PHE Z 65 -19.97 -13.17 20.52
N MET Z 66 -19.85 -11.85 20.60
CA MET Z 66 -20.03 -11.18 21.89
C MET Z 66 -21.50 -11.06 22.23
N THR Z 67 -22.33 -10.77 21.23
CA THR Z 67 -23.75 -10.57 21.50
C THR Z 67 -24.47 -11.89 21.63
N ARG Z 68 -23.85 -12.99 21.23
CA ARG Z 68 -24.49 -14.29 21.37
C ARG Z 68 -24.54 -14.71 22.83
N LEU Z 69 -23.49 -14.45 23.58
CA LEU Z 69 -23.42 -14.84 24.96
C LEU Z 69 -23.78 -13.73 25.92
N GLY Z 70 -24.36 -12.64 25.46
CA GLY Z 70 -24.98 -11.75 26.39
C GLY Z 70 -24.43 -10.36 26.53
N ILE Z 71 -23.93 -9.78 25.46
CA ILE Z 71 -23.40 -8.43 25.48
C ILE Z 71 -24.19 -7.60 24.49
N THR Z 72 -24.96 -6.65 24.98
CA THR Z 72 -25.74 -5.82 24.08
C THR Z 72 -25.39 -4.35 24.15
N ASP Z 73 -24.81 -3.88 25.24
CA ASP Z 73 -24.61 -2.46 25.41
C ASP Z 73 -23.17 -2.07 25.10
N SER Z 74 -22.98 -0.78 24.89
CA SER Z 74 -21.66 -0.21 24.65
C SER Z 74 -21.50 1.07 25.45
N TRP Z 75 -20.26 1.51 25.55
CA TRP Z 75 -19.96 2.72 26.31
C TRP Z 75 -20.43 3.98 25.62
N GLY Z 76 -20.69 3.92 24.32
CA GLY Z 76 -21.30 5.05 23.66
C GLY Z 76 -22.73 5.30 24.07
N GLY Z 77 -23.40 4.28 24.59
CA GLY Z 77 -24.77 4.38 25.02
C GLY Z 77 -25.74 3.66 24.11
N TRP Z 78 -25.31 3.26 22.93
CA TRP Z 78 -26.18 2.52 22.05
C TRP Z 78 -26.27 1.06 22.48
N SER Z 79 -27.21 0.36 21.87
CA SER Z 79 -27.39 -1.06 22.14
C SER Z 79 -27.85 -1.73 20.86
N ILE Z 80 -27.63 -3.04 20.79
CA ILE Z 80 -28.09 -3.75 19.60
C ILE Z 80 -29.58 -4.04 19.70
N THR Z 81 -30.13 -4.00 20.91
CA THR Z 81 -31.56 -4.21 21.07
C THR Z 81 -32.32 -2.91 20.90
N GLY Z 82 -31.60 -1.79 20.82
CA GLY Z 82 -32.19 -0.49 20.59
C GLY Z 82 -32.62 0.25 21.82
N GLU Z 83 -32.77 -0.43 22.96
CA GLU Z 83 -33.12 0.23 24.20
C GLU Z 83 -31.90 0.98 24.73
N SER Z 84 -32.11 2.20 25.19
CA SER Z 84 -31.00 3.01 25.66
C SER Z 84 -30.56 2.52 27.02
N VAL Z 85 -29.30 2.81 27.36
CA VAL Z 85 -28.74 2.40 28.64
C VAL Z 85 -27.96 3.59 29.22
N SER Z 86 -28.02 3.73 30.55
CA SER Z 86 -27.25 4.79 31.19
C SER Z 86 -25.83 4.34 31.47
N ASN Z 87 -25.65 3.09 31.87
CA ASN Z 87 -24.32 2.60 32.17
C ASN Z 87 -24.26 1.11 31.93
N PRO Z 88 -23.41 0.66 31.01
CA PRO Z 88 -23.20 -0.78 30.84
C PRO Z 88 -22.19 -1.38 31.79
N GLY Z 89 -21.50 -0.57 32.57
CA GLY Z 89 -20.54 -1.09 33.50
C GLY Z 89 -19.22 -1.41 32.83
N ILE Z 90 -18.65 -2.55 33.24
CA ILE Z 90 -17.38 -2.97 32.68
C ILE Z 90 -17.60 -3.75 31.39
N TRP Z 91 -18.48 -4.74 31.41
CA TRP Z 91 -18.56 -5.67 30.28
C TRP Z 91 -19.53 -5.11 29.26
N SER Z 92 -19.00 -4.27 28.40
CA SER Z 92 -19.61 -3.79 27.19
C SER Z 92 -18.75 -4.30 26.03
N PHE Z 93 -19.00 -3.78 24.83
CA PHE Z 93 -18.15 -4.14 23.71
C PHE Z 93 -16.74 -3.58 23.88
N GLU Z 94 -16.62 -2.37 24.42
CA GLU Z 94 -15.29 -1.82 24.62
C GLU Z 94 -14.60 -2.46 25.80
N GLY Z 95 -15.37 -2.95 26.78
CA GLY Z 95 -14.75 -3.55 27.94
C GLY Z 95 -14.19 -4.92 27.66
N VAL Z 96 -14.85 -5.66 26.78
CA VAL Z 96 -14.37 -6.98 26.38
C VAL Z 96 -13.15 -6.85 25.47
N ALA Z 97 -13.21 -5.93 24.51
CA ALA Z 97 -12.10 -5.71 23.60
C ALA Z 97 -10.86 -5.23 24.32
N LEU Z 98 -11.03 -4.36 25.31
CA LEU Z 98 -9.89 -3.89 26.06
C LEU Z 98 -9.37 -4.91 27.06
N SER Z 99 -10.21 -5.86 27.47
CA SER Z 99 -9.76 -6.87 28.42
C SER Z 99 -9.10 -8.05 27.73
N HIS Z 100 -9.45 -8.36 26.48
CA HIS Z 100 -8.66 -9.34 25.75
C HIS Z 100 -7.30 -8.80 25.35
N ILE Z 101 -7.10 -7.48 25.35
CA ILE Z 101 -5.79 -6.90 25.12
C ILE Z 101 -4.93 -6.99 26.36
N ILE Z 102 -5.49 -6.64 27.53
CA ILE Z 102 -4.76 -6.69 28.78
C ILE Z 102 -4.38 -8.12 29.14
N LEU Z 103 -5.24 -9.07 28.80
CA LEU Z 103 -4.90 -10.48 28.93
C LEU Z 103 -3.78 -10.89 27.99
N SER Z 104 -3.71 -10.25 26.82
CA SER Z 104 -2.63 -10.55 25.88
C SER Z 104 -1.31 -10.02 26.39
N GLY Z 105 -1.30 -8.84 26.99
CA GLY Z 105 -0.07 -8.29 27.51
C GLY Z 105 0.49 -9.02 28.70
N MET Z 106 -0.37 -9.73 29.44
CA MET Z 106 0.09 -10.49 30.59
C MET Z 106 0.50 -11.90 30.24
N CYS Z 107 -0.13 -12.50 29.23
CA CYS Z 107 0.37 -13.76 28.71
C CYS Z 107 1.66 -13.56 27.92
N PHE Z 108 1.91 -12.34 27.46
CA PHE Z 108 3.18 -12.02 26.84
C PHE Z 108 4.29 -11.99 27.86
N LEU Z 109 4.07 -11.31 28.98
CA LEU Z 109 5.09 -11.18 30.01
C LEU Z 109 5.33 -12.48 30.76
N ALA Z 110 4.31 -13.32 30.85
CA ALA Z 110 4.50 -14.61 31.49
C ALA Z 110 5.28 -15.56 30.61
N ALA Z 111 5.19 -15.38 29.29
CA ALA Z 111 5.95 -16.21 28.37
C ALA Z 111 7.40 -15.76 28.30
N ILE Z 112 7.70 -14.52 28.66
CA ILE Z 112 9.10 -14.13 28.79
C ILE Z 112 9.70 -14.79 30.03
N TRP Z 113 8.93 -14.87 31.12
CA TRP Z 113 9.39 -15.57 32.31
C TRP Z 113 9.61 -17.04 32.03
N HIS Z 114 8.56 -17.71 31.50
CA HIS Z 114 8.61 -19.14 31.31
C HIS Z 114 9.57 -19.58 30.22
N TRP Z 115 10.10 -18.65 29.44
CA TRP Z 115 11.16 -18.96 28.48
C TRP Z 115 12.53 -18.83 29.10
N VAL Z 116 12.73 -17.79 29.89
CA VAL Z 116 14.03 -17.55 30.52
C VAL Z 116 14.28 -18.58 31.60
N TYR Z 117 13.35 -18.72 32.54
CA TYR Z 117 13.46 -19.72 33.59
C TYR Z 117 12.87 -21.03 33.09
N TRP Z 118 13.59 -21.64 32.16
CA TRP Z 118 13.15 -22.90 31.59
C TRP Z 118 13.47 -24.09 32.47
N ASP Z 119 14.45 -23.95 33.36
CA ASP Z 119 14.97 -25.09 34.10
C ASP Z 119 14.31 -25.07 35.47
N LEU Z 120 13.17 -25.71 35.57
CA LEU Z 120 12.48 -25.85 36.84
C LEU Z 120 12.50 -27.31 37.25
N GLU Z 121 12.52 -27.55 38.55
CA GLU Z 121 12.59 -28.91 39.08
C GLU Z 121 11.28 -29.65 38.85
N LEU Z 122 10.19 -28.91 38.65
CA LEU Z 122 8.87 -29.49 38.40
C LEU Z 122 8.85 -30.38 37.17
N PHE Z 123 9.66 -30.04 36.17
CA PHE Z 123 9.58 -30.77 34.91
C PHE Z 123 10.60 -31.90 34.84
N ARG Z 124 11.45 -32.03 35.84
CA ARG Z 124 12.40 -33.13 35.83
C ARG Z 124 11.73 -34.40 36.32
N ASP Z 125 12.27 -35.50 35.84
CA ASP Z 125 11.91 -36.81 36.38
C ASP Z 125 12.64 -37.02 37.69
N PRO Z 126 11.94 -37.34 38.77
CA PRO Z 126 12.64 -37.67 40.02
C PRO Z 126 13.27 -39.06 40.04
N ARG Z 127 13.10 -39.85 38.98
CA ARG Z 127 13.72 -41.17 38.91
C ARG Z 127 14.86 -41.27 37.92
N THR Z 128 14.87 -40.45 36.88
CA THR Z 128 15.97 -40.44 35.93
C THR Z 128 16.67 -39.10 35.80
N GLY Z 129 15.98 -38.00 36.01
CA GLY Z 129 16.54 -36.68 35.87
C GLY Z 129 16.28 -36.02 34.53
N GLU Z 130 15.81 -36.77 33.55
CA GLU Z 130 15.55 -36.25 32.22
C GLU Z 130 14.16 -35.60 32.17
N PRO Z 131 14.00 -34.51 31.40
CA PRO Z 131 12.73 -33.76 31.45
C PRO Z 131 11.55 -34.52 30.87
N ALA Z 132 10.57 -34.78 31.70
CA ALA Z 132 9.45 -35.64 31.35
C ALA Z 132 8.15 -34.99 31.77
N LEU Z 133 7.08 -35.33 31.05
CA LEU Z 133 5.74 -34.88 31.38
C LEU Z 133 4.83 -36.10 31.53
N ASP Z 134 4.20 -36.22 32.69
CA ASP Z 134 3.32 -37.35 32.94
C ASP Z 134 2.01 -37.17 32.23
N LEU Z 135 2.00 -37.41 30.94
CA LEU Z 135 0.85 -37.20 30.06
C LEU Z 135 -0.47 -37.89 30.43
N PRO Z 136 -0.51 -39.04 31.12
CA PRO Z 136 -1.81 -39.49 31.62
C PRO Z 136 -2.39 -38.64 32.74
N LYS Z 137 -1.58 -38.14 33.66
CA LYS Z 137 -2.15 -37.37 34.76
C LYS Z 137 -2.32 -35.90 34.38
N ILE Z 138 -1.51 -35.40 33.44
CA ILE Z 138 -1.75 -34.07 32.90
C ILE Z 138 -3.09 -34.04 32.18
N PHE Z 139 -3.44 -35.15 31.54
CA PHE Z 139 -4.75 -35.23 30.94
C PHE Z 139 -5.85 -35.31 31.98
N GLY Z 140 -5.58 -35.90 33.13
CA GLY Z 140 -6.59 -35.97 34.17
C GLY Z 140 -6.88 -34.61 34.77
N ILE Z 141 -5.84 -33.80 34.95
CA ILE Z 141 -6.01 -32.48 35.51
C ILE Z 141 -6.72 -31.57 34.52
N HIS Z 142 -6.24 -31.52 33.29
CA HIS Z 142 -6.75 -30.61 32.30
C HIS Z 142 -8.11 -31.03 31.76
N LEU Z 143 -8.53 -32.28 31.95
CA LEU Z 143 -9.91 -32.66 31.64
C LEU Z 143 -10.84 -32.36 32.79
N PHE Z 144 -10.36 -32.46 34.03
CA PHE Z 144 -11.17 -32.10 35.17
C PHE Z 144 -11.45 -30.61 35.21
N LEU Z 145 -10.50 -29.80 34.75
CA LEU Z 145 -10.74 -28.36 34.69
C LEU Z 145 -11.78 -28.03 33.64
N SER Z 146 -11.74 -28.72 32.51
CA SER Z 146 -12.68 -28.44 31.44
C SER Z 146 -14.04 -29.04 31.74
N GLY Z 147 -14.12 -29.94 32.71
CA GLY Z 147 -15.42 -30.32 33.20
C GLY Z 147 -16.04 -29.22 34.04
N LEU Z 148 -15.22 -28.50 34.80
CA LEU Z 148 -15.74 -27.42 35.62
C LEU Z 148 -16.14 -26.23 34.78
N LEU Z 149 -15.38 -25.91 33.75
CA LEU Z 149 -15.71 -24.75 32.94
C LEU Z 149 -16.83 -25.06 31.97
N CYS Z 150 -17.10 -26.35 31.71
CA CYS Z 150 -18.28 -26.70 30.93
C CYS Z 150 -19.51 -26.66 31.81
N PHE Z 151 -19.44 -27.33 32.96
CA PHE Z 151 -20.58 -27.35 33.87
C PHE Z 151 -20.83 -25.99 34.45
N GLY Z 152 -19.77 -25.23 34.72
CA GLY Z 152 -19.96 -23.88 35.22
C GLY Z 152 -20.60 -22.97 34.19
N PHE Z 153 -20.31 -23.19 32.91
CA PHE Z 153 -20.88 -22.34 31.89
C PHE Z 153 -22.35 -22.62 31.70
N GLY Z 154 -22.71 -23.90 31.59
CA GLY Z 154 -24.09 -24.24 31.30
C GLY Z 154 -25.00 -24.00 32.47
N ALA Z 155 -24.48 -24.12 33.70
CA ALA Z 155 -25.34 -23.98 34.86
C ALA Z 155 -25.47 -22.54 35.30
N PHE Z 156 -24.45 -21.73 35.06
CA PHE Z 156 -24.46 -20.39 35.59
C PHE Z 156 -24.54 -19.32 34.52
N HIS Z 157 -23.74 -19.40 33.47
CA HIS Z 157 -23.82 -18.37 32.47
C HIS Z 157 -25.08 -18.51 31.64
N VAL Z 158 -25.41 -19.74 31.28
CA VAL Z 158 -26.49 -19.96 30.33
C VAL Z 158 -27.85 -19.90 31.01
N THR Z 159 -28.04 -20.69 32.07
CA THR Z 159 -29.36 -20.76 32.70
C THR Z 159 -29.72 -19.51 33.48
N GLY Z 160 -28.82 -18.54 33.59
CA GLY Z 160 -29.15 -17.30 34.22
C GLY Z 160 -29.22 -17.36 35.71
N LEU Z 161 -28.74 -18.47 36.29
CA LEU Z 161 -28.51 -18.51 37.72
C LEU Z 161 -27.54 -17.42 38.13
N PHE Z 162 -26.33 -17.45 37.55
CA PHE Z 162 -25.33 -16.42 37.76
C PHE Z 162 -24.82 -15.91 36.42
N GLY Z 163 -25.71 -15.53 35.52
CA GLY Z 163 -25.26 -15.08 34.22
C GLY Z 163 -26.36 -14.49 33.38
N PRO Z 164 -26.00 -13.88 32.29
CA PRO Z 164 -27.01 -13.26 31.44
C PRO Z 164 -27.83 -14.24 30.62
N GLY Z 165 -27.20 -15.22 30.02
CA GLY Z 165 -27.90 -16.19 29.19
C GLY Z 165 -27.52 -16.06 27.74
N ILE Z 166 -28.23 -16.81 26.91
CA ILE Z 166 -27.97 -16.89 25.48
C ILE Z 166 -28.90 -15.91 24.79
N TRP Z 167 -28.41 -15.26 23.73
CA TRP Z 167 -29.29 -14.63 22.77
C TRP Z 167 -30.24 -15.64 22.16
N VAL Z 168 -31.53 -15.47 22.42
CA VAL Z 168 -32.56 -16.26 21.78
C VAL Z 168 -33.35 -15.36 20.85
N SER Z 169 -34.23 -15.98 20.08
CA SER Z 169 -35.04 -15.25 19.12
C SER Z 169 -36.31 -16.03 18.84
N ASP Z 170 -37.20 -15.43 18.05
CA ASP Z 170 -38.37 -16.14 17.58
C ASP Z 170 -38.02 -16.95 16.33
N ALA Z 171 -39.05 -17.48 15.68
CA ALA Z 171 -38.82 -18.36 14.54
C ALA Z 171 -38.47 -17.57 13.29
N TYR Z 172 -38.80 -16.29 13.26
CA TYR Z 172 -38.69 -15.51 12.03
C TYR Z 172 -37.83 -14.27 12.19
N GLY Z 173 -37.00 -14.22 13.22
CA GLY Z 173 -35.96 -13.21 13.29
C GLY Z 173 -36.47 -11.80 13.47
N ILE Z 174 -37.59 -11.63 14.17
CA ILE Z 174 -38.11 -10.30 14.42
C ILE Z 174 -37.69 -9.86 15.81
N THR Z 175 -38.11 -10.61 16.81
CA THR Z 175 -37.79 -10.31 18.19
C THR Z 175 -36.64 -11.18 18.66
N GLY Z 176 -35.77 -10.60 19.45
CA GLY Z 176 -34.66 -11.35 20.01
C GLY Z 176 -34.05 -10.62 21.17
N LYS Z 177 -33.71 -11.34 22.23
CA LYS Z 177 -33.10 -10.71 23.38
C LYS Z 177 -32.28 -11.72 24.13
N VAL Z 178 -31.32 -11.22 24.88
CA VAL Z 178 -30.54 -12.05 25.79
C VAL Z 178 -31.40 -12.39 26.99
N GLN Z 179 -31.60 -13.69 27.21
CA GLN Z 179 -32.37 -14.07 28.39
C GLN Z 179 -31.85 -15.40 28.90
N PRO Z 180 -32.06 -15.70 30.18
CA PRO Z 180 -31.75 -17.04 30.68
C PRO Z 180 -32.61 -18.10 30.01
N VAL Z 181 -32.00 -19.27 29.82
CA VAL Z 181 -32.62 -20.37 29.10
C VAL Z 181 -32.65 -21.58 30.01
N ALA Z 182 -33.82 -22.04 30.33
CA ALA Z 182 -33.91 -23.22 31.17
C ALA Z 182 -33.66 -24.46 30.33
N PRO Z 183 -32.95 -25.46 30.85
CA PRO Z 183 -32.58 -26.61 30.02
C PRO Z 183 -33.75 -27.53 29.75
N ALA Z 184 -33.70 -28.14 28.57
CA ALA Z 184 -34.67 -29.14 28.15
C ALA Z 184 -33.99 -30.49 28.13
N TRP Z 185 -34.41 -31.38 29.02
CA TRP Z 185 -33.69 -32.61 29.26
C TRP Z 185 -34.15 -33.77 28.41
N GLY Z 186 -35.31 -33.68 27.80
CA GLY Z 186 -35.88 -34.80 27.07
C GLY Z 186 -35.20 -35.07 25.74
N ALA Z 187 -35.95 -35.65 24.82
CA ALA Z 187 -35.44 -35.82 23.48
C ALA Z 187 -35.51 -34.51 22.71
N ASP Z 188 -36.23 -33.53 23.26
CA ASP Z 188 -36.32 -32.22 22.63
C ASP Z 188 -35.03 -31.43 22.81
N GLY Z 189 -34.14 -31.89 23.69
CA GLY Z 189 -32.87 -31.23 23.83
C GLY Z 189 -31.96 -31.42 22.62
N PHE Z 190 -32.19 -32.48 21.86
CA PHE Z 190 -31.36 -32.73 20.70
C PHE Z 190 -31.91 -32.09 19.44
N ASN Z 191 -33.04 -31.42 19.54
CA ASN Z 191 -33.44 -30.45 18.54
C ASN Z 191 -32.45 -29.30 18.62
N PRO Z 192 -31.64 -29.07 17.59
CA PRO Z 192 -30.58 -28.07 17.71
C PRO Z 192 -31.08 -26.66 17.61
N PHE Z 193 -32.31 -26.46 17.22
CA PHE Z 193 -32.89 -25.13 17.21
C PHE Z 193 -33.55 -24.81 18.53
N ASN Z 194 -33.56 -25.77 19.46
CA ASN Z 194 -34.00 -25.54 20.82
C ASN Z 194 -32.83 -24.96 21.59
N PRO Z 195 -32.94 -23.75 22.15
CA PRO Z 195 -31.82 -23.23 22.95
C PRO Z 195 -31.70 -23.91 24.30
N GLY Z 196 -32.74 -24.63 24.72
CA GLY Z 196 -32.65 -25.38 25.95
C GLY Z 196 -31.75 -26.58 25.86
N GLY Z 197 -31.51 -27.07 24.66
CA GLY Z 197 -30.60 -28.18 24.51
C GLY Z 197 -29.16 -27.78 24.71
N ILE Z 198 -28.84 -26.52 24.47
CA ILE Z 198 -27.49 -26.02 24.70
C ILE Z 198 -27.21 -25.94 26.20
N ALA Z 199 -28.19 -25.48 26.96
CA ALA Z 199 -28.08 -25.46 28.42
C ALA Z 199 -28.05 -26.86 28.99
N ALA Z 200 -28.83 -27.77 28.43
CA ALA Z 200 -28.83 -29.13 28.93
C ALA Z 200 -27.56 -29.85 28.54
N HIS Z 201 -26.90 -29.44 27.45
CA HIS Z 201 -25.68 -30.11 27.04
C HIS Z 201 -24.55 -29.80 27.99
N HIS Z 202 -24.22 -28.52 28.13
CA HIS Z 202 -23.07 -28.12 28.92
C HIS Z 202 -23.24 -28.40 30.41
N ILE Z 203 -24.46 -28.61 30.89
CA ILE Z 203 -24.65 -29.09 32.25
C ILE Z 203 -24.42 -30.59 32.34
N ALA Z 204 -24.99 -31.36 31.42
CA ALA Z 204 -24.82 -32.81 31.46
C ALA Z 204 -23.39 -33.19 31.13
N ALA Z 205 -22.90 -32.79 29.96
CA ALA Z 205 -21.57 -33.16 29.53
C ALA Z 205 -20.45 -32.50 30.33
N GLY Z 206 -20.76 -31.54 31.19
CA GLY Z 206 -19.77 -31.03 32.11
C GLY Z 206 -19.55 -32.00 33.24
N ILE Z 207 -20.63 -32.65 33.69
CA ILE Z 207 -20.53 -33.64 34.76
C ILE Z 207 -19.75 -34.86 34.29
N PHE Z 208 -19.98 -35.29 33.06
CA PHE Z 208 -19.22 -36.38 32.46
C PHE Z 208 -17.76 -36.00 32.32
N GLY Z 209 -17.48 -34.71 32.15
CA GLY Z 209 -16.09 -34.28 32.07
C GLY Z 209 -15.47 -34.03 33.42
N ILE Z 210 -16.29 -33.77 34.43
CA ILE Z 210 -15.76 -33.73 35.80
C ILE Z 210 -15.36 -35.11 36.25
N PHE Z 211 -16.23 -36.09 36.09
CA PHE Z 211 -15.99 -37.41 36.64
C PHE Z 211 -15.22 -38.31 35.68
N ALA Z 212 -14.82 -37.80 34.51
CA ALA Z 212 -13.80 -38.48 33.72
C ALA Z 212 -12.41 -38.04 34.13
N GLY Z 213 -12.28 -36.80 34.58
CA GLY Z 213 -11.03 -36.36 35.17
C GLY Z 213 -10.79 -36.99 36.51
N ILE Z 214 -11.86 -37.33 37.23
CA ILE Z 214 -11.69 -38.10 38.45
C ILE Z 214 -11.24 -39.51 38.12
N PHE Z 215 -11.69 -40.05 37.00
CA PHE Z 215 -11.15 -41.32 36.57
C PHE Z 215 -9.73 -41.18 36.08
N HIS Z 216 -9.48 -40.24 35.16
CA HIS Z 216 -8.20 -40.21 34.48
C HIS Z 216 -7.09 -39.59 35.35
N LEU Z 217 -7.41 -39.16 36.58
CA LEU Z 217 -6.37 -38.86 37.55
C LEU Z 217 -5.89 -40.13 38.25
N THR Z 218 -6.81 -40.93 38.73
CA THR Z 218 -6.44 -42.01 39.63
C THR Z 218 -5.92 -43.23 38.90
N VAL Z 219 -6.66 -43.72 37.92
CA VAL Z 219 -6.37 -44.98 37.26
C VAL Z 219 -5.27 -44.74 36.23
N ARG Z 220 -4.19 -45.51 36.32
CA ARG Z 220 -3.09 -45.46 35.39
C ARG Z 220 -3.43 -46.24 34.14
N PRO Z 221 -2.77 -45.95 33.02
CA PRO Z 221 -3.06 -46.67 31.77
C PRO Z 221 -2.62 -48.12 31.84
N PRO Z 222 -3.19 -48.97 31.00
CA PRO Z 222 -2.71 -50.35 30.94
C PRO Z 222 -1.34 -50.43 30.32
N GLN Z 223 -0.70 -51.58 30.47
CA GLN Z 223 0.60 -51.78 29.85
C GLN Z 223 0.47 -51.85 28.34
N ARG Z 224 -0.64 -52.40 27.86
CA ARG Z 224 -0.85 -52.50 26.42
C ARG Z 224 -1.11 -51.14 25.80
N LEU Z 225 -2.05 -50.38 26.36
CA LEU Z 225 -2.37 -49.08 25.79
C LEU Z 225 -1.28 -48.05 26.00
N TYR Z 226 -0.42 -48.22 26.98
CA TYR Z 226 0.70 -47.30 27.11
C TYR Z 226 1.73 -47.52 26.01
N ARG Z 227 1.84 -48.75 25.52
CA ARG Z 227 2.75 -49.03 24.43
C ARG Z 227 2.11 -48.86 23.07
N ALA Z 228 0.83 -49.22 22.94
CA ALA Z 228 0.18 -49.19 21.63
C ALA Z 228 -0.06 -47.76 21.17
N LEU Z 229 -0.49 -46.89 22.06
CA LEU Z 229 -0.72 -45.50 21.72
C LEU Z 229 0.46 -44.60 22.01
N ARG Z 230 1.58 -45.18 22.45
CA ARG Z 230 2.87 -44.50 22.60
C ARG Z 230 2.79 -43.33 23.57
N MET Z 231 2.21 -43.57 24.75
CA MET Z 231 1.88 -42.47 25.65
C MET Z 231 3.09 -41.88 26.34
N GLY Z 232 4.28 -42.43 26.13
CA GLY Z 232 5.48 -41.76 26.58
C GLY Z 232 5.88 -40.61 25.67
N ASN Z 233 5.55 -40.73 24.39
CA ASN Z 233 5.83 -39.68 23.42
C ASN Z 233 4.83 -38.56 23.60
N ILE Z 234 5.26 -37.32 23.32
CA ILE Z 234 4.34 -36.20 23.45
C ILE Z 234 3.59 -35.97 22.14
N GLU Z 235 4.07 -36.56 21.04
CA GLU Z 235 3.40 -36.28 19.78
C GLU Z 235 2.11 -37.04 19.63
N THR Z 236 1.92 -38.13 20.39
CA THR Z 236 0.62 -38.79 20.41
C THR Z 236 -0.44 -37.95 21.07
N VAL Z 237 -0.05 -36.94 21.84
CA VAL Z 237 -1.01 -35.97 22.29
C VAL Z 237 -1.39 -35.06 21.13
N LEU Z 238 -0.40 -34.63 20.35
CA LEU Z 238 -0.63 -33.70 19.25
C LEU Z 238 -1.32 -34.38 18.08
N SER Z 239 -1.02 -35.65 17.86
CA SER Z 239 -1.63 -36.40 16.76
C SER Z 239 -3.13 -36.52 16.94
N SER Z 240 -3.54 -36.69 18.19
CA SER Z 240 -4.93 -36.93 18.53
C SER Z 240 -5.64 -35.69 19.00
N SER Z 241 -4.91 -34.65 19.40
CA SER Z 241 -5.56 -33.37 19.66
C SER Z 241 -6.05 -32.74 18.39
N ILE Z 242 -5.27 -32.86 17.31
CA ILE Z 242 -5.68 -32.33 16.02
C ILE Z 242 -6.92 -33.05 15.50
N SER Z 243 -7.01 -34.35 15.74
CA SER Z 243 -8.22 -35.09 15.38
C SER Z 243 -9.44 -34.63 16.15
N ALA Z 244 -9.25 -34.13 17.36
CA ALA Z 244 -10.35 -33.59 18.13
C ALA Z 244 -10.61 -32.13 17.83
N VAL Z 245 -9.93 -31.56 16.85
CA VAL Z 245 -10.03 -30.14 16.56
C VAL Z 245 -10.61 -29.89 15.17
N PHE Z 246 -10.23 -30.68 14.16
CA PHE Z 246 -10.97 -30.55 12.91
C PHE Z 246 -12.33 -31.18 13.01
N PHE Z 247 -12.47 -32.22 13.85
CA PHE Z 247 -13.79 -32.80 14.09
C PHE Z 247 -14.71 -31.76 14.70
N ALA Z 248 -14.18 -30.91 15.56
CA ALA Z 248 -14.97 -29.83 16.11
C ALA Z 248 -15.20 -28.74 15.07
N ALA Z 249 -14.35 -28.67 14.04
CA ALA Z 249 -14.47 -27.57 13.11
C ALA Z 249 -15.40 -27.90 11.95
N PHE Z 250 -15.64 -29.18 11.70
CA PHE Z 250 -16.70 -29.51 10.76
C PHE Z 250 -18.06 -29.28 11.38
N VAL Z 251 -18.16 -29.47 12.70
CA VAL Z 251 -19.44 -29.30 13.38
C VAL Z 251 -19.85 -27.84 13.41
N THR Z 252 -18.92 -26.97 13.81
CA THR Z 252 -19.26 -25.56 13.91
C THR Z 252 -19.46 -24.93 12.55
N SER Z 253 -18.71 -25.37 11.55
CA SER Z 253 -18.97 -24.91 10.20
C SER Z 253 -20.24 -25.55 9.65
N GLY Z 254 -20.62 -26.70 10.17
CA GLY Z 254 -21.89 -27.28 9.76
C GLY Z 254 -23.07 -26.54 10.35
N THR Z 255 -23.06 -26.34 11.66
CA THR Z 255 -24.20 -25.71 12.28
C THR Z 255 -24.23 -24.21 12.09
N MET Z 256 -23.16 -23.61 11.57
CA MET Z 256 -23.27 -22.24 11.10
C MET Z 256 -23.97 -22.19 9.76
N TRP Z 257 -23.72 -23.17 8.92
CA TRP Z 257 -24.21 -23.12 7.55
C TRP Z 257 -25.65 -23.60 7.46
N TYR Z 258 -26.02 -24.60 8.24
CA TYR Z 258 -27.39 -25.06 8.21
C TYR Z 258 -28.27 -24.33 9.20
N GLY Z 259 -27.69 -23.61 10.12
CA GLY Z 259 -28.47 -22.93 11.14
C GLY Z 259 -28.67 -23.77 12.37
N ALA Z 260 -28.57 -23.12 13.52
CA ALA Z 260 -28.87 -23.75 14.80
C ALA Z 260 -29.32 -22.66 15.75
N ALA Z 261 -29.69 -23.06 16.96
CA ALA Z 261 -30.05 -22.08 17.98
C ALA Z 261 -28.83 -21.31 18.45
N ALA Z 262 -27.66 -21.92 18.32
CA ALA Z 262 -26.41 -21.24 18.63
C ALA Z 262 -25.97 -20.31 17.52
N THR Z 263 -26.68 -20.24 16.41
CA THR Z 263 -26.39 -19.29 15.33
C THR Z 263 -27.69 -18.59 14.96
N PRO Z 264 -28.04 -17.52 15.67
CA PRO Z 264 -29.30 -16.85 15.39
C PRO Z 264 -29.21 -16.02 14.13
N ILE Z 265 -30.30 -15.96 13.38
CA ILE Z 265 -30.30 -15.27 12.09
C ILE Z 265 -30.46 -13.79 12.30
N GLU Z 266 -30.59 -13.35 13.54
CA GLU Z 266 -30.54 -11.93 13.83
C GLU Z 266 -29.12 -11.46 14.07
N LEU Z 267 -28.16 -12.35 14.20
CA LEU Z 267 -26.78 -11.98 14.43
C LEU Z 267 -25.87 -12.32 13.27
N PHE Z 268 -26.03 -13.50 12.69
CA PHE Z 268 -25.19 -13.90 11.58
C PHE Z 268 -25.85 -13.72 10.23
N GLY Z 269 -27.14 -13.49 10.20
CA GLY Z 269 -27.84 -13.37 8.94
C GLY Z 269 -28.52 -14.66 8.59
N PRO Z 270 -29.38 -14.63 7.59
CA PRO Z 270 -30.16 -15.82 7.24
C PRO Z 270 -29.31 -16.86 6.54
N THR Z 271 -29.74 -18.11 6.62
CA THR Z 271 -29.07 -19.16 5.89
C THR Z 271 -29.56 -19.17 4.44
N ARG Z 272 -28.96 -20.04 3.63
CA ARG Z 272 -29.40 -20.13 2.24
C ARG Z 272 -30.62 -21.01 2.11
N TYR Z 273 -30.91 -21.80 3.14
CA TYR Z 273 -32.05 -22.69 3.08
C TYR Z 273 -33.33 -21.96 3.46
N GLN Z 274 -33.18 -20.71 3.91
CA GLN Z 274 -34.33 -19.84 4.11
C GLN Z 274 -34.65 -19.07 2.85
N TRP Z 275 -33.81 -19.14 1.82
CA TRP Z 275 -34.17 -18.63 0.52
C TRP Z 275 -34.66 -19.72 -0.41
N ASP Z 276 -34.10 -20.91 -0.30
CA ASP Z 276 -34.43 -21.98 -1.22
C ASP Z 276 -35.84 -22.51 -0.95
N SER Z 277 -36.23 -22.62 0.30
CA SER Z 277 -37.55 -23.12 0.62
C SER Z 277 -38.62 -22.04 0.65
N GLY Z 278 -38.24 -20.78 0.48
CA GLY Z 278 -39.20 -19.69 0.61
C GLY Z 278 -39.66 -19.53 2.03
N TYR Z 279 -38.73 -19.56 2.99
CA TYR Z 279 -39.09 -19.57 4.39
C TYR Z 279 -39.67 -18.24 4.86
N PHE Z 280 -39.29 -17.15 4.20
CA PHE Z 280 -39.86 -15.85 4.52
C PHE Z 280 -40.94 -15.43 3.55
N GLN Z 281 -40.96 -15.96 2.33
CA GLN Z 281 -42.05 -15.66 1.42
C GLN Z 281 -43.35 -16.23 1.94
N GLN Z 282 -43.30 -17.45 2.45
CA GLN Z 282 -44.51 -18.08 2.97
C GLN Z 282 -44.95 -17.44 4.28
N GLU Z 283 -44.02 -16.81 4.98
CA GLU Z 283 -44.36 -16.20 6.26
C GLU Z 283 -44.96 -14.81 6.08
N ILE Z 284 -44.46 -14.04 5.13
CA ILE Z 284 -45.03 -12.72 4.87
C ILE Z 284 -46.44 -12.86 4.31
N GLU Z 285 -46.67 -13.87 3.48
CA GLU Z 285 -48.02 -14.14 2.99
C GLU Z 285 -48.94 -14.60 4.11
N ARG Z 286 -48.41 -15.38 5.05
CA ARG Z 286 -49.23 -15.88 6.15
C ARG Z 286 -49.69 -14.77 7.08
N GLN Z 287 -48.89 -13.73 7.27
CA GLN Z 287 -49.33 -12.58 8.04
C GLN Z 287 -50.20 -11.61 7.24
N VAL Z 288 -50.48 -11.92 5.98
CA VAL Z 288 -51.36 -11.11 5.15
C VAL Z 288 -52.64 -11.89 4.92
N GLU Z 289 -52.52 -13.22 4.83
CA GLU Z 289 -53.70 -14.07 4.73
C GLU Z 289 -54.56 -14.00 6.00
N THR Z 290 -53.93 -13.76 7.15
CA THR Z 290 -54.72 -13.57 8.36
C THR Z 290 -55.17 -12.13 8.51
N SER Z 291 -54.47 -11.19 7.88
CA SER Z 291 -54.88 -9.79 7.99
C SER Z 291 -56.07 -9.51 7.07
N VAL Z 292 -56.02 -10.02 5.84
CA VAL Z 292 -57.11 -9.83 4.89
C VAL Z 292 -58.36 -10.56 5.35
N SER Z 293 -58.20 -11.72 6.02
CA SER Z 293 -59.34 -12.45 6.54
C SER Z 293 -60.02 -11.70 7.69
N GLU Z 294 -59.30 -10.80 8.36
CA GLU Z 294 -59.91 -9.95 9.38
C GLU Z 294 -60.36 -8.62 8.81
N GLY Z 295 -61.07 -8.66 7.68
CA GLY Z 295 -61.70 -7.51 7.05
C GLY Z 295 -60.84 -6.28 6.80
N LEU Z 296 -59.87 -6.39 5.90
CA LEU Z 296 -59.01 -5.25 5.60
C LEU Z 296 -58.94 -5.02 4.11
N SER Z 297 -58.55 -3.80 3.76
CA SER Z 297 -58.07 -3.54 2.41
C SER Z 297 -56.68 -4.14 2.26
N GLU Z 298 -56.25 -4.26 1.01
CA GLU Z 298 -55.00 -4.96 0.73
C GLU Z 298 -53.80 -4.14 1.17
N SER Z 299 -53.83 -2.83 0.90
CA SER Z 299 -52.67 -1.98 1.21
C SER Z 299 -52.51 -1.79 2.71
N GLN Z 300 -53.60 -1.98 3.47
CA GLN Z 300 -53.47 -1.95 4.92
C GLN Z 300 -52.94 -3.26 5.46
N ALA Z 301 -53.12 -4.34 4.69
CA ALA Z 301 -52.57 -5.63 5.12
C ALA Z 301 -51.07 -5.67 4.94
N TRP Z 302 -50.57 -5.11 3.84
CA TRP Z 302 -49.14 -5.15 3.60
C TRP Z 302 -48.41 -4.12 4.44
N SER Z 303 -49.14 -3.14 4.96
CA SER Z 303 -48.50 -2.12 5.78
C SER Z 303 -48.22 -2.63 7.19
N ARG Z 304 -48.85 -3.74 7.58
CA ARG Z 304 -48.57 -4.29 8.90
C ARG Z 304 -47.26 -5.05 8.93
N ILE Z 305 -46.77 -5.46 7.76
CA ILE Z 305 -45.55 -6.24 7.66
C ILE Z 305 -44.36 -5.37 8.06
N PRO Z 306 -43.52 -5.82 8.99
CA PRO Z 306 -42.36 -5.02 9.38
C PRO Z 306 -41.34 -4.95 8.26
N ASP Z 307 -40.52 -3.90 8.31
CA ASP Z 307 -39.47 -3.77 7.31
C ASP Z 307 -38.38 -4.81 7.51
N LYS Z 308 -38.21 -5.29 8.75
CA LYS Z 308 -37.20 -6.31 9.01
C LYS Z 308 -37.58 -7.65 8.40
N LEU Z 309 -38.86 -7.99 8.42
CA LEU Z 309 -39.29 -9.29 7.93
C LEU Z 309 -39.16 -9.37 6.42
N ALA Z 310 -39.43 -8.27 5.72
CA ALA Z 310 -39.25 -8.26 4.28
C ALA Z 310 -37.77 -8.13 3.92
N PHE Z 311 -36.94 -7.72 4.87
CA PHE Z 311 -35.52 -7.55 4.58
C PHE Z 311 -34.82 -8.89 4.51
N TYR Z 312 -35.36 -9.89 5.18
CA TYR Z 312 -34.79 -11.22 5.02
C TYR Z 312 -35.22 -11.84 3.70
N ASP Z 313 -36.36 -11.40 3.17
CA ASP Z 313 -36.84 -11.90 1.89
C ASP Z 313 -36.18 -11.11 0.78
N TYR Z 314 -34.87 -11.24 0.65
CA TYR Z 314 -34.09 -10.47 -0.29
C TYR Z 314 -32.87 -11.27 -0.66
N ILE Z 315 -32.55 -11.34 -1.94
CA ILE Z 315 -31.50 -12.25 -2.37
C ILE Z 315 -30.13 -11.71 -2.03
N GLY Z 316 -30.00 -10.42 -1.76
CA GLY Z 316 -28.71 -9.91 -1.37
C GLY Z 316 -28.30 -10.25 0.03
N ASN Z 317 -29.21 -10.79 0.84
CA ASN Z 317 -28.89 -11.25 2.18
C ASN Z 317 -28.60 -12.74 2.23
N ASN Z 318 -28.77 -13.43 1.12
CA ASN Z 318 -28.37 -14.80 1.00
C ASN Z 318 -26.85 -14.89 1.04
N PRO Z 319 -26.25 -15.71 1.90
CA PRO Z 319 -24.80 -15.88 1.87
C PRO Z 319 -24.28 -16.65 0.68
N ALA Z 320 -25.15 -17.31 -0.08
CA ALA Z 320 -24.74 -18.04 -1.26
C ALA Z 320 -24.81 -17.19 -2.52
N LYS Z 321 -24.67 -15.88 -2.39
CA LYS Z 321 -24.65 -14.98 -3.53
C LYS Z 321 -23.33 -14.26 -3.68
N GLY Z 322 -22.50 -14.21 -2.64
CA GLY Z 322 -21.27 -13.47 -2.70
C GLY Z 322 -20.20 -14.16 -3.52
N GLY Z 323 -19.03 -13.56 -3.51
CA GLY Z 323 -17.88 -14.11 -4.18
C GLY Z 323 -16.72 -14.21 -3.22
N LEU Z 324 -15.64 -14.80 -3.69
CA LEU Z 324 -14.52 -15.03 -2.80
C LEU Z 324 -13.60 -13.83 -2.70
N PHE Z 325 -13.14 -13.31 -3.84
CA PHE Z 325 -12.10 -12.30 -3.83
C PHE Z 325 -12.65 -10.89 -3.86
N ARG Z 326 -13.96 -10.74 -3.84
CA ARG Z 326 -14.55 -9.46 -3.49
C ARG Z 326 -14.55 -9.34 -1.97
N ALA Z 327 -14.33 -8.13 -1.48
CA ALA Z 327 -14.03 -7.96 -0.08
C ALA Z 327 -14.95 -6.93 0.56
N GLY Z 328 -15.00 -6.97 1.88
CA GLY Z 328 -15.70 -5.96 2.64
C GLY Z 328 -17.05 -6.42 3.10
N PRO Z 329 -17.82 -5.51 3.67
CA PRO Z 329 -19.14 -5.86 4.19
C PRO Z 329 -20.14 -6.03 3.06
N MET Z 330 -21.36 -6.43 3.43
CA MET Z 330 -22.41 -6.55 2.45
C MET Z 330 -22.94 -5.20 2.02
N ASN Z 331 -22.70 -4.15 2.83
CA ASN Z 331 -23.13 -2.81 2.45
C ASN Z 331 -22.28 -2.26 1.33
N LYS Z 332 -21.11 -2.84 1.11
CA LYS Z 332 -20.32 -2.53 -0.07
C LYS Z 332 -20.99 -3.07 -1.33
N GLY Z 333 -21.90 -4.04 -1.17
CA GLY Z 333 -22.63 -4.65 -2.27
C GLY Z 333 -23.51 -3.71 -3.04
N ASP Z 334 -24.48 -3.10 -2.37
CA ASP Z 334 -25.37 -2.16 -3.05
C ASP Z 334 -25.69 -0.93 -2.22
N GLY Z 335 -25.17 -0.82 -1.01
CA GLY Z 335 -25.39 0.36 -0.19
C GLY Z 335 -26.27 0.04 1.01
N ILE Z 336 -26.27 1.01 1.93
CA ILE Z 336 -27.06 0.86 3.14
C ILE Z 336 -28.53 1.03 2.79
N ALA Z 337 -29.35 0.07 3.22
CA ALA Z 337 -30.77 0.11 2.93
C ALA Z 337 -31.43 1.26 3.67
N GLU Z 338 -32.39 1.91 3.01
CA GLU Z 338 -33.08 3.04 3.59
C GLU Z 338 -34.52 2.69 3.94
N ALA Z 339 -35.29 2.20 2.99
CA ALA Z 339 -36.70 1.94 3.23
C ALA Z 339 -37.15 0.81 2.34
N TRP Z 340 -38.34 0.33 2.62
CA TRP Z 340 -38.95 -0.75 1.85
C TRP Z 340 -39.86 -0.13 0.82
N LEU Z 341 -39.63 -0.44 -0.44
CA LEU Z 341 -40.39 0.20 -1.50
C LEU Z 341 -41.79 -0.40 -1.61
N GLY Z 342 -41.98 -1.60 -1.08
CA GLY Z 342 -43.31 -2.15 -1.06
C GLY Z 342 -43.33 -3.47 -1.76
N HIS Z 343 -44.52 -4.03 -1.87
CA HIS Z 343 -44.72 -5.33 -2.49
C HIS Z 343 -45.44 -5.17 -3.81
N PRO Z 344 -44.76 -5.22 -4.94
CA PRO Z 344 -45.44 -5.07 -6.22
C PRO Z 344 -46.26 -6.29 -6.58
N ILE Z 345 -47.45 -6.06 -7.08
CA ILE Z 345 -48.33 -7.11 -7.56
C ILE Z 345 -48.63 -6.83 -9.03
N PHE Z 346 -48.32 -7.80 -9.88
CA PHE Z 346 -48.41 -7.64 -11.32
C PHE Z 346 -49.70 -8.23 -11.81
N ARG Z 347 -50.45 -7.45 -12.59
CA ARG Z 347 -51.70 -7.87 -13.18
C ARG Z 347 -51.68 -7.50 -14.66
N ASP Z 348 -52.20 -8.40 -15.48
CA ASP Z 348 -52.26 -8.15 -16.91
C ASP Z 348 -53.48 -7.31 -17.30
N LYS Z 349 -53.77 -7.23 -18.59
CA LYS Z 349 -54.98 -6.56 -19.01
C LYS Z 349 -56.21 -7.42 -18.76
N GLU Z 350 -56.03 -8.73 -18.60
CA GLU Z 350 -57.13 -9.59 -18.22
C GLU Z 350 -57.47 -9.46 -16.73
N GLY Z 351 -56.47 -9.16 -15.91
CA GLY Z 351 -56.69 -8.91 -14.50
C GLY Z 351 -56.19 -9.99 -13.55
N ARG Z 352 -55.66 -11.09 -14.08
CA ARG Z 352 -55.18 -12.15 -13.20
C ARG Z 352 -53.84 -11.76 -12.58
N GLU Z 353 -53.52 -12.43 -11.48
CA GLU Z 353 -52.32 -12.10 -10.72
C GLU Z 353 -51.12 -12.85 -11.27
N LEU Z 354 -50.06 -12.10 -11.58
CA LEU Z 354 -48.82 -12.66 -12.11
C LEU Z 354 -47.73 -12.48 -11.07
N THR Z 355 -47.06 -13.57 -10.72
CA THR Z 355 -45.92 -13.54 -9.81
C THR Z 355 -44.64 -13.64 -10.61
N VAL Z 356 -43.67 -12.80 -10.28
CA VAL Z 356 -42.37 -12.88 -10.93
C VAL Z 356 -41.63 -14.10 -10.41
N ARG Z 357 -41.18 -14.94 -11.34
CA ARG Z 357 -40.32 -16.07 -11.00
C ARG Z 357 -39.02 -15.55 -10.39
N ARG Z 358 -38.64 -16.12 -9.23
CA ARG Z 358 -37.51 -15.60 -8.46
C ARG Z 358 -36.20 -16.27 -8.86
N MET Z 359 -35.12 -15.52 -8.70
CA MET Z 359 -33.80 -16.02 -9.01
C MET Z 359 -33.35 -17.04 -7.98
N PRO Z 360 -32.88 -18.21 -8.40
CA PRO Z 360 -32.24 -19.13 -7.46
C PRO Z 360 -30.85 -18.65 -7.09
N ALA Z 361 -30.21 -19.36 -6.16
CA ALA Z 361 -28.92 -18.91 -5.66
C ALA Z 361 -27.79 -19.23 -6.63
N PHE Z 362 -28.02 -20.17 -7.55
CA PHE Z 362 -27.00 -20.52 -8.53
C PHE Z 362 -26.81 -19.42 -9.55
N PHE Z 363 -27.91 -18.90 -10.07
CA PHE Z 363 -27.88 -18.04 -11.23
C PHE Z 363 -27.39 -16.65 -10.86
N GLU Z 364 -26.32 -16.22 -11.49
CA GLU Z 364 -25.91 -14.82 -11.41
C GLU Z 364 -26.84 -13.97 -12.28
N THR Z 365 -27.12 -14.44 -13.49
CA THR Z 365 -28.08 -13.81 -14.37
C THR Z 365 -29.30 -14.70 -14.49
N PHE Z 366 -30.45 -14.09 -14.62
CA PHE Z 366 -31.69 -14.85 -14.70
C PHE Z 366 -32.70 -14.05 -15.50
N PRO Z 367 -33.37 -14.66 -16.48
CA PRO Z 367 -34.32 -13.91 -17.31
C PRO Z 367 -35.60 -13.61 -16.54
N VAL Z 368 -36.11 -12.39 -16.70
CA VAL Z 368 -37.31 -11.99 -15.98
C VAL Z 368 -38.52 -12.67 -16.60
N ILE Z 369 -39.22 -13.46 -15.79
CA ILE Z 369 -40.35 -14.27 -16.25
C ILE Z 369 -41.51 -14.01 -15.31
N LEU Z 370 -42.69 -13.72 -15.87
CA LEU Z 370 -43.89 -13.50 -15.08
C LEU Z 370 -44.81 -14.70 -15.23
N VAL Z 371 -45.14 -15.34 -14.13
CA VAL Z 371 -45.90 -16.59 -14.10
C VAL Z 371 -47.16 -16.35 -13.29
N ASP Z 372 -48.29 -16.87 -13.79
CA ASP Z 372 -49.54 -16.84 -13.05
C ASP Z 372 -49.58 -17.99 -12.05
N LYS Z 373 -50.78 -18.31 -11.54
CA LYS Z 373 -50.90 -19.20 -10.39
C LYS Z 373 -50.68 -20.66 -10.77
N ASP Z 374 -50.89 -21.03 -12.03
CA ASP Z 374 -50.82 -22.44 -12.37
C ASP Z 374 -49.54 -22.85 -13.09
N GLY Z 375 -48.60 -21.94 -13.28
CA GLY Z 375 -47.34 -22.30 -13.89
C GLY Z 375 -47.18 -21.93 -15.35
N ILE Z 376 -48.21 -21.37 -15.97
CA ILE Z 376 -48.15 -21.03 -17.38
C ILE Z 376 -47.36 -19.75 -17.54
N ILE Z 377 -46.43 -19.73 -18.51
CA ILE Z 377 -45.68 -18.51 -18.77
C ILE Z 377 -46.61 -17.52 -19.44
N ARG Z 378 -46.85 -16.39 -18.79
CA ARG Z 378 -47.77 -15.38 -19.30
C ARG Z 378 -47.07 -14.16 -19.85
N ALA Z 379 -45.94 -13.77 -19.26
CA ALA Z 379 -45.21 -12.61 -19.72
C ALA Z 379 -43.75 -12.77 -19.35
N ASP Z 380 -42.89 -12.02 -20.03
CA ASP Z 380 -41.47 -12.01 -19.72
C ASP Z 380 -40.86 -10.71 -20.27
N ILE Z 381 -39.54 -10.64 -20.26
CA ILE Z 381 -38.80 -9.59 -20.98
C ILE Z 381 -37.96 -10.31 -22.02
N PRO Z 382 -38.26 -10.16 -23.31
CA PRO Z 382 -37.62 -11.02 -24.31
C PRO Z 382 -36.20 -10.58 -24.62
N PHE Z 383 -35.31 -11.57 -24.73
CA PHE Z 383 -33.98 -11.33 -25.29
C PHE Z 383 -34.09 -10.93 -26.75
N ARG Z 384 -34.72 -11.79 -27.55
CA ARG Z 384 -34.89 -11.58 -28.98
C ARG Z 384 -36.23 -10.88 -29.21
N ARG Z 385 -36.17 -9.61 -29.60
CA ARG Z 385 -37.38 -8.81 -29.65
C ARG Z 385 -38.14 -8.93 -30.97
N ALA Z 386 -37.67 -9.78 -31.89
CA ALA Z 386 -38.27 -9.82 -33.21
C ALA Z 386 -39.58 -10.59 -33.21
N GLU Z 387 -39.53 -11.87 -32.83
CA GLU Z 387 -40.67 -12.76 -32.94
C GLU Z 387 -41.41 -12.84 -31.61
N SER Z 388 -41.54 -11.73 -30.90
CA SER Z 388 -41.97 -11.75 -29.51
C SER Z 388 -43.44 -12.10 -29.34
N LYS Z 389 -43.72 -13.10 -28.50
CA LYS Z 389 -45.09 -13.55 -28.28
C LYS Z 389 -45.56 -13.39 -26.84
N TYR Z 390 -44.70 -13.00 -25.91
CA TYR Z 390 -45.09 -12.86 -24.51
C TYR Z 390 -44.54 -11.59 -23.89
N SER Z 391 -44.30 -10.56 -24.69
CA SER Z 391 -43.74 -9.34 -24.15
C SER Z 391 -44.75 -8.61 -23.27
N ILE Z 392 -44.25 -7.65 -22.49
CA ILE Z 392 -45.10 -6.90 -21.60
C ILE Z 392 -45.98 -5.93 -22.39
N GLU Z 393 -45.50 -5.50 -23.55
CA GLU Z 393 -46.30 -4.62 -24.40
C GLU Z 393 -47.53 -5.34 -24.94
N GLN Z 394 -47.40 -6.61 -25.27
CA GLN Z 394 -48.56 -7.36 -25.76
C GLN Z 394 -49.51 -7.68 -24.62
N VAL Z 395 -48.99 -8.20 -23.51
CA VAL Z 395 -49.85 -8.71 -22.45
C VAL Z 395 -50.44 -7.54 -21.65
N GLY Z 396 -49.72 -6.43 -21.58
CA GLY Z 396 -50.25 -5.26 -20.90
C GLY Z 396 -50.26 -5.43 -19.40
N VAL Z 397 -49.10 -5.71 -18.83
CA VAL Z 397 -49.01 -5.97 -17.41
C VAL Z 397 -48.89 -4.65 -16.67
N THR Z 398 -49.77 -4.42 -15.70
CA THR Z 398 -49.70 -3.28 -14.82
C THR Z 398 -49.21 -3.73 -13.44
N VAL Z 399 -48.52 -2.83 -12.77
CA VAL Z 399 -47.93 -3.11 -11.47
C VAL Z 399 -48.71 -2.32 -10.41
N ASP Z 400 -48.96 -2.95 -9.28
CA ASP Z 400 -49.66 -2.34 -8.15
C ASP Z 400 -48.81 -2.54 -6.90
N PHE Z 401 -48.46 -1.46 -6.24
CA PHE Z 401 -47.71 -1.59 -5.00
C PHE Z 401 -48.67 -1.59 -3.82
N TYR Z 402 -48.22 -2.18 -2.72
CA TYR Z 402 -49.02 -2.28 -1.52
C TYR Z 402 -48.07 -2.23 -0.33
N GLY Z 403 -48.21 -1.22 0.50
CA GLY Z 403 -47.29 -1.04 1.60
C GLY Z 403 -46.00 -0.41 1.14
N GLY Z 404 -45.15 -0.11 2.10
CA GLY Z 404 -43.95 0.61 1.79
C GLY Z 404 -44.24 2.05 1.43
N LYS Z 405 -43.24 2.69 0.84
CA LYS Z 405 -43.38 4.11 0.55
C LYS Z 405 -44.02 4.34 -0.81
N LEU Z 406 -44.35 3.27 -1.53
CA LEU Z 406 -45.07 3.44 -2.78
C LEU Z 406 -46.51 2.99 -2.66
N ASN Z 407 -47.11 3.22 -1.48
CA ASN Z 407 -48.23 2.46 -0.88
C ASN Z 407 -49.40 2.29 -1.84
N GLY Z 408 -50.07 3.36 -2.25
CA GLY Z 408 -51.04 3.21 -3.32
C GLY Z 408 -50.56 3.87 -4.58
N GLN Z 409 -49.99 3.11 -5.50
CA GLN Z 409 -49.53 3.62 -6.78
C GLN Z 409 -49.76 2.55 -7.83
N THR Z 410 -49.91 2.98 -9.07
CA THR Z 410 -50.12 2.06 -10.18
C THR Z 410 -49.39 2.62 -11.39
N PHE Z 411 -48.44 1.85 -11.92
CA PHE Z 411 -47.75 2.21 -13.14
C PHE Z 411 -48.22 1.26 -14.24
N LYS Z 412 -48.56 1.82 -15.39
CA LYS Z 412 -49.21 1.03 -16.42
C LYS Z 412 -48.42 0.91 -17.72
N ASP Z 413 -47.46 1.78 -17.98
CA ASP Z 413 -46.76 1.72 -19.25
C ASP Z 413 -45.59 0.73 -19.19
N ALA Z 414 -45.25 0.21 -20.37
CA ALA Z 414 -44.12 -0.71 -20.50
C ALA Z 414 -42.75 -0.19 -20.07
N PRO Z 415 -42.38 1.11 -20.17
CA PRO Z 415 -41.08 1.50 -19.61
C PRO Z 415 -40.95 1.34 -18.11
N THR Z 416 -42.02 1.56 -17.35
CA THR Z 416 -41.89 1.56 -15.90
C THR Z 416 -42.11 0.17 -15.33
N VAL Z 417 -42.99 -0.61 -15.96
CA VAL Z 417 -43.28 -1.96 -15.48
C VAL Z 417 -42.07 -2.87 -15.66
N LYS Z 418 -41.31 -2.66 -16.74
CA LYS Z 418 -40.11 -3.45 -16.96
C LYS Z 418 -39.03 -3.13 -15.93
N LYS Z 419 -39.01 -1.91 -15.41
CA LYS Z 419 -38.03 -1.56 -14.40
C LYS Z 419 -38.36 -2.22 -13.06
N PHE Z 420 -39.65 -2.41 -12.77
CA PHE Z 420 -40.00 -3.05 -11.51
C PHE Z 420 -40.09 -4.56 -11.65
N ALA Z 421 -40.20 -5.06 -12.87
CA ALA Z 421 -40.20 -6.50 -13.05
C ALA Z 421 -38.81 -7.07 -12.90
N ARG Z 422 -37.78 -6.26 -13.19
CA ARG Z 422 -36.41 -6.74 -13.05
C ARG Z 422 -35.98 -6.75 -11.61
N LYS Z 423 -36.43 -5.77 -10.83
CA LYS Z 423 -36.02 -5.74 -9.44
C LYS Z 423 -36.94 -6.53 -8.53
N ALA Z 424 -37.97 -7.18 -9.06
CA ALA Z 424 -38.85 -8.00 -8.24
C ALA Z 424 -38.46 -9.46 -8.25
N GLN Z 425 -37.55 -9.87 -9.13
CA GLN Z 425 -37.03 -11.22 -9.05
C GLN Z 425 -35.94 -11.36 -8.01
N LEU Z 426 -35.50 -10.24 -7.43
CA LEU Z 426 -34.51 -10.24 -6.38
C LEU Z 426 -35.12 -10.20 -5.00
N GLY Z 427 -36.26 -10.85 -4.81
CA GLY Z 427 -36.91 -10.88 -3.51
C GLY Z 427 -37.84 -9.72 -3.32
N GLU Z 428 -37.66 -8.98 -2.23
CA GLU Z 428 -38.41 -7.76 -2.01
C GLU Z 428 -37.70 -6.61 -2.72
N VAL Z 429 -38.27 -5.41 -2.60
CA VAL Z 429 -37.82 -4.24 -3.34
C VAL Z 429 -37.45 -3.17 -2.34
N PHE Z 430 -36.20 -2.71 -2.38
CA PHE Z 430 -35.72 -1.76 -1.39
C PHE Z 430 -35.08 -0.56 -2.06
N GLU Z 431 -35.01 0.52 -1.30
CA GLU Z 431 -34.29 1.72 -1.68
C GLU Z 431 -32.98 1.77 -0.93
N PHE Z 432 -31.87 1.81 -1.65
CA PHE Z 432 -30.55 1.75 -1.04
C PHE Z 432 -29.83 3.10 -1.15
N ASP Z 433 -28.67 3.17 -0.50
CA ASP Z 433 -27.85 4.38 -0.44
C ASP Z 433 -26.43 3.98 -0.82
N ARG Z 434 -26.12 4.01 -2.12
CA ARG Z 434 -24.88 3.44 -2.61
C ARG Z 434 -23.74 4.45 -2.72
N THR Z 435 -23.93 5.67 -2.22
CA THR Z 435 -22.91 6.70 -2.35
C THR Z 435 -22.09 6.90 -1.08
N SER Z 436 -22.48 6.28 0.04
CA SER Z 436 -21.74 6.47 1.27
C SER Z 436 -20.48 5.62 1.31
N LEU Z 437 -20.56 4.37 0.86
CA LEU Z 437 -19.43 3.45 0.94
C LEU Z 437 -18.84 3.11 -0.43
N GLU Z 438 -19.21 3.86 -1.47
CA GLU Z 438 -18.83 3.61 -2.86
C GLU Z 438 -19.21 2.20 -3.29
N SER Z 439 -20.50 1.90 -3.16
CA SER Z 439 -21.00 0.55 -3.39
C SER Z 439 -21.02 0.27 -4.89
N ASP Z 440 -20.27 -0.74 -5.31
CA ASP Z 440 -20.03 -0.95 -6.74
C ASP Z 440 -21.23 -1.57 -7.45
N GLY Z 441 -21.85 -2.59 -6.86
CA GLY Z 441 -23.01 -3.17 -7.50
C GLY Z 441 -22.96 -4.67 -7.71
N VAL Z 442 -22.23 -5.38 -6.86
CA VAL Z 442 -22.23 -6.84 -6.86
C VAL Z 442 -22.31 -7.34 -5.43
N PHE Z 443 -23.00 -8.46 -5.23
CA PHE Z 443 -23.35 -8.94 -3.91
C PHE Z 443 -22.14 -9.51 -3.18
N ARG Z 444 -22.06 -9.26 -1.88
CA ARG Z 444 -21.06 -9.89 -1.02
C ARG Z 444 -21.70 -10.97 -0.15
N SER Z 445 -20.94 -11.51 0.79
CA SER Z 445 -21.40 -12.59 1.65
C SER Z 445 -21.52 -12.15 3.09
N SER Z 446 -22.38 -12.85 3.83
CA SER Z 446 -22.60 -12.57 5.23
C SER Z 446 -21.49 -13.20 6.07
N PRO Z 447 -21.35 -12.83 7.34
CA PRO Z 447 -20.41 -13.55 8.21
C PRO Z 447 -20.76 -15.00 8.45
N ARG Z 448 -21.99 -15.41 8.16
CA ARG Z 448 -22.30 -16.83 8.11
C ARG Z 448 -21.52 -17.51 6.99
N GLY Z 449 -21.34 -16.81 5.87
CA GLY Z 449 -20.65 -17.42 4.75
C GLY Z 449 -19.15 -17.47 4.95
N TRP Z 450 -18.58 -16.46 5.61
CA TRP Z 450 -17.14 -16.42 5.78
C TRP Z 450 -16.67 -17.38 6.84
N TYR Z 451 -17.44 -17.50 7.93
CA TYR Z 451 -17.10 -18.45 8.97
C TYR Z 451 -17.12 -19.86 8.46
N THR Z 452 -18.06 -20.17 7.57
CA THR Z 452 -18.09 -21.50 7.01
C THR Z 452 -16.94 -21.71 6.04
N TYR Z 453 -16.37 -20.63 5.52
CA TYR Z 453 -15.28 -20.77 4.57
C TYR Z 453 -13.99 -21.14 5.28
N GLY Z 454 -13.58 -20.33 6.25
CA GLY Z 454 -12.33 -20.53 6.94
C GLY Z 454 -12.34 -21.84 7.68
N HIS Z 455 -13.29 -22.00 8.60
CA HIS Z 455 -13.29 -23.16 9.48
C HIS Z 455 -13.67 -24.46 8.80
N ALA Z 456 -14.00 -24.47 7.51
CA ALA Z 456 -14.07 -25.72 6.77
C ALA Z 456 -12.89 -25.92 5.82
N ASN Z 457 -12.21 -24.86 5.41
CA ASN Z 457 -10.92 -25.04 4.74
C ASN Z 457 -9.80 -25.28 5.73
N PHE Z 458 -9.93 -24.78 6.96
CA PHE Z 458 -8.99 -25.13 8.02
C PHE Z 458 -9.07 -26.62 8.33
N ALA Z 459 -10.29 -27.11 8.60
CA ALA Z 459 -10.51 -28.48 9.05
C ALA Z 459 -10.07 -29.51 8.02
N LEU Z 460 -10.03 -29.11 6.76
CA LEU Z 460 -9.50 -29.99 5.73
C LEU Z 460 -7.99 -30.03 5.77
N LEU Z 461 -7.35 -28.91 6.14
CA LEU Z 461 -5.90 -28.90 6.27
C LEU Z 461 -5.45 -29.62 7.52
N PHE Z 462 -6.20 -29.51 8.61
CA PHE Z 462 -5.87 -30.23 9.82
C PHE Z 462 -6.10 -31.71 9.70
N PHE Z 463 -6.83 -32.15 8.68
CA PHE Z 463 -6.88 -33.58 8.44
C PHE Z 463 -5.55 -34.09 7.94
N PHE Z 464 -4.80 -33.27 7.22
CA PHE Z 464 -3.46 -33.67 6.82
C PHE Z 464 -2.51 -33.66 8.00
N GLY Z 465 -2.71 -32.77 8.95
CA GLY Z 465 -1.89 -32.76 10.15
C GLY Z 465 -2.15 -33.94 11.06
N HIS Z 466 -3.36 -34.51 11.00
CA HIS Z 466 -3.61 -35.75 11.73
C HIS Z 466 -2.80 -36.89 11.13
N LEU Z 467 -2.66 -36.93 9.82
CA LEU Z 467 -1.93 -38.01 9.20
C LEU Z 467 -0.44 -37.80 9.28
N TRP Z 468 0.02 -36.55 9.24
CA TRP Z 468 1.45 -36.33 9.36
C TRP Z 468 1.92 -36.60 10.79
N HIS Z 469 1.38 -35.85 11.75
CA HIS Z 469 1.82 -35.98 13.13
C HIS Z 469 1.42 -37.32 13.71
N GLY Z 470 0.38 -37.96 13.17
CA GLY Z 470 -0.01 -39.27 13.63
C GLY Z 470 0.94 -40.35 13.16
N GLY Z 471 1.28 -40.33 11.87
CA GLY Z 471 2.23 -41.30 11.36
C GLY Z 471 3.64 -40.99 11.80
N ARG Z 472 3.87 -39.79 12.31
CA ARG Z 472 5.18 -39.52 12.88
C ARG Z 472 5.29 -40.09 14.29
N THR Z 473 4.18 -40.27 14.99
CA THR Z 473 4.21 -40.85 16.32
C THR Z 473 4.46 -42.34 16.28
N ILE Z 474 3.71 -43.06 15.45
CA ILE Z 474 3.78 -44.52 15.41
C ILE Z 474 5.14 -44.97 14.89
N PHE Z 475 5.66 -44.28 13.90
CA PHE Z 475 6.84 -44.69 13.15
C PHE Z 475 8.10 -44.05 13.67
N ARG Z 476 8.20 -43.72 14.96
CA ARG Z 476 9.21 -42.78 15.45
C ARG Z 476 10.63 -43.29 15.31
N ASP Z 477 10.84 -44.60 15.34
CA ASP Z 477 12.19 -45.13 15.29
C ASP Z 477 12.82 -45.08 13.90
N VAL Z 478 12.06 -44.75 12.85
CA VAL Z 478 12.58 -44.85 11.50
C VAL Z 478 12.54 -43.52 10.73
N PHE Z 479 12.68 -42.39 11.42
CA PHE Z 479 12.61 -41.15 10.65
C PHE Z 479 13.95 -40.53 10.33
N THR Z 480 15.05 -41.12 10.76
CA THR Z 480 16.31 -40.83 10.10
C THR Z 480 16.43 -41.68 8.83
N GLY Z 481 15.65 -42.73 8.74
CA GLY Z 481 15.75 -43.69 7.67
C GLY Z 481 15.55 -45.07 8.25
N ILE Z 482 15.61 -46.06 7.38
CA ILE Z 482 15.48 -47.43 7.82
C ILE Z 482 16.85 -48.10 7.76
N GLY Z 483 17.00 -49.15 8.54
CA GLY Z 483 18.21 -49.94 8.48
C GLY Z 483 18.19 -50.89 7.32
N ALA Z 484 19.37 -51.14 6.76
CA ALA Z 484 19.50 -52.04 5.62
C ALA Z 484 19.60 -53.50 6.04
N GLU Z 485 19.38 -53.81 7.31
CA GLU Z 485 19.55 -55.15 7.83
C GLU Z 485 18.32 -55.63 8.60
N ILE AA 21 17.47 -72.77 -33.87
CA ILE AA 21 17.00 -71.93 -32.79
C ILE AA 21 18.03 -70.83 -32.62
N ALA AA 22 19.25 -71.12 -33.07
CA ALA AA 22 20.32 -70.13 -33.07
C ALA AA 22 20.00 -69.01 -34.04
N GLY AA 23 20.00 -67.78 -33.52
CA GLY AA 23 19.50 -66.63 -34.24
C GLY AA 23 18.09 -66.25 -33.89
N ARG AA 24 17.39 -67.09 -33.12
CA ARG AA 24 15.99 -66.88 -32.79
C ARG AA 24 15.76 -67.02 -31.28
N ASP AA 25 16.71 -66.55 -30.48
CA ASP AA 25 16.51 -66.35 -29.05
C ASP AA 25 17.41 -65.23 -28.58
N ILE AA 26 17.19 -64.77 -27.35
CA ILE AA 26 17.91 -63.61 -26.85
C ILE AA 26 19.33 -63.98 -26.47
N GLU AA 27 19.59 -65.27 -26.25
CA GLU AA 27 20.93 -65.71 -25.89
C GLU AA 27 21.89 -65.59 -27.07
N SER AA 28 21.38 -65.76 -28.28
CA SER AA 28 22.24 -65.65 -29.46
C SER AA 28 22.33 -64.21 -29.94
N THR AA 29 21.21 -63.50 -29.97
CA THR AA 29 21.18 -62.16 -30.54
C THR AA 29 21.32 -61.08 -29.47
N GLY AA 30 20.42 -61.03 -28.50
CA GLY AA 30 20.46 -59.96 -27.54
C GLY AA 30 19.25 -59.07 -27.64
N PHE AA 31 18.31 -59.48 -28.49
CA PHE AA 31 17.05 -58.78 -28.67
C PHE AA 31 15.92 -59.63 -28.12
N ALA AA 32 14.98 -58.99 -27.43
CA ALA AA 32 13.86 -59.70 -26.85
C ALA AA 32 12.84 -60.06 -27.92
N TRP AA 33 11.78 -60.75 -27.52
CA TRP AA 33 10.79 -61.21 -28.49
C TRP AA 33 9.99 -60.03 -29.02
N TRP AA 34 9.85 -58.98 -28.24
CA TRP AA 34 9.02 -57.86 -28.69
C TRP AA 34 9.75 -56.99 -29.69
N SER AA 35 11.08 -56.86 -29.54
CA SER AA 35 11.88 -56.27 -30.61
C SER AA 35 12.53 -57.41 -31.40
N GLY AA 36 11.68 -58.21 -32.02
CA GLY AA 36 12.14 -59.46 -32.56
C GLY AA 36 12.53 -59.37 -34.01
N ASN AA 37 11.91 -58.47 -34.76
CA ASN AA 37 12.32 -58.30 -36.14
C ASN AA 37 13.56 -57.44 -36.27
N ALA AA 38 14.15 -57.00 -35.17
CA ALA AA 38 15.47 -56.39 -35.19
C ALA AA 38 16.57 -57.43 -35.30
N ARG AA 39 16.22 -58.70 -35.18
CA ARG AA 39 17.16 -59.78 -35.45
C ARG AA 39 17.42 -59.94 -36.93
N LEU AA 40 16.64 -59.29 -37.77
CA LEU AA 40 16.71 -59.40 -39.22
C LEU AA 40 17.62 -58.35 -39.83
N ILE AA 41 18.38 -57.62 -39.02
CA ILE AA 41 19.20 -56.55 -39.57
C ILE AA 41 20.37 -57.14 -40.34
N ASN AA 42 21.05 -58.10 -39.75
CA ASN AA 42 22.27 -58.63 -40.34
C ASN AA 42 22.09 -60.02 -40.93
N VAL AA 43 20.86 -60.40 -41.25
CA VAL AA 43 20.59 -61.49 -42.18
C VAL AA 43 19.87 -60.88 -43.37
N SER AA 44 20.07 -61.44 -44.55
CA SER AA 44 19.59 -60.77 -45.75
C SER AA 44 18.48 -61.53 -46.43
N GLY AA 45 18.39 -62.83 -46.25
CA GLY AA 45 17.34 -63.57 -46.87
C GLY AA 45 16.08 -63.48 -46.07
N LYS AA 46 16.22 -63.60 -44.75
CA LYS AA 46 15.09 -63.40 -43.85
C LYS AA 46 14.57 -61.98 -43.95
N LEU AA 47 15.43 -61.01 -44.17
CA LEU AA 47 15.00 -59.63 -44.30
C LEU AA 47 14.31 -59.38 -45.62
N LEU AA 48 14.77 -60.02 -46.68
CA LEU AA 48 14.11 -59.88 -47.98
C LEU AA 48 12.73 -60.51 -47.96
N GLY AA 49 12.62 -61.70 -47.36
CA GLY AA 49 11.32 -62.34 -47.22
C GLY AA 49 10.36 -61.57 -46.34
N ALA AA 50 10.86 -60.75 -45.45
CA ALA AA 50 9.99 -59.93 -44.63
C ALA AA 50 9.48 -58.72 -45.41
N HIS AA 51 10.31 -58.10 -46.23
CA HIS AA 51 9.85 -56.93 -46.99
C HIS AA 51 8.93 -57.32 -48.13
N VAL AA 52 9.04 -58.54 -48.64
CA VAL AA 52 8.12 -58.97 -49.70
C VAL AA 52 6.84 -59.56 -49.12
N ALA AA 53 6.85 -59.96 -47.86
CA ALA AA 53 5.61 -60.38 -47.23
C ALA AA 53 4.76 -59.19 -46.82
N HIS AA 54 5.36 -58.13 -46.26
CA HIS AA 54 4.58 -56.93 -45.96
C HIS AA 54 4.13 -56.25 -47.22
N ALA AA 55 4.89 -56.38 -48.30
CA ALA AA 55 4.38 -55.93 -49.59
C ALA AA 55 3.23 -56.79 -50.05
N GLY AA 56 3.22 -58.06 -49.66
CA GLY AA 56 2.08 -58.90 -49.93
C GLY AA 56 0.85 -58.53 -49.16
N LEU AA 57 1.00 -57.84 -48.04
CA LEU AA 57 -0.15 -57.39 -47.26
C LEU AA 57 -0.69 -56.06 -47.75
N MET AA 58 0.18 -55.18 -48.24
CA MET AA 58 -0.29 -53.91 -48.79
C MET AA 58 -1.15 -54.16 -50.02
N VAL AA 59 -0.72 -55.08 -50.88
CA VAL AA 59 -1.50 -55.45 -52.06
C VAL AA 59 -2.81 -56.08 -51.64
N PHE AA 60 -2.73 -57.06 -50.74
CA PHE AA 60 -3.88 -57.86 -50.33
C PHE AA 60 -4.98 -57.04 -49.73
N TRP AA 61 -4.63 -56.00 -48.98
CA TRP AA 61 -5.65 -55.12 -48.46
C TRP AA 61 -6.38 -54.41 -49.57
N ALA AA 62 -5.64 -53.87 -50.53
CA ALA AA 62 -6.24 -53.04 -51.56
C ALA AA 62 -7.09 -53.84 -52.53
N GLY AA 63 -6.76 -55.11 -52.73
CA GLY AA 63 -7.65 -55.95 -53.49
C GLY AA 63 -8.91 -56.30 -52.72
N ALA AA 64 -8.74 -56.65 -51.45
CA ALA AA 64 -9.87 -57.09 -50.65
C ALA AA 64 -10.73 -55.94 -50.19
N MET AA 65 -10.19 -54.73 -50.16
CA MET AA 65 -11.02 -53.61 -49.77
C MET AA 65 -11.91 -53.16 -50.91
N VAL AA 66 -11.41 -53.20 -52.14
CA VAL AA 66 -12.20 -52.74 -53.28
C VAL AA 66 -13.34 -53.71 -53.57
N LEU AA 67 -13.09 -55.01 -53.43
CA LEU AA 67 -14.17 -55.98 -53.51
C LEU AA 67 -15.20 -55.76 -52.41
N PHE AA 68 -14.75 -55.37 -51.22
CA PHE AA 68 -15.66 -54.95 -50.16
C PHE AA 68 -16.35 -53.64 -50.52
N GLU AA 69 -15.71 -52.77 -51.28
CA GLU AA 69 -16.33 -51.51 -51.64
C GLU AA 69 -17.23 -51.63 -52.85
N VAL AA 70 -17.09 -52.69 -53.64
CA VAL AA 70 -17.98 -52.96 -54.77
C VAL AA 70 -19.25 -53.65 -54.29
N SER AA 71 -19.13 -54.63 -53.40
CA SER AA 71 -20.28 -55.37 -52.93
C SER AA 71 -21.21 -54.53 -52.07
N HIS AA 72 -20.77 -53.37 -51.60
CA HIS AA 72 -21.68 -52.50 -50.87
C HIS AA 72 -22.04 -51.27 -51.68
N PHE AA 73 -21.83 -51.29 -52.99
CA PHE AA 73 -22.13 -50.12 -53.80
C PHE AA 73 -23.60 -50.08 -54.17
N VAL AA 74 -24.20 -48.90 -54.04
CA VAL AA 74 -25.59 -48.66 -54.40
C VAL AA 74 -25.63 -47.49 -55.38
N PRO AA 75 -26.33 -47.60 -56.51
CA PRO AA 75 -26.30 -46.49 -57.48
C PRO AA 75 -27.10 -45.29 -57.05
N GLU AA 76 -27.94 -45.40 -56.03
CA GLU AA 76 -28.83 -44.34 -55.62
C GLU AA 76 -28.06 -43.23 -54.93
N LYS AA 77 -27.37 -43.56 -53.85
CA LYS AA 77 -26.59 -42.57 -53.13
C LYS AA 77 -25.38 -42.16 -53.95
N PRO AA 78 -24.85 -40.96 -53.70
CA PRO AA 78 -23.60 -40.56 -54.36
C PRO AA 78 -22.41 -41.40 -53.92
N THR AA 79 -21.29 -41.05 -54.53
CA THR AA 79 -20.08 -41.85 -54.35
C THR AA 79 -19.43 -41.58 -53.01
N TYR AA 80 -19.66 -40.39 -52.46
CA TYR AA 80 -19.06 -40.04 -51.19
C TYR AA 80 -19.98 -40.25 -50.01
N GLU AA 81 -21.29 -40.33 -50.24
CA GLU AA 81 -22.20 -40.61 -49.13
C GLU AA 81 -22.06 -42.05 -48.66
N GLN AA 82 -21.67 -42.95 -49.55
CA GLN AA 82 -21.56 -44.37 -49.23
C GLN AA 82 -20.29 -44.72 -48.48
N GLY AA 83 -19.42 -43.75 -48.23
CA GLY AA 83 -18.26 -43.95 -47.40
C GLY AA 83 -17.18 -44.84 -47.99
N PHE AA 84 -16.79 -44.60 -49.23
CA PHE AA 84 -15.69 -45.35 -49.82
C PHE AA 84 -14.49 -44.43 -50.01
N ILE AA 85 -13.31 -45.05 -49.99
CA ILE AA 85 -12.06 -44.32 -50.18
C ILE AA 85 -11.21 -44.87 -51.32
N LEU AA 86 -11.38 -46.11 -51.73
CA LEU AA 86 -10.51 -46.65 -52.77
C LEU AA 86 -11.10 -46.63 -54.15
N ILE AA 87 -12.41 -46.87 -54.31
CA ILE AA 87 -12.99 -46.75 -55.64
C ILE AA 87 -13.14 -45.32 -56.10
N GLN AA 88 -12.74 -44.35 -55.30
CA GLN AA 88 -12.72 -42.98 -55.77
C GLN AA 88 -11.33 -42.59 -56.27
N HIS AA 89 -10.31 -43.39 -56.00
CA HIS AA 89 -9.03 -43.15 -56.66
C HIS AA 89 -9.07 -43.63 -58.09
N LEU AA 90 -9.75 -44.74 -58.36
CA LEU AA 90 -9.82 -45.25 -59.71
C LEU AA 90 -10.76 -44.42 -60.56
N ALA AA 91 -11.72 -43.75 -59.95
CA ALA AA 91 -12.58 -42.86 -60.71
C ALA AA 91 -11.84 -41.58 -61.11
N THR AA 92 -10.84 -41.18 -60.34
CA THR AA 92 -9.98 -40.09 -60.80
C THR AA 92 -9.13 -40.53 -61.97
N LEU AA 93 -8.75 -41.81 -62.02
CA LEU AA 93 -8.11 -42.33 -63.22
C LEU AA 93 -9.09 -42.39 -64.38
N GLY AA 94 -10.36 -42.57 -64.10
CA GLY AA 94 -11.38 -42.50 -65.12
C GLY AA 94 -12.10 -43.78 -65.43
N TYR AA 95 -11.91 -44.82 -64.63
CA TYR AA 95 -12.60 -46.07 -64.89
C TYR AA 95 -14.02 -46.00 -64.35
N GLY AA 96 -14.99 -46.28 -65.21
CA GLY AA 96 -16.35 -46.42 -64.76
C GLY AA 96 -17.04 -45.14 -64.34
N ILE AA 97 -16.40 -44.00 -64.55
CA ILE AA 97 -16.98 -42.71 -64.17
C ILE AA 97 -17.67 -42.14 -65.40
N GLY AA 98 -18.78 -41.44 -65.16
CA GLY AA 98 -19.49 -40.75 -66.21
C GLY AA 98 -19.34 -39.26 -66.06
N PRO AA 99 -20.14 -38.49 -66.77
CA PRO AA 99 -20.06 -37.04 -66.66
C PRO AA 99 -20.68 -36.56 -65.37
N GLY AA 100 -20.02 -35.59 -64.75
CA GLY AA 100 -20.53 -35.02 -63.51
C GLY AA 100 -20.30 -35.87 -62.29
N GLY AA 101 -19.37 -36.81 -62.33
CA GLY AA 101 -19.09 -37.61 -61.16
C GLY AA 101 -20.04 -38.74 -60.93
N GLU AA 102 -20.76 -39.19 -61.95
CA GLU AA 102 -21.72 -40.27 -61.81
C GLU AA 102 -21.04 -41.57 -62.19
N ILE AA 103 -20.81 -42.44 -61.20
CA ILE AA 103 -20.23 -43.74 -61.48
C ILE AA 103 -21.26 -44.61 -62.18
N THR AA 104 -20.86 -45.16 -63.33
CA THR AA 104 -21.81 -45.89 -64.16
C THR AA 104 -21.69 -47.39 -63.99
N SER AA 105 -20.48 -47.94 -64.15
CA SER AA 105 -20.36 -49.34 -64.52
C SER AA 105 -20.16 -50.25 -63.31
N THR AA 106 -19.05 -50.06 -62.59
CA THR AA 106 -18.57 -50.89 -61.45
C THR AA 106 -18.30 -52.35 -61.81
N VAL AA 107 -18.27 -52.68 -63.09
CA VAL AA 107 -17.51 -53.86 -63.51
C VAL AA 107 -16.01 -53.59 -63.62
N PRO AA 108 -15.45 -52.41 -64.00
CA PRO AA 108 -13.98 -52.32 -63.99
C PRO AA 108 -13.39 -52.21 -62.61
N TYR AA 109 -14.16 -51.78 -61.61
CA TYR AA 109 -13.64 -51.75 -60.25
C TYR AA 109 -13.50 -53.16 -59.69
N PHE AA 110 -14.36 -54.07 -60.15
CA PHE AA 110 -14.21 -55.46 -59.77
C PHE AA 110 -12.94 -56.03 -60.35
N ALA AA 111 -12.56 -55.59 -61.54
CA ALA AA 111 -11.41 -56.16 -62.20
C ALA AA 111 -10.12 -55.74 -61.54
N VAL AA 112 -10.06 -54.51 -61.05
CA VAL AA 112 -8.83 -54.03 -60.40
C VAL AA 112 -8.63 -54.69 -59.05
N GLY AA 113 -9.69 -54.86 -58.28
CA GLY AA 113 -9.58 -55.49 -56.99
C GLY AA 113 -9.27 -56.98 -57.04
N VAL AA 114 -9.39 -57.61 -58.19
CA VAL AA 114 -8.96 -59.00 -58.27
C VAL AA 114 -7.47 -59.08 -58.62
N ILE AA 115 -6.95 -58.16 -59.44
CA ILE AA 115 -5.54 -58.24 -59.80
C ILE AA 115 -4.66 -57.90 -58.60
N HIS AA 116 -5.07 -56.92 -57.80
CA HIS AA 116 -4.45 -56.65 -56.51
C HIS AA 116 -4.86 -57.62 -55.43
N LEU AA 117 -5.45 -58.76 -55.75
CA LEU AA 117 -5.74 -59.79 -54.76
C LEU AA 117 -5.09 -61.10 -55.11
N ILE AA 118 -5.14 -61.48 -56.38
CA ILE AA 118 -4.43 -62.65 -56.86
C ILE AA 118 -2.94 -62.45 -56.73
N SER AA 119 -2.45 -61.24 -57.01
CA SER AA 119 -1.01 -60.99 -57.01
C SER AA 119 -0.43 -61.03 -55.61
N SER AA 120 -1.25 -60.76 -54.60
CA SER AA 120 -0.74 -60.87 -53.24
C SER AA 120 -0.57 -62.31 -52.83
N ALA AA 121 -1.19 -63.26 -53.51
CA ALA AA 121 -0.92 -64.66 -53.23
C ALA AA 121 0.41 -65.10 -53.80
N ILE AA 122 0.93 -64.36 -54.79
CA ILE AA 122 2.27 -64.63 -55.30
C ILE AA 122 3.31 -63.92 -54.44
N LEU AA 123 3.09 -62.64 -54.15
CA LEU AA 123 3.93 -61.93 -53.19
C LEU AA 123 3.83 -62.52 -51.80
N GLY AA 124 2.70 -63.15 -51.48
CA GLY AA 124 2.63 -63.93 -50.26
C GLY AA 124 3.56 -65.12 -50.30
N PHE AA 125 3.65 -65.81 -51.44
CA PHE AA 125 4.50 -66.99 -51.49
C PHE AA 125 5.97 -66.62 -51.48
N GLY AA 126 6.33 -65.44 -51.97
CA GLY AA 126 7.71 -65.01 -51.84
C GLY AA 126 8.08 -64.68 -50.41
N GLY AA 127 7.12 -64.16 -49.64
CA GLY AA 127 7.38 -63.88 -48.25
C GLY AA 127 7.49 -65.13 -47.41
N ILE AA 128 6.78 -66.18 -47.80
CA ILE AA 128 6.88 -67.42 -47.05
C ILE AA 128 8.01 -68.29 -47.59
N TYR AA 129 8.44 -68.07 -48.83
CA TYR AA 129 9.59 -68.82 -49.31
C TYR AA 129 10.89 -68.19 -48.82
N HIS AA 130 11.11 -66.92 -49.12
CA HIS AA 130 12.41 -66.29 -48.89
C HIS AA 130 12.72 -66.15 -47.41
N SER AA 131 11.70 -66.24 -46.56
CA SER AA 131 11.95 -66.05 -45.13
C SER AA 131 11.88 -67.35 -44.36
N LEU AA 132 11.52 -68.45 -45.02
CA LEU AA 132 11.49 -69.72 -44.28
C LEU AA 132 12.36 -70.79 -44.94
N LEU AA 133 12.63 -70.67 -46.23
CA LEU AA 133 13.56 -71.59 -46.87
C LEU AA 133 14.75 -70.94 -47.52
N GLY AA 134 14.69 -69.65 -47.78
CA GLY AA 134 15.78 -68.95 -48.41
C GLY AA 134 16.99 -68.93 -47.50
N PRO AA 135 18.17 -68.75 -48.10
CA PRO AA 135 19.39 -68.66 -47.30
C PRO AA 135 19.35 -67.42 -46.45
N ASP AA 136 20.01 -67.49 -45.29
CA ASP AA 136 19.94 -66.38 -44.35
C ASP AA 136 20.63 -65.14 -44.89
N THR AA 137 21.74 -65.31 -45.58
CA THR AA 137 22.46 -64.22 -46.20
C THR AA 137 22.55 -64.48 -47.70
N LEU AA 138 22.24 -63.47 -48.51
CA LEU AA 138 22.39 -63.65 -49.95
C LEU AA 138 23.80 -63.46 -50.43
N GLU AA 139 24.68 -62.92 -49.59
CA GLU AA 139 26.01 -62.54 -50.06
C GLU AA 139 26.87 -63.76 -50.36
N GLU AA 140 26.53 -64.91 -49.77
CA GLU AA 140 27.29 -66.13 -50.03
C GLU AA 140 27.01 -66.66 -51.43
N SER AA 141 25.75 -66.92 -51.74
CA SER AA 141 25.41 -67.62 -52.96
C SER AA 141 25.12 -66.68 -54.12
N PHE AA 142 24.47 -65.56 -53.85
CA PHE AA 142 23.96 -64.70 -54.91
C PHE AA 142 24.66 -63.36 -54.87
N PRO AA 143 25.77 -63.19 -55.57
CA PRO AA 143 26.58 -61.97 -55.37
C PRO AA 143 25.96 -60.74 -55.97
N PHE AA 144 24.97 -60.88 -56.85
CA PHE AA 144 24.30 -59.69 -57.33
C PHE AA 144 23.35 -59.14 -56.28
N PHE AA 145 22.55 -59.99 -55.67
CA PHE AA 145 21.56 -59.56 -54.70
C PHE AA 145 22.13 -59.39 -53.31
N GLY AA 146 23.22 -60.07 -52.99
CA GLY AA 146 23.79 -59.95 -51.66
C GLY AA 146 24.40 -58.58 -51.46
N TYR AA 147 24.44 -58.14 -50.22
CA TYR AA 147 24.88 -56.79 -49.92
C TYR AA 147 25.44 -56.73 -48.52
N ASP AA 148 25.87 -55.54 -48.16
CA ASP AA 148 26.23 -55.18 -46.81
C ASP AA 148 25.73 -53.77 -46.58
N TRP AA 149 25.37 -53.46 -45.35
CA TRP AA 149 24.85 -52.13 -45.09
C TRP AA 149 25.96 -51.10 -45.09
N ARG AA 150 27.17 -51.51 -44.75
CA ARG AA 150 28.28 -50.57 -44.66
C ARG AA 150 28.84 -50.25 -46.04
N ASP AA 151 28.53 -51.08 -47.03
CA ASP AA 151 28.93 -50.81 -48.40
C ASP AA 151 28.18 -49.59 -48.93
N LYS AA 152 28.88 -48.77 -49.71
CA LYS AA 152 28.27 -47.56 -50.22
C LYS AA 152 28.14 -47.57 -51.73
N ASN AA 153 28.82 -48.48 -52.41
CA ASN AA 153 28.60 -48.62 -53.85
C ASN AA 153 27.35 -49.44 -54.12
N LYS AA 154 27.11 -50.46 -53.31
CA LYS AA 154 25.94 -51.30 -53.54
C LYS AA 154 24.67 -50.58 -53.15
N MET AA 155 24.69 -49.83 -52.06
CA MET AA 155 23.48 -49.21 -51.56
C MET AA 155 22.98 -48.11 -52.48
N THR AA 156 23.87 -47.40 -53.17
CA THR AA 156 23.40 -46.46 -54.16
C THR AA 156 22.91 -47.16 -55.42
N THR AA 157 23.35 -48.38 -55.66
CA THR AA 157 22.80 -49.17 -56.77
C THR AA 157 21.40 -49.66 -56.45
N ILE AA 158 21.17 -50.10 -55.20
CA ILE AA 158 19.84 -50.52 -54.78
C ILE AA 158 18.90 -49.33 -54.81
N LEU AA 159 19.40 -48.16 -54.39
CA LEU AA 159 18.65 -46.92 -54.53
C LEU AA 159 18.45 -46.57 -55.99
N GLY AA 160 19.41 -46.90 -56.86
CA GLY AA 160 19.30 -46.50 -58.25
C GLY AA 160 18.33 -47.36 -59.04
N ILE AA 161 18.33 -48.66 -58.78
CA ILE AA 161 17.40 -49.57 -59.45
C ILE AA 161 15.97 -49.25 -59.05
N HIS AA 162 15.75 -49.00 -57.78
CA HIS AA 162 14.43 -48.70 -57.26
C HIS AA 162 14.05 -47.23 -57.41
N LEU AA 163 14.90 -46.40 -58.03
CA LEU AA 163 14.48 -45.08 -58.48
C LEU AA 163 14.05 -45.04 -59.93
N CYS AA 164 14.62 -45.90 -60.78
CA CYS AA 164 14.16 -45.93 -62.17
C CYS AA 164 12.78 -46.53 -62.28
N LEU AA 165 12.38 -47.35 -61.32
CA LEU AA 165 11.02 -47.85 -61.29
C LEU AA 165 10.05 -46.76 -60.89
N LEU AA 166 10.44 -45.87 -59.99
CA LEU AA 166 9.58 -44.77 -59.64
C LEU AA 166 9.55 -43.71 -60.73
N GLY AA 167 10.50 -43.74 -61.65
CA GLY AA 167 10.41 -42.91 -62.82
C GLY AA 167 9.42 -43.50 -63.80
N LEU AA 168 9.51 -44.81 -64.03
CA LEU AA 168 8.60 -45.48 -64.96
C LEU AA 168 7.18 -45.49 -64.43
N GLY AA 169 6.99 -45.59 -63.12
CA GLY AA 169 5.66 -45.57 -62.56
C GLY AA 169 5.01 -44.20 -62.66
N SER AA 170 5.82 -43.16 -62.76
CA SER AA 170 5.25 -41.84 -62.98
C SER AA 170 4.84 -41.62 -64.41
N PHE AA 171 5.47 -42.31 -65.36
CA PHE AA 171 5.04 -42.15 -66.74
C PHE AA 171 3.79 -42.95 -67.06
N LEU AA 172 3.47 -43.96 -66.26
CA LEU AA 172 2.22 -44.68 -66.46
C LEU AA 172 1.02 -43.79 -66.19
N LEU AA 173 1.15 -42.82 -65.29
CA LEU AA 173 0.09 -41.82 -65.18
C LEU AA 173 0.04 -40.97 -66.43
N VAL AA 174 1.19 -40.64 -66.99
CA VAL AA 174 1.26 -39.74 -68.14
C VAL AA 174 0.81 -40.45 -69.40
N ILE AA 175 1.21 -41.72 -69.57
CA ILE AA 175 0.73 -42.52 -70.69
C ILE AA 175 -0.77 -42.71 -70.62
N LYS AA 176 -1.30 -42.90 -69.41
CA LYS AA 176 -2.73 -43.15 -69.29
C LYS AA 176 -3.53 -41.87 -69.48
N ALA AA 177 -2.98 -40.73 -69.12
CA ALA AA 177 -3.71 -39.47 -69.26
C ALA AA 177 -3.59 -38.85 -70.62
N MET AA 178 -2.70 -39.34 -71.47
CA MET AA 178 -2.53 -38.79 -72.80
C MET AA 178 -2.92 -39.78 -73.88
N TYR AA 179 -2.80 -41.07 -73.61
CA TYR AA 179 -3.05 -42.09 -74.62
C TYR AA 179 -4.12 -43.10 -74.22
N LEU AA 180 -4.02 -43.68 -73.04
CA LEU AA 180 -4.87 -44.81 -72.67
C LEU AA 180 -6.08 -44.30 -71.90
N GLY AA 181 -7.07 -43.82 -72.63
CA GLY AA 181 -8.35 -43.50 -72.04
C GLY AA 181 -8.51 -42.09 -71.52
N GLY AA 182 -7.51 -41.55 -70.84
CA GLY AA 182 -7.61 -40.23 -70.25
C GLY AA 182 -7.96 -40.31 -68.78
N VAL AA 183 -7.95 -39.14 -68.14
CA VAL AA 183 -8.24 -39.03 -66.72
C VAL AA 183 -9.42 -38.10 -66.52
N TYR AA 184 -9.93 -38.09 -65.30
CA TYR AA 184 -11.11 -37.30 -64.97
C TYR AA 184 -10.69 -35.90 -64.60
N ASP AA 185 -11.01 -34.94 -65.45
CA ASP AA 185 -10.80 -33.53 -65.17
C ASP AA 185 -12.11 -32.96 -64.65
N THR AA 186 -12.11 -32.42 -63.45
CA THR AA 186 -13.31 -31.76 -62.93
C THR AA 186 -13.42 -30.35 -63.47
N TRP AA 187 -12.36 -29.84 -64.09
CA TRP AA 187 -12.41 -28.50 -64.66
C TRP AA 187 -12.71 -28.54 -66.14
N ALA AA 188 -13.00 -29.72 -66.69
CA ALA AA 188 -13.22 -29.96 -68.10
C ALA AA 188 -14.40 -29.12 -68.58
N PRO AA 189 -14.24 -28.42 -69.71
CA PRO AA 189 -15.27 -27.48 -70.15
C PRO AA 189 -16.51 -28.23 -70.63
N GLY AA 190 -17.65 -27.81 -70.12
CA GLY AA 190 -18.86 -28.55 -70.37
C GLY AA 190 -19.27 -29.48 -69.26
N GLY AA 191 -18.47 -29.62 -68.22
CA GLY AA 191 -18.73 -30.54 -67.14
C GLY AA 191 -17.56 -31.48 -66.91
N GLY AA 192 -17.53 -32.06 -65.72
CA GLY AA 192 -16.44 -32.96 -65.39
C GLY AA 192 -16.59 -34.28 -66.13
N ASP AA 193 -15.57 -34.65 -66.89
CA ASP AA 193 -15.64 -35.85 -67.70
C ASP AA 193 -14.23 -36.34 -67.94
N VAL AA 194 -14.12 -37.59 -68.40
CA VAL AA 194 -12.84 -38.16 -68.78
C VAL AA 194 -12.29 -37.42 -69.98
N ARG AA 195 -11.15 -36.78 -69.80
CA ARG AA 195 -10.56 -35.88 -70.78
C ARG AA 195 -9.15 -36.32 -71.05
N TYR AA 196 -8.80 -36.48 -72.33
CA TYR AA 196 -7.41 -36.68 -72.68
C TYR AA 196 -6.62 -35.41 -72.42
N ILE AA 197 -5.49 -35.55 -71.74
CA ILE AA 197 -4.59 -34.44 -71.55
C ILE AA 197 -3.81 -34.31 -72.86
N THR AA 198 -4.21 -33.35 -73.68
CA THR AA 198 -3.56 -33.16 -74.96
C THR AA 198 -2.21 -32.47 -74.80
N THR AA 199 -2.22 -31.29 -74.20
CA THR AA 199 -1.04 -30.43 -74.10
C THR AA 199 -0.70 -30.20 -72.65
N PRO AA 200 0.12 -31.05 -72.04
CA PRO AA 200 0.52 -30.83 -70.65
C PRO AA 200 1.51 -29.68 -70.55
N THR AA 201 1.62 -29.15 -69.35
CA THR AA 201 2.49 -28.01 -69.09
C THR AA 201 3.89 -28.51 -68.80
N LEU AA 202 4.86 -28.05 -69.57
CA LEU AA 202 6.24 -28.48 -69.41
C LEU AA 202 7.16 -27.33 -69.05
N ASN AA 203 6.64 -26.30 -68.41
CA ASN AA 203 7.43 -25.13 -68.11
C ASN AA 203 8.03 -25.30 -66.73
N PRO AA 204 9.35 -25.34 -66.59
CA PRO AA 204 9.93 -25.48 -65.24
C PRO AA 204 9.75 -24.26 -64.36
N ILE AA 205 9.44 -23.10 -64.94
CA ILE AA 205 9.11 -21.94 -64.11
C ILE AA 205 7.72 -22.13 -63.51
N VAL AA 206 6.86 -22.90 -64.18
CA VAL AA 206 5.53 -23.18 -63.67
C VAL AA 206 5.51 -24.43 -62.82
N ILE AA 207 6.15 -25.50 -63.29
CA ILE AA 207 6.10 -26.78 -62.60
C ILE AA 207 6.89 -26.74 -61.31
N PHE AA 208 8.14 -26.30 -61.36
CA PHE AA 208 8.86 -25.99 -60.14
C PHE AA 208 8.43 -24.67 -59.53
N GLY AA 209 7.49 -23.97 -60.16
CA GLY AA 209 6.84 -22.86 -59.50
C GLY AA 209 6.12 -23.29 -58.24
N TYR AA 210 5.46 -24.45 -58.28
CA TYR AA 210 4.72 -24.94 -57.13
C TYR AA 210 5.66 -25.32 -55.99
N VAL AA 211 6.78 -25.97 -56.30
CA VAL AA 211 7.61 -26.61 -55.28
C VAL AA 211 8.31 -25.55 -54.43
N PHE AA 212 8.46 -24.33 -54.96
CA PHE AA 212 9.06 -23.25 -54.19
C PHE AA 212 8.08 -22.15 -53.85
N ARG AA 213 6.82 -22.49 -53.60
CA ARG AA 213 5.88 -21.51 -53.07
C ARG AA 213 5.90 -21.54 -51.55
N SER AA 214 5.23 -20.56 -50.97
CA SER AA 214 4.99 -20.60 -49.53
C SER AA 214 4.00 -21.72 -49.23
N PRO AA 215 4.13 -22.37 -48.07
CA PRO AA 215 3.14 -23.36 -47.67
C PRO AA 215 1.93 -22.78 -46.98
N PHE AA 216 1.88 -21.47 -46.81
CA PHE AA 216 0.82 -20.87 -46.01
C PHE AA 216 -0.40 -20.63 -46.86
N GLY AA 217 -1.33 -19.83 -46.33
CA GLY AA 217 -2.58 -19.60 -47.03
C GLY AA 217 -2.37 -18.77 -48.28
N GLY AA 218 -3.20 -19.02 -49.28
CA GLY AA 218 -3.09 -18.35 -50.55
C GLY AA 218 -2.10 -18.95 -51.50
N ASP AA 219 -0.93 -19.35 -51.03
CA ASP AA 219 0.03 -20.01 -51.90
C ASP AA 219 -0.19 -21.51 -51.80
N GLY AA 220 -0.02 -22.09 -50.62
CA GLY AA 220 -0.43 -23.48 -50.48
C GLY AA 220 0.46 -24.46 -51.21
N TRP AA 221 1.63 -24.75 -50.67
CA TRP AA 221 2.87 -25.15 -51.35
C TRP AA 221 2.75 -26.06 -52.55
N VAL AA 222 2.31 -27.29 -52.36
CA VAL AA 222 2.16 -28.20 -53.48
C VAL AA 222 0.73 -28.71 -53.59
N VAL AA 223 -0.12 -28.34 -52.63
CA VAL AA 223 -1.53 -28.70 -52.67
C VAL AA 223 -2.28 -27.93 -53.73
N SER AA 224 -1.82 -26.75 -54.07
CA SER AA 224 -2.60 -25.80 -54.83
C SER AA 224 -2.48 -25.97 -56.32
N VAL AA 225 -2.11 -27.15 -56.82
CA VAL AA 225 -2.16 -27.38 -58.25
C VAL AA 225 -3.61 -27.46 -58.68
N ASN AA 226 -4.00 -26.62 -59.63
CA ASN AA 226 -5.41 -26.34 -59.87
C ASN AA 226 -5.90 -26.72 -61.26
N ASN AA 227 -5.13 -27.45 -62.04
CA ASN AA 227 -5.66 -28.04 -63.26
C ASN AA 227 -4.91 -29.33 -63.55
N MET AA 228 -5.49 -30.16 -64.40
CA MET AA 228 -4.87 -31.43 -64.71
C MET AA 228 -3.71 -31.30 -65.67
N GLU AA 229 -3.53 -30.13 -66.29
CA GLU AA 229 -2.36 -29.97 -67.14
C GLU AA 229 -1.10 -29.80 -66.31
N ASP AA 230 -1.21 -29.22 -65.12
CA ASP AA 230 -0.05 -29.13 -64.26
C ASP AA 230 0.19 -30.43 -63.50
N VAL AA 231 -0.86 -31.21 -63.26
CA VAL AA 231 -0.70 -32.52 -62.63
C VAL AA 231 0.02 -33.46 -63.58
N ILE AA 232 -0.50 -33.62 -64.78
CA ILE AA 232 0.06 -34.58 -65.72
C ILE AA 232 1.34 -34.04 -66.32
N GLY AA 233 1.43 -32.72 -66.48
CA GLY AA 233 2.69 -32.12 -66.86
C GLY AA 233 3.72 -32.18 -65.76
N GLY AA 234 3.27 -32.27 -64.51
CA GLY AA 234 4.20 -32.35 -63.41
C GLY AA 234 4.75 -33.74 -63.21
N HIS AA 235 3.92 -34.76 -63.44
CA HIS AA 235 4.39 -36.14 -63.29
C HIS AA 235 5.32 -36.54 -64.44
N ILE AA 236 5.43 -35.71 -65.47
CA ILE AA 236 6.49 -35.89 -66.46
C ILE AA 236 7.84 -35.55 -65.87
N TRP AA 237 7.94 -34.40 -65.22
CA TRP AA 237 9.21 -33.95 -64.64
C TRP AA 237 9.66 -34.86 -63.52
N VAL AA 238 8.72 -35.50 -62.83
CA VAL AA 238 9.08 -36.48 -61.82
C VAL AA 238 9.71 -37.70 -62.47
N GLY AA 239 9.16 -38.11 -63.61
CA GLY AA 239 9.74 -39.23 -64.32
C GLY AA 239 11.07 -38.90 -64.95
N ILE AA 240 11.28 -37.62 -65.29
CA ILE AA 240 12.58 -37.20 -65.81
C ILE AA 240 13.63 -37.23 -64.70
N LEU AA 241 13.29 -36.68 -63.53
CA LEU AA 241 14.24 -36.63 -62.42
C LEU AA 241 14.54 -38.01 -61.88
N CYS AA 242 13.51 -38.83 -61.65
CA CYS AA 242 13.72 -40.12 -61.03
C CYS AA 242 14.44 -41.10 -61.94
N ILE AA 243 14.50 -40.86 -63.23
CA ILE AA 243 15.29 -41.71 -64.11
C ILE AA 243 16.72 -41.21 -64.21
N THR AA 244 16.91 -39.90 -64.40
CA THR AA 244 18.27 -39.37 -64.41
C THR AA 244 18.94 -39.50 -63.06
N GLY AA 245 18.21 -39.27 -61.98
CA GLY AA 245 18.77 -39.53 -60.67
C GLY AA 245 18.83 -40.99 -60.32
N GLY AA 246 18.06 -41.82 -61.00
CA GLY AA 246 18.24 -43.26 -60.86
C GLY AA 246 19.51 -43.72 -61.52
N ILE AA 247 19.80 -43.19 -62.70
CA ILE AA 247 21.04 -43.52 -63.39
C ILE AA 247 22.23 -42.85 -62.72
N TRP AA 248 22.01 -41.69 -62.12
CA TRP AA 248 23.08 -41.00 -61.40
C TRP AA 248 23.57 -41.83 -60.22
N HIS AA 249 22.66 -42.41 -59.46
CA HIS AA 249 23.10 -43.16 -58.29
C HIS AA 249 23.50 -44.59 -58.63
N ILE AA 250 23.21 -45.09 -59.82
CA ILE AA 250 23.78 -46.37 -60.21
C ILE AA 250 25.25 -46.21 -60.56
N PHE AA 251 25.57 -45.23 -61.40
CA PHE AA 251 26.94 -45.06 -61.87
C PHE AA 251 27.84 -44.56 -60.76
N THR AA 252 27.44 -43.47 -60.12
CA THR AA 252 28.33 -42.81 -59.19
C THR AA 252 28.31 -43.50 -57.82
N LYS AA 253 29.00 -42.90 -56.94
CA LYS AA 253 29.45 -43.16 -55.60
C LYS AA 253 29.30 -41.87 -54.79
N PRO AA 254 28.94 -41.95 -53.51
CA PRO AA 254 28.71 -40.73 -52.72
C PRO AA 254 29.98 -39.90 -52.57
N PHE AA 255 29.81 -38.58 -52.66
CA PHE AA 255 30.91 -37.65 -52.69
C PHE AA 255 31.59 -37.54 -51.32
N ALA AA 256 32.55 -36.63 -51.25
CA ALA AA 256 33.32 -36.45 -50.01
C ALA AA 256 32.45 -35.86 -48.92
N TRP AA 257 31.57 -34.92 -49.27
CA TRP AA 257 30.74 -34.31 -48.25
C TRP AA 257 29.59 -35.23 -47.85
N ALA AA 258 29.19 -36.13 -48.74
CA ALA AA 258 28.08 -37.01 -48.41
C ALA AA 258 28.55 -38.19 -47.57
N ARG AA 259 29.83 -38.53 -47.64
CA ARG AA 259 30.33 -39.61 -46.80
C ARG AA 259 30.63 -39.13 -45.39
N ARG AA 260 30.73 -37.82 -45.20
CA ARG AA 260 31.05 -37.31 -43.87
C ARG AA 260 29.80 -36.99 -43.07
N ALA AA 261 28.66 -36.87 -43.74
CA ALA AA 261 27.48 -36.37 -43.07
C ALA AA 261 26.56 -37.50 -42.61
N PHE AA 262 26.68 -38.66 -43.22
CA PHE AA 262 25.71 -39.69 -42.94
C PHE AA 262 26.29 -40.77 -42.05
N VAL AA 263 25.41 -41.67 -41.63
CA VAL AA 263 25.79 -42.90 -40.95
C VAL AA 263 25.44 -44.03 -41.89
N TRP AA 264 26.43 -44.83 -42.24
CA TRP AA 264 26.25 -45.87 -43.23
C TRP AA 264 26.07 -47.16 -42.45
N SER AA 265 24.84 -47.40 -42.00
CA SER AA 265 24.50 -48.60 -41.28
C SER AA 265 23.10 -49.02 -41.68
N GLY AA 266 22.63 -50.11 -41.06
CA GLY AA 266 21.36 -50.67 -41.47
C GLY AA 266 20.18 -49.86 -40.98
N GLU AA 267 20.18 -49.50 -39.70
CA GLU AA 267 19.05 -48.77 -39.14
C GLU AA 267 19.05 -47.32 -39.56
N ALA AA 268 20.21 -46.78 -39.94
CA ALA AA 268 20.25 -45.38 -40.33
C ALA AA 268 19.52 -45.15 -41.63
N TYR AA 269 19.48 -46.13 -42.50
CA TYR AA 269 18.79 -45.92 -43.76
C TYR AA 269 17.30 -45.98 -43.52
N LEU AA 270 16.89 -46.75 -42.52
CA LEU AA 270 15.50 -46.86 -42.15
C LEU AA 270 15.01 -45.56 -41.52
N SER AA 271 15.87 -44.84 -40.81
CA SER AA 271 15.40 -43.60 -40.24
C SER AA 271 15.55 -42.43 -41.19
N TYR AA 272 16.13 -42.67 -42.35
CA TYR AA 272 16.10 -41.69 -43.41
C TYR AA 272 14.79 -41.74 -44.14
N SER AA 273 14.28 -42.95 -44.34
CA SER AA 273 13.02 -43.14 -45.02
C SER AA 273 11.88 -42.62 -44.18
N LEU AA 274 11.89 -42.95 -42.88
CA LEU AA 274 10.82 -42.56 -41.98
C LEU AA 274 10.69 -41.07 -41.81
N ALA AA 275 11.74 -40.32 -42.06
CA ALA AA 275 11.59 -38.88 -42.10
C ALA AA 275 10.92 -38.43 -43.38
N ALA AA 276 11.29 -39.04 -44.51
CA ALA AA 276 10.73 -38.63 -45.78
C ALA AA 276 9.33 -39.15 -45.99
N ILE AA 277 9.01 -40.34 -45.45
CA ILE AA 277 7.67 -40.86 -45.63
C ILE AA 277 6.69 -40.09 -44.78
N SER AA 278 7.17 -39.50 -43.69
CA SER AA 278 6.32 -38.59 -42.94
C SER AA 278 6.07 -37.29 -43.69
N LEU AA 279 7.03 -36.82 -44.50
CA LEU AA 279 6.76 -35.67 -45.35
C LEU AA 279 5.66 -35.96 -46.35
N MET AA 280 5.68 -37.15 -46.93
CA MET AA 280 4.65 -37.55 -47.86
C MET AA 280 3.36 -37.85 -47.13
N GLY AA 281 3.46 -38.24 -45.85
CA GLY AA 281 2.28 -38.54 -45.07
C GLY AA 281 1.46 -37.31 -44.74
N PHE AA 282 2.12 -36.21 -44.37
CA PHE AA 282 1.37 -34.99 -44.10
C PHE AA 282 0.80 -34.41 -45.37
N THR AA 283 1.52 -34.54 -46.47
CA THR AA 283 1.16 -33.82 -47.68
C THR AA 283 -0.04 -34.46 -48.37
N ALA AA 284 -0.10 -35.79 -48.36
CA ALA AA 284 -1.29 -36.48 -48.84
C ALA AA 284 -2.48 -36.25 -47.92
N ALA AA 285 -2.22 -35.98 -46.65
CA ALA AA 285 -3.29 -35.65 -45.72
C ALA AA 285 -3.71 -34.20 -45.85
N LEU AA 286 -2.93 -33.38 -46.56
CA LEU AA 286 -3.36 -32.00 -46.79
C LEU AA 286 -3.84 -31.79 -48.21
N TYR AA 287 -3.52 -32.72 -49.12
CA TYR AA 287 -4.20 -32.76 -50.40
C TYR AA 287 -5.67 -33.03 -50.22
N SER AA 288 -5.99 -33.94 -49.32
CA SER AA 288 -7.35 -34.43 -49.23
C SER AA 288 -8.25 -33.42 -48.56
N TRP AA 289 -7.68 -32.42 -47.90
CA TRP AA 289 -8.51 -31.42 -47.23
C TRP AA 289 -8.75 -30.22 -48.13
N TYR AA 290 -7.77 -29.82 -48.93
CA TYR AA 290 -7.92 -28.58 -49.69
C TYR AA 290 -8.12 -28.79 -51.18
N ASN AA 291 -7.44 -29.77 -51.76
CA ASN AA 291 -7.37 -29.86 -53.21
C ASN AA 291 -8.67 -30.45 -53.75
N ASN AA 292 -9.25 -29.80 -54.75
CA ASN AA 292 -10.46 -30.28 -55.38
C ASN AA 292 -10.24 -30.55 -56.86
N THR AA 293 -8.98 -30.79 -57.23
CA THR AA 293 -8.60 -31.05 -58.60
C THR AA 293 -8.12 -32.49 -58.76
N ALA AA 294 -7.14 -32.88 -57.95
CA ALA AA 294 -6.76 -34.28 -57.91
C ALA AA 294 -7.80 -35.10 -57.16
N TYR AA 295 -8.57 -34.44 -56.32
CA TYR AA 295 -9.62 -35.07 -55.54
C TYR AA 295 -10.92 -34.36 -55.86
N PRO AA 296 -11.66 -34.78 -56.87
CA PRO AA 296 -12.82 -34.01 -57.31
C PRO AA 296 -13.94 -34.04 -56.28
N SER AA 297 -14.61 -32.91 -56.11
CA SER AA 297 -15.68 -32.78 -55.13
C SER AA 297 -16.88 -33.64 -55.53
N GLU AA 298 -16.97 -33.99 -56.80
CA GLU AA 298 -17.99 -34.92 -57.24
C GLU AA 298 -17.76 -36.33 -56.71
N LEU AA 299 -16.55 -36.66 -56.32
CA LEU AA 299 -16.21 -37.99 -55.86
C LEU AA 299 -15.93 -38.06 -54.37
N TYR AA 300 -15.10 -37.16 -53.86
CA TYR AA 300 -14.70 -37.20 -52.47
C TYR AA 300 -15.60 -36.35 -51.57
N GLY AA 301 -16.59 -35.68 -52.13
CA GLY AA 301 -17.38 -34.76 -51.36
C GLY AA 301 -16.73 -33.40 -51.34
N PRO AA 302 -17.44 -32.39 -50.85
CA PRO AA 302 -16.90 -31.03 -50.85
C PRO AA 302 -15.81 -30.90 -49.82
N THR AA 303 -14.92 -29.96 -50.07
CA THR AA 303 -13.80 -29.79 -49.16
C THR AA 303 -14.28 -29.02 -47.94
N GLY AA 304 -13.38 -28.87 -46.97
CA GLY AA 304 -13.58 -27.94 -45.87
C GLY AA 304 -13.86 -26.52 -46.31
N PRO AA 305 -13.00 -25.93 -47.15
CA PRO AA 305 -13.32 -24.61 -47.70
C PRO AA 305 -14.53 -24.56 -48.61
N GLU AA 306 -14.87 -25.64 -49.29
CA GLU AA 306 -15.90 -25.55 -50.32
C GLU AA 306 -17.29 -25.55 -49.70
N ALA AA 307 -17.48 -26.30 -48.62
CA ALA AA 307 -18.77 -26.34 -47.95
C ALA AA 307 -19.03 -25.10 -47.13
N SER AA 308 -18.01 -24.28 -46.86
CA SER AA 308 -18.23 -23.01 -46.20
C SER AA 308 -18.72 -21.95 -47.17
N GLN AA 309 -18.31 -22.03 -48.43
CA GLN AA 309 -18.75 -21.10 -49.46
C GLN AA 309 -20.08 -21.49 -50.05
N ALA AA 310 -20.40 -22.79 -50.06
CA ALA AA 310 -21.67 -23.23 -50.60
C ALA AA 310 -22.83 -22.84 -49.72
N GLN AA 311 -22.60 -22.65 -48.43
CA GLN AA 311 -23.65 -22.16 -47.55
C GLN AA 311 -23.98 -20.71 -47.85
N ALA AA 312 -22.95 -19.87 -47.97
CA ALA AA 312 -23.17 -18.45 -48.21
C ALA AA 312 -23.72 -18.19 -49.60
N PHE AA 313 -23.47 -19.10 -50.53
CA PHE AA 313 -24.02 -18.94 -51.87
C PHE AA 313 -25.48 -19.37 -51.90
N THR AA 314 -25.86 -20.32 -51.05
CA THR AA 314 -27.24 -20.80 -51.07
C THR AA 314 -28.19 -19.76 -50.52
N PHE AA 315 -27.81 -19.11 -49.42
CA PHE AA 315 -28.66 -18.06 -48.87
C PHE AA 315 -28.54 -16.78 -49.67
N LEU AA 316 -27.50 -16.66 -50.49
CA LEU AA 316 -27.46 -15.61 -51.49
C LEU AA 316 -28.54 -15.78 -52.53
N VAL AA 317 -28.73 -17.02 -53.01
CA VAL AA 317 -29.80 -17.29 -53.96
C VAL AA 317 -31.16 -17.16 -53.29
N ARG AA 318 -31.24 -17.53 -52.01
CA ARG AA 318 -32.51 -17.57 -51.30
C ARG AA 318 -33.08 -16.17 -51.13
N ASP AA 319 -32.26 -15.22 -50.71
CA ASP AA 319 -32.77 -13.88 -50.44
C ASP AA 319 -32.71 -12.99 -51.65
N GLN AA 320 -32.10 -13.43 -52.74
CA GLN AA 320 -32.20 -12.71 -53.99
C GLN AA 320 -33.57 -12.88 -54.61
N ARG AA 321 -34.24 -14.00 -54.29
CA ARG AA 321 -35.58 -14.22 -54.80
C ARG AA 321 -36.61 -13.40 -54.05
N LEU AA 322 -36.22 -12.82 -52.92
CA LEU AA 322 -37.13 -11.96 -52.17
C LEU AA 322 -36.95 -10.50 -52.58
N GLY AA 323 -36.32 -10.28 -53.73
CA GLY AA 323 -36.19 -8.92 -54.24
C GLY AA 323 -35.21 -8.06 -53.47
N ALA AA 324 -34.28 -8.69 -52.76
CA ALA AA 324 -33.32 -7.98 -51.94
C ALA AA 324 -32.07 -7.70 -52.76
N ASN AA 325 -31.64 -6.45 -52.74
CA ASN AA 325 -30.33 -6.11 -53.26
C ASN AA 325 -29.26 -6.70 -52.35
N VAL AA 326 -28.56 -7.71 -52.84
CA VAL AA 326 -27.61 -8.41 -51.99
C VAL AA 326 -26.26 -7.70 -51.91
N SER AA 327 -25.94 -6.81 -52.85
CA SER AA 327 -24.68 -6.10 -52.78
C SER AA 327 -24.72 -5.04 -51.70
N SER AA 328 -25.79 -4.26 -51.65
CA SER AA 328 -25.94 -3.19 -50.68
C SER AA 328 -26.57 -3.66 -49.38
N ALA AA 329 -26.78 -4.97 -49.22
CA ALA AA 329 -27.37 -5.51 -48.01
C ALA AA 329 -26.36 -5.40 -46.89
N GLN AA 330 -26.57 -4.43 -46.00
CA GLN AA 330 -25.63 -4.16 -44.92
C GLN AA 330 -25.75 -5.25 -43.86
N GLY AA 331 -24.61 -5.85 -43.54
CA GLY AA 331 -24.56 -6.92 -42.57
C GLY AA 331 -24.75 -6.41 -41.16
N PRO AA 332 -24.91 -7.33 -40.22
CA PRO AA 332 -25.16 -6.92 -38.83
C PRO AA 332 -23.95 -6.32 -38.16
N THR AA 333 -22.74 -6.70 -38.56
CA THR AA 333 -21.52 -6.12 -38.04
C THR AA 333 -21.12 -4.84 -38.72
N GLY AA 334 -21.80 -4.47 -39.81
CA GLY AA 334 -21.38 -3.37 -40.65
C GLY AA 334 -20.67 -3.80 -41.90
N LEU AA 335 -20.28 -5.06 -42.01
CA LEU AA 335 -19.65 -5.58 -43.20
C LEU AA 335 -20.72 -6.01 -44.20
N GLY AA 336 -20.31 -6.74 -45.23
CA GLY AA 336 -21.26 -7.29 -46.17
C GLY AA 336 -21.92 -8.51 -45.60
N LYS AA 337 -23.25 -8.56 -45.65
CA LYS AA 337 -23.93 -9.76 -45.24
C LYS AA 337 -23.71 -10.87 -46.25
N TYR AA 338 -23.66 -10.53 -47.53
CA TYR AA 338 -23.47 -11.49 -48.60
C TYR AA 338 -22.18 -11.29 -49.36
N LEU AA 339 -21.97 -10.09 -49.90
CA LEU AA 339 -20.77 -9.80 -50.65
C LEU AA 339 -19.99 -8.75 -49.90
N MET AA 340 -18.72 -9.04 -49.64
CA MET AA 340 -17.82 -8.08 -49.03
C MET AA 340 -16.54 -8.11 -49.83
N ARG AA 341 -15.51 -7.46 -49.31
CA ARG AA 341 -14.26 -7.31 -50.05
C ARG AA 341 -13.11 -7.86 -49.23
N SER AA 342 -12.32 -8.72 -49.86
CA SER AA 342 -11.19 -9.43 -49.27
C SER AA 342 -10.07 -8.45 -48.90
N PRO AA 343 -9.10 -8.83 -48.07
CA PRO AA 343 -8.00 -7.88 -47.77
C PRO AA 343 -7.04 -7.66 -48.91
N SER AA 344 -7.23 -8.31 -50.05
CA SER AA 344 -6.48 -7.96 -51.25
C SER AA 344 -7.34 -7.21 -52.26
N GLY AA 345 -8.64 -7.09 -52.01
CA GLY AA 345 -9.50 -6.25 -52.80
C GLY AA 345 -10.59 -6.97 -53.57
N GLU AA 346 -10.69 -8.28 -53.44
CA GLU AA 346 -11.58 -9.03 -54.31
C GLU AA 346 -12.96 -9.17 -53.69
N ILE AA 347 -13.98 -9.27 -54.54
CA ILE AA 347 -15.34 -9.44 -54.05
C ILE AA 347 -15.55 -10.90 -53.67
N ILE AA 348 -15.86 -11.12 -52.39
CA ILE AA 348 -15.93 -12.47 -51.83
C ILE AA 348 -17.26 -12.65 -51.12
N PHE AA 349 -17.46 -13.82 -50.52
CA PHE AA 349 -18.63 -14.07 -49.68
C PHE AA 349 -18.30 -13.66 -48.25
N GLY AA 350 -19.33 -13.24 -47.50
CA GLY AA 350 -19.13 -12.71 -46.16
C GLY AA 350 -19.67 -13.61 -45.06
N GLY AA 351 -19.12 -13.45 -43.86
CA GLY AA 351 -19.50 -14.27 -42.72
C GLY AA 351 -18.27 -14.82 -42.01
N GLU AA 352 -18.34 -16.00 -41.40
CA GLU AA 352 -17.09 -16.72 -41.14
C GLU AA 352 -16.49 -17.32 -42.40
N THR AA 353 -17.21 -17.27 -43.53
CA THR AA 353 -16.64 -17.77 -44.76
C THR AA 353 -15.67 -16.80 -45.42
N MET AA 354 -15.36 -15.66 -44.79
CA MET AA 354 -14.39 -14.73 -45.37
C MET AA 354 -12.97 -15.25 -45.25
N ARG AA 355 -12.75 -16.27 -44.43
CA ARG AA 355 -11.41 -16.81 -44.32
C ARG AA 355 -11.08 -17.69 -45.53
N PHE AA 356 -12.09 -18.32 -46.11
CA PHE AA 356 -11.89 -19.21 -47.25
C PHE AA 356 -12.23 -18.47 -48.54
N TRP AA 357 -11.54 -17.35 -48.75
CA TRP AA 357 -11.82 -16.60 -49.96
C TRP AA 357 -10.97 -17.03 -51.13
N ASP AA 358 -10.07 -17.99 -50.94
CA ASP AA 358 -9.30 -18.58 -52.01
C ASP AA 358 -9.98 -19.78 -52.63
N LEU AA 359 -11.24 -20.01 -52.31
CA LEU AA 359 -11.90 -21.22 -52.75
C LEU AA 359 -12.18 -21.14 -54.24
N ARG AA 360 -11.47 -21.96 -54.99
CA ARG AA 360 -11.59 -22.05 -56.43
C ARG AA 360 -12.23 -23.39 -56.74
N ALA AA 361 -13.50 -23.35 -57.14
CA ALA AA 361 -14.28 -24.56 -57.34
C ALA AA 361 -15.00 -24.49 -58.66
N PRO AA 362 -15.22 -25.63 -59.33
CA PRO AA 362 -15.80 -25.59 -60.68
C PRO AA 362 -17.24 -25.11 -60.76
N TRP AA 363 -17.92 -24.94 -59.63
CA TRP AA 363 -19.27 -24.44 -59.69
C TRP AA 363 -19.33 -22.97 -59.27
N VAL AA 364 -18.22 -22.41 -58.78
CA VAL AA 364 -18.21 -20.98 -58.47
C VAL AA 364 -17.37 -20.19 -59.46
N GLU AA 365 -16.38 -20.84 -60.09
CA GLU AA 365 -15.59 -20.19 -61.13
C GLU AA 365 -16.35 -19.73 -62.37
N PRO AA 366 -17.52 -20.26 -62.74
CA PRO AA 366 -18.36 -19.53 -63.70
C PRO AA 366 -18.79 -18.14 -63.28
N LEU AA 367 -18.72 -17.79 -62.00
CA LEU AA 367 -19.16 -16.47 -61.56
C LEU AA 367 -18.00 -15.54 -61.25
N ARG AA 368 -16.79 -15.86 -61.68
CA ARG AA 368 -15.65 -15.02 -61.37
C ARG AA 368 -15.48 -13.94 -62.43
N GLY AA 369 -14.57 -13.01 -62.15
CA GLY AA 369 -14.13 -12.04 -63.11
C GLY AA 369 -12.66 -11.77 -62.87
N PRO AA 370 -12.20 -10.62 -63.25
CA PRO AA 370 -10.88 -10.19 -62.78
C PRO AA 370 -10.95 -9.77 -61.33
N ASN AA 371 -12.03 -9.06 -61.00
CA ASN AA 371 -12.17 -8.49 -59.66
C ASN AA 371 -12.60 -9.54 -58.66
N GLY AA 372 -13.35 -10.52 -59.08
CA GLY AA 372 -13.86 -11.51 -58.16
C GLY AA 372 -15.25 -11.94 -58.60
N LEU AA 373 -16.14 -12.08 -57.63
CA LEU AA 373 -17.52 -12.42 -57.94
C LEU AA 373 -18.18 -11.26 -58.66
N ASP AA 374 -18.48 -11.45 -59.93
CA ASP AA 374 -19.06 -10.39 -60.73
C ASP AA 374 -20.51 -10.17 -60.31
N ILE AA 375 -20.81 -8.96 -59.86
CA ILE AA 375 -22.13 -8.62 -59.32
C ILE AA 375 -23.18 -8.66 -60.42
N ASN AA 376 -22.81 -8.26 -61.64
CA ASN AA 376 -23.72 -8.36 -62.77
C ASN AA 376 -24.03 -9.80 -63.10
N LYS AA 377 -23.07 -10.70 -62.92
CA LYS AA 377 -23.31 -12.11 -63.21
C LYS AA 377 -24.06 -12.79 -62.08
N ILE AA 378 -24.01 -12.25 -60.87
CA ILE AA 378 -24.81 -12.80 -59.78
C ILE AA 378 -26.26 -12.36 -59.91
N LYS AA 379 -26.48 -11.11 -60.31
CA LYS AA 379 -27.84 -10.61 -60.46
C LYS AA 379 -28.58 -11.26 -61.62
N ASN AA 380 -27.87 -11.80 -62.60
CA ASN AA 380 -28.53 -12.28 -63.80
C ASN AA 380 -28.29 -13.74 -64.11
N ASP AA 381 -27.04 -14.21 -64.03
CA ASP AA 381 -26.71 -15.55 -64.47
C ASP AA 381 -26.33 -16.43 -63.28
N ILE AA 382 -27.33 -17.00 -62.64
CA ILE AA 382 -27.12 -18.10 -61.70
C ILE AA 382 -27.83 -19.30 -62.28
N GLN AA 383 -27.08 -20.35 -62.54
CA GLN AA 383 -27.72 -21.48 -63.19
C GLN AA 383 -28.20 -22.49 -62.15
N PRO AA 384 -29.33 -23.14 -62.40
CA PRO AA 384 -29.90 -24.06 -61.40
C PRO AA 384 -29.07 -25.29 -61.11
N TRP AA 385 -28.07 -25.62 -61.92
CA TRP AA 385 -27.18 -26.69 -61.50
C TRP AA 385 -26.23 -26.21 -60.41
N GLN AA 386 -25.98 -24.91 -60.32
CA GLN AA 386 -25.19 -24.38 -59.23
C GLN AA 386 -25.99 -24.36 -57.95
N GLU AA 387 -27.31 -24.18 -58.06
CA GLU AA 387 -28.14 -24.21 -56.88
C GLU AA 387 -28.30 -25.64 -56.38
N ARG AA 388 -28.37 -26.60 -57.31
CA ARG AA 388 -28.39 -28.00 -56.93
C ARG AA 388 -27.06 -28.47 -56.40
N ARG AA 389 -25.98 -27.75 -56.69
CA ARG AA 389 -24.66 -28.13 -56.21
C ARG AA 389 -24.35 -27.52 -54.86
N ALA AA 390 -24.70 -26.25 -54.67
CA ALA AA 390 -24.43 -25.60 -53.40
C ALA AA 390 -25.35 -26.09 -52.30
N ALA AA 391 -26.54 -26.56 -52.65
CA ALA AA 391 -27.39 -27.17 -51.64
C ALA AA 391 -26.97 -28.59 -51.34
N GLU AA 392 -26.33 -29.26 -52.29
CA GLU AA 392 -25.80 -30.59 -52.03
C GLU AA 392 -24.55 -30.51 -51.16
N TYR AA 393 -23.72 -29.51 -51.40
CA TYR AA 393 -22.48 -29.36 -50.65
C TYR AA 393 -22.65 -28.65 -49.32
N MET AA 394 -23.83 -28.09 -49.05
CA MET AA 394 -24.09 -27.58 -47.72
C MET AA 394 -24.48 -28.69 -46.76
N THR AA 395 -25.35 -29.59 -47.21
CA THR AA 395 -25.84 -30.67 -46.38
C THR AA 395 -24.85 -31.81 -46.24
N HIS AA 396 -23.82 -31.86 -47.07
CA HIS AA 396 -22.83 -32.92 -46.95
C HIS AA 396 -21.46 -32.33 -46.68
N ALA AA 397 -21.43 -31.36 -45.78
CA ALA AA 397 -20.20 -30.73 -45.35
C ALA AA 397 -19.32 -31.76 -44.64
N PRO AA 398 -18.01 -31.61 -44.72
CA PRO AA 398 -17.14 -32.56 -44.01
C PRO AA 398 -17.06 -32.27 -42.51
N LEU AA 399 -18.15 -32.55 -41.80
CA LEU AA 399 -18.21 -32.44 -40.35
C LEU AA 399 -18.89 -33.69 -39.83
N GLY AA 400 -18.16 -34.48 -39.05
CA GLY AA 400 -18.72 -35.75 -38.66
C GLY AA 400 -18.52 -36.12 -37.22
N SER AA 401 -18.42 -37.42 -36.97
CA SER AA 401 -18.20 -37.95 -35.63
C SER AA 401 -17.64 -39.36 -35.80
N LEU AA 402 -17.20 -39.95 -34.70
CA LEU AA 402 -16.58 -41.26 -34.82
C LEU AA 402 -17.59 -42.38 -34.94
N ASN AA 403 -18.79 -42.17 -34.42
CA ASN AA 403 -19.88 -43.12 -34.62
C ASN AA 403 -20.63 -42.87 -35.91
N SER AA 404 -20.10 -42.01 -36.78
CA SER AA 404 -20.56 -41.75 -38.14
C SER AA 404 -21.98 -41.20 -38.15
N VAL AA 405 -22.16 -40.10 -37.42
CA VAL AA 405 -23.33 -39.26 -37.58
C VAL AA 405 -22.83 -37.88 -37.98
N GLY AA 406 -23.49 -37.28 -38.95
CA GLY AA 406 -22.99 -36.08 -39.59
C GLY AA 406 -23.38 -34.83 -38.85
N GLY AA 407 -23.31 -33.71 -39.57
CA GLY AA 407 -23.66 -32.45 -39.01
C GLY AA 407 -22.61 -31.95 -38.02
N VAL AA 408 -23.02 -30.97 -37.23
CA VAL AA 408 -22.18 -30.37 -36.21
C VAL AA 408 -22.04 -31.34 -35.04
N ALA AA 409 -21.19 -30.97 -34.06
CA ALA AA 409 -20.99 -31.84 -32.90
C ALA AA 409 -22.25 -31.97 -32.05
N THR AA 410 -23.18 -31.04 -32.18
CA THR AA 410 -24.45 -31.12 -31.47
C THR AA 410 -25.60 -31.54 -32.34
N GLU AA 411 -25.35 -32.28 -33.41
CA GLU AA 411 -26.42 -32.76 -34.26
C GLU AA 411 -27.02 -34.04 -33.68
N ILE AA 412 -28.33 -34.19 -33.84
CA ILE AA 412 -29.02 -35.39 -33.38
C ILE AA 412 -28.69 -36.58 -34.29
N ASN AA 413 -28.97 -37.78 -33.79
CA ASN AA 413 -28.60 -38.99 -34.49
C ASN AA 413 -29.64 -39.40 -35.51
N SER AA 414 -29.56 -38.85 -36.72
CA SER AA 414 -30.42 -39.34 -37.78
C SER AA 414 -29.67 -39.63 -39.07
N VAL AA 415 -28.68 -38.81 -39.41
CA VAL AA 415 -27.94 -39.00 -40.65
C VAL AA 415 -26.75 -39.91 -40.38
N ASN AA 416 -26.24 -40.53 -41.42
CA ASN AA 416 -25.09 -41.42 -41.32
C ASN AA 416 -24.12 -40.98 -42.39
N TYR AA 417 -23.24 -40.04 -42.04
CA TYR AA 417 -22.30 -39.51 -43.03
C TYR AA 417 -21.09 -38.92 -42.33
N VAL AA 418 -19.91 -39.39 -42.68
CA VAL AA 418 -18.67 -38.67 -42.44
C VAL AA 418 -17.91 -38.64 -43.76
N SER AA 419 -17.39 -37.48 -44.13
CA SER AA 419 -16.80 -37.28 -45.44
C SER AA 419 -15.54 -38.11 -45.60
N PRO AA 420 -15.28 -38.66 -46.78
CA PRO AA 420 -14.05 -39.42 -46.98
C PRO AA 420 -12.80 -38.56 -46.97
N ARG AA 421 -12.96 -37.24 -47.07
CA ARG AA 421 -11.84 -36.35 -46.81
C ARG AA 421 -11.45 -36.40 -45.35
N SER AA 422 -12.43 -36.34 -44.45
CA SER AA 422 -12.14 -36.39 -43.03
C SER AA 422 -11.64 -37.74 -42.56
N TRP AA 423 -11.80 -38.80 -43.33
CA TRP AA 423 -11.13 -40.02 -42.95
C TRP AA 423 -9.71 -40.06 -43.43
N LEU AA 424 -9.41 -39.43 -44.56
CA LEU AA 424 -8.04 -39.45 -45.05
C LEU AA 424 -7.17 -38.40 -44.38
N CYS AA 425 -7.73 -37.25 -44.05
CA CYS AA 425 -6.96 -36.19 -43.40
C CYS AA 425 -6.80 -36.41 -41.91
N CYS AA 426 -7.36 -37.48 -41.37
CA CYS AA 426 -7.26 -37.74 -39.96
C CYS AA 426 -6.62 -39.08 -39.69
N SER AA 427 -6.29 -39.81 -40.72
CA SER AA 427 -5.65 -41.09 -40.55
C SER AA 427 -4.27 -41.12 -41.14
N HIS AA 428 -4.10 -40.58 -42.34
CA HIS AA 428 -2.74 -40.42 -42.85
C HIS AA 428 -2.03 -39.29 -42.15
N PHE AA 429 -2.76 -38.31 -41.66
CA PHE AA 429 -2.16 -37.33 -40.77
C PHE AA 429 -1.82 -37.96 -39.43
N PHE AA 430 -2.65 -38.90 -38.98
CA PHE AA 430 -2.40 -39.59 -37.71
C PHE AA 430 -1.12 -40.40 -37.77
N LEU AA 431 -0.92 -41.12 -38.87
CA LEU AA 431 0.27 -41.94 -39.03
C LEU AA 431 1.49 -41.07 -39.24
N ALA AA 432 1.36 -39.99 -40.02
CA ALA AA 432 2.50 -39.14 -40.36
C ALA AA 432 3.12 -38.43 -39.17
N PHE AA 433 2.46 -38.39 -38.04
CA PHE AA 433 3.22 -37.98 -36.87
C PHE AA 433 3.99 -39.13 -36.27
N PHE AA 434 3.42 -40.34 -36.24
CA PHE AA 434 4.13 -41.44 -35.61
C PHE AA 434 5.31 -41.89 -36.43
N PHE AA 435 5.30 -41.66 -37.73
CA PHE AA 435 6.48 -41.94 -38.53
C PHE AA 435 7.52 -40.86 -38.40
N LEU AA 436 7.12 -39.66 -37.96
CA LEU AA 436 8.12 -38.69 -37.55
C LEU AA 436 8.74 -39.09 -36.23
N VAL AA 437 7.99 -39.79 -35.38
CA VAL AA 437 8.56 -40.37 -34.17
C VAL AA 437 9.46 -41.55 -34.53
N GLY AA 438 9.16 -42.25 -35.63
CA GLY AA 438 10.04 -43.29 -36.08
C GLY AA 438 11.36 -42.77 -36.62
N HIS AA 439 11.37 -41.55 -37.13
CA HIS AA 439 12.62 -40.89 -37.48
C HIS AA 439 13.41 -40.54 -36.24
N TRP AA 440 12.75 -40.33 -35.11
CA TRP AA 440 13.45 -39.93 -33.91
C TRP AA 440 13.98 -41.13 -33.16
N TRP AA 441 13.22 -42.21 -33.11
CA TRP AA 441 13.71 -43.40 -32.43
C TRP AA 441 14.83 -44.02 -33.23
N HIS AA 442 14.55 -44.38 -34.47
CA HIS AA 442 15.46 -45.22 -35.24
C HIS AA 442 16.73 -44.48 -35.65
N SER AA 443 16.75 -43.15 -35.62
CA SER AA 443 17.99 -42.43 -35.87
C SER AA 443 18.76 -42.10 -34.61
N GLY AA 444 18.08 -42.03 -33.48
CA GLY AA 444 18.80 -41.92 -32.23
C GLY AA 444 19.57 -43.20 -31.94
N ARG AA 445 18.98 -44.34 -32.26
CA ARG AA 445 19.67 -45.59 -32.01
C ARG AA 445 20.76 -45.81 -33.04
N ALA AA 446 20.52 -45.46 -34.29
CA ALA AA 446 21.47 -45.79 -35.34
C ALA AA 446 22.70 -44.89 -35.28
N ARG AA 447 22.53 -43.64 -34.87
CA ARG AA 447 23.68 -42.78 -34.66
C ARG AA 447 24.47 -43.22 -33.44
N ALA AA 448 23.80 -43.76 -32.44
CA ALA AA 448 24.50 -44.22 -31.24
C ALA AA 448 25.00 -45.65 -31.39
N ALA AA 449 24.38 -46.45 -32.25
CA ALA AA 449 24.95 -47.76 -32.52
C ALA AA 449 26.22 -47.66 -33.34
N ALA AA 450 26.33 -46.62 -34.15
CA ALA AA 450 27.56 -46.39 -34.89
C ALA AA 450 28.69 -45.94 -33.97
N ALA AA 451 28.34 -45.30 -32.85
CA ALA AA 451 29.34 -44.74 -31.96
C ALA AA 451 29.69 -45.66 -30.80
N GLY AA 452 28.84 -46.63 -30.49
CA GLY AA 452 29.16 -47.66 -29.54
C GLY AA 452 28.46 -47.59 -28.21
N PHE AA 453 27.79 -46.49 -27.88
CA PHE AA 453 27.17 -46.35 -26.57
C PHE AA 453 25.66 -46.55 -26.56
N GLU AA 454 25.13 -47.43 -27.40
CA GLU AA 454 23.68 -47.64 -27.36
C GLU AA 454 23.31 -48.61 -26.26
N LYS AA 455 24.29 -49.31 -25.69
CA LYS AA 455 24.00 -50.26 -24.63
C LYS AA 455 24.13 -49.61 -23.26
N GLY AA 456 24.73 -48.45 -23.19
CA GLY AA 456 24.82 -47.75 -21.93
C GLY AA 456 26.21 -47.20 -21.72
N ILE AA 457 26.38 -46.55 -20.60
CA ILE AA 457 27.63 -45.92 -20.23
C ILE AA 457 28.55 -46.99 -19.66
N ASN AA 458 29.83 -46.92 -20.02
CA ASN AA 458 30.83 -47.81 -19.44
C ASN AA 458 31.12 -47.39 -18.02
N ARG AA 459 31.18 -48.37 -17.11
CA ARG AA 459 31.49 -48.04 -15.72
C ARG AA 459 32.96 -47.71 -15.55
N ALA AA 460 33.83 -48.36 -16.32
CA ALA AA 460 35.26 -48.11 -16.20
C ALA AA 460 35.63 -46.75 -16.76
N ASN AA 461 35.03 -46.37 -17.87
CA ASN AA 461 35.35 -45.12 -18.56
C ASN AA 461 34.07 -44.31 -18.69
N GLU AA 462 33.83 -43.41 -17.77
CA GLU AA 462 32.70 -42.53 -17.96
C GLU AA 462 33.17 -41.23 -18.60
N PRO AA 463 32.52 -40.77 -19.67
CA PRO AA 463 33.01 -39.58 -20.37
C PRO AA 463 32.82 -38.29 -19.61
N VAL AA 464 31.90 -38.23 -18.65
CA VAL AA 464 31.65 -36.97 -17.95
C VAL AA 464 32.78 -36.71 -16.95
N LEU AA 465 33.34 -37.77 -16.37
CA LEU AA 465 34.37 -37.61 -15.36
C LEU AA 465 35.66 -37.08 -15.95
N SER AA 466 35.92 -37.35 -17.22
CA SER AA 466 37.07 -36.78 -17.91
C SER AA 466 36.65 -35.53 -18.70
N MET AA 467 36.09 -34.58 -17.97
CA MET AA 467 35.74 -33.29 -18.54
C MET AA 467 36.20 -32.21 -17.58
N ARG AA 468 35.80 -30.97 -17.85
CA ARG AA 468 36.14 -29.86 -16.99
C ARG AA 468 35.31 -29.91 -15.72
N PRO AA 469 35.67 -29.11 -14.71
CA PRO AA 469 34.72 -28.80 -13.64
C PRO AA 469 33.42 -28.23 -14.18
N ILE AA 470 32.34 -28.47 -13.44
CA ILE AA 470 30.99 -28.44 -13.99
C ILE AA 470 30.55 -27.01 -14.28
N ASP AA 471 30.84 -26.09 -13.36
CA ASP AA 471 30.23 -24.75 -13.26
C ASP AA 471 28.71 -24.88 -13.28
N ARG BA 11 -0.56 -66.15 22.90
CA ARG BA 11 -0.90 -66.45 24.29
C ARG BA 11 -2.40 -66.19 24.54
N GLY BA 12 -2.77 -64.92 24.60
CA GLY BA 12 -4.13 -64.53 24.84
C GLY BA 12 -5.00 -64.68 23.61
N LEU BA 13 -6.23 -64.19 23.72
CA LEU BA 13 -7.15 -64.24 22.58
C LEU BA 13 -6.82 -63.14 21.58
N PHE BA 14 -6.33 -62.01 22.07
CA PHE BA 14 -5.99 -60.91 21.18
C PHE BA 14 -4.75 -61.24 20.37
N ASP BA 15 -3.85 -62.04 20.93
CA ASP BA 15 -2.60 -62.34 20.25
C ASP BA 15 -2.81 -63.35 19.12
N LEU BA 16 -3.77 -64.27 19.29
CA LEU BA 16 -4.04 -65.25 18.24
C LEU BA 16 -4.70 -64.59 17.04
N VAL BA 17 -5.58 -63.63 17.29
CA VAL BA 17 -6.22 -62.87 16.22
C VAL BA 17 -5.22 -61.93 15.55
N ASP BA 18 -4.35 -61.30 16.34
CA ASP BA 18 -3.30 -60.45 15.77
C ASP BA 18 -2.31 -61.25 14.94
N ASP BA 19 -2.02 -62.49 15.32
CA ASP BA 19 -1.08 -63.28 14.54
C ASP BA 19 -1.74 -63.87 13.31
N TRP BA 20 -3.05 -64.04 13.33
CA TRP BA 20 -3.71 -64.65 12.19
C TRP BA 20 -3.88 -63.66 11.05
N LEU BA 21 -4.27 -62.43 11.37
CA LEU BA 21 -4.50 -61.43 10.33
C LEU BA 21 -3.20 -61.03 9.65
N LYS BA 22 -2.10 -60.98 10.40
CA LYS BA 22 -0.84 -60.52 9.84
C LYS BA 22 -0.04 -61.65 9.22
N LYS BA 23 -0.65 -62.81 9.02
CA LYS BA 23 0.07 -63.96 8.46
C LYS BA 23 0.37 -63.68 6.99
N ASP BA 24 1.52 -64.13 6.51
CA ASP BA 24 1.81 -64.06 5.08
C ASP BA 24 0.87 -64.98 4.32
N ARG BA 25 0.10 -64.40 3.42
CA ARG BA 25 -0.86 -65.15 2.63
C ARG BA 25 -0.95 -64.47 1.27
N PHE BA 26 -2.00 -64.77 0.50
CA PHE BA 26 -2.09 -64.24 -0.85
C PHE BA 26 -2.37 -62.75 -0.83
N VAL BA 27 -3.49 -62.34 -0.24
CA VAL BA 27 -3.78 -60.93 -0.02
C VAL BA 27 -3.63 -60.63 1.46
N PHE BA 28 -2.84 -59.61 1.78
CA PHE BA 28 -2.62 -59.25 3.16
C PHE BA 28 -3.88 -58.63 3.74
N VAL BA 29 -4.38 -59.23 4.83
CA VAL BA 29 -5.65 -58.77 5.37
C VAL BA 29 -5.39 -57.72 6.43
N GLY BA 30 -4.72 -58.10 7.51
CA GLY BA 30 -4.41 -57.18 8.58
C GLY BA 30 -5.64 -56.80 9.37
N TRP BA 31 -5.45 -55.84 10.27
CA TRP BA 31 -6.60 -55.30 10.99
C TRP BA 31 -7.44 -54.43 10.07
N SER BA 32 -6.79 -53.69 9.19
CA SER BA 32 -7.47 -52.75 8.31
C SER BA 32 -8.28 -53.41 7.22
N GLY BA 33 -8.08 -54.71 6.98
CA GLY BA 33 -8.86 -55.39 5.96
C GLY BA 33 -10.29 -55.62 6.37
N LEU BA 34 -10.57 -55.51 7.67
CA LEU BA 34 -11.94 -55.64 8.13
C LEU BA 34 -12.75 -54.39 7.81
N LEU BA 35 -12.07 -53.28 7.57
CA LEU BA 35 -12.77 -52.06 7.17
C LEU BA 35 -12.72 -51.88 5.66
N LEU BA 36 -11.63 -52.32 5.03
CA LEU BA 36 -11.49 -52.14 3.59
C LEU BA 36 -12.33 -53.14 2.81
N PHE BA 37 -12.06 -54.43 3.01
CA PHE BA 37 -12.64 -55.50 2.19
C PHE BA 37 -14.17 -55.60 2.24
N PRO BA 38 -14.86 -55.34 3.36
CA PRO BA 38 -16.31 -55.23 3.24
C PRO BA 38 -16.76 -53.96 2.57
N THR BA 39 -16.14 -52.82 2.84
CA THR BA 39 -16.69 -51.58 2.30
C THR BA 39 -16.27 -51.32 0.87
N ALA BA 40 -15.09 -51.77 0.45
CA ALA BA 40 -14.69 -51.54 -0.93
C ALA BA 40 -15.40 -52.48 -1.87
N TYR BA 41 -15.72 -53.69 -1.41
CA TYR BA 41 -16.44 -54.65 -2.23
C TYR BA 41 -17.85 -54.18 -2.52
N LEU BA 42 -18.45 -53.41 -1.64
CA LEU BA 42 -19.81 -52.96 -1.82
C LEU BA 42 -19.90 -51.62 -2.51
N ALA BA 43 -18.86 -50.81 -2.45
CA ALA BA 43 -18.83 -49.62 -3.28
C ALA BA 43 -18.64 -49.99 -4.74
N ALA BA 44 -17.75 -50.93 -5.02
CA ALA BA 44 -17.51 -51.35 -6.39
C ALA BA 44 -18.69 -52.13 -6.94
N GLY BA 45 -19.23 -53.06 -6.16
CA GLY BA 45 -20.38 -53.80 -6.63
C GLY BA 45 -21.65 -52.99 -6.67
N GLY BA 46 -21.75 -51.96 -5.83
CA GLY BA 46 -22.87 -51.06 -5.92
C GLY BA 46 -22.82 -50.19 -7.15
N TRP BA 47 -21.62 -49.95 -7.68
CA TRP BA 47 -21.50 -49.19 -8.90
C TRP BA 47 -21.78 -50.04 -10.13
N MET BA 48 -21.31 -51.29 -10.12
CA MET BA 48 -21.55 -52.16 -11.27
C MET BA 48 -23.02 -52.55 -11.38
N THR BA 49 -23.71 -52.64 -10.25
CA THR BA 49 -25.13 -52.91 -10.29
C THR BA 49 -25.91 -51.67 -10.68
N GLY BA 50 -25.52 -50.52 -10.16
CA GLY BA 50 -26.30 -49.32 -10.40
C GLY BA 50 -26.17 -48.80 -11.82
N THR BA 51 -25.02 -49.06 -12.45
CA THR BA 51 -24.88 -48.68 -13.85
C THR BA 51 -25.45 -49.71 -14.79
N THR BA 52 -25.69 -50.92 -14.32
CA THR BA 52 -26.28 -51.94 -15.18
C THR BA 52 -27.79 -51.94 -15.12
N PHE BA 53 -28.37 -51.96 -13.92
CA PHE BA 53 -29.79 -52.23 -13.73
C PHE BA 53 -30.58 -50.99 -13.34
N VAL BA 54 -30.08 -50.18 -12.41
CA VAL BA 54 -30.91 -49.15 -11.82
C VAL BA 54 -30.95 -47.91 -12.69
N THR BA 55 -32.14 -47.40 -12.93
CA THR BA 55 -32.37 -46.27 -13.81
C THR BA 55 -32.25 -44.95 -13.06
N SER BA 56 -32.34 -43.86 -13.83
CA SER BA 56 -32.45 -42.52 -13.30
C SER BA 56 -33.74 -41.86 -13.77
N TRP BA 57 -34.77 -42.65 -14.03
CA TRP BA 57 -35.95 -42.14 -14.69
C TRP BA 57 -36.79 -41.30 -13.75
N TYR BA 58 -36.70 -41.56 -12.45
CA TYR BA 58 -37.55 -40.85 -11.51
C TYR BA 58 -36.82 -39.73 -10.80
N THR BA 59 -35.50 -39.84 -10.66
CA THR BA 59 -34.73 -38.80 -9.98
C THR BA 59 -34.41 -37.65 -10.91
N HIS BA 60 -33.65 -37.93 -11.96
CA HIS BA 60 -33.25 -36.95 -12.94
C HIS BA 60 -34.18 -36.89 -14.14
N GLY BA 61 -34.81 -38.00 -14.49
CA GLY BA 61 -35.57 -38.06 -15.72
C GLY BA 61 -34.67 -38.37 -16.88
N LEU BA 62 -33.77 -39.32 -16.70
CA LEU BA 62 -32.81 -39.69 -17.71
C LEU BA 62 -32.89 -41.19 -17.93
N ALA BA 63 -31.92 -41.71 -18.64
CA ALA BA 63 -31.64 -43.14 -18.69
C ALA BA 63 -30.16 -43.31 -18.37
N SER BA 64 -29.85 -44.11 -17.37
CA SER BA 64 -28.46 -44.28 -16.97
C SER BA 64 -28.19 -45.74 -16.61
N SER BA 65 -28.64 -46.66 -17.45
CA SER BA 65 -28.40 -48.06 -17.15
C SER BA 65 -28.10 -48.78 -18.45
N TYR BA 66 -27.65 -50.03 -18.33
CA TYR BA 66 -27.45 -50.81 -19.53
C TYR BA 66 -28.75 -51.43 -20.01
N LEU BA 67 -29.74 -51.56 -19.11
CA LEU BA 67 -31.06 -51.98 -19.55
C LEU BA 67 -31.70 -50.95 -20.44
N GLU BA 68 -31.31 -49.70 -20.30
CA GLU BA 68 -31.89 -48.62 -21.06
C GLU BA 68 -31.00 -48.14 -22.18
N GLY BA 69 -30.23 -49.04 -22.77
CA GLY BA 69 -29.52 -48.75 -24.00
C GLY BA 69 -28.26 -47.92 -23.86
N CYS BA 70 -27.92 -47.47 -22.66
CA CYS BA 70 -26.72 -46.68 -22.51
C CYS BA 70 -25.51 -47.58 -22.56
N ASN BA 71 -24.45 -47.10 -23.21
CA ASN BA 71 -23.19 -47.81 -23.24
C ASN BA 71 -22.38 -47.52 -21.97
N PHE BA 72 -21.09 -47.84 -22.04
CA PHE BA 72 -20.18 -47.55 -20.93
C PHE BA 72 -20.08 -46.06 -20.66
N LEU BA 73 -20.20 -45.25 -21.70
CA LEU BA 73 -19.99 -43.82 -21.49
C LEU BA 73 -21.20 -43.14 -20.86
N THR BA 74 -22.40 -43.42 -21.34
CA THR BA 74 -23.58 -42.69 -20.89
C THR BA 74 -24.32 -43.41 -19.77
N ALA BA 75 -23.67 -44.31 -19.04
CA ALA BA 75 -24.28 -44.95 -17.89
C ALA BA 75 -23.70 -44.37 -16.62
N ALA BA 76 -24.51 -44.38 -15.56
CA ALA BA 76 -24.12 -43.76 -14.30
C ALA BA 76 -24.95 -44.29 -13.16
N VAL BA 77 -24.40 -44.17 -11.95
CA VAL BA 77 -25.16 -44.28 -10.72
C VAL BA 77 -25.51 -42.85 -10.31
N SER BA 78 -26.78 -42.50 -10.34
CA SER BA 78 -27.11 -41.08 -10.28
C SER BA 78 -27.52 -40.64 -8.89
N THR BA 79 -27.28 -39.38 -8.63
CA THR BA 79 -27.66 -38.67 -7.43
C THR BA 79 -29.18 -38.64 -7.24
N PRO BA 80 -29.65 -38.58 -6.00
CA PRO BA 80 -31.10 -38.64 -5.76
C PRO BA 80 -31.77 -37.30 -6.04
N ALA BA 81 -33.07 -37.26 -5.76
CA ALA BA 81 -33.87 -36.09 -6.10
C ALA BA 81 -33.55 -34.92 -5.17
N ASN BA 82 -34.01 -33.74 -5.55
CA ASN BA 82 -33.81 -32.57 -4.70
C ASN BA 82 -34.80 -32.59 -3.54
N SER BA 83 -35.89 -33.33 -3.68
CA SER BA 83 -36.88 -33.42 -2.61
C SER BA 83 -36.36 -34.25 -1.45
N VAL BA 84 -35.42 -35.14 -1.73
CA VAL BA 84 -34.81 -35.93 -0.67
C VAL BA 84 -33.94 -35.04 0.21
N GLY BA 85 -33.39 -33.97 -0.36
CA GLY BA 85 -32.56 -33.08 0.42
C GLY BA 85 -31.23 -33.74 0.68
N HIS BA 86 -30.69 -33.61 1.88
CA HIS BA 86 -29.48 -34.31 2.25
C HIS BA 86 -29.76 -35.52 3.11
N SER BA 87 -30.82 -36.26 2.85
CA SER BA 87 -31.07 -37.48 3.60
C SER BA 87 -29.99 -38.51 3.28
N LEU BA 88 -29.68 -39.33 4.27
CA LEU BA 88 -28.71 -40.37 4.03
C LEU BA 88 -29.30 -41.53 3.24
N LEU BA 89 -30.63 -41.60 3.14
CA LEU BA 89 -31.36 -42.61 2.37
C LEU BA 89 -30.99 -44.02 2.78
N LEU BA 90 -31.10 -44.29 4.07
CA LEU BA 90 -30.85 -45.62 4.59
C LEU BA 90 -31.91 -46.57 4.06
N LEU BA 91 -31.53 -47.85 3.93
CA LEU BA 91 -32.45 -48.84 3.39
C LEU BA 91 -33.66 -49.03 4.29
N TRP BA 92 -33.46 -48.92 5.59
CA TRP BA 92 -34.51 -48.99 6.58
C TRP BA 92 -35.12 -47.63 6.90
N GLY BA 93 -34.73 -46.59 6.20
CA GLY BA 93 -35.01 -45.24 6.61
C GLY BA 93 -36.45 -44.79 6.44
N PRO BA 94 -36.73 -43.51 6.67
CA PRO BA 94 -38.09 -43.02 6.47
C PRO BA 94 -38.48 -42.86 5.02
N GLU BA 95 -37.51 -42.77 4.10
CA GLU BA 95 -37.82 -42.65 2.69
C GLU BA 95 -38.04 -44.01 2.03
N ALA BA 96 -37.12 -44.95 2.25
CA ALA BA 96 -37.20 -46.23 1.56
C ALA BA 96 -38.08 -47.22 2.31
N GLN BA 97 -38.00 -47.21 3.65
CA GLN BA 97 -38.84 -48.00 4.55
C GLN BA 97 -38.70 -49.50 4.32
N GLY BA 98 -37.49 -49.96 4.10
CA GLY BA 98 -37.21 -51.36 3.99
C GLY BA 98 -37.34 -51.94 2.59
N ASP BA 99 -38.05 -51.27 1.69
CA ASP BA 99 -38.23 -51.80 0.35
C ASP BA 99 -36.95 -51.58 -0.43
N PHE BA 100 -36.48 -52.63 -1.10
CA PHE BA 100 -35.28 -52.48 -1.92
C PHE BA 100 -35.58 -51.75 -3.22
N THR BA 101 -36.73 -52.04 -3.82
CA THR BA 101 -37.04 -51.53 -5.15
C THR BA 101 -37.29 -50.03 -5.12
N ARG BA 102 -38.03 -49.55 -4.13
CA ARG BA 102 -38.24 -48.12 -4.01
C ARG BA 102 -36.99 -47.41 -3.52
N TRP BA 103 -36.05 -48.13 -2.91
CA TRP BA 103 -34.80 -47.51 -2.51
C TRP BA 103 -33.94 -47.22 -3.72
N CYS BA 104 -33.94 -48.11 -4.70
CA CYS BA 104 -33.15 -47.91 -5.90
C CYS BA 104 -33.72 -46.80 -6.76
N GLN BA 105 -35.04 -46.65 -6.80
CA GLN BA 105 -35.64 -45.65 -7.66
C GLN BA 105 -35.49 -44.24 -7.10
N ILE BA 106 -35.44 -44.09 -5.78
CA ILE BA 106 -35.14 -42.78 -5.20
C ILE BA 106 -33.70 -42.38 -5.41
N GLY BA 107 -32.81 -43.35 -5.59
CA GLY BA 107 -31.41 -43.02 -5.79
C GLY BA 107 -30.64 -43.40 -4.55
N GLY BA 108 -31.04 -44.51 -3.94
CA GLY BA 108 -30.41 -44.93 -2.72
C GLY BA 108 -29.07 -45.57 -2.93
N LEU BA 109 -28.83 -46.14 -4.12
CA LEU BA 109 -27.53 -46.76 -4.38
C LEU BA 109 -26.42 -45.74 -4.46
N TRP BA 110 -26.74 -44.49 -4.78
CA TRP BA 110 -25.69 -43.49 -4.92
C TRP BA 110 -25.07 -43.15 -3.57
N THR BA 111 -25.90 -42.99 -2.54
CA THR BA 111 -25.36 -42.80 -1.21
C THR BA 111 -24.77 -44.09 -0.69
N PHE BA 112 -25.27 -45.23 -1.14
CA PHE BA 112 -24.66 -46.50 -0.78
C PHE BA 112 -23.25 -46.62 -1.33
N VAL BA 113 -23.05 -46.14 -2.55
CA VAL BA 113 -21.72 -46.18 -3.15
C VAL BA 113 -20.82 -45.15 -2.48
N ALA BA 114 -21.34 -43.95 -2.25
CA ALA BA 114 -20.51 -42.86 -1.74
C ALA BA 114 -20.14 -43.07 -0.27
N LEU BA 115 -21.05 -43.63 0.53
CA LEU BA 115 -20.73 -43.82 1.94
C LEU BA 115 -19.83 -45.02 2.15
N HIS BA 116 -20.16 -46.17 1.57
CA HIS BA 116 -19.27 -47.33 1.67
C HIS BA 116 -17.98 -47.11 0.89
N GLY BA 117 -17.98 -46.16 -0.04
CA GLY BA 117 -16.74 -45.81 -0.69
C GLY BA 117 -15.87 -44.91 0.16
N ALA BA 118 -16.49 -44.03 0.94
CA ALA BA 118 -15.72 -43.15 1.81
C ALA BA 118 -15.09 -43.93 2.96
N PHE BA 119 -15.72 -45.02 3.38
CA PHE BA 119 -15.10 -45.90 4.34
C PHE BA 119 -14.23 -46.95 3.68
N GLY BA 120 -14.08 -46.91 2.37
CA GLY BA 120 -13.08 -47.73 1.74
C GLY BA 120 -11.77 -46.97 1.67
N LEU BA 121 -11.87 -45.66 1.43
CA LEU BA 121 -10.68 -44.84 1.38
C LEU BA 121 -10.11 -44.57 2.76
N ILE BA 122 -10.95 -44.57 3.79
CA ILE BA 122 -10.45 -44.65 5.15
C ILE BA 122 -9.73 -45.97 5.37
N GLY BA 123 -10.37 -47.07 4.99
CA GLY BA 123 -9.80 -48.37 5.23
C GLY BA 123 -8.62 -48.69 4.35
N PHE BA 124 -8.47 -48.01 3.22
CA PHE BA 124 -7.30 -48.25 2.39
C PHE BA 124 -6.11 -47.42 2.84
N CYS BA 125 -6.36 -46.25 3.41
CA CYS BA 125 -5.25 -45.47 3.94
C CYS BA 125 -4.74 -46.03 5.24
N LEU BA 126 -5.60 -46.63 6.05
CA LEU BA 126 -5.17 -47.39 7.21
C LEU BA 126 -4.41 -48.64 6.83
N ARG BA 127 -4.68 -49.18 5.64
CA ARG BA 127 -3.92 -50.31 5.14
C ARG BA 127 -2.48 -49.92 4.88
N GLN BA 128 -2.25 -48.69 4.43
CA GLN BA 128 -0.91 -48.24 4.13
C GLN BA 128 -0.11 -47.85 5.37
N PHE BA 129 -0.78 -47.57 6.49
CA PHE BA 129 -0.04 -47.42 7.74
C PHE BA 129 0.30 -48.77 8.36
N GLU BA 130 -0.51 -49.79 8.09
CA GLU BA 130 -0.30 -51.04 8.77
C GLU BA 130 0.80 -51.85 8.09
N ILE BA 131 0.85 -51.80 6.77
CA ILE BA 131 1.87 -52.58 6.05
C ILE BA 131 3.23 -51.92 6.20
N ALA BA 132 3.26 -50.59 6.32
CA ALA BA 132 4.53 -49.91 6.49
C ALA BA 132 5.12 -50.17 7.88
N ARG BA 133 4.29 -50.47 8.85
CA ARG BA 133 4.80 -50.74 10.19
C ARG BA 133 5.32 -52.17 10.28
N LEU BA 134 4.77 -53.08 9.47
CA LEU BA 134 5.23 -54.46 9.51
C LEU BA 134 6.49 -54.62 8.68
N VAL BA 135 6.54 -53.98 7.52
CA VAL BA 135 7.74 -54.00 6.70
C VAL BA 135 8.83 -53.14 7.34
N GLY BA 136 8.44 -52.03 7.95
CA GLY BA 136 9.39 -51.23 8.69
C GLY BA 136 9.97 -50.10 7.88
N ILE BA 137 9.11 -49.32 7.24
CA ILE BA 137 9.52 -48.22 6.39
C ILE BA 137 8.78 -46.96 6.84
N ARG BA 138 9.17 -45.86 6.28
CA ARG BA 138 8.55 -44.59 6.57
C ARG BA 138 7.20 -44.52 5.88
N PRO BA 139 6.21 -43.84 6.45
CA PRO BA 139 4.85 -43.94 5.92
C PRO BA 139 4.47 -42.87 4.91
N TYR BA 140 5.24 -42.69 3.84
CA TYR BA 140 4.91 -41.62 2.90
C TYR BA 140 3.91 -42.04 1.85
N ASN BA 141 3.64 -43.32 1.70
CA ASN BA 141 2.59 -43.73 0.79
C ASN BA 141 1.24 -43.38 1.36
N ALA BA 142 1.08 -43.53 2.68
CA ALA BA 142 -0.17 -43.20 3.34
C ALA BA 142 -0.41 -41.72 3.42
N ILE BA 143 0.63 -40.92 3.27
CA ILE BA 143 0.48 -39.47 3.31
C ILE BA 143 0.31 -38.91 1.90
N ALA BA 144 0.89 -39.55 0.89
CA ALA BA 144 0.60 -39.18 -0.49
C ALA BA 144 -0.78 -39.66 -0.92
N PHE BA 145 -1.29 -40.74 -0.34
CA PHE BA 145 -2.65 -41.15 -0.66
C PHE BA 145 -3.68 -40.26 0.00
N SER BA 146 -3.28 -39.41 0.95
CA SER BA 146 -4.21 -38.45 1.53
C SER BA 146 -4.62 -37.39 0.53
N GLY BA 147 -3.83 -37.20 -0.52
CA GLY BA 147 -4.21 -36.38 -1.65
C GLY BA 147 -5.53 -36.78 -2.29
N PRO BA 148 -5.61 -38.01 -2.81
CA PRO BA 148 -6.89 -38.49 -3.36
C PRO BA 148 -8.02 -38.61 -2.36
N ILE BA 149 -7.74 -38.70 -1.06
CA ILE BA 149 -8.82 -38.64 -0.09
C ILE BA 149 -9.40 -37.24 -0.05
N ALA BA 150 -8.56 -36.21 -0.19
CA ALA BA 150 -9.05 -34.84 -0.16
C ALA BA 150 -9.80 -34.44 -1.40
N VAL BA 151 -9.75 -35.23 -2.46
CA VAL BA 151 -10.55 -34.94 -3.64
C VAL BA 151 -11.87 -35.69 -3.61
N PHE BA 152 -11.89 -36.91 -3.06
CA PHE BA 152 -13.16 -37.60 -2.91
C PHE BA 152 -14.05 -36.91 -1.91
N VAL BA 153 -13.50 -36.54 -0.76
CA VAL BA 153 -14.28 -35.95 0.31
C VAL BA 153 -14.80 -34.59 -0.09
N SER BA 154 -13.94 -33.76 -0.66
CA SER BA 154 -14.35 -32.39 -0.92
C SER BA 154 -15.14 -32.22 -2.20
N VAL BA 155 -15.45 -33.30 -2.92
CA VAL BA 155 -16.26 -33.23 -4.13
C VAL BA 155 -17.50 -34.11 -4.00
N PHE BA 156 -17.31 -35.38 -3.67
CA PHE BA 156 -18.43 -36.28 -3.57
C PHE BA 156 -19.16 -36.15 -2.24
N LEU BA 157 -18.52 -35.57 -1.23
CA LEU BA 157 -19.19 -35.36 0.05
C LEU BA 157 -19.34 -33.89 0.40
N LEU BA 158 -18.27 -33.12 0.50
CA LEU BA 158 -18.41 -31.75 0.99
C LEU BA 158 -18.98 -30.79 -0.04
N TYR BA 159 -19.07 -31.16 -1.29
CA TYR BA 159 -19.68 -30.23 -2.24
C TYR BA 159 -21.21 -30.28 -2.25
N PRO BA 160 -21.89 -31.44 -2.25
CA PRO BA 160 -23.34 -31.39 -2.13
C PRO BA 160 -23.84 -31.01 -0.76
N LEU BA 161 -23.02 -31.08 0.28
CA LEU BA 161 -23.48 -30.66 1.61
C LEU BA 161 -23.66 -29.16 1.67
N GLY BA 162 -22.74 -28.41 1.07
CA GLY BA 162 -22.93 -26.98 1.01
C GLY BA 162 -23.99 -26.53 0.04
N GLN BA 163 -24.34 -27.37 -0.93
CA GLN BA 163 -25.36 -27.03 -1.90
C GLN BA 163 -26.73 -27.43 -1.38
N ALA BA 164 -27.71 -27.48 -2.28
CA ALA BA 164 -29.09 -27.64 -1.86
C ALA BA 164 -29.40 -29.08 -1.44
N SER BA 165 -28.77 -30.06 -2.05
CA SER BA 165 -29.02 -31.47 -1.74
C SER BA 165 -27.90 -32.34 -2.30
N TRP BA 166 -28.10 -33.65 -2.27
CA TRP BA 166 -27.16 -34.56 -2.93
C TRP BA 166 -27.27 -34.51 -4.43
N PHE BA 167 -28.30 -33.85 -4.96
CA PHE BA 167 -28.55 -33.82 -6.40
C PHE BA 167 -27.44 -33.10 -7.14
N PHE BA 168 -26.78 -32.15 -6.50
CA PHE BA 168 -25.75 -31.39 -7.17
C PHE BA 168 -24.38 -32.02 -7.00
N ALA BA 169 -24.30 -33.33 -6.82
CA ALA BA 169 -23.04 -34.02 -6.66
C ALA BA 169 -22.69 -34.74 -7.95
N PRO BA 170 -21.43 -35.16 -8.14
CA PRO BA 170 -21.11 -35.94 -9.34
C PRO BA 170 -21.71 -37.33 -9.27
N SER BA 171 -22.45 -37.71 -10.29
CA SER BA 171 -22.92 -39.08 -10.37
C SER BA 171 -21.76 -39.98 -10.78
N PHE BA 172 -21.80 -41.23 -10.35
CA PHE BA 172 -20.68 -42.13 -10.59
C PHE BA 172 -20.81 -42.78 -11.97
N GLY BA 173 -20.58 -41.98 -12.99
CA GLY BA 173 -20.58 -42.49 -14.35
C GLY BA 173 -19.77 -41.58 -15.22
N VAL BA 174 -19.35 -42.10 -16.37
CA VAL BA 174 -18.30 -41.45 -17.16
C VAL BA 174 -18.79 -40.14 -17.74
N ALA BA 175 -19.93 -40.15 -18.42
CA ALA BA 175 -20.47 -38.90 -18.92
C ALA BA 175 -21.14 -38.07 -17.84
N ALA BA 176 -21.45 -38.67 -16.71
CA ALA BA 176 -22.05 -37.92 -15.63
C ALA BA 176 -21.04 -37.10 -14.88
N ILE BA 177 -19.76 -37.50 -14.92
CA ILE BA 177 -18.71 -36.60 -14.50
C ILE BA 177 -18.57 -35.48 -15.51
N PHE BA 178 -18.80 -35.77 -16.79
CA PHE BA 178 -18.53 -34.80 -17.85
C PHE BA 178 -19.48 -33.62 -17.80
N ARG BA 179 -20.73 -33.86 -17.41
CA ARG BA 179 -21.64 -32.74 -17.22
C ARG BA 179 -21.30 -31.95 -15.97
N PHE BA 180 -20.77 -32.64 -14.96
CA PHE BA 180 -20.33 -31.96 -13.74
C PHE BA 180 -19.16 -31.03 -14.04
N LEU BA 181 -18.35 -31.39 -15.04
CA LEU BA 181 -17.32 -30.46 -15.49
C LEU BA 181 -17.95 -29.25 -16.18
N LEU BA 182 -19.05 -29.46 -16.91
CA LEU BA 182 -19.67 -28.35 -17.63
C LEU BA 182 -20.61 -27.57 -16.74
N PHE BA 183 -21.25 -28.23 -15.79
CA PHE BA 183 -22.06 -27.54 -14.80
C PHE BA 183 -21.24 -26.61 -13.93
N LEU BA 184 -19.98 -26.92 -13.70
CA LEU BA 184 -19.14 -26.12 -12.83
C LEU BA 184 -18.48 -24.94 -13.52
N GLN BA 185 -18.55 -24.86 -14.84
CA GLN BA 185 -18.04 -23.69 -15.52
C GLN BA 185 -19.09 -22.61 -15.67
N GLY BA 186 -20.28 -23.00 -16.09
CA GLY BA 186 -21.31 -22.01 -16.33
C GLY BA 186 -21.85 -21.40 -15.06
N PHE BA 187 -21.96 -22.22 -14.02
CA PHE BA 187 -22.63 -21.76 -12.81
C PHE BA 187 -21.64 -21.23 -11.79
N HIS BA 188 -20.39 -21.68 -11.86
CA HIS BA 188 -19.42 -21.33 -10.83
C HIS BA 188 -18.19 -20.63 -11.34
N ASN BA 189 -17.92 -20.68 -12.65
CA ASN BA 189 -16.65 -20.21 -13.25
C ASN BA 189 -15.46 -20.86 -12.55
N TRP BA 190 -15.36 -22.18 -12.68
CA TRP BA 190 -14.40 -22.93 -11.90
C TRP BA 190 -12.99 -22.76 -12.41
N THR BA 191 -12.82 -22.53 -13.71
CA THR BA 191 -11.47 -22.43 -14.26
C THR BA 191 -10.79 -21.15 -13.84
N LEU BA 192 -11.55 -20.15 -13.44
CA LEU BA 192 -10.96 -18.89 -13.05
C LEU BA 192 -10.39 -18.96 -11.63
N ASN BA 193 -10.84 -19.93 -10.84
CA ASN BA 193 -10.49 -20.11 -9.43
C ASN BA 193 -9.01 -20.42 -9.32
N PRO BA 194 -8.21 -19.69 -8.51
CA PRO BA 194 -6.77 -19.99 -8.43
C PRO BA 194 -6.44 -21.31 -7.79
N PHE BA 195 -7.43 -22.01 -7.26
CA PHE BA 195 -7.15 -23.27 -6.64
C PHE BA 195 -7.19 -24.38 -7.66
N HIS BA 196 -7.97 -24.22 -8.72
CA HIS BA 196 -7.84 -25.14 -9.85
C HIS BA 196 -6.53 -24.86 -10.57
N MET BA 197 -6.15 -23.59 -10.67
CA MET BA 197 -4.93 -23.21 -11.38
C MET BA 197 -3.70 -23.74 -10.69
N MET BA 198 -3.72 -23.84 -9.37
CA MET BA 198 -2.65 -24.53 -8.67
C MET BA 198 -2.81 -26.04 -8.71
N GLY BA 199 -3.94 -26.54 -9.17
CA GLY BA 199 -4.12 -27.97 -9.24
C GLY BA 199 -3.74 -28.51 -10.59
N VAL BA 200 -3.98 -27.71 -11.64
CA VAL BA 200 -3.54 -28.09 -12.97
C VAL BA 200 -2.02 -28.07 -13.05
N ALA BA 201 -1.41 -27.16 -12.28
CA ALA BA 201 0.04 -27.08 -12.23
C ALA BA 201 0.65 -28.29 -11.53
N GLY BA 202 -0.14 -28.99 -10.71
CA GLY BA 202 0.39 -30.16 -10.04
C GLY BA 202 0.14 -31.42 -10.84
N ILE BA 203 -0.98 -31.48 -11.54
CA ILE BA 203 -1.29 -32.65 -12.34
C ILE BA 203 -0.46 -32.67 -13.61
N LEU BA 204 -0.43 -31.56 -14.34
CA LEU BA 204 0.45 -31.50 -15.50
C LEU BA 204 1.90 -31.38 -15.07
N GLY BA 205 2.15 -30.91 -13.86
CA GLY BA 205 3.50 -30.92 -13.33
C GLY BA 205 3.92 -32.28 -12.83
N GLY BA 206 2.98 -33.07 -12.32
CA GLY BA 206 3.32 -34.40 -11.87
C GLY BA 206 3.52 -35.37 -13.02
N ALA BA 207 2.75 -35.21 -14.09
CA ALA BA 207 2.95 -36.01 -15.28
C ALA BA 207 4.25 -35.64 -15.98
N LEU BA 208 4.69 -34.41 -15.80
CA LEU BA 208 5.96 -33.97 -16.38
C LEU BA 208 7.13 -34.66 -15.70
N LEU BA 209 7.08 -34.77 -14.38
CA LEU BA 209 8.23 -35.29 -13.63
C LEU BA 209 8.44 -36.77 -13.84
N CYS BA 210 7.37 -37.54 -14.03
CA CYS BA 210 7.59 -38.95 -14.25
C CYS BA 210 7.98 -39.23 -15.70
N ALA BA 211 7.64 -38.32 -16.61
CA ALA BA 211 8.09 -38.50 -17.99
C ALA BA 211 9.55 -38.11 -18.14
N ILE BA 212 10.06 -37.21 -17.29
CA ILE BA 212 11.47 -36.87 -17.35
C ILE BA 212 12.29 -37.90 -16.60
N HIS BA 213 11.89 -38.20 -15.36
CA HIS BA 213 12.64 -39.15 -14.56
C HIS BA 213 12.53 -40.56 -15.14
N GLY BA 214 11.47 -40.82 -15.88
CA GLY BA 214 11.45 -42.05 -16.64
C GLY BA 214 12.44 -42.06 -17.77
N ALA BA 215 12.57 -40.95 -18.48
CA ALA BA 215 13.38 -40.90 -19.67
C ALA BA 215 14.82 -40.51 -19.40
N THR BA 216 15.17 -40.12 -18.19
CA THR BA 216 16.56 -39.80 -17.88
C THR BA 216 17.26 -40.97 -17.22
N VAL BA 217 16.57 -41.73 -16.39
CA VAL BA 217 17.14 -42.94 -15.83
C VAL BA 217 17.37 -43.95 -16.94
N GLU BA 218 16.42 -44.04 -17.87
CA GLU BA 218 16.51 -45.06 -18.89
C GLU BA 218 17.53 -44.68 -19.97
N ASN BA 219 18.01 -43.43 -19.95
CA ASN BA 219 18.99 -43.00 -20.93
C ASN BA 219 20.34 -42.67 -20.34
N THR BA 220 20.59 -42.95 -19.07
CA THR BA 220 21.92 -42.89 -18.50
C THR BA 220 22.32 -44.21 -17.87
N LEU BA 221 21.82 -45.32 -18.38
CA LEU BA 221 22.05 -46.62 -17.79
C LEU BA 221 23.49 -47.05 -17.98
N PHE BA 222 23.97 -47.92 -17.11
CA PHE BA 222 25.30 -48.45 -17.32
C PHE BA 222 25.23 -49.72 -18.16
N GLU BA 223 26.36 -50.05 -18.77
CA GLU BA 223 26.52 -51.33 -19.44
C GLU BA 223 26.73 -52.39 -18.37
N ASP BA 224 25.73 -53.23 -18.15
CA ASP BA 224 25.89 -54.36 -17.25
C ASP BA 224 25.74 -55.68 -17.97
N GLY BA 225 25.73 -55.66 -19.30
CA GLY BA 225 25.58 -56.88 -20.07
C GLY BA 225 25.94 -56.64 -21.51
N ASP BA 226 26.08 -57.74 -22.25
CA ASP BA 226 26.46 -57.65 -23.64
C ASP BA 226 25.25 -57.60 -24.55
N ALA BA 227 24.07 -57.89 -24.01
CA ALA BA 227 22.86 -57.90 -24.82
C ALA BA 227 22.41 -56.49 -25.15
N ALA BA 228 21.64 -56.37 -26.22
CA ALA BA 228 21.11 -55.06 -26.60
C ALA BA 228 19.95 -54.67 -25.71
N ASN BA 229 19.24 -55.66 -25.16
CA ASN BA 229 18.18 -55.38 -24.20
C ASN BA 229 18.78 -54.98 -22.86
N THR BA 230 18.44 -53.79 -22.40
CA THR BA 230 18.95 -53.31 -21.12
C THR BA 230 18.06 -53.69 -19.95
N PHE BA 231 16.88 -54.25 -20.19
CA PHE BA 231 16.01 -54.63 -19.09
C PHE BA 231 16.52 -55.88 -18.40
N ARG BA 232 17.31 -56.68 -19.11
CA ARG BA 232 17.77 -57.94 -18.55
C ARG BA 232 18.88 -57.75 -17.53
N ALA BA 233 19.58 -56.61 -17.60
CA ALA BA 233 20.82 -56.43 -16.86
C ALA BA 233 20.57 -55.71 -15.52
N PHE BA 234 19.69 -56.29 -14.71
CA PHE BA 234 19.44 -55.72 -13.39
C PHE BA 234 18.98 -56.83 -12.45
N THR BA 235 19.85 -57.21 -11.54
CA THR BA 235 19.39 -58.04 -10.45
C THR BA 235 18.95 -57.15 -9.30
N PRO BA 236 17.82 -57.47 -8.63
CA PRO BA 236 17.21 -56.51 -7.71
C PRO BA 236 18.01 -56.26 -6.45
N THR BA 237 18.81 -57.21 -6.00
CA THR BA 237 19.51 -57.09 -4.74
C THR BA 237 20.93 -56.56 -4.89
N GLN BA 238 21.20 -55.79 -5.94
CA GLN BA 238 22.56 -55.29 -6.13
C GLN BA 238 22.69 -53.90 -5.51
N SER BA 239 23.91 -53.61 -5.04
CA SER BA 239 24.17 -52.36 -4.35
C SER BA 239 24.71 -51.27 -5.24
N GLU BA 240 25.17 -51.62 -6.44
CA GLU BA 240 25.63 -50.60 -7.38
C GLU BA 240 24.43 -49.92 -8.01
N GLU BA 241 24.50 -48.60 -8.11
CA GLU BA 241 23.43 -47.86 -8.76
C GLU BA 241 23.41 -48.17 -10.25
N THR BA 242 22.22 -48.10 -10.83
CA THR BA 242 22.04 -48.58 -12.19
C THR BA 242 22.07 -47.46 -13.22
N TYR BA 243 22.25 -46.21 -12.81
CA TYR BA 243 22.33 -45.14 -13.78
C TYR BA 243 23.25 -44.04 -13.26
N SER BA 244 23.93 -43.37 -14.19
CA SER BA 244 24.92 -42.38 -13.82
C SER BA 244 24.26 -41.07 -13.45
N MET BA 245 24.22 -40.78 -12.15
CA MET BA 245 23.65 -39.53 -11.68
C MET BA 245 24.49 -38.33 -12.08
N VAL BA 246 25.81 -38.52 -12.15
CA VAL BA 246 26.71 -37.43 -12.52
C VAL BA 246 26.49 -37.04 -13.97
N THR BA 247 26.24 -38.03 -14.83
CA THR BA 247 25.98 -37.76 -16.23
C THR BA 247 24.66 -37.04 -16.42
N ALA BA 248 23.62 -37.51 -15.72
CA ALA BA 248 22.29 -36.95 -15.88
C ALA BA 248 22.21 -35.54 -15.32
N ASN BA 249 23.01 -35.24 -14.31
CA ASN BA 249 23.13 -33.87 -13.85
C ASN BA 249 23.84 -33.02 -14.88
N ARG BA 250 24.89 -33.56 -15.49
CA ARG BA 250 25.66 -32.82 -16.47
C ARG BA 250 24.85 -32.59 -17.73
N PHE BA 251 23.92 -33.50 -18.03
CA PHE BA 251 23.04 -33.30 -19.16
C PHE BA 251 22.11 -32.14 -18.94
N TRP BA 252 21.29 -32.20 -17.89
CA TRP BA 252 20.26 -31.18 -17.70
C TRP BA 252 20.82 -29.86 -17.26
N SER BA 253 22.03 -29.81 -16.70
CA SER BA 253 22.61 -28.53 -16.33
C SER BA 253 22.98 -27.71 -17.55
N GLN BA 254 23.14 -28.35 -18.70
CA GLN BA 254 23.44 -27.66 -19.94
C GLN BA 254 22.26 -27.54 -20.87
N ILE BA 255 21.31 -28.45 -20.81
CA ILE BA 255 20.10 -28.31 -21.60
C ILE BA 255 19.17 -27.28 -20.95
N PHE BA 256 18.75 -27.55 -19.73
CA PHE BA 256 17.73 -26.75 -19.08
C PHE BA 256 18.31 -25.65 -18.21
N GLY BA 257 19.54 -25.82 -17.74
CA GLY BA 257 20.24 -24.82 -16.98
C GLY BA 257 20.37 -25.15 -15.51
N VAL BA 258 19.42 -25.88 -14.95
CA VAL BA 258 19.45 -26.24 -13.55
C VAL BA 258 18.90 -27.66 -13.41
N ALA BA 259 19.42 -28.40 -12.44
CA ALA BA 259 19.17 -29.83 -12.42
C ALA BA 259 19.35 -30.37 -11.01
N PHE BA 260 18.70 -31.51 -10.75
CA PHE BA 260 18.82 -32.18 -9.47
C PHE BA 260 20.20 -32.76 -9.30
N SER BA 261 20.77 -32.57 -8.12
CA SER BA 261 22.01 -33.24 -7.73
C SER BA 261 21.79 -34.07 -6.48
N ASN BA 262 20.59 -34.62 -6.32
CA ASN BA 262 20.23 -35.27 -5.07
C ASN BA 262 19.07 -36.22 -5.35
N LYS BA 263 19.32 -37.52 -5.25
CA LYS BA 263 18.27 -38.52 -5.51
C LYS BA 263 17.25 -38.52 -4.40
N ARG BA 264 17.64 -38.17 -3.18
CA ARG BA 264 16.68 -38.10 -2.10
C ARG BA 264 15.78 -36.90 -2.25
N TRP BA 265 16.31 -35.79 -2.76
CA TRP BA 265 15.48 -34.62 -2.99
C TRP BA 265 14.64 -34.78 -4.24
N LEU BA 266 15.13 -35.55 -5.20
CA LEU BA 266 14.40 -35.73 -6.45
C LEU BA 266 13.12 -36.51 -6.22
N HIS BA 267 13.24 -37.68 -5.61
CA HIS BA 267 12.09 -38.52 -5.40
C HIS BA 267 11.15 -37.95 -4.36
N PHE BA 268 11.62 -37.12 -3.46
CA PHE BA 268 10.65 -36.42 -2.64
C PHE BA 268 9.91 -35.38 -3.44
N PHE BA 269 10.57 -34.76 -4.42
CA PHE BA 269 9.93 -33.73 -5.20
C PHE BA 269 8.89 -34.32 -6.16
N MET BA 270 9.04 -35.60 -6.49
CA MET BA 270 8.02 -36.30 -7.25
C MET BA 270 6.83 -36.69 -6.40
N LEU BA 271 6.91 -36.54 -5.09
CA LEU BA 271 5.79 -36.73 -4.20
C LEU BA 271 5.06 -35.43 -3.94
N PHE BA 272 5.81 -34.36 -3.77
CA PHE BA 272 5.25 -33.08 -3.36
C PHE BA 272 4.40 -32.48 -4.47
N VAL BA 273 4.89 -32.56 -5.70
CA VAL BA 273 4.22 -31.87 -6.81
C VAL BA 273 2.87 -32.47 -7.19
N PRO BA 274 2.69 -33.80 -7.30
CA PRO BA 274 1.33 -34.26 -7.60
C PRO BA 274 0.36 -34.12 -6.46
N VAL BA 275 0.83 -34.27 -5.22
CA VAL BA 275 -0.08 -34.31 -4.08
C VAL BA 275 -0.58 -32.92 -3.73
N THR BA 276 0.30 -31.91 -3.81
CA THR BA 276 -0.08 -30.53 -3.50
C THR BA 276 -1.11 -30.01 -4.48
N GLY BA 277 -1.07 -30.46 -5.73
CA GLY BA 277 -2.09 -30.08 -6.68
C GLY BA 277 -3.45 -30.67 -6.37
N LEU BA 278 -3.48 -31.75 -5.57
CA LEU BA 278 -4.75 -32.27 -5.12
C LEU BA 278 -5.20 -31.62 -3.83
N TRP BA 279 -4.28 -31.06 -3.05
CA TRP BA 279 -4.70 -30.37 -1.85
C TRP BA 279 -5.13 -28.94 -2.13
N THR BA 280 -4.41 -28.24 -3.01
CA THR BA 280 -4.79 -26.87 -3.33
C THR BA 280 -6.07 -26.83 -4.13
N SER BA 281 -6.30 -27.81 -4.99
CA SER BA 281 -7.56 -27.84 -5.72
C SER BA 281 -8.71 -28.31 -4.85
N SER BA 282 -8.41 -28.95 -3.73
CA SER BA 282 -9.45 -29.40 -2.83
C SER BA 282 -9.93 -28.27 -1.93
N ILE BA 283 -9.10 -27.26 -1.73
CA ILE BA 283 -9.49 -26.12 -0.92
C ILE BA 283 -10.49 -25.26 -1.66
N GLY BA 284 -10.37 -25.17 -2.98
CA GLY BA 284 -11.26 -24.31 -3.74
C GLY BA 284 -12.65 -24.89 -3.90
N ILE BA 285 -12.74 -26.21 -4.00
CA ILE BA 285 -14.04 -26.84 -4.21
C ILE BA 285 -14.84 -26.86 -2.91
N VAL BA 286 -14.18 -26.72 -1.77
CA VAL BA 286 -14.88 -26.44 -0.53
C VAL BA 286 -15.42 -25.01 -0.55
N GLY BA 287 -14.70 -24.09 -1.18
CA GLY BA 287 -15.22 -22.76 -1.34
C GLY BA 287 -16.30 -22.61 -2.38
N LEU BA 288 -16.60 -23.65 -3.14
CA LEU BA 288 -17.75 -23.61 -4.04
C LEU BA 288 -18.96 -24.32 -3.50
N ALA BA 289 -18.81 -25.07 -2.41
CA ALA BA 289 -19.98 -25.52 -1.69
C ALA BA 289 -20.73 -24.34 -1.09
N LEU BA 290 -20.02 -23.26 -0.79
CA LEU BA 290 -20.61 -22.09 -0.17
C LEU BA 290 -20.95 -21.02 -1.17
N ASN BA 291 -20.78 -21.32 -2.46
CA ASN BA 291 -20.89 -20.39 -3.56
C ASN BA 291 -20.00 -19.16 -3.40
N LEU BA 292 -18.83 -19.33 -2.79
CA LEU BA 292 -17.80 -18.30 -2.78
C LEU BA 292 -16.88 -18.51 -3.98
N ARG BA 293 -17.40 -18.15 -5.14
CA ARG BA 293 -16.71 -18.36 -6.40
C ARG BA 293 -15.95 -17.12 -6.81
N ALA BA 294 -14.87 -17.32 -7.57
CA ALA BA 294 -14.20 -16.22 -8.24
C ALA BA 294 -14.87 -16.00 -9.58
N TYR BA 295 -15.97 -15.26 -9.54
CA TYR BA 295 -16.81 -15.14 -10.73
C TYR BA 295 -16.35 -13.99 -11.61
N ASP BA 296 -16.16 -12.80 -11.04
CA ASP BA 296 -15.88 -11.65 -11.87
C ASP BA 296 -14.74 -10.82 -11.31
N PHE BA 297 -14.03 -10.15 -12.23
CA PHE BA 297 -13.18 -9.02 -11.89
C PHE BA 297 -14.03 -7.77 -12.05
N VAL BA 298 -14.33 -7.10 -10.93
CA VAL BA 298 -15.30 -6.03 -10.96
C VAL BA 298 -14.74 -4.82 -11.70
N SER BA 299 -13.42 -4.64 -11.69
CA SER BA 299 -12.82 -3.57 -12.49
C SER BA 299 -12.95 -3.85 -13.98
N GLN BA 300 -13.02 -5.12 -14.36
CA GLN BA 300 -13.35 -5.44 -15.74
C GLN BA 300 -14.83 -5.29 -16.01
N GLU BA 301 -15.67 -5.50 -15.00
CA GLU BA 301 -17.11 -5.49 -15.22
C GLU BA 301 -17.66 -4.07 -15.18
N LEU BA 302 -17.13 -3.23 -14.29
CA LEU BA 302 -17.57 -1.85 -14.23
C LEU BA 302 -17.15 -1.09 -15.47
N ARG BA 303 -16.02 -1.47 -16.06
CA ARG BA 303 -15.53 -0.79 -17.25
C ARG BA 303 -16.30 -1.21 -18.49
N ALA BA 304 -16.63 -2.50 -18.59
CA ALA BA 304 -17.35 -2.98 -19.77
C ALA BA 304 -18.80 -2.53 -19.75
N ALA BA 305 -19.31 -2.14 -18.59
CA ALA BA 305 -20.66 -1.58 -18.53
C ALA BA 305 -20.67 -0.13 -18.98
N GLU BA 306 -19.66 0.63 -18.60
CA GLU BA 306 -19.64 2.05 -18.94
C GLU BA 306 -19.10 2.27 -20.33
N ASP BA 307 -18.20 1.41 -20.80
CA ASP BA 307 -17.63 1.56 -22.13
C ASP BA 307 -18.12 0.40 -22.98
N PRO BA 308 -19.09 0.61 -23.87
CA PRO BA 308 -19.57 -0.51 -24.69
C PRO BA 308 -18.74 -0.72 -25.94
N GLU BA 309 -17.42 -0.65 -25.79
CA GLU BA 309 -16.46 -1.04 -26.82
C GLU BA 309 -15.34 -1.87 -26.25
N PHE BA 310 -15.17 -1.90 -24.94
CA PHE BA 310 -14.04 -2.56 -24.30
C PHE BA 310 -14.33 -4.04 -24.17
N GLU BA 311 -13.57 -4.85 -24.89
CA GLU BA 311 -13.75 -6.28 -24.89
C GLU BA 311 -12.42 -6.96 -24.63
N THR BA 312 -12.43 -7.93 -23.73
CA THR BA 312 -11.28 -8.77 -23.49
C THR BA 312 -11.67 -10.20 -23.82
N PHE BA 313 -10.75 -11.14 -23.62
CA PHE BA 313 -11.13 -12.54 -23.65
C PHE BA 313 -11.94 -12.90 -22.44
N TYR BA 314 -11.77 -12.15 -21.37
CA TYR BA 314 -12.41 -12.47 -20.11
C TYR BA 314 -13.91 -12.21 -20.16
N THR BA 315 -14.31 -11.12 -20.80
CA THR BA 315 -15.73 -10.85 -20.95
C THR BA 315 -16.34 -11.75 -22.01
N LYS BA 316 -15.51 -12.36 -22.85
CA LYS BA 316 -16.02 -13.32 -23.81
C LYS BA 316 -16.40 -14.62 -23.13
N ASN BA 317 -15.81 -14.90 -21.97
CA ASN BA 317 -16.12 -16.14 -21.27
C ASN BA 317 -17.41 -16.02 -20.48
N HIS BA 318 -17.83 -14.80 -20.16
CA HIS BA 318 -19.10 -14.64 -19.46
C HIS BA 318 -20.28 -14.90 -20.38
N LEU BA 319 -20.16 -14.50 -21.63
CA LEU BA 319 -21.23 -14.76 -22.58
C LEU BA 319 -21.28 -16.23 -22.93
N LEU BA 320 -20.16 -16.93 -22.82
CA LEU BA 320 -20.22 -18.38 -22.96
C LEU BA 320 -20.86 -19.02 -21.75
N ASP BA 321 -20.82 -18.36 -20.60
CA ASP BA 321 -21.44 -18.91 -19.40
C ASP BA 321 -22.92 -18.58 -19.30
N GLU BA 322 -23.39 -17.52 -19.96
CA GLU BA 322 -24.82 -17.32 -20.06
C GLU BA 322 -25.47 -18.40 -20.90
N GLY BA 323 -24.75 -18.91 -21.90
CA GLY BA 323 -25.27 -20.03 -22.66
C GLY BA 323 -25.30 -21.30 -21.84
N ILE BA 324 -24.35 -21.48 -20.94
CA ILE BA 324 -24.42 -22.67 -20.10
C ILE BA 324 -25.49 -22.48 -19.04
N ARG BA 325 -25.63 -21.29 -18.46
CA ARG BA 325 -26.64 -21.10 -17.42
C ARG BA 325 -28.07 -21.12 -17.93
N ALA BA 326 -28.32 -20.84 -19.20
CA ALA BA 326 -29.68 -20.77 -19.67
C ALA BA 326 -30.12 -22.02 -20.41
N TRP BA 327 -29.24 -22.60 -21.23
CA TRP BA 327 -29.68 -23.63 -22.14
C TRP BA 327 -29.77 -24.97 -21.45
N MET BA 328 -28.82 -25.30 -20.59
CA MET BA 328 -28.90 -26.61 -19.97
C MET BA 328 -29.78 -26.63 -18.74
N ALA BA 329 -29.99 -25.48 -18.09
CA ALA BA 329 -30.71 -25.45 -16.81
C ALA BA 329 -32.18 -25.80 -16.93
N ALA BA 330 -32.76 -25.75 -18.12
CA ALA BA 330 -34.10 -26.26 -18.30
C ALA BA 330 -34.16 -27.77 -18.12
N GLN BA 331 -33.23 -28.50 -18.74
CA GLN BA 331 -33.20 -29.95 -18.66
C GLN BA 331 -32.34 -30.46 -17.52
N ASP BA 332 -31.47 -29.61 -16.98
CA ASP BA 332 -30.64 -29.95 -15.83
C ASP BA 332 -31.47 -30.21 -14.59
N GLN BA 333 -32.42 -29.33 -14.30
CA GLN BA 333 -33.14 -29.30 -13.03
C GLN BA 333 -34.61 -29.44 -13.35
N PRO BA 334 -35.10 -30.67 -13.55
CA PRO BA 334 -36.53 -30.83 -13.82
C PRO BA 334 -37.39 -30.66 -12.59
N HIS BA 335 -36.79 -30.68 -11.40
CA HIS BA 335 -37.56 -30.48 -10.18
C HIS BA 335 -38.00 -29.04 -10.04
N GLU BA 336 -37.23 -28.10 -10.58
CA GLU BA 336 -37.54 -26.70 -10.37
C GLU BA 336 -38.55 -26.20 -11.37
N ASN BA 337 -38.76 -26.96 -12.45
CA ASN BA 337 -39.68 -26.68 -13.55
C ASN BA 337 -39.39 -25.32 -14.17
N PHE BA 338 -38.20 -25.18 -14.75
CA PHE BA 338 -37.89 -24.02 -15.57
C PHE BA 338 -38.60 -24.18 -16.90
N VAL BA 339 -39.60 -23.34 -17.16
CA VAL BA 339 -40.18 -23.31 -18.47
C VAL BA 339 -39.72 -22.02 -19.12
N PHE BA 340 -38.65 -22.09 -19.87
CA PHE BA 340 -38.18 -20.89 -20.55
C PHE BA 340 -38.95 -20.72 -21.85
N PRO BA 341 -39.36 -19.51 -22.20
CA PRO BA 341 -39.76 -19.23 -23.56
C PRO BA 341 -38.56 -19.30 -24.51
N GLU BA 342 -38.86 -19.35 -25.79
CA GLU BA 342 -37.82 -19.31 -26.81
C GLU BA 342 -37.16 -17.95 -26.86
N GLU BA 343 -37.88 -16.92 -26.45
CA GLU BA 343 -37.44 -15.54 -26.62
C GLU BA 343 -36.63 -15.00 -25.45
N VAL BA 344 -36.40 -15.78 -24.40
CA VAL BA 344 -35.49 -15.34 -23.35
C VAL BA 344 -34.13 -16.01 -23.46
N LEU BA 345 -34.03 -17.11 -24.19
CA LEU BA 345 -32.78 -17.83 -24.29
C LEU BA 345 -31.80 -17.02 -25.10
N PRO BA 346 -30.63 -16.68 -24.57
CA PRO BA 346 -29.67 -15.86 -25.31
C PRO BA 346 -29.07 -16.65 -26.47
N ARG BA 347 -29.45 -16.25 -27.67
CA ARG BA 347 -28.85 -16.73 -28.89
C ARG BA 347 -27.92 -15.65 -29.41
N GLY BA 348 -26.95 -16.07 -30.22
CA GLY BA 348 -26.17 -15.14 -31.00
C GLY BA 348 -26.87 -14.78 -32.28
N ASN BA 349 -26.13 -14.08 -33.14
CA ASN BA 349 -26.63 -13.73 -34.46
C ASN BA 349 -26.62 -15.00 -35.32
N ALA BA 350 -27.79 -15.39 -35.80
CA ALA BA 350 -27.96 -16.40 -36.85
C ALA BA 350 -27.44 -17.78 -36.44
N LEU BA 351 -27.49 -18.05 -35.14
CA LEU BA 351 -27.17 -19.38 -34.65
C LEU BA 351 -28.33 -19.91 -33.82
N ARG CA 9 -0.07 -73.00 -3.98
CA ARG CA 9 0.00 -73.49 -5.35
C ARG CA 9 0.11 -72.31 -6.31
N PRO CA 10 0.99 -72.43 -7.32
CA PRO CA 10 1.12 -71.36 -8.30
C PRO CA 10 -0.12 -71.25 -9.17
N PHE CA 11 -0.42 -70.04 -9.63
CA PHE CA 11 -1.67 -69.79 -10.33
C PHE CA 11 -1.67 -70.37 -11.73
N SER CA 12 -0.52 -70.35 -12.40
CA SER CA 12 -0.44 -70.85 -13.76
C SER CA 12 -0.45 -72.37 -13.79
N ASP CA 13 -0.13 -73.01 -12.67
CA ASP CA 13 -0.21 -74.46 -12.61
C ASP CA 13 -1.65 -74.93 -12.43
N ILE CA 14 -2.53 -74.02 -12.00
CA ILE CA 14 -3.92 -74.39 -11.78
C ILE CA 14 -4.67 -74.45 -13.10
N ILE CA 15 -4.58 -73.39 -13.90
CA ILE CA 15 -5.47 -73.26 -15.06
C ILE CA 15 -5.00 -74.14 -16.20
N THR CA 16 -3.77 -74.63 -16.14
CA THR CA 16 -3.30 -75.55 -17.16
C THR CA 16 -3.65 -76.99 -16.81
N SER CA 17 -4.08 -77.22 -15.58
CA SER CA 17 -4.44 -78.57 -15.17
C SER CA 17 -5.81 -78.95 -15.73
N VAL CA 18 -6.00 -80.24 -15.93
CA VAL CA 18 -7.25 -80.70 -16.53
C VAL CA 18 -8.38 -80.67 -15.51
N ARG CA 19 -8.08 -81.06 -14.26
CA ARG CA 19 -9.05 -81.12 -13.18
C ARG CA 19 -9.71 -79.78 -12.92
N TYR CA 20 -8.96 -78.70 -13.16
CA TYR CA 20 -9.55 -77.37 -13.15
C TYR CA 20 -10.63 -77.23 -14.21
N TRP CA 21 -10.33 -77.60 -15.45
CA TRP CA 21 -11.30 -77.45 -16.52
C TRP CA 21 -12.37 -78.52 -16.49
N ILE CA 22 -12.24 -79.55 -15.66
CA ILE CA 22 -13.36 -80.46 -15.47
C ILE CA 22 -14.45 -79.78 -14.67
N ILE CA 23 -14.08 -79.09 -13.59
CA ILE CA 23 -15.06 -78.46 -12.73
C ILE CA 23 -15.68 -77.25 -13.42
N HIS CA 24 -14.84 -76.37 -13.96
CA HIS CA 24 -15.33 -75.11 -14.50
C HIS CA 24 -15.85 -75.22 -15.92
N SER CA 25 -16.01 -76.43 -16.46
CA SER CA 25 -16.72 -76.56 -17.73
C SER CA 25 -18.21 -76.72 -17.49
N ILE CA 26 -18.59 -77.01 -16.25
CA ILE CA 26 -20.01 -77.08 -15.91
C ILE CA 26 -20.46 -75.79 -15.28
N THR CA 27 -19.62 -75.22 -14.40
CA THR CA 27 -20.05 -74.09 -13.58
C THR CA 27 -20.17 -72.81 -14.39
N ILE CA 28 -19.28 -72.59 -15.36
CA ILE CA 28 -19.36 -71.38 -16.17
C ILE CA 28 -20.59 -71.33 -17.06
N PRO CA 29 -20.95 -72.38 -17.83
CA PRO CA 29 -22.22 -72.27 -18.58
C PRO CA 29 -23.44 -72.32 -17.70
N SER CA 30 -23.37 -72.95 -16.53
CA SER CA 30 -24.55 -72.96 -15.66
C SER CA 30 -24.74 -71.63 -14.97
N LEU CA 31 -23.73 -70.76 -14.99
CA LEU CA 31 -23.80 -69.45 -14.36
C LEU CA 31 -23.96 -68.33 -15.37
N PHE CA 32 -23.48 -68.54 -16.59
CA PHE CA 32 -23.68 -67.56 -17.65
C PHE CA 32 -25.11 -67.60 -18.18
N VAL CA 33 -25.68 -68.80 -18.30
CA VAL CA 33 -27.06 -68.93 -18.73
C VAL CA 33 -28.01 -68.43 -17.64
N SER CA 34 -27.64 -68.58 -16.38
CA SER CA 34 -28.46 -68.01 -15.31
C SER CA 34 -28.42 -66.49 -15.33
N GLY CA 35 -27.34 -65.89 -15.84
CA GLY CA 35 -27.34 -64.47 -16.08
C GLY CA 35 -28.11 -64.07 -17.31
N TRP CA 36 -28.25 -64.98 -18.27
CA TRP CA 36 -29.12 -64.77 -19.41
C TRP CA 36 -30.58 -64.83 -18.99
N LEU CA 37 -30.95 -65.87 -18.25
CA LEU CA 37 -32.33 -66.08 -17.84
C LEU CA 37 -32.78 -65.05 -16.83
N PHE CA 38 -31.85 -64.41 -16.15
CA PHE CA 38 -32.18 -63.31 -15.25
C PHE CA 38 -32.71 -62.11 -16.00
N ILE CA 39 -32.42 -61.98 -17.27
CA ILE CA 39 -32.87 -60.86 -18.08
C ILE CA 39 -34.04 -61.24 -18.98
N SER CA 40 -33.92 -62.38 -19.67
CA SER CA 40 -34.90 -62.76 -20.68
C SER CA 40 -36.24 -63.15 -20.08
N THR CA 41 -36.26 -63.58 -18.82
CA THR CA 41 -37.50 -63.86 -18.13
C THR CA 41 -38.11 -62.63 -17.49
N GLY CA 42 -37.55 -61.46 -17.75
CA GLY CA 42 -38.13 -60.21 -17.28
C GLY CA 42 -38.04 -60.02 -15.79
N LEU CA 43 -37.06 -60.65 -15.15
CA LEU CA 43 -36.97 -60.61 -13.71
C LEU CA 43 -36.24 -59.37 -13.24
N ALA CA 44 -35.28 -58.87 -14.02
CA ALA CA 44 -34.48 -57.72 -13.62
C ALA CA 44 -35.25 -56.42 -13.64
N TYR CA 45 -36.35 -56.35 -14.37
CA TYR CA 45 -37.15 -55.15 -14.36
C TYR CA 45 -37.97 -55.01 -13.09
N ASP CA 46 -38.17 -56.09 -12.36
CA ASP CA 46 -39.02 -56.07 -11.18
C ASP CA 46 -38.24 -55.99 -9.89
N VAL CA 47 -37.02 -56.52 -9.85
CA VAL CA 47 -36.19 -56.37 -8.65
C VAL CA 47 -35.73 -54.93 -8.50
N PHE CA 48 -35.22 -54.36 -9.58
CA PHE CA 48 -34.63 -53.03 -9.51
C PHE CA 48 -35.58 -51.94 -9.94
N GLY CA 49 -36.78 -52.28 -10.41
CA GLY CA 49 -37.76 -51.28 -10.77
C GLY CA 49 -37.44 -50.48 -12.01
N THR CA 50 -36.59 -51.00 -12.87
CA THR CA 50 -36.22 -50.32 -14.09
C THR CA 50 -37.38 -50.39 -15.08
N PRO CA 51 -37.73 -49.30 -15.76
CA PRO CA 51 -38.81 -49.37 -16.74
C PRO CA 51 -38.44 -50.18 -17.96
N ARG CA 52 -39.37 -51.02 -18.38
CA ARG CA 52 -39.33 -51.65 -19.69
C ARG CA 52 -39.48 -50.59 -20.79
N PRO CA 53 -39.13 -50.92 -22.04
CA PRO CA 53 -39.40 -49.98 -23.14
C PRO CA 53 -40.86 -49.66 -23.36
N ASN CA 54 -41.79 -50.49 -22.88
CA ASN CA 54 -43.20 -50.19 -23.01
C ASN CA 54 -43.64 -49.09 -22.06
N GLU CA 55 -42.96 -48.96 -20.93
CA GLU CA 55 -43.51 -48.25 -19.77
C GLU CA 55 -42.65 -47.10 -19.29
N TYR CA 56 -41.99 -46.38 -20.19
CA TYR CA 56 -41.44 -45.09 -19.78
C TYR CA 56 -42.57 -44.09 -19.58
N PHE CA 57 -43.41 -43.96 -20.59
CA PHE CA 57 -44.62 -43.17 -20.48
C PHE CA 57 -45.81 -44.09 -20.42
N THR CA 58 -46.91 -43.57 -19.90
CA THR CA 58 -48.16 -44.29 -19.86
C THR CA 58 -49.19 -43.54 -20.68
N GLN CA 59 -50.43 -44.06 -20.66
CA GLN CA 59 -51.52 -43.37 -21.35
C GLN CA 59 -51.92 -42.11 -20.62
N ASP CA 60 -51.99 -42.18 -19.29
CA ASP CA 60 -52.33 -40.99 -18.50
C ASP CA 60 -51.13 -40.08 -18.36
N ARG CA 61 -50.07 -40.57 -17.73
CA ARG CA 61 -48.90 -39.76 -17.42
C ARG CA 61 -48.04 -39.66 -18.67
N GLN CA 62 -48.00 -38.46 -19.25
CA GLN CA 62 -47.25 -38.19 -20.47
C GLN CA 62 -46.04 -37.31 -20.21
N GLN CA 63 -45.78 -36.94 -18.98
CA GLN CA 63 -44.64 -36.12 -18.64
C GLN CA 63 -43.55 -36.99 -18.03
N VAL CA 64 -42.50 -36.34 -17.54
CA VAL CA 64 -41.39 -37.04 -16.90
C VAL CA 64 -41.72 -37.19 -15.43
N PRO CA 65 -41.72 -38.40 -14.87
CA PRO CA 65 -42.12 -38.57 -13.47
C PRO CA 65 -40.99 -38.12 -12.55
N LEU CA 66 -41.35 -37.35 -11.53
CA LEU CA 66 -40.39 -36.97 -10.53
C LEU CA 66 -40.96 -37.15 -9.14
N VAL CA 67 -40.08 -37.39 -8.21
CA VAL CA 67 -40.40 -37.44 -6.79
C VAL CA 67 -40.37 -36.04 -6.24
N ASN CA 68 -41.42 -35.65 -5.51
CA ASN CA 68 -41.54 -34.28 -5.05
C ASN CA 68 -41.85 -34.20 -3.56
N ASP CA 69 -41.45 -35.21 -2.79
CA ASP CA 69 -41.69 -35.18 -1.36
C ASP CA 69 -40.57 -35.91 -0.64
N ARG CA 70 -40.22 -35.39 0.54
CA ARG CA 70 -39.18 -36.01 1.36
C ARG CA 70 -39.63 -37.35 1.92
N PHE CA 71 -40.76 -37.39 2.62
CA PHE CA 71 -41.10 -38.55 3.43
C PHE CA 71 -42.14 -39.47 2.80
N SER CA 72 -43.05 -38.97 1.97
CA SER CA 72 -43.99 -39.83 1.27
C SER CA 72 -43.48 -40.20 -0.11
N ALA CA 73 -42.15 -40.27 -0.26
CA ALA CA 73 -41.55 -40.59 -1.55
C ALA CA 73 -41.80 -42.03 -1.94
N LYS CA 74 -41.96 -42.91 -0.94
CA LYS CA 74 -42.33 -44.28 -1.24
C LYS CA 74 -43.77 -44.34 -1.74
N GLN CA 75 -44.65 -43.53 -1.16
CA GLN CA 75 -46.05 -43.53 -1.57
C GLN CA 75 -46.23 -42.89 -2.93
N GLU CA 76 -45.41 -41.89 -3.26
CA GLU CA 76 -45.51 -41.24 -4.57
C GLU CA 76 -44.99 -42.15 -5.67
N LEU CA 77 -44.02 -43.00 -5.38
CA LEU CA 77 -43.56 -43.95 -6.38
C LEU CA 77 -44.49 -45.15 -6.48
N GLU CA 78 -45.35 -45.34 -5.49
CA GLU CA 78 -46.45 -46.30 -5.66
C GLU CA 78 -47.49 -45.74 -6.61
N ASP CA 79 -47.58 -44.42 -6.71
CA ASP CA 79 -48.50 -43.79 -7.65
C ASP CA 79 -47.99 -43.90 -9.07
N LEU CA 80 -46.73 -43.50 -9.29
CA LEU CA 80 -46.19 -43.36 -10.63
C LEU CA 80 -45.80 -44.67 -11.29
N THR CA 81 -45.92 -45.80 -10.61
CA THR CA 81 -45.55 -47.08 -11.19
C THR CA 81 -46.71 -48.05 -11.32
N LYS CA 82 -47.94 -47.64 -11.01
CA LYS CA 82 -49.07 -48.54 -11.22
C LYS CA 82 -49.55 -48.50 -12.67
N GLY CA 83 -49.81 -47.32 -13.20
CA GLY CA 83 -50.40 -47.17 -14.52
C GLY CA 83 -49.51 -47.60 -15.67
N PHE DA 16 -8.63 -70.32 3.01
CA PHE DA 16 -8.41 -70.73 1.62
C PHE DA 16 -8.93 -69.67 0.66
N ARG DA 17 -8.18 -69.49 -0.45
CA ARG DA 17 -8.35 -68.40 -1.40
C ARG DA 17 -9.47 -68.63 -2.41
N TRP DA 18 -10.23 -69.71 -2.27
CA TRP DA 18 -11.39 -69.92 -3.12
C TRP DA 18 -12.52 -68.96 -2.76
N LEU DA 19 -12.46 -68.36 -1.57
CA LEU DA 19 -13.44 -67.34 -1.21
C LEU DA 19 -12.99 -65.96 -1.65
N ALA DA 20 -11.73 -65.83 -2.05
CA ALA DA 20 -11.20 -64.52 -2.37
C ALA DA 20 -11.42 -64.16 -3.83
N ILE DA 21 -11.28 -65.13 -4.72
CA ILE DA 21 -11.40 -64.91 -6.15
C ILE DA 21 -12.87 -64.96 -6.54
N HIS DA 22 -13.56 -66.00 -6.05
CA HIS DA 22 -14.92 -66.30 -6.46
C HIS DA 22 -15.93 -65.38 -5.83
N GLY DA 23 -15.51 -64.48 -4.95
CA GLY DA 23 -16.35 -63.36 -4.59
C GLY DA 23 -16.32 -62.27 -5.62
N LEU DA 24 -15.34 -62.31 -6.52
CA LEU DA 24 -15.20 -61.34 -7.58
C LEU DA 24 -15.51 -61.92 -8.95
N ALA DA 25 -15.34 -63.22 -9.15
CA ALA DA 25 -15.52 -63.84 -10.46
C ALA DA 25 -16.90 -64.43 -10.67
N ILE DA 26 -17.51 -65.01 -9.64
CA ILE DA 26 -18.87 -65.52 -9.73
C ILE DA 26 -19.86 -64.38 -10.00
N PRO DA 27 -19.77 -63.18 -9.40
CA PRO DA 27 -20.59 -62.07 -9.92
C PRO DA 27 -20.27 -61.68 -11.35
N THR DA 28 -18.99 -61.62 -11.74
CA THR DA 28 -18.61 -61.03 -13.03
C THR DA 28 -19.15 -61.82 -14.21
N VAL DA 29 -19.15 -63.15 -14.11
CA VAL DA 29 -19.72 -63.96 -15.18
C VAL DA 29 -21.25 -63.85 -15.15
N PHE DA 30 -21.83 -63.60 -13.98
CA PHE DA 30 -23.28 -63.48 -13.91
C PHE DA 30 -23.76 -62.19 -14.54
N PHE DA 31 -23.02 -61.09 -14.37
CA PHE DA 31 -23.43 -59.85 -15.00
C PHE DA 31 -23.17 -59.88 -16.50
N LEU DA 32 -22.09 -60.54 -16.94
CA LEU DA 32 -21.85 -60.67 -18.37
C LEU DA 32 -22.86 -61.58 -19.05
N GLY DA 33 -23.50 -62.47 -18.29
CA GLY DA 33 -24.65 -63.16 -18.80
C GLY DA 33 -25.83 -62.25 -19.04
N GLY DA 34 -25.86 -61.12 -18.33
CA GLY DA 34 -26.93 -60.16 -18.55
C GLY DA 34 -26.58 -59.12 -19.58
N ILE DA 35 -25.31 -58.79 -19.72
CA ILE DA 35 -24.94 -57.76 -20.69
C ILE DA 35 -24.98 -58.31 -22.11
N THR DA 36 -24.73 -59.60 -22.31
CA THR DA 36 -24.98 -60.20 -23.61
C THR DA 36 -26.45 -60.35 -23.92
N ALA DA 37 -27.31 -60.45 -22.92
CA ALA DA 37 -28.73 -60.56 -23.19
C ALA DA 37 -29.34 -59.22 -23.53
N MET DA 38 -28.74 -58.13 -23.10
CA MET DA 38 -29.27 -56.81 -23.37
C MET DA 38 -28.90 -56.30 -24.74
N GLN DA 39 -28.01 -56.99 -25.45
CA GLN DA 39 -27.71 -56.59 -26.81
C GLN DA 39 -28.84 -57.00 -27.74
N PHE DA 40 -29.58 -58.04 -27.36
CA PHE DA 40 -30.60 -58.59 -28.24
C PHE DA 40 -31.98 -58.13 -27.84
N ILE DA 41 -32.08 -57.32 -26.79
CA ILE DA 41 -33.35 -56.72 -26.44
C ILE DA 41 -33.56 -55.47 -27.27
N GLN DA 42 -34.71 -55.37 -27.92
CA GLN DA 42 -35.09 -54.14 -28.61
C GLN DA 42 -36.47 -53.76 -28.13
N ARG DA 43 -36.87 -52.53 -28.46
CA ARG DA 43 -38.10 -51.84 -28.06
C ARG DA 43 -39.37 -52.63 -27.68
N ALA EA 2 16.20 -27.71 37.39
CA ALA EA 2 16.61 -27.90 38.77
C ALA EA 2 16.67 -26.59 39.51
N LEU EA 3 15.52 -25.93 39.65
CA LEU EA 3 15.37 -24.72 40.43
C LEU EA 3 14.09 -24.83 41.23
N ARG EA 4 14.21 -25.01 42.53
CA ARG EA 4 13.03 -25.15 43.38
C ARG EA 4 12.33 -23.81 43.53
N THR EA 5 11.06 -23.77 43.14
CA THR EA 5 10.22 -22.61 43.39
C THR EA 5 9.08 -23.04 44.29
N ARG EA 6 8.42 -22.05 44.90
CA ARG EA 6 7.37 -22.35 45.86
C ARG EA 6 6.14 -22.90 45.16
N LEU EA 7 5.86 -22.44 43.95
CA LEU EA 7 4.78 -23.06 43.19
C LEU EA 7 5.21 -24.41 42.63
N GLY EA 8 6.51 -24.59 42.42
CA GLY EA 8 7.00 -25.87 41.94
C GLY EA 8 6.91 -26.95 43.00
N GLU EA 9 6.95 -26.57 44.28
CA GLU EA 9 6.89 -27.55 45.35
C GLU EA 9 5.49 -28.10 45.51
N ILE EA 10 4.47 -27.31 45.19
CA ILE EA 10 3.10 -27.76 45.35
C ILE EA 10 2.74 -28.76 44.28
N LEU EA 11 3.05 -28.44 43.03
CA LEU EA 11 2.65 -29.26 41.90
C LEU EA 11 3.54 -30.46 41.69
N ARG EA 12 4.62 -30.58 42.44
CA ARG EA 12 5.60 -31.65 42.27
C ARG EA 12 5.05 -33.07 42.40
N PRO EA 13 4.12 -33.40 43.32
CA PRO EA 13 3.59 -34.78 43.30
C PRO EA 13 2.71 -35.10 42.11
N LEU EA 14 2.29 -34.10 41.34
CA LEU EA 14 1.49 -34.38 40.16
C LEU EA 14 2.37 -34.83 39.02
N ASN EA 15 3.63 -34.43 39.02
CA ASN EA 15 4.55 -34.83 37.97
C ASN EA 15 5.53 -35.89 38.45
N ALA EA 16 5.47 -36.26 39.73
CA ALA EA 16 6.49 -37.16 40.31
C ALA EA 16 6.35 -38.57 39.75
N GLU EA 17 5.14 -38.95 39.40
CA GLU EA 17 4.92 -40.20 38.71
C GLU EA 17 5.19 -39.98 37.24
N TYR EA 18 5.86 -40.95 36.59
CA TYR EA 18 6.07 -40.88 35.15
C TYR EA 18 6.27 -42.29 34.63
N GLY EA 19 5.29 -42.80 33.89
CA GLY EA 19 5.44 -44.07 33.25
C GLY EA 19 5.05 -45.27 34.07
N LYS EA 20 4.43 -45.09 35.22
CA LYS EA 20 3.82 -46.22 35.90
C LYS EA 20 2.58 -46.66 35.12
N VAL EA 21 2.45 -47.96 34.90
CA VAL EA 21 1.34 -48.50 34.14
C VAL EA 21 0.61 -49.51 35.00
N ALA EA 22 -0.64 -49.75 34.63
CA ALA EA 22 -1.40 -50.85 35.21
C ALA EA 22 -1.02 -52.11 34.45
N PRO EA 23 -0.55 -53.16 35.10
CA PRO EA 23 -0.05 -54.31 34.35
C PRO EA 23 -1.18 -55.13 33.76
N GLY EA 24 -1.05 -55.46 32.48
CA GLY EA 24 -2.04 -56.27 31.80
C GLY EA 24 -2.90 -55.47 30.87
N TRP EA 25 -4.12 -55.99 30.66
CA TRP EA 25 -5.06 -55.30 29.80
C TRP EA 25 -5.79 -54.19 30.53
N GLY EA 26 -5.97 -54.35 31.83
CA GLY EA 26 -6.45 -53.24 32.64
C GLY EA 26 -7.90 -52.91 32.38
N THR EA 27 -8.18 -51.61 32.30
CA THR EA 27 -9.52 -51.10 32.05
C THR EA 27 -9.76 -50.85 30.57
N THR EA 28 -9.14 -51.62 29.70
CA THR EA 28 -9.41 -51.47 28.26
C THR EA 28 -10.79 -51.98 27.86
N PRO EA 29 -11.31 -53.13 28.34
CA PRO EA 29 -12.69 -53.47 27.96
C PRO EA 29 -13.75 -52.56 28.54
N ILE EA 30 -13.44 -51.81 29.58
CA ILE EA 30 -14.40 -50.83 30.08
C ILE EA 30 -14.44 -49.64 29.12
N MET EA 31 -13.30 -49.30 28.53
CA MET EA 31 -13.22 -48.17 27.62
C MET EA 31 -13.98 -48.43 26.32
N GLY EA 32 -13.86 -49.64 25.78
CA GLY EA 32 -14.50 -49.94 24.51
C GLY EA 32 -16.01 -49.95 24.59
N ILE EA 33 -16.55 -50.31 25.74
CA ILE EA 33 -18.00 -50.24 25.93
C ILE EA 33 -18.44 -48.79 25.98
N VAL EA 34 -17.58 -47.89 26.45
CA VAL EA 34 -17.88 -46.48 26.37
C VAL EA 34 -17.75 -45.99 24.93
N MET EA 35 -16.75 -46.49 24.19
CA MET EA 35 -16.54 -46.03 22.83
C MET EA 35 -17.59 -46.58 21.88
N LEU EA 36 -18.03 -47.82 22.10
CA LEU EA 36 -19.18 -48.33 21.36
C LEU EA 36 -20.43 -47.54 21.68
N ALA EA 37 -20.56 -47.04 22.91
CA ALA EA 37 -21.73 -46.26 23.28
C ALA EA 37 -21.67 -44.88 22.66
N PHE EA 38 -20.49 -44.28 22.62
CA PHE EA 38 -20.37 -42.93 22.07
C PHE EA 38 -20.46 -42.94 20.55
N LEU EA 39 -20.20 -44.09 19.94
CA LEU EA 39 -20.42 -44.22 18.51
C LEU EA 39 -21.91 -44.24 18.21
N ILE EA 40 -22.70 -44.91 19.04
CA ILE EA 40 -24.14 -44.95 18.84
C ILE EA 40 -24.76 -43.60 19.12
N PHE EA 41 -24.18 -42.84 20.05
CA PHE EA 41 -24.71 -41.52 20.37
C PHE EA 41 -24.54 -40.55 19.22
N LEU EA 42 -23.43 -40.63 18.50
CA LEU EA 42 -23.20 -39.70 17.40
C LEU EA 42 -24.05 -40.05 16.20
N VAL EA 43 -24.34 -41.34 16.01
CA VAL EA 43 -25.22 -41.76 14.92
C VAL EA 43 -26.63 -41.26 15.16
N ILE EA 44 -27.08 -41.27 16.41
CA ILE EA 44 -28.46 -40.90 16.71
C ILE EA 44 -28.69 -39.41 16.54
N ILE EA 45 -27.78 -38.58 17.06
CA ILE EA 45 -28.03 -37.14 17.01
C ILE EA 45 -27.76 -36.57 15.62
N LEU EA 46 -27.05 -37.32 14.78
CA LEU EA 46 -26.94 -36.93 13.39
C LEU EA 46 -28.23 -37.24 12.64
N GLN EA 47 -28.86 -38.36 12.96
CA GLN EA 47 -30.04 -38.74 12.22
C GLN EA 47 -31.27 -37.99 12.69
N ILE EA 48 -31.25 -37.48 13.92
CA ILE EA 48 -32.27 -36.53 14.35
C ILE EA 48 -32.17 -35.26 13.54
N TYR EA 49 -30.94 -34.78 13.36
CA TYR EA 49 -30.67 -33.53 12.65
C TYR EA 49 -30.94 -33.63 11.17
N ASN EA 50 -30.76 -34.82 10.61
CA ASN EA 50 -30.91 -35.09 9.19
C ASN EA 50 -32.35 -35.33 8.81
N SER EA 51 -33.26 -35.35 9.80
CA SER EA 51 -34.63 -35.82 9.68
C SER EA 51 -34.72 -37.22 9.09
N SER EA 52 -33.75 -38.07 9.39
CA SER EA 52 -33.82 -39.48 9.04
C SER EA 52 -34.09 -40.35 10.25
N LEU EA 53 -34.40 -39.74 11.38
CA LEU EA 53 -34.85 -40.44 12.58
C LEU EA 53 -35.86 -39.53 13.25
N ILE EA 54 -37.14 -39.83 13.10
CA ILE EA 54 -38.20 -38.95 13.55
C ILE EA 54 -38.62 -39.35 14.95
N ILE EA 55 -38.52 -38.41 15.88
CA ILE EA 55 -38.96 -38.59 17.25
C ILE EA 55 -40.23 -37.76 17.44
N GLU EA 56 -41.22 -38.35 18.10
CA GLU EA 56 -42.48 -37.65 18.34
C GLU EA 56 -42.26 -36.45 19.23
N ASN EA 57 -42.88 -35.32 18.84
CA ASN EA 57 -42.76 -34.01 19.49
C ASN EA 57 -41.32 -33.51 19.51
N VAL EA 58 -40.56 -33.87 18.48
CA VAL EA 58 -39.26 -33.26 18.19
C VAL EA 58 -39.25 -32.88 16.72
N ASP EA 59 -39.30 -31.59 16.42
CA ASP EA 59 -39.33 -31.09 15.06
C ASP EA 59 -38.10 -30.24 14.83
N VAL EA 60 -37.29 -30.61 13.83
CA VAL EA 60 -36.09 -29.87 13.52
C VAL EA 60 -36.50 -28.74 12.59
N ASP EA 61 -36.77 -27.58 13.18
CA ASP EA 61 -37.13 -26.38 12.46
C ASP EA 61 -36.87 -25.22 13.40
N TRP EA 62 -36.81 -24.01 12.84
CA TRP EA 62 -36.63 -22.82 13.65
C TRP EA 62 -37.82 -22.63 14.57
N ALA EA 63 -37.59 -22.78 15.86
CA ALA EA 63 -38.65 -22.77 16.85
C ALA EA 63 -38.69 -21.44 17.57
N ASN EA 64 -39.87 -21.11 18.10
CA ASN EA 64 -40.08 -19.87 18.85
C ASN EA 64 -39.39 -19.97 20.19
N GLY EA 65 -38.14 -19.53 20.26
CA GLY EA 65 -37.53 -19.27 21.54
C GLY EA 65 -38.24 -18.11 22.23
N ILE EA 66 -38.29 -18.16 23.55
CA ILE EA 66 -39.12 -17.23 24.30
C ILE EA 66 -38.54 -15.84 24.22
N VAL EA 67 -39.36 -14.87 23.84
CA VAL EA 67 -38.91 -13.48 23.87
C VAL EA 67 -39.77 -12.70 24.85
N MET FA 1 9.13 -3.61 -44.26
CA MET FA 1 8.64 -2.89 -45.42
C MET FA 1 9.77 -2.69 -46.41
N LEU FA 2 10.31 -3.81 -46.91
CA LEU FA 2 11.29 -3.96 -47.98
C LEU FA 2 12.68 -3.46 -47.63
N THR FA 3 12.87 -2.81 -46.50
CA THR FA 3 14.17 -2.62 -45.92
C THR FA 3 14.37 -3.55 -44.74
N LEU FA 4 13.34 -3.75 -43.94
CA LEU FA 4 13.30 -4.80 -42.94
C LEU FA 4 13.36 -6.18 -43.56
N LYS FA 5 12.75 -6.35 -44.73
CA LYS FA 5 12.67 -7.66 -45.36
C LYS FA 5 14.04 -8.16 -45.77
N ILE FA 6 14.87 -7.27 -46.29
CA ILE FA 6 16.26 -7.58 -46.62
C ILE FA 6 17.01 -8.04 -45.37
N LEU FA 7 16.71 -7.44 -44.23
CA LEU FA 7 17.44 -7.73 -43.01
C LEU FA 7 17.10 -9.11 -42.48
N VAL FA 8 15.91 -9.62 -42.81
CA VAL FA 8 15.50 -10.90 -42.24
C VAL FA 8 16.12 -12.05 -43.02
N TYR FA 9 16.15 -11.94 -44.35
CA TYR FA 9 16.73 -13.00 -45.17
C TYR FA 9 18.24 -13.11 -44.99
N THR FA 10 18.89 -12.01 -44.58
CA THR FA 10 20.26 -12.13 -44.11
C THR FA 10 20.33 -13.00 -42.87
N THR FA 11 19.51 -12.68 -41.87
CA THR FA 11 19.61 -13.33 -40.57
C THR FA 11 19.13 -14.77 -40.63
N VAL FA 12 18.14 -15.08 -41.48
CA VAL FA 12 17.68 -16.46 -41.58
C VAL FA 12 18.75 -17.34 -42.20
N ILE FA 13 19.18 -17.02 -43.42
CA ILE FA 13 20.15 -17.87 -44.11
C ILE FA 13 21.57 -17.63 -43.62
N PHE FA 14 21.78 -16.75 -42.66
CA PHE FA 14 23.00 -16.87 -41.90
C PHE FA 14 22.94 -18.08 -40.98
N PHE FA 15 21.90 -18.18 -40.16
CA PHE FA 15 21.87 -19.26 -39.18
C PHE FA 15 21.45 -20.58 -39.80
N VAL FA 16 20.67 -20.55 -40.87
CA VAL FA 16 20.33 -21.79 -41.56
C VAL FA 16 21.57 -22.37 -42.21
N SER FA 17 22.45 -21.52 -42.73
CA SER FA 17 23.68 -22.03 -43.32
C SER FA 17 24.65 -22.53 -42.28
N LEU FA 18 24.62 -21.98 -41.06
CA LEU FA 18 25.39 -22.55 -39.98
C LEU FA 18 24.85 -23.90 -39.56
N PHE FA 19 23.56 -24.10 -39.73
CA PHE FA 19 22.95 -25.38 -39.42
C PHE FA 19 23.29 -26.41 -40.49
N ILE FA 20 23.16 -26.01 -41.75
CA ILE FA 20 23.39 -26.91 -42.87
C ILE FA 20 24.86 -27.32 -42.93
N PHE FA 21 25.75 -26.36 -42.86
CA PHE FA 21 27.17 -26.67 -42.87
C PHE FA 21 27.70 -27.02 -41.49
N GLY FA 22 26.84 -27.19 -40.51
CA GLY FA 22 27.31 -27.72 -39.26
C GLY FA 22 27.34 -29.22 -39.28
N PHE FA 23 26.27 -29.83 -39.80
CA PHE FA 23 26.23 -31.28 -39.86
C PHE FA 23 26.98 -31.85 -41.05
N LEU FA 24 27.32 -31.04 -42.02
CA LEU FA 24 28.25 -31.47 -43.04
C LEU FA 24 29.69 -31.44 -42.54
N SER FA 25 29.95 -30.85 -41.38
CA SER FA 25 31.29 -30.75 -40.84
C SER FA 25 31.71 -31.98 -40.06
N SER FA 26 31.57 -33.16 -40.66
CA SER FA 26 31.95 -34.46 -40.10
C SER FA 26 31.35 -34.67 -38.72
N ASP FA 27 30.08 -34.34 -38.62
CA ASP FA 27 29.37 -34.33 -37.34
C ASP FA 27 29.16 -35.68 -36.65
N PRO FA 28 28.99 -36.82 -37.35
CA PRO FA 28 29.00 -38.08 -36.61
C PRO FA 28 30.29 -38.39 -35.89
N SER FA 29 31.42 -37.86 -36.35
CA SER FA 29 32.68 -38.20 -35.71
C SER FA 29 32.92 -37.45 -34.41
N ARG FA 30 32.02 -36.55 -34.02
CA ARG FA 30 32.21 -35.74 -32.81
C ARG FA 30 31.48 -36.39 -31.65
N ASN FA 31 32.05 -37.46 -31.14
CA ASN FA 31 31.46 -38.22 -30.07
C ASN FA 31 32.52 -38.44 -28.99
N PRO FA 32 32.16 -38.84 -27.77
CA PRO FA 32 33.20 -39.14 -26.78
C PRO FA 32 33.83 -40.51 -26.93
N ASN FA 33 33.50 -41.26 -27.96
CA ASN FA 33 34.10 -42.58 -28.14
C ASN FA 33 35.53 -42.45 -28.65
N ARG FA 34 35.70 -41.85 -29.83
CA ARG FA 34 37.01 -41.66 -30.43
C ARG FA 34 36.93 -40.41 -31.28
N LYS FA 35 37.93 -39.53 -31.13
CA LYS FA 35 38.06 -38.28 -31.87
C LYS FA 35 36.85 -37.36 -31.74
N ARG GA 6 -2.45 -81.88 -18.19
CA ARG GA 6 -1.61 -80.75 -18.59
C ARG GA 6 -2.06 -80.17 -19.91
N ILE GA 7 -2.27 -78.85 -19.93
CA ILE GA 7 -2.66 -78.13 -21.14
C ILE GA 7 -1.59 -77.06 -21.39
N PRO GA 8 -1.11 -76.89 -22.62
CA PRO GA 8 -0.20 -75.78 -22.92
C PRO GA 8 -0.89 -74.44 -22.67
N LEU GA 9 -0.12 -73.52 -22.07
CA LEU GA 9 -0.68 -72.27 -21.59
C LEU GA 9 -1.11 -71.36 -22.74
N TRP GA 10 -0.45 -71.47 -23.89
CA TRP GA 10 -0.79 -70.61 -25.02
C TRP GA 10 -2.10 -71.04 -25.65
N LEU GA 11 -2.48 -72.32 -25.50
CA LEU GA 11 -3.82 -72.73 -25.93
C LEU GA 11 -4.88 -72.13 -25.03
N VAL GA 12 -4.57 -71.92 -23.75
CA VAL GA 12 -5.53 -71.35 -22.83
C VAL GA 12 -5.74 -69.86 -23.13
N GLY GA 13 -4.66 -69.14 -23.42
CA GLY GA 13 -4.79 -67.73 -23.75
C GLY GA 13 -5.36 -67.51 -25.14
N LEU GA 14 -5.28 -68.53 -26.00
CA LEU GA 14 -5.87 -68.42 -27.32
C LEU GA 14 -7.40 -68.54 -27.23
N VAL GA 15 -7.88 -69.56 -26.53
CA VAL GA 15 -9.32 -69.81 -26.48
C VAL GA 15 -10.03 -68.74 -25.66
N GLY GA 16 -9.43 -68.34 -24.54
CA GLY GA 16 -10.00 -67.24 -23.78
C GLY GA 16 -9.83 -65.91 -24.47
N GLY GA 17 -8.77 -65.77 -25.28
CA GLY GA 17 -8.52 -64.51 -25.95
C GLY GA 17 -9.49 -64.25 -27.09
N LEU GA 18 -9.85 -65.30 -27.82
CA LEU GA 18 -10.88 -65.13 -28.84
C LEU GA 18 -12.27 -65.14 -28.22
N ALA GA 19 -12.41 -65.66 -27.00
CA ALA GA 19 -13.68 -65.56 -26.29
C ALA GA 19 -13.98 -64.12 -25.92
N VAL GA 20 -12.96 -63.33 -25.58
CA VAL GA 20 -13.14 -61.91 -25.28
C VAL GA 20 -13.55 -61.15 -26.54
N ILE GA 21 -12.98 -61.52 -27.69
CA ILE GA 21 -13.34 -60.87 -28.95
C ILE GA 21 -14.78 -61.17 -29.32
N THR GA 22 -15.26 -62.38 -29.01
CA THR GA 22 -16.67 -62.66 -29.17
C THR GA 22 -17.53 -61.92 -28.15
N MET GA 23 -16.94 -61.46 -27.05
CA MET GA 23 -17.70 -60.65 -26.10
C MET GA 23 -17.66 -59.18 -26.47
N LEU GA 24 -16.49 -58.68 -26.89
CA LEU GA 24 -16.35 -57.26 -27.20
C LEU GA 24 -17.10 -56.90 -28.47
N SER GA 25 -16.88 -57.66 -29.54
CA SER GA 25 -17.57 -57.40 -30.81
C SER GA 25 -19.05 -57.64 -30.70
N LEU GA 26 -19.49 -58.42 -29.71
CA LEU GA 26 -20.91 -58.50 -29.43
C LEU GA 26 -21.44 -57.21 -28.84
N PHE GA 27 -20.61 -56.49 -28.09
CA PHE GA 27 -21.04 -55.23 -27.49
C PHE GA 27 -21.06 -54.11 -28.52
N PHE GA 28 -20.13 -54.15 -29.48
CA PHE GA 28 -20.16 -53.16 -30.55
C PHE GA 28 -21.23 -53.50 -31.57
N TYR GA 29 -21.72 -54.73 -31.55
CA TYR GA 29 -22.87 -55.08 -32.37
C TYR GA 29 -24.11 -54.36 -31.88
N GLY GA 30 -24.39 -54.43 -30.59
CA GLY GA 30 -25.62 -53.88 -30.07
C GLY GA 30 -25.59 -52.38 -29.89
N SER GA 31 -24.50 -51.73 -30.32
CA SER GA 31 -24.53 -50.29 -30.48
C SER GA 31 -25.28 -49.91 -31.74
N TYR GA 32 -25.37 -50.83 -32.69
CA TYR GA 32 -26.05 -50.58 -33.96
C TYR GA 32 -27.35 -51.35 -34.09
N SER GA 33 -27.82 -51.98 -33.03
CA SER GA 33 -29.06 -52.72 -33.07
C SER GA 33 -29.62 -52.81 -31.67
N GLY GA 34 -30.92 -52.98 -31.58
CA GLY GA 34 -31.54 -53.14 -30.28
C GLY GA 34 -31.71 -51.81 -29.59
N LEU GA 35 -31.52 -51.80 -28.27
CA LEU GA 35 -31.70 -50.59 -27.51
C LEU GA 35 -30.46 -49.70 -27.63
N GLY GA 36 -30.68 -48.39 -27.55
CA GLY GA 36 -29.58 -47.46 -27.64
C GLY GA 36 -28.96 -47.35 -29.00
N SER GA 37 -29.69 -47.72 -30.05
CA SER GA 37 -29.18 -47.69 -31.40
C SER GA 37 -29.74 -46.56 -32.25
N SER GA 38 -30.74 -45.84 -31.73
CA SER GA 38 -31.43 -44.74 -32.42
C SER GA 38 -32.03 -45.17 -33.75
N LEU GA 39 -32.54 -46.39 -33.81
CA LEU GA 39 -33.16 -46.86 -35.03
C LEU GA 39 -34.64 -46.49 -35.06
N ARG HA 8 -23.92 -53.95 -56.32
CA ARG HA 8 -23.06 -54.92 -55.65
C ARG HA 8 -22.15 -55.57 -56.69
N LEU HA 9 -21.52 -56.71 -56.35
CA LEU HA 9 -20.68 -57.53 -57.22
C LEU HA 9 -21.42 -57.95 -58.49
N PRO HA 10 -20.72 -58.31 -59.56
CA PRO HA 10 -21.39 -58.84 -60.76
C PRO HA 10 -22.16 -60.12 -60.46
N GLU HA 11 -23.06 -60.45 -61.38
CA GLU HA 11 -24.09 -61.47 -61.11
C GLU HA 11 -23.48 -62.86 -60.97
N ALA HA 12 -22.31 -63.08 -61.56
CA ALA HA 12 -21.63 -64.35 -61.37
C ALA HA 12 -20.91 -64.39 -60.03
N TYR HA 13 -20.96 -63.32 -59.25
CA TYR HA 13 -20.21 -63.22 -58.02
C TYR HA 13 -21.05 -62.75 -56.85
N VAL HA 14 -22.37 -62.77 -56.97
CA VAL HA 14 -23.21 -62.28 -55.88
C VAL HA 14 -23.30 -63.33 -54.79
N VAL HA 15 -22.89 -64.56 -55.09
CA VAL HA 15 -22.94 -65.70 -54.19
C VAL HA 15 -21.96 -65.49 -53.04
N PHE HA 16 -20.78 -64.95 -53.37
CA PHE HA 16 -19.69 -64.83 -52.42
C PHE HA 16 -19.71 -63.51 -51.67
N SER HA 17 -20.84 -62.82 -51.66
CA SER HA 17 -20.93 -61.57 -50.92
C SER HA 17 -20.74 -61.68 -49.40
N PRO HA 18 -21.03 -62.80 -48.71
CA PRO HA 18 -20.59 -62.85 -47.31
C PRO HA 18 -19.09 -63.00 -47.12
N ILE HA 19 -18.41 -63.74 -47.99
CA ILE HA 19 -16.99 -64.04 -47.79
C ILE HA 19 -16.15 -62.80 -48.03
N VAL HA 20 -16.54 -61.97 -48.99
CA VAL HA 20 -15.84 -60.74 -49.31
C VAL HA 20 -15.91 -59.73 -48.17
N ASP HA 21 -17.00 -59.75 -47.40
CA ASP HA 21 -17.16 -58.82 -46.29
C ASP HA 21 -16.14 -59.07 -45.18
N VAL HA 22 -15.69 -60.31 -45.04
CA VAL HA 22 -14.70 -60.64 -44.03
C VAL HA 22 -13.30 -60.24 -44.47
N LEU HA 23 -13.06 -60.13 -45.77
CA LEU HA 23 -11.71 -60.04 -46.31
C LEU HA 23 -10.85 -58.85 -45.88
N PRO HA 24 -11.37 -57.61 -45.74
CA PRO HA 24 -10.46 -56.55 -45.26
C PRO HA 24 -10.02 -56.73 -43.82
N ILE HA 25 -10.76 -57.49 -43.01
CA ILE HA 25 -10.38 -57.69 -41.62
C ILE HA 25 -9.12 -58.53 -41.51
N ILE HA 26 -8.88 -59.40 -42.48
CA ILE HA 26 -7.82 -60.42 -42.48
C ILE HA 26 -6.41 -59.86 -42.29
N PRO HA 27 -6.03 -58.69 -42.83
CA PRO HA 27 -4.74 -58.10 -42.42
C PRO HA 27 -4.59 -57.79 -40.94
N VAL HA 28 -5.66 -57.51 -40.19
CA VAL HA 28 -5.50 -57.39 -38.74
C VAL HA 28 -5.14 -58.73 -38.14
N PHE HA 29 -5.67 -59.81 -38.71
CA PHE HA 29 -5.42 -61.15 -38.20
C PHE HA 29 -3.98 -61.61 -38.38
N PHE HA 30 -3.21 -60.96 -39.25
CA PHE HA 30 -1.79 -61.26 -39.32
C PHE HA 30 -1.01 -60.61 -38.21
N LEU HA 31 -1.50 -59.48 -37.70
CA LEU HA 31 -0.84 -58.87 -36.55
C LEU HA 31 -1.01 -59.72 -35.32
N LEU HA 32 -2.20 -60.27 -35.14
CA LEU HA 32 -2.46 -61.16 -34.02
C LEU HA 32 -1.84 -62.53 -34.23
N LEU HA 33 -1.54 -62.90 -35.48
CA LEU HA 33 -0.90 -64.18 -35.74
C LEU HA 33 0.54 -64.19 -35.27
N ALA HA 34 1.18 -63.01 -35.20
CA ALA HA 34 2.54 -62.95 -34.70
C ALA HA 34 2.59 -63.24 -33.21
N PHE HA 35 1.66 -62.67 -32.45
CA PHE HA 35 1.66 -62.86 -31.00
C PHE HA 35 1.25 -64.28 -30.64
N VAL HA 36 0.31 -64.86 -31.37
CA VAL HA 36 -0.05 -66.27 -31.18
C VAL HA 36 1.13 -67.16 -31.48
N TRP HA 37 1.90 -66.80 -32.50
CA TRP HA 37 3.09 -67.57 -32.79
C TRP HA 37 4.18 -67.34 -31.74
N GLN HA 38 4.25 -66.15 -31.17
CA GLN HA 38 5.20 -65.96 -30.08
C GLN HA 38 4.75 -66.63 -28.80
N ALA HA 39 3.46 -66.83 -28.60
CA ALA HA 39 3.02 -67.55 -27.42
C ALA HA 39 3.34 -69.03 -27.55
N ALA HA 40 3.12 -69.60 -28.73
CA ALA HA 40 3.32 -71.02 -28.93
C ALA HA 40 4.79 -71.39 -28.97
N ILE HA 41 5.67 -70.43 -29.24
CA ILE HA 41 7.08 -70.71 -29.27
C ILE HA 41 7.60 -70.51 -27.84
N GLY HA 42 6.76 -69.94 -26.99
CA GLY HA 42 7.15 -69.74 -25.61
C GLY HA 42 7.90 -68.45 -25.40
N PHE HA 43 7.70 -67.48 -26.30
CA PHE HA 43 8.34 -66.17 -26.27
C PHE HA 43 9.86 -66.27 -26.26
N ARG HA 44 10.39 -67.27 -26.94
CA ARG HA 44 11.83 -67.44 -26.99
C ARG HA 44 12.35 -67.44 -28.43
N MET IA 1 17.83 -15.65 35.38
CA MET IA 1 17.96 -16.69 34.36
C MET IA 1 18.23 -18.04 34.99
N THR IA 2 18.28 -19.05 34.13
CA THR IA 2 18.82 -20.35 34.48
C THR IA 2 19.90 -20.68 33.46
N GLY IA 3 20.34 -21.93 33.44
CA GLY IA 3 21.45 -22.35 32.60
C GLY IA 3 21.17 -22.27 31.11
N PRO IA 4 22.19 -22.56 30.30
CA PRO IA 4 22.00 -22.57 28.85
C PRO IA 4 21.24 -23.81 28.41
N ASN IA 5 20.36 -23.64 27.44
CA ASN IA 5 19.52 -24.74 26.99
C ASN IA 5 20.35 -25.71 26.15
N PRO IA 6 20.36 -27.00 26.48
CA PRO IA 6 21.01 -27.97 25.58
C PRO IA 6 20.23 -28.29 24.31
N ASN IA 7 19.06 -27.70 24.13
CA ASN IA 7 18.27 -27.87 22.92
C ASN IA 7 18.49 -26.76 21.92
N LYS IA 8 19.59 -26.02 22.01
CA LYS IA 8 19.93 -25.07 20.96
C LYS IA 8 20.37 -25.82 19.72
N GLN IA 9 19.77 -25.49 18.59
CA GLN IA 9 20.20 -26.01 17.32
C GLN IA 9 20.46 -24.86 16.38
N ALA IA 10 20.80 -25.20 15.15
CA ALA IA 10 21.07 -24.21 14.13
C ALA IA 10 20.11 -24.42 12.96
N VAL IA 11 19.81 -23.34 12.28
CA VAL IA 11 18.89 -23.35 11.16
C VAL IA 11 19.72 -23.26 9.88
N GLU IA 12 19.35 -24.04 8.89
CA GLU IA 12 20.05 -24.03 7.63
C GLU IA 12 19.09 -23.77 6.48
N LEU IA 13 19.62 -23.15 5.43
CA LEU IA 13 18.91 -22.98 4.17
C LEU IA 13 19.97 -22.82 3.10
N ASN IA 14 20.16 -23.83 2.26
CA ASN IA 14 21.18 -23.76 1.23
C ASN IA 14 20.72 -22.85 0.09
N ARG IA 15 21.62 -22.62 -0.88
CA ARG IA 15 21.33 -21.71 -1.98
C ARG IA 15 20.25 -22.28 -2.90
N THR IA 16 20.17 -23.61 -2.99
CA THR IA 16 19.10 -24.25 -3.75
C THR IA 16 17.73 -23.89 -3.20
N SER IA 17 17.54 -24.04 -1.89
CA SER IA 17 16.21 -23.88 -1.33
C SER IA 17 15.83 -22.41 -1.20
N LEU IA 18 16.79 -21.52 -1.38
CA LEU IA 18 16.45 -20.10 -1.49
C LEU IA 18 15.66 -19.82 -2.76
N TYR IA 19 16.10 -20.38 -3.89
CA TYR IA 19 15.47 -20.02 -5.14
C TYR IA 19 14.12 -20.68 -5.30
N TRP IA 20 13.92 -21.83 -4.66
CA TRP IA 20 12.58 -22.40 -4.58
C TRP IA 20 11.65 -21.47 -3.85
N GLY IA 21 12.06 -21.01 -2.68
CA GLY IA 21 11.18 -20.23 -1.85
C GLY IA 21 10.96 -18.83 -2.37
N LEU IA 22 11.93 -18.29 -3.09
CA LEU IA 22 11.70 -17.00 -3.75
C LEU IA 22 10.69 -17.15 -4.88
N LEU IA 23 10.92 -18.13 -5.75
CA LEU IA 23 10.04 -18.36 -6.89
C LEU IA 23 8.65 -18.79 -6.44
N LEU IA 24 8.56 -19.46 -5.29
CA LEU IA 24 7.26 -19.81 -4.74
C LEU IA 24 6.46 -18.58 -4.37
N ILE IA 25 7.12 -17.57 -3.83
CA ILE IA 25 6.41 -16.39 -3.39
C ILE IA 25 6.03 -15.49 -4.56
N PHE IA 26 6.93 -15.34 -5.54
CA PHE IA 26 6.62 -14.48 -6.67
C PHE IA 26 5.55 -15.07 -7.57
N VAL IA 27 5.53 -16.38 -7.74
CA VAL IA 27 4.50 -16.99 -8.59
C VAL IA 27 3.14 -16.97 -7.89
N LEU IA 28 3.12 -17.17 -6.58
CA LEU IA 28 1.89 -16.91 -5.83
C LEU IA 28 1.53 -15.44 -5.81
N ALA IA 29 2.51 -14.55 -5.95
CA ALA IA 29 2.18 -13.14 -6.04
C ALA IA 29 1.64 -12.78 -7.42
N VAL IA 30 2.15 -13.44 -8.45
CA VAL IA 30 1.62 -13.22 -9.79
C VAL IA 30 0.21 -13.76 -9.89
N LEU IA 31 -0.02 -14.94 -9.31
CA LEU IA 31 -1.31 -15.61 -9.45
C LEU IA 31 -2.41 -14.89 -8.68
N PHE IA 32 -2.16 -14.56 -7.42
CA PHE IA 32 -3.20 -14.03 -6.58
C PHE IA 32 -3.33 -12.52 -6.63
N SER IA 33 -2.50 -11.82 -7.40
CA SER IA 33 -2.61 -10.37 -7.42
C SER IA 33 -3.86 -9.92 -8.16
N SER IA 34 -4.16 -10.56 -9.29
CA SER IA 34 -5.25 -10.16 -10.16
C SER IA 34 -6.59 -10.28 -9.47
N TYR IA 35 -6.70 -11.21 -8.53
CA TYR IA 35 -7.93 -11.39 -7.78
C TYR IA 35 -8.04 -10.39 -6.65
N PHE IA 36 -6.92 -10.06 -6.02
CA PHE IA 36 -6.93 -9.11 -4.92
C PHE IA 36 -7.20 -7.70 -5.40
N PHE IA 37 -6.60 -7.28 -6.51
CA PHE IA 37 -6.94 -6.01 -7.11
C PHE IA 37 -8.36 -5.98 -7.64
N ASN IA 38 -8.92 -7.15 -7.95
CA ASN IA 38 -10.29 -7.35 -8.39
C ASN IA 38 -10.60 -6.54 -9.64
N GLU JA 44 -12.25 0.63 -11.03
CA GLU JA 44 -12.00 0.84 -9.61
C GLU JA 44 -11.48 -0.42 -8.94
N VAL JA 45 -10.28 -0.34 -8.37
CA VAL JA 45 -9.65 -1.46 -7.71
C VAL JA 45 -9.62 -1.19 -6.22
N GLN JA 46 -9.40 -2.25 -5.45
CA GLN JA 46 -9.33 -2.12 -4.01
C GLN JA 46 -7.94 -1.67 -3.59
N PHE JA 47 -7.88 -0.58 -2.84
CA PHE JA 47 -6.60 0.02 -2.49
C PHE JA 47 -5.91 -0.69 -1.33
N GLY JA 48 -6.54 -1.68 -0.74
CA GLY JA 48 -5.87 -2.53 0.20
C GLY JA 48 -5.22 -3.72 -0.43
N ALA JA 49 -5.29 -3.82 -1.76
CA ALA JA 49 -4.66 -4.93 -2.45
C ALA JA 49 -3.20 -4.65 -2.76
N TYR JA 50 -2.84 -3.38 -2.87
CA TYR JA 50 -1.43 -3.02 -2.99
C TYR JA 50 -0.68 -3.42 -1.73
N LEU JA 51 -1.29 -3.20 -0.57
CA LEU JA 51 -0.69 -3.65 0.67
C LEU JA 51 -0.72 -5.16 0.81
N ALA JA 52 -1.67 -5.84 0.18
CA ALA JA 52 -1.69 -7.29 0.25
C ALA JA 52 -0.58 -7.89 -0.59
N VAL JA 53 -0.42 -7.40 -1.82
CA VAL JA 53 0.53 -7.98 -2.74
C VAL JA 53 1.95 -7.60 -2.37
N LEU JA 54 2.22 -6.31 -2.20
CA LEU JA 54 3.59 -5.85 -1.99
C LEU JA 54 4.13 -6.20 -0.61
N LEU JA 55 3.27 -6.50 0.36
CA LEU JA 55 3.76 -7.13 1.57
C LEU JA 55 3.69 -8.65 1.49
N GLY JA 56 2.81 -9.18 0.65
CA GLY JA 56 2.83 -10.60 0.38
C GLY JA 56 4.03 -11.03 -0.43
N THR JA 57 4.58 -10.13 -1.24
CA THR JA 57 5.89 -10.39 -1.81
C THR JA 57 6.98 -10.21 -0.77
N PHE JA 58 7.15 -8.99 -0.28
CA PHE JA 58 8.41 -8.58 0.32
C PHE JA 58 8.65 -9.20 1.69
N LEU JA 59 7.63 -9.18 2.57
CA LEU JA 59 7.80 -9.73 3.91
C LEU JA 59 8.14 -11.21 3.94
N PRO JA 60 7.51 -12.11 3.15
CA PRO JA 60 8.00 -13.49 3.20
C PRO JA 60 9.26 -13.71 2.40
N ALA JA 61 9.49 -12.91 1.36
CA ALA JA 61 10.69 -13.12 0.55
C ALA JA 61 11.91 -12.57 1.25
N LEU JA 62 11.76 -11.48 2.00
CA LEU JA 62 12.87 -11.02 2.81
C LEU JA 62 13.11 -11.95 3.98
N PHE JA 63 12.11 -12.72 4.38
CA PHE JA 63 12.35 -13.73 5.40
C PHE JA 63 13.27 -14.82 4.91
N LEU JA 64 13.05 -15.31 3.69
CA LEU JA 64 13.81 -16.44 3.18
C LEU JA 64 15.23 -16.04 2.83
N VAL JA 65 15.47 -14.75 2.61
CA VAL JA 65 16.83 -14.28 2.41
C VAL JA 65 17.62 -14.37 3.70
N ASN JA 66 16.96 -14.14 4.85
CA ASN JA 66 17.65 -14.09 6.12
C ASN JA 66 18.12 -15.45 6.55
N LEU JA 67 17.33 -16.47 6.27
CA LEU JA 67 17.75 -17.82 6.58
C LEU JA 67 18.90 -18.27 5.70
N PHE JA 68 19.10 -17.62 4.55
CA PHE JA 68 20.25 -17.99 3.73
C PHE JA 68 21.50 -17.25 4.16
N ILE JA 69 21.36 -15.99 4.58
CA ILE JA 69 22.51 -15.21 4.96
C ILE JA 69 23.12 -15.73 6.26
N GLN JA 70 22.29 -16.12 7.22
CA GLN JA 70 22.84 -16.70 8.44
C GLN JA 70 23.32 -18.12 8.21
N THR JA 71 22.87 -18.79 7.16
CA THR JA 71 23.42 -20.09 6.82
C THR JA 71 24.85 -19.94 6.33
N GLU JA 72 25.09 -18.96 5.47
CA GLU JA 72 26.42 -18.76 4.93
C GLU JA 72 27.34 -18.12 5.97
N ALA JA 73 26.77 -17.44 6.95
CA ALA JA 73 27.60 -16.88 8.02
C ALA JA 73 28.09 -17.94 8.98
N ARG JA 74 27.26 -18.97 9.24
CA ARG JA 74 27.71 -20.07 10.08
C ARG JA 74 28.76 -20.89 9.38
N LYS JA 75 28.65 -21.03 8.06
CA LYS JA 75 29.66 -21.76 7.32
C LYS JA 75 30.95 -20.96 7.25
N ALA JA 76 30.83 -19.63 7.15
CA ALA JA 76 32.01 -18.79 7.21
C ALA JA 76 32.47 -18.59 8.64
N GLY JA 77 31.60 -18.87 9.59
CA GLY JA 77 31.99 -18.74 10.98
C GLY JA 77 32.88 -19.88 11.44
N LYS JA 78 32.54 -21.10 11.05
CA LYS JA 78 33.34 -22.25 11.46
C LYS JA 78 34.67 -22.32 10.72
N ALA JA 79 34.67 -21.90 9.44
CA ALA JA 79 35.81 -22.05 8.54
C ALA JA 79 37.08 -21.36 9.01
N GLY JA 80 36.96 -20.30 9.81
CA GLY JA 80 38.11 -19.78 10.50
C GLY JA 80 39.07 -18.95 9.68
N GLY JA 81 38.74 -18.63 8.44
CA GLY JA 81 39.68 -17.87 7.63
C GLY JA 81 39.10 -16.61 7.03
N GLN JA 82 39.62 -15.46 7.48
CA GLN JA 82 39.49 -14.13 6.88
C GLN JA 82 38.09 -13.53 7.01
N ASP JA 83 37.10 -14.33 7.43
CA ASP JA 83 35.73 -13.89 7.47
C ASP JA 83 35.02 -14.26 8.76
N SER JA 84 35.66 -14.98 9.67
CA SER JA 84 34.95 -15.47 10.84
C SER JA 84 34.76 -14.36 11.87
N ASP JA 85 35.87 -13.83 12.38
CA ASP JA 85 35.93 -12.66 13.28
C ASP JA 85 35.12 -12.80 14.56
N LYS KA 3 -10.50 -0.86 -66.58
CA LYS KA 3 -10.31 -0.54 -67.98
C LYS KA 3 -10.74 -1.72 -68.81
N SER KA 4 -10.35 -1.71 -70.07
CA SER KA 4 -10.32 -2.95 -70.84
C SER KA 4 -9.01 -3.67 -70.66
N GLN KA 5 -7.99 -2.98 -70.16
CA GLN KA 5 -6.72 -3.62 -69.88
C GLN KA 5 -6.82 -4.52 -68.66
N ILE KA 6 -7.65 -4.12 -67.68
CA ILE KA 6 -7.92 -4.98 -66.53
C ILE KA 6 -8.73 -6.19 -66.95
N ASN KA 7 -9.66 -6.01 -67.89
CA ASN KA 7 -10.48 -7.10 -68.38
C ASN KA 7 -9.70 -8.11 -69.21
N GLU KA 8 -8.50 -7.75 -69.68
CA GLU KA 8 -7.66 -8.69 -70.39
C GLU KA 8 -7.19 -9.82 -69.47
N LEU KA 9 -6.93 -9.50 -68.21
CA LEU KA 9 -6.35 -10.44 -67.28
C LEU KA 9 -7.36 -11.51 -66.87
N SER KA 10 -6.85 -12.63 -66.39
CA SER KA 10 -7.68 -13.67 -65.80
C SER KA 10 -7.78 -13.43 -64.31
N TYR KA 11 -8.45 -14.35 -63.62
CA TYR KA 11 -8.66 -14.16 -62.19
C TYR KA 11 -7.40 -14.47 -61.39
N LEU KA 12 -6.65 -15.49 -61.81
CA LEU KA 12 -5.49 -15.92 -61.05
C LEU KA 12 -4.34 -14.94 -61.15
N GLN KA 13 -4.38 -14.04 -62.14
CA GLN KA 13 -3.33 -13.06 -62.29
C GLN KA 13 -3.63 -11.80 -61.49
N VAL KA 14 -4.89 -11.59 -61.13
CA VAL KA 14 -5.25 -10.39 -60.38
C VAL KA 14 -5.14 -10.64 -58.89
N LYS KA 15 -5.47 -11.85 -58.43
CA LYS KA 15 -5.64 -12.11 -57.01
C LYS KA 15 -4.31 -12.06 -56.28
N GLY KA 16 -4.34 -11.51 -55.07
CA GLY KA 16 -3.14 -11.32 -54.29
C GLY KA 16 -2.25 -10.18 -54.72
N THR KA 17 -2.62 -9.45 -55.78
CA THR KA 17 -1.79 -8.36 -56.27
C THR KA 17 -2.31 -6.99 -55.89
N GLY KA 18 -3.49 -6.89 -55.29
CA GLY KA 18 -4.00 -5.59 -54.92
C GLY KA 18 -4.47 -4.76 -56.09
N LEU KA 19 -4.87 -5.40 -57.19
CA LEU KA 19 -5.32 -4.65 -58.35
C LEU KA 19 -6.83 -4.43 -58.33
N ALA KA 20 -7.58 -5.38 -57.80
CA ALA KA 20 -9.04 -5.29 -57.80
C ALA KA 20 -9.54 -4.17 -56.90
N ASN KA 21 -8.71 -3.70 -55.99
CA ASN KA 21 -9.01 -2.57 -55.15
C ASN KA 21 -9.00 -1.26 -55.91
N ARG KA 22 -8.29 -1.17 -57.03
CA ARG KA 22 -7.97 0.11 -57.65
C ARG KA 22 -8.90 0.38 -58.81
N CYS KA 23 -9.46 1.59 -58.83
CA CYS KA 23 -10.29 2.02 -59.93
C CYS KA 23 -9.47 2.22 -61.19
N ALA KA 24 -10.16 2.18 -62.31
CA ALA KA 24 -9.55 2.27 -63.62
C ALA KA 24 -9.07 3.69 -63.91
N GLU KA 25 -8.25 3.79 -64.94
CA GLU KA 25 -7.74 5.06 -65.43
C GLU KA 25 -8.33 5.31 -66.82
N VAL KA 26 -9.17 6.32 -66.92
CA VAL KA 26 -9.77 6.69 -68.20
C VAL KA 26 -8.77 7.54 -68.98
N VAL KA 27 -8.79 7.42 -70.31
CA VAL KA 27 -7.78 7.98 -71.18
C VAL KA 27 -8.41 9.03 -72.08
N GLY KA 28 -7.87 10.24 -72.07
CA GLY KA 28 -8.33 11.24 -73.03
C GLY KA 28 -9.50 12.04 -72.52
N GLU KA 29 -9.80 13.12 -73.23
CA GLU KA 29 -10.90 14.02 -72.87
C GLU KA 29 -11.70 14.44 -74.09
N ASP KA 30 -13.03 14.34 -73.96
CA ASP KA 30 -13.99 14.81 -74.96
C ASP KA 30 -15.32 15.00 -74.25
N SER KA 31 -16.40 15.07 -75.01
CA SER KA 31 -17.74 15.21 -74.43
C SER KA 31 -18.57 13.98 -74.72
N ILE KA 32 -19.51 13.70 -73.82
CA ILE KA 32 -20.50 12.63 -74.02
C ILE KA 32 -21.84 13.14 -73.52
N LYS KA 33 -22.90 12.80 -74.25
CA LYS KA 33 -24.22 13.25 -73.93
C LYS KA 33 -25.04 12.13 -73.30
N PRO KA 34 -25.66 12.37 -72.16
CA PRO KA 34 -26.55 11.35 -71.58
C PRO KA 34 -27.85 11.26 -72.35
N LYS KA 35 -28.20 10.04 -72.74
CA LYS KA 35 -29.43 9.73 -73.47
C LYS KA 35 -30.64 9.92 -72.57
N PRO KA 36 -31.87 9.88 -73.14
CA PRO KA 36 -33.05 9.86 -72.26
C PRO KA 36 -33.12 8.70 -71.28
N GLY KA 37 -32.96 7.47 -71.74
CA GLY KA 37 -32.89 6.32 -70.87
C GLY KA 37 -31.50 5.98 -70.38
N ALA KA 38 -30.61 6.97 -70.24
CA ALA KA 38 -29.22 6.70 -69.89
C ALA KA 38 -29.11 6.25 -68.45
N LYS KA 39 -28.34 5.19 -68.24
CA LYS KA 39 -28.22 4.57 -66.94
C LYS KA 39 -26.76 4.28 -66.67
N LEU KA 40 -26.26 4.80 -65.55
CA LEU KA 40 -24.86 4.67 -65.21
C LEU KA 40 -24.56 3.25 -64.72
N VAL KA 41 -23.43 2.71 -65.16
CA VAL KA 41 -23.20 1.28 -65.05
C VAL KA 41 -22.14 0.91 -64.02
N ASP KA 42 -20.90 1.36 -64.16
CA ASP KA 42 -19.84 0.77 -63.35
C ASP KA 42 -19.12 1.83 -62.55
N MET KA 43 -19.86 2.68 -61.87
CA MET KA 43 -19.21 3.71 -61.07
C MET KA 43 -18.52 3.11 -59.85
N CYS KA 44 -17.19 3.20 -59.84
CA CYS KA 44 -16.40 2.82 -58.68
C CYS KA 44 -15.79 4.08 -58.09
N ILE KA 45 -15.68 4.12 -56.78
CA ILE KA 45 -15.11 5.26 -56.05
C ILE KA 45 -14.00 4.73 -55.16
N GLU KA 46 -12.81 5.28 -55.31
CA GLU KA 46 -11.82 4.86 -54.33
C GLU KA 46 -11.08 6.05 -53.75
N PRO KA 47 -11.09 6.21 -52.45
CA PRO KA 47 -10.38 7.33 -51.85
C PRO KA 47 -8.91 7.06 -51.66
N LYS KA 48 -8.08 8.05 -51.89
CA LYS KA 48 -6.65 7.85 -51.74
C LYS KA 48 -6.07 8.53 -50.51
N ALA KA 49 -6.84 9.36 -49.81
CA ALA KA 49 -6.34 10.00 -48.61
C ALA KA 49 -7.50 10.27 -47.67
N TRP KA 50 -7.20 10.24 -46.38
CA TRP KA 50 -8.19 10.42 -45.34
C TRP KA 50 -7.71 11.48 -44.36
N ALA KA 51 -8.68 12.16 -43.75
CA ALA KA 51 -8.35 13.23 -42.80
C ALA KA 51 -9.50 13.37 -41.82
N VAL KA 52 -9.16 13.48 -40.54
CA VAL KA 52 -10.14 13.58 -39.46
C VAL KA 52 -9.97 14.92 -38.79
N GLU KA 53 -11.08 15.63 -38.58
CA GLU KA 53 -11.02 16.95 -37.97
C GLU KA 53 -10.73 16.85 -36.49
N GLU KA 54 -9.64 17.49 -36.05
CA GLU KA 54 -9.18 17.41 -34.67
C GLU KA 54 -8.80 18.80 -34.17
N GLU KA 55 -8.37 18.83 -32.91
CA GLU KA 55 -7.81 20.02 -32.28
C GLU KA 55 -6.30 19.96 -32.45
N VAL KA 56 -5.76 20.80 -33.33
CA VAL KA 56 -4.37 20.67 -33.73
C VAL KA 56 -3.50 21.58 -32.86
N GLY KA 57 -2.29 21.12 -32.57
CA GLY KA 57 -1.32 21.86 -31.79
C GLY KA 57 -0.45 22.81 -32.56
N LYS KA 58 -0.95 23.99 -32.91
CA LYS KA 58 -0.14 24.96 -33.63
C LYS KA 58 0.80 25.68 -32.67
N ALA KA 59 1.35 26.82 -33.10
CA ALA KA 59 2.37 27.52 -32.31
C ALA KA 59 1.79 28.06 -31.00
N GLY KA 60 0.62 28.67 -31.06
CA GLY KA 60 -0.03 29.12 -29.84
C GLY KA 60 -1.54 28.92 -29.83
N LYS KA 61 -2.10 28.45 -30.94
CA LYS KA 61 -3.53 28.44 -31.15
C LYS KA 61 -4.03 27.01 -31.36
N THR KA 62 -5.32 26.82 -31.09
CA THR KA 62 -5.95 25.51 -31.19
C THR KA 62 -7.19 25.51 -32.08
N GLU KA 63 -7.09 26.09 -33.27
CA GLU KA 63 -8.20 26.02 -34.20
C GLU KA 63 -8.32 24.61 -34.77
N LYS KA 64 -9.53 24.26 -35.21
CA LYS KA 64 -9.78 22.92 -35.72
C LYS KA 64 -9.22 22.76 -37.13
N LYS KA 65 -8.37 21.76 -37.30
CA LYS KA 65 -7.80 21.47 -38.60
C LYS KA 65 -7.86 19.98 -38.84
N PHE KA 66 -7.65 19.59 -40.08
CA PHE KA 66 -7.63 18.18 -40.46
C PHE KA 66 -6.21 17.65 -40.36
N VAL KA 67 -6.03 16.65 -39.52
CA VAL KA 67 -4.84 15.82 -39.56
C VAL KA 67 -5.16 14.61 -40.42
N ASN KA 68 -4.17 14.11 -41.13
CA ASN KA 68 -4.42 12.91 -41.91
C ASN KA 68 -4.28 11.68 -41.02
N SER KA 69 -4.43 10.52 -41.62
CA SER KA 69 -4.49 9.28 -40.87
C SER KA 69 -4.12 8.13 -41.78
N LYS KA 70 -3.69 7.03 -41.18
CA LYS KA 70 -3.31 5.84 -41.91
C LYS KA 70 -4.42 4.82 -41.80
N VAL KA 71 -4.86 4.27 -42.93
CA VAL KA 71 -5.90 3.27 -42.93
C VAL KA 71 -5.31 1.95 -42.43
N MET KA 72 -6.11 1.21 -41.65
CA MET KA 72 -5.63 -0.02 -41.03
C MET KA 72 -6.34 -1.27 -41.49
N THR KA 73 -7.63 -1.19 -41.81
CA THR KA 73 -8.22 -2.21 -42.66
C THR KA 73 -7.55 -2.12 -44.02
N ARG KA 74 -7.22 -3.26 -44.60
CA ARG KA 74 -6.07 -3.32 -45.49
C ARG KA 74 -6.37 -2.75 -46.86
N GLN KA 75 -7.23 -3.41 -47.63
CA GLN KA 75 -7.49 -3.00 -49.00
C GLN KA 75 -8.98 -3.07 -49.29
N THR KA 76 -9.79 -2.83 -48.28
CA THR KA 76 -11.21 -3.05 -48.38
C THR KA 76 -12.01 -1.75 -48.45
N TYR KA 77 -11.48 -0.71 -49.08
CA TYR KA 77 -12.13 0.58 -48.96
C TYR KA 77 -12.89 0.99 -50.22
N THR KA 78 -12.69 0.32 -51.34
CA THR KA 78 -13.22 0.81 -52.61
C THR KA 78 -14.67 0.37 -52.80
N LEU KA 79 -15.49 1.29 -53.31
CA LEU KA 79 -16.85 0.98 -53.72
C LEU KA 79 -16.85 0.50 -55.16
N ASP KA 80 -17.90 -0.24 -55.53
CA ASP KA 80 -17.88 -0.86 -56.85
C ASP KA 80 -19.31 -1.11 -57.31
N ALA KA 81 -19.47 -1.23 -58.63
CA ALA KA 81 -20.67 -1.76 -59.29
C ALA KA 81 -21.90 -0.90 -59.04
N ILE KA 82 -21.69 0.39 -58.78
CA ILE KA 82 -22.79 1.26 -58.41
C ILE KA 82 -23.60 1.65 -59.64
N GLU KA 83 -24.87 1.28 -59.63
CA GLU KA 83 -25.76 1.50 -60.75
C GLU KA 83 -26.58 2.75 -60.48
N GLY KA 84 -27.41 3.10 -61.44
CA GLY KA 84 -28.33 4.20 -61.29
C GLY KA 84 -28.66 4.87 -62.60
N PRO KA 85 -29.89 5.37 -62.71
CA PRO KA 85 -30.28 6.10 -63.92
C PRO KA 85 -29.87 7.56 -63.84
N ILE KA 86 -29.51 8.10 -65.00
CA ILE KA 86 -29.14 9.50 -65.12
C ILE KA 86 -30.34 10.24 -65.69
N THR KA 87 -31.07 10.93 -64.81
CA THR KA 87 -32.24 11.70 -65.24
C THR KA 87 -31.82 13.08 -65.72
N VAL KA 88 -32.51 13.57 -66.72
CA VAL KA 88 -32.15 14.84 -67.36
C VAL KA 88 -33.18 15.86 -66.88
N ASP KA 89 -32.80 16.67 -65.90
CA ASP KA 89 -33.53 17.91 -65.69
C ASP KA 89 -33.06 18.93 -66.71
N GLY KA 90 -33.88 19.97 -66.90
CA GLY KA 90 -33.61 20.92 -67.98
C GLY KA 90 -32.38 21.76 -67.73
N GLY KA 91 -32.23 22.28 -66.51
CA GLY KA 91 -31.10 23.14 -66.23
C GLY KA 91 -29.82 22.36 -66.00
N LYS KA 92 -29.91 21.29 -65.23
CA LYS KA 92 -28.74 20.57 -64.76
C LYS KA 92 -28.98 19.08 -64.85
N ILE KA 93 -27.98 18.36 -65.35
CA ILE KA 93 -28.05 16.91 -65.38
C ILE KA 93 -27.91 16.37 -63.96
N THR KA 94 -28.71 15.35 -63.64
CA THR KA 94 -28.76 14.79 -62.30
C THR KA 94 -28.46 13.30 -62.33
N PHE KA 95 -28.07 12.77 -61.17
CA PHE KA 95 -27.86 11.34 -61.01
C PHE KA 95 -28.41 10.90 -59.67
N ASN KA 96 -29.10 9.76 -59.67
CA ASN KA 96 -29.59 9.13 -58.46
C ASN KA 96 -29.20 7.66 -58.51
N GLU KA 97 -28.41 7.22 -57.53
CA GLU KA 97 -27.88 5.86 -57.54
C GLU KA 97 -28.96 4.91 -57.04
N LYS KA 98 -28.93 3.67 -57.50
CA LYS KA 98 -29.96 2.73 -57.09
C LYS KA 98 -29.35 1.55 -56.33
N GLU KA 99 -28.40 0.85 -56.92
CA GLU KA 99 -27.91 -0.38 -56.32
C GLU KA 99 -26.39 -0.42 -56.45
N GLY KA 100 -25.79 -1.57 -56.16
CA GLY KA 100 -24.35 -1.70 -56.13
C GLY KA 100 -23.81 -1.67 -54.71
N ILE KA 101 -22.53 -2.07 -54.58
CA ILE KA 101 -21.87 -2.03 -53.28
C ILE KA 101 -21.57 -0.57 -52.97
N ASP KA 102 -22.37 0.02 -52.10
CA ASP KA 102 -22.30 1.44 -51.81
C ASP KA 102 -21.96 1.73 -50.36
N TYR KA 103 -21.26 0.80 -49.70
CA TYR KA 103 -20.72 1.05 -48.38
C TYR KA 103 -19.45 0.21 -48.27
N ALA KA 104 -18.46 0.74 -47.56
CA ALA KA 104 -17.23 0.01 -47.33
C ALA KA 104 -16.68 0.46 -45.98
N ALA KA 105 -16.85 -0.38 -44.97
CA ALA KA 105 -16.47 -0.02 -43.62
C ALA KA 105 -14.96 -0.04 -43.47
N THR KA 106 -14.41 0.98 -42.82
CA THR KA 106 -12.97 1.09 -42.69
C THR KA 106 -12.63 1.84 -41.43
N THR KA 107 -11.35 1.79 -41.06
CA THR KA 107 -10.88 2.30 -39.78
C THR KA 107 -9.52 2.94 -39.97
N VAL KA 108 -9.37 4.17 -39.52
CA VAL KA 108 -8.14 4.91 -39.67
C VAL KA 108 -7.60 5.23 -38.28
N GLN KA 109 -6.29 5.45 -38.17
CA GLN KA 109 -5.67 5.72 -36.89
C GLN KA 109 -5.03 7.10 -36.89
N LEU KA 110 -5.27 7.83 -35.82
CA LEU KA 110 -4.83 9.20 -35.62
C LEU KA 110 -3.47 9.23 -34.94
N PRO KA 111 -2.81 10.39 -34.86
CA PRO KA 111 -1.76 10.54 -33.86
C PRO KA 111 -2.31 10.46 -32.45
N GLY KA 112 -1.60 9.73 -31.61
CA GLY KA 112 -2.04 9.42 -30.28
C GLY KA 112 -2.47 8.00 -30.08
N GLY KA 113 -2.76 7.27 -31.16
CA GLY KA 113 -3.21 5.92 -31.06
C GLY KA 113 -4.71 5.73 -31.08
N GLU KA 114 -5.48 6.79 -31.33
CA GLU KA 114 -6.94 6.64 -31.36
C GLU KA 114 -7.37 6.03 -32.69
N ARG KA 115 -8.22 5.02 -32.60
CA ARG KA 115 -8.75 4.32 -33.76
C ARG KA 115 -10.15 4.83 -34.04
N VAL KA 116 -10.35 5.42 -35.20
CA VAL KA 116 -11.64 5.96 -35.58
C VAL KA 116 -12.18 5.14 -36.74
N PRO KA 117 -13.16 4.26 -36.51
CA PRO KA 117 -13.82 3.61 -37.63
C PRO KA 117 -14.82 4.55 -38.23
N PHE KA 118 -15.13 4.32 -39.50
CA PHE KA 118 -16.22 5.05 -40.15
C PHE KA 118 -16.71 4.26 -41.34
N LEU KA 119 -18.02 4.26 -41.52
CA LEU KA 119 -18.61 3.68 -42.71
C LEU KA 119 -18.47 4.67 -43.85
N PHE KA 120 -17.78 4.27 -44.91
CA PHE KA 120 -17.65 5.10 -46.10
C PHE KA 120 -18.70 4.64 -47.10
N THR KA 121 -19.61 5.55 -47.46
CA THR KA 121 -20.80 5.13 -48.17
C THR KA 121 -21.26 6.23 -49.12
N VAL KA 122 -22.07 5.84 -50.09
CA VAL KA 122 -22.76 6.76 -51.01
C VAL KA 122 -24.24 6.41 -51.14
N LYS KA 123 -24.83 5.88 -50.08
CA LYS KA 123 -26.24 5.47 -50.14
C LYS KA 123 -27.17 6.67 -50.30
N ASP KA 124 -28.15 6.51 -51.22
CA ASP KA 124 -29.17 7.51 -51.53
C ASP KA 124 -28.55 8.84 -51.96
N LEU KA 125 -27.74 8.76 -53.01
CA LEU KA 125 -26.99 9.91 -53.48
C LEU KA 125 -27.78 10.65 -54.54
N VAL KA 126 -27.87 11.96 -54.41
CA VAL KA 126 -28.57 12.82 -55.37
C VAL KA 126 -27.52 13.77 -55.92
N ALA KA 127 -26.94 13.41 -57.06
CA ALA KA 127 -25.94 14.25 -57.68
C ALA KA 127 -26.60 15.25 -58.61
N LYS KA 128 -26.01 16.45 -58.68
CA LYS KA 128 -26.48 17.51 -59.56
C LYS KA 128 -25.27 18.23 -60.11
N GLY KA 129 -25.20 18.36 -61.43
CA GLY KA 129 -24.07 19.04 -62.02
C GLY KA 129 -24.43 19.98 -63.13
N ASN KA 130 -23.59 20.98 -63.36
CA ASN KA 130 -23.87 22.05 -64.31
C ASN KA 130 -23.91 21.54 -65.75
N GLY KA 131 -24.90 22.02 -66.50
CA GLY KA 131 -25.03 21.67 -67.89
C GLY KA 131 -25.68 20.31 -68.07
N ASP KA 132 -25.55 19.81 -69.29
CA ASP KA 132 -26.20 18.55 -69.64
C ASP KA 132 -25.16 17.47 -69.93
N THR KA 133 -24.24 17.76 -70.84
CA THR KA 133 -23.28 16.75 -71.28
C THR KA 133 -22.09 16.69 -70.33
N PHE KA 134 -21.52 15.50 -70.21
CA PHE KA 134 -20.32 15.35 -69.40
C PHE KA 134 -19.11 15.93 -70.11
N LYS KA 135 -18.38 16.77 -69.41
CA LYS KA 135 -17.29 17.54 -69.97
C LYS KA 135 -16.10 17.42 -69.03
N PRO KA 136 -14.91 17.79 -69.48
CA PRO KA 136 -13.77 17.86 -68.56
C PRO KA 136 -13.88 18.99 -67.53
N GLY KA 137 -14.78 19.94 -67.74
CA GLY KA 137 -15.09 20.93 -66.73
C GLY KA 137 -16.32 20.62 -65.90
N PHE KA 138 -16.89 19.43 -66.05
CA PHE KA 138 -18.12 19.09 -65.36
C PHE KA 138 -17.85 18.78 -63.90
N GLN KA 139 -18.83 19.08 -63.05
CA GLN KA 139 -18.63 18.99 -61.60
C GLN KA 139 -19.98 18.80 -60.94
N MET KA 140 -20.26 17.58 -60.48
CA MET KA 140 -21.52 17.27 -59.81
C MET KA 140 -21.25 16.84 -58.38
N GLY KA 141 -22.28 16.93 -57.54
CA GLY KA 141 -22.20 16.49 -56.16
C GLY KA 141 -23.57 16.48 -55.52
N GLY KA 142 -23.59 16.05 -54.26
CA GLY KA 142 -24.84 16.06 -53.52
C GLY KA 142 -24.75 15.25 -52.24
N ASP KA 143 -25.89 15.20 -51.56
CA ASP KA 143 -25.98 14.59 -50.24
C ASP KA 143 -26.17 13.08 -50.35
N PHE KA 144 -25.62 12.37 -49.37
CA PHE KA 144 -25.89 10.94 -49.21
C PHE KA 144 -26.21 10.67 -47.76
N ASN KA 145 -26.96 9.61 -47.50
CA ASN KA 145 -27.33 9.26 -46.14
C ASN KA 145 -26.42 8.18 -45.60
N THR KA 146 -25.75 8.47 -44.53
CA THR KA 146 -24.96 7.45 -43.87
C THR KA 146 -25.82 6.67 -42.92
N PRO KA 147 -25.93 5.35 -43.07
CA PRO KA 147 -26.55 4.54 -42.03
C PRO KA 147 -25.58 4.39 -40.85
N SER KA 148 -26.08 3.74 -39.80
CA SER KA 148 -25.22 3.52 -38.65
C SER KA 148 -24.19 2.45 -38.96
N TYR KA 149 -23.09 2.48 -38.22
CA TYR KA 149 -21.99 1.57 -38.50
C TYR KA 149 -22.34 0.15 -38.11
N ARG KA 150 -23.23 -0.02 -37.15
CA ARG KA 150 -23.66 -1.32 -36.68
C ARG KA 150 -25.16 -1.41 -36.88
N THR KA 151 -25.64 -2.50 -37.48
CA THR KA 151 -27.06 -2.76 -37.51
C THR KA 151 -27.51 -3.13 -36.10
N GLY KA 152 -28.73 -2.71 -35.74
CA GLY KA 152 -29.25 -2.77 -34.39
C GLY KA 152 -29.21 -4.08 -33.63
N LEU KA 153 -28.95 -5.20 -34.31
CA LEU KA 153 -28.81 -6.48 -33.63
C LEU KA 153 -27.35 -6.81 -33.34
N PHE KA 154 -26.47 -5.82 -33.38
CA PHE KA 154 -25.11 -5.99 -32.91
C PHE KA 154 -25.08 -6.09 -31.40
N LEU KA 155 -24.32 -7.05 -30.87
CA LEU KA 155 -24.21 -7.23 -29.43
C LEU KA 155 -22.88 -6.68 -28.95
N ASP KA 156 -22.93 -5.76 -27.99
CA ASP KA 156 -21.74 -5.19 -27.38
C ASP KA 156 -21.15 -6.25 -26.43
N PRO KA 157 -19.93 -6.03 -25.86
CA PRO KA 157 -19.35 -7.02 -24.92
C PRO KA 157 -20.20 -7.48 -23.75
N LYS KA 158 -21.15 -6.68 -23.28
CA LYS KA 158 -22.03 -7.14 -22.21
C LYS KA 158 -23.19 -7.95 -22.76
N GLY KA 159 -23.52 -7.76 -24.04
CA GLY KA 159 -24.60 -8.51 -24.64
C GLY KA 159 -25.86 -7.68 -24.79
N ARG KA 160 -25.70 -6.43 -25.21
CA ARG KA 160 -26.81 -5.49 -25.33
C ARG KA 160 -26.84 -4.92 -26.73
N GLY KA 161 -28.00 -4.99 -27.38
CA GLY KA 161 -28.17 -4.43 -28.70
C GLY KA 161 -29.44 -3.60 -28.78
N GLY KA 162 -29.65 -3.01 -29.95
CA GLY KA 162 -30.81 -2.18 -30.17
C GLY KA 162 -32.06 -2.99 -30.41
N THR KA 163 -31.94 -4.09 -31.15
CA THR KA 163 -33.07 -4.94 -31.47
C THR KA 163 -32.97 -6.32 -30.85
N THR KA 164 -31.92 -6.60 -30.10
CA THR KA 164 -31.79 -7.86 -29.38
C THR KA 164 -30.95 -7.62 -28.14
N GLY KA 165 -30.66 -8.69 -27.43
CA GLY KA 165 -29.78 -8.60 -26.28
C GLY KA 165 -30.51 -8.16 -25.02
N TYR KA 166 -29.74 -7.98 -23.97
CA TYR KA 166 -30.26 -7.48 -22.71
C TYR KA 166 -30.44 -5.96 -22.80
N ASP KA 167 -30.81 -5.35 -21.68
CA ASP KA 167 -30.83 -3.90 -21.60
C ASP KA 167 -30.33 -3.38 -20.27
N MET KA 168 -29.64 -4.21 -19.50
CA MET KA 168 -29.06 -3.78 -18.24
C MET KA 168 -27.70 -4.42 -18.09
N ALA KA 169 -26.90 -3.88 -17.18
CA ALA KA 169 -25.57 -4.41 -16.91
C ALA KA 169 -25.72 -5.80 -16.33
N VAL KA 170 -25.43 -6.80 -17.14
CA VAL KA 170 -25.92 -8.15 -16.87
C VAL KA 170 -25.13 -8.81 -15.74
N ALA KA 171 -23.88 -8.39 -15.51
CA ALA KA 171 -23.09 -8.90 -14.41
C ALA KA 171 -22.97 -7.88 -13.28
N LEU KA 172 -23.88 -6.91 -13.23
CA LEU KA 172 -23.96 -5.96 -12.13
C LEU KA 172 -25.41 -5.96 -11.64
N PRO KA 173 -25.82 -6.99 -10.91
CA PRO KA 173 -27.25 -7.13 -10.62
C PRO KA 173 -27.74 -6.25 -9.51
N ALA KA 174 -26.85 -5.55 -8.82
CA ALA KA 174 -27.30 -4.68 -7.74
C ALA KA 174 -27.47 -3.24 -8.21
N LEU KA 175 -27.36 -2.99 -9.51
CA LEU KA 175 -27.56 -1.64 -9.99
C LEU KA 175 -29.03 -1.28 -10.09
N GLN KA 176 -29.89 -2.26 -10.30
CA GLN KA 176 -31.31 -1.97 -10.50
C GLN KA 176 -32.07 -2.06 -9.17
N LEU KA 177 -31.50 -1.43 -8.15
CA LEU KA 177 -32.09 -1.45 -6.83
C LEU KA 177 -32.41 -0.03 -6.40
N GLY KA 178 -33.65 0.20 -6.03
CA GLY KA 178 -34.12 1.52 -5.67
C GLY KA 178 -35.11 2.05 -6.67
N GLU KA 179 -35.58 3.26 -6.38
CA GLU KA 179 -36.50 3.92 -7.30
C GLU KA 179 -35.77 4.40 -8.55
N GLU KA 180 -34.49 4.74 -8.41
CA GLU KA 180 -33.75 5.30 -9.54
C GLU KA 180 -33.34 4.21 -10.53
N GLY KA 181 -33.19 2.97 -10.05
CA GLY KA 181 -32.74 1.89 -10.92
C GLY KA 181 -31.30 2.09 -11.35
N ASP KA 182 -31.03 1.76 -12.62
CA ASP KA 182 -29.74 1.96 -13.25
C ASP KA 182 -29.74 3.15 -14.20
N ALA KA 183 -30.45 4.22 -13.84
CA ALA KA 183 -30.62 5.33 -14.77
C ALA KA 183 -29.37 6.22 -14.83
N GLU KA 184 -28.40 5.96 -13.95
CA GLU KA 184 -27.13 6.67 -14.03
C GLU KA 184 -26.33 6.26 -15.26
N LEU KA 185 -26.38 4.97 -15.61
CA LEU KA 185 -25.75 4.47 -16.83
C LEU KA 185 -26.76 4.21 -17.94
N PHE KA 186 -27.79 5.06 -18.05
CA PHE KA 186 -28.86 4.90 -19.02
C PHE KA 186 -28.39 4.98 -20.46
N GLY KA 187 -27.39 5.83 -20.72
CA GLY KA 187 -26.97 6.07 -22.09
C GLY KA 187 -26.30 4.87 -22.73
N GLU KA 188 -25.67 4.04 -21.91
CA GLU KA 188 -24.98 2.85 -22.40
C GLU KA 188 -25.89 1.64 -22.45
N ASN KA 189 -27.14 1.78 -22.04
CA ASN KA 189 -28.12 0.72 -22.24
C ASN KA 189 -28.99 0.94 -23.45
N ASN KA 190 -29.39 2.18 -23.72
CA ASN KA 190 -30.25 2.51 -24.84
C ASN KA 190 -29.35 2.58 -26.08
N LYS KA 191 -29.61 1.70 -27.03
CA LYS KA 191 -28.84 1.65 -28.28
C LYS KA 191 -29.68 2.29 -29.37
N VAL KA 192 -29.22 3.42 -29.88
CA VAL KA 192 -30.00 4.19 -30.85
C VAL KA 192 -29.35 4.13 -32.22
N PHE KA 193 -30.09 3.62 -33.20
CA PHE KA 193 -29.69 3.60 -34.59
C PHE KA 193 -29.65 5.04 -35.09
N ASP KA 194 -28.54 5.44 -35.70
CA ASP KA 194 -28.31 6.82 -36.06
C ASP KA 194 -28.09 6.94 -37.56
N ILE KA 195 -28.74 7.94 -38.17
CA ILE KA 195 -28.55 8.28 -39.57
C ILE KA 195 -28.05 9.71 -39.64
N THR KA 196 -26.91 9.91 -40.29
CA THR KA 196 -26.40 11.27 -40.49
C THR KA 196 -26.33 11.59 -41.97
N GLN KA 197 -25.77 12.76 -42.30
CA GLN KA 197 -25.68 13.22 -43.67
C GLN KA 197 -24.22 13.31 -44.09
N GLY KA 198 -23.99 13.23 -45.39
CA GLY KA 198 -22.66 13.42 -45.93
C GLY KA 198 -22.75 14.13 -47.26
N ARG KA 199 -21.72 14.87 -47.63
CA ARG KA 199 -21.73 15.69 -48.84
C ARG KA 199 -20.51 15.34 -49.69
N ILE KA 200 -20.74 14.72 -50.84
CA ILE KA 200 -19.67 14.36 -51.76
C ILE KA 200 -19.69 15.36 -52.91
N GLU KA 201 -18.51 15.66 -53.46
CA GLU KA 201 -18.36 16.59 -54.57
C GLU KA 201 -17.43 15.98 -55.60
N MET KA 202 -17.99 15.50 -56.70
CA MET KA 202 -17.24 14.85 -57.77
C MET KA 202 -16.91 15.85 -58.86
N GLU KA 203 -15.96 15.47 -59.72
CA GLU KA 203 -15.50 16.39 -60.76
C GLU KA 203 -14.94 15.56 -61.91
N VAL KA 204 -15.68 15.49 -63.01
CA VAL KA 204 -15.22 14.78 -64.19
C VAL KA 204 -14.15 15.60 -64.88
N ASN KA 205 -13.05 14.96 -65.26
CA ASN KA 205 -12.06 15.70 -66.03
C ASN KA 205 -11.51 14.96 -67.24
N LYS KA 206 -11.76 13.66 -67.37
CA LYS KA 206 -11.28 12.89 -68.51
C LYS KA 206 -12.38 11.95 -68.97
N VAL KA 207 -12.77 12.06 -70.24
CA VAL KA 207 -13.90 11.34 -70.81
C VAL KA 207 -13.42 10.59 -72.04
N ASN KA 208 -13.93 9.38 -72.25
CA ASN KA 208 -13.98 8.77 -73.57
C ASN KA 208 -15.43 8.80 -74.05
N ALA KA 209 -15.62 9.20 -75.31
CA ALA KA 209 -16.94 9.09 -75.92
C ALA KA 209 -17.04 7.89 -76.84
N GLU KA 210 -15.90 7.46 -77.40
CA GLU KA 210 -15.85 6.24 -78.20
C GLU KA 210 -15.97 5.01 -77.33
N ASP KA 211 -15.77 5.16 -76.02
CA ASP KA 211 -15.83 4.07 -75.08
C ASP KA 211 -16.88 4.32 -74.01
N SER KA 212 -17.40 5.55 -73.92
CA SER KA 212 -18.51 5.96 -73.05
C SER KA 212 -18.19 5.71 -71.58
N GLU KA 213 -16.98 6.09 -71.16
CA GLU KA 213 -16.55 5.92 -69.79
C GLU KA 213 -15.85 7.19 -69.34
N ILE KA 214 -16.24 7.68 -68.16
CA ILE KA 214 -15.73 8.93 -67.63
C ILE KA 214 -14.95 8.63 -66.35
N GLY KA 215 -14.28 9.65 -65.83
CA GLY KA 215 -13.55 9.48 -64.61
C GLY KA 215 -12.81 10.72 -64.17
N GLY KA 216 -12.83 11.01 -62.87
CA GLY KA 216 -12.17 12.19 -62.37
C GLY KA 216 -11.96 12.12 -60.88
N VAL KA 217 -11.74 13.30 -60.30
CA VAL KA 217 -11.37 13.42 -58.89
C VAL KA 217 -12.58 13.85 -58.10
N PHE KA 218 -12.78 13.26 -56.92
CA PHE KA 218 -13.86 13.69 -56.05
C PHE KA 218 -13.28 14.23 -54.76
N VAL KA 219 -14.18 14.67 -53.89
CA VAL KA 219 -13.87 14.95 -52.48
C VAL KA 219 -15.14 14.73 -51.68
N ALA KA 220 -15.05 13.97 -50.61
CA ALA KA 220 -16.21 13.56 -49.82
C ALA KA 220 -15.97 13.88 -48.36
N THR KA 221 -16.99 14.44 -47.72
CA THR KA 221 -16.96 14.65 -46.28
C THR KA 221 -18.16 13.98 -45.67
N GLN KA 222 -17.98 13.39 -44.49
CA GLN KA 222 -19.07 12.76 -43.78
C GLN KA 222 -18.72 12.76 -42.30
N LEU KA 223 -19.49 12.02 -41.53
CA LEU KA 223 -19.34 11.97 -40.09
C LEU KA 223 -19.03 10.53 -39.72
N SER KA 224 -18.09 10.35 -38.78
CA SER KA 224 -17.71 9.01 -38.37
C SER KA 224 -18.79 8.41 -37.48
N ASP KA 225 -18.54 7.21 -36.98
CA ASP KA 225 -19.56 6.55 -36.20
C ASP KA 225 -19.49 6.93 -34.73
N THR KA 226 -20.49 6.49 -33.99
CA THR KA 226 -20.64 6.86 -32.58
C THR KA 226 -20.89 5.65 -31.69
N ASP KA 227 -21.02 4.46 -32.27
CA ASP KA 227 -21.48 3.23 -31.60
C ASP KA 227 -22.80 3.48 -30.86
N MET KA 228 -23.79 3.94 -31.63
CA MET KA 228 -25.18 4.06 -31.20
C MET KA 228 -25.34 5.01 -30.02
N GLY KA 229 -24.57 6.09 -30.05
CA GLY KA 229 -24.60 7.08 -28.98
C GLY KA 229 -23.58 6.86 -27.89
N SER KA 230 -22.50 6.12 -28.16
CA SER KA 230 -21.51 5.88 -27.12
C SER KA 230 -20.56 7.06 -26.99
N LYS KA 231 -20.32 7.78 -28.07
CA LYS KA 231 -19.38 8.90 -28.04
C LYS KA 231 -19.85 9.96 -29.03
N THR KA 232 -19.11 11.05 -29.07
CA THR KA 232 -19.36 12.09 -30.04
C THR KA 232 -18.68 11.72 -31.35
N PRO KA 233 -19.39 11.66 -32.46
CA PRO KA 233 -18.75 11.33 -33.73
C PRO KA 233 -17.96 12.51 -34.26
N LYS KA 234 -17.00 12.20 -35.13
CA LYS KA 234 -16.06 13.21 -35.61
C LYS KA 234 -16.13 13.32 -37.12
N LYS KA 235 -15.92 14.54 -37.61
CA LYS KA 235 -16.05 14.83 -39.02
C LYS KA 235 -14.87 14.27 -39.80
N VAL KA 236 -15.16 13.49 -40.83
CA VAL KA 236 -14.13 12.80 -41.61
C VAL KA 236 -14.17 13.30 -43.04
N LEU KA 237 -13.06 13.84 -43.50
CA LEU KA 237 -12.87 14.26 -44.88
C LEU KA 237 -12.01 13.23 -45.61
N THR KA 238 -12.33 13.01 -46.88
CA THR KA 238 -11.52 12.13 -47.69
C THR KA 238 -11.49 12.62 -49.13
N LYS KA 239 -10.49 12.13 -49.87
CA LYS KA 239 -10.26 12.53 -51.26
C LYS KA 239 -9.78 11.32 -52.03
N GLY KA 240 -10.02 11.32 -53.33
CA GLY KA 240 -9.56 10.22 -54.14
C GLY KA 240 -9.88 10.42 -55.60
N ILE KA 241 -10.12 9.31 -56.29
CA ILE KA 241 -10.43 9.31 -57.70
C ILE KA 241 -11.60 8.36 -57.92
N PHE KA 242 -12.42 8.64 -58.91
CA PHE KA 242 -13.49 7.74 -59.28
C PHE KA 242 -13.39 7.42 -60.76
N TYR KA 243 -14.41 6.73 -61.24
CA TYR KA 243 -14.43 6.17 -62.58
C TYR KA 243 -15.84 5.68 -62.83
N ALA KA 244 -16.38 5.91 -64.01
CA ALA KA 244 -17.75 5.51 -64.27
C ALA KA 244 -17.93 5.18 -65.74
N LYS KA 245 -18.88 4.29 -66.00
CA LYS KA 245 -19.26 3.94 -67.36
C LYS KA 245 -20.65 4.49 -67.66
N VAL KA 246 -20.69 5.47 -68.56
CA VAL KA 246 -21.91 6.26 -68.74
C VAL KA 246 -22.97 5.55 -69.55
N ASP KA 247 -22.59 4.52 -70.31
CA ASP KA 247 -23.46 3.77 -71.23
C ASP KA 247 -24.18 4.66 -72.25
N MET LA 1 -1.55 2.72 -13.29
CA MET LA 1 -1.15 2.60 -11.90
C MET LA 1 -1.31 1.17 -11.43
N GLU LA 2 -2.34 0.50 -11.95
CA GLU LA 2 -2.61 -0.88 -11.54
C GLU LA 2 -1.69 -1.85 -12.27
N ALA LA 3 -1.44 -1.61 -13.55
CA ALA LA 3 -0.62 -2.50 -14.35
C ALA LA 3 0.86 -2.39 -14.03
N LEU LA 4 1.26 -1.37 -13.29
CA LEU LA 4 2.65 -1.23 -12.88
C LEU LA 4 3.05 -2.31 -11.90
N VAL LA 5 2.09 -2.79 -11.10
CA VAL LA 5 2.37 -3.86 -10.15
C VAL LA 5 2.53 -5.17 -10.89
N TYR LA 6 1.70 -5.40 -11.92
CA TYR LA 6 1.77 -6.65 -12.67
C TYR LA 6 3.08 -6.79 -13.43
N THR LA 7 3.58 -5.68 -13.97
CA THR LA 7 4.85 -5.71 -14.68
C THR LA 7 6.01 -5.98 -13.73
N PHE LA 8 5.97 -5.38 -12.54
CA PHE LA 8 7.02 -5.59 -11.56
C PHE LA 8 7.03 -7.02 -11.04
N LEU LA 9 5.88 -7.67 -10.98
CA LEU LA 9 5.86 -9.07 -10.58
C LEU LA 9 6.43 -9.96 -11.67
N LEU LA 10 6.21 -9.60 -12.93
CA LEU LA 10 6.67 -10.45 -14.02
C LEU LA 10 8.18 -10.35 -14.23
N ILE LA 11 8.71 -9.13 -14.31
CA ILE LA 11 10.15 -9.02 -14.50
C ILE LA 11 10.89 -9.36 -13.22
N GLY LA 12 10.24 -9.21 -12.06
CA GLY LA 12 10.86 -9.68 -10.83
C GLY LA 12 10.93 -11.19 -10.75
N THR LA 13 9.99 -11.88 -11.39
CA THR LA 13 10.05 -13.33 -11.45
C THR LA 13 11.16 -13.76 -12.39
N LEU LA 14 11.39 -13.01 -13.46
CA LEU LA 14 12.43 -13.37 -14.40
C LEU LA 14 13.81 -13.04 -13.88
N MET LA 15 13.91 -12.24 -12.82
CA MET LA 15 15.22 -12.02 -12.22
C MET LA 15 15.68 -13.27 -11.49
N VAL LA 16 14.82 -13.86 -10.67
CA VAL LA 16 15.23 -14.97 -9.84
C VAL LA 16 15.40 -16.24 -10.68
N ILE LA 17 14.83 -16.25 -11.88
CA ILE LA 17 15.14 -17.30 -12.85
C ILE LA 17 16.55 -17.11 -13.40
N PHE LA 18 16.96 -15.85 -13.60
CA PHE LA 18 18.29 -15.58 -14.10
C PHE LA 18 19.36 -15.96 -13.08
N PHE LA 19 19.11 -15.63 -11.82
CA PHE LA 19 20.12 -15.92 -10.78
C PHE LA 19 20.18 -17.40 -10.47
N ALA LA 20 19.11 -18.13 -10.73
CA ALA LA 20 19.10 -19.55 -10.39
C ALA LA 20 19.85 -20.36 -11.42
N VAL LA 21 19.93 -19.85 -12.65
CA VAL LA 21 20.60 -20.59 -13.71
C VAL LA 21 22.10 -20.32 -13.67
N PHE LA 22 22.48 -19.06 -13.46
CA PHE LA 22 23.88 -18.72 -13.65
C PHE LA 22 24.63 -18.68 -12.33
N PHE LA 23 23.97 -18.27 -11.26
CA PHE LA 23 24.60 -18.28 -9.95
C PHE LA 23 24.19 -19.48 -9.14
N ARG LA 24 24.03 -20.64 -9.77
CA ARG LA 24 23.59 -21.81 -9.04
C ARG LA 24 24.73 -22.36 -8.20
N GLU LA 25 24.38 -23.00 -7.09
CA GLU LA 25 25.36 -23.67 -6.27
C GLU LA 25 25.85 -24.89 -7.03
N THR LA 26 27.06 -24.82 -7.56
CA THR LA 26 27.54 -25.86 -8.46
C THR LA 26 27.88 -27.12 -7.67
N PRO LA 27 27.26 -28.25 -7.96
CA PRO LA 27 27.51 -29.45 -7.19
C PRO LA 27 28.85 -30.08 -7.56
N ARG LA 28 29.54 -30.59 -6.56
CA ARG LA 28 30.88 -31.09 -6.74
C ARG LA 28 31.01 -32.46 -6.10
N ILE LA 29 31.72 -33.35 -6.80
CA ILE LA 29 32.07 -34.64 -6.23
C ILE LA 29 33.28 -34.45 -5.32
N LEU LA 30 33.27 -35.14 -4.18
CA LEU LA 30 34.26 -35.02 -3.08
C LEU LA 30 34.39 -33.58 -2.60
N VAL MA 1 -33.22 -0.26 -28.46
CA VAL MA 1 -34.02 0.60 -27.61
C VAL MA 1 -34.52 -0.23 -26.43
N ILE MA 2 -34.44 0.33 -25.22
CA ILE MA 2 -34.96 -0.35 -24.04
C ILE MA 2 -36.46 -0.52 -24.15
N ASP MA 3 -37.17 0.59 -24.28
CA ASP MA 3 -38.62 0.63 -24.24
C ASP MA 3 -39.15 1.01 -25.62
N TYR MA 4 -39.31 0.01 -26.47
CA TYR MA 4 -39.79 0.21 -27.83
C TYR MA 4 -41.24 -0.21 -27.90
N GLU MA 5 -42.12 0.73 -28.22
CA GLU MA 5 -43.50 0.38 -28.46
C GLU MA 5 -43.61 -0.22 -29.85
N ASN MA 6 -44.65 -1.04 -30.05
CA ASN MA 6 -44.99 -1.84 -31.22
C ASN MA 6 -44.03 -3.01 -31.38
N ILE MA 7 -43.66 -3.63 -30.27
CA ILE MA 7 -43.00 -4.93 -30.34
C ILE MA 7 -43.97 -5.98 -30.85
N GLY MA 8 -45.24 -5.86 -30.48
CA GLY MA 8 -46.21 -6.88 -30.81
C GLY MA 8 -46.51 -6.94 -32.29
N TYR MA 9 -46.49 -5.80 -32.96
CA TYR MA 9 -46.87 -5.76 -34.37
C TYR MA 9 -45.80 -6.35 -35.28
N LEU MA 10 -44.62 -6.63 -34.73
CA LEU MA 10 -43.56 -7.24 -35.55
C LEU MA 10 -43.92 -8.64 -36.00
N GLY MA 11 -43.96 -9.60 -35.07
CA GLY MA 11 -44.11 -10.98 -35.49
C GLY MA 11 -45.23 -11.77 -34.89
N GLY MA 12 -45.69 -11.41 -33.70
CA GLY MA 12 -46.44 -12.33 -32.88
C GLY MA 12 -47.84 -11.96 -32.47
N SER MA 13 -48.30 -10.74 -32.75
CA SER MA 13 -49.63 -10.34 -32.31
C SER MA 13 -50.73 -10.78 -33.26
N SER MA 14 -50.37 -11.40 -34.39
CA SER MA 14 -51.29 -11.73 -35.51
C SER MA 14 -52.02 -10.50 -36.03
N ILE MA 15 -51.36 -9.35 -35.94
CA ILE MA 15 -51.68 -8.17 -36.74
C ILE MA 15 -50.34 -7.51 -37.07
N VAL MA 16 -49.90 -7.67 -38.32
CA VAL MA 16 -48.49 -7.47 -38.59
C VAL MA 16 -48.23 -6.02 -38.95
N ASP MA 17 -47.00 -5.58 -38.76
CA ASP MA 17 -46.58 -4.27 -39.21
C ASP MA 17 -46.10 -4.42 -40.65
N ILE MA 18 -46.10 -3.32 -41.41
CA ILE MA 18 -45.61 -3.39 -42.77
C ILE MA 18 -44.14 -3.01 -42.83
N ASN MA 19 -43.80 -1.82 -42.38
CA ASN MA 19 -42.47 -1.28 -42.57
C ASN MA 19 -41.50 -1.68 -41.47
N ASN MA 20 -41.85 -2.64 -40.61
CA ASN MA 20 -40.94 -3.11 -39.59
C ASN MA 20 -40.89 -4.62 -39.44
N ALA MA 21 -41.81 -5.36 -40.04
CA ALA MA 21 -41.84 -6.80 -39.83
C ALA MA 21 -40.80 -7.51 -40.66
N ASN MA 22 -40.35 -8.66 -40.16
CA ASN MA 22 -39.49 -9.54 -40.91
C ASN MA 22 -40.30 -10.22 -42.00
N VAL MA 23 -39.62 -10.75 -43.01
CA VAL MA 23 -40.32 -11.52 -44.03
C VAL MA 23 -40.82 -12.85 -43.47
N ARG MA 24 -40.28 -13.30 -42.34
CA ARG MA 24 -40.82 -14.46 -41.64
C ARG MA 24 -42.17 -14.18 -41.02
N ALA MA 25 -42.53 -12.91 -40.81
CA ALA MA 25 -43.81 -12.61 -40.20
C ALA MA 25 -44.95 -12.82 -41.19
N TYR MA 26 -44.68 -12.65 -42.48
CA TYR MA 26 -45.66 -12.90 -43.51
C TYR MA 26 -45.76 -14.36 -43.87
N LEU MA 27 -45.03 -15.24 -43.19
CA LEU MA 27 -45.14 -16.67 -43.46
C LEU MA 27 -46.42 -17.22 -42.85
N LYS MA 28 -46.94 -16.57 -41.81
CA LYS MA 28 -48.15 -17.05 -41.16
C LYS MA 28 -49.40 -16.76 -41.97
N MET MA 29 -49.28 -16.02 -43.07
CA MET MA 29 -50.40 -15.74 -43.93
C MET MA 29 -50.27 -16.64 -45.16
N PRO MA 30 -51.18 -17.59 -45.36
CA PRO MA 30 -51.11 -18.45 -46.54
C PRO MA 30 -51.31 -17.69 -47.84
N GLY MA 31 -50.35 -17.81 -48.74
CA GLY MA 31 -50.43 -17.21 -50.04
C GLY MA 31 -49.42 -16.12 -50.32
N MET MA 32 -48.81 -15.54 -49.28
CA MET MA 32 -48.01 -14.34 -49.50
C MET MA 32 -46.52 -14.65 -49.55
N TYR MA 33 -46.06 -15.60 -48.75
CA TYR MA 33 -44.68 -16.03 -48.90
C TYR MA 33 -44.56 -16.98 -50.08
N PRO MA 34 -43.55 -16.80 -50.94
CA PRO MA 34 -42.49 -15.78 -50.89
C PRO MA 34 -42.67 -14.62 -51.85
N THR MA 35 -43.58 -14.74 -52.81
CA THR MA 35 -43.65 -13.81 -53.92
C THR MA 35 -44.25 -12.48 -53.51
N VAL MA 36 -45.46 -12.52 -52.96
CA VAL MA 36 -46.15 -11.30 -52.59
C VAL MA 36 -45.50 -10.67 -51.38
N ALA MA 37 -45.02 -11.49 -50.44
CA ALA MA 37 -44.29 -10.98 -49.30
C ALA MA 37 -42.92 -10.44 -49.71
N GLY MA 38 -42.37 -10.94 -50.82
CA GLY MA 38 -41.06 -10.48 -51.25
C GLY MA 38 -41.07 -9.07 -51.77
N LYS MA 39 -42.21 -8.62 -52.32
CA LYS MA 39 -42.27 -7.27 -52.87
C LYS MA 39 -42.55 -6.25 -51.79
N ILE MA 40 -43.31 -6.64 -50.76
CA ILE MA 40 -43.67 -5.73 -49.69
C ILE MA 40 -42.45 -5.36 -48.86
N VAL MA 41 -41.65 -6.36 -48.54
CA VAL MA 41 -40.46 -6.17 -47.72
C VAL MA 41 -39.39 -5.41 -48.49
N SER MA 42 -39.36 -5.55 -49.81
CA SER MA 42 -38.27 -5.00 -50.61
C SER MA 42 -38.37 -3.49 -50.76
N HIS MA 43 -39.58 -2.96 -50.89
CA HIS MA 43 -39.69 -1.54 -51.18
C HIS MA 43 -39.76 -0.70 -49.90
N GLY MA 44 -39.82 0.61 -50.09
CA GLY MA 44 -39.57 1.55 -49.04
C GLY MA 44 -40.75 1.74 -48.12
N PRO MA 45 -40.76 2.88 -47.41
CA PRO MA 45 -41.77 3.11 -46.36
C PRO MA 45 -43.18 3.27 -46.88
N TYR MA 46 -44.12 2.62 -46.22
CA TYR MA 46 -45.53 2.71 -46.54
C TYR MA 46 -46.26 3.46 -45.44
N SER MA 47 -47.32 4.15 -45.82
CA SER MA 47 -48.12 4.89 -44.84
C SER MA 47 -49.45 4.22 -44.53
N GLY MA 48 -49.92 3.31 -45.38
CA GLY MA 48 -51.16 2.62 -45.09
C GLY MA 48 -51.26 1.34 -45.88
N VAL MA 49 -52.40 0.66 -45.70
CA VAL MA 49 -52.68 -0.56 -46.45
C VAL MA 49 -53.04 -0.19 -47.89
N ALA MA 50 -53.49 1.05 -48.11
CA ALA MA 50 -53.77 1.50 -49.47
C ALA MA 50 -52.48 1.69 -50.26
N ASP MA 51 -51.36 1.90 -49.56
CA ASP MA 51 -50.09 2.04 -50.27
C ASP MA 51 -49.52 0.69 -50.69
N LEU MA 52 -50.13 -0.40 -50.23
CA LEU MA 52 -49.70 -1.72 -50.68
C LEU MA 52 -50.08 -1.94 -52.13
N TYR MA 53 -51.09 -1.23 -52.61
CA TYR MA 53 -51.51 -1.37 -54.01
C TYR MA 53 -50.69 -0.48 -54.93
N LYS MA 54 -49.84 0.36 -54.34
CA LYS MA 54 -48.97 1.22 -55.14
C LYS MA 54 -47.64 0.57 -55.50
N ILE MA 55 -47.46 -0.71 -55.18
CA ILE MA 55 -46.20 -1.40 -55.42
C ILE MA 55 -46.00 -1.58 -56.93
N PRO MA 56 -44.87 -1.15 -57.48
CA PRO MA 56 -44.59 -1.42 -58.89
C PRO MA 56 -44.41 -2.91 -59.15
N GLY MA 57 -45.24 -3.44 -60.05
CA GLY MA 57 -45.16 -4.85 -60.37
C GLY MA 57 -46.11 -5.70 -59.54
N LEU MA 58 -47.39 -5.35 -59.54
CA LEU MA 58 -48.42 -6.13 -58.88
C LEU MA 58 -49.35 -6.74 -59.92
N SER MA 59 -49.77 -7.97 -59.68
CA SER MA 59 -50.81 -8.61 -60.47
C SER MA 59 -52.15 -8.44 -59.79
N SER MA 60 -53.18 -9.05 -60.38
CA SER MA 60 -54.47 -9.14 -59.70
C SER MA 60 -54.45 -10.26 -58.68
N ALA MA 61 -53.60 -11.26 -58.88
CA ALA MA 61 -53.45 -12.31 -57.89
C ALA MA 61 -52.58 -11.87 -56.73
N GLU MA 62 -51.64 -10.97 -56.99
CA GLU MA 62 -50.82 -10.44 -55.90
C GLU MA 62 -51.61 -9.45 -55.06
N ALA MA 63 -52.52 -8.71 -55.68
CA ALA MA 63 -53.42 -7.88 -54.92
C ALA MA 63 -54.53 -8.69 -54.25
N ASP MA 64 -54.71 -9.95 -54.63
CA ASP MA 64 -55.79 -10.76 -54.08
C ASP MA 64 -55.47 -11.19 -52.65
N VAL MA 65 -54.26 -11.69 -52.41
CA VAL MA 65 -53.90 -12.17 -51.09
C VAL MA 65 -53.65 -11.00 -50.15
N ILE MA 66 -53.37 -9.82 -50.69
CA ILE MA 66 -53.33 -8.63 -49.85
C ILE MA 66 -54.74 -8.21 -49.48
N LYS MA 67 -55.70 -8.43 -50.38
CA LYS MA 67 -57.08 -8.07 -50.12
C LYS MA 67 -57.69 -8.97 -49.05
N LYS MA 68 -57.24 -10.22 -48.97
CA LYS MA 68 -57.70 -11.12 -47.92
C LYS MA 68 -57.28 -10.63 -46.56
N TYR MA 69 -55.99 -10.32 -46.39
CA TYR MA 69 -55.41 -10.06 -45.08
C TYR MA 69 -55.24 -8.58 -44.79
N GLU MA 70 -55.97 -7.71 -45.50
CA GLU MA 70 -55.78 -6.28 -45.33
C GLU MA 70 -56.28 -5.80 -43.97
N SER MA 71 -57.13 -6.59 -43.32
CA SER MA 71 -57.48 -6.31 -41.93
C SER MA 71 -56.31 -6.65 -41.01
N ARG MA 72 -55.51 -7.63 -41.38
CA ARG MA 72 -54.43 -8.07 -40.51
C ARG MA 72 -53.15 -7.26 -40.77
N LEU MA 73 -52.97 -6.81 -42.00
CA LEU MA 73 -51.91 -5.88 -42.31
C LEU MA 73 -52.23 -4.50 -41.75
N THR MA 74 -51.22 -3.88 -41.15
CA THR MA 74 -51.31 -2.48 -40.75
C THR MA 74 -49.92 -1.88 -40.75
N ALA MA 75 -49.86 -0.56 -40.88
CA ALA MA 75 -48.60 0.14 -41.05
C ALA MA 75 -48.34 1.05 -39.86
N LYS MA 76 -47.08 1.09 -39.42
CA LYS MA 76 -46.70 1.87 -38.25
C LYS MA 76 -45.55 2.81 -38.55
N THR MA 77 -44.97 3.40 -37.52
CA THR MA 77 -43.84 4.29 -37.67
C THR MA 77 -42.59 3.50 -37.98
N PRO MA 78 -41.85 3.82 -39.05
CA PRO MA 78 -40.63 3.06 -39.37
C PRO MA 78 -39.48 3.47 -38.46
N SER MA 79 -39.14 2.60 -37.51
CA SER MA 79 -37.93 2.86 -36.74
C SER MA 79 -36.76 2.22 -37.46
N PRO MA 80 -35.73 3.00 -37.81
CA PRO MA 80 -34.82 2.59 -38.90
C PRO MA 80 -33.90 1.41 -38.61
N ASP MA 81 -33.89 0.88 -37.39
CA ASP MA 81 -33.07 -0.29 -37.12
C ASP MA 81 -33.80 -1.58 -37.44
N TYR MA 82 -35.13 -1.56 -37.37
CA TYR MA 82 -35.91 -2.71 -37.79
C TYR MA 82 -36.09 -2.74 -39.30
N VAL MA 83 -35.91 -1.60 -39.97
CA VAL MA 83 -36.23 -1.56 -41.39
C VAL MA 83 -35.08 -2.13 -42.20
N ILE MA 84 -33.92 -2.32 -41.57
CA ILE MA 84 -32.76 -2.83 -42.30
C ILE MA 84 -32.84 -4.34 -42.39
N ASP MA 85 -33.10 -4.99 -41.26
CA ASP MA 85 -33.14 -6.45 -41.18
C ASP MA 85 -34.56 -6.97 -41.43
N ARG MA 86 -35.13 -6.57 -42.55
CA ARG MA 86 -36.45 -7.02 -42.95
C ARG MA 86 -36.41 -8.26 -43.83
N ILE MA 87 -35.37 -8.43 -44.64
CA ILE MA 87 -35.15 -9.67 -45.37
C ILE MA 87 -34.57 -10.74 -44.46
N ASN MA 88 -33.55 -10.38 -43.69
CA ASN MA 88 -32.86 -11.33 -42.85
C ASN MA 88 -32.44 -10.61 -41.58
N ASN MA 89 -32.93 -11.08 -40.44
CA ASN MA 89 -32.52 -10.53 -39.15
C ASN MA 89 -31.72 -11.54 -38.35
N GLY MA 90 -31.29 -12.62 -39.00
CA GLY MA 90 -30.50 -13.61 -38.30
C GLY MA 90 -31.31 -14.51 -37.41
N LEU MA 91 -32.52 -14.86 -37.84
CA LEU MA 91 -33.37 -15.78 -37.10
C LEU MA 91 -33.63 -16.97 -38.01
N TYR MA 92 -33.27 -18.15 -37.54
CA TYR MA 92 -33.45 -19.36 -38.33
C TYR MA 92 -33.96 -20.47 -37.42
N ARG MA 93 -34.90 -21.24 -37.95
CA ARG MA 93 -35.53 -22.30 -37.18
C ARG MA 93 -34.62 -23.50 -37.01
N ASP NA 2 -45.69 -49.99 -27.66
CA ASP NA 2 -46.58 -48.90 -27.25
C ASP NA 2 -46.85 -48.05 -28.49
N LEU NA 3 -46.59 -48.62 -29.66
CA LEU NA 3 -47.09 -48.04 -30.92
C LEU NA 3 -48.51 -48.52 -31.11
N ASP NA 4 -49.43 -47.83 -30.43
CA ASP NA 4 -50.83 -48.19 -30.54
C ASP NA 4 -51.36 -47.79 -31.90
N GLU NA 5 -52.41 -48.48 -32.35
CA GLU NA 5 -52.95 -48.21 -33.67
C GLU NA 5 -53.70 -46.89 -33.71
N ALA NA 6 -54.08 -46.35 -32.55
CA ALA NA 6 -54.63 -45.00 -32.52
C ALA NA 6 -53.54 -43.97 -32.75
N THR NA 7 -52.31 -44.28 -32.35
CA THR NA 7 -51.20 -43.36 -32.58
C THR NA 7 -50.66 -43.49 -33.99
N ARG NA 8 -50.74 -44.70 -34.57
CA ARG NA 8 -50.32 -44.88 -35.95
C ARG NA 8 -51.37 -44.40 -36.95
N THR NA 9 -52.54 -44.01 -36.49
CA THR NA 9 -53.60 -43.57 -37.40
C THR NA 9 -53.39 -42.13 -37.83
N VAL NA 10 -53.12 -41.93 -39.11
CA VAL NA 10 -52.77 -40.62 -39.66
C VAL NA 10 -53.78 -40.20 -40.73
N VAL NA 11 -53.82 -38.90 -40.99
CA VAL NA 11 -54.81 -38.33 -41.91
C VAL NA 11 -54.33 -38.55 -43.34
N VAL NA 12 -55.25 -38.97 -44.22
CA VAL NA 12 -54.85 -39.51 -45.52
C VAL NA 12 -55.31 -38.66 -46.70
N ASP NA 13 -56.40 -37.89 -46.61
CA ASP NA 13 -56.83 -37.13 -47.78
C ASP NA 13 -57.18 -35.71 -47.38
N ASN NA 14 -57.44 -34.88 -48.39
CA ASN NA 14 -57.73 -33.47 -48.16
C ASN NA 14 -59.05 -33.26 -47.43
N ALA NA 15 -59.97 -34.22 -47.56
CA ALA NA 15 -61.23 -34.14 -46.83
C ALA NA 15 -61.02 -34.35 -45.33
N GLY NA 16 -60.19 -35.33 -44.97
CA GLY NA 16 -59.91 -35.59 -43.57
C GLY NA 16 -60.09 -37.01 -43.09
N ASN NA 17 -60.06 -37.98 -44.00
CA ASN NA 17 -60.13 -39.38 -43.59
C ASN NA 17 -58.82 -39.80 -42.95
N THR NA 18 -58.90 -40.74 -42.01
CA THR NA 18 -57.74 -41.21 -41.27
C THR NA 18 -57.60 -42.71 -41.45
N THR NA 19 -56.42 -43.14 -41.90
CA THR NA 19 -56.08 -44.55 -41.98
C THR NA 19 -54.85 -44.83 -41.12
N VAL NA 20 -54.59 -46.11 -40.90
CA VAL NA 20 -53.54 -46.53 -40.01
C VAL NA 20 -52.35 -46.99 -40.84
N LEU NA 21 -51.15 -46.91 -40.26
CA LEU NA 21 -49.93 -47.36 -40.90
C LEU NA 21 -49.50 -48.68 -40.29
N THR NA 22 -49.31 -49.68 -41.14
CA THR NA 22 -48.83 -50.98 -40.70
C THR NA 22 -47.39 -50.86 -40.22
N PRO NA 23 -46.94 -51.75 -39.32
CA PRO NA 23 -45.62 -51.54 -38.69
C PRO NA 23 -44.41 -51.65 -39.62
N GLU NA 24 -44.56 -52.16 -40.84
CA GLU NA 24 -43.44 -52.05 -41.77
C GLU NA 24 -43.41 -50.70 -42.46
N GLN NA 25 -44.53 -49.96 -42.44
CA GLN NA 25 -44.54 -48.64 -43.04
C GLN NA 25 -43.78 -47.65 -42.18
N VAL NA 26 -43.86 -47.80 -40.86
CA VAL NA 26 -43.19 -46.86 -39.97
C VAL NA 26 -41.70 -47.19 -39.85
N LYS NA 27 -41.31 -48.38 -40.27
CA LYS NA 27 -39.91 -48.79 -40.14
C LYS NA 27 -39.14 -48.47 -41.41
N ARG NA 28 -39.72 -48.82 -42.57
CA ARG NA 28 -39.16 -48.39 -43.84
C ARG NA 28 -39.31 -46.90 -44.02
N GLY NA 29 -40.31 -46.31 -43.36
CA GLY NA 29 -40.50 -44.88 -43.45
C GLY NA 29 -39.39 -44.11 -42.78
N LYS NA 30 -38.75 -44.71 -41.79
CA LYS NA 30 -37.64 -44.02 -41.15
C LYS NA 30 -36.34 -44.24 -41.92
N ARG NA 31 -36.11 -45.46 -42.41
CA ARG NA 31 -34.87 -45.75 -43.12
C ARG NA 31 -34.80 -45.00 -44.44
N LEU NA 32 -35.92 -44.91 -45.14
CA LEU NA 32 -35.91 -44.18 -46.41
C LEU NA 32 -35.82 -42.67 -46.20
N PHE NA 33 -36.40 -42.16 -45.11
CA PHE NA 33 -36.39 -40.72 -44.91
C PHE NA 33 -35.01 -40.22 -44.56
N ASN NA 34 -34.28 -40.96 -43.72
CA ASN NA 34 -32.93 -40.56 -43.37
C ASN NA 34 -31.98 -40.74 -44.55
N ALA NA 35 -32.21 -41.75 -45.37
CA ALA NA 35 -31.32 -41.98 -46.50
C ALA NA 35 -31.59 -41.01 -47.63
N THR NA 36 -32.85 -40.69 -47.90
CA THR NA 36 -33.18 -39.81 -49.02
C THR NA 36 -33.34 -38.36 -48.58
N CYS NA 37 -34.30 -38.10 -47.70
CA CYS NA 37 -34.72 -36.74 -47.41
C CYS NA 37 -33.93 -36.12 -46.27
N GLY NA 38 -33.35 -36.95 -45.42
CA GLY NA 38 -32.85 -36.49 -44.15
C GLY NA 38 -31.54 -35.74 -44.22
N ALA NA 39 -30.95 -35.62 -45.40
CA ALA NA 39 -29.73 -34.84 -45.53
C ALA NA 39 -30.00 -33.37 -45.26
N CYS NA 40 -31.17 -32.88 -45.66
CA CYS NA 40 -31.55 -31.51 -45.40
C CYS NA 40 -32.74 -31.38 -44.48
N HIS NA 41 -33.69 -32.29 -44.58
CA HIS NA 41 -34.86 -32.25 -43.71
C HIS NA 41 -34.68 -33.09 -42.45
N VAL NA 42 -33.59 -32.92 -41.73
CA VAL NA 42 -33.36 -33.74 -40.54
C VAL NA 42 -34.11 -33.15 -39.35
N GLY NA 43 -34.99 -33.97 -38.77
CA GLY NA 43 -35.77 -33.54 -37.64
C GLY NA 43 -36.83 -32.51 -37.93
N GLY NA 44 -37.18 -32.29 -39.20
CA GLY NA 44 -38.26 -31.41 -39.54
C GLY NA 44 -37.84 -30.02 -39.99
N ILE NA 45 -36.67 -29.59 -39.66
CA ILE NA 45 -36.18 -28.30 -40.13
C ILE NA 45 -35.60 -28.48 -41.52
N THR NA 46 -35.52 -27.41 -42.27
CA THR NA 46 -34.89 -27.41 -43.58
C THR NA 46 -33.60 -26.62 -43.49
N LYS NA 47 -32.49 -27.25 -43.89
CA LYS NA 47 -31.19 -26.61 -43.75
C LYS NA 47 -31.01 -25.48 -44.76
N THR NA 48 -31.40 -25.71 -46.00
CA THR NA 48 -31.12 -24.77 -47.07
C THR NA 48 -32.18 -23.68 -47.21
N ASN NA 49 -33.28 -23.77 -46.49
CA ASN NA 49 -34.31 -22.74 -46.48
C ASN NA 49 -35.11 -22.87 -45.20
N PRO NA 50 -34.65 -22.27 -44.09
CA PRO NA 50 -35.24 -22.58 -42.78
C PRO NA 50 -36.64 -22.02 -42.57
N ASN NA 51 -37.13 -21.20 -43.48
CA ASN NA 51 -38.48 -20.69 -43.36
C ASN NA 51 -39.51 -21.77 -43.64
N VAL NA 52 -39.22 -22.65 -44.59
CA VAL NA 52 -40.17 -23.64 -45.05
C VAL NA 52 -39.77 -24.98 -44.44
N GLY NA 53 -40.39 -25.34 -43.32
CA GLY NA 53 -40.05 -26.53 -42.58
C GLY NA 53 -41.02 -27.67 -42.82
N LEU NA 54 -40.83 -28.73 -42.03
CA LEU NA 54 -41.77 -29.85 -42.02
C LEU NA 54 -42.65 -29.84 -40.79
N ASP NA 55 -42.89 -28.69 -40.23
CA ASP NA 55 -43.80 -28.56 -39.10
C ASP NA 55 -45.23 -28.87 -39.53
N PRO NA 56 -46.05 -29.45 -38.66
CA PRO NA 56 -47.47 -29.58 -38.99
C PRO NA 56 -48.18 -28.24 -39.05
N GLU NA 57 -47.65 -27.22 -38.37
CA GLU NA 57 -48.11 -25.86 -38.62
C GLU NA 57 -47.68 -25.38 -40.00
N ALA NA 58 -46.42 -25.65 -40.37
CA ALA NA 58 -45.89 -25.11 -41.62
C ALA NA 58 -46.42 -25.85 -42.83
N LEU NA 59 -46.71 -27.15 -42.69
CA LEU NA 59 -47.33 -27.88 -43.80
C LEU NA 59 -48.77 -27.44 -44.02
N SER NA 60 -49.45 -27.00 -42.97
CA SER NA 60 -50.83 -26.61 -43.10
C SER NA 60 -50.97 -25.24 -43.74
N LEU NA 61 -50.00 -24.36 -43.55
CA LEU NA 61 -50.13 -23.00 -44.05
C LEU NA 61 -49.73 -22.86 -45.51
N ALA NA 62 -49.27 -23.94 -46.14
CA ALA NA 62 -48.96 -23.87 -47.57
C ALA NA 62 -50.25 -23.76 -48.37
N THR NA 63 -50.15 -23.13 -49.55
CA THR NA 63 -51.33 -22.68 -50.29
C THR NA 63 -52.12 -23.87 -50.85
N PRO NA 64 -51.50 -24.95 -51.30
CA PRO NA 64 -52.19 -26.23 -51.14
C PRO NA 64 -51.84 -26.79 -49.77
N ARG NA 65 -52.86 -27.28 -49.05
CA ARG NA 65 -52.60 -27.84 -47.74
C ARG NA 65 -51.83 -29.14 -47.89
N ARG NA 66 -50.74 -29.27 -47.13
CA ARG NA 66 -49.78 -30.33 -47.33
C ARG NA 66 -49.75 -31.34 -46.19
N ASP NA 67 -50.71 -31.32 -45.28
CA ASP NA 67 -50.61 -32.19 -44.11
C ASP NA 67 -50.95 -33.63 -44.44
N ASN NA 68 -51.67 -33.87 -45.53
CA ASN NA 68 -52.18 -35.20 -45.79
C ASN NA 68 -51.08 -36.08 -46.38
N ILE NA 69 -51.28 -37.39 -46.26
CA ILE NA 69 -50.41 -38.33 -46.97
C ILE NA 69 -50.57 -38.16 -48.47
N SER NA 70 -51.81 -37.96 -48.93
CA SER NA 70 -52.04 -37.78 -50.36
C SER NA 70 -51.54 -36.44 -50.83
N ALA NA 71 -51.40 -35.48 -49.92
CA ALA NA 71 -50.88 -34.18 -50.31
C ALA NA 71 -49.35 -34.17 -50.31
N LEU NA 72 -48.73 -34.98 -49.45
CA LEU NA 72 -47.28 -35.02 -49.42
C LEU NA 72 -46.71 -35.79 -50.61
N VAL NA 73 -47.34 -36.92 -50.97
CA VAL NA 73 -46.88 -37.67 -52.13
C VAL NA 73 -47.20 -36.89 -53.41
N ASP NA 74 -48.21 -36.01 -53.35
CA ASP NA 74 -48.43 -35.05 -54.42
C ASP NA 74 -47.25 -34.10 -54.56
N TYR NA 75 -46.70 -33.64 -53.43
CA TYR NA 75 -45.58 -32.71 -53.47
C TYR NA 75 -44.33 -33.37 -54.00
N ILE NA 76 -44.16 -34.66 -53.73
CA ILE NA 76 -42.94 -35.35 -54.14
C ILE NA 76 -42.93 -35.52 -55.65
N LYS NA 77 -44.08 -35.81 -56.24
CA LYS NA 77 -44.10 -35.98 -57.69
C LYS NA 77 -44.20 -34.64 -58.40
N ASN NA 78 -44.63 -33.60 -57.70
CA ASN NA 78 -44.74 -32.26 -58.31
C ASN NA 78 -44.57 -31.19 -57.26
N PRO NA 79 -43.33 -30.81 -56.97
CA PRO NA 79 -43.12 -29.79 -55.94
C PRO NA 79 -43.31 -28.37 -56.44
N THR NA 80 -44.41 -27.74 -56.04
CA THR NA 80 -44.53 -26.32 -56.25
C THR NA 80 -43.88 -25.58 -55.09
N THR NA 81 -44.00 -24.26 -55.11
CA THR NA 81 -43.45 -23.47 -54.04
C THR NA 81 -44.38 -23.48 -52.83
N TYR NA 82 -44.09 -22.58 -51.90
CA TYR NA 82 -44.90 -22.47 -50.70
C TYR NA 82 -46.25 -21.82 -51.01
N ASP NA 83 -46.26 -20.86 -51.95
CA ASP NA 83 -47.53 -20.30 -52.38
C ASP NA 83 -48.11 -21.06 -53.55
N GLY NA 84 -47.42 -22.10 -54.01
CA GLY NA 84 -47.93 -22.99 -55.02
C GLY NA 84 -48.14 -22.39 -56.39
N LEU NA 85 -47.50 -21.26 -56.69
CA LEU NA 85 -47.71 -20.64 -57.99
C LEU NA 85 -46.84 -21.27 -59.06
N GLU NA 86 -45.56 -21.49 -58.77
CA GLU NA 86 -44.63 -22.02 -59.74
C GLU NA 86 -43.95 -23.27 -59.20
N SER NA 87 -43.35 -24.03 -60.10
CA SER NA 87 -42.70 -25.28 -59.73
C SER NA 87 -41.23 -25.06 -59.45
N ILE NA 88 -40.73 -25.79 -58.45
CA ILE NA 88 -39.32 -25.80 -58.10
C ILE NA 88 -38.82 -27.23 -58.19
N ALA NA 89 -39.38 -28.01 -59.11
CA ALA NA 89 -38.91 -29.36 -59.35
C ALA NA 89 -37.48 -29.39 -59.85
N GLU NA 90 -37.03 -28.32 -60.50
CA GLU NA 90 -35.68 -28.26 -61.01
C GLU NA 90 -34.65 -28.20 -59.88
N VAL NA 91 -35.03 -27.73 -58.70
CA VAL NA 91 -34.10 -27.62 -57.58
C VAL NA 91 -34.50 -28.50 -56.40
N HIS NA 92 -35.78 -28.82 -56.23
CA HIS NA 92 -36.04 -29.80 -55.19
C HIS NA 92 -36.05 -31.20 -55.80
N PRO NA 93 -35.57 -32.22 -55.08
CA PRO NA 93 -35.63 -33.57 -55.61
C PRO NA 93 -37.06 -34.05 -55.71
N SER NA 94 -37.38 -34.67 -56.84
CA SER NA 94 -38.75 -35.01 -57.15
C SER NA 94 -38.78 -36.29 -57.97
N ILE NA 95 -39.96 -36.63 -58.47
CA ILE NA 95 -40.11 -37.71 -59.43
C ILE NA 95 -40.15 -37.17 -60.85
N LYS NA 96 -40.76 -36.00 -61.02
CA LYS NA 96 -40.81 -35.36 -62.33
C LYS NA 96 -39.42 -34.97 -62.80
N SER NA 97 -38.64 -34.31 -61.95
CA SER NA 97 -37.25 -34.01 -62.24
C SER NA 97 -36.36 -35.00 -61.51
N ALA NA 98 -36.38 -36.25 -61.94
CA ALA NA 98 -35.59 -37.30 -61.31
C ALA NA 98 -34.48 -37.80 -62.21
N ASP NA 99 -34.25 -37.16 -63.35
CA ASP NA 99 -33.06 -37.45 -64.13
C ASP NA 99 -31.81 -36.78 -63.55
N ILE NA 100 -31.96 -35.62 -62.96
CA ILE NA 100 -30.81 -34.99 -62.34
C ILE NA 100 -30.49 -35.63 -61.00
N TYR NA 101 -31.50 -35.87 -60.18
CA TYR NA 101 -31.27 -36.47 -58.88
C TYR NA 101 -31.21 -37.98 -59.02
N PRO NA 102 -30.06 -38.60 -58.80
CA PRO NA 102 -29.96 -40.06 -58.94
C PRO NA 102 -30.57 -40.79 -57.79
N ARG NA 103 -30.99 -40.07 -56.76
CA ARG NA 103 -31.42 -40.69 -55.52
C ARG NA 103 -32.87 -41.14 -55.62
N MET NA 104 -33.61 -40.59 -56.58
CA MET NA 104 -35.03 -40.88 -56.68
C MET NA 104 -35.40 -41.59 -57.95
N ARG NA 105 -34.46 -42.31 -58.58
CA ARG NA 105 -34.80 -43.05 -59.78
C ARG NA 105 -35.43 -44.39 -59.44
N SER NA 106 -35.31 -44.85 -58.21
CA SER NA 106 -35.88 -46.13 -57.81
C SER NA 106 -36.74 -45.94 -56.58
N LEU NA 107 -37.98 -45.50 -56.79
CA LEU NA 107 -38.95 -45.31 -55.72
C LEU NA 107 -40.31 -45.73 -56.23
N THR NA 108 -41.00 -46.57 -55.47
CA THR NA 108 -42.29 -47.07 -55.85
C THR NA 108 -43.36 -46.20 -55.19
N ASP NA 109 -44.63 -46.60 -55.35
CA ASP NA 109 -45.71 -45.85 -54.73
C ASP NA 109 -45.77 -46.09 -53.22
N GLU NA 110 -45.51 -47.32 -52.80
CA GLU NA 110 -45.54 -47.62 -51.37
C GLU NA 110 -44.33 -47.04 -50.65
N ASP NA 111 -43.24 -46.76 -51.38
CA ASP NA 111 -42.07 -46.18 -50.75
C ASP NA 111 -42.30 -44.71 -50.43
N LEU NA 112 -42.94 -43.98 -51.34
CA LEU NA 112 -43.32 -42.61 -51.00
C LEU NA 112 -44.48 -42.58 -50.01
N TYR NA 113 -45.28 -43.63 -49.97
CA TYR NA 113 -46.36 -43.71 -49.00
C TYR NA 113 -45.81 -43.88 -47.59
N SER NA 114 -44.64 -44.49 -47.45
CA SER NA 114 -44.07 -44.65 -46.12
C SER NA 114 -43.20 -43.47 -45.72
N ILE NA 115 -42.54 -42.82 -46.68
CA ILE NA 115 -41.78 -41.61 -46.38
C ILE NA 115 -42.71 -40.50 -45.93
N ALA NA 116 -43.82 -40.31 -46.65
CA ALA NA 116 -44.82 -39.35 -46.22
C ALA NA 116 -45.52 -39.80 -44.96
N GLY NA 117 -45.56 -41.11 -44.70
CA GLY NA 117 -46.03 -41.59 -43.42
C GLY NA 117 -45.12 -41.16 -42.28
N HIS NA 118 -43.81 -41.15 -42.52
CA HIS NA 118 -42.88 -40.75 -41.48
C HIS NA 118 -42.94 -39.26 -41.19
N ILE NA 119 -43.15 -38.44 -42.22
CA ILE NA 119 -43.26 -36.99 -42.03
C ILE NA 119 -44.52 -36.63 -41.26
N MET NA 120 -45.58 -37.40 -41.41
CA MET NA 120 -46.84 -37.14 -40.73
C MET NA 120 -46.94 -37.75 -39.35
N LEU NA 121 -46.37 -38.93 -39.13
CA LEU NA 121 -46.45 -39.61 -37.85
C LEU NA 121 -45.40 -39.16 -36.85
N SER NA 122 -44.36 -38.49 -37.29
CA SER NA 122 -43.36 -37.98 -36.35
C SER NA 122 -43.77 -36.80 -35.47
N PRO NA 123 -44.61 -35.85 -35.90
CA PRO NA 123 -45.09 -34.87 -34.90
C PRO NA 123 -46.04 -35.47 -33.88
N LYS NA 124 -46.62 -36.63 -34.17
CA LYS NA 124 -47.48 -37.27 -33.17
C LYS NA 124 -46.65 -38.00 -32.13
N ILE NA 125 -45.49 -38.52 -32.51
CA ILE NA 125 -44.60 -39.11 -31.52
C ILE NA 125 -43.93 -38.01 -30.70
N ALA NA 126 -43.11 -37.17 -31.34
CA ALA NA 126 -42.40 -36.09 -30.69
C ALA NA 126 -43.13 -34.81 -31.06
N SER NA 127 -43.75 -34.19 -30.06
CA SER NA 127 -44.68 -33.10 -30.35
C SER NA 127 -43.94 -31.81 -30.71
N GLU NA 128 -42.85 -31.54 -30.02
CA GLU NA 128 -42.16 -30.27 -30.16
C GLU NA 128 -40.76 -30.41 -30.73
N LYS NA 129 -40.22 -31.63 -30.78
CA LYS NA 129 -38.88 -31.83 -31.32
C LYS NA 129 -38.88 -31.77 -32.84
N TRP NA 130 -39.99 -32.12 -33.47
CA TRP NA 130 -40.04 -32.18 -34.92
C TRP NA 130 -40.11 -30.79 -35.52
N GLY NA 131 -38.99 -30.34 -36.09
CA GLY NA 131 -38.95 -29.04 -36.72
C GLY NA 131 -38.95 -27.89 -35.73
N GLY NA 132 -38.46 -28.15 -34.52
CA GLY NA 132 -38.42 -27.11 -33.52
C GLY NA 132 -37.05 -26.48 -33.44
N GLY NA 133 -36.13 -26.95 -34.26
CA GLY NA 133 -34.81 -26.39 -34.25
C GLY NA 133 -33.96 -26.98 -33.15
N LYS NA 134 -32.88 -26.26 -32.84
CA LYS NA 134 -31.93 -26.75 -31.85
C LYS NA 134 -32.37 -26.43 -30.44
N ILE NA 135 -33.40 -25.59 -30.29
CA ILE NA 135 -33.92 -25.30 -28.95
C ILE NA 135 -34.54 -26.55 -28.36
N TYR NA 136 -35.17 -27.37 -29.18
CA TYR NA 136 -35.84 -28.55 -28.69
C TYR NA 136 -35.10 -29.84 -29.00
N TYR NA 137 -33.78 -29.80 -29.11
CA TYR NA 137 -33.02 -31.03 -29.29
C TYR NA 137 -33.08 -31.85 -28.01
N MET OA 1 -36.80 -66.75 -45.51
CA MET OA 1 -36.55 -65.58 -44.68
C MET OA 1 -35.80 -65.96 -43.43
N ILE OA 2 -34.61 -66.55 -43.57
CA ILE OA 2 -33.86 -67.00 -42.40
C ILE OA 2 -32.52 -66.29 -42.27
N ASN OA 3 -32.38 -65.12 -42.90
CA ASN OA 3 -31.23 -64.21 -42.76
C ASN OA 3 -29.92 -64.89 -43.18
N TRP OA 4 -29.84 -65.18 -44.47
CA TRP OA 4 -28.72 -65.93 -45.02
C TRP OA 4 -27.42 -65.15 -44.96
N GLN OA 5 -27.50 -63.82 -44.89
CA GLN OA 5 -26.29 -63.00 -44.91
C GLN OA 5 -25.51 -63.14 -43.62
N VAL OA 6 -26.20 -63.01 -42.48
CA VAL OA 6 -25.54 -63.10 -41.18
C VAL OA 6 -25.03 -64.51 -40.93
N ILE OA 7 -25.79 -65.52 -41.37
CA ILE OA 7 -25.32 -66.90 -41.30
C ILE OA 7 -24.10 -67.09 -42.17
N GLY OA 8 -24.03 -66.40 -43.30
CA GLY OA 8 -22.86 -66.50 -44.15
C GLY OA 8 -21.65 -65.79 -43.57
N GLN OA 9 -21.87 -64.65 -42.92
CA GLN OA 9 -20.75 -63.87 -42.40
C GLN OA 9 -20.15 -64.50 -41.15
N LEU OA 10 -21.01 -65.01 -40.27
CA LEU OA 10 -20.52 -65.55 -39.00
C LEU OA 10 -19.80 -66.87 -39.20
N MET OA 11 -20.18 -67.63 -40.22
CA MET OA 11 -19.43 -68.84 -40.53
C MET OA 11 -18.12 -68.50 -41.20
N SER OA 12 -18.13 -67.51 -42.09
CA SER OA 12 -16.93 -67.20 -42.84
C SER OA 12 -15.89 -66.46 -42.02
N THR OA 13 -16.26 -65.77 -40.95
CA THR OA 13 -15.23 -65.33 -40.01
C THR OA 13 -14.67 -66.50 -39.23
N ALA OA 14 -15.56 -67.37 -38.75
CA ALA OA 14 -15.15 -68.51 -37.94
C ALA OA 14 -14.36 -69.53 -38.74
N VAL OA 15 -14.51 -69.57 -40.06
CA VAL OA 15 -13.60 -70.38 -40.87
C VAL OA 15 -12.23 -69.74 -40.90
N ILE OA 16 -12.18 -68.43 -41.11
CA ILE OA 16 -10.91 -67.72 -41.28
C ILE OA 16 -10.21 -67.50 -39.94
N MET OA 17 -10.96 -67.15 -38.89
CA MET OA 17 -10.35 -66.98 -37.57
C MET OA 17 -9.86 -68.28 -36.98
N LEU OA 18 -10.35 -69.43 -37.46
CA LEU OA 18 -9.82 -70.71 -37.04
C LEU OA 18 -8.84 -71.30 -38.04
N ALA OA 19 -8.65 -70.65 -39.19
CA ALA OA 19 -7.65 -71.11 -40.15
C ALA OA 19 -6.28 -70.49 -39.88
N GLY OA 20 -6.19 -69.58 -38.94
CA GLY OA 20 -4.93 -68.95 -38.60
C GLY OA 20 -4.15 -69.68 -37.53
N PRO OA 21 -4.75 -69.87 -36.35
CA PRO OA 21 -4.11 -70.75 -35.35
C PRO OA 21 -3.99 -72.20 -35.77
N ALA OA 22 -4.77 -72.67 -36.76
CA ALA OA 22 -4.60 -74.05 -37.22
C ALA OA 22 -3.30 -74.22 -37.98
N VAL OA 23 -2.75 -73.13 -38.52
CA VAL OA 23 -1.42 -73.18 -39.11
C VAL OA 23 -0.36 -73.39 -38.04
N ILE OA 24 -0.57 -72.79 -36.87
CA ILE OA 24 0.39 -72.93 -35.77
C ILE OA 24 0.18 -74.23 -35.03
N VAL OA 25 -1.08 -74.61 -34.80
CA VAL OA 25 -1.39 -75.84 -34.05
C VAL OA 25 -0.92 -77.07 -34.81
N LEU OA 26 -1.09 -77.08 -36.14
CA LEU OA 26 -0.53 -78.17 -36.93
C LEU OA 26 0.98 -78.18 -36.94
N LEU OA 27 1.63 -77.06 -36.65
CA LEU OA 27 3.08 -77.07 -36.52
C LEU OA 27 3.54 -77.49 -35.14
N ALA OA 28 2.76 -77.20 -34.11
CA ALA OA 28 3.18 -77.58 -32.76
C ALA OA 28 3.06 -79.08 -32.57
N LEU OA 29 2.08 -79.71 -33.24
CA LEU OA 29 1.95 -81.16 -33.17
C LEU OA 29 3.05 -81.82 -33.98
N LYS OA 30 3.49 -81.16 -35.03
CA LYS OA 30 4.50 -81.70 -35.93
C LYS OA 30 5.91 -81.45 -35.42
N LYS OA 31 6.05 -80.58 -34.41
CA LYS OA 31 7.33 -80.16 -33.81
C LYS OA 31 8.27 -79.57 -34.85
N GLY OA 32 7.71 -78.85 -35.82
CA GLY OA 32 8.52 -78.22 -36.83
C GLY OA 32 9.17 -76.95 -36.33
N ASN OA 33 9.86 -76.27 -37.26
CA ASN OA 33 10.60 -75.07 -36.91
C ASN OA 33 9.67 -73.89 -36.69
N LEU OA 34 9.11 -73.78 -35.50
CA LEU OA 34 8.39 -72.57 -35.12
C LEU OA 34 9.38 -71.46 -34.77
N MET PA 1 -40.25 -46.20 19.03
CA MET PA 1 -41.70 -46.32 19.18
C MET PA 1 -42.44 -45.82 17.94
N THR PA 2 -41.82 -44.92 17.19
CA THR PA 2 -42.35 -44.51 15.90
C THR PA 2 -42.03 -45.57 14.84
N ALA PA 3 -42.37 -45.26 13.59
CA ALA PA 3 -41.88 -46.11 12.50
C ALA PA 3 -40.39 -45.93 12.32
N SER PA 4 -39.90 -44.68 12.42
CA SER PA 4 -38.50 -44.41 12.16
C SER PA 4 -37.62 -44.86 13.32
N LEU PA 5 -38.12 -44.76 14.55
CA LEU PA 5 -37.29 -45.15 15.69
C LEU PA 5 -37.23 -46.67 15.85
N SER PA 6 -38.33 -47.37 15.56
CA SER PA 6 -38.31 -48.81 15.68
C SER PA 6 -37.45 -49.44 14.59
N ASN PA 7 -37.46 -48.86 13.39
CA ASN PA 7 -36.63 -49.40 12.30
C ASN PA 7 -35.16 -49.13 12.53
N PHE PA 8 -34.83 -48.09 13.30
CA PHE PA 8 -33.42 -47.77 13.49
C PHE PA 8 -32.76 -48.72 14.48
N ILE PA 9 -33.47 -49.07 15.55
CA ILE PA 9 -32.92 -49.99 16.54
C ILE PA 9 -32.80 -51.38 15.93
N ALA PA 10 -33.71 -51.73 15.02
CA ALA PA 10 -33.59 -52.99 14.29
C ALA PA 10 -32.36 -52.99 13.39
N SER PA 11 -32.01 -51.82 12.84
CA SER PA 11 -30.79 -51.72 12.05
C SER PA 11 -29.57 -51.75 12.95
N LEU PA 12 -29.73 -51.30 14.19
CA LEU PA 12 -28.64 -51.33 15.15
C LEU PA 12 -28.38 -52.75 15.61
N ILE PA 13 -29.44 -53.54 15.74
CA ILE PA 13 -29.29 -54.97 15.98
C ILE PA 13 -28.70 -55.65 14.75
N ALA PA 14 -29.16 -55.24 13.56
CA ALA PA 14 -28.63 -55.79 12.32
C ALA PA 14 -27.20 -55.33 12.08
N GLY PA 15 -26.84 -54.16 12.60
CA GLY PA 15 -25.45 -53.74 12.57
C GLY PA 15 -24.60 -54.49 13.57
N GLY PA 16 -25.24 -55.13 14.55
CA GLY PA 16 -24.49 -55.91 15.51
C GLY PA 16 -24.18 -57.30 15.00
N VAL PA 17 -25.08 -57.88 14.22
CA VAL PA 17 -24.87 -59.25 13.76
C VAL PA 17 -23.92 -59.27 12.57
N VAL PA 18 -23.86 -58.17 11.82
CA VAL PA 18 -22.90 -58.07 10.72
C VAL PA 18 -21.48 -57.99 11.26
N VAL PA 19 -21.28 -57.20 12.32
CA VAL PA 19 -20.02 -57.25 13.05
C VAL PA 19 -19.88 -58.58 13.75
N GLY PA 20 -21.01 -59.17 14.18
CA GLY PA 20 -20.96 -60.40 14.95
C GLY PA 20 -20.51 -61.61 14.16
N VAL PA 21 -21.17 -61.86 13.01
CA VAL PA 21 -20.87 -63.08 12.26
C VAL PA 21 -19.51 -62.98 11.59
N ILE PA 22 -19.00 -61.76 11.40
CA ILE PA 22 -17.61 -61.62 10.99
C ILE PA 22 -16.69 -61.93 12.16
N ALA PA 23 -17.04 -61.47 13.36
CA ALA PA 23 -16.17 -61.65 14.51
C ALA PA 23 -16.17 -63.10 15.00
N ILE PA 24 -17.35 -63.73 15.04
CA ILE PA 24 -17.45 -65.10 15.52
C ILE PA 24 -16.71 -66.06 14.59
N ALA PA 25 -16.82 -65.82 13.28
CA ALA PA 25 -16.08 -66.63 12.32
C ALA PA 25 -14.58 -66.36 12.39
N LEU PA 26 -14.19 -65.17 12.86
CA LEU PA 26 -12.77 -64.82 12.87
C LEU PA 26 -12.06 -65.39 14.09
N ILE PA 27 -12.78 -65.56 15.20
CA ILE PA 27 -12.17 -66.14 16.40
C ILE PA 27 -11.93 -67.63 16.20
N VAL PA 28 -12.89 -68.32 15.59
CA VAL PA 28 -12.81 -69.77 15.44
C VAL PA 28 -11.68 -70.16 14.49
N ILE PA 29 -11.57 -69.45 13.37
CA ILE PA 29 -10.52 -69.74 12.40
C ILE PA 29 -9.16 -69.30 12.91
N SER PA 30 -9.10 -68.34 13.84
CA SER PA 30 -7.81 -67.93 14.41
C SER PA 30 -7.29 -68.97 15.39
N LYS PA 31 -8.14 -69.87 15.85
CA LYS PA 31 -7.68 -70.98 16.68
C LYS PA 31 -6.97 -72.03 15.84
N SER PA 32 -7.55 -72.35 14.69
CA SER PA 32 -7.04 -73.45 13.88
C SER PA 32 -5.77 -73.06 13.14
N ASP PA 33 -5.65 -71.80 12.76
CA ASP PA 33 -4.53 -71.35 11.94
C ASP PA 33 -3.46 -70.65 12.77
N ARG PA 34 -3.21 -71.11 14.00
CA ARG PA 34 -2.17 -70.53 14.81
C ARG PA 34 -0.80 -70.92 14.29
N ILE PA 35 0.19 -70.12 14.59
CA ILE PA 35 1.54 -70.35 14.06
C ILE PA 35 2.33 -71.16 15.07
N LEU PA 36 3.07 -72.14 14.56
CA LEU PA 36 4.04 -72.88 15.36
C LEU PA 36 5.08 -71.94 15.94
N ARG PA 37 5.50 -72.22 17.17
CA ARG PA 37 6.45 -71.37 17.90
C ARG PA 37 7.83 -71.34 17.25
N MET QA 1 -21.21 -71.29 -65.07
CA MET QA 1 -20.04 -72.10 -64.75
C MET QA 1 -19.01 -71.33 -63.96
N ILE QA 2 -19.16 -70.00 -63.94
CA ILE QA 2 -18.22 -69.17 -63.21
C ILE QA 2 -18.43 -69.35 -61.71
N THR QA 3 -19.68 -69.49 -61.28
CA THR QA 3 -19.96 -69.69 -59.86
C THR QA 3 -19.51 -71.06 -59.37
N LEU QA 4 -19.30 -72.00 -60.30
CA LEU QA 4 -18.81 -73.31 -59.88
C LEU QA 4 -17.30 -73.33 -59.82
N LEU QA 5 -16.63 -72.56 -60.68
CA LEU QA 5 -15.17 -72.62 -60.74
C LEU QA 5 -14.54 -71.74 -59.67
N VAL QA 6 -15.16 -70.61 -59.36
CA VAL QA 6 -14.67 -69.75 -58.29
C VAL QA 6 -14.85 -70.44 -56.94
N ALA QA 7 -15.94 -71.19 -56.79
CA ALA QA 7 -16.13 -72.00 -55.59
C ALA QA 7 -15.11 -73.12 -55.53
N LEU QA 8 -14.62 -73.57 -56.68
CA LEU QA 8 -13.54 -74.54 -56.66
C LEU QA 8 -12.19 -73.84 -56.47
N LEU QA 9 -12.16 -72.53 -56.74
CA LEU QA 9 -10.93 -71.77 -56.59
C LEU QA 9 -10.70 -71.39 -55.13
N VAL QA 10 -11.77 -71.17 -54.39
CA VAL QA 10 -11.66 -70.82 -52.98
C VAL QA 10 -11.29 -72.05 -52.16
N LEU QA 11 -11.85 -73.21 -52.49
CA LEU QA 11 -11.61 -74.41 -51.70
C LEU QA 11 -10.18 -74.91 -51.84
N ILE QA 12 -9.53 -74.59 -52.96
CA ILE QA 12 -8.12 -74.96 -53.10
C ILE QA 12 -7.24 -74.03 -52.27
N SER QA 13 -7.60 -72.74 -52.24
CA SER QA 13 -6.82 -71.79 -51.45
C SER QA 13 -7.08 -71.98 -49.95
N LEU QA 14 -8.18 -72.64 -49.58
CA LEU QA 14 -8.28 -73.15 -48.22
C LEU QA 14 -7.30 -74.30 -48.01
N GLY QA 15 -7.15 -75.16 -49.01
CA GLY QA 15 -6.33 -76.34 -48.84
C GLY QA 15 -4.85 -76.03 -48.87
N LEU QA 16 -4.47 -74.90 -49.49
CA LEU QA 16 -3.05 -74.57 -49.58
C LEU QA 16 -2.56 -73.93 -48.30
N VAL QA 17 -3.30 -72.94 -47.78
CA VAL QA 17 -2.83 -72.13 -46.67
C VAL QA 17 -2.73 -72.96 -45.39
N VAL QA 18 -3.59 -73.97 -45.25
CA VAL QA 18 -3.44 -74.89 -44.13
C VAL QA 18 -2.20 -75.75 -44.30
N THR QA 19 -1.79 -76.04 -45.53
CA THR QA 19 -0.75 -77.02 -45.76
C THR QA 19 0.59 -76.45 -46.22
N VAL QA 20 0.63 -75.33 -46.92
CA VAL QA 20 1.88 -74.82 -47.49
C VAL QA 20 2.83 -74.26 -46.43
N PRO QA 21 2.43 -73.41 -45.47
CA PRO QA 21 3.41 -73.05 -44.42
C PRO QA 21 3.75 -74.19 -43.49
N VAL QA 22 2.86 -75.18 -43.35
CA VAL QA 22 3.25 -76.42 -42.70
C VAL QA 22 4.29 -77.17 -43.54
N ALA QA 23 4.20 -77.06 -44.87
CA ALA QA 23 5.20 -77.69 -45.72
C ALA QA 23 6.53 -76.95 -45.72
N LEU QA 24 6.54 -75.68 -45.32
CA LEU QA 24 7.78 -74.92 -45.37
C LEU QA 24 8.47 -74.86 -44.01
N ALA QA 25 7.70 -74.77 -42.93
CA ALA QA 25 8.32 -74.61 -41.62
C ALA QA 25 8.86 -75.92 -41.11
N THR QA 26 8.42 -77.03 -41.67
CA THR QA 26 9.01 -78.32 -41.35
C THR QA 26 10.41 -78.39 -41.97
N PRO QA 27 11.41 -78.94 -41.25
CA PRO QA 27 12.79 -78.96 -41.77
C PRO QA 27 13.04 -79.67 -43.09
N GLY QA 28 12.12 -80.51 -43.55
CA GLY QA 28 12.38 -81.19 -44.80
C GLY QA 28 11.20 -81.43 -45.72
N GLU QA 29 10.00 -81.00 -45.31
CA GLU QA 29 8.79 -81.43 -46.00
C GLU QA 29 8.68 -80.83 -47.38
N TRP QA 30 9.24 -79.64 -47.59
CA TRP QA 30 9.17 -79.02 -48.90
C TRP QA 30 10.13 -79.67 -49.88
N GLU QA 31 11.32 -80.04 -49.41
CA GLU QA 31 12.29 -80.66 -50.30
C GLU QA 31 11.87 -82.08 -50.63
N ILE QA 32 11.33 -82.80 -49.65
CA ILE QA 32 10.89 -84.18 -49.87
C ILE QA 32 9.69 -84.23 -50.79
N ALA QA 33 8.73 -83.33 -50.57
CA ALA QA 33 7.55 -83.23 -51.43
C ALA QA 33 7.34 -81.77 -51.80
N LYS QA 34 7.71 -81.44 -53.04
CA LYS QA 34 7.23 -80.21 -53.68
C LYS QA 34 6.63 -80.48 -55.05
N GLY QA 35 7.05 -81.56 -55.72
CA GLY QA 35 6.42 -81.92 -56.99
C GLY QA 35 4.99 -82.36 -56.82
N LYS QA 36 4.64 -82.83 -55.63
CA LYS QA 36 3.23 -82.95 -55.28
C LYS QA 36 2.59 -81.57 -55.20
N PHE QA 37 3.23 -80.64 -54.48
CA PHE QA 37 2.65 -79.31 -54.30
C PHE QA 37 2.72 -78.46 -55.55
N ASN QA 38 3.73 -78.66 -56.39
CA ASN QA 38 3.88 -77.82 -57.58
C ASN QA 38 2.76 -78.06 -58.59
N ARG QA 39 2.14 -79.24 -58.54
CA ARG QA 39 0.92 -79.46 -59.31
C ARG QA 39 -0.18 -78.55 -58.82
N PHE QA 40 -0.32 -78.40 -57.50
CA PHE QA 40 -1.42 -77.62 -56.95
C PHE QA 40 -1.23 -76.13 -57.19
N PHE QA 41 0.00 -75.69 -57.39
CA PHE QA 41 0.19 -74.31 -57.85
C PHE QA 41 -0.20 -74.17 -59.30
N GLN QA 42 0.19 -75.13 -60.13
CA GLN QA 42 -0.12 -75.08 -61.55
C GLN QA 42 -1.60 -75.29 -61.81
N ILE QA 43 -2.27 -76.05 -60.95
CA ILE QA 43 -3.72 -76.15 -61.05
C ILE QA 43 -4.36 -74.84 -60.63
N TRP QA 44 -3.82 -74.20 -59.59
CA TRP QA 44 -4.41 -72.98 -59.06
C TRP QA 44 -4.27 -71.82 -60.02
N VAL QA 45 -3.11 -71.71 -60.67
CA VAL QA 45 -2.88 -70.66 -61.65
C VAL QA 45 -3.73 -70.90 -62.88
N PHE QA 46 -3.92 -72.17 -63.25
CA PHE QA 46 -4.73 -72.51 -64.41
C PHE QA 46 -6.19 -72.15 -64.21
N LEU QA 47 -6.67 -72.21 -62.96
CA LEU QA 47 -8.07 -71.86 -62.71
C LEU QA 47 -8.31 -70.37 -62.88
N VAL QA 48 -7.31 -69.55 -62.57
CA VAL QA 48 -7.48 -68.11 -62.67
C VAL QA 48 -7.64 -67.69 -64.12
N ILE QA 49 -6.96 -68.39 -65.02
CA ILE QA 49 -7.06 -68.07 -66.44
C ILE QA 49 -8.37 -68.60 -67.01
N VAL QA 50 -8.83 -69.75 -66.52
CA VAL QA 50 -10.12 -70.29 -66.95
C VAL QA 50 -11.26 -69.39 -66.51
N ILE QA 51 -11.18 -68.84 -65.30
CA ILE QA 51 -12.19 -67.91 -64.82
C ILE QA 51 -12.10 -66.58 -65.56
N ALA QA 52 -10.88 -66.14 -65.89
CA ALA QA 52 -10.72 -64.92 -66.67
C ALA QA 52 -11.19 -65.11 -68.10
N ALA QA 53 -11.10 -66.34 -68.60
CA ALA QA 53 -11.65 -66.65 -69.92
C ALA QA 53 -13.17 -66.66 -69.89
N ALA QA 54 -13.74 -67.36 -68.92
CA ALA QA 54 -15.19 -67.48 -68.82
C ALA QA 54 -15.86 -66.17 -68.46
N ASP QA 55 -15.13 -65.22 -67.87
CA ASP QA 55 -15.71 -63.93 -67.59
C ASP QA 55 -15.78 -63.06 -68.83
N GLY QA 56 -14.77 -63.12 -69.69
CA GLY QA 56 -14.76 -62.33 -70.89
C GLY QA 56 -15.71 -62.84 -71.95
N ILE QA 57 -15.88 -64.17 -72.02
CA ILE QA 57 -16.88 -64.74 -72.91
C ILE QA 57 -18.28 -64.34 -72.48
N SER QA 58 -18.55 -64.39 -71.17
CA SER QA 58 -19.89 -64.07 -70.68
C SER QA 58 -20.19 -62.59 -70.65
N SER QA 59 -19.25 -61.72 -71.01
CA SER QA 59 -19.52 -60.29 -71.05
C SER QA 59 -19.19 -59.71 -72.42
N SER RA 19 -38.89 -56.63 -36.54
CA SER RA 19 -38.91 -55.97 -35.24
C SER RA 19 -38.32 -54.57 -35.38
N TYR RA 20 -38.67 -53.65 -34.46
CA TYR RA 20 -38.59 -52.22 -34.76
C TYR RA 20 -37.15 -51.70 -34.72
N SER RA 21 -36.33 -52.24 -33.81
CA SER RA 21 -34.97 -51.75 -33.63
C SER RA 21 -33.93 -52.78 -34.02
N GLU RA 22 -34.25 -53.67 -34.96
CA GLU RA 22 -33.32 -54.69 -35.41
C GLU RA 22 -32.44 -54.09 -36.50
N GLY RA 23 -31.13 -54.07 -36.26
CA GLY RA 23 -30.23 -53.34 -37.14
C GLY RA 23 -29.77 -54.16 -38.34
N ALA RA 24 -29.40 -55.42 -38.12
CA ALA RA 24 -28.90 -56.25 -39.18
C ALA RA 24 -29.96 -57.15 -39.81
N ALA RA 25 -31.22 -56.73 -39.83
CA ALA RA 25 -32.25 -57.43 -40.59
C ALA RA 25 -32.07 -57.02 -42.04
N TYR RA 26 -31.31 -57.80 -42.80
CA TYR RA 26 -31.00 -57.40 -44.17
C TYR RA 26 -32.19 -57.64 -45.09
N GLY RA 27 -32.86 -58.78 -44.96
CA GLY RA 27 -33.91 -59.12 -45.90
C GLY RA 27 -35.20 -59.62 -45.29
N THR RA 28 -35.18 -59.98 -44.01
CA THR RA 28 -36.37 -60.53 -43.38
C THR RA 28 -37.35 -59.44 -42.99
N ASP RA 29 -36.85 -58.21 -42.85
CA ASP RA 29 -37.67 -57.07 -42.47
C ASP RA 29 -38.71 -56.75 -43.54
N GLN RA 30 -38.26 -56.31 -44.70
CA GLN RA 30 -39.09 -55.73 -45.74
C GLN RA 30 -39.70 -56.84 -46.58
N ALA RA 31 -40.78 -56.52 -47.31
CA ALA RA 31 -41.42 -57.52 -48.15
C ALA RA 31 -40.91 -57.44 -49.58
N ASP RA 32 -40.56 -56.25 -50.04
CA ASP RA 32 -40.07 -56.10 -51.40
C ASP RA 32 -38.60 -56.46 -51.47
N LYS RA 33 -38.17 -57.02 -52.59
CA LYS RA 33 -36.78 -57.39 -52.75
C LYS RA 33 -35.93 -56.14 -52.95
N LEU RA 34 -34.79 -56.09 -52.28
CA LEU RA 34 -33.91 -54.93 -52.40
C LEU RA 34 -32.87 -55.15 -53.48
N TYR RA 35 -32.15 -54.06 -53.78
CA TYR RA 35 -31.07 -54.11 -54.73
C TYR RA 35 -29.92 -54.95 -54.20
N SER RA 36 -29.66 -54.83 -52.91
CA SER RA 36 -28.59 -55.55 -52.23
C SER RA 36 -28.93 -55.56 -50.75
N PRO RA 37 -28.37 -56.50 -49.98
CA PRO RA 37 -28.63 -56.48 -48.53
C PRO RA 37 -28.07 -55.25 -47.85
N TYR RA 38 -27.08 -54.63 -48.45
CA TYR RA 38 -26.45 -53.44 -47.91
C TYR RA 38 -27.10 -52.17 -48.39
N SER RA 39 -28.38 -52.20 -48.74
CA SER RA 39 -29.09 -51.04 -49.24
C SER RA 39 -30.43 -50.88 -48.53
N VAL RA 40 -31.08 -49.77 -48.82
CA VAL RA 40 -32.45 -49.53 -48.40
C VAL RA 40 -33.39 -49.52 -49.58
N TYR RA 41 -32.90 -49.18 -50.76
CA TYR RA 41 -33.71 -48.96 -51.94
C TYR RA 41 -34.01 -50.27 -52.65
N SER RA 42 -35.12 -50.28 -53.37
CA SER RA 42 -35.52 -51.39 -54.23
C SER RA 42 -34.86 -51.18 -55.58
N PRO RA 43 -34.72 -52.20 -56.43
CA PRO RA 43 -34.05 -52.02 -57.73
C PRO RA 43 -34.86 -51.17 -58.71
N GLU RA 44 -34.31 -51.08 -59.93
CA GLU RA 44 -34.84 -50.27 -61.01
C GLU RA 44 -35.88 -51.04 -61.85
N GLY RA 45 -36.50 -52.06 -61.26
CA GLY RA 45 -37.41 -52.90 -62.01
C GLY RA 45 -38.78 -52.29 -62.24
N GLU RA 46 -39.82 -53.11 -62.09
CA GLU RA 46 -41.17 -52.61 -62.27
C GLU RA 46 -41.63 -51.82 -61.06
N LYS RA 47 -42.89 -51.38 -61.12
CA LYS RA 47 -43.65 -50.62 -60.12
C LYS RA 47 -42.93 -49.36 -59.62
N SER RA 48 -41.91 -48.88 -60.33
CA SER RA 48 -41.22 -47.66 -59.98
C SER RA 48 -41.98 -46.48 -60.54
N LEU RA 49 -41.77 -45.32 -59.95
CA LEU RA 49 -42.41 -44.11 -60.45
C LEU RA 49 -41.55 -43.38 -61.46
N TYR RA 50 -40.26 -43.66 -61.51
CA TYR RA 50 -39.37 -43.07 -62.50
C TYR RA 50 -39.32 -43.97 -63.72
N LYS RA 51 -39.89 -43.50 -64.82
CA LYS RA 51 -39.84 -44.21 -66.08
C LYS RA 51 -39.00 -43.41 -67.05
N PRO RA 52 -37.83 -43.92 -67.46
CA PRO RA 52 -36.89 -43.10 -68.24
C PRO RA 52 -37.30 -42.92 -69.69
N ASP RA 53 -38.34 -43.61 -70.16
CA ASP RA 53 -38.79 -43.46 -71.52
C ASP RA 53 -39.67 -42.23 -71.73
N ASN RA 54 -39.86 -41.40 -70.71
CA ASN RA 54 -40.84 -40.33 -70.79
C ASN RA 54 -40.32 -39.18 -71.64
N ALA RA 55 -41.27 -38.46 -72.25
CA ALA RA 55 -40.90 -37.45 -73.24
C ALA RA 55 -40.36 -36.19 -72.59
N GLU RA 56 -40.79 -35.90 -71.35
CA GLU RA 56 -40.37 -34.67 -70.69
C GLU RA 56 -38.91 -34.77 -70.23
N TYR RA 57 -38.40 -35.98 -70.10
CA TYR RA 57 -36.96 -36.14 -69.87
C TYR RA 57 -36.20 -35.96 -71.17
N LEU RA 58 -36.79 -36.40 -72.28
CA LEU RA 58 -36.18 -36.20 -73.58
C LEU RA 58 -36.28 -34.74 -74.00
N ALA RA 59 -37.36 -34.06 -73.62
CA ALA RA 59 -37.53 -32.67 -74.01
C ALA RA 59 -36.66 -31.76 -73.17
N ARG RA 60 -36.32 -32.18 -71.96
CA ARG RA 60 -35.39 -31.42 -71.15
C ARG RA 60 -33.97 -31.51 -71.70
N LYS RA 61 -33.56 -32.69 -72.13
CA LYS RA 61 -32.23 -32.87 -72.68
C LYS RA 61 -32.10 -32.24 -74.05
N LYS RA 62 -33.21 -32.16 -74.79
CA LYS RA 62 -33.16 -31.54 -76.11
C LYS RA 62 -33.08 -30.02 -75.99
N ALA RA 63 -33.63 -29.47 -74.92
CA ALA RA 63 -33.69 -28.01 -74.78
C ALA RA 63 -32.32 -27.43 -74.44
N VAL RA 64 -31.48 -28.18 -73.75
CA VAL RA 64 -30.15 -27.66 -73.44
C VAL RA 64 -29.25 -27.74 -74.66
N LEU RA 65 -29.54 -28.67 -75.58
CA LEU RA 65 -28.77 -28.74 -76.82
C LEU RA 65 -29.08 -27.57 -77.73
N ALA RA 66 -30.29 -27.03 -77.64
CA ALA RA 66 -30.67 -25.90 -78.48
C ALA RA 66 -30.04 -24.62 -77.96
N GLU RA 67 -30.04 -24.43 -76.65
CA GLU RA 67 -29.49 -23.22 -76.07
C GLU RA 67 -27.97 -23.24 -76.10
N THR RA 68 -27.36 -24.42 -76.19
CA THR RA 68 -25.91 -24.54 -76.23
C THR RA 68 -25.34 -23.85 -77.46
N LYS RA 69 -26.01 -24.00 -78.61
CA LYS RA 69 -25.62 -23.27 -79.80
C LYS RA 69 -25.85 -21.77 -79.64
N ASN RA 70 -26.86 -21.39 -78.88
CA ASN RA 70 -27.11 -19.97 -78.65
C ASN RA 70 -26.12 -19.37 -77.67
N ARG RA 71 -25.63 -20.15 -76.71
CA ARG RA 71 -24.57 -19.70 -75.82
C ARG RA 71 -23.20 -19.73 -76.49
N LEU RA 72 -23.07 -20.42 -77.60
CA LEU RA 72 -21.79 -20.59 -78.26
C LEU RA 72 -21.57 -19.57 -79.36
N GLN RA 73 -22.63 -18.93 -79.85
CA GLN RA 73 -22.48 -17.84 -80.80
C GLN RA 73 -22.11 -16.53 -80.14
N LYS RA 74 -22.22 -16.43 -78.82
CA LYS RA 74 -21.75 -15.26 -78.11
C LYS RA 74 -20.26 -15.33 -77.80
N ILE RA 75 -19.62 -16.44 -78.14
CA ILE RA 75 -18.18 -16.57 -77.92
C ILE RA 75 -17.33 -15.55 -78.70
N PRO RA 76 -17.52 -15.34 -80.02
CA PRO RA 76 -16.62 -14.39 -80.69
C PRO RA 76 -16.82 -12.94 -80.31
N ALA RA 77 -17.94 -12.59 -79.67
CA ALA RA 77 -18.15 -11.21 -79.25
C ALA RA 77 -17.19 -10.80 -78.14
N TYR RA 78 -16.77 -11.76 -77.31
CA TYR RA 78 -15.78 -11.47 -76.29
C TYR RA 78 -14.36 -11.57 -76.82
N VAL RA 79 -14.15 -12.29 -77.90
CA VAL RA 79 -12.82 -12.40 -78.48
C VAL RA 79 -12.58 -11.25 -79.44
N ASP RA 80 -13.65 -10.72 -80.04
CA ASP RA 80 -13.55 -9.42 -80.71
C ASP RA 80 -13.23 -8.32 -79.71
N LYS RA 81 -13.75 -8.44 -78.49
CA LYS RA 81 -13.29 -7.61 -77.39
C LYS RA 81 -12.06 -8.26 -76.76
N LYS RA 82 -11.64 -7.77 -75.60
CA LYS RA 82 -10.42 -8.23 -74.98
C LYS RA 82 -10.68 -9.12 -73.78
N GLU RA 83 -11.94 -9.48 -73.53
CA GLU RA 83 -12.34 -10.12 -72.29
C GLU RA 83 -12.16 -11.62 -72.42
N TRP RA 84 -11.07 -12.13 -71.86
CA TRP RA 84 -10.82 -13.56 -71.84
C TRP RA 84 -11.43 -14.26 -70.65
N PHE RA 85 -11.77 -13.52 -69.60
CA PHE RA 85 -12.41 -14.17 -68.46
C PHE RA 85 -13.85 -14.55 -68.77
N ASN RA 86 -14.49 -13.85 -69.71
CA ASN RA 86 -15.86 -14.16 -70.07
C ASN RA 86 -15.97 -15.32 -71.04
N VAL RA 87 -14.92 -15.64 -71.79
CA VAL RA 87 -14.99 -16.77 -72.69
C VAL RA 87 -14.61 -18.07 -71.98
N LYS RA 88 -13.82 -18.00 -70.90
CA LYS RA 88 -13.45 -19.21 -70.18
C LYS RA 88 -14.62 -19.79 -69.41
N ASP RA 89 -15.59 -18.95 -69.04
CA ASP RA 89 -16.66 -19.43 -68.19
C ASP RA 89 -18.02 -19.47 -68.86
N GLU RA 90 -18.19 -18.82 -70.01
CA GLU RA 90 -19.43 -18.94 -70.79
C GLU RA 90 -19.68 -20.37 -71.21
N LEU RA 91 -18.63 -21.12 -71.50
CA LEU RA 91 -18.73 -22.53 -71.80
C LEU RA 91 -18.66 -23.41 -70.57
N THR RA 92 -18.78 -22.84 -69.37
CA THR RA 92 -18.96 -23.66 -68.17
C THR RA 92 -20.12 -23.14 -67.32
N ARG RA 93 -20.59 -21.91 -67.56
CA ARG RA 93 -21.67 -21.37 -66.73
C ARG RA 93 -22.98 -22.04 -67.07
N TYR RA 94 -23.46 -21.86 -68.31
CA TYR RA 94 -24.62 -22.59 -68.74
C TYR RA 94 -24.28 -23.97 -69.27
N MET RA 95 -23.18 -24.13 -69.99
CA MET RA 95 -22.89 -25.34 -70.73
C MET RA 95 -22.44 -26.50 -69.86
N TYR RA 96 -22.51 -26.38 -68.53
CA TYR RA 96 -22.21 -27.50 -67.65
C TYR RA 96 -23.18 -28.66 -67.87
N GLU RA 97 -24.41 -28.35 -68.23
CA GLU RA 97 -25.40 -29.40 -68.37
C GLU RA 97 -25.38 -30.04 -69.74
N THR RA 98 -24.42 -29.69 -70.60
CA THR RA 98 -24.37 -30.25 -71.94
C THR RA 98 -23.93 -31.71 -71.92
N ARG RA 99 -22.77 -31.98 -71.30
CA ARG RA 99 -22.17 -33.33 -71.32
C ARG RA 99 -23.08 -34.36 -70.68
N GLY RA 100 -23.91 -33.96 -69.73
CA GLY RA 100 -24.88 -34.89 -69.17
C GLY RA 100 -25.97 -35.26 -70.17
N ALA RA 101 -26.24 -34.36 -71.11
CA ALA RA 101 -27.33 -34.61 -72.06
C ALA RA 101 -26.83 -35.27 -73.32
N VAL RA 102 -25.75 -34.75 -73.91
CA VAL RA 102 -25.24 -35.25 -75.18
C VAL RA 102 -24.69 -36.67 -75.05
N ARG RA 103 -24.15 -37.04 -73.89
CA ARG RA 103 -23.87 -38.44 -73.64
C ARG RA 103 -25.13 -39.27 -73.50
N SER RA 104 -26.21 -38.68 -72.98
CA SER RA 104 -27.45 -39.43 -72.77
C SER RA 104 -28.25 -39.56 -74.06
N LEU RA 105 -28.19 -38.55 -74.93
CA LEU RA 105 -28.87 -38.62 -76.22
C LEU RA 105 -28.15 -39.53 -77.19
N SER RA 106 -26.85 -39.75 -77.00
CA SER RA 106 -26.07 -40.62 -77.86
C SER RA 106 -26.45 -42.08 -77.59
N SER RA 107 -27.28 -42.64 -78.47
CA SER RA 107 -27.80 -43.99 -78.29
C SER RA 107 -27.13 -44.96 -79.27
N SER RA 108 -27.18 -44.68 -80.56
CA SER RA 108 -26.66 -45.63 -81.54
C SER RA 108 -25.14 -45.55 -81.61
N VAL RA 109 -24.55 -46.34 -82.51
CA VAL RA 109 -23.11 -46.54 -82.56
C VAL RA 109 -22.42 -45.28 -83.06
N THR RA 110 -22.68 -44.91 -84.32
CA THR RA 110 -22.03 -43.76 -84.93
C THR RA 110 -22.48 -42.43 -84.34
N GLN RA 111 -23.60 -42.42 -83.62
CA GLN RA 111 -24.00 -41.25 -82.86
C GLN RA 111 -23.05 -40.98 -81.72
N LYS RA 112 -22.51 -42.04 -81.10
CA LYS RA 112 -21.62 -41.90 -79.96
C LYS RA 112 -20.28 -41.31 -80.35
N GLU RA 113 -19.62 -41.86 -81.38
CA GLU RA 113 -18.33 -41.33 -81.80
C GLU RA 113 -18.44 -40.05 -82.62
N LYS RA 114 -19.64 -39.48 -82.75
CA LYS RA 114 -19.80 -38.13 -83.25
C LYS RA 114 -19.66 -37.10 -82.14
N ALA RA 115 -19.91 -37.50 -80.89
CA ALA RA 115 -19.91 -36.56 -79.78
C ALA RA 115 -18.51 -36.15 -79.36
N GLU RA 116 -17.54 -37.08 -79.43
CA GLU RA 116 -16.18 -36.73 -79.05
C GLU RA 116 -15.51 -35.84 -80.08
N VAL RA 117 -16.04 -35.79 -81.30
CA VAL RA 117 -15.64 -34.74 -82.23
C VAL RA 117 -16.05 -33.38 -81.70
N PHE RA 118 -17.23 -33.31 -81.08
CA PHE RA 118 -17.70 -32.03 -80.54
C PHE RA 118 -16.94 -31.64 -79.29
N PHE RA 119 -16.57 -32.60 -78.45
CA PHE RA 119 -15.88 -32.29 -77.21
C PHE RA 119 -14.45 -31.84 -77.44
N ARG RA 120 -13.71 -32.58 -78.25
CA ARG RA 120 -12.32 -32.24 -78.53
C ARG RA 120 -12.22 -30.91 -79.28
N ALA RA 121 -13.25 -30.58 -80.07
CA ALA RA 121 -13.33 -29.23 -80.61
C ALA RA 121 -13.70 -28.22 -79.55
N LEU RA 122 -14.43 -28.64 -78.52
CA LEU RA 122 -14.82 -27.70 -77.47
C LEU RA 122 -13.74 -27.53 -76.43
N GLU RA 123 -12.96 -28.58 -76.17
CA GLU RA 123 -11.90 -28.48 -75.17
C GLU RA 123 -10.73 -27.64 -75.67
N ASP RA 124 -10.62 -27.46 -76.99
CA ASP RA 124 -9.59 -26.58 -77.52
C ASP RA 124 -10.02 -25.12 -77.50
N THR RA 125 -11.31 -24.84 -77.38
CA THR RA 125 -11.74 -23.47 -77.15
C THR RA 125 -11.36 -23.02 -75.76
N TYR RA 126 -11.50 -23.90 -74.77
CA TYR RA 126 -11.09 -23.57 -73.41
C TYR RA 126 -9.58 -23.60 -73.26
N GLY RA 127 -8.91 -24.51 -73.97
CA GLY RA 127 -7.46 -24.58 -73.92
C GLY RA 127 -6.78 -23.42 -74.60
N ALA RA 128 -7.49 -22.73 -75.49
CA ALA RA 128 -6.96 -21.54 -76.12
C ALA RA 128 -7.34 -20.26 -75.39
N ALA RA 129 -8.43 -20.29 -74.62
CA ALA RA 129 -8.82 -19.12 -73.87
C ALA RA 129 -7.93 -18.90 -72.66
N THR RA 130 -7.43 -19.97 -72.06
CA THR RA 130 -6.48 -19.82 -70.96
C THR RA 130 -5.12 -19.36 -71.46
N LEU RA 131 -4.74 -19.78 -72.66
CA LEU RA 131 -3.49 -19.34 -73.27
C LEU RA 131 -3.64 -18.04 -74.04
N LYS RA 132 -4.86 -17.50 -74.12
CA LYS RA 132 -5.16 -16.20 -74.72
C LYS RA 132 -4.74 -16.11 -76.19
N LYS RA 133 -5.25 -17.04 -76.99
CA LYS RA 133 -4.99 -17.06 -78.43
C LYS RA 133 -6.29 -16.72 -79.14
N GLY RA 134 -6.29 -15.60 -79.87
CA GLY RA 134 -7.52 -15.08 -80.42
C GLY RA 134 -8.06 -15.88 -81.59
N ASP RA 135 -7.18 -16.27 -82.51
CA ASP RA 135 -7.64 -17.03 -83.67
C ASP RA 135 -7.97 -18.47 -83.29
N ALA RA 136 -7.26 -19.04 -82.32
CA ALA RA 136 -7.49 -20.43 -81.96
C ALA RA 136 -8.82 -20.62 -81.23
N VAL RA 137 -9.37 -19.56 -80.64
CA VAL RA 137 -10.73 -19.62 -80.16
C VAL RA 137 -11.70 -19.52 -81.33
N LYS RA 138 -11.49 -18.56 -82.22
CA LYS RA 138 -12.40 -18.34 -83.34
C LYS RA 138 -12.34 -19.47 -84.36
N ALA RA 139 -11.20 -20.15 -84.48
CA ALA RA 139 -11.15 -21.31 -85.35
C ALA RA 139 -11.88 -22.50 -84.73
N SER RA 140 -11.63 -22.77 -83.45
CA SER RA 140 -12.22 -23.93 -82.81
C SER RA 140 -13.66 -23.71 -82.39
N ASN RA 141 -14.12 -22.46 -82.38
CA ASN RA 141 -15.55 -22.21 -82.20
C ASN RA 141 -16.33 -22.70 -83.41
N ASP RA 142 -15.80 -22.46 -84.62
CA ASP RA 142 -16.47 -22.92 -85.82
C ASP RA 142 -16.37 -24.43 -85.99
N LYS RA 143 -15.40 -25.07 -85.35
CA LYS RA 143 -15.37 -26.52 -85.30
C LYS RA 143 -16.38 -27.08 -84.30
N ALA RA 144 -16.98 -26.24 -83.48
CA ALA RA 144 -17.96 -26.68 -82.49
C ALA RA 144 -19.40 -26.49 -82.96
N ILE RA 145 -19.69 -25.35 -83.60
CA ILE RA 145 -21.02 -25.13 -84.15
C ILE RA 145 -21.29 -26.11 -85.28
N ALA RA 146 -20.26 -26.42 -86.07
CA ALA RA 146 -20.38 -27.42 -87.12
C ALA RA 146 -20.51 -28.82 -86.56
N ALA RA 147 -20.00 -29.06 -85.35
CA ALA RA 147 -20.04 -30.39 -84.75
C ALA RA 147 -21.35 -30.67 -84.02
N LEU RA 148 -21.92 -29.65 -83.37
CA LEU RA 148 -23.26 -29.79 -82.82
C LEU RA 148 -24.31 -29.83 -83.92
N ASP RA 149 -24.00 -29.23 -85.07
CA ASP RA 149 -24.82 -29.38 -86.26
C ASP RA 149 -24.86 -30.84 -86.71
N ALA RA 150 -23.75 -31.56 -86.57
CA ALA RA 150 -23.74 -32.98 -86.91
C ALA RA 150 -24.53 -33.79 -85.89
N PHE RA 151 -24.51 -33.37 -84.61
CA PHE RA 151 -25.18 -34.13 -83.57
C PHE RA 151 -26.70 -34.00 -83.67
N THR RA 152 -27.19 -32.77 -83.73
CA THR RA 152 -28.63 -32.51 -83.64
C THR RA 152 -29.36 -33.01 -84.88
N ALA RA 153 -28.72 -32.89 -86.05
CA ALA RA 153 -29.39 -33.24 -87.30
C ALA RA 153 -29.59 -34.73 -87.46
N THR RA 154 -28.71 -35.55 -86.86
CA THR RA 154 -28.92 -36.99 -86.95
C THR RA 154 -30.01 -37.45 -85.98
N LEU RA 155 -29.77 -37.28 -84.69
CA LEU RA 155 -30.73 -37.70 -83.68
C LEU RA 155 -30.98 -36.58 -82.67
N THR SA 20 1.36 -7.29 -51.49
CA THR SA 20 1.13 -8.49 -52.28
C THR SA 20 1.61 -9.72 -51.53
N GLU SA 21 0.68 -10.42 -50.87
CA GLU SA 21 1.03 -11.57 -50.06
C GLU SA 21 0.88 -12.87 -50.83
N GLY SA 22 -0.32 -13.15 -51.33
CA GLY SA 22 -0.60 -14.40 -52.00
C GLY SA 22 -0.13 -14.49 -53.43
N THR SA 23 1.06 -13.98 -53.71
CA THR SA 23 1.71 -14.20 -54.99
C THR SA 23 2.54 -15.48 -54.91
N ASN SA 24 2.65 -16.15 -56.04
CA ASN SA 24 3.23 -17.48 -56.11
C ASN SA 24 4.68 -17.33 -56.56
N GLU SA 25 5.49 -16.70 -55.72
CA GLU SA 25 6.85 -16.32 -56.09
C GLU SA 25 7.83 -17.11 -55.26
N TRP SA 26 8.98 -17.45 -55.87
CA TRP SA 26 9.89 -18.43 -55.30
C TRP SA 26 10.57 -17.90 -54.06
N PHE SA 27 10.43 -18.64 -52.95
CA PHE SA 27 11.00 -18.31 -51.64
C PHE SA 27 10.55 -16.94 -51.12
N GLY SA 28 9.42 -16.44 -51.59
CA GLY SA 28 9.01 -15.10 -51.27
C GLY SA 28 9.90 -14.02 -51.83
N VAL SA 29 10.70 -14.31 -52.86
CA VAL SA 29 11.56 -13.31 -53.46
C VAL SA 29 10.68 -12.41 -54.31
N ASP SA 30 10.30 -11.26 -53.75
CA ASP SA 30 9.49 -10.30 -54.46
C ASP SA 30 10.34 -9.44 -55.37
N ASP SA 31 11.38 -8.82 -54.83
CA ASP SA 31 12.28 -7.95 -55.57
C ASP SA 31 13.55 -8.69 -55.94
N LEU SA 32 14.27 -8.13 -56.90
CA LEU SA 32 15.51 -8.70 -57.38
C LEU SA 32 16.62 -8.59 -56.35
N ARG SA 33 16.51 -7.63 -55.43
CA ARG SA 33 17.54 -7.36 -54.45
C ARG SA 33 17.65 -8.46 -53.41
N LEU SA 34 16.57 -9.22 -53.19
CA LEU SA 34 16.58 -10.24 -52.15
C LEU SA 34 17.37 -11.47 -52.55
N LEU SA 35 17.59 -11.68 -53.85
CA LEU SA 35 18.40 -12.79 -54.32
C LEU SA 35 19.84 -12.64 -53.86
N ALA SA 36 20.43 -11.46 -54.08
CA ALA SA 36 21.80 -11.18 -53.70
C ALA SA 36 22.04 -11.29 -52.20
N VAL SA 37 20.96 -11.21 -51.42
CA VAL SA 37 21.02 -11.55 -50.02
C VAL SA 37 21.13 -13.06 -49.81
N LEU SA 38 20.38 -13.85 -50.58
CA LEU SA 38 20.40 -15.29 -50.39
C LEU SA 38 21.71 -15.89 -50.85
N PHE SA 39 22.19 -15.47 -52.01
CA PHE SA 39 23.41 -16.03 -52.56
C PHE SA 39 24.61 -15.66 -51.71
N LEU SA 40 24.63 -14.45 -51.21
CA LEU SA 40 25.75 -14.12 -50.35
C LEU SA 40 25.58 -14.63 -48.96
N GLY SA 41 24.55 -15.35 -48.60
CA GLY SA 41 24.48 -15.92 -47.28
C GLY SA 41 24.97 -17.34 -47.26
N HIS SA 42 24.50 -18.14 -48.24
CA HIS SA 42 24.94 -19.52 -48.34
C HIS SA 42 26.40 -19.59 -48.72
N TRP SA 43 26.85 -18.68 -49.61
CA TRP SA 43 28.23 -18.73 -50.09
C TRP SA 43 29.23 -18.18 -49.08
N ALA SA 44 28.81 -17.26 -48.21
CA ALA SA 44 29.75 -16.68 -47.27
C ALA SA 44 30.13 -17.66 -46.18
N ILE SA 45 29.28 -18.63 -45.92
CA ILE SA 45 29.57 -19.71 -44.98
C ILE SA 45 30.11 -20.93 -45.72
N LEU SA 46 29.68 -21.16 -46.96
CA LEU SA 46 30.27 -22.18 -47.83
C LEU SA 46 31.77 -21.98 -47.99
N SER SA 47 32.18 -20.73 -48.19
CA SER SA 47 33.59 -20.44 -48.35
C SER SA 47 34.36 -20.64 -47.06
N LEU SA 48 33.71 -20.42 -45.92
CA LEU SA 48 34.30 -20.79 -44.64
C LEU SA 48 34.44 -22.30 -44.54
N TRP SA 49 33.43 -23.01 -45.00
CA TRP SA 49 33.41 -24.47 -44.88
C TRP SA 49 34.46 -25.10 -45.78
N LEU SA 50 34.67 -24.51 -46.96
CA LEU SA 50 35.66 -25.03 -47.88
C LEU SA 50 37.07 -24.73 -47.43
N GLY SA 51 37.24 -23.84 -46.45
CA GLY SA 51 38.56 -23.56 -45.93
C GLY SA 51 39.14 -24.70 -45.13
N SER SA 52 38.31 -25.63 -44.67
CA SER SA 52 38.76 -26.83 -43.98
C SER SA 52 38.33 -28.11 -44.67
N TYR SA 53 37.05 -28.28 -44.94
CA TYR SA 53 36.57 -29.51 -45.53
C TYR SA 53 36.65 -29.53 -47.04
N GLY SA 54 36.78 -28.38 -47.67
CA GLY SA 54 37.10 -28.32 -49.07
C GLY SA 54 38.57 -28.56 -49.31
N ASP SA 55 38.91 -28.77 -50.57
CA ASP SA 55 40.28 -29.07 -51.04
C ASP SA 55 40.86 -30.29 -50.34
N SER SA 56 40.02 -31.27 -50.08
CA SER SA 56 40.42 -32.55 -49.53
C SER SA 56 40.32 -33.61 -50.61
N ASN SA 57 40.85 -34.80 -50.32
CA ASN SA 57 40.84 -35.89 -51.28
C ASN SA 57 39.44 -36.45 -51.41
N GLU SA 58 38.88 -36.35 -52.61
CA GLU SA 58 37.54 -36.85 -52.89
C GLU SA 58 37.55 -38.31 -53.32
N ASP SA 59 38.62 -39.04 -53.05
CA ASP SA 59 38.80 -40.41 -53.52
C ASP SA 59 39.30 -41.33 -52.42
N GLU SA 60 39.04 -41.00 -51.16
CA GLU SA 60 39.53 -41.78 -50.03
C GLU SA 60 38.35 -42.35 -49.25
N ASP SA 61 38.27 -43.67 -49.18
CA ASP SA 61 37.07 -44.36 -48.73
C ASP SA 61 37.29 -44.94 -47.32
N PHE SA 62 36.33 -45.71 -46.85
CA PHE SA 62 36.38 -46.41 -45.56
C PHE SA 62 35.31 -47.49 -45.59
N PHE SA 63 35.55 -48.54 -44.82
CA PHE SA 63 34.57 -49.62 -44.67
C PHE SA 63 33.99 -49.59 -43.27
N GLY SA 64 33.89 -48.39 -42.70
CA GLY SA 64 33.25 -48.18 -41.43
C GLY SA 64 31.78 -47.83 -41.59
N GLU SA 65 31.17 -47.43 -40.49
CA GLU SA 65 29.84 -46.83 -40.51
C GLU SA 65 29.97 -45.32 -40.39
N ILE SA 66 31.17 -44.86 -40.12
CA ILE SA 66 31.45 -43.51 -39.67
C ILE SA 66 32.93 -43.27 -39.88
N ASP SA 67 33.30 -42.10 -40.37
CA ASP SA 67 34.68 -41.83 -40.75
C ASP SA 67 35.34 -40.91 -39.73
N TYR SA 68 36.56 -41.25 -39.34
CA TYR SA 68 37.37 -40.44 -38.44
C TYR SA 68 38.63 -39.95 -39.10
N SER SA 69 38.50 -39.49 -40.35
CA SER SA 69 39.63 -39.22 -41.23
C SER SA 69 40.56 -38.12 -40.73
N ALA SA 70 40.06 -36.88 -40.70
CA ALA SA 70 40.89 -35.73 -40.36
C ALA SA 70 40.01 -34.54 -39.99
N ARG SA 71 40.62 -33.40 -39.76
CA ARG SA 71 39.89 -32.20 -39.40
C ARG SA 71 39.38 -31.45 -40.62
N UNK TA 1 -25.78 -5.57 32.09
CA UNK TA 1 -26.13 -4.42 31.26
C UNK TA 1 -26.36 -3.18 32.11
N UNK TA 2 -26.14 -3.32 33.42
CA UNK TA 2 -26.17 -2.18 34.33
C UNK TA 2 -24.88 -2.21 35.13
N UNK TA 3 -24.40 -1.03 35.54
CA UNK TA 3 -23.14 -0.95 36.27
C UNK TA 3 -23.30 -1.54 37.66
N UNK TA 4 -24.51 -1.45 38.22
CA UNK TA 4 -24.88 -2.12 39.47
C UNK TA 4 -25.76 -3.30 39.10
N UNK TA 5 -25.12 -4.42 38.74
CA UNK TA 5 -25.84 -5.59 38.29
C UNK TA 5 -24.97 -6.83 38.45
N UNK TA 6 -25.62 -7.94 38.80
CA UNK TA 6 -25.04 -9.29 38.85
C UNK TA 6 -23.76 -9.33 39.68
N UNK TA 7 -23.90 -8.94 40.96
CA UNK TA 7 -22.78 -8.76 41.90
C UNK TA 7 -21.77 -7.75 41.37
N UNK TA 8 -22.19 -6.49 41.32
CA UNK TA 8 -21.70 -5.40 40.48
C UNK TA 8 -20.20 -5.26 40.26
N UNK TA 9 -19.45 -4.97 41.31
CA UNK TA 9 -18.01 -4.81 41.16
C UNK TA 9 -17.23 -5.56 42.21
N UNK TA 10 -17.91 -6.19 43.15
CA UNK TA 10 -17.22 -6.99 44.17
C UNK TA 10 -16.60 -8.22 43.54
N UNK TA 11 -17.26 -8.79 42.54
CA UNK TA 11 -16.74 -10.02 41.95
C UNK TA 11 -15.66 -9.73 40.92
N UNK TA 12 -15.69 -8.54 40.31
CA UNK TA 12 -14.73 -8.23 39.25
C UNK TA 12 -13.46 -7.61 39.82
N UNK TA 13 -13.60 -6.72 40.80
CA UNK TA 13 -12.44 -5.99 41.31
C UNK TA 13 -11.73 -6.71 42.44
N UNK TA 14 -12.47 -7.34 43.35
CA UNK TA 14 -11.82 -7.95 44.51
C UNK TA 14 -11.22 -9.30 44.14
N UNK TA 15 -11.72 -9.93 43.08
CA UNK TA 15 -11.14 -11.21 42.69
C UNK TA 15 -9.89 -11.01 41.83
N UNK TA 16 -9.80 -9.88 41.14
CA UNK TA 16 -8.55 -9.55 40.46
C UNK TA 16 -7.50 -9.13 41.48
N UNK TA 17 -7.93 -8.59 42.62
CA UNK TA 17 -7.00 -8.36 43.71
C UNK TA 17 -6.67 -9.66 44.44
N UNK TA 18 -7.62 -10.59 44.46
CA UNK TA 18 -7.36 -11.88 45.12
C UNK TA 18 -6.47 -12.76 44.27
N UNK TA 19 -6.61 -12.67 42.94
CA UNK TA 19 -5.73 -13.43 42.06
C UNK TA 19 -4.33 -12.83 42.07
N UNK TA 20 -4.22 -11.54 42.31
CA UNK TA 20 -2.91 -10.92 42.46
C UNK TA 20 -2.26 -11.33 43.77
N UNK TA 21 -3.07 -11.66 44.78
CA UNK TA 21 -2.52 -12.10 46.05
C UNK TA 21 -2.04 -13.54 45.96
N UNK TA 22 -2.72 -14.38 45.18
CA UNK TA 22 -2.26 -15.75 44.99
C UNK TA 22 -1.03 -15.81 44.10
N UNK TA 23 -0.76 -14.76 43.33
CA UNK TA 23 0.46 -14.67 42.53
C UNK TA 23 1.60 -14.00 43.29
N UNK TA 24 1.27 -13.17 44.29
CA UNK TA 24 2.33 -12.50 45.05
C UNK TA 24 2.70 -13.32 46.28
N UNK TA 25 1.84 -14.22 46.71
CA UNK TA 25 2.19 -15.09 47.84
C UNK TA 25 3.07 -16.23 47.38
N UNK TA 26 2.91 -16.67 46.13
CA UNK TA 26 3.67 -17.83 45.67
C UNK TA 26 5.07 -17.44 45.23
N UNK TA 27 5.25 -16.18 44.83
CA UNK TA 27 6.57 -15.60 44.60
C UNK TA 27 6.61 -14.28 45.36
N UNK TA 28 7.16 -14.33 46.58
CA UNK TA 28 7.00 -13.25 47.55
C UNK TA 28 7.73 -11.99 47.13
N UNK TA 29 7.02 -10.86 47.19
CA UNK TA 29 7.62 -9.58 46.84
C UNK TA 29 8.65 -9.15 47.86
N UNK TA 30 8.47 -9.57 49.11
CA UNK TA 30 9.44 -9.31 50.15
C UNK TA 30 10.70 -10.14 49.91
N UNK TA 31 11.83 -9.60 50.33
CA UNK TA 31 13.09 -10.32 50.23
C UNK TA 31 13.90 -10.18 51.51
N UNK UA 1 -9.26 -39.64 44.08
CA UNK UA 1 -9.02 -38.35 43.43
C UNK UA 1 -8.37 -37.38 44.38
N UNK UA 2 -7.12 -37.05 44.10
CA UNK UA 2 -6.35 -36.21 44.99
C UNK UA 2 -5.50 -35.24 44.19
N UNK UA 3 -5.59 -33.97 44.56
CA UNK UA 3 -4.59 -32.97 44.22
C UNK UA 3 -4.17 -32.30 45.53
N UNK UA 4 -3.27 -32.99 46.25
CA UNK UA 4 -2.79 -32.64 47.60
C UNK UA 4 -3.94 -32.47 48.59
N UNK UA 5 -4.96 -33.32 48.51
CA UNK UA 5 -6.11 -33.25 49.41
C UNK UA 5 -6.77 -34.62 49.47
N UNK UA 6 -7.54 -34.83 50.53
CA UNK UA 6 -8.25 -36.09 50.69
C UNK UA 6 -9.46 -36.15 49.76
N UNK UA 7 -10.02 -37.35 49.62
CA UNK UA 7 -11.16 -37.53 48.72
C UNK UA 7 -12.42 -36.90 49.30
N UNK UA 8 -12.45 -36.71 50.61
CA UNK UA 8 -13.59 -36.02 51.22
C UNK UA 8 -13.40 -34.51 51.18
N UNK UA 9 -12.16 -34.05 51.21
CA UNK UA 9 -11.92 -32.61 51.23
C UNK UA 9 -11.83 -32.06 49.81
N UNK UA 10 -11.50 -32.91 48.83
CA UNK UA 10 -11.51 -32.44 47.45
C UNK UA 10 -12.93 -32.27 46.95
N UNK UA 11 -13.85 -33.09 47.44
CA UNK UA 11 -15.24 -32.96 47.03
C UNK UA 11 -15.87 -31.72 47.65
N UNK UA 12 -15.30 -31.20 48.74
CA UNK UA 12 -15.89 -30.05 49.39
C UNK UA 12 -15.32 -28.75 48.85
N UNK UA 13 -14.10 -28.77 48.32
CA UNK UA 13 -13.53 -27.54 47.79
C UNK UA 13 -14.18 -27.18 46.46
N UNK UA 14 -14.49 -28.18 45.64
CA UNK UA 14 -15.12 -27.89 44.36
C UNK UA 14 -16.59 -27.59 44.53
N UNK UA 15 -17.23 -28.13 45.56
CA UNK UA 15 -18.63 -27.84 45.79
C UNK UA 15 -18.81 -26.49 46.50
N UNK UA 16 -17.77 -26.00 47.16
CA UNK UA 16 -17.86 -24.69 47.80
C UNK UA 16 -17.62 -23.58 46.80
N UNK UA 17 -16.80 -23.84 45.78
CA UNK UA 17 -16.55 -22.83 44.76
C UNK UA 17 -17.77 -22.64 43.88
N UNK UA 18 -18.52 -23.71 43.62
CA UNK UA 18 -19.76 -23.58 42.88
C UNK UA 18 -20.88 -23.05 43.75
N UNK UA 19 -20.67 -22.98 45.06
CA UNK UA 19 -21.71 -22.50 45.96
C UNK UA 19 -21.64 -20.99 46.13
N UNK UA 20 -20.43 -20.43 46.23
CA UNK UA 20 -20.28 -18.99 46.28
C UNK UA 20 -20.67 -18.36 44.96
N UNK UA 21 -20.59 -19.12 43.87
CA UNK UA 21 -21.13 -18.67 42.60
C UNK UA 21 -22.64 -18.88 42.55
N UNK UA 22 -23.21 -19.56 43.54
CA UNK UA 22 -24.67 -19.62 43.62
C UNK UA 22 -25.22 -18.66 44.67
N UNK UA 23 -24.40 -18.31 45.68
CA UNK UA 23 -24.87 -17.39 46.70
C UNK UA 23 -24.92 -15.97 46.18
N UNK UA 24 -23.87 -15.51 45.51
CA UNK UA 24 -23.87 -14.18 44.92
C UNK UA 24 -24.74 -14.16 43.67
N UNK UA 25 -25.14 -15.32 43.19
CA UNK UA 25 -26.05 -15.43 42.06
C UNK UA 25 -27.43 -14.94 42.43
N UNK UA 26 -28.05 -15.65 43.36
CA UNK UA 26 -29.47 -15.46 43.58
C UNK UA 26 -29.72 -14.28 44.50
N UNK UA 27 -28.69 -13.84 45.23
CA UNK UA 27 -28.81 -12.59 45.96
C UNK UA 27 -28.80 -11.40 45.00
N UNK UA 28 -27.76 -11.26 44.19
CA UNK UA 28 -27.64 -10.13 43.28
C UNK UA 28 -27.77 -10.63 41.85
N UNK UA 29 -28.86 -10.26 41.18
CA UNK UA 29 -29.13 -10.72 39.83
C UNK UA 29 -29.52 -9.54 38.96
N UNK UA 30 -29.66 -9.81 37.66
CA UNK UA 30 -30.15 -8.83 36.69
C UNK UA 30 -30.67 -9.52 35.44
N UNK VA 1 -41.66 -60.26 -19.87
CA UNK VA 1 -40.39 -60.63 -20.48
C UNK VA 1 -40.05 -59.71 -21.64
N UNK VA 2 -38.76 -59.42 -21.80
CA UNK VA 2 -38.33 -58.53 -22.88
C UNK VA 2 -38.38 -59.25 -24.21
N UNK VA 3 -38.52 -58.47 -25.28
CA UNK VA 3 -38.66 -59.02 -26.63
C UNK VA 3 -37.27 -59.20 -27.26
N UNK VA 4 -36.65 -60.32 -26.92
CA UNK VA 4 -35.32 -60.63 -27.43
C UNK VA 4 -35.40 -61.04 -28.90
N UNK VA 5 -34.33 -60.78 -29.65
CA UNK VA 5 -34.30 -61.03 -31.08
C UNK VA 5 -33.09 -61.84 -31.50
N UNK VA 6 -32.82 -62.95 -30.83
CA UNK VA 6 -31.65 -63.75 -31.18
C UNK VA 6 -31.91 -64.58 -32.43
N UNK VA 7 -33.19 -64.79 -32.78
CA UNK VA 7 -33.52 -65.65 -33.91
C UNK VA 7 -33.25 -64.96 -35.24
N UNK VA 8 -33.22 -63.63 -35.25
CA UNK VA 8 -33.02 -62.86 -36.46
C UNK VA 8 -31.80 -61.94 -36.39
N UNK VA 9 -30.93 -62.10 -35.41
CA UNK VA 9 -29.74 -61.26 -35.29
C UNK VA 9 -28.50 -62.13 -35.27
N UNK VA 10 -27.34 -61.49 -35.12
CA UNK VA 10 -26.08 -62.19 -35.00
C UNK VA 10 -25.86 -62.64 -33.57
N SER WA 31 -6.33 -30.91 79.73
CA SER WA 31 -5.43 -29.82 79.39
C SER WA 31 -6.18 -28.74 78.62
N GLU WA 32 -6.03 -27.48 79.05
CA GLU WA 32 -6.80 -26.41 78.45
C GLU WA 32 -6.22 -25.99 77.11
N ILE WA 33 -4.98 -26.40 76.82
CA ILE WA 33 -4.37 -26.08 75.54
C ILE WA 33 -5.05 -26.84 74.42
N GLU WA 34 -5.43 -28.09 74.67
CA GLU WA 34 -6.01 -28.92 73.63
C GLU WA 34 -7.49 -28.68 73.42
N LEU WA 35 -8.10 -27.74 74.16
CA LEU WA 35 -9.55 -27.63 74.12
C LEU WA 35 -10.02 -26.75 72.96
N GLY WA 36 -9.14 -25.91 72.43
CA GLY WA 36 -9.55 -25.05 71.34
C GLY WA 36 -9.38 -25.71 69.99
N VAL WA 37 -8.61 -26.79 69.93
CA VAL WA 37 -8.24 -27.38 68.66
C VAL WA 37 -9.37 -28.23 68.11
N THR WA 38 -9.78 -27.94 66.88
CA THR WA 38 -10.77 -28.75 66.19
C THR WA 38 -10.11 -29.20 64.89
N GLU WA 39 -10.80 -29.98 64.07
CA GLU WA 39 -10.23 -30.63 62.89
C GLU WA 39 -9.76 -29.73 61.75
N PRO WA 40 -10.57 -28.80 61.16
CA PRO WA 40 -10.15 -28.19 59.90
C PRO WA 40 -8.96 -27.25 59.99
N LEU WA 41 -8.77 -26.62 61.16
CA LEU WA 41 -7.66 -25.69 61.29
C LEU WA 41 -6.58 -26.24 62.22
N GLY WA 42 -6.97 -27.02 63.22
CA GLY WA 42 -5.98 -27.46 64.18
C GLY WA 42 -5.57 -26.34 65.12
N VAL WA 43 -4.31 -26.37 65.53
CA VAL WA 43 -3.74 -25.29 66.32
C VAL WA 43 -3.59 -24.09 65.40
N TYR WA 44 -4.41 -23.06 65.61
CA TYR WA 44 -4.46 -21.95 64.67
C TYR WA 44 -4.14 -20.65 65.39
N ASP WA 45 -3.00 -20.07 65.06
CA ASP WA 45 -2.64 -18.73 65.53
C ASP WA 45 -1.72 -18.04 64.53
N PRO WA 46 -2.26 -17.10 63.75
CA PRO WA 46 -1.39 -16.32 62.85
C PRO WA 46 -0.49 -15.36 63.61
N LEU WA 47 -0.97 -14.84 64.73
CA LEU WA 47 -0.15 -13.92 65.52
C LEU WA 47 0.91 -14.68 66.31
N GLY WA 48 0.62 -15.93 66.66
CA GLY WA 48 1.57 -16.75 67.37
C GLY WA 48 1.75 -16.42 68.83
N TRP WA 49 0.68 -16.10 69.55
CA TRP WA 49 0.80 -15.77 70.97
C TRP WA 49 0.99 -17.02 71.82
N LEU WA 50 0.77 -18.21 71.25
CA LEU WA 50 0.97 -19.44 72.01
C LEU WA 50 2.42 -19.68 72.33
N GLU WA 51 3.32 -19.21 71.47
CA GLU WA 51 4.75 -19.40 71.73
C GLU WA 51 5.38 -18.13 72.30
N SER WA 52 4.86 -16.96 71.91
CA SER WA 52 5.47 -15.71 72.34
C SER WA 52 5.12 -15.42 73.79
N GLU WA 53 3.83 -15.37 74.13
CA GLU WA 53 3.36 -15.06 75.48
C GLU WA 53 2.48 -16.22 75.96
N PRO WA 54 3.08 -17.28 76.48
CA PRO WA 54 2.28 -18.43 76.93
C PRO WA 54 1.67 -18.20 78.30
N GLU WA 55 2.12 -17.16 79.00
CA GLU WA 55 1.58 -16.88 80.33
C GLU WA 55 0.19 -16.26 80.25
N ALA WA 56 -0.11 -15.59 79.14
CA ALA WA 56 -1.40 -14.92 79.02
C ALA WA 56 -2.52 -15.90 78.68
N PHE WA 57 -2.15 -17.08 78.19
CA PHE WA 57 -3.08 -18.08 77.64
C PHE WA 57 -4.14 -18.53 78.62
N GLU WA 58 -3.82 -18.55 79.91
CA GLU WA 58 -4.80 -18.94 80.91
C GLU WA 58 -5.88 -17.87 81.04
N ARG WA 59 -5.54 -16.61 80.77
CA ARG WA 59 -6.57 -15.58 80.72
C ARG WA 59 -7.25 -15.57 79.36
N ARG WA 60 -6.47 -15.70 78.28
CA ARG WA 60 -7.00 -15.56 76.93
C ARG WA 60 -8.02 -16.66 76.61
N ARG WA 61 -7.81 -17.86 77.13
CA ARG WA 61 -8.81 -18.90 77.00
C ARG WA 61 -10.04 -18.57 77.82
N ALA WA 62 -9.84 -17.99 79.00
CA ALA WA 62 -10.98 -17.66 79.84
C ALA WA 62 -11.66 -16.39 79.36
N VAL WA 63 -11.15 -15.75 78.32
CA VAL WA 63 -11.89 -14.67 77.67
C VAL WA 63 -12.59 -15.19 76.42
N GLU WA 64 -11.94 -16.11 75.68
CA GLU WA 64 -12.58 -16.68 74.49
C GLU WA 64 -13.78 -17.54 74.87
N ARG WA 65 -13.75 -18.17 76.05
CA ARG WA 65 -14.98 -18.73 76.59
C ARG WA 65 -15.96 -17.64 76.98
N LYS WA 66 -15.47 -16.54 77.53
CA LYS WA 66 -16.34 -15.57 78.16
C LYS WA 66 -17.08 -14.74 77.13
N HIS WA 67 -16.36 -14.21 76.13
CA HIS WA 67 -17.02 -13.57 75.00
C HIS WA 67 -17.85 -14.58 74.21
N GLY WA 68 -17.50 -15.85 74.29
CA GLY WA 68 -18.31 -16.87 73.64
C GLY WA 68 -19.67 -17.02 74.30
N ARG WA 69 -19.67 -17.21 75.63
CA ARG WA 69 -20.91 -17.48 76.35
C ARG WA 69 -21.85 -16.29 76.33
N VAL WA 70 -21.32 -15.08 76.21
CA VAL WA 70 -22.18 -13.93 76.06
C VAL WA 70 -22.74 -13.87 74.65
N ALA WA 71 -21.94 -14.24 73.66
CA ALA WA 71 -22.41 -14.17 72.27
C ALA WA 71 -23.43 -15.25 71.97
N MET WA 72 -23.28 -16.43 72.58
CA MET WA 72 -24.24 -17.51 72.36
C MET WA 72 -25.60 -17.19 72.95
N ALA WA 73 -25.63 -16.48 74.06
CA ALA WA 73 -26.88 -16.05 74.64
C ALA WA 73 -27.41 -14.77 74.02
N ALA WA 74 -26.68 -14.22 73.05
CA ALA WA 74 -27.13 -13.03 72.34
C ALA WA 74 -27.71 -13.36 70.97
N VAL WA 75 -27.20 -14.41 70.31
CA VAL WA 75 -27.79 -14.83 69.05
C VAL WA 75 -29.19 -15.35 69.28
N VAL WA 76 -29.37 -16.17 70.32
CA VAL WA 76 -30.69 -16.60 70.72
C VAL WA 76 -31.52 -15.41 71.16
N GLY WA 77 -30.89 -14.42 71.78
CA GLY WA 77 -31.59 -13.19 72.10
C GLY WA 77 -31.91 -12.37 70.86
N THR WA 78 -31.19 -12.59 69.76
CA THR WA 78 -31.55 -11.91 68.53
C THR WA 78 -32.75 -12.59 67.87
N ILE WA 79 -32.78 -13.91 67.93
CA ILE WA 79 -33.79 -14.69 67.20
C ILE WA 79 -35.14 -14.59 67.91
N VAL WA 80 -35.13 -14.74 69.25
CA VAL WA 80 -36.37 -14.73 70.02
C VAL WA 80 -37.00 -13.34 69.99
N HIS WA 81 -36.18 -12.29 70.00
CA HIS WA 81 -36.73 -10.94 69.91
C HIS WA 81 -37.28 -10.66 68.51
N ASN WA 82 -36.79 -11.35 67.48
CA ASN WA 82 -37.23 -11.10 66.12
C ASN WA 82 -38.33 -12.04 65.65
N ASN WA 83 -38.60 -13.12 66.38
CA ASN WA 83 -39.81 -13.89 66.13
C ASN WA 83 -41.02 -13.32 66.82
N HIS WA 84 -40.88 -12.14 67.43
CA HIS WA 84 -41.92 -11.46 68.21
C HIS WA 84 -42.43 -12.34 69.34
N ILE WA 85 -41.55 -13.15 69.91
CA ILE WA 85 -41.85 -13.87 71.13
C ILE WA 85 -41.69 -12.86 72.27
N VAL WA 86 -42.81 -12.33 72.71
CA VAL WA 86 -42.86 -11.20 73.63
C VAL WA 86 -43.56 -11.69 74.89
N PHE WA 87 -43.18 -11.16 76.05
CA PHE WA 87 -43.77 -11.57 77.32
C PHE WA 87 -45.26 -11.24 77.43
N ASP WA 88 -45.78 -10.36 76.58
CA ASP WA 88 -47.20 -10.01 76.50
C ASP WA 88 -47.70 -9.45 77.83
N GLY WA 89 -46.86 -8.60 78.42
CA GLY WA 89 -47.21 -7.92 79.65
C GLY WA 89 -46.96 -6.44 79.50
N TYR WA 90 -47.17 -5.73 80.59
CA TYR WA 90 -47.00 -4.28 80.63
C TYR WA 90 -45.75 -3.97 81.45
N LEU WA 91 -44.66 -3.61 80.77
CA LEU WA 91 -43.34 -3.54 81.40
C LEU WA 91 -43.26 -2.44 82.44
N SER WA 92 -43.44 -1.20 82.03
CA SER WA 92 -43.28 -0.10 82.97
C SER WA 92 -44.64 0.50 83.27
N PRO WA 93 -45.13 0.39 84.51
CA PRO WA 93 -46.34 1.14 84.84
C PRO WA 93 -46.10 2.63 84.93
N SER WA 94 -44.85 3.05 85.15
CA SER WA 94 -44.56 4.48 85.24
C SER WA 94 -44.30 5.07 83.87
N ASN WA 95 -43.34 4.52 83.14
CA ASN WA 95 -42.92 5.08 81.85
C ASN WA 95 -43.81 4.63 80.70
N ASN WA 96 -44.79 3.78 80.98
CA ASN WA 96 -45.78 3.29 80.02
C ASN WA 96 -45.14 2.59 78.83
N LEU WA 97 -44.18 1.72 79.12
CA LEU WA 97 -43.59 0.84 78.12
C LEU WA 97 -44.27 -0.50 78.21
N LYS WA 98 -44.73 -1.01 77.08
CA LYS WA 98 -45.04 -2.42 76.98
C LYS WA 98 -43.80 -3.17 76.53
N PHE WA 99 -43.85 -4.50 76.65
CA PHE WA 99 -42.76 -5.30 76.14
C PHE WA 99 -42.75 -5.31 74.62
N SER WA 100 -43.91 -5.11 74.00
CA SER WA 100 -43.97 -5.09 72.54
C SER WA 100 -43.51 -3.74 72.00
N ASP WA 101 -43.45 -2.72 72.85
CA ASP WA 101 -43.06 -1.40 72.40
C ASP WA 101 -41.56 -1.27 72.22
N ILE WA 102 -40.78 -2.16 72.81
CA ILE WA 102 -39.32 -2.06 72.75
C ILE WA 102 -38.87 -2.55 71.38
N PRO WA 103 -37.99 -1.82 70.69
CA PRO WA 103 -37.49 -2.27 69.39
C PRO WA 103 -36.66 -3.54 69.52
N THR WA 104 -36.61 -4.30 68.43
CA THR WA 104 -36.00 -5.61 68.45
C THR WA 104 -34.57 -5.60 67.92
N GLY WA 105 -34.12 -4.51 67.32
CA GLY WA 105 -32.77 -4.48 66.78
C GLY WA 105 -31.73 -4.10 67.79
N VAL WA 106 -30.85 -3.18 67.42
CA VAL WA 106 -29.83 -2.69 68.33
C VAL WA 106 -30.43 -1.78 69.40
N ASP WA 107 -31.51 -1.08 69.08
CA ASP WA 107 -32.04 -0.04 69.96
C ASP WA 107 -32.98 -0.60 71.03
N GLY WA 108 -32.83 -1.87 71.39
CA GLY WA 108 -33.68 -2.43 72.43
C GLY WA 108 -33.29 -1.96 73.82
N ILE WA 109 -31.99 -1.97 74.11
CA ILE WA 109 -31.53 -1.56 75.45
C ILE WA 109 -31.70 -0.06 75.62
N ARG WA 110 -31.58 0.70 74.54
CA ARG WA 110 -31.75 2.14 74.63
C ARG WA 110 -33.19 2.55 74.91
N ALA WA 111 -34.15 1.65 74.71
CA ALA WA 111 -35.52 1.89 75.12
C ALA WA 111 -35.77 1.52 76.58
N ILE WA 112 -34.92 0.70 77.17
CA ILE WA 112 -35.07 0.33 78.57
C ILE WA 112 -34.76 1.54 79.45
N PRO WA 113 -35.60 1.89 80.41
CA PRO WA 113 -35.31 3.04 81.26
C PRO WA 113 -34.15 2.77 82.20
N THR WA 114 -33.56 3.86 82.70
CA THR WA 114 -32.34 3.76 83.49
C THR WA 114 -32.57 3.15 84.86
N ALA WA 115 -33.80 3.14 85.35
CA ALA WA 115 -34.09 2.41 86.58
C ALA WA 115 -34.07 0.92 86.35
N GLY WA 116 -34.33 0.48 85.12
CA GLY WA 116 -34.25 -0.92 84.80
C GLY WA 116 -32.84 -1.34 84.45
N LEU WA 117 -32.07 -0.41 83.89
CA LEU WA 117 -30.67 -0.67 83.66
C LEU WA 117 -29.91 -0.71 84.97
N ALA WA 118 -30.39 -0.01 85.99
CA ALA WA 118 -29.78 -0.10 87.30
C ALA WA 118 -30.08 -1.45 87.96
N GLN WA 119 -31.24 -2.03 87.68
CA GLN WA 119 -31.56 -3.33 88.25
C GLN WA 119 -30.73 -4.43 87.62
N ILE WA 120 -30.39 -4.30 86.33
CA ILE WA 120 -29.59 -5.32 85.67
C ILE WA 120 -28.15 -5.26 86.14
N LEU WA 121 -27.58 -4.05 86.20
CA LEU WA 121 -26.19 -3.91 86.59
C LEU WA 121 -25.96 -4.23 88.05
N ALA WA 122 -26.95 -4.01 88.90
CA ALA WA 122 -26.80 -4.40 90.31
C ALA WA 122 -26.90 -5.90 90.47
N PHE WA 123 -27.61 -6.57 89.55
CA PHE WA 123 -27.76 -8.01 89.66
C PHE WA 123 -26.53 -8.74 89.15
N PHE WA 124 -26.06 -8.40 87.95
CA PHE WA 124 -24.94 -9.13 87.39
C PHE WA 124 -23.62 -8.70 88.00
N ALA WA 125 -23.61 -7.63 88.79
CA ALA WA 125 -22.47 -7.41 89.64
C ALA WA 125 -22.40 -8.46 90.73
N LEU WA 126 -23.55 -8.93 91.20
CA LEU WA 126 -23.56 -9.98 92.20
C LEU WA 126 -23.29 -11.33 91.57
N VAL WA 127 -23.63 -11.48 90.29
CA VAL WA 127 -23.32 -12.73 89.60
C VAL WA 127 -21.84 -12.79 89.26
N GLU WA 128 -21.33 -11.76 88.58
CA GLU WA 128 -20.05 -11.91 87.93
C GLU WA 128 -18.89 -11.63 88.89
N LEU WA 129 -19.18 -11.13 90.08
CA LEU WA 129 -18.15 -10.98 91.10
C LEU WA 129 -18.25 -12.03 92.20
N ALA WA 130 -19.45 -12.29 92.68
CA ALA WA 130 -19.62 -13.11 93.88
C ALA WA 130 -19.92 -14.57 93.56
N TRP WA 131 -21.04 -14.82 92.89
CA TRP WA 131 -21.51 -16.19 92.72
C TRP WA 131 -20.76 -16.94 91.64
N MET WA 132 -20.65 -16.34 90.45
CA MET WA 132 -19.90 -16.90 89.33
C MET WA 132 -18.79 -15.91 89.02
N PRO WA 133 -17.70 -15.93 89.79
CA PRO WA 133 -16.69 -14.86 89.67
C PRO WA 133 -15.90 -14.99 88.40
N ALA WA 134 -15.85 -13.89 87.63
CA ALA WA 134 -15.12 -13.88 86.38
C ALA WA 134 -13.61 -13.95 86.55
N SER WA 135 -13.11 -13.67 87.76
CA SER WA 135 -11.70 -13.85 88.03
C SER WA 135 -11.30 -15.31 88.07
N LYS WA 136 -12.25 -16.23 88.20
CA LYS WA 136 -11.97 -17.65 88.16
C LYS WA 136 -11.72 -18.05 86.71
N TYR WA 137 -10.46 -18.19 86.34
CA TYR WA 137 -10.09 -18.42 84.95
C TYR WA 137 -10.34 -19.84 84.48
N ASP WA 138 -10.80 -20.73 85.35
CA ASP WA 138 -11.13 -22.08 84.90
C ASP WA 138 -12.48 -22.09 84.19
N GLY WA 139 -13.41 -21.27 84.65
CA GLY WA 139 -14.71 -21.19 84.03
C GLY WA 139 -15.67 -22.29 84.41
N ASP WA 140 -15.30 -23.17 85.33
CA ASP WA 140 -16.07 -24.35 85.68
C ASP WA 140 -16.84 -24.18 86.97
N TYR WA 141 -17.47 -23.01 87.10
CA TYR WA 141 -17.92 -22.35 88.33
C TYR WA 141 -18.61 -23.24 89.34
N GLY WA 142 -19.81 -23.71 89.04
CA GLY WA 142 -20.36 -24.73 89.90
C GLY WA 142 -21.05 -25.87 89.18
N VAL WA 143 -21.49 -25.61 87.97
CA VAL WA 143 -22.56 -26.39 87.35
C VAL WA 143 -21.96 -27.23 86.24
N GLY WA 144 -22.33 -28.50 86.20
CA GLY WA 144 -21.95 -29.36 85.12
C GLY WA 144 -22.75 -29.07 83.87
N TYR WA 145 -22.54 -29.92 82.87
CA TYR WA 145 -23.35 -29.85 81.67
C TYR WA 145 -24.71 -30.39 82.03
N PHE WA 146 -25.66 -29.47 82.25
CA PHE WA 146 -26.98 -29.76 82.81
C PHE WA 146 -26.85 -30.45 84.16
N GLY WA 147 -26.13 -29.81 85.08
CA GLY WA 147 -26.08 -30.25 86.46
C GLY WA 147 -25.10 -31.37 86.76
N THR WA 148 -24.72 -32.16 85.78
CA THR WA 148 -23.81 -33.29 85.99
C THR WA 148 -22.54 -33.05 85.21
N ASP WA 149 -21.42 -33.46 85.78
CA ASP WA 149 -20.18 -33.41 85.02
C ASP WA 149 -20.13 -34.59 84.05
N ILE WA 150 -19.09 -34.59 83.23
CA ILE WA 150 -18.89 -35.61 82.21
C ILE WA 150 -17.65 -36.39 82.62
N LYS WA 151 -17.85 -37.57 83.19
CA LYS WA 151 -16.74 -38.34 83.74
C LYS WA 151 -15.86 -38.96 82.68
N ASP WA 152 -16.38 -39.19 81.48
CA ASP WA 152 -15.60 -39.73 80.38
C ASP WA 152 -14.65 -38.65 79.89
N PRO WA 153 -13.32 -38.87 79.95
CA PRO WA 153 -12.38 -37.78 79.61
C PRO WA 153 -12.40 -37.37 78.16
N GLU WA 154 -12.74 -38.30 77.26
CA GLU WA 154 -12.84 -37.93 75.85
C GLU WA 154 -14.09 -37.12 75.58
N GLU WA 155 -15.19 -37.46 76.24
CA GLU WA 155 -16.44 -36.75 75.99
C GLU WA 155 -16.47 -35.41 76.72
N LYS WA 156 -15.79 -35.32 77.86
CA LYS WA 156 -15.65 -34.03 78.52
C LYS WA 156 -14.76 -33.11 77.70
N ALA WA 157 -13.72 -33.66 77.09
CA ALA WA 157 -12.87 -32.89 76.19
C ALA WA 157 -13.47 -32.81 74.79
N ARG WA 158 -14.60 -33.45 74.56
CA ARG WA 158 -15.35 -33.19 73.34
C ARG WA 158 -16.18 -31.93 73.48
N LYS WA 159 -17.08 -31.88 74.45
CA LYS WA 159 -18.06 -30.81 74.53
C LYS WA 159 -17.47 -29.48 74.94
N LEU WA 160 -16.27 -29.48 75.51
CA LEU WA 160 -15.56 -28.22 75.70
C LEU WA 160 -15.09 -27.61 74.39
N ASN WA 161 -14.73 -28.42 73.40
CA ASN WA 161 -14.58 -27.92 72.04
C ASN WA 161 -15.89 -27.40 71.47
N VAL WA 162 -17.00 -28.01 71.88
CA VAL WA 162 -18.29 -27.63 71.32
C VAL WA 162 -18.77 -26.33 71.92
N GLU WA 163 -18.48 -26.09 73.20
CA GLU WA 163 -18.77 -24.79 73.79
C GLU WA 163 -17.91 -23.70 73.16
N LEU WA 164 -16.69 -24.05 72.74
CA LEU WA 164 -15.87 -23.06 72.07
C LEU WA 164 -16.33 -22.84 70.63
N ASN WA 165 -16.61 -23.89 69.87
CA ASN WA 165 -16.86 -23.70 68.45
C ASN WA 165 -18.23 -23.11 68.18
N ASN WA 166 -19.27 -23.56 68.89
CA ASN WA 166 -20.53 -22.81 68.90
C ASN WA 166 -20.34 -21.43 69.52
N GLY WA 167 -19.36 -21.27 70.40
CA GLY WA 167 -19.08 -19.96 70.95
C GLY WA 167 -18.32 -19.04 70.01
N ARG WA 168 -17.36 -19.59 69.28
CA ARG WA 168 -16.62 -18.78 68.30
C ARG WA 168 -17.52 -18.36 67.16
N ALA WA 169 -18.40 -19.25 66.70
CA ALA WA 169 -19.32 -18.92 65.63
C ALA WA 169 -20.38 -17.93 66.06
N ALA WA 170 -20.69 -17.86 67.35
CA ALA WA 170 -21.68 -16.91 67.81
C ALA WA 170 -21.12 -15.51 67.91
N MET WA 171 -19.81 -15.38 68.13
CA MET WA 171 -19.19 -14.05 68.12
C MET WA 171 -19.23 -13.47 66.72
N MET WA 172 -18.97 -14.30 65.72
CA MET WA 172 -19.07 -13.87 64.34
C MET WA 172 -20.50 -13.73 63.87
N GLY WA 173 -21.46 -14.21 64.64
CA GLY WA 173 -22.85 -14.08 64.27
C GLY WA 173 -23.47 -12.79 64.77
N ILE WA 174 -23.09 -12.36 65.98
CA ILE WA 174 -23.61 -11.10 66.51
C ILE WA 174 -23.03 -9.92 65.75
N MET WA 175 -21.76 -10.01 65.37
CA MET WA 175 -21.19 -8.99 64.48
C MET WA 175 -21.83 -9.01 63.11
N GLY WA 176 -22.34 -10.17 62.69
CA GLY WA 176 -23.15 -10.21 61.49
C GLY WA 176 -24.51 -9.59 61.65
N ASN WA 177 -25.03 -9.52 62.88
CA ASN WA 177 -26.27 -8.80 63.14
C ASN WA 177 -26.04 -7.32 63.34
N MET WA 178 -25.17 -6.95 64.28
CA MET WA 178 -25.06 -5.56 64.70
C MET WA 178 -24.49 -4.66 63.62
N VAL WA 179 -23.81 -5.21 62.62
CA VAL WA 179 -23.37 -4.43 61.48
C VAL WA 179 -24.46 -4.38 60.41
N ALA WA 180 -25.09 -5.51 60.10
CA ALA WA 180 -26.14 -5.50 59.09
C ALA WA 180 -27.46 -4.95 59.60
N GLU WA 181 -27.58 -4.60 60.88
CA GLU WA 181 -28.74 -3.86 61.36
C GLU WA 181 -28.50 -2.36 61.42
N VAL WA 182 -27.26 -1.92 61.29
CA VAL WA 182 -26.95 -0.50 61.22
C VAL WA 182 -26.77 -0.05 59.77
N LEU WA 183 -26.10 -0.86 58.96
CA LEU WA 183 -25.89 -0.49 57.56
C LEU WA 183 -27.19 -0.56 56.77
N THR WA 184 -27.97 -1.61 56.98
CA THR WA 184 -29.29 -1.65 56.37
C THR WA 184 -30.29 -0.77 57.11
N GLY WA 185 -29.99 -0.40 58.35
CA GLY WA 185 -30.86 0.48 59.10
C GLY WA 185 -32.16 -0.14 59.55
N GLN WA 186 -32.28 -1.46 59.50
CA GLN WA 186 -33.51 -2.15 59.82
C GLN WA 186 -33.22 -3.19 60.89
N THR WA 187 -34.28 -3.79 61.41
CA THR WA 187 -34.13 -4.94 62.27
C THR WA 187 -33.88 -6.18 61.42
N MET WA 188 -33.67 -7.31 62.07
CA MET WA 188 -33.53 -8.54 61.30
C MET WA 188 -34.86 -8.97 60.72
N TYR WA 189 -35.95 -8.70 61.45
CA TYR WA 189 -37.28 -9.07 60.97
C TYR WA 189 -37.69 -8.28 59.74
N GLU WA 190 -37.28 -7.02 59.66
CA GLU WA 190 -37.64 -6.20 58.52
C GLU WA 190 -36.83 -6.53 57.27
N GLN WA 191 -35.65 -7.11 57.42
CA GLN WA 191 -34.86 -7.48 56.26
C GLN WA 191 -35.47 -8.66 55.53
N TYR WA 192 -35.88 -9.68 56.28
CA TYR WA 192 -36.50 -10.84 55.67
C TYR WA 192 -37.91 -10.56 55.23
N ALA WA 193 -38.58 -9.58 55.84
CA ALA WA 193 -39.92 -9.23 55.42
C ALA WA 193 -39.89 -8.45 54.10
N SER WA 194 -39.04 -7.43 54.02
CA SER WA 194 -38.95 -6.62 52.82
C SER WA 194 -38.16 -7.30 51.71
N GLY WA 195 -37.54 -8.44 51.98
CA GLY WA 195 -36.74 -9.09 50.96
C GLY WA 195 -35.45 -8.36 50.68
N HIS WA 196 -34.84 -7.76 51.71
CA HIS WA 196 -33.59 -7.04 51.58
C HIS WA 196 -32.40 -7.94 51.88
N ILE WA 197 -32.51 -9.22 51.51
CA ILE WA 197 -31.45 -10.19 51.71
C ILE WA 197 -30.26 -9.87 50.81
N SER WA 198 -30.52 -9.26 49.65
CA SER WA 198 -29.45 -8.87 48.75
C SER WA 198 -28.67 -7.71 49.34
N PRO WA 199 -27.34 -7.71 49.21
CA PRO WA 199 -26.54 -6.64 49.82
C PRO WA 199 -26.53 -5.36 48.98
N PHE WA 200 -26.82 -4.24 49.64
CA PHE WA 200 -26.73 -2.94 48.99
C PHE WA 200 -25.28 -2.50 48.83
N GLY WA 201 -24.45 -2.79 49.83
CA GLY WA 201 -23.02 -2.53 49.76
C GLY WA 201 -22.26 -3.80 49.46
N ASP WA 202 -21.70 -4.43 50.49
CA ASP WA 202 -21.10 -5.74 50.35
C ASP WA 202 -21.50 -6.55 51.57
N GLY WA 203 -21.50 -7.87 51.40
CA GLY WA 203 -21.84 -8.75 52.50
C GLY WA 203 -21.21 -10.11 52.32
N GLN WA 204 -20.52 -10.56 53.37
CA GLN WA 204 -19.83 -11.85 53.35
C GLN WA 204 -20.43 -12.74 54.42
N GLY WA 205 -21.09 -13.81 53.99
CA GLY WA 205 -21.68 -14.77 54.89
C GLY WA 205 -21.30 -16.19 54.54
N VAL WA 206 -21.81 -17.15 55.30
CA VAL WA 206 -21.54 -18.56 55.03
C VAL WA 206 -22.76 -19.22 54.40
N SER XA 31 -17.74 -55.69 68.43
CA SER XA 31 -17.51 -56.25 67.10
C SER XA 31 -18.67 -55.89 66.18
N GLU XA 32 -18.34 -55.37 64.99
CA GLU XA 32 -19.39 -54.89 64.09
C GLU XA 32 -20.08 -56.04 63.37
N ILE XA 33 -19.48 -57.24 63.40
CA ILE XA 33 -20.10 -58.39 62.77
C ILE XA 33 -21.33 -58.82 63.55
N GLU XA 34 -21.26 -58.74 64.87
CA GLU XA 34 -22.36 -59.22 65.70
C GLU XA 34 -23.49 -58.20 65.85
N LEU XA 35 -23.39 -57.04 65.21
CA LEU XA 35 -24.36 -55.99 65.48
C LEU XA 35 -25.62 -56.14 64.64
N GLY XA 36 -25.53 -56.87 63.53
CA GLY XA 36 -26.70 -57.02 62.69
C GLY XA 36 -27.58 -58.18 63.11
N VAL XA 37 -27.04 -59.07 63.93
CA VAL XA 37 -27.72 -60.32 64.23
C VAL XA 37 -28.79 -60.08 65.28
N THR XA 38 -30.02 -60.49 64.97
CA THR XA 38 -31.11 -60.44 65.93
C THR XA 38 -31.65 -61.87 66.02
N GLU XA 39 -32.66 -62.11 66.86
CA GLU XA 39 -33.14 -63.44 67.19
C GLU XA 39 -33.78 -64.26 66.07
N PRO XA 40 -34.82 -63.77 65.31
CA PRO XA 40 -35.58 -64.72 64.48
C PRO XA 40 -34.82 -65.24 63.27
N LEU XA 41 -33.87 -64.46 62.76
CA LEU XA 41 -33.13 -64.92 61.59
C LEU XA 41 -31.69 -65.27 61.93
N GLY XA 42 -31.11 -64.57 62.90
CA GLY XA 42 -29.70 -64.81 63.17
C GLY XA 42 -28.82 -64.19 62.10
N VAL XA 43 -27.69 -64.85 61.83
CA VAL XA 43 -26.82 -64.44 60.74
C VAL XA 43 -27.52 -64.80 59.45
N TYR XA 44 -27.99 -63.80 58.71
CA TYR XA 44 -28.83 -64.03 57.55
C TYR XA 44 -28.18 -63.44 56.31
N ASP XA 45 -27.75 -64.31 55.40
CA ASP XA 45 -27.28 -63.89 54.09
C ASP XA 45 -27.52 -64.99 53.06
N PRO XA 46 -28.53 -64.82 52.21
CA PRO XA 46 -28.73 -65.80 51.12
C PRO XA 46 -27.66 -65.70 50.05
N LEU XA 47 -27.14 -64.50 49.82
CA LEU XA 47 -26.09 -64.34 48.82
C LEU XA 47 -24.76 -64.81 49.36
N GLY XA 48 -24.56 -64.73 50.67
CA GLY XA 48 -23.35 -65.20 51.29
C GLY XA 48 -22.14 -64.32 51.10
N TRP XA 49 -22.30 -62.99 51.15
CA TRP XA 49 -21.16 -62.10 50.98
C TRP XA 49 -20.29 -62.05 52.23
N LEU XA 50 -20.77 -62.59 53.35
CA LEU XA 50 -19.96 -62.59 54.57
C LEU XA 50 -18.76 -63.52 54.44
N GLU XA 51 -18.88 -64.58 53.66
CA GLU XA 51 -17.76 -65.49 53.47
C GLU XA 51 -17.03 -65.22 52.16
N SER XA 52 -17.76 -64.77 51.14
CA SER XA 52 -17.14 -64.58 49.84
C SER XA 52 -16.28 -63.33 49.82
N GLU XA 53 -16.85 -62.17 50.15
CA GLU XA 53 -16.14 -60.90 50.16
C GLU XA 53 -16.23 -60.28 51.55
N PRO XA 54 -15.36 -60.69 52.47
CA PRO XA 54 -15.43 -60.15 53.83
C PRO XA 54 -14.80 -58.77 53.95
N GLU XA 55 -14.06 -58.36 52.91
CA GLU XA 55 -13.40 -57.06 52.95
C GLU XA 55 -14.41 -55.94 52.73
N ALA XA 56 -15.51 -56.23 52.04
CA ALA XA 56 -16.47 -55.18 51.73
C ALA XA 56 -17.37 -54.87 52.92
N PHE XA 57 -17.41 -55.77 53.90
CA PHE XA 57 -18.33 -55.74 55.03
C PHE XA 57 -18.23 -54.47 55.86
N GLU XA 58 -17.03 -53.90 55.96
CA GLU XA 58 -16.86 -52.66 56.71
C GLU XA 58 -17.53 -51.50 56.00
N ARG XA 59 -17.63 -51.56 54.67
CA ARG XA 59 -18.42 -50.57 53.95
C ARG XA 59 -19.89 -50.93 53.96
N ARG XA 60 -20.21 -52.21 53.75
CA ARG XA 60 -21.60 -52.64 53.60
C ARG XA 60 -22.40 -52.42 54.87
N ARG XA 61 -21.76 -52.58 56.03
CA ARG XA 61 -22.42 -52.24 57.29
C ARG XA 61 -22.60 -50.74 57.40
N ALA XA 62 -21.62 -49.97 56.94
CA ALA XA 62 -21.72 -48.52 57.01
C ALA XA 62 -22.64 -47.97 55.94
N VAL XA 63 -23.17 -48.83 55.07
CA VAL XA 63 -24.22 -48.40 54.17
C VAL XA 63 -25.59 -48.83 54.69
N GLU XA 64 -25.66 -50.02 55.31
CA GLU XA 64 -26.92 -50.48 55.88
C GLU XA 64 -27.33 -49.60 57.07
N ARG XA 65 -26.36 -49.06 57.81
CA ARG XA 65 -26.67 -48.00 58.74
C ARG XA 65 -27.09 -46.73 58.01
N LYS XA 66 -26.45 -46.43 56.89
CA LYS XA 66 -26.62 -45.12 56.27
C LYS XA 66 -27.94 -45.01 55.55
N HIS XA 67 -28.29 -46.01 54.74
CA HIS XA 67 -29.62 -46.07 54.17
C HIS XA 67 -30.68 -46.25 55.25
N GLY XA 68 -30.29 -46.83 56.40
CA GLY XA 68 -31.21 -46.93 57.51
C GLY XA 68 -31.56 -45.58 58.09
N ARG XA 69 -30.54 -44.79 58.44
CA ARG XA 69 -30.75 -43.52 59.11
C ARG XA 69 -31.47 -42.51 58.23
N VAL XA 70 -31.31 -42.63 56.91
CA VAL XA 70 -32.08 -41.78 56.02
C VAL XA 70 -33.53 -42.24 55.95
N ALA XA 71 -33.74 -43.55 55.98
CA ALA XA 71 -35.10 -44.07 55.87
C ALA XA 71 -35.89 -43.83 57.14
N MET XA 72 -35.24 -43.90 58.30
CA MET XA 72 -35.92 -43.65 59.56
C MET XA 72 -36.37 -42.20 59.69
N ALA XA 73 -35.59 -41.28 59.16
CA ALA XA 73 -35.98 -39.88 59.14
C ALA XA 73 -36.91 -39.55 58.00
N ALA XA 74 -37.24 -40.52 57.15
CA ALA XA 74 -38.16 -40.31 56.06
C ALA XA 74 -39.55 -40.85 56.36
N VAL XA 75 -39.64 -41.92 57.15
CA VAL XA 75 -40.95 -42.43 57.56
C VAL XA 75 -41.63 -41.42 58.47
N VAL XA 76 -40.87 -40.86 59.41
CA VAL XA 76 -41.37 -39.76 60.24
C VAL XA 76 -41.67 -38.55 59.38
N GLY XA 77 -40.86 -38.34 58.34
CA GLY XA 77 -41.18 -37.29 57.39
C GLY XA 77 -42.40 -37.61 56.54
N THR XA 78 -42.77 -38.88 56.43
CA THR XA 78 -43.99 -39.20 55.72
C THR XA 78 -45.20 -38.96 56.61
N ILE XA 79 -45.07 -39.27 57.90
CA ILE XA 79 -46.20 -39.21 58.82
C ILE XA 79 -46.52 -37.76 59.18
N VAL XA 80 -45.49 -36.97 59.48
CA VAL XA 80 -45.68 -35.59 59.89
C VAL XA 80 -46.23 -34.76 58.74
N HIS XA 81 -45.79 -35.04 57.51
CA HIS XA 81 -46.32 -34.33 56.36
C HIS XA 81 -47.77 -34.73 56.07
N ASN XA 82 -48.18 -35.93 56.47
CA ASN XA 82 -49.52 -36.39 56.19
C ASN XA 82 -50.50 -36.18 57.34
N ASN XA 83 -50.04 -35.83 58.53
CA ASN XA 83 -50.93 -35.33 59.56
C ASN XA 83 -51.23 -33.86 59.42
N HIS XA 84 -50.76 -33.24 58.33
CA HIS XA 84 -50.88 -31.81 58.05
C HIS XA 84 -50.27 -30.97 59.17
N ILE XA 85 -49.20 -31.48 59.77
CA ILE XA 85 -48.40 -30.69 60.69
C ILE XA 85 -47.52 -29.80 59.82
N VAL XA 86 -47.94 -28.56 59.65
CA VAL XA 86 -47.36 -27.62 58.71
C VAL XA 86 -46.80 -26.46 59.52
N PHE XA 87 -45.71 -25.86 59.04
CA PHE XA 87 -45.09 -24.74 59.75
C PHE XA 87 -45.98 -23.50 59.85
N ASP XA 88 -47.04 -23.42 59.04
CA ASP XA 88 -48.04 -22.35 59.08
C ASP XA 88 -47.38 -20.99 58.83
N GLY XA 89 -46.47 -20.97 57.87
CA GLY XA 89 -45.81 -19.75 57.47
C GLY XA 89 -45.88 -19.62 55.97
N TYR XA 90 -45.24 -18.57 55.47
CA TYR XA 90 -45.23 -18.26 54.05
C TYR XA 90 -43.83 -18.54 53.52
N LEU XA 91 -43.68 -19.66 52.80
CA LEU XA 91 -42.37 -20.19 52.46
C LEU XA 91 -41.62 -19.28 51.49
N SER XA 92 -42.15 -19.06 50.31
CA SER XA 92 -41.42 -18.28 49.33
C SER XA 92 -42.11 -16.94 49.16
N PRO XA 93 -41.46 -15.84 49.55
CA PRO XA 93 -42.03 -14.53 49.20
C PRO XA 93 -41.95 -14.24 47.71
N SER XA 94 -41.01 -14.88 47.00
CA SER XA 94 -40.88 -14.63 45.58
C SER XA 94 -41.81 -15.52 44.77
N ASN XA 95 -41.71 -16.83 44.95
CA ASN XA 95 -42.47 -17.78 44.15
C ASN XA 95 -43.88 -17.99 44.68
N ASN XA 96 -44.22 -17.36 45.80
CA ASN XA 96 -45.56 -17.38 46.41
C ASN XA 96 -45.99 -18.80 46.78
N LEU XA 97 -45.08 -19.55 47.38
CA LEU XA 97 -45.40 -20.86 47.93
C LEU XA 97 -45.66 -20.69 49.42
N LYS XA 98 -46.78 -21.21 49.88
CA LYS XA 98 -46.93 -21.45 51.31
C LYS XA 98 -46.43 -22.85 51.63
N PHE XA 99 -46.24 -23.10 52.93
CA PHE XA 99 -45.87 -24.45 53.35
C PHE XA 99 -47.03 -25.42 53.17
N SER XA 100 -48.26 -24.91 53.22
CA SER XA 100 -49.41 -25.78 53.03
C SER XA 100 -49.66 -26.08 51.56
N ASP XA 101 -49.05 -25.29 50.67
CA ASP XA 101 -49.26 -25.49 49.24
C ASP XA 101 -48.44 -26.65 48.70
N ILE XA 102 -47.42 -27.09 49.41
CA ILE XA 102 -46.55 -28.15 48.91
C ILE XA 102 -47.27 -29.48 49.10
N PRO XA 103 -47.30 -30.35 48.08
CA PRO XA 103 -47.93 -31.66 48.23
C PRO XA 103 -47.20 -32.53 49.22
N THR XA 104 -47.94 -33.47 49.80
CA THR XA 104 -47.42 -34.28 50.89
C THR XA 104 -46.91 -35.64 50.44
N GLY XA 105 -47.18 -36.04 49.21
CA GLY XA 105 -46.74 -37.34 48.76
C GLY XA 105 -45.33 -37.33 48.22
N VAL XA 106 -45.13 -37.94 47.06
CA VAL XA 106 -43.82 -37.97 46.42
C VAL XA 106 -43.46 -36.61 45.85
N ASP XA 107 -44.46 -35.83 45.43
CA ASP XA 107 -44.22 -34.59 44.69
C ASP XA 107 -43.95 -33.40 45.60
N GLY XA 108 -43.47 -33.64 46.83
CA GLY XA 108 -43.16 -32.52 47.71
C GLY XA 108 -41.89 -31.79 47.32
N ILE XA 109 -40.84 -32.55 47.01
CA ILE XA 109 -39.56 -31.92 46.66
C ILE XA 109 -39.65 -31.27 45.28
N ARG XA 110 -40.47 -31.82 44.40
CA ARG XA 110 -40.63 -31.24 43.08
C ARG XA 110 -41.37 -29.91 43.11
N ALA XA 111 -42.06 -29.60 44.21
CA ALA XA 111 -42.63 -28.28 44.40
C ALA XA 111 -41.66 -27.28 44.99
N ILE XA 112 -40.59 -27.76 45.62
CA ILE XA 112 -39.57 -26.86 46.18
C ILE XA 112 -38.81 -26.19 45.03
N PRO XA 113 -38.65 -24.87 45.05
CA PRO XA 113 -37.89 -24.21 43.97
C PRO XA 113 -36.42 -24.54 44.04
N THR XA 114 -35.75 -24.33 42.90
CA THR XA 114 -34.36 -24.76 42.75
C THR XA 114 -33.41 -23.90 43.56
N ALA XA 115 -33.82 -22.70 43.96
CA ALA XA 115 -33.00 -21.92 44.88
C ALA XA 115 -33.03 -22.50 46.28
N GLY XA 116 -34.10 -23.21 46.62
CA GLY XA 116 -34.19 -23.87 47.90
C GLY XA 116 -33.52 -25.22 47.88
N LEU XA 117 -33.54 -25.87 46.72
CA LEU XA 117 -32.79 -27.10 46.56
C LEU XA 117 -31.30 -26.84 46.55
N ALA XA 118 -30.89 -25.64 46.12
CA ALA XA 118 -29.48 -25.28 46.21
C ALA XA 118 -29.06 -25.03 47.65
N GLN XA 119 -29.96 -24.54 48.49
CA GLN XA 119 -29.62 -24.31 49.89
C GLN XA 119 -29.49 -25.62 50.65
N ILE XA 120 -30.26 -26.64 50.28
CA ILE XA 120 -30.18 -27.93 50.95
C ILE XA 120 -28.90 -28.65 50.56
N LEU XA 121 -28.59 -28.67 49.26
CA LEU XA 121 -27.42 -29.40 48.79
C LEU XA 121 -26.13 -28.74 49.22
N ALA XA 122 -26.13 -27.42 49.38
CA ALA XA 122 -24.93 -26.74 49.88
C ALA XA 122 -24.74 -27.00 51.36
N PHE XA 123 -25.83 -27.25 52.07
CA PHE XA 123 -25.73 -27.47 53.51
C PHE XA 123 -25.28 -28.90 53.82
N PHE XA 124 -25.92 -29.90 53.21
CA PHE XA 124 -25.57 -31.27 53.55
C PHE XA 124 -24.30 -31.72 52.84
N ALA XA 125 -23.79 -30.92 51.92
CA ALA XA 125 -22.41 -31.14 51.50
C ALA XA 125 -21.45 -30.80 52.62
N LEU XA 126 -21.80 -29.80 53.43
CA LEU XA 126 -20.94 -29.46 54.56
C LEU XA 126 -21.14 -30.43 55.69
N VAL XA 127 -22.32 -31.04 55.79
CA VAL XA 127 -22.54 -32.05 56.81
C VAL XA 127 -21.86 -33.36 56.42
N GLU XA 128 -22.14 -33.86 55.22
CA GLU XA 128 -21.80 -35.25 54.94
C GLU XA 128 -20.35 -35.40 54.48
N LEU XA 129 -19.67 -34.29 54.22
CA LEU XA 129 -18.24 -34.35 53.93
C LEU XA 129 -17.38 -33.89 55.08
N ALA XA 130 -17.76 -32.78 55.72
CA ALA XA 130 -16.87 -32.14 56.68
C ALA XA 130 -17.19 -32.53 58.12
N TRP XA 131 -18.40 -32.22 58.59
CA TRP XA 131 -18.70 -32.37 60.00
C TRP XA 131 -19.00 -33.81 60.37
N MET XA 132 -19.89 -34.46 59.65
CA MET XA 132 -20.22 -35.87 59.84
C MET XA 132 -19.82 -36.59 58.56
N PRO XA 133 -18.54 -36.89 58.37
CA PRO XA 133 -18.09 -37.39 57.06
C PRO XA 133 -18.54 -38.82 56.82
N ALA XA 134 -19.18 -39.03 55.67
CA ALA XA 134 -19.68 -40.33 55.31
C ALA XA 134 -18.58 -41.32 54.99
N SER XA 135 -17.37 -40.86 54.73
CA SER XA 135 -16.24 -41.76 54.56
C SER XA 135 -15.83 -42.43 55.85
N LYS XA 136 -16.26 -41.91 57.00
CA LYS XA 136 -15.99 -42.55 58.28
C LYS XA 136 -16.91 -43.75 58.42
N TYR XA 137 -16.37 -44.94 58.16
CA TYR XA 137 -17.18 -46.15 58.12
C TYR XA 137 -17.58 -46.67 59.49
N ASP XA 138 -17.13 -46.04 60.57
CA ASP XA 138 -17.58 -46.48 61.89
C ASP XA 138 -18.98 -45.96 62.19
N GLY XA 139 -19.30 -44.76 61.71
CA GLY XA 139 -20.60 -44.17 61.90
C GLY XA 139 -20.84 -43.56 63.26
N ASP XA 140 -19.82 -43.49 64.10
CA ASP XA 140 -19.94 -43.05 65.49
C ASP XA 140 -19.47 -41.63 65.68
N TYR XA 141 -19.86 -40.76 64.75
CA TYR XA 141 -19.26 -39.48 64.39
C TYR XA 141 -18.85 -38.59 65.56
N GLY XA 142 -19.80 -38.04 66.29
CA GLY XA 142 -19.42 -37.40 67.52
C GLY XA 142 -20.31 -37.68 68.70
N VAL XA 143 -21.55 -38.05 68.43
CA VAL XA 143 -22.63 -37.89 69.38
C VAL XA 143 -23.03 -39.27 69.90
N GLY XA 144 -23.19 -39.37 71.21
CA GLY XA 144 -23.70 -40.58 71.79
C GLY XA 144 -25.19 -40.71 71.59
N TYR XA 145 -25.75 -41.73 72.22
CA TYR XA 145 -27.19 -41.90 72.23
C TYR XA 145 -27.74 -40.83 73.16
N PHE XA 146 -28.25 -39.76 72.56
CA PHE XA 146 -28.64 -38.52 73.24
C PHE XA 146 -27.47 -37.96 74.04
N GLY XA 147 -26.36 -37.72 73.35
CA GLY XA 147 -25.23 -37.01 73.92
C GLY XA 147 -24.28 -37.84 74.75
N THR XA 148 -24.73 -38.97 75.31
CA THR XA 148 -23.90 -39.80 76.15
C THR XA 148 -23.69 -41.15 75.49
N ASP XA 149 -22.51 -41.70 75.64
CA ASP XA 149 -22.31 -43.06 75.18
C ASP XA 149 -22.91 -44.06 76.17
N ILE XA 150 -22.88 -45.32 75.79
CA ILE XA 150 -23.45 -46.40 76.59
C ILE XA 150 -22.28 -47.25 77.04
N LYS XA 151 -21.86 -47.08 78.30
CA LYS XA 151 -20.68 -47.75 78.80
C LYS XA 151 -20.87 -49.24 79.03
N ASP XA 152 -22.12 -49.68 79.25
CA ASP XA 152 -22.40 -51.09 79.42
C ASP XA 152 -22.26 -51.78 78.08
N PRO XA 153 -21.35 -52.76 77.93
CA PRO XA 153 -21.09 -53.35 76.61
C PRO XA 153 -22.26 -54.14 76.04
N GLU XA 154 -23.09 -54.72 76.91
CA GLU XA 154 -24.26 -55.44 76.42
C GLU XA 154 -25.33 -54.47 75.95
N GLU XA 155 -25.51 -53.35 76.65
CA GLU XA 155 -26.55 -52.41 76.27
C GLU XA 155 -26.12 -51.56 75.10
N LYS XA 156 -24.82 -51.30 74.96
CA LYS XA 156 -24.35 -50.62 73.77
C LYS XA 156 -24.47 -51.52 72.55
N ALA XA 157 -24.24 -52.81 72.72
CA ALA XA 157 -24.45 -53.77 71.66
C ALA XA 157 -25.90 -54.21 71.57
N ARG XA 158 -26.76 -53.72 72.46
CA ARG XA 158 -28.18 -53.87 72.26
C ARG XA 158 -28.72 -52.82 71.31
N LYS XA 159 -28.55 -51.54 71.62
CA LYS XA 159 -29.20 -50.49 70.86
C LYS XA 159 -28.62 -50.28 69.48
N LEU XA 160 -27.41 -50.79 69.22
CA LEU XA 160 -26.93 -50.84 67.86
C LEU XA 160 -27.70 -51.82 66.99
N ASN XA 161 -28.15 -52.94 67.55
CA ASN XA 161 -29.14 -53.76 66.86
C ASN XA 161 -30.45 -53.03 66.66
N VAL XA 162 -30.80 -52.14 67.58
CA VAL XA 162 -32.07 -51.46 67.51
C VAL XA 162 -32.03 -50.37 66.46
N GLU XA 163 -30.88 -49.70 66.31
CA GLU XA 163 -30.74 -48.75 65.21
C GLU XA 163 -30.75 -49.46 63.87
N LEU XA 164 -30.27 -50.70 63.82
CA LEU XA 164 -30.35 -51.44 62.58
C LEU XA 164 -31.75 -51.95 62.31
N ASN XA 165 -32.42 -52.53 63.31
CA ASN XA 165 -33.69 -53.19 63.02
C ASN XA 165 -34.82 -52.20 62.80
N ASN XA 166 -34.90 -51.12 63.59
CA ASN XA 166 -35.75 -50.01 63.22
C ASN XA 166 -35.27 -49.36 61.92
N GLY XA 167 -33.99 -49.47 61.60
CA GLY XA 167 -33.50 -48.95 60.34
C GLY XA 167 -33.82 -49.83 59.15
N ARG XA 168 -33.72 -51.15 59.32
CA ARG XA 168 -34.07 -52.07 58.24
C ARG XA 168 -35.55 -52.02 57.94
N ALA XA 169 -36.39 -51.93 58.98
CA ALA XA 169 -37.82 -51.85 58.77
C ALA XA 169 -38.24 -50.54 58.16
N ALA XA 170 -37.46 -49.48 58.34
CA ALA XA 170 -37.83 -48.19 57.76
C ALA XA 170 -37.51 -48.14 56.28
N MET XA 171 -36.51 -48.91 55.83
CA MET XA 171 -36.24 -48.99 54.39
C MET XA 171 -37.38 -49.68 53.67
N MET XA 172 -37.92 -50.73 54.28
CA MET XA 172 -39.08 -51.42 53.73
C MET XA 172 -40.36 -50.64 53.92
N GLY XA 173 -40.35 -49.59 54.74
CA GLY XA 173 -41.52 -48.78 54.95
C GLY XA 173 -41.64 -47.66 53.94
N ILE XA 174 -40.52 -47.06 53.57
CA ILE XA 174 -40.54 -45.99 52.57
C ILE XA 174 -40.86 -46.55 51.20
N MET XA 175 -40.33 -47.73 50.88
CA MET XA 175 -40.73 -48.42 49.66
C MET XA 175 -42.19 -48.83 49.70
N GLY XA 176 -42.75 -49.05 50.88
CA GLY XA 176 -44.17 -49.24 51.00
C GLY XA 176 -44.97 -47.98 50.78
N ASN XA 177 -44.36 -46.82 51.01
CA ASN XA 177 -45.01 -45.56 50.69
C ASN XA 177 -44.83 -45.16 49.23
N MET XA 178 -43.59 -45.10 48.75
CA MET XA 178 -43.32 -44.51 47.45
C MET XA 178 -43.86 -45.36 46.30
N VAL XA 179 -44.14 -46.62 46.53
CA VAL XA 179 -44.80 -47.44 45.53
C VAL XA 179 -46.32 -47.33 45.64
N ALA XA 180 -46.87 -47.38 46.85
CA ALA XA 180 -48.30 -47.27 47.02
C ALA XA 180 -48.81 -45.83 46.91
N GLU XA 181 -47.93 -44.85 46.75
CA GLU XA 181 -48.36 -43.50 46.42
C GLU XA 181 -48.30 -43.20 44.93
N VAL XA 182 -47.64 -44.06 44.15
CA VAL XA 182 -47.62 -43.93 42.71
C VAL XA 182 -48.64 -44.84 42.06
N LEU XA 183 -48.78 -46.07 42.55
CA LEU XA 183 -49.74 -46.99 41.97
C LEU XA 183 -51.17 -46.59 42.30
N THR XA 184 -51.43 -46.18 43.55
CA THR XA 184 -52.73 -45.62 43.85
C THR XA 184 -52.87 -44.19 43.37
N GLY XA 185 -51.77 -43.52 43.09
CA GLY XA 185 -51.81 -42.17 42.57
C GLY XA 185 -52.25 -41.12 43.57
N GLN XA 186 -52.25 -41.44 44.85
CA GLN XA 186 -52.73 -40.55 45.89
C GLN XA 186 -51.64 -40.37 46.93
N THR XA 187 -51.87 -39.44 47.85
CA THR XA 187 -51.01 -39.34 49.01
C THR XA 187 -51.40 -40.40 50.02
N MET XA 188 -50.67 -40.47 51.13
CA MET XA 188 -51.08 -41.40 52.18
C MET XA 188 -52.33 -40.92 52.87
N TYR XA 189 -52.50 -39.60 53.00
CA TYR XA 189 -53.67 -39.05 53.66
C TYR XA 189 -54.94 -39.30 52.86
N GLU XA 190 -54.85 -39.30 51.53
CA GLU XA 190 -56.02 -39.53 50.71
C GLU XA 190 -56.43 -40.99 50.67
N GLN XA 191 -55.51 -41.92 50.91
CA GLN XA 191 -55.87 -43.32 50.91
C GLN XA 191 -56.71 -43.68 52.12
N TYR XA 192 -56.31 -43.20 53.30
CA TYR XA 192 -57.08 -43.47 54.50
C TYR XA 192 -58.35 -42.64 54.55
N ALA XA 193 -58.38 -41.50 53.88
CA ALA XA 193 -59.60 -40.70 53.85
C ALA XA 193 -60.65 -41.33 52.95
N SER XA 194 -60.25 -41.71 51.73
CA SER XA 194 -61.18 -42.31 50.79
C SER XA 194 -61.48 -43.76 51.09
N GLY XA 195 -60.78 -44.37 52.05
CA GLY XA 195 -60.98 -45.78 52.33
C GLY XA 195 -60.44 -46.68 51.24
N HIS XA 196 -59.32 -46.29 50.64
CA HIS XA 196 -58.68 -47.08 49.60
C HIS XA 196 -57.62 -48.01 50.16
N ILE XA 197 -57.86 -48.51 51.38
CA ILE XA 197 -56.95 -49.43 52.04
C ILE XA 197 -56.91 -50.77 51.30
N SER XA 198 -58.01 -51.13 50.66
CA SER XA 198 -58.05 -52.37 49.89
C SER XA 198 -57.20 -52.24 48.64
N PRO XA 199 -56.45 -53.26 48.27
CA PRO XA 199 -55.57 -53.17 47.10
C PRO XA 199 -56.30 -53.34 45.77
N PHE XA 200 -56.08 -52.40 44.87
CA PHE XA 200 -56.63 -52.50 43.51
C PHE XA 200 -55.86 -53.53 42.69
N GLY XA 201 -54.54 -53.57 42.86
CA GLY XA 201 -53.71 -54.57 42.21
C GLY XA 201 -53.35 -55.68 43.19
N ASP XA 202 -52.15 -55.60 43.76
CA ASP XA 202 -51.76 -56.50 44.84
C ASP XA 202 -51.02 -55.67 45.87
N GLY XA 203 -51.04 -56.14 47.11
CA GLY XA 203 -50.33 -55.46 48.17
C GLY XA 203 -49.94 -56.41 49.28
N GLN XA 204 -48.68 -56.37 49.65
CA GLN XA 204 -48.14 -57.24 50.69
C GLN XA 204 -47.63 -56.39 51.83
N GLY XA 205 -48.29 -56.49 52.98
CA GLY XA 205 -47.89 -55.76 54.17
C GLY XA 205 -47.80 -56.66 55.37
N VAL XA 206 -47.46 -56.08 56.52
CA VAL XA 206 -47.39 -56.86 57.76
C VAL XA 206 -48.59 -56.55 58.65
N SER YA 31 -31.53 -60.58 94.50
CA SER YA 31 -32.36 -61.72 94.86
C SER YA 31 -33.83 -61.37 94.71
N GLU YA 32 -34.59 -62.22 94.01
CA GLU YA 32 -35.99 -61.91 93.73
C GLU YA 32 -36.87 -62.15 94.94
N ILE YA 33 -36.36 -62.87 95.94
CA ILE YA 33 -37.14 -63.10 97.15
C ILE YA 33 -37.28 -61.82 97.95
N GLU YA 34 -36.22 -61.00 97.98
CA GLU YA 34 -36.24 -59.80 98.79
C GLU YA 34 -36.94 -58.63 98.11
N LEU YA 35 -37.47 -58.81 96.90
CA LEU YA 35 -37.97 -57.66 96.16
C LEU YA 35 -39.40 -57.32 96.53
N GLY YA 36 -40.13 -58.27 97.11
CA GLY YA 36 -41.51 -57.97 97.46
C GLY YA 36 -41.64 -57.36 98.85
N VAL YA 37 -40.59 -57.46 99.64
CA VAL YA 37 -40.67 -57.08 101.05
C VAL YA 37 -40.57 -55.57 101.18
N THR YA 38 -41.55 -54.97 101.85
CA THR YA 38 -41.51 -53.55 102.17
C THR YA 38 -41.66 -53.46 103.68
N GLU YA 39 -41.63 -52.25 104.25
CA GLU YA 39 -41.56 -52.03 105.69
C GLU YA 39 -42.77 -52.47 106.53
N PRO YA 40 -44.04 -52.06 106.25
CA PRO YA 40 -45.08 -52.27 107.25
C PRO YA 40 -45.48 -53.73 107.46
N LEU YA 41 -45.34 -54.55 106.42
CA LEU YA 41 -45.73 -55.95 106.58
C LEU YA 41 -44.53 -56.87 106.58
N GLY YA 42 -43.48 -56.52 105.86
CA GLY YA 42 -42.36 -57.43 105.76
C GLY YA 42 -42.67 -58.60 104.84
N VAL YA 43 -42.10 -59.75 105.17
CA VAL YA 43 -42.42 -60.99 104.47
C VAL YA 43 -43.84 -61.38 104.86
N TYR YA 44 -44.78 -61.26 103.94
CA TYR YA 44 -46.19 -61.43 104.27
C TYR YA 44 -46.77 -62.55 103.42
N ASP YA 45 -47.12 -63.66 104.06
CA ASP YA 45 -47.88 -64.72 103.41
C ASP YA 45 -48.72 -65.47 104.43
N PRO YA 46 -50.03 -65.23 104.45
CA PRO YA 46 -50.90 -66.02 105.33
C PRO YA 46 -51.05 -67.45 104.87
N LEU YA 47 -51.02 -67.68 103.55
CA LEU YA 47 -51.13 -69.04 103.05
C LEU YA 47 -49.83 -69.79 103.22
N GLY YA 48 -48.71 -69.09 103.22
CA GLY YA 48 -47.42 -69.71 103.43
C GLY YA 48 -46.88 -70.49 102.26
N TRP YA 49 -47.05 -70.00 101.03
CA TRP YA 49 -46.54 -70.72 99.88
C TRP YA 49 -45.04 -70.56 99.72
N LEU YA 50 -44.43 -69.64 100.47
CA LEU YA 50 -42.98 -69.46 100.39
C LEU YA 50 -42.24 -70.65 100.96
N GLU YA 51 -42.83 -71.33 101.94
CA GLU YA 51 -42.18 -72.48 102.53
C GLU YA 51 -42.74 -73.78 101.97
N SER YA 52 -44.03 -73.78 101.61
CA SER YA 52 -44.66 -75.02 101.15
C SER YA 52 -44.23 -75.35 99.73
N GLU YA 53 -44.43 -74.42 98.80
CA GLU YA 53 -44.09 -74.62 97.39
C GLU YA 53 -43.14 -73.51 96.94
N PRO YA 54 -41.84 -73.68 97.22
CA PRO YA 54 -40.89 -72.62 96.84
C PRO YA 54 -40.52 -72.67 95.37
N GLU YA 55 -40.88 -73.76 94.69
CA GLU YA 55 -40.55 -73.88 93.27
C GLU YA 55 -41.45 -73.01 92.42
N ALA YA 56 -42.67 -72.72 92.90
CA ALA YA 56 -43.60 -71.94 92.10
C ALA YA 56 -43.28 -70.45 92.15
N PHE YA 57 -42.48 -70.03 93.12
CA PHE YA 57 -42.20 -68.62 93.42
C PHE YA 57 -41.60 -67.86 92.25
N GLU YA 58 -40.82 -68.54 91.41
CA GLU YA 58 -40.26 -67.87 90.25
C GLU YA 58 -41.32 -67.55 89.22
N ARG YA 59 -42.40 -68.33 89.19
CA ARG YA 59 -43.53 -67.95 88.35
C ARG YA 59 -44.43 -66.96 89.07
N ARG YA 60 -44.68 -67.18 90.37
CA ARG YA 60 -45.64 -66.37 91.11
C ARG YA 60 -45.18 -64.92 91.22
N ARG YA 61 -43.87 -64.69 91.33
CA ARG YA 61 -43.36 -63.33 91.27
C ARG YA 61 -43.53 -62.75 89.89
N ALA YA 62 -43.32 -63.57 88.86
CA ALA YA 62 -43.46 -63.08 87.50
C ALA YA 62 -44.91 -62.95 87.09
N VAL YA 63 -45.84 -63.33 87.97
CA VAL YA 63 -47.24 -63.03 87.73
C VAL YA 63 -47.66 -61.80 88.53
N GLU YA 64 -47.13 -61.66 89.75
CA GLU YA 64 -47.45 -60.48 90.56
C GLU YA 64 -46.87 -59.21 89.94
N ARG YA 65 -45.74 -59.33 89.25
CA ARG YA 65 -45.31 -58.23 88.37
C ARG YA 65 -46.25 -58.07 87.20
N LYS YA 66 -46.73 -59.17 86.64
CA LYS YA 66 -47.42 -59.11 85.36
C LYS YA 66 -48.83 -58.57 85.52
N HIS YA 67 -49.59 -59.08 86.49
CA HIS YA 67 -50.87 -58.48 86.83
C HIS YA 67 -50.68 -57.06 87.37
N GLY YA 68 -49.51 -56.77 87.93
CA GLY YA 68 -49.23 -55.42 88.37
C GLY YA 68 -49.12 -54.46 87.20
N ARG YA 69 -48.28 -54.79 86.23
CA ARG YA 69 -48.00 -53.89 85.11
C ARG YA 69 -49.23 -53.67 84.24
N VAL YA 70 -50.13 -54.63 84.20
CA VAL YA 70 -51.37 -54.43 83.47
C VAL YA 70 -52.31 -53.53 84.28
N ALA YA 71 -52.31 -53.68 85.60
CA ALA YA 71 -53.21 -52.89 86.43
C ALA YA 71 -52.75 -51.44 86.51
N MET YA 72 -51.45 -51.21 86.51
CA MET YA 72 -50.93 -49.84 86.57
C MET YA 72 -51.24 -49.07 85.30
N ALA YA 73 -51.24 -49.75 84.16
CA ALA YA 73 -51.61 -49.12 82.91
C ALA YA 73 -53.12 -49.08 82.71
N ALA YA 74 -53.88 -49.62 83.64
CA ALA YA 74 -55.33 -49.58 83.58
C ALA YA 74 -55.93 -48.51 84.47
N VAL YA 75 -55.29 -48.21 85.60
CA VAL YA 75 -55.76 -47.12 86.44
C VAL YA 75 -55.58 -45.80 85.72
N VAL YA 76 -54.42 -45.62 85.10
CA VAL YA 76 -54.20 -44.45 84.25
C VAL YA 76 -55.16 -44.47 83.07
N GLY YA 77 -55.47 -45.67 82.56
CA GLY YA 77 -56.49 -45.78 81.54
C GLY YA 77 -57.88 -45.49 82.07
N THR YA 78 -58.08 -45.62 83.37
CA THR YA 78 -59.38 -45.24 83.93
C THR YA 78 -59.48 -43.74 84.07
N ILE YA 79 -58.39 -43.10 84.46
CA ILE YA 79 -58.41 -41.67 84.77
C ILE YA 79 -58.46 -40.84 83.50
N VAL YA 80 -57.64 -41.21 82.51
CA VAL YA 80 -57.58 -40.47 81.26
C VAL YA 80 -58.87 -40.58 80.48
N HIS YA 81 -59.51 -41.75 80.53
CA HIS YA 81 -60.79 -41.91 79.87
C HIS YA 81 -61.90 -41.15 80.58
N ASN YA 82 -61.75 -40.88 81.88
CA ASN YA 82 -62.78 -40.20 82.64
C ASN YA 82 -62.54 -38.70 82.78
N ASN YA 83 -61.36 -38.20 82.44
CA ASN YA 83 -61.16 -36.76 82.28
C ASN YA 83 -61.60 -36.27 80.92
N HIS YA 84 -62.20 -37.14 80.11
CA HIS YA 84 -62.62 -36.87 78.73
C HIS YA 84 -61.44 -36.40 77.87
N ILE YA 85 -60.25 -36.93 78.16
CA ILE YA 85 -59.10 -36.74 77.29
C ILE YA 85 -59.30 -37.71 76.13
N VAL YA 86 -59.80 -37.20 75.02
CA VAL YA 86 -60.24 -37.98 73.88
C VAL YA 86 -59.37 -37.58 72.70
N PHE YA 87 -59.09 -38.54 71.80
CA PHE YA 87 -58.25 -38.26 70.64
C PHE YA 87 -58.84 -37.24 69.68
N ASP YA 88 -60.15 -36.95 69.78
CA ASP YA 88 -60.84 -35.93 69.00
C ASP YA 88 -60.74 -36.23 67.51
N GLY YA 89 -60.91 -37.50 67.17
CA GLY YA 89 -60.90 -37.93 65.79
C GLY YA 89 -62.11 -38.79 65.54
N TYR YA 90 -62.17 -39.31 64.32
CA TYR YA 90 -63.29 -40.14 63.89
C TYR YA 90 -62.79 -41.58 63.76
N LEU YA 91 -63.16 -42.42 64.74
CA LEU YA 91 -62.53 -43.74 64.88
C LEU YA 91 -62.88 -44.67 63.73
N SER YA 92 -64.14 -44.96 63.54
CA SER YA 92 -64.51 -45.92 62.51
C SER YA 92 -65.18 -45.19 61.37
N PRO YA 93 -64.58 -45.14 60.19
CA PRO YA 93 -65.32 -44.61 59.04
C PRO YA 93 -66.44 -45.55 58.59
N SER YA 94 -66.33 -46.84 58.90
CA SER YA 94 -67.36 -47.78 58.49
C SER YA 94 -68.50 -47.83 59.51
N ASN YA 95 -68.18 -48.12 60.76
CA ASN YA 95 -69.20 -48.30 61.80
C ASN YA 95 -69.66 -47.00 62.41
N ASN YA 96 -69.08 -45.87 61.98
CA ASN YA 96 -69.44 -44.52 62.40
C ASN YA 96 -69.31 -44.32 63.90
N LEU YA 97 -68.21 -44.79 64.45
CA LEU YA 97 -67.87 -44.53 65.85
C LEU YA 97 -66.90 -43.37 65.90
N LYS YA 98 -67.22 -42.39 66.72
CA LYS YA 98 -66.19 -41.44 67.11
C LYS YA 98 -65.50 -41.94 68.38
N PHE YA 99 -64.38 -41.32 68.70
CA PHE YA 99 -63.70 -41.67 69.95
C PHE YA 99 -64.49 -41.18 71.15
N SER YA 100 -65.27 -40.11 70.98
CA SER YA 100 -66.07 -39.61 72.08
C SER YA 100 -67.32 -40.44 72.29
N ASP YA 101 -67.69 -41.25 71.30
CA ASP YA 101 -68.91 -42.05 71.40
C ASP YA 101 -68.71 -43.28 72.26
N ILE YA 102 -67.47 -43.68 72.50
CA ILE YA 102 -67.21 -44.90 73.26
C ILE YA 102 -67.41 -44.60 74.75
N PRO YA 103 -68.14 -45.44 75.48
CA PRO YA 103 -68.31 -45.21 76.92
C PRO YA 103 -67.00 -45.34 77.68
N THR YA 104 -66.93 -44.67 78.81
CA THR YA 104 -65.71 -44.55 79.57
C THR YA 104 -65.60 -45.55 80.71
N GLY YA 105 -66.68 -46.24 81.04
CA GLY YA 105 -66.65 -47.17 82.15
C GLY YA 105 -66.16 -48.55 81.73
N VAL YA 106 -66.88 -49.58 82.17
CA VAL YA 106 -66.53 -50.95 81.81
C VAL YA 106 -66.86 -51.23 80.36
N ASP YA 107 -67.88 -50.58 79.81
CA ASP YA 107 -68.41 -50.91 78.49
C ASP YA 107 -67.64 -50.23 77.36
N GLY YA 108 -66.38 -49.87 77.58
CA GLY YA 108 -65.60 -49.24 76.52
C GLY YA 108 -65.16 -50.25 75.47
N ILE YA 109 -64.66 -51.40 75.90
CA ILE YA 109 -64.18 -52.40 74.95
C ILE YA 109 -65.35 -53.04 74.21
N ARG YA 110 -66.50 -53.14 74.86
CA ARG YA 110 -67.67 -53.71 74.22
C ARG YA 110 -68.23 -52.82 73.11
N ALA YA 111 -67.85 -51.54 73.09
CA ALA YA 111 -68.18 -50.67 71.98
C ALA YA 111 -67.20 -50.76 70.83
N ILE YA 112 -65.99 -51.26 71.08
CA ILE YA 112 -65.00 -51.42 70.02
C ILE YA 112 -65.45 -52.54 69.08
N PRO YA 113 -65.45 -52.32 67.77
CA PRO YA 113 -65.87 -53.38 66.85
C PRO YA 113 -64.85 -54.51 66.80
N THR YA 114 -65.32 -55.67 66.33
CA THR YA 114 -64.51 -56.88 66.37
C THR YA 114 -63.36 -56.85 65.39
N ALA YA 115 -63.42 -55.99 64.37
CA ALA YA 115 -62.27 -55.81 63.50
C ALA YA 115 -61.16 -55.06 64.21
N GLY YA 116 -61.52 -54.24 65.19
CA GLY YA 116 -60.52 -53.53 65.97
C GLY YA 116 -60.00 -54.37 67.10
N LEU YA 117 -60.85 -55.25 67.62
CA LEU YA 117 -60.39 -56.22 68.61
C LEU YA 117 -59.47 -57.25 67.98
N ALA YA 118 -59.64 -57.51 66.68
CA ALA YA 118 -58.72 -58.40 65.99
C ALA YA 118 -57.37 -57.74 65.78
N GLN YA 119 -57.34 -56.41 65.61
CA GLN YA 119 -56.06 -55.72 65.45
C GLN YA 119 -55.28 -55.67 66.75
N ILE YA 120 -55.97 -55.59 67.88
CA ILE YA 120 -55.29 -55.55 69.16
C ILE YA 120 -54.71 -56.92 69.51
N LEU YA 121 -55.51 -57.97 69.34
CA LEU YA 121 -55.07 -59.31 69.70
C LEU YA 121 -53.98 -59.82 68.77
N ALA YA 122 -53.97 -59.39 67.51
CA ALA YA 122 -52.89 -59.78 66.63
C ALA YA 122 -51.61 -59.04 66.96
N PHE YA 123 -51.73 -57.86 67.55
CA PHE YA 123 -50.54 -57.08 67.88
C PHE YA 123 -49.89 -57.57 69.16
N PHE YA 124 -50.67 -57.73 70.22
CA PHE YA 124 -50.06 -58.12 71.49
C PHE YA 124 -49.77 -59.61 71.55
N ALA YA 125 -50.22 -60.38 70.56
CA ALA YA 125 -49.66 -61.70 70.39
C ALA YA 125 -48.22 -61.61 69.93
N LEU YA 126 -47.90 -60.60 69.13
CA LEU YA 126 -46.52 -60.43 68.69
C LEU YA 126 -45.68 -59.79 69.79
N VAL YA 127 -46.31 -59.04 70.68
CA VAL YA 127 -45.58 -58.48 71.80
C VAL YA 127 -45.33 -59.55 72.85
N GLU YA 128 -46.38 -60.23 73.29
CA GLU YA 128 -46.27 -61.00 74.53
C GLU YA 128 -45.69 -62.38 74.26
N LEU YA 129 -45.55 -62.78 73.00
CA LEU YA 129 -44.87 -64.03 72.67
C LEU YA 129 -43.47 -63.80 72.12
N ALA YA 130 -43.32 -62.85 71.21
CA ALA YA 130 -42.08 -62.72 70.46
C ALA YA 130 -41.14 -61.68 71.06
N TRP YA 131 -41.57 -60.43 71.10
CA TRP YA 131 -40.66 -59.34 71.46
C TRP YA 131 -40.43 -59.25 72.96
N MET YA 132 -41.50 -59.23 73.74
CA MET YA 132 -41.44 -59.22 75.20
C MET YA 132 -42.11 -60.50 75.67
N PRO YA 133 -41.42 -61.64 75.62
CA PRO YA 133 -42.08 -62.92 75.86
C PRO YA 133 -42.44 -63.09 77.33
N ALA YA 134 -43.71 -63.41 77.57
CA ALA YA 134 -44.19 -63.60 78.94
C ALA YA 134 -43.65 -64.86 79.59
N SER YA 135 -43.11 -65.79 78.81
CA SER YA 135 -42.46 -66.95 79.37
C SER YA 135 -41.14 -66.60 80.05
N LYS YA 136 -40.58 -65.43 79.76
CA LYS YA 136 -39.37 -64.98 80.43
C LYS YA 136 -39.75 -64.52 81.83
N TYR YA 137 -39.49 -65.37 82.82
CA TYR YA 137 -39.94 -65.11 84.19
C TYR YA 137 -39.09 -64.08 84.92
N ASP YA 138 -38.03 -63.57 84.30
CA ASP YA 138 -37.26 -62.51 84.95
C ASP YA 138 -37.97 -61.17 84.82
N GLY YA 139 -38.65 -60.95 83.71
CA GLY YA 139 -39.37 -59.72 83.49
C GLY YA 139 -38.52 -58.53 83.08
N ASP YA 140 -37.23 -58.73 82.85
CA ASP YA 140 -36.29 -57.64 82.58
C ASP YA 140 -35.96 -57.51 81.11
N TYR YA 141 -37.02 -57.60 80.29
CA TYR YA 141 -37.01 -57.94 78.87
C TYR YA 141 -35.94 -57.29 78.02
N GLY YA 142 -36.03 -55.98 77.80
CA GLY YA 142 -34.90 -55.33 77.20
C GLY YA 142 -34.53 -54.00 77.80
N VAL YA 143 -35.50 -53.35 78.44
CA VAL YA 143 -35.46 -51.92 78.64
C VAL YA 143 -35.20 -51.64 80.11
N GLY YA 144 -34.29 -50.73 80.39
CA GLY YA 144 -34.05 -50.28 81.73
C GLY YA 144 -35.14 -49.35 82.21
N TYR YA 145 -34.92 -48.80 83.39
CA TYR YA 145 -35.81 -47.78 83.90
C TYR YA 145 -35.54 -46.53 83.11
N PHE YA 146 -36.41 -46.26 82.14
CA PHE YA 146 -36.24 -45.23 81.12
C PHE YA 146 -34.94 -45.44 80.35
N GLY YA 147 -34.80 -46.63 79.78
CA GLY YA 147 -33.70 -46.92 78.88
C GLY YA 147 -32.38 -47.29 79.52
N THR YA 148 -32.15 -46.90 80.76
CA THR YA 148 -30.89 -47.18 81.44
C THR YA 148 -31.16 -48.09 82.63
N ASP YA 149 -30.23 -49.00 82.89
CA ASP YA 149 -30.35 -49.78 84.10
C ASP YA 149 -29.89 -48.96 85.30
N ILE YA 150 -30.04 -49.54 86.48
CA ILE YA 150 -29.69 -48.89 87.73
C ILE YA 150 -28.52 -49.67 88.32
N LYS YA 151 -27.32 -49.14 88.15
CA LYS YA 151 -26.12 -49.86 88.56
C LYS YA 151 -25.94 -49.95 90.06
N ASP YA 152 -26.51 -49.01 90.82
CA ASP YA 152 -26.44 -49.04 92.27
C ASP YA 152 -27.33 -50.17 92.77
N PRO YA 153 -26.78 -51.18 93.48
CA PRO YA 153 -27.57 -52.35 93.85
C PRO YA 153 -28.68 -52.05 94.85
N GLU YA 154 -28.48 -51.04 95.70
CA GLU YA 154 -29.54 -50.68 96.63
C GLU YA 154 -30.67 -49.95 95.93
N GLU YA 155 -30.34 -49.09 94.95
CA GLU YA 155 -31.37 -48.33 94.27
C GLU YA 155 -32.08 -49.17 93.23
N LYS YA 156 -31.38 -50.14 92.65
CA LYS YA 156 -32.06 -51.08 91.76
C LYS YA 156 -33.00 -51.99 92.54
N ALA YA 157 -32.60 -52.37 93.75
CA ALA YA 157 -33.48 -53.14 94.62
C ALA YA 157 -34.42 -52.24 95.40
N ARG YA 158 -34.32 -50.93 95.22
CA ARG YA 158 -35.36 -50.04 95.70
C ARG YA 158 -36.53 -49.99 94.74
N LYS YA 159 -36.30 -49.60 93.50
CA LYS YA 159 -37.38 -49.33 92.57
C LYS YA 159 -38.09 -50.58 92.09
N LEU YA 160 -37.49 -51.75 92.25
CA LEU YA 160 -38.22 -52.99 92.04
C LEU YA 160 -39.28 -53.22 93.10
N ASN YA 161 -39.04 -52.81 94.35
CA ASN YA 161 -40.13 -52.73 95.32
C ASN YA 161 -41.18 -51.72 94.92
N VAL YA 162 -40.77 -50.66 94.24
CA VAL YA 162 -41.69 -49.60 93.89
C VAL YA 162 -42.57 -50.02 92.72
N GLU YA 163 -42.01 -50.79 91.78
CA GLU YA 163 -42.85 -51.35 90.73
C GLU YA 163 -43.83 -52.36 91.30
N LEU YA 164 -43.45 -53.06 92.36
CA LEU YA 164 -44.39 -53.97 92.98
C LEU YA 164 -45.45 -53.24 93.80
N ASN YA 165 -45.05 -52.27 94.61
CA ASN YA 165 -46.01 -51.69 95.54
C ASN YA 165 -46.99 -50.75 94.85
N ASN YA 166 -46.53 -49.92 93.91
CA ASN YA 166 -47.46 -49.25 93.00
C ASN YA 166 -48.21 -50.26 92.14
N GLY YA 167 -47.63 -51.43 91.90
CA GLY YA 167 -48.33 -52.45 91.15
C GLY YA 167 -49.37 -53.19 91.96
N ARG YA 168 -49.06 -53.50 93.23
CA ARG YA 168 -50.02 -54.15 94.10
C ARG YA 168 -51.20 -53.24 94.39
N ALA YA 169 -50.95 -51.96 94.61
CA ALA YA 169 -52.01 -51.02 94.88
C ALA YA 169 -52.88 -50.76 93.66
N ALA YA 170 -52.33 -50.95 92.45
CA ALA YA 170 -53.12 -50.74 91.26
C ALA YA 170 -54.06 -51.89 90.99
N MET YA 171 -53.71 -53.10 91.43
CA MET YA 171 -54.63 -54.22 91.31
C MET YA 171 -55.85 -54.02 92.19
N MET YA 172 -55.63 -53.50 93.40
CA MET YA 172 -56.72 -53.19 94.29
C MET YA 172 -57.46 -51.92 93.87
N GLY YA 173 -56.91 -51.15 92.94
CA GLY YA 173 -57.57 -49.95 92.47
C GLY YA 173 -58.51 -50.22 91.32
N ILE YA 174 -58.14 -51.12 90.42
CA ILE YA 174 -59.02 -51.47 89.31
C ILE YA 174 -60.23 -52.25 89.80
N MET YA 175 -60.03 -53.13 90.78
CA MET YA 175 -61.15 -53.79 91.42
C MET YA 175 -62.03 -52.81 92.18
N GLY YA 176 -61.44 -51.70 92.65
CA GLY YA 176 -62.24 -50.63 93.20
C GLY YA 176 -63.02 -49.86 92.16
N ASN YA 177 -62.57 -49.87 90.91
CA ASN YA 177 -63.34 -49.28 89.82
C ASN YA 177 -64.39 -50.24 89.26
N MET YA 178 -63.97 -51.44 88.86
CA MET YA 178 -64.85 -52.32 88.09
C MET YA 178 -66.01 -52.85 88.93
N VAL YA 179 -65.89 -52.82 90.25
CA VAL YA 179 -67.00 -53.17 91.11
C VAL YA 179 -67.89 -51.96 91.38
N ALA YA 180 -67.30 -50.81 91.68
CA ALA YA 180 -68.10 -49.63 91.94
C ALA YA 180 -68.63 -48.97 90.68
N GLU YA 181 -68.28 -49.46 89.49
CA GLU YA 181 -68.93 -49.02 88.27
C GLU YA 181 -70.05 -49.94 87.83
N VAL YA 182 -70.15 -51.12 88.41
CA VAL YA 182 -71.26 -52.02 88.15
C VAL YA 182 -72.34 -51.91 89.22
N LEU YA 183 -71.93 -51.81 90.49
CA LEU YA 183 -72.91 -51.70 91.56
C LEU YA 183 -73.59 -50.34 91.56
N THR YA 184 -72.84 -49.27 91.34
CA THR YA 184 -73.48 -47.97 91.16
C THR YA 184 -74.06 -47.81 89.77
N GLY YA 185 -73.64 -48.64 88.82
CA GLY YA 185 -74.18 -48.59 87.47
C GLY YA 185 -73.79 -47.38 86.67
N GLN YA 186 -72.77 -46.64 87.11
CA GLN YA 186 -72.36 -45.41 86.46
C GLN YA 186 -70.89 -45.50 86.11
N THR YA 187 -70.40 -44.52 85.37
CA THR YA 187 -68.97 -44.39 85.16
C THR YA 187 -68.36 -43.73 86.38
N MET YA 188 -67.03 -43.58 86.37
CA MET YA 188 -66.41 -42.86 87.47
C MET YA 188 -66.71 -41.38 87.38
N TYR YA 189 -66.83 -40.84 86.17
CA TYR YA 189 -67.12 -39.42 85.99
C TYR YA 189 -68.52 -39.07 86.47
N GLU YA 190 -69.47 -39.97 86.32
CA GLU YA 190 -70.83 -39.69 86.75
C GLU YA 190 -71.01 -39.79 88.26
N GLN YA 191 -70.14 -40.54 88.94
CA GLN YA 191 -70.25 -40.63 90.39
C GLN YA 191 -69.82 -39.34 91.06
N TYR YA 192 -68.70 -38.77 90.61
CA TYR YA 192 -68.24 -37.51 91.17
C TYR YA 192 -69.08 -36.33 90.70
N ALA YA 193 -69.72 -36.45 89.54
CA ALA YA 193 -70.58 -35.38 89.07
C ALA YA 193 -71.89 -35.34 89.85
N SER YA 194 -72.54 -36.49 90.01
CA SER YA 194 -73.80 -36.56 90.72
C SER YA 194 -73.63 -36.52 92.24
N GLY YA 195 -72.39 -36.58 92.73
CA GLY YA 195 -72.20 -36.60 94.16
C GLY YA 195 -72.59 -37.92 94.79
N HIS YA 196 -72.38 -39.02 94.08
CA HIS YA 196 -72.71 -40.34 94.59
C HIS YA 196 -71.52 -40.99 95.28
N ILE YA 197 -70.70 -40.18 95.93
CA ILE YA 197 -69.53 -40.66 96.66
C ILE YA 197 -69.95 -41.49 97.86
N SER YA 198 -71.11 -41.18 98.43
CA SER YA 198 -71.62 -41.95 99.56
C SER YA 198 -72.06 -43.34 99.10
N PRO YA 199 -71.77 -44.38 99.87
CA PRO YA 199 -72.12 -45.73 99.44
C PRO YA 199 -73.59 -46.08 99.67
N PHE YA 200 -74.23 -46.58 98.62
CA PHE YA 200 -75.61 -47.06 98.73
C PHE YA 200 -75.66 -48.40 99.45
N GLY YA 201 -74.69 -49.27 99.18
CA GLY YA 201 -74.57 -50.54 99.88
C GLY YA 201 -73.49 -50.46 100.94
N ASP YA 202 -72.31 -50.96 100.63
CA ASP YA 202 -71.16 -50.79 101.50
C ASP YA 202 -69.96 -50.48 100.61
N GLY YA 203 -68.98 -49.80 101.18
CA GLY YA 203 -67.78 -49.47 100.45
C GLY YA 203 -66.60 -49.29 101.38
N GLN YA 204 -65.51 -49.96 101.06
CA GLN YA 204 -64.30 -49.92 101.87
C GLN YA 204 -63.17 -49.36 101.03
N GLY YA 205 -62.70 -48.18 101.40
CA GLY YA 205 -61.60 -47.53 100.70
C GLY YA 205 -60.53 -47.06 101.66
N VAL YA 206 -59.49 -46.43 101.14
CA VAL YA 206 -58.42 -45.90 101.97
C VAL YA 206 -58.53 -44.39 102.06
N SER ZA 31 -19.97 -35.63 105.85
CA SER ZA 31 -20.13 -35.08 107.19
C SER ZA 31 -21.19 -34.00 107.20
N GLU ZA 32 -22.14 -34.10 108.13
CA GLU ZA 32 -23.26 -33.16 108.14
C GLU ZA 32 -22.86 -31.81 108.72
N ILE ZA 33 -21.72 -31.76 109.40
CA ILE ZA 33 -21.24 -30.49 109.95
C ILE ZA 33 -20.81 -29.55 108.83
N GLU ZA 34 -20.18 -30.10 107.80
CA GLU ZA 34 -19.65 -29.26 106.73
C GLU ZA 34 -20.70 -28.87 105.69
N LEU ZA 35 -21.95 -29.28 105.87
CA LEU ZA 35 -22.92 -29.08 104.81
C LEU ZA 35 -23.56 -27.70 104.87
N GLY ZA 36 -23.51 -27.05 106.02
CA GLY ZA 36 -24.11 -25.73 106.12
C GLY ZA 36 -23.17 -24.62 105.72
N VAL ZA 37 -21.88 -24.92 105.64
CA VAL ZA 37 -20.87 -23.89 105.46
C VAL ZA 37 -20.81 -23.49 103.99
N THR ZA 38 -20.95 -22.19 103.73
CA THR ZA 38 -20.78 -21.66 102.39
C THR ZA 38 -19.70 -20.58 102.49
N GLU ZA 39 -19.33 -19.94 101.39
CA GLU ZA 39 -18.20 -19.04 101.31
C GLU ZA 39 -18.26 -17.74 102.13
N PRO ZA 40 -19.31 -16.87 102.02
CA PRO ZA 40 -19.17 -15.51 102.59
C PRO ZA 40 -19.16 -15.48 104.11
N LEU ZA 41 -19.81 -16.43 104.76
CA LEU ZA 41 -19.84 -16.42 106.22
C LEU ZA 41 -19.01 -17.54 106.81
N GLY ZA 42 -18.94 -18.69 106.13
CA GLY ZA 42 -18.24 -19.80 106.72
C GLY ZA 42 -19.07 -20.44 107.83
N VAL ZA 43 -18.38 -20.96 108.84
CA VAL ZA 43 -19.03 -21.48 110.02
C VAL ZA 43 -19.59 -20.30 110.79
N TYR ZA 44 -20.90 -20.14 110.80
CA TYR ZA 44 -21.52 -18.94 111.36
C TYR ZA 44 -22.47 -19.33 112.47
N ASP ZA 45 -22.11 -18.97 113.70
CA ASP ZA 45 -23.01 -19.08 114.84
C ASP ZA 45 -22.70 -18.02 115.88
N PRO ZA 46 -23.52 -16.98 115.98
CA PRO ZA 46 -23.32 -15.99 117.05
C PRO ZA 46 -23.68 -16.54 118.42
N LEU ZA 47 -24.65 -17.44 118.47
CA LEU ZA 47 -25.02 -18.02 119.76
C LEU ZA 47 -24.02 -19.07 120.19
N GLY ZA 48 -23.37 -19.72 119.24
CA GLY ZA 48 -22.35 -20.70 119.53
C GLY ZA 48 -22.87 -22.03 120.02
N TRP ZA 49 -23.96 -22.54 119.45
CA TRP ZA 49 -24.49 -23.83 119.90
C TRP ZA 49 -23.67 -25.00 119.36
N LEU ZA 50 -22.77 -24.74 118.40
CA LEU ZA 50 -21.94 -25.81 117.86
C LEU ZA 50 -20.95 -26.31 118.89
N GLU ZA 51 -20.51 -25.44 119.79
CA GLU ZA 51 -19.56 -25.86 120.82
C GLU ZA 51 -20.26 -26.12 122.15
N SER ZA 52 -21.34 -25.40 122.43
CA SER ZA 52 -22.00 -25.55 123.71
C SER ZA 52 -22.82 -26.82 123.77
N GLU ZA 53 -23.74 -27.02 122.83
CA GLU ZA 53 -24.59 -28.19 122.78
C GLU ZA 53 -24.42 -28.88 121.44
N PRO ZA 54 -23.39 -29.72 121.29
CA PRO ZA 54 -23.16 -30.38 120.00
C PRO ZA 54 -24.06 -31.59 119.80
N GLU ZA 55 -24.74 -32.02 120.86
CA GLU ZA 55 -25.62 -33.18 120.75
C GLU ZA 55 -26.92 -32.82 120.03
N ALA ZA 56 -27.32 -31.55 120.10
CA ALA ZA 56 -28.58 -31.14 119.49
C ALA ZA 56 -28.45 -30.97 117.99
N PHE ZA 57 -27.22 -30.85 117.49
CA PHE ZA 57 -26.92 -30.50 116.10
C PHE ZA 57 -27.50 -31.47 115.09
N GLU ZA 58 -27.62 -32.74 115.45
CA GLU ZA 58 -28.20 -33.72 114.55
C GLU ZA 58 -29.69 -33.48 114.38
N ARG ZA 59 -30.34 -32.91 115.39
CA ARG ZA 59 -31.73 -32.49 115.23
C ARG ZA 59 -31.81 -31.13 114.56
N ARG ZA 60 -30.95 -30.19 114.98
CA ARG ZA 60 -31.03 -28.80 114.52
C ARG ZA 60 -30.76 -28.70 113.03
N ARG ZA 61 -29.87 -29.55 112.50
CA ARG ZA 61 -29.68 -29.61 111.06
C ARG ZA 61 -30.90 -30.19 110.38
N ALA ZA 62 -31.52 -31.19 111.01
CA ALA ZA 62 -32.70 -31.81 110.42
C ALA ZA 62 -33.94 -30.96 110.61
N VAL ZA 63 -33.81 -29.83 111.30
CA VAL ZA 63 -34.89 -28.86 111.32
C VAL ZA 63 -34.62 -27.73 110.34
N GLU ZA 64 -33.35 -27.32 110.21
CA GLU ZA 64 -33.01 -26.28 109.23
C GLU ZA 64 -33.22 -26.77 107.80
N ARG ZA 65 -33.04 -28.07 107.56
CA ARG ZA 65 -33.53 -28.63 106.30
C ARG ZA 65 -35.04 -28.63 106.24
N LYS ZA 66 -35.70 -28.91 107.37
CA LYS ZA 66 -37.13 -29.18 107.33
C LYS ZA 66 -37.92 -27.90 107.18
N HIS ZA 67 -37.61 -26.87 107.97
CA HIS ZA 67 -38.20 -25.56 107.74
C HIS ZA 67 -37.76 -24.99 106.40
N GLY ZA 68 -36.61 -25.44 105.89
CA GLY ZA 68 -36.19 -25.01 104.56
C GLY ZA 68 -37.09 -25.56 103.48
N ARG ZA 69 -37.30 -26.89 103.48
CA ARG ZA 69 -38.06 -27.54 102.42
C ARG ZA 69 -39.52 -27.13 102.41
N VAL ZA 70 -40.05 -26.74 103.56
CA VAL ZA 70 -41.40 -26.21 103.59
C VAL ZA 70 -41.43 -24.80 103.05
N ALA ZA 71 -40.39 -24.01 103.34
CA ALA ZA 71 -40.37 -22.62 102.89
C ALA ZA 71 -40.13 -22.54 101.39
N MET ZA 72 -39.32 -23.44 100.84
CA MET ZA 72 -39.05 -23.43 99.41
C MET ZA 72 -40.28 -23.79 98.61
N ALA ZA 73 -41.12 -24.67 99.13
CA ALA ZA 73 -42.37 -25.01 98.47
C ALA ZA 73 -43.47 -24.02 98.79
N ALA ZA 74 -43.18 -23.01 99.61
CA ALA ZA 74 -44.15 -21.97 99.91
C ALA ZA 74 -43.90 -20.69 99.13
N VAL ZA 75 -42.64 -20.39 98.80
CA VAL ZA 75 -42.37 -19.23 97.96
C VAL ZA 75 -42.91 -19.46 96.56
N VAL ZA 76 -42.68 -20.66 96.03
CA VAL ZA 76 -43.29 -21.06 94.77
C VAL ZA 76 -44.80 -21.09 94.89
N GLY ZA 77 -45.30 -21.48 96.06
CA GLY ZA 77 -46.72 -21.38 96.31
C GLY ZA 77 -47.21 -19.96 96.43
N THR ZA 78 -46.32 -19.02 96.74
CA THR ZA 78 -46.73 -17.63 96.77
C THR ZA 78 -46.79 -17.06 95.36
N ILE ZA 79 -45.84 -17.46 94.52
CA ILE ZA 79 -45.72 -16.89 93.18
C ILE ZA 79 -46.80 -17.43 92.26
N VAL ZA 80 -47.03 -18.75 92.31
CA VAL ZA 80 -48.01 -19.38 91.42
C VAL ZA 80 -49.42 -18.94 91.78
N HIS ZA 81 -49.69 -18.74 93.07
CA HIS ZA 81 -51.01 -18.24 93.46
C HIS ZA 81 -51.20 -16.78 93.08
N ASN ZA 82 -50.12 -16.02 92.93
CA ASN ZA 82 -50.22 -14.61 92.60
C ASN ZA 82 -50.07 -14.30 91.12
N ASN ZA 83 -49.63 -15.26 90.31
CA ASN ZA 83 -49.74 -15.12 88.87
C ASN ZA 83 -51.10 -15.52 88.34
N HIS ZA 84 -52.04 -15.82 89.25
CA HIS ZA 84 -53.38 -16.29 88.93
C HIS ZA 84 -53.35 -17.57 88.09
N ILE ZA 85 -52.34 -18.41 88.35
CA ILE ZA 85 -52.32 -19.75 87.78
C ILE ZA 85 -53.26 -20.58 88.64
N VAL ZA 86 -54.48 -20.76 88.14
CA VAL ZA 86 -55.58 -21.36 88.88
C VAL ZA 86 -55.98 -22.63 88.15
N PHE ZA 87 -56.43 -23.63 88.91
CA PHE ZA 87 -56.83 -24.91 88.30
C PHE ZA 87 -58.02 -24.80 87.36
N ASP ZA 88 -58.77 -23.70 87.42
CA ASP ZA 88 -59.89 -23.41 86.51
C ASP ZA 88 -60.96 -24.49 86.60
N GLY ZA 89 -61.23 -24.91 87.84
CA GLY ZA 89 -62.28 -25.88 88.09
C GLY ZA 89 -63.17 -25.36 89.20
N TYR ZA 90 -64.12 -26.21 89.59
CA TYR ZA 90 -65.09 -25.88 90.61
C TYR ZA 90 -64.77 -26.69 91.86
N LEU ZA 91 -64.17 -26.03 92.86
CA LEU ZA 91 -63.58 -26.75 93.99
C LEU ZA 91 -64.62 -27.46 94.85
N SER ZA 92 -65.55 -26.71 95.42
CA SER ZA 92 -66.50 -27.33 96.32
C SER ZA 92 -67.87 -27.35 95.66
N PRO ZA 93 -68.41 -28.52 95.33
CA PRO ZA 93 -69.81 -28.55 94.89
C PRO ZA 93 -70.78 -28.25 96.00
N SER ZA 94 -70.38 -28.46 97.26
CA SER ZA 94 -71.27 -28.20 98.37
C SER ZA 94 -71.20 -26.75 98.82
N ASN ZA 95 -70.01 -26.27 99.15
CA ASN ZA 95 -69.83 -24.93 99.69
C ASN ZA 95 -69.75 -23.87 98.61
N ASN ZA 96 -69.79 -24.28 97.34
CA ASN ZA 96 -69.80 -23.40 96.17
C ASN ZA 96 -68.56 -22.50 96.12
N LEU ZA 97 -67.40 -23.09 96.37
CA LEU ZA 97 -66.12 -22.41 96.18
C LEU ZA 97 -65.57 -22.79 94.82
N LYS ZA 98 -65.19 -21.79 94.05
CA LYS ZA 98 -64.31 -22.06 92.93
C LYS ZA 98 -62.87 -21.91 93.39
N PHE ZA 99 -61.95 -22.38 92.55
CA PHE ZA 99 -60.54 -22.20 92.85
C PHE ZA 99 -60.13 -20.74 92.70
N SER ZA 100 -60.83 -20.00 91.86
CA SER ZA 100 -60.51 -18.59 91.68
C SER ZA 100 -61.08 -17.75 92.81
N ASP ZA 101 -62.02 -18.30 93.58
CA ASP ZA 101 -62.64 -17.55 94.65
C ASP ZA 101 -61.77 -17.48 95.90
N ILE ZA 102 -60.78 -18.35 96.00
CA ILE ZA 102 -59.93 -18.39 97.19
C ILE ZA 102 -58.93 -17.24 97.11
N PRO ZA 103 -58.76 -16.47 98.18
CA PRO ZA 103 -57.77 -15.38 98.16
C PRO ZA 103 -56.35 -15.91 98.04
N THR ZA 104 -55.47 -15.08 97.51
CA THR ZA 104 -54.13 -15.49 97.18
C THR ZA 104 -53.10 -15.12 98.25
N GLY ZA 105 -53.48 -14.28 99.21
CA GLY ZA 105 -52.53 -13.87 100.22
C GLY ZA 105 -52.44 -14.84 101.38
N VAL ZA 106 -52.48 -14.31 102.60
CA VAL ZA 106 -52.44 -15.14 103.79
C VAL ZA 106 -53.77 -15.89 103.98
N ASP ZA 107 -54.87 -15.29 103.54
CA ASP ZA 107 -56.20 -15.81 103.84
C ASP ZA 107 -56.64 -16.91 102.88
N GLY ZA 108 -55.71 -17.60 102.25
CA GLY ZA 108 -56.09 -18.67 101.34
C GLY ZA 108 -56.56 -19.91 102.08
N ILE ZA 109 -55.83 -20.33 103.12
CA ILE ZA 109 -56.19 -21.53 103.85
C ILE ZA 109 -57.45 -21.29 104.67
N ARG ZA 110 -57.66 -20.06 105.12
CA ARG ZA 110 -58.85 -19.74 105.90
C ARG ZA 110 -60.12 -19.78 105.04
N ALA ZA 111 -59.99 -19.74 103.72
CA ALA ZA 111 -61.12 -19.96 102.84
C ALA ZA 111 -61.39 -21.43 102.56
N ILE ZA 112 -60.41 -22.29 102.77
CA ILE ZA 112 -60.60 -23.73 102.57
C ILE ZA 112 -61.53 -24.26 103.65
N PRO ZA 113 -62.56 -25.02 103.30
CA PRO ZA 113 -63.46 -25.57 104.32
C PRO ZA 113 -62.78 -26.64 105.15
N THR ZA 114 -63.35 -26.89 106.33
CA THR ZA 114 -62.73 -27.78 107.30
C THR ZA 114 -62.77 -29.23 106.88
N ALA ZA 115 -63.66 -29.61 105.96
CA ALA ZA 115 -63.62 -30.94 105.42
C ALA ZA 115 -62.43 -31.12 104.48
N GLY ZA 116 -61.96 -30.04 103.88
CA GLY ZA 116 -60.78 -30.11 103.05
C GLY ZA 116 -59.51 -30.02 103.86
N LEU ZA 117 -59.58 -29.29 104.98
CA LEU ZA 117 -58.46 -29.26 105.89
C LEU ZA 117 -58.30 -30.60 106.60
N ALA ZA 118 -59.38 -31.35 106.75
CA ALA ZA 118 -59.27 -32.69 107.30
C ALA ZA 118 -58.64 -33.64 106.30
N GLN ZA 119 -58.85 -33.43 105.00
CA GLN ZA 119 -58.23 -34.29 104.01
C GLN ZA 119 -56.74 -34.05 103.91
N ILE ZA 120 -56.29 -32.81 104.13
CA ILE ZA 120 -54.87 -32.51 104.06
C ILE ZA 120 -54.14 -33.07 105.27
N LEU ZA 121 -54.70 -32.87 106.46
CA LEU ZA 121 -54.04 -33.32 107.69
C LEU ZA 121 -54.05 -34.83 107.81
N ALA ZA 122 -55.05 -35.51 107.24
CA ALA ZA 122 -55.04 -36.97 107.26
C ALA ZA 122 -54.02 -37.51 106.27
N PHE ZA 123 -53.73 -36.75 105.23
CA PHE ZA 123 -52.78 -37.22 104.22
C PHE ZA 123 -51.35 -37.03 104.68
N PHE ZA 124 -51.00 -35.83 105.14
CA PHE ZA 124 -49.61 -35.58 105.51
C PHE ZA 124 -49.27 -36.16 106.87
N ALA ZA 125 -50.26 -36.64 107.61
CA ALA ZA 125 -49.95 -37.51 108.73
C ALA ZA 125 -49.41 -38.83 108.23
N LEU ZA 126 -49.90 -39.30 107.10
CA LEU ZA 126 -49.39 -40.55 106.55
C LEU ZA 126 -48.06 -40.33 105.85
N VAL ZA 127 -47.82 -39.12 105.38
CA VAL ZA 127 -46.52 -38.81 104.78
C VAL ZA 127 -45.48 -38.62 105.86
N GLU ZA 128 -45.75 -37.75 106.83
CA GLU ZA 128 -44.68 -37.26 107.68
C GLU ZA 128 -44.41 -38.21 108.84
N LEU ZA 129 -45.27 -39.20 109.04
CA LEU ZA 129 -45.01 -40.23 110.04
C LEU ZA 129 -44.57 -41.55 109.43
N ALA ZA 130 -45.25 -41.98 108.37
CA ALA ZA 130 -45.07 -43.33 107.85
C ALA ZA 130 -44.09 -43.38 106.69
N TRP ZA 131 -44.41 -42.71 105.59
CA TRP ZA 131 -43.65 -42.87 104.36
C TRP ZA 131 -42.35 -42.09 104.39
N MET ZA 132 -42.42 -40.81 104.71
CA MET ZA 132 -41.25 -39.95 104.85
C MET ZA 132 -41.20 -39.49 106.29
N PRO ZA 133 -40.73 -40.33 107.21
CA PRO ZA 133 -40.87 -40.02 108.64
C PRO ZA 133 -39.94 -38.89 109.07
N ALA ZA 134 -40.53 -37.88 109.71
CA ALA ZA 134 -39.75 -36.72 110.16
C ALA ZA 134 -38.82 -37.05 111.30
N SER ZA 135 -39.02 -38.18 111.98
CA SER ZA 135 -38.09 -38.61 113.01
C SER ZA 135 -36.76 -39.07 112.42
N LYS ZA 136 -36.72 -39.35 111.12
CA LYS ZA 136 -35.48 -39.71 110.45
C LYS ZA 136 -34.65 -38.45 110.26
N TYR ZA 137 -33.67 -38.25 111.14
CA TYR ZA 137 -32.91 -37.00 111.14
C TYR ZA 137 -31.89 -36.91 110.03
N ASP ZA 138 -31.74 -37.94 109.20
CA ASP ZA 138 -30.83 -37.82 108.07
C ASP ZA 138 -31.46 -37.04 106.93
N GLY ZA 139 -32.77 -37.16 106.77
CA GLY ZA 139 -33.48 -36.44 105.73
C GLY ZA 139 -33.35 -37.02 104.34
N ASP ZA 140 -32.71 -38.17 104.19
CA ASP ZA 140 -32.39 -38.75 102.88
C ASP ZA 140 -33.35 -39.87 102.52
N TYR ZA 141 -34.64 -39.63 102.76
CA TYR ZA 141 -35.72 -40.60 102.94
C TYR ZA 141 -35.75 -41.74 101.94
N GLY ZA 142 -36.06 -41.48 100.69
CA GLY ZA 142 -35.87 -42.53 99.71
C GLY ZA 142 -35.26 -42.08 98.41
N VAL ZA 143 -35.42 -40.80 98.09
CA VAL ZA 143 -35.34 -40.32 96.73
C VAL ZA 143 -34.06 -39.54 96.56
N GLY ZA 144 -33.33 -39.80 95.48
CA GLY ZA 144 -32.17 -39.02 95.15
C GLY ZA 144 -32.55 -37.67 94.58
N TYR ZA 145 -31.54 -36.95 94.12
CA TYR ZA 145 -31.78 -35.71 93.42
C TYR ZA 145 -32.31 -36.09 92.05
N PHE ZA 146 -33.63 -35.97 91.89
CA PHE ZA 146 -34.40 -36.47 90.75
C PHE ZA 146 -34.15 -37.96 90.55
N GLY ZA 147 -34.42 -38.74 91.60
CA GLY ZA 147 -34.41 -40.18 91.51
C GLY ZA 147 -33.07 -40.85 91.61
N THR ZA 148 -31.98 -40.15 91.31
CA THR ZA 148 -30.65 -40.73 91.35
C THR ZA 148 -29.83 -40.03 92.42
N ASP ZA 149 -28.98 -40.79 93.10
CA ASP ZA 149 -28.06 -40.15 94.02
C ASP ZA 149 -26.89 -39.53 93.24
N ILE ZA 150 -26.03 -38.83 93.97
CA ILE ZA 150 -24.89 -38.14 93.39
C ILE ZA 150 -23.66 -38.85 93.92
N LYS ZA 151 -23.06 -39.70 93.10
CA LYS ZA 151 -21.95 -40.53 93.54
C LYS ZA 151 -20.65 -39.75 93.75
N ASP ZA 152 -20.50 -38.61 93.07
CA ASP ZA 152 -19.33 -37.77 93.24
C ASP ZA 152 -19.41 -37.10 94.61
N PRO ZA 153 -18.45 -37.33 95.52
CA PRO ZA 153 -18.57 -36.81 96.89
C PRO ZA 153 -18.52 -35.30 96.97
N GLU ZA 154 -17.81 -34.65 96.05
CA GLU ZA 154 -17.77 -33.19 96.05
C GLU ZA 154 -19.09 -32.60 95.55
N GLU ZA 155 -19.69 -33.23 94.55
CA GLU ZA 155 -20.92 -32.69 93.99
C GLU ZA 155 -22.12 -33.04 94.86
N LYS ZA 156 -22.06 -34.17 95.56
CA LYS ZA 156 -23.10 -34.47 96.53
C LYS ZA 156 -23.02 -33.53 97.72
N ALA ZA 157 -21.80 -33.17 98.13
CA ALA ZA 157 -21.62 -32.17 99.16
C ALA ZA 157 -21.68 -30.77 98.63
N ARG ZA 158 -21.85 -30.60 97.32
CA ARG ZA 158 -22.19 -29.30 96.78
C ARG ZA 158 -23.68 -29.03 96.91
N LYS ZA 159 -24.52 -29.87 96.34
CA LYS ZA 159 -25.94 -29.58 96.24
C LYS ZA 159 -26.66 -29.67 97.57
N LEU ZA 160 -26.07 -30.32 98.57
CA LEU ZA 160 -26.61 -30.23 99.91
C LEU ZA 160 -26.43 -28.85 100.51
N ASN ZA 161 -25.35 -28.14 100.20
CA ASN ZA 161 -25.28 -26.71 100.50
C ASN ZA 161 -26.32 -25.94 99.74
N VAL ZA 162 -26.67 -26.38 98.54
CA VAL ZA 162 -27.59 -25.63 97.71
C VAL ZA 162 -29.02 -25.82 98.20
N GLU ZA 163 -29.35 -27.02 98.70
CA GLU ZA 163 -30.65 -27.20 99.33
C GLU ZA 163 -30.76 -26.40 100.61
N LEU ZA 164 -29.64 -26.19 101.31
CA LEU ZA 164 -29.68 -25.35 102.49
C LEU ZA 164 -29.76 -23.87 102.13
N ASN ZA 165 -28.95 -23.40 101.19
CA ASN ZA 165 -28.87 -21.96 100.97
C ASN ZA 165 -30.10 -21.42 100.22
N ASN ZA 166 -30.59 -22.14 99.21
CA ASN ZA 166 -31.92 -21.84 98.69
C ASN ZA 166 -32.99 -22.08 99.76
N GLY ZA 167 -32.73 -22.96 100.70
CA GLY ZA 167 -33.67 -23.18 101.79
C GLY ZA 167 -33.65 -22.10 102.85
N ARG ZA 168 -32.45 -21.62 103.20
CA ARG ZA 168 -32.34 -20.54 104.17
C ARG ZA 168 -32.91 -19.25 103.62
N ALA ZA 169 -32.68 -18.97 102.33
CA ALA ZA 169 -33.21 -17.77 101.72
C ALA ZA 169 -34.71 -17.83 101.55
N ALA ZA 170 -35.28 -19.02 101.47
CA ALA ZA 170 -36.73 -19.13 101.32
C ALA ZA 170 -37.44 -18.90 102.64
N MET ZA 171 -36.79 -19.19 103.77
CA MET ZA 171 -37.38 -18.88 105.06
C MET ZA 171 -37.48 -17.38 105.25
N MET ZA 172 -36.45 -16.66 104.84
CA MET ZA 172 -36.46 -15.21 104.90
C MET ZA 172 -37.34 -14.60 103.83
N GLY ZA 173 -37.77 -15.38 102.84
CA GLY ZA 173 -38.63 -14.88 101.81
C GLY ZA 173 -40.10 -14.96 102.16
N ILE ZA 174 -40.49 -16.04 102.85
CA ILE ZA 174 -41.89 -16.17 103.27
C ILE ZA 174 -42.20 -15.17 104.38
N MET ZA 175 -41.25 -14.94 105.28
CA MET ZA 175 -41.42 -13.88 106.27
C MET ZA 175 -41.45 -12.51 105.61
N GLY ZA 176 -40.79 -12.36 104.46
CA GLY ZA 176 -40.95 -11.15 103.68
C GLY ZA 176 -42.30 -11.02 103.02
N ASN ZA 177 -42.99 -12.13 102.78
CA ASN ZA 177 -44.36 -12.10 102.29
C ASN ZA 177 -45.37 -11.91 103.40
N MET ZA 178 -45.35 -12.79 104.40
CA MET ZA 178 -46.42 -12.83 105.38
C MET ZA 178 -46.46 -11.61 106.28
N VAL ZA 179 -45.37 -10.87 106.36
CA VAL ZA 179 -45.38 -9.60 107.07
C VAL ZA 179 -45.80 -8.45 106.16
N ALA ZA 180 -45.29 -8.40 104.94
CA ALA ZA 180 -45.66 -7.35 104.02
C ALA ZA 180 -47.03 -7.56 103.38
N GLU ZA 181 -47.69 -8.68 103.63
CA GLU ZA 181 -49.08 -8.86 103.23
C GLU ZA 181 -50.06 -8.53 104.34
N VAL ZA 182 -49.59 -8.40 105.57
CA VAL ZA 182 -50.43 -7.99 106.68
C VAL ZA 182 -50.28 -6.50 106.96
N LEU ZA 183 -49.04 -5.98 106.91
CA LEU ZA 183 -48.84 -4.56 107.15
C LEU ZA 183 -49.36 -3.71 106.01
N THR ZA 184 -49.13 -4.12 104.77
CA THR ZA 184 -49.77 -3.42 103.67
C THR ZA 184 -51.22 -3.81 103.50
N GLY ZA 185 -51.64 -4.94 104.09
CA GLY ZA 185 -53.02 -5.36 104.03
C GLY ZA 185 -53.48 -5.84 102.67
N GLN ZA 186 -52.56 -6.13 101.76
CA GLN ZA 186 -52.89 -6.51 100.41
C GLN ZA 186 -52.23 -7.84 100.09
N THR ZA 187 -52.58 -8.40 98.95
CA THR ZA 187 -51.85 -9.56 98.44
C THR ZA 187 -50.56 -9.08 97.80
N MET ZA 188 -49.75 -10.02 97.31
CA MET ZA 188 -48.56 -9.62 96.59
C MET ZA 188 -48.92 -9.07 95.23
N TYR ZA 189 -49.98 -9.59 94.61
CA TYR ZA 189 -50.40 -9.12 93.31
C TYR ZA 189 -50.93 -7.69 93.35
N GLU ZA 190 -51.58 -7.31 94.44
CA GLU ZA 190 -52.12 -5.97 94.56
C GLU ZA 190 -51.05 -4.93 94.85
N GLN ZA 191 -49.92 -5.34 95.43
CA GLN ZA 191 -48.85 -4.38 95.72
C GLN ZA 191 -48.17 -3.95 94.43
N TYR ZA 192 -47.86 -4.90 93.56
CA TYR ZA 192 -47.22 -4.57 92.30
C TYR ZA 192 -48.20 -3.93 91.33
N ALA ZA 193 -49.49 -4.22 91.46
CA ALA ZA 193 -50.47 -3.59 90.60
C ALA ZA 193 -50.69 -2.13 90.96
N SER ZA 194 -50.89 -1.86 92.26
CA SER ZA 194 -51.12 -0.49 92.70
C SER ZA 194 -49.85 0.32 92.79
N GLY ZA 195 -48.69 -0.28 92.59
CA GLY ZA 195 -47.44 0.45 92.72
C GLY ZA 195 -47.12 0.79 94.16
N HIS ZA 196 -47.46 -0.09 95.10
CA HIS ZA 196 -47.17 0.12 96.51
C HIS ZA 196 -45.84 -0.51 96.91
N ILE ZA 197 -44.87 -0.49 96.00
CA ILE ZA 197 -43.55 -1.04 96.26
C ILE ZA 197 -42.82 -0.19 97.29
N SER ZA 198 -43.13 1.11 97.35
CA SER ZA 198 -42.52 1.99 98.33
C SER ZA 198 -43.05 1.66 99.72
N PRO ZA 199 -42.20 1.66 100.74
CA PRO ZA 199 -42.65 1.30 102.09
C PRO ZA 199 -43.37 2.43 102.81
N PHE ZA 200 -44.56 2.12 103.33
CA PHE ZA 200 -45.29 3.09 104.14
C PHE ZA 200 -44.68 3.22 105.53
N GLY ZA 201 -44.22 2.12 106.09
CA GLY ZA 201 -43.51 2.13 107.36
C GLY ZA 201 -42.01 2.03 107.14
N ASP ZA 202 -41.48 0.81 107.30
CA ASP ZA 202 -40.10 0.55 106.95
C ASP ZA 202 -40.06 -0.80 106.25
N GLY ZA 203 -39.04 -0.99 105.42
CA GLY ZA 203 -38.88 -2.25 104.72
C GLY ZA 203 -37.43 -2.49 104.37
N GLN ZA 204 -36.95 -3.69 104.72
CA GLN ZA 204 -35.56 -4.05 104.46
C GLN ZA 204 -35.55 -5.27 103.56
N GLY ZA 205 -35.06 -5.08 102.34
CA GLY ZA 205 -34.95 -6.15 101.37
C GLY ZA 205 -33.56 -6.23 100.76
N VAL ZA 206 -33.36 -7.16 99.84
CA VAL ZA 206 -32.08 -7.29 99.17
C VAL ZA 206 -32.18 -6.77 97.74
N SER AB 31 64.51 -5.57 -56.23
CA SER AB 31 63.71 -6.73 -55.84
C SER AB 31 62.23 -6.40 -55.98
N GLU AB 32 61.48 -7.29 -56.65
CA GLU AB 32 60.08 -7.00 -56.93
C GLU AB 32 59.21 -7.25 -55.71
N ILE AB 33 59.74 -7.94 -54.70
CA ILE AB 33 58.99 -8.18 -53.48
C ILE AB 33 58.83 -6.88 -52.70
N GLU AB 34 59.86 -6.05 -52.69
CA GLU AB 34 59.83 -4.83 -51.89
C GLU AB 34 59.10 -3.69 -52.57
N LEU AB 35 58.56 -3.90 -53.78
CA LEU AB 35 58.02 -2.77 -54.54
C LEU AB 35 56.60 -2.45 -54.15
N GLY AB 36 55.89 -3.41 -53.55
CA GLY AB 36 54.51 -3.13 -53.18
C GLY AB 36 54.39 -2.52 -51.81
N VAL AB 37 55.45 -2.58 -51.02
CA VAL AB 37 55.37 -2.18 -49.62
C VAL AB 37 55.44 -0.67 -49.51
N THR AB 38 54.46 -0.09 -48.83
CA THR AB 38 54.47 1.35 -48.54
C THR AB 38 54.34 1.46 -47.02
N GLU AB 39 54.35 2.68 -46.48
CA GLU AB 39 54.43 2.92 -45.04
C GLU AB 39 53.25 2.46 -44.18
N PRO AB 40 51.95 2.84 -44.46
CA PRO AB 40 50.92 2.61 -43.42
C PRO AB 40 50.56 1.16 -43.20
N LEU AB 41 50.72 0.32 -44.22
CA LEU AB 41 50.35 -1.08 -44.05
C LEU AB 41 51.58 -1.98 -44.04
N GLY AB 42 52.62 -1.61 -44.78
CA GLY AB 42 53.75 -2.51 -44.88
C GLY AB 42 53.45 -3.68 -45.78
N VAL AB 43 54.05 -4.82 -45.44
CA VAL AB 43 53.74 -6.08 -46.12
C VAL AB 43 52.35 -6.50 -45.71
N TYR AB 44 51.39 -6.40 -46.62
CA TYR AB 44 49.99 -6.61 -46.28
C TYR AB 44 49.42 -7.75 -47.10
N ASP AB 45 49.10 -8.85 -46.44
CA ASP AB 45 48.37 -9.94 -47.06
C ASP AB 45 47.55 -10.70 -46.03
N PRO AB 46 46.23 -10.48 -45.99
CA PRO AB 46 45.38 -11.28 -45.09
C PRO AB 46 45.26 -12.72 -45.53
N LEU AB 47 45.29 -12.96 -46.84
CA LEU AB 47 45.19 -14.33 -47.33
C LEU AB 47 46.51 -15.06 -47.16
N GLY AB 48 47.62 -14.33 -47.19
CA GLY AB 48 48.93 -14.91 -46.98
C GLY AB 48 49.47 -15.70 -48.15
N TRP AB 49 49.28 -15.22 -49.38
CA TRP AB 49 49.78 -15.96 -50.53
C TRP AB 49 51.28 -15.76 -50.70
N LEU AB 50 51.88 -14.82 -49.97
CA LEU AB 50 53.32 -14.61 -50.08
C LEU AB 50 54.10 -15.78 -49.50
N GLU AB 51 53.53 -16.45 -48.50
CA GLU AB 51 54.22 -17.59 -47.91
C GLU AB 51 53.68 -18.91 -48.45
N SER AB 52 52.38 -18.94 -48.79
CA SER AB 52 51.78 -20.19 -49.23
C SER AB 52 52.19 -20.54 -50.64
N GLU AB 53 51.96 -19.62 -51.59
CA GLU AB 53 52.28 -19.84 -53.00
C GLU AB 53 53.21 -18.72 -53.46
N PRO AB 54 54.52 -18.84 -53.21
CA PRO AB 54 55.44 -17.77 -53.61
C PRO AB 54 55.79 -17.84 -55.08
N GLU AB 55 55.44 -18.94 -55.74
CA GLU AB 55 55.76 -19.08 -57.16
C GLU AB 55 54.83 -18.24 -58.02
N ALA AB 56 53.62 -17.97 -57.53
CA ALA AB 56 52.66 -17.23 -58.32
C ALA AB 56 52.94 -15.73 -58.31
N PHE AB 57 53.75 -15.28 -57.34
CA PHE AB 57 54.00 -13.86 -57.06
C PHE AB 57 54.57 -13.09 -58.25
N GLU AB 58 55.35 -13.77 -59.09
CA GLU AB 58 55.90 -13.11 -60.27
C GLU AB 58 54.81 -12.82 -61.29
N ARG AB 59 53.75 -13.62 -61.30
CA ARG AB 59 52.59 -13.29 -62.13
C ARG AB 59 51.69 -12.30 -61.42
N ARG AB 60 51.45 -12.51 -60.11
CA ARG AB 60 50.49 -11.71 -59.37
C ARG AB 60 50.92 -10.25 -59.28
N ARG AB 61 52.22 -10.00 -59.19
CA ARG AB 61 52.71 -8.63 -59.27
C ARG AB 61 52.51 -8.07 -60.66
N ALA AB 62 52.72 -8.89 -61.69
CA ALA AB 62 52.56 -8.42 -63.06
C ALA AB 62 51.09 -8.34 -63.45
N VAL AB 63 50.19 -8.72 -62.55
CA VAL AB 63 48.77 -8.45 -62.78
C VAL AB 63 48.34 -7.23 -61.98
N GLU AB 64 48.88 -7.05 -60.76
CA GLU AB 64 48.54 -5.87 -59.97
C GLU AB 64 49.09 -4.60 -60.63
N ARG AB 65 50.22 -4.70 -61.33
CA ARG AB 65 50.60 -3.60 -62.21
C ARG AB 65 49.64 -3.48 -63.39
N LYS AB 66 49.19 -4.60 -63.91
CA LYS AB 66 48.48 -4.57 -65.19
C LYS AB 66 47.07 -4.06 -65.03
N HIS AB 67 46.33 -4.58 -64.04
CA HIS AB 67 45.03 -3.99 -63.69
C HIS AB 67 45.20 -2.57 -63.18
N GLY AB 68 46.37 -2.25 -62.64
CA GLY AB 68 46.62 -0.88 -62.22
C GLY AB 68 46.70 0.07 -63.40
N ARG AB 69 47.54 -0.26 -64.38
CA ARG AB 69 47.78 0.64 -65.50
C ARG AB 69 46.54 0.81 -66.37
N VAL AB 70 45.67 -0.17 -66.39
CA VAL AB 70 44.40 0.00 -67.10
C VAL AB 70 43.46 0.88 -66.30
N ALA AB 71 43.48 0.75 -64.97
CA ALA AB 71 42.58 1.54 -64.14
C ALA AB 71 42.99 3.00 -64.09
N MET AB 72 44.30 3.25 -64.10
CA MET AB 72 44.79 4.64 -64.07
C MET AB 72 44.44 5.37 -65.35
N ALA AB 73 44.45 4.68 -66.47
CA ALA AB 73 44.04 5.29 -67.73
C ALA AB 73 42.54 5.30 -67.91
N ALA AB 74 41.80 4.74 -66.96
CA ALA AB 74 40.35 4.76 -67.01
C ALA AB 74 39.74 5.83 -66.13
N VAL AB 75 40.39 6.15 -65.00
CA VAL AB 75 39.90 7.25 -64.17
C VAL AB 75 40.04 8.56 -64.91
N VAL AB 76 41.18 8.77 -65.56
CA VAL AB 76 41.37 9.91 -66.43
C VAL AB 76 40.40 9.86 -67.60
N GLY AB 77 40.10 8.65 -68.08
CA GLY AB 77 39.08 8.50 -69.08
C GLY AB 77 37.69 8.77 -68.55
N THR AB 78 37.50 8.66 -67.24
CA THR AB 78 36.20 9.01 -66.67
C THR AB 78 36.07 10.52 -66.54
N ILE AB 79 37.16 11.18 -66.17
CA ILE AB 79 37.12 12.61 -65.89
C ILE AB 79 37.03 13.41 -67.17
N VAL AB 80 37.84 13.05 -68.17
CA VAL AB 80 37.88 13.79 -69.43
C VAL AB 80 36.57 13.63 -70.19
N HIS AB 81 35.96 12.45 -70.11
CA HIS AB 81 34.67 12.25 -70.77
C HIS AB 81 33.56 13.00 -70.04
N ASN AB 82 33.72 13.29 -68.75
CA ASN AB 82 32.68 13.96 -67.99
C ASN AB 82 32.89 15.46 -67.86
N ASN AB 83 34.06 15.99 -68.23
CA ASN AB 83 34.21 17.43 -68.41
C ASN AB 83 33.75 17.90 -69.77
N HIS AB 84 33.17 16.99 -70.56
CA HIS AB 84 32.73 17.24 -71.94
C HIS AB 84 33.88 17.72 -72.82
N ILE AB 85 35.08 17.22 -72.54
CA ILE AB 85 36.21 17.42 -73.43
C ILE AB 85 36.03 16.44 -74.58
N VAL AB 86 35.51 16.92 -75.68
CA VAL AB 86 35.07 16.11 -76.80
C VAL AB 86 35.92 16.51 -78.00
N PHE AB 87 36.21 15.55 -78.89
CA PHE AB 87 37.02 15.83 -80.07
C PHE AB 87 36.40 16.82 -81.04
N ASP AB 88 35.09 17.08 -80.92
CA ASP AB 88 34.36 18.08 -81.71
C ASP AB 88 34.46 17.77 -83.20
N GLY AB 89 34.31 16.48 -83.51
CA GLY AB 89 34.32 16.04 -84.89
C GLY AB 89 33.11 15.15 -85.12
N TYR AB 90 33.04 14.61 -86.32
CA TYR AB 90 31.95 13.74 -86.74
C TYR AB 90 32.48 12.32 -86.85
N LEU AB 91 32.14 11.49 -85.86
CA LEU AB 91 32.79 10.19 -85.69
C LEU AB 91 32.46 9.22 -86.83
N SER AB 92 31.20 8.90 -87.01
CA SER AB 92 30.85 7.92 -88.01
C SER AB 92 30.14 8.63 -89.15
N PRO AB 93 30.73 8.67 -90.35
CA PRO AB 93 29.96 9.16 -91.49
C PRO AB 93 28.86 8.20 -91.92
N SER AB 94 29.00 6.92 -91.58
CA SER AB 94 27.98 5.95 -91.96
C SER AB 94 26.86 5.89 -90.94
N ASN AB 95 27.19 5.63 -89.69
CA ASN AB 95 26.20 5.43 -88.63
C ASN AB 95 25.71 6.73 -88.04
N ASN AB 96 26.27 7.86 -88.49
CA ASN AB 96 25.88 9.22 -88.09
C ASN AB 96 26.01 9.43 -86.59
N LEU AB 97 27.14 8.99 -86.04
CA LEU AB 97 27.49 9.27 -84.65
C LEU AB 97 28.42 10.47 -84.64
N LYS AB 98 28.11 11.47 -83.82
CA LYS AB 98 29.11 12.43 -83.44
C LYS AB 98 29.83 11.96 -82.19
N PHE AB 99 30.95 12.60 -81.89
CA PHE AB 99 31.65 12.29 -80.64
C PHE AB 99 30.86 12.78 -79.44
N SER AB 100 30.06 13.83 -79.62
CA SER AB 100 29.26 14.34 -78.51
C SER AB 100 28.02 13.48 -78.28
N ASP AB 101 27.66 12.65 -79.26
CA ASP AB 101 26.46 11.83 -79.13
C ASP AB 101 26.70 10.60 -78.25
N ILE AB 102 27.95 10.23 -78.02
CA ILE AB 102 28.25 9.03 -77.25
C ILE AB 102 28.06 9.35 -75.76
N PRO AB 103 27.37 8.51 -75.01
CA PRO AB 103 27.20 8.75 -73.57
C PRO AB 103 28.52 8.66 -72.83
N THR AB 104 28.57 9.35 -71.70
CA THR AB 104 29.82 9.50 -70.96
C THR AB 104 29.96 8.52 -69.81
N GLY AB 105 28.89 7.81 -69.45
CA GLY AB 105 28.96 6.89 -68.34
C GLY AB 105 29.47 5.52 -68.73
N VAL AB 106 28.79 4.49 -68.27
CA VAL AB 106 29.16 3.12 -68.62
C VAL AB 106 28.82 2.81 -70.08
N ASP AB 107 27.78 3.43 -70.62
CA ASP AB 107 27.24 3.07 -71.92
C ASP AB 107 27.99 3.75 -73.07
N GLY AB 108 29.24 4.15 -72.86
CA GLY AB 108 29.99 4.77 -73.94
C GLY AB 108 30.43 3.77 -74.99
N ILE AB 109 30.98 2.63 -74.55
CA ILE AB 109 31.46 1.62 -75.50
C ILE AB 109 30.30 0.95 -76.21
N ARG AB 110 29.15 0.84 -75.54
CA ARG AB 110 27.99 0.24 -76.16
C ARG AB 110 27.40 1.09 -77.27
N ALA AB 111 27.75 2.38 -77.32
CA ALA AB 111 27.38 3.24 -78.44
C ALA AB 111 28.36 3.15 -79.60
N ILE AB 112 29.58 2.68 -79.35
CA ILE AB 112 30.56 2.51 -80.42
C ILE AB 112 30.12 1.37 -81.34
N PRO AB 113 30.10 1.58 -82.66
CA PRO AB 113 29.70 0.49 -83.55
C PRO AB 113 30.74 -0.61 -83.60
N THR AB 114 30.29 -1.79 -84.05
CA THR AB 114 31.12 -2.98 -84.01
C THR AB 114 32.26 -2.93 -85.00
N ALA AB 115 32.17 -2.10 -86.03
CA ALA AB 115 33.32 -1.91 -86.91
C ALA AB 115 34.41 -1.11 -86.23
N GLY AB 116 34.05 -0.28 -85.27
CA GLY AB 116 35.03 0.46 -84.50
C GLY AB 116 35.59 -0.37 -83.37
N LEU AB 117 34.76 -1.25 -82.82
CA LEU AB 117 35.25 -2.20 -81.83
C LEU AB 117 36.19 -3.22 -82.45
N ALA AB 118 36.01 -3.50 -83.74
CA ALA AB 118 36.95 -4.38 -84.42
C ALA AB 118 38.28 -3.69 -84.66
N GLN AB 119 38.28 -2.37 -84.86
CA GLN AB 119 39.53 -1.65 -85.05
C GLN AB 119 40.33 -1.56 -83.76
N ILE AB 120 39.65 -1.49 -82.62
CA ILE AB 120 40.35 -1.42 -81.34
C ILE AB 120 40.96 -2.77 -80.99
N LEU AB 121 40.18 -3.84 -81.13
CA LEU AB 121 40.66 -5.16 -80.76
C LEU AB 121 41.75 -5.65 -81.69
N ALA AB 122 41.73 -5.24 -82.95
CA ALA AB 122 42.80 -5.62 -83.85
C ALA AB 122 44.08 -4.85 -83.54
N PHE AB 123 43.94 -3.66 -82.96
CA PHE AB 123 45.12 -2.85 -82.67
C PHE AB 123 45.79 -3.32 -81.38
N PHE AB 124 45.02 -3.47 -80.31
CA PHE AB 124 45.65 -3.84 -79.04
C PHE AB 124 45.98 -5.32 -78.98
N ALA AB 125 45.53 -6.10 -79.94
CA ALA AB 125 46.13 -7.42 -80.10
C ALA AB 125 47.56 -7.30 -80.58
N LEU AB 126 47.85 -6.29 -81.39
CA LEU AB 126 49.21 -6.11 -81.85
C LEU AB 126 50.04 -5.44 -80.77
N VAL AB 127 49.41 -4.68 -79.89
CA VAL AB 127 50.14 -4.10 -78.78
C VAL AB 127 50.43 -5.14 -77.72
N GLU AB 128 49.40 -5.84 -77.25
CA GLU AB 128 49.55 -6.59 -76.02
C GLU AB 128 50.16 -7.96 -76.27
N LEU AB 129 50.29 -8.37 -77.53
CA LEU AB 129 50.99 -9.61 -77.85
C LEU AB 129 52.37 -9.37 -78.41
N ALA AB 130 52.50 -8.42 -79.34
CA ALA AB 130 53.73 -8.27 -80.11
C ALA AB 130 54.65 -7.21 -79.54
N TRP AB 131 54.19 -5.96 -79.50
CA TRP AB 131 55.07 -4.85 -79.17
C TRP AB 131 55.32 -4.74 -77.67
N MET AB 132 54.26 -4.73 -76.89
CA MET AB 132 54.35 -4.70 -75.43
C MET AB 132 53.70 -5.99 -74.93
N PRO AB 133 54.42 -7.10 -74.96
CA PRO AB 133 53.78 -8.40 -74.70
C PRO AB 133 53.46 -8.57 -73.23
N ALA AB 134 52.19 -8.90 -72.96
CA ALA AB 134 51.72 -9.08 -71.60
C ALA AB 134 52.30 -10.31 -70.93
N SER AB 135 52.85 -11.25 -71.71
CA SER AB 135 53.54 -12.39 -71.12
C SER AB 135 54.86 -12.00 -70.48
N LYS AB 136 55.39 -10.82 -70.79
CA LYS AB 136 56.60 -10.33 -70.14
C LYS AB 136 56.23 -9.86 -68.74
N TYR AB 137 56.51 -10.70 -67.74
CA TYR AB 137 56.07 -10.42 -66.38
C TYR AB 137 56.91 -9.37 -65.67
N ASP AB 138 57.95 -8.84 -66.31
CA ASP AB 138 58.71 -7.77 -65.68
C ASP AB 138 57.97 -6.44 -65.82
N GLY AB 139 57.28 -6.24 -66.93
CA GLY AB 139 56.52 -5.03 -67.15
C GLY AB 139 57.34 -3.83 -67.59
N ASP AB 140 58.63 -4.00 -67.83
CA ASP AB 140 59.55 -2.91 -68.12
C ASP AB 140 59.84 -2.79 -69.60
N TYR AB 141 58.79 -2.90 -70.41
CA TYR AB 141 58.78 -3.27 -71.82
C TYR AB 141 59.83 -2.60 -72.70
N GLY AB 142 59.70 -1.30 -72.93
CA GLY AB 142 60.81 -0.63 -73.56
C GLY AB 142 61.17 0.72 -72.98
N VAL AB 143 60.19 1.35 -72.34
CA VAL AB 143 60.19 2.78 -72.15
C VAL AB 143 60.47 3.09 -70.69
N GLY AB 144 61.37 4.02 -70.44
CA GLY AB 144 61.61 4.49 -69.10
C GLY AB 144 60.50 5.40 -68.62
N TYR AB 145 60.73 5.97 -67.45
CA TYR AB 145 59.82 6.98 -66.94
C TYR AB 145 60.06 8.23 -67.76
N PHE AB 146 59.17 8.47 -68.72
CA PHE AB 146 59.31 9.49 -69.77
C PHE AB 146 60.61 9.29 -70.53
N GLY AB 147 60.77 8.10 -71.09
CA GLY AB 147 61.85 7.82 -72.01
C GLY AB 147 63.18 7.49 -71.38
N THR AB 148 63.43 7.90 -70.14
CA THR AB 148 64.69 7.66 -69.47
C THR AB 148 64.46 6.76 -68.27
N ASP AB 149 65.41 5.87 -68.01
CA ASP AB 149 65.33 5.10 -66.79
C ASP AB 149 65.79 5.95 -65.60
N ILE AB 150 65.66 5.38 -64.41
CA ILE AB 150 66.01 6.06 -63.18
C ILE AB 150 67.19 5.31 -62.60
N LYS AB 151 68.39 5.87 -62.78
CA LYS AB 151 69.62 5.17 -62.38
C LYS AB 151 69.82 5.13 -60.88
N ASP AB 152 69.23 6.05 -60.13
CA ASP AB 152 69.32 6.04 -58.68
C ASP AB 152 68.47 4.90 -58.15
N PRO AB 153 69.05 3.91 -57.44
CA PRO AB 153 68.26 2.73 -57.04
C PRO AB 153 67.17 3.02 -56.03
N GLU AB 154 67.35 4.05 -55.20
CA GLU AB 154 66.30 4.40 -54.25
C GLU AB 154 65.15 5.10 -54.96
N GLU AB 155 65.45 5.94 -55.95
CA GLU AB 155 64.39 6.68 -56.62
C GLU AB 155 63.69 5.80 -57.65
N LYS AB 156 64.40 4.83 -58.22
CA LYS AB 156 63.74 3.88 -59.10
C LYS AB 156 62.84 2.96 -58.29
N ALA AB 157 63.24 2.60 -57.08
CA ALA AB 157 62.40 1.84 -56.18
C ALA AB 157 61.44 2.72 -55.41
N ARG AB 158 61.51 4.03 -55.60
CA ARG AB 158 60.46 4.89 -55.12
C ARG AB 158 59.28 4.91 -56.07
N LYS AB 159 59.49 5.29 -57.32
CA LYS AB 159 58.39 5.52 -58.25
C LYS AB 159 57.70 4.25 -58.70
N LEU AB 160 58.33 3.10 -58.53
CA LEU AB 160 57.62 1.84 -58.71
C LEU AB 160 56.58 1.60 -57.63
N ASN AB 161 56.82 2.03 -56.39
CA ASN AB 161 55.75 2.10 -55.40
C ASN AB 161 54.67 3.08 -55.82
N VAL AB 162 55.05 4.14 -56.50
CA VAL AB 162 54.10 5.18 -56.86
C VAL AB 162 53.22 4.72 -58.02
N GLU AB 163 53.78 3.96 -58.95
CA GLU AB 163 52.94 3.36 -59.99
C GLU AB 163 52.00 2.33 -59.40
N LEU AB 164 52.40 1.66 -58.33
CA LEU AB 164 51.48 0.73 -57.68
C LEU AB 164 50.42 1.46 -56.86
N ASN AB 165 50.81 2.45 -56.07
CA ASN AB 165 49.84 3.02 -55.13
C ASN AB 165 48.83 3.92 -55.82
N ASN AB 166 49.28 4.75 -56.79
CA ASN AB 166 48.32 5.39 -57.69
C ASN AB 166 47.58 4.35 -58.52
N GLY AB 167 48.19 3.19 -58.76
CA GLY AB 167 47.50 2.14 -59.48
C GLY AB 167 46.48 1.39 -58.65
N ARG AB 168 46.81 1.12 -57.39
CA ARG AB 168 45.87 0.45 -56.50
C ARG AB 168 44.68 1.33 -56.20
N ALA AB 169 44.91 2.63 -56.01
CA ALA AB 169 43.83 3.55 -55.73
C ALA AB 169 42.95 3.77 -56.95
N ALA AB 170 43.49 3.57 -58.15
CA ALA AB 170 42.67 3.75 -59.34
C ALA AB 170 41.75 2.57 -59.59
N MET AB 171 42.14 1.38 -59.13
CA MET AB 171 41.24 0.24 -59.23
C MET AB 171 40.02 0.43 -58.34
N MET AB 172 40.24 0.96 -57.13
CA MET AB 172 39.15 1.28 -56.23
C MET AB 172 38.39 2.51 -56.66
N GLY AB 173 38.91 3.28 -57.61
CA GLY AB 173 38.22 4.45 -58.08
C GLY AB 173 37.26 4.16 -59.22
N ILE AB 174 37.65 3.24 -60.11
CA ILE AB 174 36.77 2.86 -61.21
C ILE AB 174 35.58 2.06 -60.69
N MET AB 175 35.82 1.20 -59.70
CA MET AB 175 34.70 0.53 -59.04
C MET AB 175 33.82 1.51 -58.28
N GLY AB 176 34.39 2.63 -57.84
CA GLY AB 176 33.57 3.70 -57.29
C GLY AB 176 32.76 4.42 -58.33
N ASN AB 177 33.20 4.41 -59.60
CA ASN AB 177 32.40 4.97 -60.68
C ASN AB 177 31.38 3.98 -61.20
N MET AB 178 31.81 2.79 -61.60
CA MET AB 178 30.94 1.89 -62.34
C MET AB 178 29.81 1.33 -61.49
N VAL AB 179 29.94 1.39 -60.17
CA VAL AB 179 28.84 1.02 -59.29
C VAL AB 179 27.93 2.21 -59.02
N ALA AB 180 28.50 3.37 -58.74
CA ALA AB 180 27.68 4.55 -58.49
C ALA AB 180 27.12 5.19 -59.76
N GLU AB 181 27.47 4.68 -60.94
CA GLU AB 181 26.80 5.09 -62.17
C GLU AB 181 25.69 4.15 -62.58
N VAL AB 182 25.62 2.97 -61.98
CA VAL AB 182 24.52 2.04 -62.22
C VAL AB 182 23.46 2.14 -61.13
N LEU AB 183 23.88 2.27 -59.87
CA LEU AB 183 22.90 2.37 -58.79
C LEU AB 183 22.20 3.72 -58.81
N THR AB 184 22.93 4.80 -59.04
CA THR AB 184 22.26 6.08 -59.24
C THR AB 184 21.65 6.21 -60.62
N GLY AB 185 22.08 5.37 -61.56
CA GLY AB 185 21.53 5.39 -62.90
C GLY AB 185 21.88 6.60 -63.72
N GLN AB 186 22.88 7.36 -63.31
CA GLN AB 186 23.26 8.60 -63.98
C GLN AB 186 24.74 8.53 -64.34
N THR AB 187 25.19 9.52 -65.11
CA THR AB 187 26.61 9.67 -65.34
C THR AB 187 27.23 10.36 -64.12
N MET AB 188 28.55 10.55 -64.16
CA MET AB 188 29.17 11.30 -63.08
C MET AB 188 28.84 12.77 -63.18
N TYR AB 189 28.69 13.28 -64.40
CA TYR AB 189 28.37 14.68 -64.60
C TYR AB 189 26.97 15.02 -64.11
N GLU AB 190 26.02 14.09 -64.23
CA GLU AB 190 24.67 14.35 -63.78
C GLU AB 190 24.52 14.27 -62.27
N GLN AB 191 25.40 13.56 -61.58
CA GLN AB 191 25.32 13.48 -60.13
C GLN AB 191 25.73 14.79 -59.50
N TYR AB 192 26.82 15.37 -59.97
CA TYR AB 192 27.27 16.65 -59.43
C TYR AB 192 26.40 17.80 -59.91
N ALA AB 193 25.75 17.66 -61.06
CA ALA AB 193 24.85 18.70 -61.53
C ALA AB 193 23.56 18.71 -60.73
N SER AB 194 22.94 17.56 -60.55
CA SER AB 194 21.69 17.47 -59.82
C SER AB 194 21.87 17.54 -58.32
N GLY AB 195 23.11 17.51 -57.84
CA GLY AB 195 23.33 17.52 -56.40
C GLY AB 195 22.96 16.20 -55.75
N HIS AB 196 23.20 15.09 -56.45
CA HIS AB 196 22.90 13.77 -55.92
C HIS AB 196 24.11 13.15 -55.24
N ILE AB 197 24.93 14.00 -54.60
CA ILE AB 197 26.11 13.55 -53.88
C ILE AB 197 25.73 12.73 -52.67
N SER AB 198 24.56 13.02 -52.09
CA SER AB 198 24.08 12.26 -50.94
C SER AB 198 23.67 10.86 -51.38
N PRO AB 199 23.99 9.83 -50.59
CA PRO AB 199 23.66 8.46 -50.99
C PRO AB 199 22.21 8.08 -50.75
N PHE AB 200 21.56 7.55 -51.78
CA PHE AB 200 20.20 7.05 -51.65
C PHE AB 200 20.18 5.72 -50.92
N GLY AB 201 21.17 4.86 -51.19
CA GLY AB 201 21.32 3.61 -50.47
C GLY AB 201 22.41 3.73 -49.42
N ASP AB 202 23.60 3.24 -49.74
CA ASP AB 202 24.76 3.45 -48.88
C ASP AB 202 25.93 3.79 -49.79
N GLY AB 203 26.91 4.49 -49.24
CA GLY AB 203 28.10 4.84 -49.99
C GLY AB 203 29.28 5.06 -49.08
N GLN AB 204 30.39 4.40 -49.40
CA GLN AB 204 31.60 4.48 -48.61
C GLN AB 204 32.71 5.05 -49.48
N GLY AB 205 33.16 6.24 -49.13
CA GLY AB 205 34.23 6.90 -49.84
C GLY AB 205 35.31 7.41 -48.90
N VAL AB 206 36.33 8.05 -49.45
CA VAL AB 206 37.40 8.61 -48.63
C VAL AB 206 37.26 10.14 -48.56
N SER BB 31 75.49 19.41 -45.16
CA SER BB 31 75.31 19.93 -43.82
C SER BB 31 74.21 20.99 -43.80
N GLU BB 32 73.27 20.85 -42.87
CA GLU BB 32 72.13 21.76 -42.85
C GLU BB 32 72.49 23.10 -42.23
N ILE BB 33 73.63 23.19 -41.56
CA ILE BB 33 74.08 24.45 -41.00
C ILE BB 33 74.48 25.42 -42.10
N GLU BB 34 75.11 24.90 -43.15
CA GLU BB 34 75.63 25.77 -44.20
C GLU BB 34 74.56 26.14 -45.23
N LEU BB 35 73.31 25.69 -45.06
CA LEU BB 35 72.34 25.88 -46.12
C LEU BB 35 71.66 27.24 -46.05
N GLY BB 36 71.71 27.88 -44.88
CA GLY BB 36 71.06 29.18 -44.77
C GLY BB 36 71.97 30.32 -45.15
N VAL BB 37 73.27 30.06 -45.23
CA VAL BB 37 74.25 31.12 -45.41
C VAL BB 37 74.29 31.54 -46.88
N THR BB 38 74.12 32.84 -47.11
CA THR BB 38 74.27 33.39 -48.45
C THR BB 38 75.31 34.50 -48.33
N GLU BB 39 75.66 35.17 -49.43
CA GLU BB 39 76.77 36.10 -49.49
C GLU BB 39 76.67 37.39 -48.66
N PRO BB 40 75.59 38.23 -48.76
CA PRO BB 40 75.70 39.57 -48.17
C PRO BB 40 75.71 39.60 -46.65
N LEU BB 41 75.09 38.61 -46.01
CA LEU BB 41 75.07 38.61 -44.55
C LEU BB 41 75.92 37.50 -43.97
N GLY BB 42 76.03 36.37 -44.67
CA GLY BB 42 76.76 35.26 -44.09
C GLY BB 42 75.95 34.59 -43.00
N VAL BB 43 76.66 34.07 -42.00
CA VAL BB 43 76.02 33.52 -40.81
C VAL BB 43 75.43 34.68 -40.03
N TYR BB 44 74.11 34.80 -40.01
CA TYR BB 44 73.46 35.97 -39.45
C TYR BB 44 72.53 35.54 -38.32
N ASP BB 45 72.89 35.91 -37.09
CA ASP BB 45 71.99 35.75 -35.96
C ASP BB 45 72.27 36.80 -34.89
N PRO BB 46 71.43 37.82 -34.80
CA PRO BB 46 71.59 38.80 -33.72
C PRO BB 46 71.25 38.22 -32.36
N LEU BB 47 70.31 37.29 -32.30
CA LEU BB 47 69.95 36.68 -31.03
C LEU BB 47 70.99 35.65 -30.61
N GLY BB 48 71.66 35.04 -31.58
CA GLY BB 48 72.70 34.09 -31.29
C GLY BB 48 72.23 32.74 -30.82
N TRP BB 49 71.15 32.20 -31.39
CA TRP BB 49 70.66 30.89 -30.96
C TRP BB 49 71.51 29.76 -31.52
N LEU BB 50 72.39 30.06 -32.47
CA LEU BB 50 73.25 29.02 -33.02
C LEU BB 50 74.26 28.52 -32.00
N GLU BB 51 74.68 29.40 -31.09
CA GLU BB 51 75.64 29.00 -30.08
C GLU BB 51 74.95 28.69 -28.75
N SER BB 52 73.85 29.39 -28.46
CA SER BB 52 73.20 29.21 -27.17
C SER BB 52 72.41 27.90 -27.13
N GLU BB 53 71.50 27.69 -28.08
CA GLU BB 53 70.67 26.49 -28.13
C GLU BB 53 70.87 25.82 -29.50
N PRO BB 54 71.93 25.02 -29.64
CA PRO BB 54 72.17 24.38 -30.94
C PRO BB 54 71.30 23.15 -31.16
N GLU BB 55 70.64 22.69 -30.11
CA GLU BB 55 69.79 21.51 -30.23
C GLU BB 55 68.49 21.84 -30.93
N ALA BB 56 68.05 23.10 -30.85
CA ALA BB 56 66.78 23.47 -31.45
C ALA BB 56 66.89 23.67 -32.96
N PHE BB 57 68.12 23.83 -33.46
CA PHE BB 57 68.41 24.20 -34.83
C PHE BB 57 67.85 23.23 -35.86
N GLU BB 58 67.77 21.95 -35.51
CA GLU BB 58 67.21 20.96 -36.43
C GLU BB 58 65.71 21.17 -36.59
N ARG BB 59 65.05 21.71 -35.57
CA ARG BB 59 63.65 22.09 -35.73
C ARG BB 59 63.53 23.46 -36.38
N ARG BB 60 64.37 24.41 -35.95
CA ARG BB 60 64.26 25.80 -36.39
C ARG BB 60 64.51 25.93 -37.89
N ARG BB 61 65.42 25.12 -38.42
CA ARG BB 61 65.62 25.09 -39.87
C ARG BB 61 64.40 24.47 -40.54
N ALA BB 62 63.82 23.44 -39.94
CA ALA BB 62 62.66 22.80 -40.53
C ALA BB 62 61.40 23.61 -40.32
N VAL BB 63 61.50 24.74 -39.61
CA VAL BB 63 60.38 25.68 -39.59
C VAL BB 63 60.62 26.83 -40.55
N GLU BB 64 61.87 27.27 -40.68
CA GLU BB 64 62.19 28.34 -41.64
C GLU BB 64 61.99 27.86 -43.08
N ARG BB 65 62.20 26.56 -43.34
CA ARG BB 65 61.74 26.01 -44.60
C ARG BB 65 60.21 25.97 -44.65
N LYS BB 66 59.57 25.66 -43.53
CA LYS BB 66 58.16 25.35 -43.56
C LYS BB 66 57.32 26.60 -43.71
N HIS BB 67 57.60 27.63 -42.91
CA HIS BB 67 56.98 28.93 -43.12
C HIS BB 67 57.40 29.52 -44.46
N GLY BB 68 58.55 29.12 -44.97
CA GLY BB 68 58.95 29.57 -46.29
C GLY BB 68 58.07 29.01 -47.38
N ARG BB 69 57.90 27.68 -47.39
CA ARG BB 69 57.17 27.02 -48.46
C ARG BB 69 55.69 27.40 -48.46
N VAL BB 70 55.15 27.75 -47.31
CA VAL BB 70 53.79 28.23 -47.27
C VAL BB 70 53.72 29.67 -47.79
N ALA BB 71 54.74 30.47 -47.49
CA ALA BB 71 54.70 31.86 -47.92
C ALA BB 71 54.94 31.98 -49.42
N MET BB 72 55.78 31.11 -49.98
CA MET BB 72 56.05 31.14 -51.42
C MET BB 72 54.82 30.76 -52.22
N ALA BB 73 54.02 29.84 -51.71
CA ALA BB 73 52.77 29.48 -52.36
C ALA BB 73 51.65 30.44 -52.04
N ALA BB 74 51.91 31.44 -51.21
CA ALA BB 74 50.90 32.45 -50.89
C ALA BB 74 51.11 33.74 -51.66
N VAL BB 75 52.36 34.09 -51.97
CA VAL BB 75 52.61 35.26 -52.80
C VAL BB 75 52.07 35.03 -54.21
N VAL BB 76 52.32 33.84 -54.75
CA VAL BB 76 51.73 33.45 -56.02
C VAL BB 76 50.22 33.37 -55.89
N GLY BB 77 49.74 32.96 -54.73
CA GLY BB 77 48.30 33.00 -54.48
C GLY BB 77 47.78 34.42 -54.33
N THR BB 78 48.65 35.37 -54.01
CA THR BB 78 48.20 36.75 -53.97
C THR BB 78 48.12 37.33 -55.38
N ILE BB 79 49.08 36.97 -56.22
CA ILE BB 79 49.19 37.55 -57.55
C ILE BB 79 48.11 37.00 -58.47
N VAL BB 80 47.92 35.68 -58.45
CA VAL BB 80 46.96 35.03 -59.34
C VAL BB 80 45.54 35.43 -58.97
N HIS BB 81 45.26 35.61 -57.68
CA HIS BB 81 43.94 36.05 -57.28
C HIS BB 81 43.70 37.52 -57.65
N ASN BB 82 44.77 38.31 -57.79
CA ASN BB 82 44.62 39.73 -58.09
C ASN BB 82 44.76 40.06 -59.57
N ASN BB 83 45.23 39.11 -60.40
CA ASN BB 83 45.11 39.27 -61.84
C ASN BB 83 43.75 38.84 -62.37
N HIS BB 84 42.83 38.50 -61.47
CA HIS BB 84 41.49 38.00 -61.78
C HIS BB 84 41.56 36.73 -62.64
N ILE BB 85 42.59 35.92 -62.39
CA ILE BB 85 42.66 34.58 -62.98
C ILE BB 85 41.73 33.72 -62.13
N VAL BB 86 40.52 33.50 -62.63
CA VAL BB 86 39.44 32.88 -61.89
C VAL BB 86 39.08 31.60 -62.63
N PHE BB 87 38.66 30.57 -61.90
CA PHE BB 87 38.29 29.30 -62.51
C PHE BB 87 37.10 29.38 -63.45
N ASP BB 88 36.32 30.46 -63.38
CA ASP BB 88 35.19 30.73 -64.27
C ASP BB 88 34.14 29.62 -64.19
N GLY BB 89 33.90 29.18 -62.97
CA GLY BB 89 32.88 28.17 -62.71
C GLY BB 89 31.97 28.64 -61.61
N TYR BB 90 31.05 27.77 -61.23
CA TYR BB 90 30.06 28.06 -60.20
C TYR BB 90 30.42 27.24 -58.97
N LEU BB 91 30.98 27.90 -57.95
CA LEU BB 91 31.60 27.20 -56.83
C LEU BB 91 30.59 26.44 -55.98
N SER BB 92 29.65 27.15 -55.40
CA SER BB 92 28.71 26.49 -54.50
C SER BB 92 27.35 26.44 -55.16
N PRO BB 93 26.83 25.26 -55.51
CA PRO BB 93 25.44 25.21 -55.95
C PRO BB 93 24.46 25.46 -54.83
N SER BB 94 24.88 25.24 -53.58
CA SER BB 94 23.97 25.47 -52.46
C SER BB 94 24.00 26.91 -52.00
N ASN BB 95 25.18 27.42 -51.65
CA ASN BB 95 25.33 28.76 -51.11
C ASN BB 95 25.38 29.84 -52.17
N ASN BB 96 25.34 29.44 -53.44
CA ASN BB 96 25.31 30.34 -54.60
C ASN BB 96 26.51 31.27 -54.64
N LEU BB 97 27.69 30.71 -54.41
CA LEU BB 97 28.95 31.43 -54.58
C LEU BB 97 29.51 31.08 -55.94
N LYS BB 98 29.86 32.10 -56.71
CA LYS BB 98 30.74 31.87 -57.84
C LYS BB 98 32.18 32.05 -57.38
N PHE BB 99 33.12 31.62 -58.22
CA PHE BB 99 34.52 31.83 -57.92
C PHE BB 99 34.88 33.31 -58.05
N SER BB 100 34.16 34.04 -58.88
CA SER BB 100 34.44 35.46 -59.05
C SER BB 100 33.85 36.27 -57.90
N ASP BB 101 32.92 35.68 -57.15
CA ASP BB 101 32.28 36.41 -56.05
C ASP BB 101 33.16 36.49 -54.82
N ILE BB 102 34.17 35.63 -54.72
CA ILE BB 102 35.02 35.61 -53.53
C ILE BB 102 35.99 36.79 -53.60
N PRO BB 103 36.15 37.55 -52.52
CA PRO BB 103 37.10 38.66 -52.52
C PRO BB 103 38.54 38.18 -52.66
N THR BB 104 39.38 39.05 -53.18
CA THR BB 104 40.75 38.68 -53.52
C THR BB 104 41.76 39.07 -52.45
N GLY BB 105 41.37 39.87 -51.47
CA GLY BB 105 42.30 40.30 -50.46
C GLY BB 105 42.42 39.31 -49.31
N VAL BB 106 42.36 39.83 -48.09
CA VAL BB 106 42.44 38.98 -46.91
C VAL BB 106 41.13 38.20 -46.72
N ASP BB 107 40.01 38.77 -47.16
CA ASP BB 107 38.69 38.21 -46.85
C ASP BB 107 38.28 37.11 -47.82
N GLY BB 108 39.24 36.44 -48.47
CA GLY BB 108 38.89 35.37 -49.39
C GLY BB 108 38.46 34.12 -48.68
N ILE BB 109 39.20 33.72 -47.64
CA ILE BB 109 38.87 32.49 -46.92
C ILE BB 109 37.60 32.68 -46.09
N ARG BB 110 37.35 33.91 -45.63
CA ARG BB 110 36.16 34.18 -44.85
C ARG BB 110 34.90 34.11 -45.69
N ALA BB 111 35.01 34.17 -47.02
CA ALA BB 111 33.88 33.93 -47.91
C ALA BB 111 33.67 32.46 -48.21
N ILE BB 112 34.67 31.63 -48.00
CA ILE BB 112 34.53 30.18 -48.22
C ILE BB 112 33.61 29.61 -47.14
N PRO BB 113 32.60 28.82 -47.51
CA PRO BB 113 31.72 28.24 -46.49
C PRO BB 113 32.43 27.18 -45.68
N THR BB 114 31.87 26.90 -44.50
CA THR BB 114 32.52 26.02 -43.54
C THR BB 114 32.52 24.56 -43.98
N ALA BB 115 31.63 24.19 -44.90
CA ALA BB 115 31.72 22.85 -45.47
C ALA BB 115 32.90 22.72 -46.41
N GLY BB 116 33.34 23.82 -46.99
CA GLY BB 116 34.52 23.80 -47.82
C GLY BB 116 35.79 23.92 -47.02
N LEU BB 117 35.71 24.63 -45.89
CA LEU BB 117 36.82 24.67 -44.97
C LEU BB 117 37.03 23.33 -44.29
N ALA BB 118 35.97 22.55 -44.14
CA ALA BB 118 36.11 21.21 -43.61
C ALA BB 118 36.77 20.27 -44.62
N GLN BB 119 36.55 20.50 -45.91
CA GLN BB 119 37.19 19.67 -46.92
C GLN BB 119 38.68 19.96 -47.03
N ILE BB 120 39.09 21.20 -46.78
CA ILE BB 120 40.51 21.55 -46.85
C ILE BB 120 41.24 20.98 -45.65
N LEU BB 121 40.69 21.17 -44.45
CA LEU BB 121 41.35 20.72 -43.24
C LEU BB 121 41.40 19.21 -43.14
N ALA BB 122 40.41 18.51 -43.71
CA ALA BB 122 40.47 17.06 -43.70
C ALA BB 122 41.49 16.55 -44.70
N PHE BB 123 41.77 17.33 -45.74
CA PHE BB 123 42.72 16.90 -46.76
C PHE BB 123 44.15 17.13 -46.30
N PHE BB 124 44.47 18.33 -45.82
CA PHE BB 124 45.85 18.61 -45.46
C PHE BB 124 46.21 18.02 -44.10
N ALA BB 125 45.23 17.50 -43.37
CA ALA BB 125 45.57 16.63 -42.26
C ALA BB 125 46.15 15.33 -42.77
N LEU BB 126 45.67 14.87 -43.92
CA LEU BB 126 46.21 13.64 -44.49
C LEU BB 126 47.53 13.91 -45.17
N VAL BB 127 47.74 15.14 -45.64
CA VAL BB 127 49.02 15.49 -46.23
C VAL BB 127 50.06 15.69 -45.15
N GLU BB 128 49.77 16.54 -44.16
CA GLU BB 128 50.84 17.05 -43.32
C GLU BB 128 51.13 16.08 -42.17
N LEU BB 129 50.30 15.07 -41.97
CA LEU BB 129 50.59 14.04 -40.99
C LEU BB 129 51.06 12.74 -41.62
N ALA BB 130 50.39 12.30 -42.68
CA ALA BB 130 50.62 10.97 -43.21
C ALA BB 130 51.60 10.96 -44.39
N TRP BB 131 51.25 11.64 -45.47
CA TRP BB 131 52.01 11.51 -46.70
C TRP BB 131 53.29 12.33 -46.67
N MET BB 132 53.19 13.61 -46.33
CA MET BB 132 54.32 14.49 -46.19
C MET BB 132 54.36 14.94 -44.73
N PRO BB 133 54.87 14.10 -43.83
CA PRO BB 133 54.72 14.39 -42.39
C PRO BB 133 55.62 15.54 -41.96
N ALA BB 134 55.01 16.52 -41.30
CA ALA BB 134 55.74 17.70 -40.84
C ALA BB 134 56.68 17.37 -39.70
N SER BB 135 56.51 16.24 -39.03
CA SER BB 135 57.47 15.83 -38.02
C SER BB 135 58.80 15.40 -38.61
N LYS BB 136 58.85 15.14 -39.92
CA LYS BB 136 60.11 14.82 -40.58
C LYS BB 136 60.89 16.11 -40.76
N TYR BB 137 61.87 16.34 -39.90
CA TYR BB 137 62.59 17.60 -39.87
C TYR BB 137 63.61 17.73 -40.98
N ASP BB 138 63.79 16.72 -41.82
CA ASP BB 138 64.70 16.87 -42.96
C ASP BB 138 64.04 17.66 -44.08
N GLY BB 139 62.73 17.49 -44.25
CA GLY BB 139 62.00 18.21 -45.27
C GLY BB 139 62.14 17.66 -46.67
N ASP BB 140 62.81 16.53 -46.84
CA ASP BB 140 63.14 15.97 -48.15
C ASP BB 140 62.22 14.83 -48.53
N TYR BB 141 60.93 15.03 -48.28
CA TYR BB 141 59.88 14.03 -48.12
C TYR BB 141 59.87 12.89 -49.12
N GLY BB 142 59.55 13.16 -50.37
CA GLY BB 142 59.76 12.14 -51.36
C GLY BB 142 60.36 12.63 -52.66
N VAL BB 143 60.17 13.90 -52.95
CA VAL BB 143 60.22 14.40 -54.33
C VAL BB 143 61.48 15.23 -54.48
N GLY BB 144 62.21 14.99 -55.56
CA GLY BB 144 63.35 15.81 -55.89
C GLY BB 144 62.93 17.15 -56.45
N TYR BB 145 63.92 17.89 -56.89
CA TYR BB 145 63.65 19.15 -57.58
C TYR BB 145 63.12 18.77 -58.96
N PHE BB 146 61.80 18.85 -59.10
CA PHE BB 146 61.05 18.34 -60.25
C PHE BB 146 61.34 16.87 -60.47
N GLY BB 147 61.10 16.08 -59.43
CA GLY BB 147 61.13 14.63 -59.54
C GLY BB 147 62.50 13.99 -59.45
N THR BB 148 63.57 14.73 -59.73
CA THR BB 148 64.92 14.19 -59.71
C THR BB 148 65.72 14.90 -58.64
N ASP BB 149 66.59 14.15 -57.96
CA ASP BB 149 67.50 14.81 -57.05
C ASP BB 149 68.64 15.47 -57.81
N ILE BB 150 69.49 16.18 -57.07
CA ILE BB 150 70.60 16.91 -57.65
C ILE BB 150 71.86 16.23 -57.12
N LYS BB 151 72.48 15.41 -57.96
CA LYS BB 151 73.62 14.61 -57.54
C LYS BB 151 74.88 15.42 -57.34
N ASP BB 152 75.01 16.57 -57.98
CA ASP BB 152 76.16 17.45 -57.80
C ASP BB 152 76.05 18.10 -56.43
N PRO BB 153 77.03 17.88 -55.53
CA PRO BB 153 76.89 18.39 -54.15
C PRO BB 153 76.90 19.90 -54.04
N GLU BB 154 77.59 20.58 -54.96
CA GLU BB 154 77.58 22.03 -54.93
C GLU BB 154 76.26 22.59 -55.43
N GLU BB 155 75.67 21.95 -56.44
CA GLU BB 155 74.42 22.46 -56.99
C GLU BB 155 73.24 22.07 -56.12
N LYS BB 156 73.33 20.93 -55.43
CA LYS BB 156 72.30 20.60 -54.46
C LYS BB 156 72.36 21.52 -53.26
N ALA BB 157 73.56 21.91 -52.85
CA ALA BB 157 73.72 22.90 -51.80
C ALA BB 157 73.61 24.32 -52.32
N ARG BB 158 73.44 24.48 -53.62
CA ARG BB 158 73.06 25.78 -54.15
C ARG BB 158 71.58 26.02 -54.01
N LYS BB 159 70.75 25.15 -54.60
CA LYS BB 159 69.32 25.40 -54.69
C LYS BB 159 68.60 25.27 -53.36
N LEU BB 160 69.22 24.63 -52.37
CA LEU BB 160 68.67 24.68 -51.03
C LEU BB 160 68.81 26.06 -50.40
N ASN BB 161 69.88 26.81 -50.71
CA ASN BB 161 69.91 28.23 -50.39
C ASN BB 161 68.84 29.00 -51.14
N VAL BB 162 68.51 28.56 -52.34
CA VAL BB 162 67.56 29.28 -53.17
C VAL BB 162 66.14 29.05 -52.68
N GLU BB 163 65.84 27.84 -52.19
CA GLU BB 163 64.55 27.60 -51.56
C GLU BB 163 64.43 28.40 -50.27
N LEU BB 164 65.53 28.63 -49.57
CA LEU BB 164 65.47 29.45 -48.39
C LEU BB 164 65.35 30.93 -48.72
N ASN BB 165 66.14 31.43 -49.66
CA ASN BB 165 66.18 32.88 -49.86
C ASN BB 165 64.94 33.39 -50.59
N ASN BB 166 64.47 32.67 -51.61
CA ASN BB 166 63.12 32.94 -52.13
C ASN BB 166 62.06 32.65 -51.07
N GLY BB 167 62.35 31.76 -50.13
CA GLY BB 167 61.42 31.51 -49.04
C GLY BB 167 61.41 32.57 -47.97
N ARG BB 168 62.60 33.09 -47.62
CA ARG BB 168 62.69 34.16 -46.64
C ARG BB 168 62.07 35.44 -47.16
N ALA BB 169 62.29 35.73 -48.45
CA ALA BB 169 61.73 36.94 -49.05
C ALA BB 169 60.23 36.84 -49.21
N ALA BB 170 59.69 35.62 -49.31
CA ALA BB 170 58.25 35.48 -49.45
C ALA BB 170 57.53 35.67 -48.13
N MET BB 171 58.20 35.38 -47.01
CA MET BB 171 57.59 35.65 -45.72
C MET BB 171 57.46 37.15 -45.49
N MET BB 172 58.47 37.91 -45.89
CA MET BB 172 58.42 39.35 -45.83
C MET BB 172 57.52 39.96 -46.89
N GLY BB 173 57.10 39.18 -47.88
CA GLY BB 173 56.23 39.66 -48.91
C GLY BB 173 54.76 39.53 -48.56
N ILE BB 174 54.39 38.44 -47.89
CA ILE BB 174 53.02 38.26 -47.45
C ILE BB 174 52.67 39.24 -46.34
N MET BB 175 53.62 39.48 -45.43
CA MET BB 175 53.42 40.52 -44.43
C MET BB 175 53.35 41.91 -45.07
N GLY BB 176 53.99 42.09 -46.22
CA GLY BB 176 53.81 43.31 -46.98
C GLY BB 176 52.45 43.40 -47.65
N ASN BB 177 51.80 42.27 -47.90
CA ASN BB 177 50.42 42.28 -48.39
C ASN BB 177 49.41 42.42 -47.27
N MET BB 178 49.47 41.53 -46.28
CA MET BB 178 48.39 41.44 -45.29
C MET BB 178 48.32 42.66 -44.39
N VAL BB 179 49.39 43.43 -44.29
CA VAL BB 179 49.35 44.69 -43.57
C VAL BB 179 48.88 45.83 -44.47
N ALA BB 180 49.40 45.91 -45.68
CA ALA BB 180 48.99 46.97 -46.60
C ALA BB 180 47.63 46.72 -47.24
N GLU BB 181 46.99 45.57 -47.00
CA GLU BB 181 45.62 45.37 -47.40
C GLU BB 181 44.63 45.64 -46.28
N VAL BB 182 45.10 45.78 -45.04
CA VAL BB 182 44.25 46.16 -43.93
C VAL BB 182 44.36 47.64 -43.63
N LEU BB 183 45.57 48.19 -43.68
CA LEU BB 183 45.74 49.62 -43.41
C LEU BB 183 45.19 50.47 -44.54
N THR BB 184 45.43 50.09 -45.79
CA THR BB 184 44.77 50.77 -46.88
C THR BB 184 43.32 50.34 -47.05
N GLY BB 185 42.94 49.20 -46.48
CA GLY BB 185 41.58 48.74 -46.55
C GLY BB 185 41.12 48.28 -47.91
N GLN BB 186 42.05 48.02 -48.82
CA GLN BB 186 41.73 47.65 -50.18
C GLN BB 186 42.42 46.33 -50.51
N THR BB 187 42.09 45.78 -51.67
CA THR BB 187 42.85 44.66 -52.18
C THR BB 187 44.13 45.17 -52.83
N MET BB 188 44.96 44.26 -53.32
CA MET BB 188 46.14 44.71 -54.04
C MET BB 188 45.76 45.27 -55.40
N TYR BB 189 44.71 44.72 -56.02
CA TYR BB 189 44.28 45.20 -57.32
C TYR BB 189 43.71 46.60 -57.25
N GLU BB 190 43.05 46.95 -56.15
CA GLU BB 190 42.47 48.28 -56.02
C GLU BB 190 43.51 49.34 -55.72
N GLN BB 191 44.65 48.97 -55.14
CA GLN BB 191 45.70 49.95 -54.85
C GLN BB 191 46.37 50.41 -56.13
N TYR BB 192 46.70 49.48 -57.01
CA TYR BB 192 47.32 49.84 -58.27
C TYR BB 192 46.33 50.46 -59.24
N ALA BB 193 45.05 50.14 -59.10
CA ALA BB 193 44.04 50.75 -59.95
C ALA BB 193 43.80 52.20 -59.56
N SER BB 194 43.58 52.46 -58.28
CA SER BB 194 43.31 53.81 -57.81
C SER BB 194 44.56 54.66 -57.71
N GLY BB 195 45.74 54.09 -57.91
CA GLY BB 195 46.96 54.85 -57.78
C GLY BB 195 47.28 55.19 -56.34
N HIS BB 196 46.97 54.28 -55.42
CA HIS BB 196 47.25 54.48 -54.00
C HIS BB 196 48.59 53.89 -53.61
N ILE BB 197 49.57 53.95 -54.52
CA ILE BB 197 50.90 53.43 -54.28
C ILE BB 197 51.61 54.29 -53.24
N SER BB 198 51.26 55.58 -53.17
CA SER BB 198 51.85 56.45 -52.17
C SER BB 198 51.33 56.10 -50.77
N PRO BB 199 52.18 56.11 -49.76
CA PRO BB 199 51.75 55.72 -48.42
C PRO BB 199 51.00 56.82 -47.68
N PHE BB 200 49.82 56.48 -47.16
CA PHE BB 200 49.05 57.41 -46.33
C PHE BB 200 49.68 57.55 -44.95
N GLY BB 201 50.17 56.44 -44.39
CA GLY BB 201 50.88 56.46 -43.13
C GLY BB 201 52.37 56.39 -43.35
N ASP BB 202 52.95 55.20 -43.22
CA ASP BB 202 54.34 54.98 -43.57
C ASP BB 202 54.41 53.64 -44.29
N GLY BB 203 55.43 53.49 -45.12
CA GLY BB 203 55.63 52.24 -45.84
C GLY BB 203 57.08 52.05 -46.20
N GLN BB 204 57.60 50.86 -45.86
CA GLN BB 204 58.99 50.54 -46.12
C GLN BB 204 59.04 49.34 -47.05
N GLY BB 205 59.52 49.55 -48.26
CA GLY BB 205 59.66 48.50 -49.25
C GLY BB 205 61.04 48.47 -49.86
N VAL BB 206 61.28 47.56 -50.79
CA VAL BB 206 62.56 47.47 -51.46
C VAL BB 206 62.42 48.01 -52.89
N SER CB 31 88.89 24.61 -71.30
CA SER CB 31 89.75 25.73 -71.65
C SER CB 31 88.98 26.78 -72.41
N GLU CB 32 89.08 28.04 -71.99
CA GLU CB 32 88.28 29.10 -72.59
C GLU CB 32 88.85 29.53 -73.93
N ILE CB 33 90.09 29.14 -74.23
CA ILE CB 33 90.68 29.49 -75.52
C ILE CB 33 90.01 28.70 -76.64
N GLU CB 34 89.67 27.45 -76.37
CA GLU CB 34 89.10 26.60 -77.40
C GLU CB 34 87.61 26.80 -77.61
N LEU CB 35 86.99 27.71 -76.86
CA LEU CB 35 85.53 27.78 -76.89
C LEU CB 35 85.03 28.64 -78.05
N GLY CB 36 85.88 29.51 -78.58
CA GLY CB 36 85.43 30.34 -79.68
C GLY CB 36 85.61 29.69 -81.03
N VAL CB 37 86.42 28.64 -81.08
CA VAL CB 37 86.80 28.05 -82.36
C VAL CB 37 85.68 27.18 -82.89
N THR CB 38 85.26 27.45 -84.13
CA THR CB 38 84.28 26.60 -84.80
C THR CB 38 84.94 26.18 -86.11
N GLU CB 39 84.27 25.36 -86.92
CA GLU CB 39 84.85 24.72 -88.10
C GLU CB 39 85.29 25.63 -89.25
N PRO CB 40 84.44 26.54 -89.83
CA PRO CB 40 84.84 27.15 -91.11
C PRO CB 40 86.01 28.13 -91.02
N LEU CB 41 86.18 28.77 -89.86
CA LEU CB 41 87.27 29.73 -89.74
C LEU CB 41 88.37 29.21 -88.82
N GLY CB 42 88.01 28.44 -87.81
CA GLY CB 42 89.03 28.02 -86.86
C GLY CB 42 89.40 29.15 -85.93
N VAL CB 43 90.67 29.17 -85.53
CA VAL CB 43 91.21 30.27 -84.74
C VAL CB 43 91.32 31.46 -85.67
N TYR CB 44 90.47 32.47 -85.46
CA TYR CB 44 90.38 33.58 -86.41
C TYR CB 44 90.67 34.88 -85.69
N ASP CB 45 91.80 35.50 -86.02
CA ASP CB 45 92.11 36.85 -85.57
C ASP CB 45 93.00 37.57 -86.58
N PRO CB 46 92.44 38.48 -87.35
CA PRO CB 46 93.27 39.29 -88.25
C PRO CB 46 94.15 40.27 -87.51
N LEU CB 47 93.67 40.79 -86.38
CA LEU CB 47 94.47 41.72 -85.61
C LEU CB 47 95.55 41.00 -84.83
N GLY CB 48 95.30 39.75 -84.46
CA GLY CB 48 96.28 38.95 -83.76
C GLY CB 48 96.46 39.29 -82.30
N TRP CB 49 95.38 39.59 -81.58
CA TRP CB 49 95.52 39.92 -80.17
C TRP CB 49 95.75 38.69 -79.31
N LEU CB 50 95.56 37.49 -79.88
CA LEU CB 50 95.79 36.26 -79.11
C LEU CB 50 97.27 36.07 -78.80
N GLU CB 51 98.14 36.55 -79.67
CA GLU CB 51 99.57 36.42 -79.42
C GLU CB 51 100.17 37.70 -78.87
N SER CB 52 99.61 38.85 -79.26
CA SER CB 52 100.19 40.12 -78.82
C SER CB 52 99.85 40.42 -77.37
N GLU CB 53 98.56 40.43 -77.03
CA GLU CB 53 98.09 40.72 -75.68
C GLU CB 53 97.25 39.54 -75.18
N PRO CB 54 97.89 38.49 -74.67
CA PRO CB 54 97.13 37.33 -74.20
C PRO CB 54 96.51 37.55 -72.84
N GLU CB 55 96.93 38.60 -72.14
CA GLU CB 55 96.41 38.87 -70.80
C GLU CB 55 95.00 39.45 -70.88
N ALA CB 56 94.66 40.10 -71.98
CA ALA CB 56 93.35 40.74 -72.10
C ALA CB 56 92.27 39.73 -72.43
N PHE CB 57 92.66 38.54 -72.92
CA PHE CB 57 91.76 37.53 -73.46
C PHE CB 57 90.71 37.06 -72.47
N GLU CB 58 91.05 37.04 -71.18
CA GLU CB 58 90.08 36.64 -70.17
C GLU CB 58 88.98 37.67 -70.02
N ARG CB 59 89.27 38.93 -70.31
CA ARG CB 59 88.22 39.94 -70.36
C ARG CB 59 87.53 39.93 -71.71
N ARG CB 60 88.30 39.81 -72.79
CA ARG CB 60 87.76 39.93 -74.14
C ARG CB 60 86.77 38.81 -74.44
N ARG CB 61 87.03 37.61 -73.93
CA ARG CB 61 86.05 36.54 -74.05
C ARG CB 61 84.82 36.84 -73.22
N ALA CB 62 85.00 37.42 -72.03
CA ALA CB 62 83.87 37.74 -71.18
C ALA CB 62 83.14 38.98 -71.66
N VAL CB 63 83.63 39.62 -72.72
CA VAL CB 63 82.85 40.67 -73.36
C VAL CB 63 82.16 40.13 -74.60
N GLU CB 64 82.82 39.23 -75.35
CA GLU CB 64 82.19 38.64 -76.53
C GLU CB 64 81.02 37.75 -76.13
N ARG CB 65 81.08 37.12 -74.96
CA ARG CB 65 79.86 36.53 -74.40
C ARG CB 65 78.86 37.59 -74.00
N LYS CB 66 79.33 38.71 -73.46
CA LYS CB 66 78.42 39.65 -72.83
C LYS CB 66 77.66 40.47 -73.86
N HIS CB 67 78.36 41.00 -74.86
CA HIS CB 67 77.67 41.63 -75.99
C HIS CB 67 76.87 40.60 -76.77
N GLY CB 68 77.26 39.32 -76.70
CA GLY CB 68 76.46 38.29 -77.33
C GLY CB 68 75.13 38.10 -76.66
N ARG CB 69 75.13 37.91 -75.33
CA ARG CB 69 73.91 37.61 -74.59
C ARG CB 69 72.92 38.77 -74.62
N VAL CB 70 73.43 39.99 -74.74
CA VAL CB 70 72.53 41.13 -74.88
C VAL CB 70 71.95 41.17 -76.30
N ALA CB 71 72.75 40.81 -77.30
CA ALA CB 71 72.28 40.86 -78.67
C ALA CB 71 71.27 39.75 -78.96
N MET CB 72 71.48 38.58 -78.36
CA MET CB 72 70.55 37.47 -78.56
C MET CB 72 69.18 37.75 -77.97
N ALA CB 73 69.15 38.46 -76.85
CA ALA CB 73 67.89 38.86 -76.26
C ALA CB 73 67.32 40.11 -76.89
N ALA CB 74 68.02 40.69 -77.87
CA ALA CB 74 67.53 41.86 -78.58
C ALA CB 74 66.96 41.51 -79.93
N VAL CB 75 67.49 40.48 -80.59
CA VAL CB 75 66.90 40.04 -81.86
C VAL CB 75 65.51 39.46 -81.61
N VAL CB 76 65.37 38.66 -80.56
CA VAL CB 76 64.05 38.19 -80.15
C VAL CB 76 63.19 39.35 -79.70
N GLY CB 77 63.80 40.36 -79.09
CA GLY CB 77 63.07 41.58 -78.78
C GLY CB 77 62.71 42.37 -80.02
N THR CB 78 63.43 42.17 -81.12
CA THR CB 78 63.04 42.84 -82.36
C THR CB 78 61.87 42.13 -83.00
N ILE CB 79 61.87 40.79 -82.94
CA ILE CB 79 60.88 40.00 -83.65
C ILE CB 79 59.54 40.06 -82.93
N VAL CB 80 59.56 39.91 -81.60
CA VAL CB 80 58.33 39.90 -80.81
C VAL CB 80 57.65 41.26 -80.84
N HIS CB 81 58.44 42.33 -80.84
CA HIS CB 81 57.85 43.66 -80.93
C HIS CB 81 57.29 43.93 -82.32
N ASN CB 82 57.78 43.25 -83.35
CA ASN CB 82 57.32 43.49 -84.71
C ASN CB 82 56.25 42.50 -85.18
N ASN CB 83 56.01 41.42 -84.44
CA ASN CB 83 54.83 40.61 -84.67
C ASN CB 83 53.60 41.15 -83.99
N HIS CB 84 53.72 42.33 -83.38
CA HIS CB 84 52.67 42.99 -82.58
C HIS CB 84 52.19 42.10 -81.45
N ILE CB 85 53.11 41.31 -80.89
CA ILE CB 85 52.83 40.59 -79.65
C ILE CB 85 52.96 41.61 -78.53
N VAL CB 86 51.84 42.12 -78.07
CA VAL CB 86 51.76 43.24 -77.16
C VAL CB 86 51.08 42.73 -75.89
N PHE CB 87 51.47 43.28 -74.73
CA PHE CB 87 50.89 42.85 -73.46
C PHE CB 87 49.39 43.14 -73.33
N ASP CB 88 48.84 44.00 -74.19
CA ASP CB 88 47.41 44.32 -74.27
C ASP CB 88 46.91 44.87 -72.93
N GLY CB 89 47.72 45.74 -72.35
CA GLY CB 89 47.36 46.41 -71.12
C GLY CB 89 47.57 47.90 -71.28
N TYR CB 90 47.35 48.61 -70.18
CA TYR CB 90 47.48 50.06 -70.15
C TYR CB 90 48.72 50.41 -69.34
N LEU CB 91 49.79 50.80 -70.03
CA LEU CB 91 51.11 50.91 -69.41
C LEU CB 91 51.18 52.02 -68.38
N SER CB 92 50.96 53.25 -68.79
CA SER CB 92 51.09 54.36 -67.86
C SER CB 92 49.72 54.92 -67.55
N PRO CB 93 49.25 54.80 -66.31
CA PRO CB 93 48.01 55.51 -65.96
C PRO CB 93 48.22 57.02 -65.89
N SER CB 94 49.45 57.47 -65.68
CA SER CB 94 49.70 58.90 -65.59
C SER CB 94 49.94 59.51 -66.96
N ASN CB 95 50.91 58.98 -67.71
CA ASN CB 95 51.29 59.54 -68.99
C ASN CB 95 50.42 59.07 -70.13
N ASN CB 96 49.46 58.18 -69.84
CA ASN CB 96 48.47 57.66 -70.79
C ASN CB 96 49.13 56.97 -71.99
N LEU CB 97 50.11 56.13 -71.70
CA LEU CB 97 50.72 55.27 -72.71
C LEU CB 97 50.08 53.90 -72.61
N LYS CB 98 49.62 53.38 -73.74
CA LYS CB 98 49.36 51.97 -73.82
C LYS CB 98 50.61 51.25 -74.29
N PHE CB 99 50.60 49.93 -74.16
CA PHE CB 99 51.72 49.15 -74.68
C PHE CB 99 51.72 49.14 -76.19
N SER CB 100 50.54 49.30 -76.80
CA SER CB 100 50.46 49.32 -78.26
C SER CB 100 50.89 50.67 -78.81
N ASP CB 101 50.92 51.70 -77.96
CA ASP CB 101 51.27 53.03 -78.44
C ASP CB 101 52.76 53.20 -78.61
N ILE CB 102 53.57 52.34 -78.03
CA ILE CB 102 55.02 52.47 -78.10
C ILE CB 102 55.49 51.99 -79.48
N PRO CB 103 56.33 52.75 -80.17
CA PRO CB 103 56.84 52.30 -81.48
C PRO CB 103 57.70 51.06 -81.34
N THR CB 104 57.77 50.30 -82.43
CA THR CB 104 58.42 49.01 -82.42
C THR CB 104 59.85 49.05 -82.95
N GLY CB 105 60.26 50.15 -83.56
CA GLY CB 105 61.59 50.22 -84.12
C GLY CB 105 62.64 50.65 -83.10
N VAL CB 106 63.48 51.59 -83.50
CA VAL CB 106 64.50 52.11 -82.60
C VAL CB 106 63.89 53.00 -81.52
N ASP CB 107 62.78 53.67 -81.84
CA ASP CB 107 62.22 54.69 -80.96
C ASP CB 107 61.32 54.11 -79.88
N GLY CB 108 61.50 52.85 -79.51
CA GLY CB 108 60.67 52.27 -78.46
C GLY CB 108 61.06 52.76 -77.09
N ILE CB 109 62.37 52.78 -76.79
CA ILE CB 109 62.82 53.22 -75.47
C ILE CB 109 62.62 54.70 -75.29
N ARG CB 110 62.70 55.47 -76.39
CA ARG CB 110 62.49 56.91 -76.31
C ARG CB 110 61.05 57.27 -76.00
N ALA CB 111 60.11 56.35 -76.19
CA ALA CB 111 58.74 56.54 -75.77
C ALA CB 111 58.51 56.17 -74.32
N ILE CB 112 59.39 55.38 -73.73
CA ILE CB 112 59.26 55.01 -72.32
C ILE CB 112 59.54 56.24 -71.45
N PRO CB 113 58.70 56.56 -70.49
CA PRO CB 113 58.96 57.72 -69.63
C PRO CB 113 60.13 57.49 -68.70
N THR CB 114 60.69 58.59 -68.21
CA THR CB 114 61.93 58.53 -67.44
C THR CB 114 61.72 57.92 -66.07
N ALA CB 115 60.50 57.88 -65.56
CA ALA CB 115 60.24 57.15 -64.33
C ALA CB 115 60.30 55.64 -64.55
N GLY CB 116 60.03 55.20 -65.78
CA GLY CB 116 60.16 53.81 -66.10
C GLY CB 116 61.57 53.42 -66.45
N LEU CB 117 62.31 54.38 -67.03
CA LEU CB 117 63.72 54.16 -67.26
C LEU CB 117 64.50 54.15 -65.96
N ALA CB 118 64.00 54.84 -64.94
CA ALA CB 118 64.63 54.76 -63.63
C ALA CB 118 64.38 53.42 -62.96
N GLN CB 119 63.22 52.79 -63.24
CA GLN CB 119 62.95 51.49 -62.66
C GLN CB 119 63.80 50.40 -63.30
N ILE CB 120 64.14 50.54 -64.58
CA ILE CB 120 64.95 49.55 -65.25
C ILE CB 120 66.40 49.65 -64.79
N LEU CB 121 66.93 50.88 -64.74
CA LEU CB 121 68.32 51.06 -64.37
C LEU CB 121 68.58 50.74 -62.90
N ALA CB 122 67.58 50.94 -62.04
CA ALA CB 122 67.75 50.57 -60.64
C ALA CB 122 67.69 49.05 -60.47
N PHE CB 123 67.01 48.36 -61.39
CA PHE CB 123 66.89 46.92 -61.26
C PHE CB 123 68.13 46.22 -61.79
N PHE CB 124 68.59 46.58 -62.99
CA PHE CB 124 69.72 45.87 -63.56
C PHE CB 124 71.04 46.34 -62.97
N ALA CB 125 71.02 47.42 -62.17
CA ALA CB 125 72.17 47.68 -61.32
C ALA CB 125 72.27 46.63 -60.25
N LEU CB 126 71.13 46.13 -59.76
CA LEU CB 126 71.16 45.09 -58.75
C LEU CB 126 71.46 43.74 -59.38
N VAL CB 127 71.12 43.57 -60.65
CA VAL CB 127 71.47 42.34 -61.34
C VAL CB 127 72.95 42.32 -61.70
N GLU CB 128 73.42 43.37 -62.38
CA GLU CB 128 74.70 43.25 -63.05
C GLU CB 128 75.86 43.55 -62.09
N LEU CB 129 75.56 44.05 -60.91
CA LEU CB 129 76.59 44.24 -59.89
C LEU CB 129 76.54 43.19 -58.79
N ALA CB 130 75.34 42.89 -58.30
CA ALA CB 130 75.21 42.07 -57.10
C ALA CB 130 74.95 40.60 -57.41
N TRP CB 131 73.83 40.32 -58.07
CA TRP CB 131 73.40 38.94 -58.23
C TRP CB 131 74.17 38.21 -59.32
N MET CB 132 74.25 38.80 -60.51
CA MET CB 132 75.00 38.27 -61.63
C MET CB 132 76.09 39.28 -61.95
N PRO CB 133 77.18 39.30 -61.18
CA PRO CB 133 78.15 40.39 -61.32
C PRO CB 133 78.94 40.29 -62.61
N ALA CB 134 78.96 41.38 -63.36
CA ALA CB 134 79.67 41.42 -64.64
C ALA CB 134 81.18 41.39 -64.46
N SER CB 135 81.68 41.68 -63.27
CA SER CB 135 83.11 41.54 -63.01
C SER CB 135 83.55 40.09 -62.96
N LYS CB 136 82.62 39.15 -62.82
CA LYS CB 136 82.94 37.73 -62.86
C LYS CB 136 83.18 37.34 -64.31
N TYR CB 137 84.46 37.24 -64.69
CA TYR CB 137 84.82 37.02 -66.08
C TYR CB 137 84.61 35.58 -66.54
N ASP CB 138 84.18 34.68 -65.67
CA ASP CB 138 83.89 33.33 -66.12
C ASP CB 138 82.54 33.26 -66.81
N GLY CB 139 81.58 34.07 -66.36
CA GLY CB 139 80.27 34.11 -66.96
C GLY CB 139 79.34 32.98 -66.57
N ASP CB 140 79.75 32.11 -65.64
CA ASP CB 140 79.02 30.91 -65.29
C ASP CB 140 78.25 31.07 -64.00
N TYR CB 141 77.59 32.22 -63.86
CA TYR CB 141 77.14 32.86 -62.63
C TYR CB 141 76.48 31.96 -61.60
N GLY CB 142 75.29 31.46 -61.89
CA GLY CB 142 74.78 30.42 -61.03
C GLY CB 142 74.11 29.26 -61.75
N VAL CB 143 73.65 29.51 -62.96
CA VAL CB 143 72.61 28.70 -63.56
C VAL CB 143 73.22 27.87 -64.67
N GLY CB 144 72.88 26.59 -64.70
CA GLY CB 144 73.28 25.74 -65.79
C GLY CB 144 72.46 25.99 -67.04
N TYR CB 145 72.69 25.15 -68.02
CA TYR CB 145 71.87 25.19 -69.23
C TYR CB 145 70.53 24.61 -68.84
N PHE CB 146 69.56 25.50 -68.62
CA PHE CB 146 68.25 25.18 -68.05
C PHE CB 146 68.40 24.49 -66.69
N GLY CB 147 69.11 25.16 -65.79
CA GLY CB 147 69.19 24.73 -64.40
C GLY CB 147 70.20 23.64 -64.11
N THR CB 148 70.59 22.85 -65.09
CA THR CB 148 71.53 21.76 -64.89
C THR CB 148 72.80 22.02 -65.68
N ASP CB 149 73.94 21.65 -65.11
CA ASP CB 149 75.17 21.73 -65.88
C ASP CB 149 75.25 20.56 -66.86
N ILE CB 150 76.28 20.58 -67.69
CA ILE CB 150 76.50 19.57 -68.69
C ILE CB 150 77.76 18.82 -68.30
N LYS CB 151 77.60 17.64 -67.71
CA LYS CB 151 78.74 16.91 -67.17
C LYS CB 151 79.62 16.31 -68.24
N ASP CB 152 79.10 16.05 -69.43
CA ASP CB 152 79.89 15.53 -70.54
C ASP CB 152 80.81 16.64 -71.04
N PRO CB 153 82.15 16.46 -71.00
CA PRO CB 153 83.05 17.57 -71.33
C PRO CB 153 83.00 17.97 -72.79
N GLU CB 154 82.68 17.04 -73.69
CA GLU CB 154 82.56 17.40 -75.09
C GLU CB 154 81.28 18.17 -75.36
N GLU CB 155 80.19 17.80 -74.69
CA GLU CB 155 78.93 18.48 -74.93
C GLU CB 155 78.86 19.81 -74.21
N LYS CB 156 79.56 19.93 -73.07
CA LYS CB 156 79.65 21.23 -72.42
C LYS CB 156 80.51 22.17 -73.24
N ALA CB 157 81.56 21.65 -73.86
CA ALA CB 157 82.37 22.43 -74.78
C ALA CB 157 81.78 22.49 -76.17
N ARG CB 158 80.66 21.82 -76.40
CA ARG CB 158 79.90 22.06 -77.59
C ARG CB 158 79.02 23.28 -77.46
N LYS CB 159 78.13 23.32 -76.48
CA LYS CB 159 77.12 24.35 -76.40
C LYS CB 159 77.68 25.71 -75.99
N LEU CB 160 78.88 25.75 -75.44
CA LEU CB 160 79.56 27.02 -75.26
C LEU CB 160 80.00 27.64 -76.58
N ASN CB 161 80.37 26.84 -77.57
CA ASN CB 161 80.50 27.34 -78.94
C ASN CB 161 79.17 27.82 -79.48
N VAL CB 162 78.08 27.18 -79.07
CA VAL CB 162 76.78 27.51 -79.61
C VAL CB 162 76.27 28.82 -79.02
N GLU CB 163 76.57 29.06 -77.74
CA GLU CB 163 76.24 30.36 -77.15
C GLU CB 163 77.06 31.47 -77.79
N LEU CB 164 78.28 31.15 -78.22
CA LEU CB 164 79.07 32.16 -78.91
C LEU CB 164 78.59 32.37 -80.34
N ASN CB 165 78.34 31.30 -81.09
CA ASN CB 165 78.07 31.48 -82.51
C ASN CB 165 76.68 32.02 -82.77
N ASN CB 166 75.66 31.55 -82.05
CA ASN CB 166 74.38 32.26 -82.03
C ASN CB 166 74.54 33.65 -81.42
N GLY CB 167 75.52 33.85 -80.55
CA GLY CB 167 75.77 35.16 -80.01
C GLY CB 167 76.49 36.10 -80.95
N ARG CB 168 77.46 35.58 -81.69
CA ARG CB 168 78.16 36.40 -82.68
C ARG CB 168 77.25 36.79 -83.82
N ALA CB 169 76.38 35.87 -84.26
CA ALA CB 169 75.46 36.17 -85.33
C ALA CB 169 74.37 37.15 -84.89
N ALA CB 170 74.07 37.20 -83.60
CA ALA CB 170 73.05 38.12 -83.13
C ALA CB 170 73.57 39.54 -83.05
N MET CB 171 74.88 39.71 -82.83
CA MET CB 171 75.45 41.05 -82.86
C MET CB 171 75.39 41.63 -84.26
N MET CB 172 75.66 40.81 -85.26
CA MET CB 172 75.54 41.23 -86.64
C MET CB 172 74.11 41.33 -87.09
N GLY CB 173 73.16 40.82 -86.31
CA GLY CB 173 71.76 40.91 -86.67
C GLY CB 173 71.11 42.17 -86.17
N ILE CB 174 71.49 42.62 -84.98
CA ILE CB 174 70.95 43.87 -84.44
C ILE CB 174 71.49 45.06 -85.21
N MET CB 175 72.75 45.01 -85.60
CA MET CB 175 73.29 46.04 -86.49
C MET CB 175 72.63 45.99 -87.86
N GLY CB 176 72.15 44.82 -88.28
CA GLY CB 176 71.34 44.75 -89.47
C GLY CB 176 69.96 45.35 -89.30
N ASN CB 177 69.45 45.39 -88.07
CA ASN CB 177 68.19 46.08 -87.79
C ASN CB 177 68.38 47.57 -87.60
N MET CB 178 69.25 47.97 -86.67
CA MET CB 178 69.32 49.36 -86.25
C MET CB 178 69.85 50.28 -87.34
N VAL CB 179 70.54 49.74 -88.34
CA VAL CB 179 70.94 50.53 -89.50
C VAL CB 179 69.85 50.54 -90.55
N ALA CB 180 69.25 49.40 -90.86
CA ALA CB 180 68.19 49.37 -91.85
C ALA CB 180 66.86 49.88 -91.34
N GLU CB 181 66.74 50.24 -90.06
CA GLU CB 181 65.57 50.94 -89.56
C GLU CB 181 65.76 52.44 -89.52
N VAL CB 182 67.00 52.93 -89.66
CA VAL CB 182 67.26 54.35 -89.74
C VAL CB 182 67.42 54.80 -91.19
N LEU CB 183 68.10 54.01 -92.01
CA LEU CB 183 68.28 54.39 -93.40
C LEU CB 183 66.99 54.27 -94.19
N THR CB 184 66.23 53.19 -93.97
CA THR CB 184 64.91 53.12 -94.57
C THR CB 184 63.89 53.97 -93.82
N GLY CB 185 64.20 54.36 -92.59
CA GLY CB 185 63.31 55.21 -91.82
C GLY CB 185 62.03 54.56 -91.36
N GLN CB 186 61.96 53.24 -91.41
CA GLN CB 186 60.75 52.50 -91.08
C GLN CB 186 61.06 51.48 -90.00
N THR CB 187 60.02 50.85 -89.48
CA THR CB 187 60.23 49.71 -88.61
C THR CB 187 60.50 48.48 -89.47
N MET CB 188 60.75 47.35 -88.82
CA MET CB 188 60.91 46.12 -89.58
C MET CB 188 59.58 45.66 -90.15
N TYR CB 189 58.50 45.89 -89.41
CA TYR CB 189 57.18 45.48 -89.88
C TYR CB 189 56.73 46.27 -91.10
N GLU CB 190 57.11 47.54 -91.19
CA GLU CB 190 56.72 48.35 -92.33
C GLU CB 190 57.52 48.02 -93.59
N GLN CB 191 58.73 47.48 -93.44
CA GLN CB 191 59.52 47.13 -94.60
C GLN CB 191 58.94 45.93 -95.32
N TYR CB 192 58.56 44.90 -94.57
CA TYR CB 192 57.97 43.72 -95.17
C TYR CB 192 56.54 43.96 -95.61
N ALA CB 193 55.85 44.92 -94.98
CA ALA CB 193 54.49 45.24 -95.40
C ALA CB 193 54.49 46.01 -96.72
N SER CB 194 55.31 47.05 -96.81
CA SER CB 194 55.37 47.85 -98.02
C SER CB 194 56.17 47.19 -99.13
N GLY CB 195 56.83 46.07 -98.86
CA GLY CB 195 57.63 45.44 -99.89
C GLY CB 195 58.91 46.22 -100.18
N HIS CB 196 59.50 46.83 -99.16
CA HIS CB 196 60.73 47.59 -99.30
C HIS CB 196 61.95 46.72 -99.02
N ILE CB 197 61.87 45.44 -99.37
CA ILE CB 197 62.97 44.50 -99.17
C ILE CB 197 64.13 44.85 -100.09
N SER CB 198 63.84 45.45 -101.24
CA SER CB 198 64.90 45.87 -102.16
C SER CB 198 65.65 47.06 -101.59
N PRO CB 199 66.97 47.09 -101.72
CA PRO CB 199 67.75 48.19 -101.13
C PRO CB 199 67.73 49.46 -101.96
N PHE CB 200 67.41 50.58 -101.31
CA PHE CB 200 67.45 51.87 -101.96
C PHE CB 200 68.89 52.35 -102.13
N GLY CB 201 69.74 52.10 -101.13
CA GLY CB 201 71.15 52.39 -101.22
C GLY CB 201 71.95 51.15 -101.52
N ASP CB 202 72.52 50.54 -100.50
CA ASP CB 202 73.17 49.25 -100.63
C ASP CB 202 72.80 48.42 -99.42
N GLY CB 203 72.84 47.11 -99.58
CA GLY CB 203 72.53 46.22 -98.47
C GLY CB 203 73.21 44.88 -98.65
N GLN CB 204 73.90 44.45 -97.61
CA GLN CB 204 74.63 43.19 -97.63
C GLN CB 204 74.07 42.28 -96.55
N GLY CB 205 73.44 41.19 -96.97
CA GLY CB 205 72.89 40.22 -96.06
C GLY CB 205 73.30 38.81 -96.41
N VAL CB 206 72.83 37.84 -95.64
CA VAL CB 206 73.15 36.43 -95.92
C VAL CB 206 71.93 35.74 -96.53
N SER DB 31 77.93 -0.69 -82.52
CA SER DB 31 78.13 -1.27 -83.85
C SER DB 31 76.96 -0.95 -84.75
N GLU DB 32 77.25 -0.44 -85.95
CA GLU DB 32 76.18 -0.01 -86.84
C GLU DB 32 75.50 -1.19 -87.53
N ILE DB 33 76.13 -2.36 -87.48
CA ILE DB 33 75.53 -3.54 -88.08
C ILE DB 33 74.32 -3.98 -87.28
N GLU DB 34 74.41 -3.88 -85.95
CA GLU DB 34 73.33 -4.37 -85.10
C GLU DB 34 72.18 -3.38 -84.95
N LEU DB 35 72.25 -2.23 -85.60
CA LEU DB 35 71.26 -1.18 -85.33
C LEU DB 35 69.99 -1.38 -86.15
N GLY DB 36 70.08 -2.13 -87.25
CA GLY DB 36 68.89 -2.31 -88.06
C GLY DB 36 68.04 -3.49 -87.61
N VAL DB 37 68.63 -4.36 -86.79
CA VAL DB 37 67.98 -5.62 -86.44
C VAL DB 37 66.92 -5.39 -85.38
N THR DB 38 65.70 -5.83 -85.66
CA THR DB 38 64.62 -5.78 -84.69
C THR DB 38 64.12 -7.22 -84.56
N GLU DB 39 63.14 -7.46 -83.70
CA GLU DB 39 62.68 -8.80 -83.33
C GLU DB 39 62.04 -9.66 -84.43
N PRO DB 40 60.97 -9.20 -85.18
CA PRO DB 40 60.22 -10.18 -85.98
C PRO DB 40 60.97 -10.70 -87.19
N LEU DB 41 61.90 -9.92 -87.73
CA LEU DB 41 62.63 -10.38 -88.91
C LEU DB 41 64.07 -10.69 -88.59
N GLY DB 42 64.67 -9.96 -87.65
CA GLY DB 42 66.07 -10.16 -87.40
C GLY DB 42 66.93 -9.54 -88.49
N VAL DB 43 68.06 -10.18 -88.77
CA VAL DB 43 68.91 -9.78 -89.88
C VAL DB 43 68.18 -10.17 -91.16
N TYR DB 44 67.69 -9.19 -91.90
CA TYR DB 44 66.83 -9.46 -93.04
C TYR DB 44 67.45 -8.88 -94.31
N ASP DB 45 67.88 -9.75 -95.20
CA ASP DB 45 68.32 -9.35 -96.54
C ASP DB 45 68.08 -10.47 -97.54
N PRO DB 46 67.05 -10.34 -98.37
CA PRO DB 46 66.85 -11.34 -99.44
C PRO DB 46 67.89 -11.23 -100.53
N LEU DB 47 68.38 -10.03 -100.79
CA LEU DB 47 69.41 -9.85 -101.82
C LEU DB 47 70.77 -10.29 -101.29
N GLY DB 48 70.99 -10.18 -99.99
CA GLY DB 48 72.22 -10.62 -99.39
C GLY DB 48 73.40 -9.71 -99.62
N TRP DB 49 73.21 -8.39 -99.57
CA TRP DB 49 74.33 -7.48 -99.79
C TRP DB 49 75.22 -7.39 -98.56
N LEU DB 50 74.78 -7.92 -97.42
CA LEU DB 50 75.60 -7.88 -96.22
C LEU DB 50 76.83 -8.77 -96.35
N GLU DB 51 76.72 -9.85 -97.12
CA GLU DB 51 77.85 -10.75 -97.30
C GLU DB 51 78.55 -10.49 -98.63
N SER DB 52 77.79 -10.06 -99.64
CA SER DB 52 78.38 -9.89 -100.97
C SER DB 52 79.22 -8.61 -101.02
N GLU DB 53 78.63 -7.47 -100.69
CA GLU DB 53 79.31 -6.18 -100.73
C GLU DB 53 79.23 -5.54 -99.34
N PRO DB 54 80.13 -5.92 -98.43
CA PRO DB 54 80.07 -5.35 -97.08
C PRO DB 54 80.67 -3.96 -97.00
N GLU DB 55 81.38 -3.55 -98.05
CA GLU DB 55 82.00 -2.23 -98.05
C GLU DB 55 80.98 -1.13 -98.27
N ALA DB 56 79.87 -1.46 -98.94
CA ALA DB 56 78.87 -0.45 -99.25
C ALA DB 56 77.99 -0.14 -98.04
N PHE DB 57 77.99 -1.02 -97.04
CA PHE DB 57 77.08 -0.99 -95.90
C PHE DB 57 77.17 0.30 -95.09
N GLU DB 58 78.36 0.90 -95.03
CA GLU DB 58 78.52 2.15 -94.30
C GLU DB 58 77.80 3.29 -95.02
N ARG DB 59 77.68 3.20 -96.35
CA ARG DB 59 76.87 4.17 -97.06
C ARG DB 59 75.39 3.77 -97.02
N ARG DB 60 75.11 2.48 -97.21
CA ARG DB 60 73.72 2.02 -97.32
C ARG DB 60 72.95 2.25 -96.03
N ARG DB 61 73.61 2.11 -94.89
CA ARG DB 61 72.97 2.46 -93.62
C ARG DB 61 72.75 3.96 -93.53
N ALA DB 62 73.71 4.74 -94.03
CA ALA DB 62 73.57 6.19 -93.97
C ALA DB 62 72.63 6.70 -95.04
N VAL DB 63 72.10 5.81 -95.89
CA VAL DB 63 71.02 6.21 -96.78
C VAL DB 63 69.68 5.75 -96.21
N GLU DB 64 69.64 4.57 -95.59
CA GLU DB 64 68.40 4.10 -94.98
C GLU DB 64 68.00 4.98 -93.80
N ARG DB 65 68.97 5.56 -93.09
CA ARG DB 65 68.64 6.64 -92.17
C ARG DB 65 68.18 7.88 -92.90
N LYS DB 66 68.80 8.17 -94.04
CA LYS DB 66 68.59 9.47 -94.67
C LYS DB 66 67.25 9.53 -95.38
N HIS DB 67 66.92 8.51 -96.17
CA HIS DB 67 65.56 8.41 -96.71
C HIS DB 67 64.54 8.22 -95.61
N GLY DB 68 64.96 7.69 -94.47
CA GLY DB 68 64.06 7.58 -93.33
C GLY DB 68 63.70 8.93 -92.76
N ARG DB 69 64.71 9.75 -92.45
CA ARG DB 69 64.48 11.02 -91.79
C ARG DB 69 63.72 12.00 -92.68
N VAL DB 70 63.85 11.86 -93.99
CA VAL DB 70 63.06 12.69 -94.89
C VAL DB 70 61.62 12.19 -94.92
N ALA DB 71 61.43 10.87 -94.87
CA ALA DB 71 60.08 10.32 -94.94
C ALA DB 71 59.30 10.57 -93.66
N MET DB 72 59.99 10.54 -92.52
CA MET DB 72 59.31 10.78 -91.25
C MET DB 72 58.84 12.22 -91.13
N ALA DB 73 59.59 13.16 -91.69
CA ALA DB 73 59.17 14.55 -91.72
C ALA DB 73 58.21 14.85 -92.86
N ALA DB 74 57.90 13.85 -93.69
CA ALA DB 74 56.94 14.02 -94.76
C ALA DB 74 55.57 13.45 -94.43
N VAL DB 75 55.52 12.39 -93.61
CA VAL DB 75 54.23 11.87 -93.17
C VAL DB 75 53.54 12.88 -92.27
N VAL DB 76 54.30 13.47 -91.35
CA VAL DB 76 53.80 14.56 -90.53
C VAL DB 76 53.46 15.76 -91.41
N GLY DB 77 54.24 15.97 -92.46
CA GLY DB 77 53.89 16.99 -93.43
C GLY DB 77 52.65 16.64 -94.23
N THR DB 78 52.31 15.36 -94.33
CA THR DB 78 51.08 14.99 -95.00
C THR DB 78 49.89 15.22 -94.09
N ILE DB 79 50.05 14.93 -92.81
CA ILE DB 79 48.93 14.99 -91.86
C ILE DB 79 48.59 16.43 -91.53
N VAL DB 80 49.60 17.25 -91.26
CA VAL DB 80 49.38 18.64 -90.87
C VAL DB 80 48.80 19.44 -92.02
N HIS DB 81 49.22 19.14 -93.26
CA HIS DB 81 48.65 19.82 -94.40
C HIS DB 81 47.22 19.39 -94.66
N ASN DB 82 46.84 18.19 -94.24
CA ASN DB 82 45.50 17.69 -94.48
C ASN DB 82 44.54 17.89 -93.32
N ASN DB 83 45.02 18.28 -92.15
CA ASN DB 83 44.13 18.77 -91.10
C ASN DB 83 43.79 20.24 -91.26
N HIS DB 84 44.23 20.85 -92.37
CA HIS DB 84 44.07 22.27 -92.68
C HIS DB 84 44.68 23.14 -91.58
N ILE DB 85 45.77 22.67 -91.00
CA ILE DB 85 46.58 23.49 -90.10
C ILE DB 85 47.42 24.38 -91.01
N VAL DB 86 46.97 25.61 -91.18
CA VAL DB 86 47.52 26.54 -92.15
C VAL DB 86 48.05 27.73 -91.37
N PHE DB 87 49.13 28.35 -91.88
CA PHE DB 87 49.73 29.49 -91.21
C PHE DB 87 48.83 30.71 -91.11
N ASP DB 88 47.74 30.76 -91.90
CA ASP DB 88 46.73 31.81 -91.85
C ASP DB 88 47.34 33.18 -92.14
N GLY DB 89 48.24 33.20 -93.12
CA GLY DB 89 48.87 34.43 -93.56
C GLY DB 89 48.76 34.54 -95.06
N TYR DB 90 49.37 35.58 -95.59
CA TYR DB 90 49.36 35.87 -97.01
C TYR DB 90 50.75 35.61 -97.56
N LEU DB 91 50.90 34.48 -98.27
CA LEU DB 91 52.23 33.97 -98.63
C LEU DB 91 52.93 34.88 -99.62
N SER DB 92 52.37 35.06 -100.79
CA SER DB 92 53.06 35.84 -101.80
C SER DB 92 52.35 37.17 -101.98
N PRO DB 93 52.97 38.29 -101.63
CA PRO DB 93 52.37 39.58 -101.98
C PRO DB 93 52.43 39.85 -103.48
N SER DB 94 53.36 39.22 -104.19
CA SER DB 94 53.45 39.45 -105.62
C SER DB 94 52.53 38.53 -106.40
N ASN DB 95 52.66 37.22 -106.20
CA ASN DB 95 51.91 36.25 -106.97
C ASN DB 95 50.52 36.00 -106.41
N ASN DB 96 50.18 36.65 -105.30
CA ASN DB 96 48.86 36.61 -104.65
C ASN DB 96 48.46 35.19 -104.26
N LEU DB 97 49.40 34.47 -103.65
CA LEU DB 97 49.12 33.16 -103.08
C LEU DB 97 48.89 33.35 -101.59
N LYS DB 98 47.78 32.81 -101.09
CA LYS DB 98 47.67 32.60 -99.66
C LYS DB 98 48.22 31.22 -99.32
N PHE DB 99 48.42 30.98 -98.04
CA PHE DB 99 48.83 29.66 -97.60
C PHE DB 99 47.69 28.66 -97.74
N SER DB 100 46.45 29.13 -97.67
CA SER DB 100 45.31 28.24 -97.82
C SER DB 100 45.06 27.91 -99.28
N ASP DB 101 45.62 28.70 -100.20
CA ASP DB 101 45.39 28.47 -101.61
C ASP DB 101 46.23 27.32 -102.17
N ILE DB 102 47.27 26.92 -101.45
CA ILE DB 102 48.16 25.87 -101.95
C ILE DB 102 47.47 24.52 -101.73
N PRO DB 103 47.44 23.64 -102.74
CA PRO DB 103 46.83 22.32 -102.55
C PRO DB 103 47.61 21.47 -101.56
N THR DB 104 46.90 20.53 -100.94
CA THR DB 104 47.45 19.76 -99.85
C THR DB 104 47.99 18.41 -100.29
N GLY DB 105 47.71 17.97 -101.51
CA GLY DB 105 48.17 16.67 -101.95
C GLY DB 105 49.57 16.70 -102.51
N VAL DB 106 49.76 16.07 -103.67
CA VAL DB 106 51.05 16.06 -104.33
C VAL DB 106 51.38 17.42 -104.93
N ASP DB 107 50.36 18.17 -105.34
CA ASP DB 107 50.55 19.40 -106.10
C ASP DB 107 50.82 20.61 -105.22
N GLY DB 108 51.32 20.41 -104.00
CA GLY DB 108 51.61 21.54 -103.14
C GLY DB 108 52.86 22.29 -103.58
N ILE DB 109 53.93 21.56 -103.88
CA ILE DB 109 55.18 22.20 -104.27
C ILE DB 109 55.05 22.83 -105.66
N ARG DB 110 54.23 22.25 -106.51
CA ARG DB 110 54.03 22.80 -107.85
C ARG DB 110 53.27 24.13 -107.82
N ALA DB 111 52.59 24.44 -106.72
CA ALA DB 111 51.98 25.75 -106.54
C ALA DB 111 52.95 26.77 -105.98
N ILE DB 112 54.04 26.34 -105.37
CA ILE DB 112 55.05 27.25 -104.84
C ILE DB 112 55.77 27.92 -106.01
N PRO DB 113 55.91 29.25 -106.02
CA PRO DB 113 56.62 29.90 -107.12
C PRO DB 113 58.11 29.62 -107.08
N THR DB 114 58.75 29.81 -108.24
CA THR DB 114 60.14 29.42 -108.40
C THR DB 114 61.10 30.31 -107.61
N ALA DB 115 60.66 31.51 -107.23
CA ALA DB 115 61.49 32.32 -106.35
C ALA DB 115 61.49 31.76 -104.93
N GLY DB 116 60.43 31.04 -104.56
CA GLY DB 116 60.40 30.39 -103.28
C GLY DB 116 61.09 29.06 -103.28
N LEU DB 117 61.07 28.40 -104.43
CA LEU DB 117 61.84 27.17 -104.58
C LEU DB 117 63.32 27.47 -104.63
N ALA DB 118 63.71 28.67 -105.07
CA ALA DB 118 65.09 29.06 -105.03
C ALA DB 118 65.54 29.34 -103.60
N GLN DB 119 64.64 29.84 -102.74
CA GLN DB 119 65.01 30.09 -101.36
C GLN DB 119 65.18 28.80 -100.59
N ILE DB 120 64.43 27.76 -100.92
CA ILE DB 120 64.56 26.48 -100.23
C ILE DB 120 65.84 25.78 -100.63
N LEU DB 121 66.12 25.74 -101.93
CA LEU DB 121 67.30 25.04 -102.42
C LEU DB 121 68.59 25.74 -102.03
N ALA DB 122 68.56 27.06 -101.88
CA ALA DB 122 69.75 27.76 -101.43
C ALA DB 122 69.97 27.54 -99.94
N PHE DB 123 68.89 27.27 -99.20
CA PHE DB 123 69.04 27.07 -97.76
C PHE DB 123 69.53 25.67 -97.44
N PHE DB 124 68.90 24.65 -98.01
CA PHE DB 124 69.27 23.29 -97.66
C PHE DB 124 70.54 22.86 -98.38
N ALA DB 125 71.03 23.65 -99.33
CA ALA DB 125 72.39 23.45 -99.78
C ALA DB 125 73.36 23.83 -98.67
N LEU DB 126 73.02 24.83 -97.87
CA LEU DB 126 73.89 25.22 -96.78
C LEU DB 126 73.73 24.26 -95.61
N VAL DB 127 72.57 23.63 -95.49
CA VAL DB 127 72.39 22.63 -94.45
C VAL DB 127 73.09 21.33 -94.82
N GLU DB 128 72.80 20.81 -96.01
CA GLU DB 128 73.16 19.42 -96.27
C GLU DB 128 74.60 19.30 -96.75
N LEU DB 129 75.26 20.42 -97.05
CA LEU DB 129 76.68 20.39 -97.37
C LEU DB 129 77.55 20.89 -96.23
N ALA DB 130 77.16 21.99 -95.62
CA ALA DB 130 78.05 22.67 -94.68
C ALA DB 130 77.77 22.29 -93.22
N TRP DB 131 76.56 22.58 -92.74
CA TRP DB 131 76.29 22.45 -91.32
C TRP DB 131 76.03 21.02 -90.91
N MET DB 132 75.15 20.33 -91.61
CA MET DB 132 74.85 18.92 -91.40
C MET DB 132 75.23 18.18 -92.67
N PRO DB 133 76.52 17.91 -92.88
CA PRO DB 133 76.96 17.40 -94.18
C PRO DB 133 76.53 15.96 -94.39
N ALA DB 134 75.88 15.72 -95.53
CA ALA DB 134 75.40 14.39 -95.86
C ALA DB 134 76.52 13.42 -96.19
N SER DB 135 77.72 13.90 -96.46
CA SER DB 135 78.86 13.03 -96.65
C SER DB 135 79.31 12.39 -95.35
N LYS DB 136 78.88 12.92 -94.20
CA LYS DB 136 79.19 12.31 -92.92
C LYS DB 136 78.30 11.09 -92.74
N TYR DB 137 78.87 9.90 -92.99
CA TYR DB 137 78.08 8.68 -93.00
C TYR DB 137 77.72 8.18 -91.61
N ASP DB 138 78.17 8.84 -90.54
CA ASP DB 138 77.77 8.41 -89.21
C ASP DB 138 76.36 8.91 -88.90
N GLY DB 139 76.00 10.08 -89.40
CA GLY DB 139 74.68 10.64 -89.18
C GLY DB 139 74.47 11.28 -87.83
N ASP DB 140 75.51 11.37 -87.01
CA ASP DB 140 75.39 11.84 -85.62
C ASP DB 140 75.84 13.28 -85.46
N TYR DB 141 75.41 14.12 -86.41
CA TYR DB 141 75.97 15.41 -86.79
C TYR DB 141 76.38 16.33 -85.67
N GLY DB 142 75.43 16.86 -84.92
CA GLY DB 142 75.83 17.54 -83.71
C GLY DB 142 74.96 17.26 -82.50
N VAL DB 143 73.72 16.86 -82.74
CA VAL DB 143 72.66 17.01 -81.78
C VAL DB 143 72.29 15.64 -81.23
N GLY DB 144 72.16 15.54 -79.91
CA GLY DB 144 71.70 14.34 -79.30
C GLY DB 144 70.20 14.17 -79.47
N TYR DB 145 69.67 13.15 -78.81
CA TYR DB 145 68.24 12.95 -78.78
C TYR DB 145 67.69 14.02 -77.86
N PHE DB 146 67.14 15.08 -78.46
CA PHE DB 146 66.74 16.31 -77.79
C PHE DB 146 67.91 16.92 -77.02
N GLY DB 147 69.00 17.17 -77.74
CA GLY DB 147 70.12 17.91 -77.21
C GLY DB 147 71.10 17.12 -76.38
N THR DB 148 70.70 16.00 -75.80
CA THR DB 148 71.56 15.19 -74.94
C THR DB 148 71.78 13.84 -75.59
N ASP DB 149 72.99 13.30 -75.45
CA ASP DB 149 73.21 11.95 -75.89
C ASP DB 149 72.63 10.95 -74.88
N ILE DB 150 72.69 9.69 -75.23
CA ILE DB 150 72.17 8.61 -74.41
C ILE DB 150 73.36 7.79 -73.96
N LYS DB 151 73.79 8.00 -72.73
CA LYS DB 151 75.01 7.37 -72.23
C LYS DB 151 74.84 5.88 -71.96
N ASP DB 152 73.63 5.41 -71.72
CA ASP DB 152 73.37 3.99 -71.52
C ASP DB 152 73.49 3.28 -72.86
N PRO DB 153 74.43 2.32 -73.00
CA PRO DB 153 74.68 1.72 -74.32
C PRO DB 153 73.51 0.90 -74.85
N GLU DB 154 72.72 0.31 -73.96
CA GLU DB 154 71.55 -0.45 -74.41
C GLU DB 154 70.45 0.49 -74.88
N GLU DB 155 70.26 1.61 -74.19
CA GLU DB 155 69.19 2.52 -74.57
C GLU DB 155 69.58 3.38 -75.77
N LYS DB 156 70.87 3.65 -75.93
CA LYS DB 156 71.31 4.32 -77.14
C LYS DB 156 71.18 3.40 -78.35
N ALA DB 157 71.44 2.12 -78.15
CA ALA DB 157 71.23 1.14 -79.20
C ALA DB 157 69.79 0.67 -79.25
N ARG DB 158 68.95 1.15 -78.36
CA ARG DB 158 67.52 0.97 -78.52
C ARG DB 158 66.94 1.98 -79.48
N LYS DB 159 67.09 3.27 -79.20
CA LYS DB 159 66.39 4.30 -79.95
C LYS DB 159 66.95 4.49 -81.35
N LEU DB 160 68.16 4.01 -81.63
CA LEU DB 160 68.62 3.96 -83.00
C LEU DB 160 67.87 2.94 -83.84
N ASN DB 161 67.45 1.81 -83.25
CA ASN DB 161 66.46 0.96 -83.90
C ASN DB 161 65.13 1.66 -84.10
N VAL DB 162 64.78 2.55 -83.17
CA VAL DB 162 63.49 3.21 -83.24
C VAL DB 162 63.49 4.28 -84.31
N GLU DB 163 64.62 4.98 -84.49
CA GLU DB 163 64.73 5.90 -85.61
C GLU DB 163 64.69 5.17 -86.94
N LEU DB 164 65.21 3.94 -86.97
CA LEU DB 164 65.12 3.17 -88.20
C LEU DB 164 63.72 2.63 -88.43
N ASN DB 165 63.09 2.06 -87.42
CA ASN DB 165 61.83 1.36 -87.67
C ASN DB 165 60.67 2.32 -87.88
N ASN DB 166 60.58 3.41 -87.11
CA ASN DB 166 59.70 4.51 -87.48
C ASN DB 166 60.13 5.14 -88.80
N GLY DB 167 61.41 5.05 -89.14
CA GLY DB 167 61.87 5.55 -90.42
C GLY DB 167 61.55 4.65 -91.59
N ARG DB 168 61.69 3.34 -91.40
CA ARG DB 168 61.34 2.40 -92.45
C ARG DB 168 59.85 2.41 -92.73
N ALA DB 169 59.03 2.50 -91.68
CA ALA DB 169 57.59 2.53 -91.86
C ALA DB 169 57.12 3.83 -92.48
N ALA DB 170 57.88 4.91 -92.34
CA ALA DB 170 57.49 6.18 -92.94
C ALA DB 170 57.78 6.20 -94.43
N MET DB 171 58.78 5.45 -94.88
CA MET DB 171 59.02 5.36 -96.31
C MET DB 171 57.88 4.63 -97.00
N MET DB 172 57.38 3.57 -96.37
CA MET DB 172 56.24 2.85 -96.88
C MET DB 172 54.94 3.61 -96.69
N GLY DB 173 54.94 4.67 -95.88
CA GLY DB 173 53.75 5.46 -95.66
C GLY DB 173 53.58 6.56 -96.69
N ILE DB 174 54.69 7.18 -97.09
CA ILE DB 174 54.63 8.23 -98.10
C ILE DB 174 54.30 7.63 -99.46
N MET DB 175 54.84 6.46 -99.76
CA MET DB 175 54.45 5.75 -100.97
C MET DB 175 52.99 5.31 -100.90
N GLY DB 176 52.47 5.09 -99.70
CA GLY DB 176 51.04 4.86 -99.55
C GLY DB 176 50.22 6.11 -99.77
N ASN DB 177 50.80 7.29 -99.58
CA ASN DB 177 50.12 8.54 -99.91
C ASN DB 177 50.25 8.90 -101.39
N MET DB 178 51.49 8.97 -101.88
CA MET DB 178 51.72 9.55 -103.20
C MET DB 178 51.18 8.68 -104.32
N VAL DB 179 50.93 7.40 -104.07
CA VAL DB 179 50.26 6.56 -105.03
C VAL DB 179 48.75 6.64 -104.91
N ALA DB 180 48.24 6.60 -103.68
CA ALA DB 180 46.80 6.68 -103.49
C ALA DB 180 46.25 8.09 -103.62
N GLU DB 181 47.10 9.10 -103.81
CA GLU DB 181 46.64 10.44 -104.15
C GLU DB 181 46.68 10.71 -105.64
N VAL DB 182 47.33 9.85 -106.42
CA VAL DB 182 47.33 9.96 -107.86
C VAL DB 182 46.31 9.01 -108.48
N LEU DB 183 46.22 7.78 -107.97
CA LEU DB 183 45.26 6.84 -108.52
C LEU DB 183 43.83 7.22 -108.16
N THR DB 184 43.58 7.64 -106.92
CA THR DB 184 42.27 8.17 -106.59
C THR DB 184 42.10 9.59 -107.10
N GLY DB 185 43.18 10.29 -107.42
CA GLY DB 185 43.10 11.63 -107.95
C GLY DB 185 42.65 12.67 -106.97
N GLN DB 186 42.68 12.38 -105.68
CA GLN DB 186 42.20 13.28 -104.65
C GLN DB 186 43.30 13.50 -103.63
N THR DB 187 43.07 14.44 -102.72
CA THR DB 187 43.94 14.58 -101.58
C THR DB 187 43.60 13.53 -100.55
N MET DB 188 44.35 13.50 -99.45
CA MET DB 188 43.98 12.58 -98.38
C MET DB 188 42.74 13.03 -97.67
N TYR DB 189 42.54 14.35 -97.57
CA TYR DB 189 41.37 14.89 -96.89
C TYR DB 189 40.09 14.60 -97.66
N GLU DB 190 40.16 14.58 -98.99
CA GLU DB 190 38.98 14.31 -99.79
C GLU DB 190 38.59 12.84 -99.80
N GLN DB 191 39.55 11.94 -99.55
CA GLN DB 191 39.22 10.52 -99.52
C GLN DB 191 38.40 10.17 -98.29
N TYR DB 192 38.82 10.68 -97.14
CA TYR DB 192 38.08 10.41 -95.91
C TYR DB 192 36.79 11.21 -95.83
N ALA DB 193 36.72 12.35 -96.54
CA ALA DB 193 35.48 13.12 -96.55
C ALA DB 193 34.44 12.44 -97.43
N SER DB 194 34.81 12.06 -98.64
CA SER DB 194 33.88 11.42 -99.56
C SER DB 194 33.63 9.96 -99.23
N GLY DB 195 34.35 9.39 -98.27
CA GLY DB 195 34.17 7.98 -97.97
C GLY DB 195 34.73 7.08 -99.04
N HIS DB 196 35.83 7.48 -99.68
CA HIS DB 196 36.47 6.69 -100.72
C HIS DB 196 37.55 5.79 -100.15
N ILE DB 197 37.35 5.30 -98.93
CA ILE DB 197 38.30 4.42 -98.27
C ILE DB 197 38.35 3.07 -98.98
N SER DB 198 37.25 2.67 -99.60
CA SER DB 198 37.21 1.42 -100.35
C SER DB 198 38.04 1.54 -101.63
N PRO DB 199 38.81 0.53 -101.98
CA PRO DB 199 39.67 0.63 -103.18
C PRO DB 199 38.92 0.41 -104.48
N PHE DB 200 39.10 1.34 -105.41
CA PHE DB 200 38.52 1.19 -106.75
C PHE DB 200 39.30 0.18 -107.56
N GLY DB 201 40.62 0.17 -107.42
CA GLY DB 201 41.47 -0.82 -108.06
C GLY DB 201 41.86 -1.90 -107.07
N ASP DB 202 43.08 -1.79 -106.53
CA ASP DB 202 43.51 -2.66 -105.45
C ASP DB 202 44.25 -1.79 -104.44
N GLY DB 203 44.26 -2.24 -103.19
CA GLY DB 203 44.97 -1.53 -102.15
C GLY DB 203 45.39 -2.46 -101.05
N GLN DB 204 46.67 -2.37 -100.69
CA GLN DB 204 47.24 -3.23 -99.65
C GLN DB 204 47.76 -2.34 -98.53
N GLY DB 205 47.12 -2.43 -97.38
CA GLY DB 205 47.53 -1.67 -96.21
C GLY DB 205 47.66 -2.54 -94.99
N VAL DB 206 48.01 -1.95 -93.85
CA VAL DB 206 48.13 -2.69 -92.61
C VAL DB 206 46.93 -2.40 -91.70
#